data_7NT6
#
_entry.id   7NT6
#
_cell.length_a   1.00
_cell.length_b   1.00
_cell.length_c   1.00
_cell.angle_alpha   90.00
_cell.angle_beta   90.00
_cell.angle_gamma   90.00
#
_symmetry.space_group_name_H-M   'P 1'
#
loop_
_entity.id
_entity.type
_entity.pdbx_description
1 polymer Nucleoprotein
2 polymer 'RNA (48-MER)'
3 polymer 'RNA (42-MER)'
#
loop_
_entity_poly.entity_id
_entity_poly.type
_entity_poly.pdbx_seq_one_letter_code
_entity_poly.pdbx_strand_id
1 'polypeptide(L)'
;MGSSHHHHHHSSGLEVLFQGPAMSDIFEEAASFRSYQSKLGRDGRASAATATLTTKIRIFVPATNSPELRWELTLFALDV
IRSPSAAESMKVGAAFTLISMYSERPGALIRSLLNDPDIEAVIIDVGSMVNGIPVMERRGDKAQEEMEGLMRILKTARDS
SKGKTPFVDSRAYGLRITDMSTLVSAVITIEAQIWILIAKAVTAPDTAEESETRRWAKYVQQKRVNPFFALTQQWLTEMR
NLLSQSLSVRKFMVEILIEVKKGGSAKGRAVEIISDIGNYVEETGMAGFFATIRFGLETRYPALALNEFQSDLNTIKSLM
LLYREIGPRAPYMVLLEESIQTKFAPGGYPLLWSFAMGVATTIDRSMGALNINRGYLEPMYFRLGQKSARHHAGGIDQNM
ANRLGLSSDQVAELAAAVQETSAGRQESNVQAREAKFAAGGVLIGGSDQDIDEGEEPIEQSGRQSVTFKREMSISSLANS
VPSSSVSTSGGTRLTNSLLNLRSRLAAKAAKEAASSNATDDPAISNRTQGESEKKNNQDLKPAQNDLDFVRADV
;
A,B,C,D,E,F,G,H,I,J,K,L,M,N,O
2 'polyribonucleotide' UUUUUUUUUUUUUUUUUUUUUUUUUUUUUUUUUUUUUUUUUUUUUUUU X
3 'polyribonucleotide' UUUUUUUUUUUUUUUUUUUUUUUUUUUUUUUUUUUUUUUUUU Z
#
loop_
_chem_comp.id
_chem_comp.type
_chem_comp.name
_chem_comp.formula
U RNA linking URIDINE-5'-MONOPHOSPHATE 'C9 H13 N2 O9 P'
#
# COMPACT_ATOMS: atom_id res chain seq x y z
N THR A 54 -21.78 -43.58 62.52
CA THR A 54 -21.53 -44.06 61.14
C THR A 54 -22.25 -45.39 60.90
N THR A 55 -23.00 -45.40 59.78
CA THR A 55 -23.93 -46.48 59.56
C THR A 55 -23.37 -47.45 58.51
N LYS A 56 -23.20 -48.74 58.84
CA LYS A 56 -22.90 -49.80 57.88
C LYS A 56 -24.18 -50.28 57.18
N ILE A 57 -24.21 -50.19 55.83
CA ILE A 57 -25.33 -50.67 55.01
C ILE A 57 -24.85 -51.68 53.95
N ARG A 58 -25.59 -52.80 53.78
CA ARG A 58 -25.27 -53.87 52.85
C ARG A 58 -25.96 -53.60 51.51
N ILE A 59 -25.19 -53.55 50.43
CA ILE A 59 -25.78 -53.33 49.12
C ILE A 59 -25.34 -54.47 48.22
N PHE A 60 -26.30 -55.33 47.81
CA PHE A 60 -26.11 -56.22 46.66
C PHE A 60 -26.17 -55.43 45.35
N VAL A 61 -25.21 -55.55 44.42
CA VAL A 61 -25.06 -54.54 43.38
C VAL A 61 -24.73 -55.24 42.06
N PRO A 62 -25.26 -54.77 40.88
CA PRO A 62 -25.19 -55.54 39.61
C PRO A 62 -23.75 -55.67 39.11
N ALA A 63 -23.25 -56.90 38.95
CA ALA A 63 -21.82 -57.11 38.69
C ALA A 63 -21.38 -56.84 37.22
N THR A 64 -22.30 -56.95 36.25
CA THR A 64 -21.88 -57.09 34.84
C THR A 64 -23.08 -57.37 33.95
N ASN A 65 -23.00 -56.93 32.67
CA ASN A 65 -24.15 -56.74 31.80
C ASN A 65 -24.68 -57.98 31.03
N SER A 66 -24.41 -59.24 31.38
CA SER A 66 -25.20 -60.37 30.86
C SER A 66 -26.65 -60.27 31.34
N PRO A 67 -27.65 -60.14 30.41
CA PRO A 67 -29.00 -59.69 30.80
C PRO A 67 -29.78 -60.58 31.75
N GLU A 68 -29.70 -61.91 31.61
CA GLU A 68 -30.30 -62.78 32.63
C GLU A 68 -29.98 -62.22 34.02
N LEU A 69 -28.68 -62.00 34.28
CA LEU A 69 -28.19 -61.53 35.56
C LEU A 69 -28.64 -60.10 35.85
N ARG A 70 -28.56 -59.23 34.83
CA ARG A 70 -29.02 -57.86 35.04
C ARG A 70 -30.50 -57.85 35.47
N TRP A 71 -31.29 -58.88 35.14
CA TRP A 71 -32.73 -58.89 35.39
C TRP A 71 -33.06 -59.59 36.72
N GLU A 72 -32.49 -60.79 36.94
CA GLU A 72 -32.68 -61.56 38.17
C GLU A 72 -32.32 -60.72 39.41
N LEU A 73 -31.12 -60.11 39.33
CA LEU A 73 -30.57 -59.26 40.39
C LEU A 73 -31.49 -58.07 40.67
N THR A 74 -32.04 -57.47 39.60
CA THR A 74 -32.97 -56.35 39.70
C THR A 74 -34.23 -56.79 40.45
N LEU A 75 -34.80 -57.96 40.08
CA LEU A 75 -35.98 -58.54 40.71
C LEU A 75 -35.71 -58.76 42.22
N PHE A 76 -34.56 -59.41 42.56
CA PHE A 76 -34.12 -59.58 43.94
C PHE A 76 -34.13 -58.26 44.72
N ALA A 77 -33.47 -57.22 44.15
CA ALA A 77 -33.30 -55.91 44.77
C ALA A 77 -34.64 -55.21 45.01
N LEU A 78 -35.51 -55.25 43.97
CA LEU A 78 -36.86 -54.68 44.06
C LEU A 78 -37.58 -55.34 45.23
N ASP A 79 -37.45 -56.67 45.36
CA ASP A 79 -38.14 -57.44 46.39
C ASP A 79 -37.55 -57.17 47.78
N VAL A 80 -36.22 -57.01 47.93
CA VAL A 80 -35.60 -56.64 49.21
C VAL A 80 -36.28 -55.37 49.76
N ILE A 81 -36.44 -54.38 48.87
CA ILE A 81 -37.05 -53.10 49.23
C ILE A 81 -38.56 -53.22 49.49
N ARG A 82 -39.22 -54.19 48.80
CA ARG A 82 -40.64 -54.44 48.94
C ARG A 82 -40.97 -55.26 50.19
N SER A 83 -39.94 -55.87 50.81
CA SER A 83 -40.16 -56.80 51.94
C SER A 83 -40.54 -56.01 53.21
N PRO A 84 -41.45 -56.58 54.03
CA PRO A 84 -41.76 -56.04 55.36
C PRO A 84 -40.72 -56.47 56.40
N SER A 85 -39.92 -57.50 56.05
CA SER A 85 -38.93 -58.15 56.88
C SER A 85 -37.50 -57.56 56.81
N ALA A 86 -37.18 -56.83 55.73
CA ALA A 86 -35.95 -56.05 55.54
C ALA A 86 -35.88 -54.89 56.55
N ALA A 87 -34.71 -54.66 57.19
CA ALA A 87 -34.50 -53.64 58.21
C ALA A 87 -34.07 -52.34 57.51
N GLU A 88 -33.92 -51.23 58.24
CA GLU A 88 -33.54 -49.90 57.72
C GLU A 88 -32.18 -49.91 57.00
N SER A 89 -31.27 -50.67 57.61
CA SER A 89 -29.93 -50.92 57.10
C SER A 89 -29.94 -51.57 55.71
N MET A 90 -30.85 -52.55 55.53
CA MET A 90 -31.06 -53.20 54.24
C MET A 90 -31.74 -52.22 53.27
N LYS A 91 -32.73 -51.44 53.72
CA LYS A 91 -33.52 -50.53 52.90
C LYS A 91 -32.68 -49.40 52.30
N VAL A 92 -31.76 -48.78 53.06
CA VAL A 92 -30.87 -47.77 52.49
C VAL A 92 -30.03 -48.39 51.34
N GLY A 93 -29.49 -49.59 51.65
CA GLY A 93 -28.65 -50.32 50.70
C GLY A 93 -29.41 -50.69 49.42
N ALA A 94 -30.69 -51.09 49.58
CA ALA A 94 -31.68 -51.31 48.53
C ALA A 94 -31.89 -50.04 47.71
N ALA A 95 -32.09 -48.87 48.34
CA ALA A 95 -32.28 -47.59 47.63
C ALA A 95 -31.07 -47.27 46.73
N PHE A 96 -29.86 -47.53 47.26
CA PHE A 96 -28.64 -47.40 46.49
C PHE A 96 -28.58 -48.37 45.26
N THR A 97 -29.05 -49.62 45.45
CA THR A 97 -29.17 -50.56 44.34
C THR A 97 -30.17 -50.06 43.30
N LEU A 98 -31.32 -49.55 43.75
CA LEU A 98 -32.40 -49.11 42.90
C LEU A 98 -31.94 -47.97 42.02
N ILE A 99 -31.17 -46.99 42.55
CA ILE A 99 -30.69 -45.84 41.77
C ILE A 99 -29.30 -46.05 41.13
N SER A 100 -28.80 -47.30 41.02
CA SER A 100 -27.67 -47.69 40.21
C SER A 100 -28.03 -48.57 38.97
N MET A 101 -29.23 -49.13 38.94
CA MET A 101 -29.58 -50.31 38.14
C MET A 101 -29.50 -50.10 36.64
N TYR A 102 -29.61 -48.84 36.18
CA TYR A 102 -29.38 -48.42 34.79
C TYR A 102 -28.07 -48.96 34.19
N SER A 103 -26.97 -49.01 34.97
CA SER A 103 -25.64 -49.06 34.41
C SER A 103 -25.27 -50.43 33.86
N GLU A 104 -24.35 -50.35 32.90
CA GLU A 104 -23.47 -51.42 32.44
C GLU A 104 -22.70 -52.05 33.60
N ARG A 105 -22.30 -51.26 34.61
CA ARG A 105 -21.66 -51.77 35.80
C ARG A 105 -22.31 -51.20 37.07
N PRO A 106 -23.37 -51.86 37.58
CA PRO A 106 -24.19 -51.35 38.69
C PRO A 106 -23.40 -50.94 39.93
N GLY A 107 -22.42 -51.77 40.24
CA GLY A 107 -21.53 -51.60 41.38
C GLY A 107 -20.63 -50.37 41.27
N ALA A 108 -20.13 -50.12 40.04
CA ALA A 108 -19.29 -48.96 39.75
C ALA A 108 -20.11 -47.68 39.96
N LEU A 109 -21.35 -47.67 39.44
CA LEU A 109 -22.25 -46.51 39.55
C LEU A 109 -22.46 -46.12 41.02
N ILE A 110 -22.85 -47.09 41.87
CA ILE A 110 -23.05 -46.84 43.30
C ILE A 110 -21.74 -46.33 43.93
N ARG A 111 -20.64 -47.11 43.81
CA ARG A 111 -19.41 -46.81 44.53
C ARG A 111 -18.84 -45.43 44.17
N SER A 112 -18.99 -45.04 42.89
CA SER A 112 -18.37 -43.83 42.35
C SER A 112 -19.19 -42.56 42.62
N LEU A 113 -20.52 -42.68 42.76
CA LEU A 113 -21.36 -41.52 43.03
C LEU A 113 -21.62 -41.33 44.54
N LEU A 114 -21.52 -42.44 45.30
CA LEU A 114 -21.94 -42.50 46.70
C LEU A 114 -20.93 -41.74 47.55
N ASN A 115 -21.39 -40.65 48.18
CA ASN A 115 -20.49 -39.71 48.82
C ASN A 115 -21.19 -39.02 50.00
N ASP A 116 -21.48 -39.80 51.09
CA ASP A 116 -22.43 -39.50 52.15
C ASP A 116 -21.85 -39.69 53.56
N PRO A 117 -21.87 -38.60 54.38
CA PRO A 117 -21.26 -38.48 55.71
C PRO A 117 -21.81 -39.44 56.76
N ASP A 118 -23.04 -39.90 56.56
CA ASP A 118 -23.65 -40.79 57.54
C ASP A 118 -23.19 -42.24 57.38
N ILE A 119 -22.75 -42.61 56.17
CA ILE A 119 -22.94 -43.99 55.72
C ILE A 119 -21.68 -44.62 55.14
N GLU A 120 -21.42 -45.90 55.52
CA GLU A 120 -20.35 -46.72 54.97
C GLU A 120 -20.98 -47.96 54.32
N ALA A 121 -20.80 -48.06 52.99
CA ALA A 121 -21.37 -49.15 52.21
C ALA A 121 -20.46 -50.39 52.23
N VAL A 122 -21.04 -51.57 52.47
CA VAL A 122 -20.41 -52.86 52.16
C VAL A 122 -21.10 -53.39 50.91
N ILE A 123 -20.31 -53.56 49.84
CA ILE A 123 -20.80 -53.90 48.52
C ILE A 123 -20.59 -55.39 48.31
N ILE A 124 -21.66 -56.05 47.87
CA ILE A 124 -21.58 -57.39 47.31
C ILE A 124 -21.88 -57.32 45.81
N ASP A 125 -20.90 -57.56 44.95
CA ASP A 125 -21.22 -57.34 43.56
C ASP A 125 -21.29 -58.66 42.78
N VAL A 126 -22.22 -59.56 43.15
CA VAL A 126 -22.27 -60.87 42.51
C VAL A 126 -22.97 -60.72 41.16
N GLY A 127 -22.33 -61.21 40.08
CA GLY A 127 -22.88 -61.03 38.75
C GLY A 127 -23.76 -62.21 38.38
N SER A 128 -23.63 -63.30 39.15
CA SER A 128 -24.20 -64.58 38.76
C SER A 128 -25.73 -64.55 38.60
N MET A 129 -26.42 -63.92 39.57
CA MET A 129 -27.88 -63.95 39.67
C MET A 129 -28.48 -65.30 39.25
N VAL A 130 -27.79 -66.43 39.49
CA VAL A 130 -28.23 -67.77 39.05
C VAL A 130 -29.08 -68.42 40.17
N ASN A 131 -29.00 -67.85 41.36
CA ASN A 131 -29.54 -68.51 42.54
C ASN A 131 -30.95 -68.00 42.88
N GLY A 132 -31.95 -68.29 42.03
CA GLY A 132 -33.25 -67.67 42.24
C GLY A 132 -33.17 -66.15 42.42
N ILE A 133 -33.95 -65.61 43.36
CA ILE A 133 -34.29 -64.20 43.46
C ILE A 133 -33.11 -63.37 44.00
N PRO A 134 -32.36 -63.87 45.03
CA PRO A 134 -31.17 -63.16 45.52
C PRO A 134 -29.98 -63.35 44.59
N VAL A 135 -28.94 -62.54 44.82
CA VAL A 135 -27.62 -62.74 44.23
C VAL A 135 -26.99 -64.11 44.59
N MET A 136 -26.18 -64.62 43.66
CA MET A 136 -25.42 -65.85 43.80
C MET A 136 -24.26 -65.65 44.76
N GLU A 137 -23.90 -66.77 45.38
CA GLU A 137 -22.69 -66.90 46.17
C GLU A 137 -21.76 -68.00 45.62
N GLN A 144 -23.68 -71.78 54.02
CA GLN A 144 -24.56 -70.93 53.16
C GLN A 144 -25.68 -70.29 54.00
N GLU A 145 -25.32 -69.66 55.14
CA GLU A 145 -26.27 -68.92 55.98
C GLU A 145 -26.95 -67.79 55.20
N GLU A 146 -26.08 -67.08 54.44
CA GLU A 146 -26.39 -65.91 53.62
C GLU A 146 -27.53 -66.23 52.63
N MET A 147 -27.41 -67.35 51.88
CA MET A 147 -28.39 -67.83 50.88
C MET A 147 -29.74 -68.16 51.53
N GLU A 148 -29.71 -68.61 52.79
CA GLU A 148 -30.93 -68.92 53.54
C GLU A 148 -31.55 -67.65 54.12
N GLY A 149 -30.68 -66.66 54.49
CA GLY A 149 -31.14 -65.29 54.79
C GLY A 149 -31.91 -64.71 53.59
N LEU A 150 -31.32 -64.81 52.38
CA LEU A 150 -31.95 -64.44 51.11
C LEU A 150 -33.28 -65.17 50.92
N MET A 151 -33.33 -66.51 51.13
CA MET A 151 -34.55 -67.32 51.01
C MET A 151 -35.65 -66.72 51.89
N ARG A 152 -35.29 -66.47 53.18
CA ARG A 152 -36.22 -65.91 54.16
C ARG A 152 -36.74 -64.53 53.70
N ILE A 153 -35.81 -63.68 53.22
CA ILE A 153 -36.10 -62.34 52.70
C ILE A 153 -37.15 -62.46 51.60
N LEU A 154 -36.95 -63.36 50.62
CA LEU A 154 -37.83 -63.53 49.46
C LEU A 154 -39.20 -64.09 49.84
N LYS A 155 -39.20 -65.10 50.74
CA LYS A 155 -40.44 -65.71 51.23
C LYS A 155 -41.28 -64.61 51.91
N THR A 156 -40.65 -63.94 52.91
CA THR A 156 -41.29 -62.87 53.68
C THR A 156 -41.85 -61.78 52.74
N ALA A 157 -41.08 -61.45 51.69
CA ALA A 157 -41.50 -60.47 50.70
C ALA A 157 -42.82 -60.91 50.02
N ARG A 158 -42.86 -62.15 49.46
CA ARG A 158 -44.04 -62.75 48.80
C ARG A 158 -45.23 -62.73 49.77
N ASP A 159 -45.00 -63.30 50.98
CA ASP A 159 -46.07 -63.57 51.95
C ASP A 159 -46.70 -62.26 52.47
N SER A 160 -45.85 -61.26 52.80
CA SER A 160 -46.25 -59.97 53.38
C SER A 160 -47.00 -59.12 52.34
N SER A 161 -46.67 -59.32 51.05
CA SER A 161 -47.32 -58.63 49.94
C SER A 161 -48.55 -59.41 49.44
N LYS A 162 -48.91 -60.54 50.10
CA LYS A 162 -50.12 -61.31 49.75
C LYS A 162 -50.03 -61.79 48.30
N GLY A 163 -48.81 -62.14 47.84
CA GLY A 163 -48.64 -62.67 46.49
C GLY A 163 -48.52 -61.62 45.36
N LYS A 164 -48.74 -60.31 45.59
CA LYS A 164 -48.63 -59.30 44.56
C LYS A 164 -47.14 -58.97 44.31
N THR A 165 -46.63 -59.16 43.07
CA THR A 165 -45.25 -58.82 42.68
C THR A 165 -45.16 -57.29 42.51
N PRO A 166 -44.00 -56.64 42.31
CA PRO A 166 -43.98 -55.17 42.34
C PRO A 166 -44.78 -54.49 41.23
N PHE A 167 -44.78 -55.13 40.05
CA PHE A 167 -45.41 -54.58 38.84
C PHE A 167 -46.89 -54.99 38.75
N VAL A 168 -47.70 -54.19 38.04
CA VAL A 168 -49.16 -54.27 38.18
C VAL A 168 -49.73 -55.47 37.42
N ASP A 169 -49.08 -55.82 36.32
CA ASP A 169 -49.65 -56.78 35.38
C ASP A 169 -48.72 -58.00 35.20
N SER A 170 -49.20 -59.18 35.62
CA SER A 170 -48.46 -60.32 36.17
C SER A 170 -47.27 -60.80 35.33
N ARG A 171 -47.48 -60.88 33.98
CA ARG A 171 -46.52 -61.36 32.98
C ARG A 171 -45.17 -60.65 33.16
N ALA A 172 -45.29 -59.34 33.44
CA ALA A 172 -44.13 -58.47 33.62
C ALA A 172 -43.28 -58.90 34.83
N TYR A 173 -43.92 -59.37 35.93
CA TYR A 173 -43.21 -59.81 37.15
C TYR A 173 -42.33 -61.03 36.83
N GLY A 174 -42.80 -61.88 35.90
CA GLY A 174 -42.06 -63.08 35.57
C GLY A 174 -41.00 -62.90 34.49
N LEU A 175 -41.00 -61.76 33.78
CA LEU A 175 -40.43 -61.66 32.43
C LEU A 175 -38.92 -61.41 32.43
N ARG A 176 -38.12 -62.39 32.89
CA ARG A 176 -36.66 -62.27 32.86
C ARG A 176 -36.12 -62.06 31.44
N ILE A 177 -35.54 -60.88 31.25
CA ILE A 177 -34.85 -60.48 30.03
C ILE A 177 -33.54 -61.24 29.84
N THR A 178 -33.24 -61.54 28.58
CA THR A 178 -31.96 -62.12 28.16
C THR A 178 -31.14 -61.19 27.23
N ASP A 179 -31.83 -60.27 26.52
CA ASP A 179 -31.26 -59.52 25.40
C ASP A 179 -31.52 -58.02 25.55
N MET A 180 -30.59 -57.21 24.99
CA MET A 180 -30.38 -55.81 25.31
C MET A 180 -31.66 -54.97 25.24
N SER A 181 -32.46 -55.09 24.15
CA SER A 181 -33.58 -54.19 23.87
C SER A 181 -34.66 -54.25 24.96
N THR A 182 -35.04 -55.50 25.27
CA THR A 182 -36.01 -55.83 26.29
C THR A 182 -35.45 -55.41 27.67
N LEU A 183 -34.15 -55.71 27.91
CA LEU A 183 -33.42 -55.39 29.14
C LEU A 183 -33.52 -53.90 29.47
N VAL A 184 -33.09 -53.04 28.51
CA VAL A 184 -33.08 -51.59 28.71
C VAL A 184 -34.50 -51.07 28.89
N SER A 185 -35.45 -51.62 28.08
CA SER A 185 -36.86 -51.25 28.23
C SER A 185 -37.32 -51.48 29.68
N ALA A 186 -36.97 -52.64 30.25
CA ALA A 186 -37.35 -53.05 31.60
C ALA A 186 -36.62 -52.24 32.67
N VAL A 187 -35.27 -52.17 32.61
CA VAL A 187 -34.42 -51.47 33.57
C VAL A 187 -34.90 -50.01 33.71
N ILE A 188 -34.99 -49.32 32.54
CA ILE A 188 -35.44 -47.93 32.46
C ILE A 188 -36.78 -47.75 33.15
N THR A 189 -37.63 -48.77 33.01
CA THR A 189 -39.01 -48.73 33.47
C THR A 189 -39.10 -48.86 34.98
N ILE A 190 -38.32 -49.79 35.57
CA ILE A 190 -38.24 -49.98 37.02
C ILE A 190 -37.61 -48.73 37.64
N GLU A 191 -36.49 -48.27 37.06
CA GLU A 191 -35.78 -47.11 37.60
C GLU A 191 -36.72 -45.89 37.64
N ALA A 192 -37.38 -45.63 36.49
CA ALA A 192 -38.32 -44.51 36.40
C ALA A 192 -39.37 -44.60 37.51
N GLN A 193 -39.80 -45.82 37.83
CA GLN A 193 -40.82 -46.01 38.84
C GLN A 193 -40.30 -45.77 40.25
N ILE A 194 -38.98 -45.91 40.51
CA ILE A 194 -38.39 -45.47 41.80
C ILE A 194 -38.33 -43.94 41.85
N TRP A 195 -37.83 -43.36 40.76
CA TRP A 195 -37.55 -41.93 40.71
C TRP A 195 -38.83 -41.10 40.74
N ILE A 196 -39.99 -41.60 40.24
CA ILE A 196 -41.29 -40.95 40.38
C ILE A 196 -41.67 -40.72 41.84
N LEU A 197 -41.13 -41.57 42.73
CA LEU A 197 -41.52 -41.55 44.13
C LEU A 197 -40.84 -40.39 44.88
N ILE A 198 -39.51 -40.33 44.71
CA ILE A 198 -38.55 -39.46 45.40
C ILE A 198 -39.10 -38.03 45.51
N ALA A 199 -39.72 -37.59 44.41
CA ALA A 199 -40.19 -36.23 44.21
C ALA A 199 -41.15 -35.78 45.30
N LYS A 200 -41.89 -36.75 45.86
CA LYS A 200 -42.95 -36.47 46.84
C LYS A 200 -42.85 -37.28 48.15
N ALA A 201 -42.03 -38.35 48.16
CA ALA A 201 -41.83 -39.22 49.33
C ALA A 201 -41.51 -38.42 50.62
N VAL A 202 -40.74 -37.33 50.45
CA VAL A 202 -40.23 -36.58 51.58
C VAL A 202 -40.79 -35.17 51.64
N THR A 203 -41.82 -34.83 50.86
CA THR A 203 -42.40 -33.50 50.84
C THR A 203 -43.91 -33.55 51.07
N ALA A 204 -44.55 -34.66 50.67
CA ALA A 204 -45.99 -34.86 50.85
C ALA A 204 -46.39 -36.31 50.58
N PRO A 205 -46.08 -37.28 51.49
CA PRO A 205 -46.10 -38.71 51.18
C PRO A 205 -47.50 -39.30 50.98
N ASP A 206 -48.51 -38.47 51.30
CA ASP A 206 -49.95 -38.67 51.11
C ASP A 206 -50.41 -37.47 50.27
N THR A 207 -51.45 -37.74 49.48
CA THR A 207 -51.82 -36.83 48.40
C THR A 207 -50.89 -36.99 47.18
N ALA A 208 -50.02 -38.01 47.22
CA ALA A 208 -48.94 -38.24 46.26
C ALA A 208 -49.43 -38.59 44.85
N GLU A 209 -50.51 -39.38 44.82
CA GLU A 209 -51.02 -40.10 43.66
C GLU A 209 -51.22 -39.17 42.46
N GLU A 210 -51.85 -38.00 42.70
CA GLU A 210 -52.21 -37.01 41.67
C GLU A 210 -51.00 -36.64 40.81
N SER A 211 -49.93 -36.22 41.53
CA SER A 211 -48.69 -35.74 40.92
C SER A 211 -48.00 -36.88 40.16
N GLU A 212 -47.88 -38.06 40.83
CA GLU A 212 -47.07 -39.16 40.31
C GLU A 212 -47.74 -39.75 39.07
N THR A 213 -49.08 -39.76 39.04
CA THR A 213 -49.84 -40.22 37.87
C THR A 213 -49.69 -39.21 36.72
N ARG A 214 -49.70 -37.89 37.03
CA ARG A 214 -49.57 -36.81 36.04
C ARG A 214 -48.24 -36.94 35.30
N ARG A 215 -47.15 -37.21 36.07
CA ARG A 215 -45.84 -37.45 35.50
C ARG A 215 -45.81 -38.75 34.68
N TRP A 216 -46.51 -39.82 35.14
CA TRP A 216 -46.53 -41.14 34.47
C TRP A 216 -47.16 -41.01 33.09
N ALA A 217 -48.31 -40.30 33.05
CA ALA A 217 -49.07 -40.09 31.83
C ALA A 217 -48.19 -39.53 30.73
N LYS A 218 -47.43 -38.47 31.07
CA LYS A 218 -46.48 -37.81 30.19
C LYS A 218 -45.52 -38.82 29.57
N TYR A 219 -44.75 -39.55 30.40
CA TYR A 219 -43.66 -40.42 29.94
C TYR A 219 -44.17 -41.50 28.98
N VAL A 220 -45.38 -42.02 29.29
CA VAL A 220 -45.99 -43.10 28.52
C VAL A 220 -46.56 -42.57 27.19
N GLN A 221 -47.25 -41.41 27.25
CA GLN A 221 -47.85 -40.78 26.08
C GLN A 221 -46.80 -40.36 25.06
N GLN A 222 -45.65 -39.91 25.57
CA GLN A 222 -44.48 -39.56 24.77
C GLN A 222 -43.70 -40.82 24.33
N LYS A 223 -44.11 -42.04 24.73
CA LYS A 223 -43.41 -43.27 24.32
C LYS A 223 -41.95 -43.35 24.78
N ARG A 224 -41.58 -42.57 25.81
CA ARG A 224 -40.24 -42.57 26.40
C ARG A 224 -40.04 -43.77 27.34
N VAL A 225 -41.14 -44.24 27.96
CA VAL A 225 -41.18 -45.29 28.95
C VAL A 225 -42.26 -46.30 28.55
N ASN A 226 -41.99 -47.58 28.88
CA ASN A 226 -42.81 -48.75 28.58
C ASN A 226 -43.74 -49.07 29.74
N PRO A 227 -45.07 -48.86 29.54
CA PRO A 227 -46.07 -49.03 30.59
C PRO A 227 -46.25 -50.46 31.11
N PHE A 228 -45.61 -51.44 30.45
CA PHE A 228 -45.42 -52.80 30.96
C PHE A 228 -44.82 -52.78 32.37
N PHE A 229 -43.96 -51.79 32.66
CA PHE A 229 -43.31 -51.60 33.95
C PHE A 229 -44.04 -50.61 34.87
N ALA A 230 -45.36 -50.46 34.74
CA ALA A 230 -46.18 -49.83 35.77
C ALA A 230 -46.11 -50.62 37.09
N LEU A 231 -45.94 -49.89 38.21
CA LEU A 231 -45.80 -50.48 39.53
C LEU A 231 -47.12 -50.41 40.30
N THR A 232 -47.39 -51.48 41.08
CA THR A 232 -48.62 -51.68 41.85
C THR A 232 -48.67 -50.70 43.04
N GLN A 233 -49.85 -50.23 43.45
CA GLN A 233 -49.98 -49.25 44.54
C GLN A 233 -49.30 -49.71 45.82
N GLN A 234 -49.40 -51.02 46.07
CA GLN A 234 -48.75 -51.66 47.21
C GLN A 234 -47.23 -51.41 47.20
N TRP A 235 -46.59 -51.64 46.03
CA TRP A 235 -45.15 -51.43 45.83
C TRP A 235 -44.82 -49.95 45.95
N LEU A 236 -45.59 -49.08 45.28
CA LEU A 236 -45.36 -47.63 45.30
C LEU A 236 -45.42 -47.05 46.73
N THR A 237 -46.39 -47.51 47.54
CA THR A 237 -46.54 -47.04 48.92
C THR A 237 -45.32 -47.50 49.74
N GLU A 238 -44.91 -48.77 49.55
CA GLU A 238 -43.76 -49.33 50.26
C GLU A 238 -42.47 -48.59 49.95
N MET A 239 -42.25 -48.17 48.70
CA MET A 239 -41.12 -47.36 48.27
C MET A 239 -41.24 -45.93 48.81
N ARG A 240 -42.46 -45.32 48.72
CA ARG A 240 -42.70 -43.96 49.22
C ARG A 240 -42.28 -43.89 50.69
N ASN A 241 -42.74 -44.90 51.47
CA ASN A 241 -42.45 -45.00 52.90
C ASN A 241 -40.96 -45.16 53.14
N LEU A 242 -40.23 -45.99 52.36
CA LEU A 242 -38.76 -46.13 52.45
C LEU A 242 -38.08 -44.77 52.31
N LEU A 243 -38.55 -43.97 51.33
CA LEU A 243 -38.02 -42.62 51.11
C LEU A 243 -38.28 -41.71 52.32
N SER A 244 -39.53 -41.70 52.80
CA SER A 244 -39.89 -40.87 53.96
C SER A 244 -39.06 -41.15 55.21
N GLN A 245 -38.78 -42.44 55.46
CA GLN A 245 -38.27 -42.89 56.76
C GLN A 245 -36.74 -42.98 56.76
N SER A 246 -36.08 -42.91 55.57
CA SER A 246 -34.62 -42.86 55.49
C SER A 246 -34.12 -41.49 54.99
N LEU A 247 -33.40 -40.69 55.81
CA LEU A 247 -32.80 -39.42 55.39
C LEU A 247 -31.58 -39.67 54.50
N SER A 248 -30.79 -40.64 54.97
CA SER A 248 -29.49 -40.99 54.39
C SER A 248 -29.65 -41.36 52.91
N VAL A 249 -30.71 -42.14 52.61
CA VAL A 249 -31.08 -42.54 51.25
C VAL A 249 -31.36 -41.30 50.38
N ARG A 250 -32.24 -40.42 50.85
CA ARG A 250 -32.70 -39.22 50.16
C ARG A 250 -31.53 -38.26 49.89
N LYS A 251 -30.57 -38.18 50.85
CA LYS A 251 -29.34 -37.41 50.67
C LYS A 251 -28.59 -37.89 49.42
N PHE A 252 -28.33 -39.21 49.33
CA PHE A 252 -27.66 -39.82 48.18
C PHE A 252 -28.44 -39.60 46.88
N MET A 253 -29.76 -39.85 46.91
CA MET A 253 -30.65 -39.66 45.76
C MET A 253 -30.51 -38.22 45.25
N VAL A 254 -30.67 -37.19 46.11
CA VAL A 254 -30.57 -35.79 45.71
C VAL A 254 -29.18 -35.43 45.19
N GLU A 255 -28.13 -36.03 45.78
CA GLU A 255 -26.78 -35.84 45.28
C GLU A 255 -26.68 -36.29 43.80
N ILE A 256 -27.15 -37.52 43.49
CA ILE A 256 -27.15 -38.09 42.14
C ILE A 256 -28.06 -37.28 41.20
N LEU A 257 -29.22 -36.85 41.72
CA LEU A 257 -30.21 -36.13 40.94
C LEU A 257 -29.67 -34.77 40.49
N ILE A 258 -28.88 -34.09 41.33
CA ILE A 258 -28.14 -32.88 40.99
C ILE A 258 -27.06 -33.24 39.96
N GLU A 259 -26.28 -34.30 40.20
CA GLU A 259 -25.11 -34.63 39.38
C GLU A 259 -25.52 -34.86 37.91
N VAL A 260 -26.60 -35.64 37.68
CA VAL A 260 -27.11 -36.02 36.36
C VAL A 260 -27.85 -34.88 35.65
N LYS A 261 -28.32 -33.90 36.43
CA LYS A 261 -29.03 -32.73 35.92
C LYS A 261 -28.08 -31.79 35.16
N LYS A 262 -26.81 -31.80 35.55
CA LYS A 262 -25.79 -30.93 34.98
C LYS A 262 -25.52 -31.39 33.55
N GLY A 263 -25.24 -30.40 32.68
CA GLY A 263 -24.96 -30.61 31.27
C GLY A 263 -23.53 -31.10 31.00
N GLY A 264 -23.05 -30.86 29.77
CA GLY A 264 -21.75 -31.34 29.31
C GLY A 264 -21.70 -32.87 29.12
N SER A 265 -22.88 -33.44 28.90
CA SER A 265 -23.00 -34.83 28.47
C SER A 265 -24.21 -34.97 27.57
N ALA A 266 -24.06 -35.76 26.48
CA ALA A 266 -25.18 -36.28 25.70
C ALA A 266 -25.93 -37.31 26.56
N LYS A 267 -27.28 -37.31 26.43
CA LYS A 267 -28.13 -38.08 27.32
C LYS A 267 -28.98 -39.12 26.55
N GLY A 268 -28.86 -40.41 26.93
CA GLY A 268 -29.73 -41.49 26.48
C GLY A 268 -30.95 -41.57 27.39
N ARG A 269 -31.89 -42.46 27.04
CA ARG A 269 -33.25 -42.52 27.57
C ARG A 269 -33.21 -42.55 29.11
N ALA A 270 -32.23 -43.31 29.63
CA ALA A 270 -32.01 -43.50 31.06
C ALA A 270 -31.81 -42.19 31.82
N VAL A 271 -30.75 -41.44 31.46
CA VAL A 271 -30.43 -40.20 32.15
C VAL A 271 -31.49 -39.13 31.85
N GLU A 272 -32.12 -39.25 30.67
CA GLU A 272 -33.14 -38.30 30.21
C GLU A 272 -34.33 -38.38 31.16
N ILE A 273 -34.77 -39.60 31.52
CA ILE A 273 -35.93 -39.79 32.41
C ILE A 273 -35.61 -39.22 33.78
N ILE A 274 -34.39 -39.40 34.30
CA ILE A 274 -33.95 -38.80 35.57
C ILE A 274 -34.10 -37.29 35.51
N SER A 275 -33.52 -36.71 34.43
CA SER A 275 -33.48 -35.26 34.28
C SER A 275 -34.92 -34.72 34.27
N ASP A 276 -35.82 -35.45 33.58
CA ASP A 276 -37.21 -35.10 33.38
C ASP A 276 -37.95 -35.08 34.71
N ILE A 277 -37.73 -36.13 35.50
CA ILE A 277 -38.27 -36.25 36.85
C ILE A 277 -37.77 -35.09 37.70
N GLY A 278 -36.49 -34.72 37.52
CA GLY A 278 -35.90 -33.57 38.21
C GLY A 278 -36.78 -32.34 38.19
N ASN A 279 -37.51 -32.08 37.09
CA ASN A 279 -38.29 -30.85 36.93
C ASN A 279 -39.53 -30.83 37.83
N TYR A 280 -39.87 -32.00 38.42
CA TYR A 280 -40.91 -32.11 39.43
C TYR A 280 -40.32 -32.06 40.85
N VAL A 281 -39.07 -32.52 40.96
CA VAL A 281 -38.34 -32.78 42.21
C VAL A 281 -37.74 -31.51 42.77
N GLU A 282 -37.21 -30.65 41.90
CA GLU A 282 -36.62 -29.37 42.27
C GLU A 282 -37.64 -28.44 42.95
N GLU A 283 -37.11 -27.66 43.90
CA GLU A 283 -37.88 -26.70 44.67
C GLU A 283 -38.91 -27.39 45.59
N THR A 284 -38.98 -28.73 45.65
CA THR A 284 -39.96 -29.43 46.49
C THR A 284 -39.65 -29.17 47.97
N GLY A 285 -40.66 -28.77 48.79
CA GLY A 285 -40.47 -28.45 50.19
C GLY A 285 -39.74 -27.12 50.41
N MET A 286 -39.62 -26.29 49.38
CA MET A 286 -39.14 -24.91 49.46
C MET A 286 -40.22 -23.93 49.00
N ALA A 287 -41.51 -24.33 49.15
CA ALA A 287 -42.69 -23.67 48.61
C ALA A 287 -42.68 -22.18 48.97
N GLY A 288 -42.46 -21.93 50.27
CA GLY A 288 -42.37 -20.59 50.85
C GLY A 288 -41.43 -19.67 50.07
N PHE A 289 -40.17 -20.12 49.84
CA PHE A 289 -39.09 -19.39 49.17
C PHE A 289 -39.58 -18.92 47.79
N PHE A 290 -40.18 -19.83 47.00
CA PHE A 290 -40.69 -19.49 45.67
C PHE A 290 -41.95 -18.59 45.72
N ALA A 291 -42.84 -18.83 46.72
CA ALA A 291 -44.11 -18.12 46.77
C ALA A 291 -43.93 -16.61 47.00
N THR A 292 -42.93 -16.27 47.82
CA THR A 292 -42.57 -14.87 48.05
C THR A 292 -41.97 -14.25 46.78
N ILE A 293 -41.21 -15.04 45.98
CA ILE A 293 -40.67 -14.53 44.72
C ILE A 293 -41.81 -14.31 43.74
N ARG A 294 -42.66 -15.36 43.55
CA ARG A 294 -43.72 -15.29 42.54
C ARG A 294 -44.80 -14.25 42.94
N PHE A 295 -45.33 -14.37 44.16
CA PHE A 295 -46.47 -13.60 44.64
C PHE A 295 -45.99 -12.68 45.77
N GLY A 296 -46.54 -11.46 45.86
CA GLY A 296 -45.94 -10.46 46.74
C GLY A 296 -44.87 -9.65 46.01
N LEU A 297 -43.68 -10.23 45.69
CA LEU A 297 -42.58 -9.46 45.09
C LEU A 297 -42.93 -9.02 43.66
N GLU A 298 -43.09 -10.04 42.79
CA GLU A 298 -43.39 -9.80 41.38
C GLU A 298 -44.78 -9.19 41.20
N THR A 299 -45.69 -9.47 42.16
CA THR A 299 -47.06 -8.95 42.23
C THR A 299 -47.06 -7.43 42.50
N ARG A 300 -46.02 -6.90 43.17
CA ARG A 300 -45.85 -5.44 43.36
C ARG A 300 -47.12 -4.73 43.83
N TYR A 301 -47.82 -5.32 44.84
CA TYR A 301 -49.12 -4.83 45.30
C TYR A 301 -49.03 -3.45 45.95
N PRO A 302 -50.19 -2.77 46.19
CA PRO A 302 -50.14 -1.52 46.95
C PRO A 302 -49.61 -1.74 48.37
N ALA A 303 -49.21 -2.98 48.69
CA ALA A 303 -48.58 -3.36 49.96
C ALA A 303 -47.21 -2.68 50.10
N LEU A 304 -46.67 -2.13 48.98
CA LEU A 304 -45.39 -1.43 48.96
C LEU A 304 -45.34 -0.30 50.00
N ALA A 305 -46.50 0.38 50.12
CA ALA A 305 -46.66 1.54 51.00
C ALA A 305 -46.08 1.32 52.40
N LEU A 306 -46.44 0.19 53.04
CA LEU A 306 -46.01 -0.07 54.42
C LEU A 306 -44.49 -0.25 54.49
N ASN A 307 -43.87 0.37 55.51
CA ASN A 307 -42.42 0.33 55.77
C ASN A 307 -42.02 -0.90 56.59
N GLU A 308 -43.01 -1.56 57.22
CA GLU A 308 -42.83 -2.75 58.06
C GLU A 308 -42.18 -3.88 57.24
N PHE A 309 -42.64 -4.01 55.98
CA PHE A 309 -42.20 -5.03 55.02
C PHE A 309 -40.67 -4.94 54.76
N GLN A 310 -40.10 -3.71 54.89
CA GLN A 310 -38.67 -3.48 54.68
C GLN A 310 -37.85 -4.33 55.65
N SER A 311 -38.31 -4.42 56.93
CA SER A 311 -37.64 -5.26 57.94
C SER A 311 -37.70 -6.73 57.49
N ASP A 312 -38.87 -7.16 56.98
CA ASP A 312 -39.07 -8.50 56.41
C ASP A 312 -38.11 -8.71 55.24
N LEU A 313 -37.91 -7.65 54.43
CA LEU A 313 -36.98 -7.65 53.28
C LEU A 313 -35.54 -7.94 53.74
N ASN A 314 -35.14 -7.34 54.88
CA ASN A 314 -33.83 -7.66 55.43
C ASN A 314 -33.73 -9.20 55.56
N THR A 315 -34.84 -9.81 56.04
CA THR A 315 -34.96 -11.26 56.13
C THR A 315 -34.62 -11.86 54.75
N ILE A 316 -35.35 -11.41 53.71
CA ILE A 316 -35.25 -11.96 52.35
C ILE A 316 -33.81 -11.78 51.85
N LYS A 317 -33.18 -10.62 52.09
CA LYS A 317 -31.80 -10.37 51.71
C LYS A 317 -30.92 -11.49 52.26
N SER A 318 -31.03 -11.72 53.58
CA SER A 318 -30.26 -12.74 54.28
C SER A 318 -30.52 -14.14 53.68
N LEU A 319 -31.79 -14.42 53.30
CA LEU A 319 -32.25 -15.66 52.68
C LEU A 319 -31.58 -15.88 51.32
N MET A 320 -31.54 -14.83 50.47
CA MET A 320 -31.00 -14.92 49.12
C MET A 320 -29.51 -15.29 49.19
N LEU A 321 -28.77 -14.55 50.05
CA LEU A 321 -27.35 -14.79 50.25
C LEU A 321 -27.15 -16.19 50.86
N LEU A 322 -28.06 -16.61 51.77
CA LEU A 322 -28.03 -17.95 52.37
C LEU A 322 -28.20 -19.05 51.31
N TYR A 323 -29.17 -18.85 50.39
CA TYR A 323 -29.51 -19.79 49.33
C TYR A 323 -28.26 -20.07 48.48
N ARG A 324 -27.57 -18.98 48.12
CA ARG A 324 -26.29 -19.00 47.40
C ARG A 324 -25.28 -19.89 48.13
N GLU A 325 -25.20 -19.72 49.47
CA GLU A 325 -24.23 -20.41 50.32
C GLU A 325 -24.52 -21.92 50.40
N ILE A 326 -25.81 -22.32 50.32
CA ILE A 326 -26.16 -23.75 50.34
C ILE A 326 -25.70 -24.45 49.05
N GLY A 327 -25.70 -23.72 47.91
CA GLY A 327 -24.89 -24.15 46.76
C GLY A 327 -25.51 -25.25 45.91
N PRO A 328 -24.75 -26.31 45.52
CA PRO A 328 -25.26 -27.43 44.71
C PRO A 328 -26.51 -28.14 45.23
N ARG A 329 -26.70 -28.13 46.55
CA ARG A 329 -27.86 -28.83 47.08
C ARG A 329 -29.15 -28.00 47.03
N ALA A 330 -29.13 -26.71 46.58
CA ALA A 330 -30.18 -25.70 46.71
C ALA A 330 -31.59 -26.20 46.37
N PRO A 331 -31.78 -26.87 45.21
CA PRO A 331 -33.08 -27.37 44.74
C PRO A 331 -33.73 -28.41 45.67
N TYR A 332 -32.90 -28.96 46.57
CA TYR A 332 -33.35 -30.05 47.43
C TYR A 332 -32.97 -29.83 48.90
N MET A 333 -32.77 -28.57 49.36
CA MET A 333 -32.35 -28.28 50.73
C MET A 333 -33.37 -28.85 51.75
N VAL A 334 -34.63 -28.70 51.37
CA VAL A 334 -35.78 -29.11 52.20
C VAL A 334 -35.82 -30.63 52.33
N LEU A 335 -35.59 -31.37 51.24
CA LEU A 335 -35.55 -32.85 51.22
C LEU A 335 -34.40 -33.35 52.11
N LEU A 336 -33.31 -32.55 52.18
CA LEU A 336 -32.17 -32.90 53.04
C LEU A 336 -32.38 -32.45 54.50
N GLU A 337 -33.50 -31.77 54.81
CA GLU A 337 -33.74 -31.22 56.16
C GLU A 337 -32.62 -30.27 56.54
N GLU A 338 -31.94 -29.66 55.55
CA GLU A 338 -30.74 -28.88 55.88
C GLU A 338 -31.13 -27.63 56.65
N SER A 339 -30.55 -27.45 57.85
CA SER A 339 -30.91 -26.39 58.80
C SER A 339 -30.90 -24.99 58.19
N ILE A 340 -29.84 -24.72 57.41
CA ILE A 340 -29.69 -23.44 56.72
C ILE A 340 -30.93 -23.14 55.86
N GLN A 341 -31.62 -24.22 55.42
CA GLN A 341 -32.88 -24.13 54.65
C GLN A 341 -33.85 -23.18 55.37
N THR A 342 -33.84 -23.25 56.73
CA THR A 342 -34.78 -22.49 57.56
C THR A 342 -34.67 -21.00 57.23
N LYS A 343 -33.42 -20.54 56.99
CA LYS A 343 -33.11 -19.13 56.76
C LYS A 343 -33.73 -18.68 55.43
N PHE A 344 -33.68 -19.61 54.46
CA PHE A 344 -34.17 -19.40 53.11
C PHE A 344 -35.70 -19.46 53.09
N ALA A 345 -36.35 -20.10 54.09
CA ALA A 345 -37.81 -20.29 54.07
C ALA A 345 -38.57 -18.95 54.09
N PRO A 346 -39.76 -18.77 53.48
CA PRO A 346 -40.38 -17.44 53.46
C PRO A 346 -41.25 -17.19 54.68
N GLY A 347 -40.68 -17.21 55.88
CA GLY A 347 -41.32 -17.05 57.16
C GLY A 347 -40.22 -16.24 57.79
N GLY A 348 -39.17 -16.09 56.96
CA GLY A 348 -38.09 -15.16 57.29
C GLY A 348 -38.54 -13.71 57.16
N TYR A 349 -39.53 -13.46 56.25
CA TYR A 349 -40.22 -12.17 56.12
C TYR A 349 -41.74 -12.28 56.27
N PRO A 350 -42.28 -12.70 57.45
CA PRO A 350 -43.68 -13.09 57.62
C PRO A 350 -44.78 -12.10 57.22
N LEU A 351 -44.55 -10.83 57.58
CA LEU A 351 -45.53 -9.78 57.36
C LEU A 351 -45.79 -9.65 55.85
N LEU A 352 -44.72 -9.25 55.16
CA LEU A 352 -44.64 -9.29 53.71
C LEU A 352 -45.21 -10.61 53.15
N TRP A 353 -44.79 -11.79 53.64
CA TRP A 353 -45.26 -13.05 53.03
C TRP A 353 -46.78 -13.18 53.17
N SER A 354 -47.34 -12.86 54.36
CA SER A 354 -48.78 -12.97 54.61
C SER A 354 -49.51 -12.09 53.58
N PHE A 355 -48.90 -10.91 53.27
CA PHE A 355 -49.40 -10.06 52.17
C PHE A 355 -49.20 -10.78 50.82
N ALA A 356 -48.07 -11.51 50.62
CA ALA A 356 -47.77 -12.30 49.40
C ALA A 356 -48.87 -13.38 49.23
N MET A 357 -49.35 -14.04 50.32
CA MET A 357 -50.48 -14.97 50.25
C MET A 357 -51.76 -14.22 49.84
N GLY A 358 -51.98 -13.02 50.43
CA GLY A 358 -53.22 -12.26 50.19
C GLY A 358 -53.37 -11.83 48.71
N VAL A 359 -52.29 -11.28 48.14
CA VAL A 359 -52.16 -10.93 46.71
C VAL A 359 -52.27 -12.19 45.86
N ALA A 360 -51.38 -13.16 46.11
CA ALA A 360 -51.18 -14.35 45.27
C ALA A 360 -52.51 -15.08 45.03
N THR A 361 -53.19 -15.40 46.17
CA THR A 361 -54.47 -16.11 46.18
C THR A 361 -55.55 -15.39 45.38
N THR A 362 -55.47 -14.05 45.38
CA THR A 362 -56.47 -13.22 44.75
C THR A 362 -56.25 -13.09 43.24
N ILE A 363 -54.97 -13.07 42.81
CA ILE A 363 -54.62 -12.70 41.44
C ILE A 363 -54.44 -13.95 40.56
N ASP A 364 -53.89 -15.03 41.14
CA ASP A 364 -53.50 -16.21 40.35
C ASP A 364 -54.36 -17.42 40.70
N ARG A 365 -55.20 -17.94 39.78
CA ARG A 365 -56.24 -18.94 39.99
C ARG A 365 -55.75 -20.23 40.69
N SER A 366 -54.53 -20.65 40.36
CA SER A 366 -53.97 -21.88 40.89
C SER A 366 -53.41 -21.70 42.30
N MET A 367 -52.99 -20.45 42.63
CA MET A 367 -52.42 -20.13 43.94
C MET A 367 -53.55 -20.06 44.97
N GLY A 368 -53.17 -19.96 46.25
CA GLY A 368 -54.14 -19.70 47.31
C GLY A 368 -54.77 -21.00 47.82
N ALA A 369 -54.75 -22.05 46.97
CA ALA A 369 -54.94 -23.46 47.35
C ALA A 369 -53.74 -23.95 48.17
N LEU A 370 -52.63 -23.16 48.20
CA LEU A 370 -51.53 -23.42 49.12
C LEU A 370 -52.00 -23.14 50.55
N ASN A 371 -51.52 -23.96 51.52
CA ASN A 371 -51.96 -23.91 52.92
C ASN A 371 -51.30 -22.70 53.60
N ILE A 372 -52.13 -21.68 53.94
CA ILE A 372 -51.75 -20.51 54.71
C ILE A 372 -52.18 -20.61 56.19
N ASN A 373 -52.66 -21.80 56.63
CA ASN A 373 -52.86 -22.19 58.01
C ASN A 373 -51.49 -22.53 58.58
N ARG A 374 -50.76 -21.50 58.96
CA ARG A 374 -49.55 -21.65 59.73
C ARG A 374 -49.56 -20.61 60.86
N GLY A 375 -48.72 -20.84 61.89
CA GLY A 375 -48.48 -19.88 62.98
C GLY A 375 -47.94 -18.51 62.51
N TYR A 376 -47.24 -18.47 61.37
CA TYR A 376 -46.58 -17.27 60.82
C TYR A 376 -47.52 -16.42 59.94
N LEU A 377 -48.82 -16.75 59.87
CA LEU A 377 -49.76 -15.95 59.08
C LEU A 377 -50.02 -14.61 59.78
N GLU A 378 -50.03 -13.49 59.03
CA GLU A 378 -50.29 -12.23 59.69
C GLU A 378 -51.55 -11.64 59.07
N PRO A 379 -52.77 -11.92 59.59
CA PRO A 379 -54.04 -11.57 58.92
C PRO A 379 -54.22 -10.15 58.36
N MET A 380 -53.78 -9.16 59.14
CA MET A 380 -54.00 -7.75 58.81
C MET A 380 -53.49 -7.45 57.40
N TYR A 381 -52.28 -7.95 57.09
CA TYR A 381 -51.65 -7.77 55.78
C TYR A 381 -52.37 -8.60 54.70
N PHE A 382 -52.87 -9.81 55.04
CA PHE A 382 -53.67 -10.62 54.12
C PHE A 382 -54.98 -9.88 53.79
N ARG A 383 -55.64 -9.31 54.81
CA ARG A 383 -56.84 -8.52 54.59
C ARG A 383 -56.46 -7.32 53.70
N LEU A 384 -55.15 -6.97 53.68
CA LEU A 384 -54.60 -5.88 52.89
C LEU A 384 -54.13 -6.37 51.50
N GLY A 385 -53.47 -7.54 51.48
CA GLY A 385 -53.02 -8.17 50.23
C GLY A 385 -54.21 -8.46 49.29
N GLN A 386 -55.24 -9.14 49.83
CA GLN A 386 -56.50 -9.39 49.13
C GLN A 386 -57.15 -8.08 48.63
N LYS A 387 -57.26 -7.08 49.52
CA LYS A 387 -57.88 -5.78 49.26
C LYS A 387 -57.09 -5.01 48.19
N SER A 388 -55.76 -5.18 48.12
CA SER A 388 -54.94 -4.64 47.03
C SER A 388 -55.24 -5.25 45.66
N ALA A 389 -55.08 -6.59 45.55
CA ALA A 389 -55.30 -7.41 44.36
C ALA A 389 -56.74 -7.31 43.82
N ILE B 26 -32.80 -2.95 46.09
CA ILE B 26 -34.26 -3.06 46.49
C ILE B 26 -34.94 -4.26 45.82
N PHE B 27 -35.40 -4.05 44.57
CA PHE B 27 -35.97 -5.09 43.72
C PHE B 27 -34.88 -6.04 43.23
N GLU B 28 -33.68 -5.47 43.08
CA GLU B 28 -32.53 -5.94 42.32
C GLU B 28 -32.11 -7.34 42.78
N GLU B 29 -32.19 -7.60 44.11
CA GLU B 29 -31.77 -8.84 44.76
C GLU B 29 -32.60 -10.01 44.23
N ALA B 30 -33.93 -9.76 44.21
CA ALA B 30 -34.94 -10.73 43.81
C ALA B 30 -34.73 -11.19 42.35
N ALA B 31 -34.58 -10.19 41.46
CA ALA B 31 -34.34 -10.38 40.03
C ALA B 31 -33.06 -11.21 39.83
N SER B 32 -31.99 -10.86 40.56
CA SER B 32 -30.70 -11.54 40.48
C SER B 32 -30.82 -12.97 41.02
N PHE B 33 -31.71 -13.17 42.01
CA PHE B 33 -31.91 -14.46 42.63
C PHE B 33 -32.63 -15.41 41.66
N ARG B 34 -33.68 -14.89 40.97
CA ARG B 34 -34.39 -15.64 39.95
C ARG B 34 -33.38 -16.14 38.89
N SER B 35 -32.45 -15.23 38.49
CA SER B 35 -31.43 -15.57 37.51
C SER B 35 -30.49 -16.62 38.07
N TYR B 36 -30.16 -16.51 39.39
CA TYR B 36 -29.26 -17.44 40.05
C TYR B 36 -29.84 -18.85 39.97
N GLN B 37 -31.13 -18.98 40.38
CA GLN B 37 -31.84 -20.25 40.37
C GLN B 37 -31.76 -20.89 38.97
N SER B 38 -31.99 -20.08 37.93
CA SER B 38 -32.11 -20.53 36.55
C SER B 38 -30.78 -21.10 36.02
N LYS B 39 -29.66 -20.54 36.52
CA LYS B 39 -28.31 -20.92 36.08
C LYS B 39 -27.62 -21.88 37.05
N LEU B 40 -28.21 -22.07 38.27
CA LEU B 40 -27.66 -22.99 39.26
C LEU B 40 -27.66 -24.42 38.70
N GLY B 41 -26.50 -25.10 38.73
CA GLY B 41 -26.39 -26.51 38.38
C GLY B 41 -26.40 -26.76 36.87
N ARG B 42 -26.46 -25.65 36.10
CA ARG B 42 -26.28 -25.70 34.64
C ARG B 42 -24.88 -26.24 34.28
N ASP B 43 -23.88 -25.89 35.11
CA ASP B 43 -22.47 -26.11 34.87
C ASP B 43 -22.07 -27.56 35.19
N GLY B 44 -20.80 -27.86 34.91
CA GLY B 44 -20.20 -29.15 35.24
C GLY B 44 -20.39 -30.20 34.15
N ARG B 45 -19.74 -31.36 34.31
CA ARG B 45 -19.85 -32.50 33.39
C ARG B 45 -20.14 -33.80 34.14
N ALA B 46 -21.13 -34.56 33.66
CA ALA B 46 -21.73 -35.69 34.38
C ALA B 46 -20.79 -36.90 34.40
N SER B 47 -20.69 -37.54 35.58
CA SER B 47 -19.85 -38.72 35.84
C SER B 47 -20.28 -39.95 35.01
N ALA B 48 -19.29 -40.67 34.45
CA ALA B 48 -19.49 -41.55 33.31
C ALA B 48 -20.31 -42.79 33.69
N ALA B 49 -20.35 -43.04 34.99
CA ALA B 49 -21.12 -44.15 35.54
C ALA B 49 -22.61 -44.06 35.22
N THR B 50 -23.13 -42.82 34.94
CA THR B 50 -24.54 -42.55 34.61
C THR B 50 -24.96 -43.13 33.24
N ALA B 51 -23.94 -43.41 32.40
CA ALA B 51 -24.15 -43.95 31.05
C ALA B 51 -24.91 -45.28 31.06
N THR B 52 -26.05 -45.29 30.32
CA THR B 52 -26.94 -46.44 30.17
C THR B 52 -26.34 -47.47 29.20
N LEU B 53 -26.67 -48.78 29.41
CA LEU B 53 -26.04 -49.90 28.72
C LEU B 53 -26.23 -49.83 27.20
N THR B 54 -25.10 -49.73 26.44
CA THR B 54 -25.04 -49.40 25.01
C THR B 54 -25.57 -50.56 24.16
N THR B 55 -26.49 -50.17 23.27
CA THR B 55 -27.36 -51.12 22.60
C THR B 55 -26.86 -51.30 21.17
N LYS B 56 -26.61 -52.57 20.78
CA LYS B 56 -26.10 -52.96 19.46
C LYS B 56 -27.23 -53.01 18.43
N ILE B 57 -27.12 -52.20 17.34
CA ILE B 57 -28.07 -52.13 16.23
C ILE B 57 -27.36 -52.41 14.90
N ARG B 58 -27.96 -53.28 14.04
CA ARG B 58 -27.38 -53.67 12.76
C ARG B 58 -27.92 -52.73 11.68
N ILE B 59 -27.05 -52.00 10.96
CA ILE B 59 -27.42 -51.07 9.89
C ILE B 59 -26.81 -51.59 8.60
N PHE B 60 -27.59 -52.36 7.81
CA PHE B 60 -27.14 -52.81 6.51
C PHE B 60 -27.07 -51.55 5.66
N VAL B 61 -25.89 -51.27 5.06
CA VAL B 61 -25.60 -49.99 4.42
C VAL B 61 -25.24 -50.19 2.94
N PRO B 62 -25.40 -49.10 2.13
CA PRO B 62 -24.99 -49.07 0.71
C PRO B 62 -23.66 -49.71 0.33
N ALA B 63 -23.66 -50.44 -0.78
CA ALA B 63 -22.44 -51.15 -1.17
C ALA B 63 -21.54 -50.34 -2.11
N THR B 64 -22.12 -49.54 -3.01
CA THR B 64 -21.28 -48.92 -4.04
C THR B 64 -22.12 -48.24 -5.12
N ASN B 65 -21.43 -47.88 -6.21
CA ASN B 65 -21.97 -47.00 -7.24
C ASN B 65 -22.57 -47.83 -8.38
N SER B 66 -23.44 -48.79 -8.04
CA SER B 66 -24.29 -49.49 -9.00
C SER B 66 -25.76 -49.27 -8.65
N PRO B 67 -26.60 -48.78 -9.59
CA PRO B 67 -28.05 -48.65 -9.37
C PRO B 67 -28.76 -49.96 -9.05
N GLU B 68 -28.23 -51.07 -9.56
CA GLU B 68 -28.75 -52.41 -9.33
C GLU B 68 -28.75 -52.76 -7.85
N LEU B 69 -27.65 -52.52 -7.15
CA LEU B 69 -27.54 -52.75 -5.71
C LEU B 69 -28.43 -51.77 -4.95
N ARG B 70 -28.36 -50.49 -5.32
CA ARG B 70 -29.03 -49.39 -4.63
C ARG B 70 -30.56 -49.59 -4.62
N TRP B 71 -31.18 -49.94 -5.78
CA TRP B 71 -32.63 -50.22 -5.95
C TRP B 71 -33.04 -51.41 -5.07
N GLU B 72 -32.29 -52.51 -5.20
CA GLU B 72 -32.60 -53.73 -4.46
C GLU B 72 -32.49 -53.52 -2.94
N LEU B 73 -31.45 -52.81 -2.47
CA LEU B 73 -31.26 -52.49 -1.05
C LEU B 73 -32.42 -51.62 -0.54
N THR B 74 -32.89 -50.68 -1.39
CA THR B 74 -34.04 -49.85 -1.01
C THR B 74 -35.29 -50.72 -0.83
N LEU B 75 -35.54 -51.64 -1.78
CA LEU B 75 -36.66 -52.57 -1.73
C LEU B 75 -36.56 -53.45 -0.47
N PHE B 76 -35.38 -54.02 -0.15
CA PHE B 76 -35.10 -54.75 1.09
C PHE B 76 -35.51 -53.94 2.32
N ALA B 77 -35.04 -52.70 2.39
CA ALA B 77 -35.28 -51.84 3.54
C ALA B 77 -36.77 -51.49 3.69
N LEU B 78 -37.44 -51.16 2.56
CA LEU B 78 -38.88 -50.90 2.54
C LEU B 78 -39.61 -52.12 3.10
N ASP B 79 -39.18 -53.33 2.72
CA ASP B 79 -39.83 -54.56 3.14
C ASP B 79 -39.53 -54.86 4.60
N VAL B 80 -38.31 -54.60 5.12
CA VAL B 80 -38.01 -54.74 6.55
C VAL B 80 -39.03 -53.95 7.39
N ILE B 81 -39.31 -52.72 6.97
CA ILE B 81 -40.25 -51.82 7.65
C ILE B 81 -41.70 -52.30 7.47
N ARG B 82 -42.00 -52.96 6.32
CA ARG B 82 -43.33 -53.49 5.99
C ARG B 82 -43.61 -54.79 6.75
N SER B 83 -42.56 -55.46 7.27
CA SER B 83 -42.68 -56.80 7.86
C SER B 83 -43.36 -56.77 9.25
N PRO B 84 -44.26 -57.74 9.53
CA PRO B 84 -44.97 -57.81 10.82
C PRO B 84 -44.14 -58.49 11.91
N SER B 85 -43.13 -59.21 11.45
CA SER B 85 -42.32 -60.09 12.28
C SER B 85 -40.97 -59.51 12.69
N ALA B 86 -40.54 -58.35 12.13
CA ALA B 86 -39.26 -57.75 12.47
C ALA B 86 -39.27 -57.18 13.89
N ALA B 87 -38.17 -57.35 14.64
CA ALA B 87 -38.03 -56.78 15.98
C ALA B 87 -37.57 -55.32 15.89
N GLU B 88 -37.84 -54.52 16.93
CA GLU B 88 -37.43 -53.12 17.13
C GLU B 88 -35.98 -52.81 16.73
N SER B 89 -35.07 -53.69 17.16
CA SER B 89 -33.65 -53.58 16.87
C SER B 89 -33.36 -53.62 15.36
N MET B 90 -34.08 -54.49 14.63
CA MET B 90 -33.98 -54.57 13.17
C MET B 90 -34.65 -53.34 12.53
N LYS B 91 -35.81 -52.91 13.05
CA LYS B 91 -36.61 -51.82 12.50
C LYS B 91 -35.85 -50.49 12.55
N VAL B 92 -35.16 -50.17 13.68
CA VAL B 92 -34.31 -48.98 13.80
C VAL B 92 -33.24 -48.99 12.70
N GLY B 93 -32.59 -50.14 12.59
CA GLY B 93 -31.51 -50.33 11.62
C GLY B 93 -31.98 -50.17 10.17
N ALA B 94 -33.19 -50.67 9.88
CA ALA B 94 -33.94 -50.46 8.64
C ALA B 94 -34.15 -48.96 8.39
N ALA B 95 -34.67 -48.23 9.39
CA ALA B 95 -34.91 -46.80 9.25
C ALA B 95 -33.64 -46.02 8.93
N PHE B 96 -32.52 -46.41 9.57
CA PHE B 96 -31.21 -45.85 9.28
C PHE B 96 -30.74 -46.15 7.85
N THR B 97 -31.02 -47.35 7.31
CA THR B 97 -30.73 -47.64 5.91
C THR B 97 -31.56 -46.74 5.00
N LEU B 98 -32.85 -46.60 5.31
CA LEU B 98 -33.76 -45.84 4.48
C LEU B 98 -33.31 -44.39 4.37
N ILE B 99 -32.87 -43.76 5.49
CA ILE B 99 -32.45 -42.36 5.50
C ILE B 99 -30.93 -42.16 5.38
N SER B 100 -30.22 -43.16 4.82
CA SER B 100 -28.84 -43.07 4.37
C SER B 100 -28.69 -43.22 2.85
N MET B 101 -29.75 -43.63 2.12
CA MET B 101 -29.79 -43.93 0.69
C MET B 101 -29.30 -42.80 -0.23
N TYR B 102 -29.45 -41.56 0.23
CA TYR B 102 -28.95 -40.35 -0.42
C TYR B 102 -27.47 -40.40 -0.79
N SER B 103 -26.62 -40.92 0.13
CA SER B 103 -25.19 -40.61 0.15
C SER B 103 -24.41 -41.39 -0.88
N GLU B 104 -23.35 -40.70 -1.31
CA GLU B 104 -22.23 -41.23 -2.08
C GLU B 104 -21.59 -42.42 -1.37
N ARG B 105 -21.54 -42.39 -0.05
CA ARG B 105 -20.96 -43.48 0.72
C ARG B 105 -21.83 -43.77 1.94
N PRO B 106 -22.91 -44.57 1.78
CA PRO B 106 -23.96 -44.67 2.81
C PRO B 106 -23.50 -44.98 4.23
N GLY B 107 -22.52 -45.89 4.30
CA GLY B 107 -21.90 -46.31 5.56
C GLY B 107 -21.15 -45.18 6.26
N ALA B 108 -20.43 -44.37 5.47
CA ALA B 108 -19.69 -43.23 5.98
C ALA B 108 -20.64 -42.18 6.56
N LEU B 109 -21.75 -41.91 5.85
CA LEU B 109 -22.78 -40.95 6.27
C LEU B 109 -23.32 -41.33 7.65
N ILE B 110 -23.77 -42.59 7.84
CA ILE B 110 -24.24 -43.08 9.14
C ILE B 110 -23.15 -42.91 10.20
N ARG B 111 -21.98 -43.54 9.99
CA ARG B 111 -20.92 -43.59 11.00
C ARG B 111 -20.47 -42.20 11.46
N SER B 112 -20.41 -41.25 10.53
CA SER B 112 -19.84 -39.93 10.77
C SER B 112 -20.82 -38.93 11.38
N LEU B 113 -22.13 -39.11 11.14
CA LEU B 113 -23.12 -38.18 11.70
C LEU B 113 -23.74 -38.75 12.98
N LEU B 114 -23.65 -40.09 13.17
CA LEU B 114 -24.34 -40.77 14.26
C LEU B 114 -23.56 -40.49 15.54
N ASN B 115 -24.19 -39.82 16.52
CA ASN B 115 -23.49 -39.26 17.67
C ASN B 115 -24.35 -39.31 18.93
N ASP B 116 -24.63 -40.55 19.40
CA ASP B 116 -25.82 -40.93 20.18
C ASP B 116 -25.44 -41.89 21.30
N PRO B 117 -25.79 -41.50 22.55
CA PRO B 117 -25.17 -42.08 23.74
C PRO B 117 -25.76 -43.41 24.19
N ASP B 118 -26.82 -43.90 23.57
CA ASP B 118 -27.40 -45.16 24.02
C ASP B 118 -27.04 -46.32 23.09
N ILE B 119 -26.58 -45.97 21.87
CA ILE B 119 -26.55 -46.90 20.74
C ILE B 119 -25.15 -47.04 20.13
N GLU B 120 -24.81 -48.31 19.81
CA GLU B 120 -23.60 -48.67 19.08
C GLU B 120 -23.99 -49.38 17.78
N ALA B 121 -23.62 -48.76 16.66
CA ALA B 121 -23.96 -49.29 15.34
C ALA B 121 -22.93 -50.33 14.88
N VAL B 122 -23.40 -51.47 14.35
CA VAL B 122 -22.60 -52.36 13.51
C VAL B 122 -23.08 -52.18 12.07
N ILE B 123 -22.18 -51.85 11.13
CA ILE B 123 -22.59 -51.52 9.76
C ILE B 123 -21.91 -52.38 8.69
N ILE B 124 -22.66 -53.24 7.99
CA ILE B 124 -22.02 -54.13 7.03
C ILE B 124 -22.66 -53.95 5.66
N ASP B 125 -22.00 -53.21 4.73
CA ASP B 125 -22.51 -52.87 3.40
C ASP B 125 -22.67 -54.14 2.57
N VAL B 126 -23.88 -54.48 2.08
CA VAL B 126 -24.05 -55.83 1.48
C VAL B 126 -23.48 -55.82 0.06
N GLY B 127 -22.53 -56.71 -0.24
CA GLY B 127 -21.95 -56.79 -1.59
C GLY B 127 -22.95 -57.29 -2.63
N SER B 128 -23.08 -58.61 -2.71
CA SER B 128 -23.98 -59.31 -3.62
C SER B 128 -25.38 -59.35 -3.03
N MET B 129 -25.88 -58.14 -2.71
CA MET B 129 -27.18 -57.95 -2.09
C MET B 129 -28.24 -58.46 -3.07
N VAL B 130 -27.90 -58.73 -4.34
CA VAL B 130 -28.87 -59.16 -5.35
C VAL B 130 -29.08 -60.69 -5.33
N ASN B 131 -28.50 -61.38 -4.33
CA ASN B 131 -28.58 -62.83 -4.20
C ASN B 131 -30.04 -63.31 -4.07
N GLY B 132 -30.85 -62.54 -3.35
CA GLY B 132 -32.22 -62.96 -3.15
C GLY B 132 -33.06 -61.79 -2.63
N ILE B 133 -33.92 -62.06 -1.65
CA ILE B 133 -34.65 -60.99 -1.02
C ILE B 133 -33.74 -60.35 0.04
N PRO B 134 -32.99 -61.20 0.77
CA PRO B 134 -32.17 -60.71 1.90
C PRO B 134 -30.86 -60.17 1.37
N VAL B 135 -30.11 -59.40 2.17
CA VAL B 135 -28.77 -58.93 1.81
C VAL B 135 -27.81 -60.12 1.73
N MET B 136 -26.69 -59.95 0.98
CA MET B 136 -25.65 -60.97 0.80
C MET B 136 -24.49 -60.64 1.74
N LYS B 142 -22.56 -70.54 8.33
CA LYS B 142 -23.34 -69.87 9.41
C LYS B 142 -24.30 -68.82 8.83
N ALA B 143 -23.89 -68.25 7.68
CA ALA B 143 -24.57 -67.16 6.98
C ALA B 143 -25.80 -67.69 6.24
N GLN B 144 -25.76 -68.99 5.89
CA GLN B 144 -26.86 -69.74 5.29
C GLN B 144 -28.11 -69.64 6.19
N GLU B 145 -27.93 -69.69 7.52
CA GLU B 145 -29.06 -69.50 8.44
C GLU B 145 -29.66 -68.08 8.32
N GLU B 146 -28.72 -67.12 8.19
CA GLU B 146 -29.01 -65.68 8.18
C GLU B 146 -29.89 -65.35 6.97
N MET B 147 -29.51 -65.91 5.79
CA MET B 147 -30.21 -65.73 4.52
C MET B 147 -31.64 -66.28 4.60
N GLU B 148 -31.83 -67.35 5.38
CA GLU B 148 -33.11 -68.01 5.59
C GLU B 148 -33.94 -67.26 6.63
N GLY B 149 -33.27 -66.62 7.62
CA GLY B 149 -33.93 -65.65 8.50
C GLY B 149 -34.54 -64.50 7.68
N LEU B 150 -33.70 -63.95 6.79
CA LEU B 150 -34.12 -62.93 5.82
C LEU B 150 -35.30 -63.42 4.96
N MET B 151 -35.23 -64.64 4.42
CA MET B 151 -36.27 -65.24 3.59
C MET B 151 -37.58 -65.29 4.37
N ARG B 152 -37.53 -65.75 5.64
CA ARG B 152 -38.70 -65.84 6.50
C ARG B 152 -39.32 -64.44 6.69
N ILE B 153 -38.42 -63.45 6.98
CA ILE B 153 -38.80 -62.06 7.16
C ILE B 153 -39.60 -61.58 5.94
N LEU B 154 -39.06 -61.79 4.71
CA LEU B 154 -39.63 -61.34 3.44
C LEU B 154 -40.94 -62.04 3.10
N LYS B 155 -40.99 -63.38 3.32
CA LYS B 155 -42.18 -64.17 3.07
C LYS B 155 -43.32 -63.66 3.96
N THR B 156 -43.01 -63.62 5.28
CA THR B 156 -43.97 -63.17 6.27
C THR B 156 -44.47 -61.76 5.95
N ALA B 157 -43.56 -60.89 5.49
CA ALA B 157 -43.90 -59.52 5.08
C ALA B 157 -44.97 -59.55 3.97
N ARG B 158 -44.70 -60.27 2.84
CA ARG B 158 -45.60 -60.43 1.70
C ARG B 158 -46.97 -60.93 2.19
N ASP B 159 -46.91 -62.09 2.90
CA ASP B 159 -48.09 -62.88 3.26
C ASP B 159 -49.02 -62.09 4.21
N SER B 160 -48.41 -61.47 5.23
CA SER B 160 -49.12 -60.74 6.29
C SER B 160 -49.76 -59.46 5.76
N SER B 161 -49.13 -58.87 4.72
CA SER B 161 -49.64 -57.67 4.08
C SER B 161 -50.63 -58.00 2.96
N LYS B 162 -50.94 -59.31 2.74
CA LYS B 162 -51.90 -59.69 1.70
C LYS B 162 -51.43 -59.16 0.34
N GLY B 163 -50.09 -59.15 0.11
CA GLY B 163 -49.52 -58.74 -1.17
C GLY B 163 -49.45 -57.23 -1.45
N LYS B 164 -49.86 -56.33 -0.52
CA LYS B 164 -49.90 -54.89 -0.76
C LYS B 164 -48.48 -54.31 -0.77
N THR B 165 -48.02 -53.70 -1.89
CA THR B 165 -46.60 -53.39 -2.12
C THR B 165 -46.28 -52.06 -1.44
N PRO B 166 -44.99 -51.65 -1.29
CA PRO B 166 -44.70 -50.38 -0.62
C PRO B 166 -45.28 -49.16 -1.34
N PHE B 167 -45.37 -49.20 -2.68
CA PHE B 167 -45.82 -48.04 -3.46
C PHE B 167 -47.34 -48.02 -3.62
N VAL B 168 -47.91 -46.83 -3.92
CA VAL B 168 -49.34 -46.65 -4.22
C VAL B 168 -49.71 -47.25 -5.59
N ASP B 169 -48.73 -47.27 -6.52
CA ASP B 169 -48.80 -47.99 -7.79
C ASP B 169 -47.82 -49.17 -7.77
N SER B 170 -48.35 -50.40 -7.90
CA SER B 170 -47.64 -51.65 -7.64
C SER B 170 -46.49 -51.90 -8.62
N ARG B 171 -46.58 -51.32 -9.83
CA ARG B 171 -45.56 -51.39 -10.88
C ARG B 171 -44.19 -50.95 -10.31
N ALA B 172 -44.21 -49.96 -9.40
CA ALA B 172 -43.03 -49.46 -8.71
C ALA B 172 -42.34 -50.55 -7.89
N TYR B 173 -43.11 -51.43 -7.23
CA TYR B 173 -42.57 -52.51 -6.42
C TYR B 173 -41.79 -53.49 -7.31
N GLY B 174 -42.22 -53.67 -8.56
CA GLY B 174 -41.53 -54.60 -9.44
C GLY B 174 -40.40 -54.00 -10.28
N LEU B 175 -40.19 -52.68 -10.22
CA LEU B 175 -39.51 -51.92 -11.27
C LEU B 175 -38.11 -52.38 -11.71
N ARG B 176 -37.27 -52.87 -10.79
CA ARG B 176 -35.91 -53.37 -11.08
C ARG B 176 -35.10 -52.38 -11.92
N ILE B 177 -34.78 -51.20 -11.36
CA ILE B 177 -34.18 -50.08 -12.05
C ILE B 177 -32.70 -50.33 -12.30
N THR B 178 -32.22 -49.85 -13.46
CA THR B 178 -30.91 -50.16 -14.00
C THR B 178 -29.97 -48.94 -14.17
N ASP B 179 -30.46 -47.70 -14.02
CA ASP B 179 -29.65 -46.51 -14.34
C ASP B 179 -29.75 -45.45 -13.24
N MET B 180 -28.69 -44.64 -13.10
CA MET B 180 -28.53 -43.62 -12.06
C MET B 180 -29.72 -42.64 -12.00
N SER B 181 -30.23 -42.21 -13.17
CA SER B 181 -31.25 -41.15 -13.25
C SER B 181 -32.55 -41.58 -12.58
N THR B 182 -32.98 -42.80 -12.92
CA THR B 182 -34.16 -43.43 -12.36
C THR B 182 -33.95 -43.71 -10.86
N LEU B 183 -32.75 -44.19 -10.51
CA LEU B 183 -32.33 -44.47 -9.13
C LEU B 183 -32.53 -43.23 -8.26
N VAL B 184 -31.90 -42.08 -8.62
CA VAL B 184 -31.98 -40.85 -7.84
C VAL B 184 -33.42 -40.34 -7.78
N SER B 185 -34.15 -40.44 -8.91
CA SER B 185 -35.57 -40.09 -8.95
C SER B 185 -36.33 -40.84 -7.84
N ALA B 186 -36.08 -42.14 -7.77
CA ALA B 186 -36.74 -43.05 -6.83
C ALA B 186 -36.27 -42.84 -5.40
N VAL B 187 -34.95 -42.84 -5.12
CA VAL B 187 -34.33 -42.67 -3.81
C VAL B 187 -34.84 -41.38 -3.17
N ILE B 188 -34.75 -40.25 -3.91
CA ILE B 188 -35.25 -38.95 -3.47
C ILE B 188 -36.71 -39.03 -3.01
N THR B 189 -37.47 -39.85 -3.75
CA THR B 189 -38.92 -40.00 -3.59
C THR B 189 -39.24 -40.76 -2.29
N ILE B 190 -38.54 -41.86 -2.06
CA ILE B 190 -38.70 -42.67 -0.85
C ILE B 190 -38.23 -41.87 0.36
N GLU B 191 -37.05 -41.23 0.25
CA GLU B 191 -36.49 -40.45 1.35
C GLU B 191 -37.49 -39.36 1.76
N ALA B 192 -37.98 -38.59 0.77
CA ALA B 192 -38.97 -37.56 1.03
C ALA B 192 -40.18 -38.12 1.80
N GLN B 193 -40.57 -39.36 1.48
CA GLN B 193 -41.66 -40.04 2.14
C GLN B 193 -41.36 -40.39 3.62
N ILE B 194 -40.08 -40.62 3.98
CA ILE B 194 -39.66 -40.75 5.39
C ILE B 194 -39.76 -39.39 6.09
N TRP B 195 -39.18 -38.38 5.44
CA TRP B 195 -39.05 -37.05 6.02
C TRP B 195 -40.43 -36.37 6.19
N ILE B 196 -41.46 -36.65 5.38
CA ILE B 196 -42.87 -36.24 5.57
C ILE B 196 -43.37 -36.60 6.98
N LEU B 197 -42.84 -37.71 7.54
CA LEU B 197 -43.34 -38.27 8.79
C LEU B 197 -42.86 -37.50 10.03
N ILE B 198 -41.53 -37.27 10.03
CA ILE B 198 -40.75 -36.66 11.12
C ILE B 198 -41.47 -35.42 11.68
N ALA B 199 -42.09 -34.65 10.78
CA ALA B 199 -42.79 -33.40 11.04
C ALA B 199 -43.86 -33.50 12.12
N LYS B 200 -44.46 -34.71 12.26
CA LYS B 200 -45.54 -34.94 13.20
C LYS B 200 -45.33 -36.13 14.17
N ALA B 201 -44.41 -37.04 13.75
CA ALA B 201 -44.03 -38.24 14.51
C ALA B 201 -43.98 -38.08 16.05
N VAL B 202 -43.38 -36.99 16.53
CA VAL B 202 -43.09 -36.86 17.96
C VAL B 202 -43.81 -35.65 18.57
N THR B 203 -44.82 -35.08 17.87
CA THR B 203 -45.70 -34.08 18.49
C THR B 203 -47.17 -34.54 18.50
N ALA B 204 -47.57 -35.30 17.45
CA ALA B 204 -48.95 -35.76 17.30
C ALA B 204 -49.07 -36.83 16.22
N PRO B 205 -48.68 -38.09 16.55
CA PRO B 205 -48.43 -39.12 15.54
C PRO B 205 -49.69 -39.68 14.90
N ASP B 206 -50.85 -39.22 15.39
CA ASP B 206 -52.20 -39.41 14.86
C ASP B 206 -52.78 -38.00 14.65
N THR B 207 -53.68 -37.93 13.65
CA THR B 207 -54.10 -36.64 13.10
C THR B 207 -53.08 -36.09 12.10
N ALA B 208 -52.01 -36.85 11.85
CA ALA B 208 -50.91 -36.47 11.00
C ALA B 208 -51.28 -36.30 9.51
N GLU B 209 -52.22 -37.11 8.97
CA GLU B 209 -52.58 -37.26 7.54
C GLU B 209 -52.69 -35.92 6.81
N GLU B 210 -53.46 -35.01 7.39
CA GLU B 210 -53.79 -33.76 6.71
C GLU B 210 -52.53 -32.95 6.40
N SER B 211 -51.64 -32.81 7.40
CA SER B 211 -50.39 -32.06 7.27
C SER B 211 -49.45 -32.75 6.29
N GLU B 212 -49.30 -34.08 6.40
CA GLU B 212 -48.30 -34.81 5.63
C GLU B 212 -48.72 -34.84 4.16
N THR B 213 -50.04 -34.89 3.89
CA THR B 213 -50.56 -34.79 2.52
C THR B 213 -50.33 -33.39 1.96
N ARG B 214 -50.52 -32.33 2.78
CA ARG B 214 -50.33 -30.93 2.40
C ARG B 214 -48.89 -30.67 1.95
N ARG B 215 -47.92 -31.23 2.71
CA ARG B 215 -46.50 -31.17 2.36
C ARG B 215 -46.24 -31.96 1.06
N TRP B 216 -46.89 -33.15 0.89
CA TRP B 216 -46.70 -34.01 -0.27
C TRP B 216 -47.14 -33.32 -1.56
N ALA B 217 -48.32 -32.68 -1.51
CA ALA B 217 -48.90 -31.95 -2.63
C ALA B 217 -47.90 -30.96 -3.21
N LYS B 218 -47.27 -30.17 -2.32
CA LYS B 218 -46.22 -29.21 -2.68
C LYS B 218 -45.11 -29.88 -3.50
N TYR B 219 -44.44 -30.90 -2.92
CA TYR B 219 -43.25 -31.49 -3.54
C TYR B 219 -43.58 -32.09 -4.93
N VAL B 220 -44.79 -32.67 -5.08
CA VAL B 220 -45.24 -33.30 -6.32
C VAL B 220 -45.60 -32.24 -7.37
N GLN B 221 -46.33 -31.20 -6.94
CA GLN B 221 -46.76 -30.14 -7.84
C GLN B 221 -45.56 -29.38 -8.41
N GLN B 222 -44.54 -29.20 -7.55
CA GLN B 222 -43.27 -28.59 -7.90
C GLN B 222 -42.36 -29.56 -8.67
N LYS B 223 -42.78 -30.83 -8.92
CA LYS B 223 -41.96 -31.76 -9.69
C LYS B 223 -40.59 -32.11 -9.04
N ARG B 224 -40.45 -31.89 -7.72
CA ARG B 224 -39.25 -32.23 -6.97
C ARG B 224 -39.18 -33.73 -6.66
N VAL B 225 -40.34 -34.44 -6.56
CA VAL B 225 -40.34 -35.89 -6.28
C VAL B 225 -41.18 -36.63 -7.35
N ASN B 226 -40.69 -37.79 -7.85
CA ASN B 226 -41.07 -38.42 -9.12
C ASN B 226 -42.18 -39.45 -8.93
N PRO B 227 -43.41 -39.15 -9.38
CA PRO B 227 -44.65 -39.61 -8.74
C PRO B 227 -44.94 -41.10 -8.77
N PHE B 228 -44.28 -41.76 -9.74
CA PHE B 228 -44.27 -43.22 -9.88
C PHE B 228 -43.89 -43.88 -8.54
N PHE B 229 -42.99 -43.22 -7.78
CA PHE B 229 -42.52 -43.73 -6.49
C PHE B 229 -43.33 -43.22 -5.27
N ALA B 230 -44.59 -42.78 -5.42
CA ALA B 230 -45.36 -42.38 -4.22
C ALA B 230 -45.64 -43.59 -3.28
N LEU B 231 -45.45 -43.45 -1.96
CA LEU B 231 -45.48 -44.62 -1.06
C LEU B 231 -46.77 -44.71 -0.24
N THR B 232 -47.23 -45.94 0.00
CA THR B 232 -48.64 -46.25 0.27
C THR B 232 -49.01 -45.91 1.71
N GLN B 233 -50.26 -45.48 1.93
CA GLN B 233 -50.73 -45.00 3.24
C GLN B 233 -50.47 -46.04 4.32
N GLN B 234 -50.65 -47.31 3.94
CA GLN B 234 -50.44 -48.44 4.85
C GLN B 234 -49.01 -48.45 5.41
N TRP B 235 -48.04 -48.28 4.49
CA TRP B 235 -46.61 -48.28 4.83
C TRP B 235 -46.31 -47.03 5.66
N LEU B 236 -46.77 -45.87 5.19
CA LEU B 236 -46.53 -44.60 5.87
C LEU B 236 -47.06 -44.59 7.31
N THR B 237 -48.26 -45.17 7.58
CA THR B 237 -48.83 -45.25 8.91
C THR B 237 -47.95 -46.11 9.81
N GLU B 238 -47.54 -47.27 9.24
CA GLU B 238 -46.70 -48.24 9.97
C GLU B 238 -45.38 -47.60 10.39
N MET B 239 -44.76 -46.82 9.49
CA MET B 239 -43.52 -46.10 9.73
C MET B 239 -43.74 -44.91 10.66
N ARG B 240 -44.84 -44.15 10.53
CA ARG B 240 -45.16 -43.02 11.41
C ARG B 240 -45.17 -43.50 12.86
N ASN B 241 -45.89 -44.64 13.06
CA ASN B 241 -46.01 -45.26 14.38
C ASN B 241 -44.62 -45.66 14.92
N LEU B 242 -43.78 -46.30 14.07
CA LEU B 242 -42.40 -46.69 14.43
C LEU B 242 -41.58 -45.49 14.90
N LEU B 243 -41.73 -44.33 14.22
CA LEU B 243 -41.04 -43.10 14.58
C LEU B 243 -41.51 -42.59 15.93
N SER B 244 -42.84 -42.56 16.13
CA SER B 244 -43.38 -42.12 17.40
C SER B 244 -42.86 -42.91 18.60
N GLN B 245 -42.78 -44.23 18.43
CA GLN B 245 -42.59 -45.15 19.55
C GLN B 245 -41.11 -45.43 19.83
N SER B 246 -40.21 -45.13 18.86
CA SER B 246 -38.77 -45.34 19.02
C SER B 246 -37.98 -44.02 19.07
N LEU B 247 -37.32 -43.74 20.21
CA LEU B 247 -36.65 -42.46 20.44
C LEU B 247 -35.31 -42.45 19.73
N SER B 248 -34.62 -43.59 19.82
CA SER B 248 -33.24 -43.68 19.38
C SER B 248 -33.12 -43.42 17.88
N VAL B 249 -34.12 -43.90 17.10
CA VAL B 249 -34.19 -43.65 15.66
C VAL B 249 -34.37 -42.16 15.38
N ARG B 250 -35.35 -41.55 16.05
CA ARG B 250 -35.71 -40.15 15.91
C ARG B 250 -34.53 -39.25 16.27
N LYS B 251 -33.74 -39.61 17.30
CA LYS B 251 -32.49 -38.94 17.68
C LYS B 251 -31.56 -38.85 16.47
N PHE B 252 -31.25 -39.99 15.81
CA PHE B 252 -30.42 -40.03 14.60
C PHE B 252 -31.00 -39.18 13.45
N MET B 253 -32.30 -39.36 13.18
CA MET B 253 -33.01 -38.60 12.15
C MET B 253 -32.83 -37.09 12.38
N VAL B 254 -33.16 -36.60 13.59
CA VAL B 254 -33.09 -35.18 13.91
C VAL B 254 -31.65 -34.68 13.92
N GLU B 255 -30.67 -35.53 14.29
CA GLU B 255 -29.27 -35.16 14.19
C GLU B 255 -28.92 -34.85 12.73
N ILE B 256 -29.26 -35.74 11.79
CA ILE B 256 -29.03 -35.54 10.35
C ILE B 256 -29.80 -34.32 9.82
N LEU B 257 -31.06 -34.16 10.26
CA LEU B 257 -31.97 -33.10 9.82
C LEU B 257 -31.40 -31.71 10.17
N ILE B 258 -30.78 -31.60 11.37
CA ILE B 258 -30.05 -30.41 11.81
C ILE B 258 -28.78 -30.25 10.98
N GLU B 259 -28.03 -31.33 10.78
CA GLU B 259 -26.69 -31.23 10.19
C GLU B 259 -26.77 -30.73 8.75
N VAL B 260 -27.74 -31.24 7.98
CA VAL B 260 -27.88 -30.88 6.56
C VAL B 260 -28.62 -29.55 6.37
N LYS B 261 -29.29 -29.05 7.42
CA LYS B 261 -29.96 -27.76 7.40
C LYS B 261 -28.96 -26.59 7.40
N LYS B 262 -27.83 -26.76 8.09
CA LYS B 262 -26.93 -25.63 8.17
C LYS B 262 -25.97 -25.64 7.00
N GLY B 263 -24.94 -24.80 7.08
CA GLY B 263 -23.74 -25.07 6.29
C GLY B 263 -23.71 -24.29 4.97
N GLY B 264 -22.56 -23.67 4.70
CA GLY B 264 -22.35 -22.96 3.46
C GLY B 264 -21.91 -23.96 2.38
N SER B 265 -22.78 -24.91 2.02
CA SER B 265 -22.47 -25.78 0.90
C SER B 265 -23.66 -25.88 -0.05
N ALA B 266 -23.41 -26.22 -1.32
CA ALA B 266 -24.50 -26.57 -2.24
C ALA B 266 -25.16 -27.87 -1.76
N LYS B 267 -26.50 -27.97 -1.90
CA LYS B 267 -27.22 -29.21 -1.64
C LYS B 267 -27.92 -29.66 -2.92
N GLY B 268 -27.88 -30.97 -3.27
CA GLY B 268 -28.50 -31.51 -4.48
C GLY B 268 -30.00 -31.71 -4.30
N ARG B 269 -30.75 -32.01 -5.39
CA ARG B 269 -32.20 -32.18 -5.26
C ARG B 269 -32.48 -32.93 -3.94
N ALA B 270 -31.67 -33.97 -3.69
CA ALA B 270 -31.77 -34.84 -2.53
C ALA B 270 -31.72 -34.09 -1.19
N VAL B 271 -30.58 -33.43 -0.94
CA VAL B 271 -30.34 -32.69 0.31
C VAL B 271 -31.30 -31.49 0.38
N GLU B 272 -31.66 -30.95 -0.80
CA GLU B 272 -32.53 -29.77 -0.92
C GLU B 272 -33.91 -30.11 -0.39
N ILE B 273 -34.46 -31.29 -0.73
CA ILE B 273 -35.78 -31.72 -0.25
C ILE B 273 -35.75 -31.84 1.28
N ILE B 274 -34.67 -32.44 1.84
CA ILE B 274 -34.51 -32.55 3.29
C ILE B 274 -34.57 -31.15 3.93
N SER B 275 -33.76 -30.24 3.37
CA SER B 275 -33.62 -28.90 3.92
C SER B 275 -34.97 -28.19 3.90
N ASP B 276 -35.74 -28.41 2.82
CA ASP B 276 -37.04 -27.80 2.60
C ASP B 276 -38.04 -28.26 3.65
N ILE B 277 -38.04 -29.58 3.88
CA ILE B 277 -38.86 -30.20 4.92
C ILE B 277 -38.47 -29.63 6.28
N GLY B 278 -37.16 -29.41 6.50
CA GLY B 278 -36.65 -28.79 7.72
C GLY B 278 -37.43 -27.55 8.15
N ASN B 279 -37.88 -26.74 7.20
CA ASN B 279 -38.52 -25.47 7.54
C ASN B 279 -39.91 -25.66 8.14
N TYR B 280 -40.45 -26.89 8.04
CA TYR B 280 -41.69 -27.29 8.69
C TYR B 280 -41.41 -27.99 10.03
N VAL B 281 -40.22 -28.61 10.14
CA VAL B 281 -39.76 -29.46 11.24
C VAL B 281 -39.26 -28.61 12.39
N GLU B 282 -38.57 -27.52 12.09
CA GLU B 282 -38.07 -26.56 13.09
C GLU B 282 -39.21 -25.97 13.91
N GLU B 283 -38.92 -25.70 15.20
CA GLU B 283 -39.82 -25.11 16.18
C GLU B 283 -40.95 -26.05 16.56
N THR B 284 -41.06 -27.23 15.91
CA THR B 284 -42.20 -28.12 16.16
C THR B 284 -42.04 -28.76 17.54
N GLY B 285 -43.10 -28.79 18.36
CA GLY B 285 -43.04 -29.33 19.71
C GLY B 285 -42.23 -28.44 20.66
N MET B 286 -42.01 -27.15 20.29
CA MET B 286 -41.69 -26.03 21.18
C MET B 286 -42.84 -25.02 21.22
N ALA B 287 -44.08 -25.48 20.91
CA ALA B 287 -45.30 -24.76 20.55
C ALA B 287 -45.52 -23.58 21.49
N GLY B 288 -45.63 -23.92 22.77
CA GLY B 288 -45.89 -22.98 23.87
C GLY B 288 -44.94 -21.78 23.85
N PHE B 289 -43.61 -22.06 23.76
CA PHE B 289 -42.55 -21.04 23.85
C PHE B 289 -42.80 -20.02 22.74
N PHE B 290 -43.09 -20.59 21.55
CA PHE B 290 -43.35 -19.78 20.37
C PHE B 290 -44.71 -19.05 20.49
N ALA B 291 -45.75 -19.72 21.03
CA ALA B 291 -47.09 -19.11 21.02
C ALA B 291 -47.13 -17.85 21.89
N THR B 292 -46.45 -17.91 23.04
CA THR B 292 -46.33 -16.74 23.91
C THR B 292 -45.48 -15.67 23.24
N ILE B 293 -44.45 -16.04 22.46
CA ILE B 293 -43.66 -15.02 21.74
C ILE B 293 -44.53 -14.37 20.67
N ARG B 294 -45.16 -15.20 19.79
CA ARG B 294 -45.92 -14.68 18.66
C ARG B 294 -47.12 -13.86 19.15
N PHE B 295 -47.86 -14.44 20.09
CA PHE B 295 -49.15 -13.87 20.52
C PHE B 295 -49.03 -13.39 21.98
N GLY B 296 -49.52 -12.18 22.28
CA GLY B 296 -49.23 -11.63 23.61
C GLY B 296 -47.93 -10.84 23.62
N LEU B 297 -46.74 -11.48 23.46
CA LEU B 297 -45.46 -10.76 23.58
C LEU B 297 -45.23 -9.80 22.42
N GLU B 298 -45.26 -10.33 21.19
CA GLU B 298 -45.02 -9.50 20.02
C GLU B 298 -46.27 -8.67 19.74
N THR B 299 -47.42 -9.17 20.23
CA THR B 299 -48.71 -8.49 20.11
C THR B 299 -48.78 -7.22 20.97
N ARG B 300 -48.01 -7.17 22.09
CA ARG B 300 -47.88 -5.97 22.94
C ARG B 300 -49.24 -5.31 23.27
N TYR B 301 -50.28 -6.13 23.61
CA TYR B 301 -51.64 -5.66 23.91
C TYR B 301 -51.62 -4.72 25.11
N PRO B 302 -52.49 -3.67 25.17
CA PRO B 302 -52.36 -2.69 26.26
C PRO B 302 -52.28 -3.34 27.65
N ALA B 303 -52.86 -4.56 27.73
CA ALA B 303 -52.97 -5.34 28.96
C ALA B 303 -51.59 -5.65 29.55
N LEU B 304 -50.53 -5.67 28.71
CA LEU B 304 -49.14 -5.92 29.10
C LEU B 304 -48.64 -4.95 30.19
N ALA B 305 -49.29 -3.78 30.37
CA ALA B 305 -48.90 -2.78 31.37
C ALA B 305 -49.31 -3.16 32.80
N LEU B 306 -50.26 -4.12 32.91
CA LEU B 306 -50.89 -4.43 34.19
C LEU B 306 -49.89 -5.04 35.18
N ASN B 307 -49.95 -4.61 36.46
CA ASN B 307 -49.09 -5.03 37.58
C ASN B 307 -48.88 -6.55 37.68
N GLU B 308 -49.96 -7.31 37.40
CA GLU B 308 -50.09 -8.76 37.60
C GLU B 308 -49.03 -9.54 36.80
N PHE B 309 -48.76 -9.06 35.58
CA PHE B 309 -47.80 -9.58 34.61
C PHE B 309 -46.35 -9.73 35.08
N GLN B 310 -45.92 -8.88 36.06
CA GLN B 310 -44.51 -8.72 36.44
C GLN B 310 -43.76 -10.05 36.60
N SER B 311 -44.35 -10.98 37.39
CA SER B 311 -43.78 -12.29 37.67
C SER B 311 -43.57 -13.09 36.38
N ASP B 312 -44.58 -13.00 35.50
CA ASP B 312 -44.57 -13.67 34.20
C ASP B 312 -43.43 -13.10 33.33
N LEU B 313 -43.32 -11.76 33.26
CA LEU B 313 -42.26 -11.09 32.50
C LEU B 313 -40.88 -11.55 32.97
N ASN B 314 -40.67 -11.58 34.31
CA ASN B 314 -39.42 -12.05 34.91
C ASN B 314 -39.15 -13.50 34.48
N THR B 315 -40.24 -14.30 34.40
CA THR B 315 -40.19 -15.68 33.93
C THR B 315 -39.64 -15.72 32.50
N ILE B 316 -40.30 -14.96 31.62
CA ILE B 316 -39.97 -15.00 30.19
C ILE B 316 -38.50 -14.58 30.01
N LYS B 317 -38.04 -13.54 30.72
CA LYS B 317 -36.65 -13.10 30.64
C LYS B 317 -35.72 -14.28 30.91
N SER B 318 -35.97 -14.99 32.04
CA SER B 318 -35.18 -16.15 32.44
C SER B 318 -35.18 -17.22 31.33
N LEU B 319 -36.37 -17.41 30.72
CA LEU B 319 -36.61 -18.37 29.64
C LEU B 319 -35.76 -18.03 28.39
N MET B 320 -35.76 -16.75 27.98
CA MET B 320 -35.08 -16.29 26.76
C MET B 320 -33.57 -16.56 26.91
N LEU B 321 -33.01 -16.15 28.08
CA LEU B 321 -31.59 -16.35 28.36
C LEU B 321 -31.30 -17.85 28.43
N LEU B 322 -32.24 -18.63 29.01
CA LEU B 322 -32.11 -20.08 29.09
C LEU B 322 -32.05 -20.72 27.69
N TYR B 323 -32.96 -20.27 26.80
CA TYR B 323 -33.10 -20.78 25.44
C TYR B 323 -31.77 -20.63 24.70
N ARG B 324 -31.15 -19.45 24.84
CA ARG B 324 -29.83 -19.13 24.31
C ARG B 324 -28.81 -20.16 24.78
N GLU B 325 -28.85 -20.48 26.08
CA GLU B 325 -27.89 -21.38 26.75
C GLU B 325 -28.04 -22.82 26.25
N ILE B 326 -29.27 -23.24 25.88
CA ILE B 326 -29.47 -24.59 25.36
C ILE B 326 -28.86 -24.76 23.96
N GLY B 327 -28.87 -23.69 23.13
CA GLY B 327 -27.99 -23.58 21.98
C GLY B 327 -28.35 -24.45 20.77
N PRO B 328 -27.36 -25.16 20.16
CA PRO B 328 -27.45 -25.67 18.78
C PRO B 328 -28.63 -26.57 18.42
N ARG B 329 -29.10 -27.37 19.36
CA ARG B 329 -30.17 -28.28 19.01
C ARG B 329 -31.56 -27.62 19.13
N ALA B 330 -31.66 -26.32 19.50
CA ALA B 330 -32.87 -25.64 19.99
C ALA B 330 -34.13 -25.85 19.17
N PRO B 331 -34.08 -25.76 17.84
CA PRO B 331 -35.28 -25.92 17.02
C PRO B 331 -35.93 -27.30 17.10
N TYR B 332 -35.28 -28.22 17.83
CA TYR B 332 -35.75 -29.59 17.83
C TYR B 332 -35.54 -30.26 19.20
N MET B 333 -35.62 -29.49 20.29
CA MET B 333 -35.64 -29.95 21.67
C MET B 333 -36.74 -31.01 21.87
N VAL B 334 -37.93 -30.81 21.24
CA VAL B 334 -39.08 -31.69 21.39
C VAL B 334 -38.76 -33.09 20.82
N LEU B 335 -38.20 -33.11 19.62
CA LEU B 335 -37.88 -34.35 18.95
C LEU B 335 -36.80 -35.11 19.73
N LEU B 336 -35.89 -34.35 20.40
CA LEU B 336 -34.80 -34.91 21.20
C LEU B 336 -35.27 -35.32 22.61
N GLU B 337 -36.55 -35.06 22.96
CA GLU B 337 -37.11 -35.36 24.28
C GLU B 337 -36.33 -34.59 25.37
N GLU B 338 -35.65 -33.50 24.97
CA GLU B 338 -34.72 -32.81 25.86
C GLU B 338 -35.38 -32.30 27.13
N SER B 339 -34.81 -32.68 28.29
CA SER B 339 -35.34 -32.34 29.60
C SER B 339 -35.53 -30.84 29.80
N ILE B 340 -34.56 -30.07 29.27
CA ILE B 340 -34.60 -28.62 29.34
C ILE B 340 -35.92 -28.10 28.76
N GLN B 341 -36.47 -28.85 27.78
CA GLN B 341 -37.69 -28.49 27.07
C GLN B 341 -38.78 -28.10 28.07
N THR B 342 -38.85 -28.83 29.21
CA THR B 342 -39.89 -28.64 30.22
C THR B 342 -39.91 -27.17 30.66
N LYS B 343 -38.70 -26.62 30.82
CA LYS B 343 -38.51 -25.27 31.35
C LYS B 343 -39.06 -24.25 30.36
N PHE B 344 -38.85 -24.55 29.08
CA PHE B 344 -39.25 -23.69 27.99
C PHE B 344 -40.76 -23.82 27.73
N ALA B 345 -41.44 -24.90 28.20
CA ALA B 345 -42.86 -25.13 27.94
C ALA B 345 -43.70 -23.93 28.42
N PRO B 346 -44.73 -23.53 27.60
CA PRO B 346 -45.51 -22.30 27.76
C PRO B 346 -46.34 -22.21 29.03
N GLY B 347 -46.54 -23.37 29.68
CA GLY B 347 -47.23 -23.51 30.95
C GLY B 347 -46.49 -22.79 32.08
N GLY B 348 -45.27 -22.32 31.79
CA GLY B 348 -44.34 -21.73 32.74
C GLY B 348 -44.69 -20.30 33.14
N TYR B 349 -45.43 -19.59 32.27
CA TYR B 349 -45.84 -18.17 32.33
C TYR B 349 -47.34 -17.99 32.08
N PRO B 350 -48.19 -18.41 33.06
CA PRO B 350 -49.55 -18.88 32.76
C PRO B 350 -50.53 -17.75 32.46
N LEU B 351 -50.25 -16.60 33.10
CA LEU B 351 -51.08 -15.40 33.00
C LEU B 351 -50.94 -14.86 31.57
N LEU B 352 -49.68 -14.64 31.18
CA LEU B 352 -49.32 -14.16 29.84
C LEU B 352 -49.83 -15.16 28.79
N TRP B 353 -49.64 -16.48 28.99
CA TRP B 353 -50.09 -17.52 28.05
C TRP B 353 -51.61 -17.49 27.89
N SER B 354 -52.36 -17.47 29.01
CA SER B 354 -53.83 -17.46 28.93
C SER B 354 -54.33 -16.25 28.12
N PHE B 355 -53.64 -15.12 28.38
CA PHE B 355 -53.94 -13.93 27.59
C PHE B 355 -53.45 -14.15 26.14
N ALA B 356 -52.31 -14.86 25.96
CA ALA B 356 -51.70 -15.08 24.62
C ALA B 356 -52.69 -15.88 23.75
N MET B 357 -53.35 -16.90 24.35
CA MET B 357 -54.36 -17.65 23.59
C MET B 357 -55.58 -16.76 23.31
N GLY B 358 -56.01 -15.99 24.33
CA GLY B 358 -57.20 -15.15 24.20
C GLY B 358 -57.13 -14.18 23.02
N VAL B 359 -55.96 -13.52 22.85
CA VAL B 359 -55.65 -12.69 21.69
C VAL B 359 -55.65 -13.54 20.41
N ALA B 360 -54.78 -14.58 20.41
CA ALA B 360 -54.48 -15.37 19.22
C ALA B 360 -55.75 -15.91 18.57
N THR B 361 -56.57 -16.59 19.41
CA THR B 361 -57.80 -17.25 18.99
C THR B 361 -58.81 -16.24 18.45
N THR B 362 -58.75 -14.99 18.92
CA THR B 362 -59.69 -13.96 18.50
C THR B 362 -59.27 -13.33 17.18
N ILE B 363 -57.96 -13.19 16.96
CA ILE B 363 -57.48 -12.34 15.88
C ILE B 363 -57.09 -13.13 14.64
N ASP B 364 -56.54 -14.34 14.85
CA ASP B 364 -55.76 -14.92 13.76
C ASP B 364 -56.34 -16.26 13.31
N ARG B 365 -56.99 -16.37 12.11
CA ARG B 365 -58.13 -17.26 11.87
C ARG B 365 -57.76 -18.74 12.00
N SER B 366 -56.55 -19.05 11.53
CA SER B 366 -56.05 -20.40 11.48
C SER B 366 -55.56 -20.89 12.84
N MET B 367 -55.08 -19.94 13.67
CA MET B 367 -54.53 -20.25 14.99
C MET B 367 -55.69 -20.57 15.93
N GLY B 368 -55.34 -21.10 17.13
CA GLY B 368 -56.27 -21.28 18.22
C GLY B 368 -57.11 -22.54 18.05
N ALA B 369 -57.00 -23.19 16.85
CA ALA B 369 -57.41 -24.57 16.61
C ALA B 369 -56.52 -25.57 17.36
N LEU B 370 -55.29 -25.13 17.76
CA LEU B 370 -54.45 -25.89 18.70
C LEU B 370 -54.99 -25.76 20.12
N ASN B 371 -55.20 -26.92 20.78
CA ASN B 371 -55.89 -27.02 22.05
C ASN B 371 -55.06 -26.39 23.17
N ILE B 372 -55.60 -25.31 23.76
CA ILE B 372 -55.07 -24.55 24.89
C ILE B 372 -55.79 -24.87 26.21
N ASN B 373 -56.68 -25.90 26.19
CA ASN B 373 -57.28 -26.62 27.30
C ASN B 373 -56.18 -27.36 28.05
N ARG B 374 -55.57 -26.58 28.94
CA ARG B 374 -54.73 -27.07 30.02
C ARG B 374 -55.27 -26.52 31.34
N GLY B 375 -54.79 -27.10 32.43
CA GLY B 375 -55.17 -26.66 33.78
C GLY B 375 -54.69 -25.24 34.10
N TYR B 376 -53.66 -24.76 33.37
CA TYR B 376 -53.02 -23.46 33.52
C TYR B 376 -53.82 -22.30 32.93
N LEU B 377 -54.91 -22.59 32.20
CA LEU B 377 -55.69 -21.53 31.53
C LEU B 377 -56.44 -20.72 32.58
N GLU B 378 -56.31 -19.39 32.56
CA GLU B 378 -56.97 -18.56 33.57
C GLU B 378 -58.10 -17.83 32.86
N PRO B 379 -59.38 -18.22 33.05
CA PRO B 379 -60.50 -17.67 32.27
C PRO B 379 -60.58 -16.14 32.17
N MET B 380 -60.34 -15.46 33.31
CA MET B 380 -60.36 -14.00 33.40
C MET B 380 -59.36 -13.42 32.40
N TYR B 381 -58.13 -13.95 32.45
CA TYR B 381 -57.04 -13.51 31.59
C TYR B 381 -57.26 -13.92 30.12
N PHE B 382 -57.84 -15.12 29.89
CA PHE B 382 -58.18 -15.60 28.54
C PHE B 382 -59.23 -14.66 27.93
N ARG B 383 -60.25 -14.29 28.73
CA ARG B 383 -61.24 -13.34 28.25
C ARG B 383 -60.59 -11.96 28.10
N LEU B 384 -59.78 -11.57 29.11
CA LEU B 384 -59.09 -10.28 28.96
C LEU B 384 -58.34 -10.24 27.62
N GLY B 385 -57.70 -11.34 27.22
CA GLY B 385 -57.02 -11.47 25.92
C GLY B 385 -58.00 -11.26 24.75
N GLN B 386 -59.13 -11.99 24.79
CA GLN B 386 -60.24 -11.82 23.84
C GLN B 386 -60.70 -10.35 23.79
N LYS B 387 -61.00 -9.80 24.98
CA LYS B 387 -61.52 -8.45 25.21
C LYS B 387 -60.53 -7.39 24.74
N SER B 388 -59.21 -7.63 24.82
CA SER B 388 -58.19 -6.72 24.27
C SER B 388 -58.18 -6.69 22.74
N ALA B 389 -57.99 -7.89 22.13
CA ALA B 389 -57.84 -8.11 20.71
C ALA B 389 -59.10 -7.81 19.89
N ARG B 390 -60.31 -8.00 20.45
CA ARG B 390 -61.48 -8.28 19.62
C ARG B 390 -62.65 -7.31 19.81
N HIS B 391 -62.35 -6.03 20.03
CA HIS B 391 -63.13 -4.93 19.49
C HIS B 391 -62.29 -4.29 18.37
N ILE C 26 -36.26 -5.07 28.07
CA ILE C 26 -37.53 -5.70 28.61
C ILE C 26 -38.32 -6.44 27.51
N PHE C 27 -39.15 -5.70 26.76
CA PHE C 27 -39.85 -6.21 25.57
C PHE C 27 -38.87 -6.40 24.40
N GLU C 28 -37.83 -5.54 24.41
CA GLU C 28 -36.72 -5.49 23.47
C GLU C 28 -36.00 -6.85 23.44
N GLU C 29 -35.96 -7.59 24.57
CA GLU C 29 -35.30 -8.88 24.69
C GLU C 29 -35.98 -9.90 23.78
N ALA C 30 -37.33 -9.90 23.81
CA ALA C 30 -38.20 -10.78 23.03
C ALA C 30 -37.97 -10.61 21.52
N ALA C 31 -38.00 -9.36 21.07
CA ALA C 31 -37.75 -9.00 19.68
C ALA C 31 -36.35 -9.46 19.23
N SER C 32 -35.34 -9.25 20.09
CA SER C 32 -33.97 -9.66 19.84
C SER C 32 -33.85 -11.19 19.81
N PHE C 33 -34.69 -11.86 20.61
CA PHE C 33 -34.71 -13.32 20.72
C PHE C 33 -35.29 -13.92 19.43
N ARG C 34 -36.40 -13.34 18.91
CA ARG C 34 -36.98 -13.74 17.62
C ARG C 34 -35.91 -13.65 16.53
N SER C 35 -35.12 -12.56 16.54
CA SER C 35 -34.04 -12.37 15.58
C SER C 35 -32.95 -13.42 15.78
N TYR C 36 -32.67 -13.76 17.06
CA TYR C 36 -31.65 -14.74 17.40
C TYR C 36 -32.03 -16.10 16.79
N GLN C 37 -33.29 -16.53 17.04
CA GLN C 37 -33.82 -17.78 16.52
C GLN C 37 -33.65 -17.84 14.99
N SER C 38 -33.95 -16.73 14.29
CA SER C 38 -33.94 -16.65 12.83
C SER C 38 -32.53 -16.83 12.26
N LYS C 39 -31.50 -16.39 13.02
CA LYS C 39 -30.11 -16.49 12.60
C LYS C 39 -29.39 -17.74 13.16
N LEU C 40 -29.97 -18.33 14.22
CA LEU C 40 -29.32 -19.41 14.94
C LEU C 40 -29.10 -20.64 14.05
N GLY C 41 -27.86 -21.11 14.04
CA GLY C 41 -27.50 -22.36 13.38
C GLY C 41 -27.47 -22.23 11.86
N ARG C 42 -27.68 -21.00 11.38
CA ARG C 42 -27.51 -20.71 9.96
C ARG C 42 -26.06 -20.93 9.52
N ASP C 43 -25.11 -20.67 10.43
CA ASP C 43 -23.67 -20.65 10.17
C ASP C 43 -23.09 -22.07 10.19
N GLY C 44 -21.77 -22.12 10.00
CA GLY C 44 -21.02 -23.38 10.05
C GLY C 44 -20.96 -24.06 8.68
N ARG C 45 -20.22 -25.19 8.61
CA ARG C 45 -19.98 -25.95 7.37
C ARG C 45 -20.39 -27.42 7.49
N ALA C 46 -21.20 -27.89 6.54
CA ALA C 46 -21.84 -29.20 6.60
C ALA C 46 -20.81 -30.31 6.35
N SER C 47 -20.96 -31.41 7.09
CA SER C 47 -20.22 -32.66 6.92
C SER C 47 -20.47 -33.33 5.56
N ALA C 48 -19.38 -33.85 4.96
CA ALA C 48 -19.32 -34.24 3.56
C ALA C 48 -20.23 -35.43 3.25
N ALA C 49 -20.61 -36.14 4.32
CA ALA C 49 -21.52 -37.26 4.25
C ALA C 49 -22.88 -36.89 3.64
N THR C 50 -23.27 -35.59 3.70
CA THR C 50 -24.52 -35.04 3.15
C THR C 50 -24.57 -35.07 1.61
N ALA C 51 -23.39 -35.22 0.97
CA ALA C 51 -23.26 -35.30 -0.48
C ALA C 51 -24.12 -36.39 -1.11
N THR C 52 -25.01 -35.97 -2.03
CA THR C 52 -26.00 -36.82 -2.68
C THR C 52 -25.33 -37.58 -3.86
N LEU C 53 -25.80 -38.80 -4.21
CA LEU C 53 -25.20 -39.67 -5.23
C LEU C 53 -25.13 -38.99 -6.61
N THR C 54 -23.92 -38.76 -7.15
CA THR C 54 -23.67 -37.93 -8.32
C THR C 54 -24.01 -38.69 -9.59
N THR C 55 -24.72 -37.95 -10.44
CA THR C 55 -25.23 -38.49 -11.68
C THR C 55 -24.32 -38.10 -12.84
N LYS C 56 -23.86 -39.09 -13.63
CA LYS C 56 -23.05 -38.88 -14.84
C LYS C 56 -23.91 -38.48 -16.05
N ILE C 57 -23.66 -37.27 -16.60
CA ILE C 57 -24.47 -36.61 -17.64
C ILE C 57 -23.56 -36.23 -18.82
N ARG C 58 -23.94 -36.64 -20.04
CA ARG C 58 -23.12 -36.43 -21.22
C ARG C 58 -23.58 -35.12 -21.89
N ILE C 59 -22.68 -34.11 -22.08
CA ILE C 59 -22.88 -32.88 -22.85
C ILE C 59 -22.07 -32.99 -24.15
N PHE C 60 -22.70 -33.20 -25.33
CA PHE C 60 -22.05 -33.07 -26.63
C PHE C 60 -21.92 -31.57 -26.95
N VAL C 61 -20.74 -31.06 -27.32
CA VAL C 61 -20.53 -29.60 -27.34
C VAL C 61 -19.81 -29.20 -28.63
N PRO C 62 -20.21 -28.08 -29.33
CA PRO C 62 -19.69 -27.63 -30.64
C PRO C 62 -18.18 -27.43 -30.62
N ALA C 63 -17.43 -28.22 -31.44
CA ALA C 63 -15.98 -28.41 -31.39
C ALA C 63 -15.16 -27.17 -31.80
N THR C 64 -15.65 -26.37 -32.76
CA THR C 64 -14.87 -25.31 -33.39
C THR C 64 -15.76 -24.17 -33.87
N ASN C 65 -15.11 -23.09 -34.32
CA ASN C 65 -15.78 -21.99 -34.99
C ASN C 65 -15.86 -22.21 -36.50
N SER C 66 -16.56 -23.29 -36.92
CA SER C 66 -16.89 -23.52 -38.33
C SER C 66 -18.41 -23.61 -38.52
N PRO C 67 -19.07 -22.77 -39.35
CA PRO C 67 -20.53 -22.66 -39.36
C PRO C 67 -21.32 -23.90 -39.79
N GLU C 68 -20.69 -24.69 -40.68
CA GLU C 68 -21.13 -26.00 -41.16
C GLU C 68 -21.42 -26.94 -39.98
N LEU C 69 -20.46 -27.09 -39.07
CA LEU C 69 -20.57 -27.96 -37.90
C LEU C 69 -21.60 -27.37 -36.91
N ARG C 70 -21.49 -26.07 -36.67
CA ARG C 70 -22.29 -25.37 -35.66
C ARG C 70 -23.79 -25.41 -35.96
N TRP C 71 -24.22 -25.20 -37.23
CA TRP C 71 -25.63 -25.28 -37.66
C TRP C 71 -26.16 -26.71 -37.48
N GLU C 72 -25.39 -27.67 -38.01
CA GLU C 72 -25.78 -29.06 -37.94
C GLU C 72 -25.91 -29.57 -36.49
N LEU C 73 -24.95 -29.20 -35.63
CA LEU C 73 -24.95 -29.54 -34.21
C LEU C 73 -26.16 -28.93 -33.51
N THR C 74 -26.54 -27.70 -33.90
CA THR C 74 -27.73 -27.07 -33.33
C THR C 74 -28.97 -27.87 -33.72
N LEU C 75 -29.09 -28.27 -35.01
CA LEU C 75 -30.18 -29.10 -35.51
C LEU C 75 -30.26 -30.42 -34.72
N PHE C 76 -29.11 -31.13 -34.57
CA PHE C 76 -28.95 -32.34 -33.75
C PHE C 76 -29.54 -32.15 -32.34
N ALA C 77 -29.09 -31.07 -31.68
CA ALA C 77 -29.46 -30.79 -30.31
C ALA C 77 -30.96 -30.48 -30.17
N LEU C 78 -31.50 -29.67 -31.11
CA LEU C 78 -32.94 -29.36 -31.15
C LEU C 78 -33.71 -30.66 -31.23
N ASP C 79 -33.23 -31.58 -32.09
CA ASP C 79 -33.93 -32.84 -32.31
C ASP C 79 -33.79 -33.77 -31.11
N VAL C 80 -32.61 -33.84 -30.42
CA VAL C 80 -32.42 -34.62 -29.17
C VAL C 80 -33.55 -34.27 -28.20
N ILE C 81 -33.79 -32.95 -28.04
CA ILE C 81 -34.79 -32.43 -27.10
C ILE C 81 -36.22 -32.71 -27.59
N ARG C 82 -36.39 -32.73 -28.92
CA ARG C 82 -37.69 -32.96 -29.52
C ARG C 82 -38.06 -34.44 -29.52
N SER C 83 -37.09 -35.35 -29.28
CA SER C 83 -37.31 -36.80 -29.40
C SER C 83 -38.21 -37.34 -28.28
N PRO C 84 -39.21 -38.23 -28.56
CA PRO C 84 -40.15 -38.71 -27.54
C PRO C 84 -39.61 -39.93 -26.82
N SER C 85 -38.62 -40.58 -27.49
CA SER C 85 -38.08 -41.87 -27.10
C SER C 85 -36.74 -41.76 -26.35
N ALA C 86 -36.09 -40.59 -26.40
CA ALA C 86 -34.85 -40.35 -25.66
C ALA C 86 -35.10 -40.27 -24.15
N ALA C 87 -34.19 -40.86 -23.37
CA ALA C 87 -34.18 -40.79 -21.91
C ALA C 87 -33.72 -39.43 -21.38
N GLU C 88 -34.20 -39.10 -20.16
CA GLU C 88 -33.92 -37.89 -19.40
C GLU C 88 -32.44 -37.51 -19.35
N SER C 89 -31.56 -38.52 -19.17
CA SER C 89 -30.11 -38.36 -19.14
C SER C 89 -29.55 -37.77 -20.45
N MET C 90 -30.10 -38.22 -21.60
CA MET C 90 -29.75 -37.70 -22.92
C MET C 90 -30.33 -36.28 -23.07
N LYS C 91 -31.60 -36.11 -22.65
CA LYS C 91 -32.37 -34.88 -22.83
C LYS C 91 -31.74 -33.69 -22.11
N VAL C 92 -31.30 -33.87 -20.85
CA VAL C 92 -30.64 -32.80 -20.11
C VAL C 92 -29.33 -32.41 -20.80
N GLY C 93 -28.56 -33.42 -21.25
CA GLY C 93 -27.31 -33.18 -21.95
C GLY C 93 -27.50 -32.39 -23.25
N ALA C 94 -28.58 -32.74 -23.98
CA ALA C 94 -29.06 -31.99 -25.15
C ALA C 94 -29.35 -30.53 -24.79
N ALA C 95 -30.14 -30.31 -23.73
CA ALA C 95 -30.50 -28.96 -23.30
C ALA C 95 -29.27 -28.13 -22.95
N PHE C 96 -28.26 -28.74 -22.32
CA PHE C 96 -26.96 -28.12 -22.04
C PHE C 96 -26.20 -27.75 -23.33
N THR C 97 -26.26 -28.60 -24.39
CA THR C 97 -25.68 -28.26 -25.70
C THR C 97 -26.38 -27.01 -26.27
N LEU C 98 -27.73 -27.06 -26.21
CA LEU C 98 -28.60 -26.04 -26.79
C LEU C 98 -28.30 -24.67 -26.16
N ILE C 99 -28.15 -24.57 -24.82
CA ILE C 99 -27.99 -23.30 -24.11
C ILE C 99 -26.53 -23.04 -23.73
N SER C 100 -25.57 -23.68 -24.45
CA SER C 100 -24.14 -23.33 -24.43
C SER C 100 -23.63 -22.80 -25.78
N MET C 101 -24.45 -22.84 -26.84
CA MET C 101 -24.21 -22.32 -28.18
C MET C 101 -23.75 -20.85 -28.22
N TYR C 102 -24.04 -20.02 -27.18
CA TYR C 102 -23.50 -18.67 -26.96
C TYR C 102 -21.97 -18.61 -27.15
N SER C 103 -21.22 -19.57 -26.57
CA SER C 103 -19.80 -19.43 -26.24
C SER C 103 -18.88 -19.52 -27.44
N GLU C 104 -17.82 -18.70 -27.41
CA GLU C 104 -16.67 -18.80 -28.32
C GLU C 104 -15.94 -20.14 -28.17
N ARG C 105 -16.00 -20.71 -26.96
CA ARG C 105 -15.35 -21.98 -26.61
C ARG C 105 -16.36 -22.79 -25.79
N PRO C 106 -17.34 -23.45 -26.47
CA PRO C 106 -18.64 -23.78 -25.84
C PRO C 106 -18.47 -24.70 -24.62
N GLY C 107 -17.50 -25.62 -24.76
CA GLY C 107 -17.14 -26.59 -23.72
C GLY C 107 -16.58 -25.94 -22.46
N ALA C 108 -15.73 -24.93 -22.66
CA ALA C 108 -15.14 -24.20 -21.56
C ALA C 108 -16.21 -23.42 -20.79
N LEU C 109 -17.16 -22.78 -21.51
CA LEU C 109 -18.25 -22.02 -20.91
C LEU C 109 -19.06 -22.90 -19.97
N ILE C 110 -19.51 -24.09 -20.45
CA ILE C 110 -20.25 -25.04 -19.62
C ILE C 110 -19.41 -25.46 -18.40
N ARG C 111 -18.22 -26.03 -18.66
CA ARG C 111 -17.39 -26.63 -17.61
C ARG C 111 -17.07 -25.62 -16.48
N SER C 112 -16.82 -24.36 -16.86
CA SER C 112 -16.33 -23.34 -15.94
C SER C 112 -17.42 -22.65 -15.12
N LEU C 113 -18.65 -22.59 -15.66
CA LEU C 113 -19.73 -21.94 -14.93
C LEU C 113 -20.60 -22.95 -14.20
N LEU C 114 -20.56 -24.23 -14.65
CA LEU C 114 -21.49 -25.24 -14.15
C LEU C 114 -21.01 -25.67 -12.76
N ASN C 115 -21.79 -25.44 -11.71
CA ASN C 115 -21.30 -25.58 -10.34
C ASN C 115 -22.37 -26.11 -9.37
N ASP C 116 -22.85 -27.35 -9.61
CA ASP C 116 -23.97 -27.99 -8.92
C ASP C 116 -23.65 -29.46 -8.70
N PRO C 117 -23.74 -29.93 -7.43
CA PRO C 117 -23.07 -31.16 -6.97
C PRO C 117 -23.73 -32.47 -7.40
N ASP C 118 -25.01 -32.39 -7.76
CA ASP C 118 -25.79 -33.60 -8.01
C ASP C 118 -25.38 -34.27 -9.33
N ILE C 119 -24.82 -33.45 -10.24
CA ILE C 119 -24.46 -33.83 -11.62
C ILE C 119 -22.95 -33.70 -11.87
N GLU C 120 -22.33 -34.78 -12.42
CA GLU C 120 -20.93 -34.86 -12.81
C GLU C 120 -20.83 -35.06 -14.34
N ALA C 121 -20.22 -34.05 -14.96
CA ALA C 121 -20.31 -33.87 -16.40
C ALA C 121 -19.23 -34.65 -17.13
N VAL C 122 -19.60 -35.31 -18.22
CA VAL C 122 -18.65 -35.60 -19.28
C VAL C 122 -18.96 -34.62 -20.42
N ILE C 123 -18.02 -33.72 -20.78
CA ILE C 123 -18.13 -32.85 -21.94
C ILE C 123 -17.40 -33.53 -23.12
N ILE C 124 -18.10 -33.79 -24.25
CA ILE C 124 -17.60 -34.44 -25.47
C ILE C 124 -17.58 -33.43 -26.61
N ASP C 125 -16.38 -33.09 -27.08
CA ASP C 125 -16.28 -32.07 -28.12
C ASP C 125 -16.49 -32.75 -29.48
N VAL C 126 -17.46 -32.28 -30.29
CA VAL C 126 -17.85 -33.00 -31.50
C VAL C 126 -16.84 -32.88 -32.64
N GLY C 127 -16.71 -33.97 -33.44
CA GLY C 127 -15.71 -34.13 -34.50
C GLY C 127 -16.19 -33.50 -35.81
N SER C 128 -16.62 -32.23 -35.79
CA SER C 128 -17.20 -31.62 -36.97
C SER C 128 -18.59 -32.17 -37.35
N MET C 129 -19.18 -33.09 -36.55
CA MET C 129 -20.47 -33.74 -36.80
C MET C 129 -20.61 -34.25 -38.23
N VAL C 130 -19.54 -34.87 -38.78
CA VAL C 130 -19.45 -35.30 -40.18
C VAL C 130 -20.14 -36.65 -40.41
N ASN C 131 -20.58 -37.29 -39.32
CA ASN C 131 -21.12 -38.65 -39.39
C ASN C 131 -22.44 -38.70 -40.17
N GLY C 132 -23.35 -37.79 -39.89
CA GLY C 132 -24.64 -37.93 -40.55
C GLY C 132 -25.67 -37.16 -39.75
N ILE C 133 -26.83 -37.79 -39.49
CA ILE C 133 -27.85 -37.20 -38.62
C ILE C 133 -27.33 -36.95 -37.19
N PRO C 134 -26.61 -37.90 -36.54
CA PRO C 134 -26.18 -37.73 -35.13
C PRO C 134 -24.80 -37.12 -35.09
N VAL C 135 -24.32 -36.75 -33.87
CA VAL C 135 -22.95 -36.29 -33.62
C VAL C 135 -21.98 -37.44 -33.90
N MET C 136 -20.79 -37.17 -34.46
CA MET C 136 -19.98 -38.30 -34.93
C MET C 136 -18.75 -38.39 -34.05
N GLU C 137 -18.43 -39.58 -33.48
CA GLU C 137 -17.41 -39.69 -32.46
C GLU C 137 -16.01 -39.50 -33.08
N ARG C 138 -15.31 -38.38 -32.77
CA ARG C 138 -14.09 -37.86 -33.44
C ARG C 138 -12.94 -38.90 -33.43
N ARG C 139 -12.78 -39.56 -32.28
CA ARG C 139 -11.74 -40.54 -31.97
C ARG C 139 -12.26 -41.98 -32.06
N GLY C 140 -13.58 -42.15 -32.37
CA GLY C 140 -14.09 -43.50 -32.59
C GLY C 140 -14.65 -44.14 -31.32
N ASP C 141 -15.77 -44.84 -31.50
CA ASP C 141 -16.52 -45.29 -30.36
C ASP C 141 -15.95 -46.61 -29.81
N LYS C 142 -15.92 -46.72 -28.47
CA LYS C 142 -15.74 -47.98 -27.75
C LYS C 142 -16.76 -49.04 -28.22
N ALA C 143 -18.02 -48.61 -28.42
CA ALA C 143 -19.04 -49.43 -29.06
C ALA C 143 -19.57 -48.73 -30.31
N GLN C 144 -19.53 -49.42 -31.48
CA GLN C 144 -19.97 -48.87 -32.75
C GLN C 144 -21.48 -48.57 -32.80
N GLU C 145 -22.24 -49.11 -31.82
CA GLU C 145 -23.68 -48.93 -31.68
C GLU C 145 -24.00 -47.52 -31.15
N GLU C 146 -23.06 -46.89 -30.42
CA GLU C 146 -23.19 -45.51 -29.97
C GLU C 146 -23.79 -44.64 -31.09
N MET C 147 -23.20 -44.81 -32.30
CA MET C 147 -23.62 -44.08 -33.49
C MET C 147 -25.07 -44.42 -33.85
N GLU C 148 -25.47 -45.69 -33.64
CA GLU C 148 -26.79 -46.20 -33.98
C GLU C 148 -27.83 -45.83 -32.91
N GLY C 149 -27.56 -46.12 -31.63
CA GLY C 149 -28.45 -45.61 -30.60
C GLY C 149 -28.82 -44.16 -30.91
N LEU C 150 -27.82 -43.32 -31.24
CA LEU C 150 -28.02 -41.96 -31.75
C LEU C 150 -28.94 -41.96 -32.98
N MET C 151 -28.68 -42.85 -33.96
CA MET C 151 -29.51 -42.94 -35.18
C MET C 151 -30.98 -43.21 -34.81
N ARG C 152 -31.21 -44.18 -33.91
CA ARG C 152 -32.55 -44.54 -33.42
C ARG C 152 -33.21 -43.33 -32.77
N ILE C 153 -32.44 -42.62 -31.92
CA ILE C 153 -32.89 -41.42 -31.24
C ILE C 153 -33.40 -40.41 -32.27
N LEU C 154 -32.60 -40.11 -33.32
CA LEU C 154 -32.90 -39.12 -34.37
C LEU C 154 -34.11 -39.54 -35.21
N LYS C 155 -34.15 -40.82 -35.60
CA LYS C 155 -35.25 -41.37 -36.38
C LYS C 155 -36.55 -41.22 -35.59
N THR C 156 -36.54 -41.76 -34.35
CA THR C 156 -37.69 -41.71 -33.44
C THR C 156 -38.16 -40.26 -33.24
N ALA C 157 -37.21 -39.33 -33.13
CA ALA C 157 -37.52 -37.90 -33.01
C ALA C 157 -38.35 -37.42 -34.21
N ARG C 158 -37.83 -37.62 -35.44
CA ARG C 158 -38.48 -37.24 -36.69
C ARG C 158 -39.89 -37.86 -36.75
N ASP C 159 -39.93 -39.21 -36.59
CA ASP C 159 -41.11 -40.03 -36.82
C ASP C 159 -42.24 -39.69 -35.84
N SER C 160 -41.88 -39.56 -34.55
CA SER C 160 -42.82 -39.30 -33.47
C SER C 160 -43.41 -37.90 -33.55
N SER C 161 -42.62 -36.96 -34.09
CA SER C 161 -43.05 -35.59 -34.29
C SER C 161 -43.74 -35.39 -35.63
N LYS C 162 -43.96 -36.49 -36.41
CA LYS C 162 -44.71 -36.40 -37.66
C LYS C 162 -44.03 -35.43 -38.62
N GLY C 163 -42.68 -35.47 -38.63
CA GLY C 163 -41.91 -34.67 -39.58
C GLY C 163 -41.71 -33.20 -39.23
N LYS C 164 -42.21 -32.69 -38.08
CA LYS C 164 -42.12 -31.26 -37.73
C LYS C 164 -40.68 -30.88 -37.35
N THR C 165 -40.01 -29.96 -38.07
CA THR C 165 -38.61 -29.61 -37.80
C THR C 165 -38.66 -28.56 -36.70
N PRO C 166 -37.52 -28.11 -36.09
CA PRO C 166 -37.59 -27.18 -34.96
C PRO C 166 -38.32 -25.86 -35.23
N PHE C 167 -38.15 -25.33 -36.44
CA PHE C 167 -38.68 -24.02 -36.85
C PHE C 167 -40.15 -24.11 -37.30
N VAL C 168 -40.87 -22.98 -37.18
CA VAL C 168 -42.29 -22.86 -37.52
C VAL C 168 -42.45 -22.84 -39.05
N ASP C 169 -41.46 -22.27 -39.74
CA ASP C 169 -41.51 -21.99 -41.18
C ASP C 169 -40.42 -22.77 -41.92
N SER C 170 -40.84 -23.69 -42.80
CA SER C 170 -40.16 -24.95 -43.07
C SER C 170 -38.75 -24.83 -43.66
N ARG C 171 -38.50 -23.78 -44.47
CA ARG C 171 -37.20 -23.50 -45.10
C ARG C 171 -36.10 -23.48 -44.04
N ALA C 172 -36.45 -22.94 -42.87
CA ALA C 172 -35.52 -22.85 -41.74
C ALA C 172 -35.08 -24.24 -41.29
N TYR C 173 -36.00 -25.25 -41.30
CA TYR C 173 -35.69 -26.62 -40.88
C TYR C 173 -34.62 -27.23 -41.81
N GLY C 174 -34.63 -26.83 -43.08
CA GLY C 174 -33.67 -27.39 -44.01
C GLY C 174 -32.36 -26.64 -44.13
N LEU C 175 -32.22 -25.48 -43.47
CA LEU C 175 -31.26 -24.42 -43.83
C LEU C 175 -29.79 -24.79 -44.09
N ARG C 176 -29.17 -25.72 -43.34
CA ARG C 176 -27.79 -26.16 -43.53
C ARG C 176 -26.79 -25.02 -43.75
N ILE C 177 -26.55 -24.21 -42.69
CA ILE C 177 -25.89 -22.93 -42.79
C ILE C 177 -24.38 -23.10 -42.95
N THR C 178 -23.78 -22.20 -43.75
CA THR C 178 -22.36 -22.17 -44.06
C THR C 178 -21.65 -20.87 -43.61
N ASP C 179 -22.37 -19.82 -43.15
CA ASP C 179 -21.76 -18.52 -42.90
C ASP C 179 -22.09 -17.98 -41.51
N MET C 180 -21.11 -17.28 -40.88
CA MET C 180 -21.16 -16.83 -39.48
C MET C 180 -22.37 -15.93 -39.23
N SER C 181 -22.69 -15.04 -40.17
CA SER C 181 -23.70 -14.01 -40.00
C SER C 181 -25.09 -14.62 -39.80
N THR C 182 -25.41 -15.57 -40.70
CA THR C 182 -26.65 -16.32 -40.68
C THR C 182 -26.71 -17.18 -39.40
N LEU C 183 -25.58 -17.82 -39.07
CA LEU C 183 -25.41 -18.66 -37.88
C LEU C 183 -25.82 -17.89 -36.62
N VAL C 184 -25.17 -16.75 -36.37
CA VAL C 184 -25.41 -15.94 -35.17
C VAL C 184 -26.86 -15.42 -35.16
N SER C 185 -27.37 -15.00 -36.34
CA SER C 185 -28.76 -14.59 -36.46
C SER C 185 -29.70 -15.68 -35.92
N ALA C 186 -29.44 -16.92 -36.36
CA ALA C 186 -30.24 -18.08 -36.01
C ALA C 186 -30.05 -18.48 -34.54
N VAL C 187 -28.79 -18.71 -34.11
CA VAL C 187 -28.41 -19.13 -32.75
C VAL C 187 -29.01 -18.18 -31.72
N ILE C 188 -28.80 -16.86 -31.89
CA ILE C 188 -29.34 -15.84 -30.99
C ILE C 188 -30.86 -16.01 -30.83
N THR C 189 -31.50 -16.37 -31.97
CA THR C 189 -32.94 -16.46 -32.09
C THR C 189 -33.49 -17.67 -31.30
N ILE C 190 -32.83 -18.84 -31.48
CA ILE C 190 -33.19 -20.07 -30.79
C ILE C 190 -32.93 -19.88 -29.29
N GLU C 191 -31.73 -19.35 -28.93
CA GLU C 191 -31.34 -19.18 -27.53
C GLU C 191 -32.37 -18.31 -26.81
N ALA C 192 -32.68 -17.16 -27.45
CA ALA C 192 -33.66 -16.27 -26.86
C ALA C 192 -34.99 -16.97 -26.58
N GLN C 193 -35.37 -17.88 -27.49
CA GLN C 193 -36.62 -18.61 -27.36
C GLN C 193 -36.57 -19.63 -26.21
N ILE C 194 -35.38 -20.15 -25.83
CA ILE C 194 -35.22 -20.97 -24.62
C ILE C 194 -35.38 -20.11 -23.38
N TRP C 195 -34.65 -18.97 -23.37
CA TRP C 195 -34.57 -18.10 -22.19
C TRP C 195 -35.92 -17.43 -21.89
N ILE C 196 -36.79 -17.17 -22.89
CA ILE C 196 -38.18 -16.71 -22.72
C ILE C 196 -38.97 -17.64 -21.80
N LEU C 197 -38.60 -18.92 -21.80
CA LEU C 197 -39.38 -19.96 -21.15
C LEU C 197 -39.12 -19.97 -19.63
N ILE C 198 -37.80 -19.94 -19.26
CA ILE C 198 -37.22 -20.04 -17.89
C ILE C 198 -38.06 -19.24 -16.91
N ALA C 199 -38.47 -18.04 -17.35
CA ALA C 199 -39.20 -17.07 -16.55
C ALA C 199 -40.48 -17.60 -15.91
N LYS C 200 -41.12 -18.61 -16.56
CA LYS C 200 -42.40 -19.19 -16.12
C LYS C 200 -42.39 -20.72 -15.95
N ALA C 201 -41.41 -21.36 -16.62
CA ALA C 201 -41.34 -22.82 -16.65
C ALA C 201 -41.33 -23.46 -15.26
N VAL C 202 -40.74 -22.77 -14.27
CA VAL C 202 -40.53 -23.31 -12.95
C VAL C 202 -41.30 -22.51 -11.89
N THR C 203 -42.30 -21.68 -12.27
CA THR C 203 -43.18 -21.01 -11.32
C THR C 203 -44.64 -21.35 -11.62
N ALA C 204 -44.95 -21.53 -12.91
CA ALA C 204 -46.29 -21.95 -13.30
C ALA C 204 -46.33 -22.33 -14.77
N PRO C 205 -45.96 -23.57 -15.10
CA PRO C 205 -45.67 -23.97 -16.47
C PRO C 205 -46.91 -24.08 -17.37
N ASP C 206 -48.10 -23.90 -16.73
CA ASP C 206 -49.45 -23.76 -17.28
C ASP C 206 -49.93 -22.35 -16.93
N THR C 207 -50.65 -21.72 -17.87
CA THR C 207 -50.82 -20.27 -17.81
C THR C 207 -49.66 -19.53 -18.49
N ALA C 208 -48.66 -20.29 -18.97
CA ALA C 208 -47.34 -19.76 -19.34
C ALA C 208 -47.37 -18.97 -20.65
N GLU C 209 -48.18 -19.46 -21.60
CA GLU C 209 -48.09 -19.11 -23.02
C GLU C 209 -48.29 -17.61 -23.24
N GLU C 210 -49.26 -16.99 -22.54
CA GLU C 210 -49.62 -15.59 -22.70
C GLU C 210 -48.40 -14.69 -22.50
N SER C 211 -47.73 -14.93 -21.36
CA SER C 211 -46.58 -14.15 -20.95
C SER C 211 -45.41 -14.37 -21.91
N GLU C 212 -45.11 -15.63 -22.25
CA GLU C 212 -43.91 -15.96 -23.00
C GLU C 212 -44.05 -15.48 -24.44
N THR C 213 -45.29 -15.46 -25.00
CA THR C 213 -45.57 -14.88 -26.32
C THR C 213 -45.38 -13.37 -26.28
N ARG C 214 -45.85 -12.72 -25.19
CA ARG C 214 -45.77 -11.26 -24.99
C ARG C 214 -44.30 -10.81 -25.00
N ARG C 215 -43.43 -11.57 -24.29
CA ARG C 215 -41.99 -11.32 -24.25
C ARG C 215 -41.36 -11.61 -25.62
N TRP C 216 -41.84 -12.62 -26.39
CA TRP C 216 -41.28 -12.99 -27.71
C TRP C 216 -41.49 -11.86 -28.70
N ALA C 217 -42.74 -11.36 -28.68
CA ALA C 217 -43.14 -10.27 -29.56
C ALA C 217 -42.21 -9.08 -29.42
N LYS C 218 -41.93 -8.67 -28.18
CA LYS C 218 -40.99 -7.60 -27.83
C LYS C 218 -39.65 -7.81 -28.52
N TYR C 219 -38.94 -8.93 -28.28
CA TYR C 219 -37.58 -9.11 -28.79
C TYR C 219 -37.53 -9.05 -30.32
N VAL C 220 -38.57 -9.59 -31.00
CA VAL C 220 -38.68 -9.63 -32.46
C VAL C 220 -38.96 -8.22 -33.02
N GLN C 221 -39.94 -7.55 -32.40
CA GLN C 221 -40.39 -6.21 -32.83
C GLN C 221 -39.28 -5.18 -32.68
N GLN C 222 -38.49 -5.36 -31.62
CA GLN C 222 -37.31 -4.54 -31.33
C GLN C 222 -36.10 -5.00 -32.11
N LYS C 223 -36.23 -6.01 -32.99
CA LYS C 223 -35.11 -6.38 -33.86
C LYS C 223 -33.85 -6.87 -33.12
N ARG C 224 -34.00 -7.39 -31.88
CA ARG C 224 -32.93 -8.14 -31.23
C ARG C 224 -32.77 -9.57 -31.80
N VAL C 225 -33.82 -10.20 -32.39
CA VAL C 225 -33.61 -11.58 -32.86
C VAL C 225 -34.35 -11.81 -34.18
N ASN C 226 -33.85 -12.68 -35.10
CA ASN C 226 -34.12 -12.74 -36.55
C ASN C 226 -35.30 -13.68 -36.85
N PRO C 227 -36.58 -13.21 -37.06
CA PRO C 227 -37.81 -14.01 -36.92
C PRO C 227 -37.98 -15.10 -37.96
N PHE C 228 -37.17 -15.01 -39.04
CA PHE C 228 -37.04 -16.03 -40.09
C PHE C 228 -36.67 -17.38 -39.46
N PHE C 229 -35.93 -17.35 -38.34
CA PHE C 229 -35.52 -18.57 -37.64
C PHE C 229 -36.46 -18.97 -36.49
N ALA C 230 -37.74 -18.55 -36.48
CA ALA C 230 -38.58 -18.77 -35.30
C ALA C 230 -38.85 -20.26 -35.03
N LEU C 231 -38.75 -20.66 -33.75
CA LEU C 231 -38.93 -22.01 -33.20
C LEU C 231 -40.38 -22.33 -32.82
N THR C 232 -40.81 -23.55 -33.14
CA THR C 232 -42.22 -23.93 -33.20
C THR C 232 -42.75 -24.18 -31.77
N GLN C 233 -44.05 -23.91 -31.52
CA GLN C 233 -44.77 -24.17 -30.25
C GLN C 233 -44.46 -25.59 -29.75
N GLN C 234 -44.43 -26.55 -30.67
CA GLN C 234 -44.12 -27.94 -30.35
C GLN C 234 -42.74 -28.13 -29.69
N TRP C 235 -41.68 -27.46 -30.23
CA TRP C 235 -40.30 -27.50 -29.71
C TRP C 235 -40.30 -26.76 -28.36
N LEU C 236 -40.91 -25.56 -28.33
CA LEU C 236 -40.94 -24.76 -27.11
C LEU C 236 -41.65 -25.47 -25.94
N THR C 237 -42.77 -26.19 -26.18
CA THR C 237 -43.50 -26.94 -25.15
C THR C 237 -42.63 -28.09 -24.65
N GLU C 238 -41.94 -28.78 -25.59
CA GLU C 238 -41.06 -29.90 -25.22
C GLU C 238 -39.93 -29.43 -24.30
N MET C 239 -39.33 -28.25 -24.60
CA MET C 239 -38.29 -27.61 -23.77
C MET C 239 -38.88 -27.08 -22.46
N ARG C 240 -40.07 -26.46 -22.47
CA ARG C 240 -40.73 -25.95 -21.27
C ARG C 240 -40.93 -27.07 -20.24
N ASN C 241 -41.43 -28.23 -20.75
CA ASN C 241 -41.67 -29.41 -19.93
C ASN C 241 -40.32 -29.89 -19.34
N LEU C 242 -39.23 -29.97 -20.17
CA LEU C 242 -37.87 -30.35 -19.72
C LEU C 242 -37.43 -29.47 -18.56
N LEU C 243 -37.68 -28.14 -18.64
CA LEU C 243 -37.33 -27.16 -17.60
C LEU C 243 -38.11 -27.42 -16.32
N SER C 244 -39.45 -27.62 -16.45
CA SER C 244 -40.31 -27.90 -15.30
C SER C 244 -39.82 -29.09 -14.50
N GLN C 245 -39.44 -30.15 -15.23
CA GLN C 245 -39.26 -31.46 -14.61
C GLN C 245 -37.81 -31.72 -14.16
N SER C 246 -36.84 -30.91 -14.63
CA SER C 246 -35.44 -31.09 -14.27
C SER C 246 -34.88 -29.92 -13.47
N LEU C 247 -34.37 -30.24 -12.27
CA LEU C 247 -33.67 -29.32 -11.37
C LEU C 247 -32.29 -29.02 -11.93
N SER C 248 -31.62 -30.07 -12.41
CA SER C 248 -30.21 -29.99 -12.79
C SER C 248 -29.99 -28.99 -13.93
N VAL C 249 -30.95 -28.95 -14.88
CA VAL C 249 -30.97 -27.98 -15.98
C VAL C 249 -31.08 -26.55 -15.45
N ARG C 250 -32.08 -26.31 -14.58
CA ARG C 250 -32.40 -25.03 -13.98
C ARG C 250 -31.20 -24.53 -13.17
N LYS C 251 -30.48 -25.42 -12.46
CA LYS C 251 -29.23 -25.10 -11.76
C LYS C 251 -28.22 -24.43 -12.72
N PHE C 252 -27.93 -25.07 -13.88
CA PHE C 252 -27.02 -24.48 -14.88
C PHE C 252 -27.54 -23.14 -15.44
N MET C 253 -28.84 -23.11 -15.80
CA MET C 253 -29.49 -21.90 -16.29
C MET C 253 -29.30 -20.75 -15.28
N VAL C 254 -29.67 -20.94 -14.00
CA VAL C 254 -29.59 -19.92 -12.97
C VAL C 254 -28.14 -19.55 -12.68
N GLU C 255 -27.18 -20.49 -12.81
CA GLU C 255 -25.76 -20.15 -12.72
C GLU C 255 -25.37 -19.10 -13.77
N ILE C 256 -25.72 -19.38 -15.04
CA ILE C 256 -25.47 -18.45 -16.14
C ILE C 256 -26.23 -17.12 -15.95
N LEU C 257 -27.50 -17.19 -15.49
CA LEU C 257 -28.40 -16.04 -15.29
C LEU C 257 -27.83 -15.07 -14.25
N ILE C 258 -27.20 -15.61 -13.18
CA ILE C 258 -26.49 -14.84 -12.18
C ILE C 258 -25.21 -14.26 -12.80
N GLU C 259 -24.45 -15.07 -13.55
CA GLU C 259 -23.13 -14.68 -14.04
C GLU C 259 -23.23 -13.48 -14.99
N VAL C 260 -24.22 -13.50 -15.89
CA VAL C 260 -24.37 -12.46 -16.91
C VAL C 260 -25.15 -11.26 -16.36
N LYS C 261 -25.78 -11.36 -15.17
CA LYS C 261 -26.44 -10.25 -14.48
C LYS C 261 -25.41 -9.27 -13.91
N LYS C 262 -24.21 -9.77 -13.61
CA LYS C 262 -23.12 -8.94 -13.10
C LYS C 262 -22.63 -8.01 -14.20
N GLY C 263 -22.23 -6.79 -13.84
CA GLY C 263 -21.61 -5.83 -14.75
C GLY C 263 -20.11 -6.11 -15.01
N GLY C 264 -19.37 -5.07 -15.40
CA GLY C 264 -17.91 -5.14 -15.55
C GLY C 264 -17.45 -5.94 -16.78
N SER C 265 -18.30 -5.98 -17.79
CA SER C 265 -17.97 -6.66 -19.02
C SER C 265 -18.67 -6.01 -20.20
N ALA C 266 -17.99 -6.05 -21.35
CA ALA C 266 -18.62 -5.85 -22.65
C ALA C 266 -19.57 -7.01 -22.94
N LYS C 267 -20.69 -6.71 -23.60
CA LYS C 267 -21.63 -7.71 -24.09
C LYS C 267 -21.84 -7.54 -25.61
N GLY C 268 -21.92 -8.66 -26.34
CA GLY C 268 -22.42 -8.72 -27.71
C GLY C 268 -23.93 -9.02 -27.69
N ARG C 269 -24.53 -9.15 -28.90
CA ARG C 269 -25.97 -9.38 -29.11
C ARG C 269 -26.44 -10.54 -28.22
N ALA C 270 -25.59 -11.57 -28.14
CA ALA C 270 -25.81 -12.78 -27.37
C ALA C 270 -26.09 -12.53 -25.89
N VAL C 271 -25.12 -11.91 -25.19
CA VAL C 271 -25.24 -11.64 -23.76
C VAL C 271 -26.35 -10.61 -23.52
N GLU C 272 -26.55 -9.72 -24.51
CA GLU C 272 -27.57 -8.66 -24.43
C GLU C 272 -28.96 -9.27 -24.35
N ILE C 273 -29.26 -10.29 -25.18
CA ILE C 273 -30.56 -10.96 -25.18
C ILE C 273 -30.80 -11.61 -23.80
N ILE C 274 -29.76 -12.28 -23.26
CA ILE C 274 -29.82 -12.91 -21.93
C ILE C 274 -30.21 -11.86 -20.88
N SER C 275 -29.46 -10.75 -20.92
CA SER C 275 -29.62 -9.70 -19.91
C SER C 275 -31.02 -9.12 -19.99
N ASP C 276 -31.58 -9.00 -21.21
CA ASP C 276 -32.91 -8.47 -21.47
C ASP C 276 -33.97 -9.35 -20.84
N ILE C 277 -33.81 -10.67 -21.08
CA ILE C 277 -34.68 -11.69 -20.49
C ILE C 277 -34.61 -11.57 -18.95
N GLY C 278 -33.38 -11.36 -18.43
CA GLY C 278 -33.12 -11.19 -17.00
C GLY C 278 -34.11 -10.26 -16.31
N ASN C 279 -34.52 -9.19 -17.00
CA ASN C 279 -35.33 -8.16 -16.38
C ASN C 279 -36.75 -8.63 -16.11
N TYR C 280 -37.14 -9.77 -16.71
CA TYR C 280 -38.41 -10.44 -16.43
C TYR C 280 -38.23 -11.52 -15.34
N VAL C 281 -37.02 -12.11 -15.32
CA VAL C 281 -36.64 -13.30 -14.59
C VAL C 281 -36.33 -13.00 -13.12
N GLU C 282 -35.68 -11.85 -12.86
CA GLU C 282 -35.35 -11.44 -11.50
C GLU C 282 -36.58 -11.30 -10.61
N GLU C 283 -36.40 -11.64 -9.32
CA GLU C 283 -37.42 -11.57 -8.28
C GLU C 283 -38.52 -12.62 -8.43
N THR C 284 -38.51 -13.38 -9.55
CA THR C 284 -39.64 -14.23 -9.87
C THR C 284 -39.76 -15.37 -8.86
N GLY C 285 -40.97 -15.65 -8.38
CA GLY C 285 -41.15 -16.72 -7.41
C GLY C 285 -40.64 -16.34 -6.01
N MET C 286 -40.41 -15.04 -5.77
CA MET C 286 -40.37 -14.43 -4.44
C MET C 286 -41.52 -13.41 -4.28
N ALA C 287 -42.61 -13.61 -5.07
CA ALA C 287 -43.80 -12.77 -5.25
C ALA C 287 -44.24 -12.12 -3.94
N GLY C 288 -44.63 -12.99 -3.01
CA GLY C 288 -45.14 -12.61 -1.70
C GLY C 288 -44.23 -11.62 -0.95
N PHE C 289 -42.91 -11.89 -0.89
CA PHE C 289 -41.95 -11.06 -0.15
C PHE C 289 -41.96 -9.65 -0.70
N PHE C 290 -41.89 -9.58 -2.05
CA PHE C 290 -41.93 -8.31 -2.76
C PHE C 290 -43.29 -7.63 -2.53
N ALA C 291 -44.41 -8.40 -2.63
CA ALA C 291 -45.75 -7.80 -2.62
C ALA C 291 -46.07 -7.14 -1.28
N THR C 292 -45.65 -7.76 -0.17
CA THR C 292 -45.82 -7.15 1.14
C THR C 292 -44.92 -5.92 1.27
N ILE C 293 -43.71 -5.93 0.67
CA ILE C 293 -42.82 -4.76 0.72
C ILE C 293 -43.48 -3.62 -0.07
N ARG C 294 -43.85 -3.90 -1.34
CA ARG C 294 -44.37 -2.87 -2.26
C ARG C 294 -45.71 -2.33 -1.73
N PHE C 295 -46.62 -3.24 -1.38
CA PHE C 295 -47.99 -2.86 -1.05
C PHE C 295 -48.22 -3.14 0.44
N GLY C 296 -48.82 -2.21 1.17
CA GLY C 296 -48.86 -2.42 2.61
C GLY C 296 -47.68 -1.78 3.34
N LEU C 297 -46.44 -2.29 3.19
CA LEU C 297 -45.28 -1.73 3.92
C LEU C 297 -44.92 -0.34 3.40
N GLU C 298 -44.51 -0.28 2.12
CA GLU C 298 -44.15 1.00 1.54
C GLU C 298 -45.39 1.90 1.40
N THR C 299 -46.58 1.28 1.24
CA THR C 299 -47.86 1.96 1.16
C THR C 299 -48.19 2.74 2.44
N ARG C 300 -47.71 2.26 3.60
CA ARG C 300 -47.84 3.01 4.85
C ARG C 300 -49.23 3.59 5.11
N TYR C 301 -50.34 2.87 4.79
CA TYR C 301 -51.72 3.28 5.06
C TYR C 301 -51.91 3.50 6.59
N PRO C 302 -52.80 4.45 7.01
CA PRO C 302 -52.94 4.76 8.44
C PRO C 302 -53.06 3.51 9.33
N ALA C 303 -53.63 2.46 8.71
CA ALA C 303 -53.92 1.21 9.39
C ALA C 303 -52.66 0.52 9.92
N LEU C 304 -51.46 0.83 9.36
CA LEU C 304 -50.15 0.33 9.80
C LEU C 304 -49.90 0.57 11.29
N ALA C 305 -50.60 1.56 11.91
CA ALA C 305 -50.39 1.91 13.32
C ALA C 305 -51.08 0.93 14.28
N LEU C 306 -52.00 0.08 13.76
CA LEU C 306 -52.83 -0.78 14.58
C LEU C 306 -51.99 -1.81 15.37
N ASN C 307 -52.30 -2.03 16.67
CA ASN C 307 -51.58 -2.88 17.62
C ASN C 307 -51.31 -4.29 17.07
N GLU C 308 -52.28 -4.82 16.32
CA GLU C 308 -52.32 -6.22 15.89
C GLU C 308 -51.17 -6.57 14.95
N PHE C 309 -50.81 -5.61 14.09
CA PHE C 309 -49.76 -5.69 13.10
C PHE C 309 -48.33 -5.93 13.64
N GLN C 310 -48.09 -5.56 14.93
CA GLN C 310 -46.75 -5.51 15.51
C GLN C 310 -45.94 -6.77 15.22
N SER C 311 -46.54 -7.96 15.46
CA SER C 311 -45.92 -9.27 15.25
C SER C 311 -45.47 -9.44 13.80
N ASP C 312 -46.36 -9.00 12.87
CA ASP C 312 -46.11 -9.08 11.44
C ASP C 312 -44.93 -8.16 11.07
N LEU C 313 -44.95 -6.91 11.58
CA LEU C 313 -43.86 -5.97 11.33
C LEU C 313 -42.51 -6.56 11.79
N ASN C 314 -42.47 -7.11 13.02
CA ASN C 314 -41.28 -7.76 13.56
C ASN C 314 -40.83 -8.89 12.65
N THR C 315 -41.81 -9.61 12.06
CA THR C 315 -41.57 -10.66 11.09
C THR C 315 -40.81 -10.08 9.89
N ILE C 316 -41.40 -9.05 9.29
CA ILE C 316 -40.85 -8.49 8.07
C ILE C 316 -39.42 -8.00 8.34
N LYS C 317 -39.18 -7.32 9.48
CA LYS C 317 -37.84 -6.84 9.85
C LYS C 317 -36.84 -8.00 9.78
N SER C 318 -37.20 -9.11 10.45
CA SER C 318 -36.33 -10.29 10.48
C SER C 318 -36.09 -10.83 9.08
N LEU C 319 -37.15 -10.79 8.23
CA LEU C 319 -37.12 -11.21 6.82
C LEU C 319 -36.14 -10.36 6.01
N MET C 320 -36.17 -9.03 6.17
CA MET C 320 -35.34 -8.11 5.40
C MET C 320 -33.86 -8.41 5.70
N LEU C 321 -33.54 -8.50 7.01
CA LEU C 321 -32.18 -8.80 7.46
C LEU C 321 -31.77 -10.19 6.94
N LEU C 322 -32.72 -11.14 6.97
CA LEU C 322 -32.49 -12.50 6.49
C LEU C 322 -32.17 -12.50 4.98
N TYR C 323 -32.94 -11.74 4.19
CA TYR C 323 -32.80 -11.63 2.73
C TYR C 323 -31.40 -11.19 2.37
N ARG C 324 -30.91 -10.19 3.10
CA ARG C 324 -29.55 -9.68 3.00
C ARG C 324 -28.53 -10.81 3.18
N GLU C 325 -28.77 -11.63 4.22
CA GLU C 325 -27.87 -12.70 4.61
C GLU C 325 -27.84 -13.82 3.56
N ILE C 326 -28.96 -14.07 2.85
CA ILE C 326 -29.02 -15.10 1.79
C ILE C 326 -28.15 -14.69 0.59
N GLY C 327 -28.06 -13.37 0.29
CA GLY C 327 -26.98 -12.84 -0.54
C GLY C 327 -27.10 -13.12 -2.05
N PRO C 328 -26.03 -13.55 -2.75
CA PRO C 328 -25.97 -13.54 -4.22
C PRO C 328 -27.05 -14.32 -4.97
N ARG C 329 -27.61 -15.37 -4.38
CA ARG C 329 -28.62 -16.15 -5.08
C ARG C 329 -30.01 -15.47 -5.04
N ALA C 330 -30.20 -14.38 -4.26
CA ALA C 330 -31.49 -13.82 -3.83
C ALA C 330 -32.49 -13.56 -4.94
N PRO C 331 -32.08 -12.98 -6.10
CA PRO C 331 -33.01 -12.70 -7.20
C PRO C 331 -33.60 -13.93 -7.90
N TYR C 332 -33.11 -15.13 -7.50
CA TYR C 332 -33.59 -16.36 -8.14
C TYR C 332 -33.88 -17.50 -7.16
N MET C 333 -34.25 -17.22 -5.90
CA MET C 333 -34.49 -18.23 -4.86
C MET C 333 -35.50 -19.30 -5.29
N VAL C 334 -36.59 -18.84 -5.91
CA VAL C 334 -37.72 -19.69 -6.28
C VAL C 334 -37.28 -20.69 -7.34
N LEU C 335 -36.56 -20.19 -8.35
CA LEU C 335 -36.09 -21.00 -9.48
C LEU C 335 -35.07 -22.05 -8.97
N LEU C 336 -34.31 -21.69 -7.93
CA LEU C 336 -33.30 -22.58 -7.37
C LEU C 336 -33.93 -23.58 -6.38
N GLU C 337 -35.23 -23.49 -6.08
CA GLU C 337 -35.81 -24.38 -5.06
C GLU C 337 -35.18 -24.27 -3.66
N GLU C 338 -34.42 -23.19 -3.43
CA GLU C 338 -33.55 -23.07 -2.25
C GLU C 338 -34.32 -23.16 -0.94
N SER C 339 -33.88 -23.96 0.03
CA SER C 339 -34.42 -24.07 1.39
C SER C 339 -34.85 -22.78 2.09
N ILE C 340 -33.98 -21.76 2.01
CA ILE C 340 -34.21 -20.50 2.70
C ILE C 340 -35.58 -19.93 2.27
N GLN C 341 -35.96 -20.23 1.04
CA GLN C 341 -37.13 -19.58 0.44
C GLN C 341 -38.40 -19.91 1.21
N THR C 342 -38.43 -21.08 1.89
CA THR C 342 -39.63 -21.47 2.62
C THR C 342 -39.92 -20.39 3.67
N LYS C 343 -38.86 -19.89 4.33
CA LYS C 343 -39.04 -18.91 5.39
C LYS C 343 -39.62 -17.62 4.81
N PHE C 344 -39.17 -17.25 3.60
CA PHE C 344 -39.62 -16.06 2.87
C PHE C 344 -41.08 -16.21 2.41
N ALA C 345 -41.56 -17.46 2.23
CA ALA C 345 -42.90 -17.73 1.71
C ALA C 345 -43.89 -16.76 2.36
N PRO C 346 -44.63 -15.94 1.56
CA PRO C 346 -45.48 -14.87 2.07
C PRO C 346 -46.55 -15.34 3.06
N GLY C 347 -46.81 -16.66 3.07
CA GLY C 347 -47.69 -17.37 4.00
C GLY C 347 -47.24 -17.18 5.45
N GLY C 348 -46.01 -16.70 5.63
CA GLY C 348 -45.32 -16.63 6.91
C GLY C 348 -45.81 -15.50 7.82
N TYR C 349 -46.39 -14.42 7.23
CA TYR C 349 -46.77 -13.16 7.85
C TYR C 349 -48.21 -12.74 7.48
N PRO C 350 -49.22 -13.49 8.01
CA PRO C 350 -50.50 -13.65 7.32
C PRO C 350 -51.39 -12.41 7.44
N LEU C 351 -51.26 -11.73 8.59
CA LEU C 351 -52.09 -10.58 8.91
C LEU C 351 -51.70 -9.42 7.97
N LEU C 352 -50.39 -9.13 7.97
CA LEU C 352 -49.79 -8.11 7.11
C LEU C 352 -50.06 -8.43 5.64
N TRP C 353 -49.87 -9.70 5.24
CA TRP C 353 -50.08 -10.15 3.86
C TRP C 353 -51.54 -9.96 3.44
N SER C 354 -52.49 -10.42 4.27
CA SER C 354 -53.91 -10.28 3.93
C SER C 354 -54.28 -8.82 3.71
N PHE C 355 -53.73 -7.94 4.57
CA PHE C 355 -53.94 -6.50 4.38
C PHE C 355 -53.22 -6.03 3.10
N ALA C 356 -51.98 -6.55 2.85
CA ALA C 356 -51.14 -6.13 1.72
C ALA C 356 -51.84 -6.49 0.40
N MET C 357 -52.51 -7.65 0.32
CA MET C 357 -53.28 -8.00 -0.87
C MET C 357 -54.51 -7.10 -0.98
N GLY C 358 -55.19 -6.84 0.17
CA GLY C 358 -56.42 -6.03 0.19
C GLY C 358 -56.18 -4.62 -0.40
N VAL C 359 -55.06 -3.99 0.01
CA VAL C 359 -54.59 -2.72 -0.56
C VAL C 359 -54.23 -2.90 -2.05
N ALA C 360 -53.32 -3.84 -2.36
CA ALA C 360 -52.72 -4.01 -3.68
C ALA C 360 -53.81 -4.16 -4.77
N THR C 361 -54.73 -5.11 -4.51
CA THR C 361 -55.81 -5.43 -5.45
C THR C 361 -56.76 -4.26 -5.66
N THR C 362 -56.87 -3.37 -4.65
CA THR C 362 -57.79 -2.23 -4.72
C THR C 362 -57.14 -1.07 -5.47
N ILE C 363 -55.81 -0.91 -5.34
CA ILE C 363 -55.13 0.32 -5.75
C ILE C 363 -54.47 0.15 -7.11
N ASP C 364 -54.01 -1.07 -7.46
CA ASP C 364 -53.36 -1.28 -8.74
C ASP C 364 -54.22 -2.16 -9.66
N ARG C 365 -54.77 -1.61 -10.78
CA ARG C 365 -55.68 -2.28 -11.70
C ARG C 365 -55.04 -3.48 -12.39
N SER C 366 -53.70 -3.45 -12.52
CA SER C 366 -52.92 -4.51 -13.12
C SER C 366 -52.73 -5.69 -12.20
N MET C 367 -52.70 -5.43 -10.88
CA MET C 367 -52.49 -6.47 -9.87
C MET C 367 -53.80 -7.23 -9.69
N GLY C 368 -53.78 -8.35 -8.95
CA GLY C 368 -55.06 -8.96 -8.64
C GLY C 368 -55.47 -9.99 -9.71
N ALA C 369 -54.88 -9.84 -10.92
CA ALA C 369 -54.81 -10.88 -11.96
C ALA C 369 -53.91 -12.05 -11.52
N LEU C 370 -53.02 -11.83 -10.50
CA LEU C 370 -52.34 -12.93 -9.81
C LEU C 370 -53.30 -13.67 -8.89
N ASN C 371 -53.45 -15.01 -9.05
CA ASN C 371 -54.36 -15.83 -8.25
C ASN C 371 -53.84 -15.95 -6.82
N ILE C 372 -54.60 -15.37 -5.87
CA ILE C 372 -54.15 -15.24 -4.49
C ILE C 372 -55.06 -16.00 -3.53
N ASN C 373 -55.75 -17.02 -4.07
CA ASN C 373 -56.64 -17.92 -3.36
C ASN C 373 -55.80 -18.87 -2.53
N ARG C 374 -55.28 -18.34 -1.42
CA ARG C 374 -54.67 -19.13 -0.36
C ARG C 374 -55.53 -19.02 0.89
N GLY C 375 -55.55 -20.13 1.64
CA GLY C 375 -56.26 -20.19 2.90
C GLY C 375 -55.65 -19.28 3.96
N TYR C 376 -54.43 -18.78 3.73
CA TYR C 376 -53.68 -17.88 4.59
C TYR C 376 -54.20 -16.45 4.58
N LEU C 377 -55.17 -16.13 3.71
CA LEU C 377 -55.79 -14.80 3.69
C LEU C 377 -56.47 -14.48 5.02
N GLU C 378 -56.21 -13.30 5.61
CA GLU C 378 -56.78 -12.92 6.90
C GLU C 378 -57.96 -11.99 6.66
N PRO C 379 -59.23 -12.47 6.86
CA PRO C 379 -60.43 -11.70 6.54
C PRO C 379 -60.48 -10.23 6.97
N MET C 380 -60.06 -9.96 8.22
CA MET C 380 -60.03 -8.63 8.81
C MET C 380 -59.16 -7.71 7.93
N TYR C 381 -57.95 -8.19 7.61
CA TYR C 381 -56.98 -7.45 6.80
C TYR C 381 -57.43 -7.35 5.33
N PHE C 382 -58.05 -8.42 4.80
CA PHE C 382 -58.58 -8.41 3.42
C PHE C 382 -59.68 -7.35 3.30
N ARG C 383 -60.60 -7.34 4.29
CA ARG C 383 -61.70 -6.37 4.28
C ARG C 383 -61.11 -5.00 4.64
N LEU C 384 -60.14 -5.04 5.58
CA LEU C 384 -59.56 -3.81 6.11
C LEU C 384 -58.58 -3.18 5.12
N GLY C 385 -57.77 -3.98 4.41
CA GLY C 385 -56.87 -3.51 3.36
C GLY C 385 -57.63 -2.81 2.23
N GLN C 386 -58.68 -3.49 1.70
CA GLN C 386 -59.61 -2.93 0.71
C GLN C 386 -60.20 -1.59 1.22
N LYS C 387 -60.74 -1.62 2.45
CA LYS C 387 -61.42 -0.52 3.12
C LYS C 387 -60.46 0.65 3.37
N SER C 388 -59.15 0.39 3.61
CA SER C 388 -58.12 1.42 3.68
C SER C 388 -57.85 2.13 2.34
N ALA C 389 -57.45 1.33 1.35
CA ALA C 389 -57.04 1.73 0.01
C ALA C 389 -58.14 2.35 -0.84
N ARG C 390 -59.42 1.99 -0.65
CA ARG C 390 -60.47 2.27 -1.65
C ARG C 390 -61.56 3.25 -1.19
N HIS C 391 -61.95 3.13 0.08
CA HIS C 391 -63.08 3.87 0.65
C HIS C 391 -62.68 4.68 1.90
N HIS C 392 -61.43 5.19 1.90
CA HIS C 392 -60.90 5.89 3.07
C HIS C 392 -60.17 7.15 2.62
N ALA C 393 -60.54 7.62 1.42
CA ALA C 393 -59.95 8.78 0.76
C ALA C 393 -59.42 8.38 -0.63
N ILE D 26 -36.42 1.57 11.29
CA ILE D 26 -37.74 0.87 11.43
C ILE D 26 -38.49 0.73 10.09
N PHE D 27 -39.24 1.76 9.67
CA PHE D 27 -39.83 1.84 8.32
C PHE D 27 -38.77 2.16 7.27
N GLU D 28 -37.73 2.88 7.74
CA GLU D 28 -36.51 3.26 7.05
C GLU D 28 -35.81 2.03 6.47
N GLU D 29 -35.90 0.87 7.16
CA GLU D 29 -35.27 -0.38 6.76
C GLU D 29 -35.89 -0.86 5.44
N ALA D 30 -37.22 -0.80 5.32
CA ALA D 30 -38.00 -1.16 4.14
C ALA D 30 -37.60 -0.37 2.89
N ALA D 31 -37.55 0.95 3.04
CA ALA D 31 -37.12 1.84 1.96
C ALA D 31 -35.68 1.52 1.52
N SER D 32 -34.80 1.28 2.48
CA SER D 32 -33.40 0.93 2.23
C SER D 32 -33.31 -0.44 1.57
N PHE D 33 -34.24 -1.34 1.91
CA PHE D 33 -34.31 -2.70 1.37
C PHE D 33 -34.74 -2.67 -0.10
N ARG D 34 -35.75 -1.85 -0.44
CA ARG D 34 -36.15 -1.64 -1.84
C ARG D 34 -34.92 -1.20 -2.66
N SER D 35 -34.14 -0.27 -2.09
CA SER D 35 -32.93 0.23 -2.74
C SER D 35 -31.91 -0.90 -2.87
N TYR D 36 -31.80 -1.73 -1.82
CA TYR D 36 -30.86 -2.84 -1.77
C TYR D 36 -31.18 -3.82 -2.90
N GLN D 37 -32.46 -4.22 -3.06
CA GLN D 37 -32.92 -5.12 -4.12
C GLN D 37 -32.47 -4.58 -5.48
N SER D 38 -32.65 -3.27 -5.69
CA SER D 38 -32.38 -2.62 -6.97
C SER D 38 -30.90 -2.66 -7.35
N LYS D 39 -30.01 -2.63 -6.33
CA LYS D 39 -28.57 -2.62 -6.51
C LYS D 39 -27.94 -4.01 -6.33
N LEU D 40 -28.70 -4.95 -5.75
CA LEU D 40 -28.17 -6.25 -5.31
C LEU D 40 -27.67 -7.05 -6.50
N GLY D 41 -26.40 -7.50 -6.40
CA GLY D 41 -25.69 -8.36 -7.33
C GLY D 41 -25.39 -7.70 -8.67
N ARG D 42 -25.70 -6.39 -8.76
CA ARG D 42 -25.37 -5.60 -9.94
C ARG D 42 -23.85 -5.53 -10.12
N ASP D 43 -23.11 -5.52 -8.99
CA ASP D 43 -21.68 -5.26 -8.90
C ASP D 43 -20.88 -6.49 -9.26
N GLY D 44 -19.55 -6.28 -9.35
CA GLY D 44 -18.60 -7.31 -9.74
C GLY D 44 -18.43 -7.40 -11.26
N ARG D 45 -17.51 -8.30 -11.70
CA ARG D 45 -17.03 -8.46 -13.08
C ARG D 45 -17.26 -9.87 -13.62
N ALA D 46 -17.87 -9.94 -14.82
CA ALA D 46 -18.44 -11.15 -15.39
C ALA D 46 -17.35 -12.11 -15.87
N SER D 47 -17.57 -13.40 -15.58
CA SER D 47 -16.67 -14.52 -15.93
C SER D 47 -16.46 -14.68 -17.44
N ALA D 48 -15.21 -14.94 -17.84
CA ALA D 48 -14.75 -14.71 -19.20
C ALA D 48 -15.34 -15.73 -20.17
N ALA D 49 -15.85 -16.83 -19.61
CA ALA D 49 -16.54 -17.87 -20.36
C ALA D 49 -17.73 -17.33 -21.14
N THR D 50 -18.33 -16.20 -20.68
CA THR D 50 -19.47 -15.55 -21.33
C THR D 50 -19.13 -14.83 -22.64
N ALA D 51 -17.83 -14.68 -22.96
CA ALA D 51 -17.34 -14.13 -24.23
C ALA D 51 -17.89 -14.85 -25.47
N THR D 52 -18.64 -14.12 -26.33
CA THR D 52 -19.46 -14.68 -27.40
C THR D 52 -18.61 -14.99 -28.63
N LEU D 53 -19.03 -15.97 -29.46
CA LEU D 53 -18.40 -16.27 -30.76
C LEU D 53 -18.36 -15.04 -31.67
N THR D 54 -17.15 -14.56 -32.03
CA THR D 54 -16.99 -13.29 -32.74
C THR D 54 -17.24 -13.56 -34.22
N THR D 55 -17.94 -12.57 -34.80
CA THR D 55 -18.18 -12.53 -36.23
C THR D 55 -17.11 -11.67 -36.92
N LYS D 56 -16.44 -12.24 -37.94
CA LYS D 56 -15.45 -11.56 -38.76
C LYS D 56 -16.13 -10.73 -39.86
N ILE D 57 -15.87 -9.41 -39.87
CA ILE D 57 -16.49 -8.43 -40.79
C ILE D 57 -15.41 -7.63 -41.50
N ARG D 58 -15.56 -7.46 -42.84
CA ARG D 58 -14.55 -6.85 -43.69
C ARG D 58 -14.88 -5.36 -43.82
N ILE D 59 -13.94 -4.47 -43.48
CA ILE D 59 -14.06 -3.04 -43.66
C ILE D 59 -12.99 -2.57 -44.65
N PHE D 60 -13.36 -2.03 -45.84
CA PHE D 60 -12.45 -1.33 -46.74
C PHE D 60 -12.22 0.10 -46.21
N VAL D 61 -10.96 0.61 -46.19
CA VAL D 61 -10.59 1.85 -45.51
C VAL D 61 -9.87 2.83 -46.46
N PRO D 62 -9.80 4.18 -46.20
CA PRO D 62 -9.16 5.15 -47.13
C PRO D 62 -7.68 5.08 -46.93
N ALA D 63 -6.97 4.51 -47.93
CA ALA D 63 -5.53 4.33 -47.89
C ALA D 63 -4.80 5.68 -47.91
N THR D 64 -5.50 6.77 -48.35
CA THR D 64 -4.80 8.02 -48.64
C THR D 64 -5.64 9.27 -48.36
N ASN D 65 -4.97 10.45 -48.29
CA ASN D 65 -5.60 11.75 -48.14
C ASN D 65 -5.85 12.37 -49.52
N SER D 66 -5.78 11.55 -50.58
CA SER D 66 -5.95 11.97 -51.97
C SER D 66 -7.42 11.95 -52.41
N PRO D 67 -7.96 13.09 -52.90
CA PRO D 67 -9.38 13.23 -53.25
C PRO D 67 -9.98 12.18 -54.17
N GLU D 68 -9.19 11.68 -55.14
CA GLU D 68 -9.64 10.70 -56.12
C GLU D 68 -10.19 9.49 -55.36
N LEU D 69 -9.37 8.96 -54.44
CA LEU D 69 -9.69 7.76 -53.66
C LEU D 69 -10.91 8.01 -52.78
N ARG D 70 -10.97 9.18 -52.13
CA ARG D 70 -12.03 9.52 -51.19
C ARG D 70 -13.39 9.60 -51.92
N TRP D 71 -13.39 10.21 -53.11
CA TRP D 71 -14.64 10.35 -53.83
C TRP D 71 -15.01 8.98 -54.40
N GLU D 72 -14.00 8.27 -54.92
CA GLU D 72 -14.23 6.93 -55.47
C GLU D 72 -14.63 5.96 -54.36
N LEU D 73 -13.96 6.04 -53.20
CA LEU D 73 -14.31 5.23 -52.04
C LEU D 73 -15.66 5.70 -51.52
N THR D 74 -15.95 7.01 -51.71
CA THR D 74 -17.26 7.45 -51.22
C THR D 74 -18.35 6.80 -52.08
N LEU D 75 -18.20 6.90 -53.42
CA LEU D 75 -19.13 6.32 -54.38
C LEU D 75 -19.26 4.80 -54.17
N PHE D 76 -18.13 4.07 -54.05
CA PHE D 76 -18.06 2.64 -53.72
C PHE D 76 -18.90 2.33 -52.48
N ALA D 77 -18.65 3.08 -51.40
CA ALA D 77 -19.30 2.85 -50.12
C ALA D 77 -20.81 3.08 -50.19
N LEU D 78 -21.22 4.18 -50.84
CA LEU D 78 -22.63 4.49 -51.05
C LEU D 78 -23.29 3.32 -51.78
N ASP D 79 -22.60 2.77 -52.79
CA ASP D 79 -23.14 1.69 -53.59
C ASP D 79 -23.18 0.37 -52.82
N VAL D 80 -22.16 0.04 -51.97
CA VAL D 80 -22.16 -1.14 -51.09
C VAL D 80 -23.48 -1.17 -50.30
N ILE D 81 -23.83 -0.01 -49.73
CA ILE D 81 -25.03 0.13 -48.92
C ILE D 81 -26.32 0.08 -49.75
N ARG D 82 -26.24 0.57 -51.00
CA ARG D 82 -27.36 0.57 -51.91
C ARG D 82 -27.61 -0.82 -52.50
N SER D 83 -26.64 -1.76 -52.40
CA SER D 83 -26.64 -3.03 -53.11
C SER D 83 -27.72 -4.02 -52.64
N PRO D 84 -28.47 -4.68 -53.56
CA PRO D 84 -29.29 -5.82 -53.18
C PRO D 84 -28.43 -7.09 -53.07
N SER D 85 -27.22 -7.04 -53.67
CA SER D 85 -26.34 -8.16 -54.02
C SER D 85 -25.29 -8.49 -52.95
N ALA D 86 -24.93 -7.49 -52.16
CA ALA D 86 -24.05 -7.76 -51.03
C ALA D 86 -24.79 -8.46 -49.88
N ALA D 87 -24.07 -9.33 -49.18
CA ALA D 87 -24.48 -9.84 -47.87
C ALA D 87 -24.38 -8.79 -46.75
N GLU D 88 -25.20 -8.95 -45.70
CA GLU D 88 -25.25 -8.14 -44.47
C GLU D 88 -23.87 -7.88 -43.85
N SER D 89 -23.01 -8.90 -43.84
CA SER D 89 -21.64 -8.81 -43.33
C SER D 89 -20.80 -7.79 -44.10
N MET D 90 -20.97 -7.74 -45.43
CA MET D 90 -20.32 -6.75 -46.29
C MET D 90 -20.96 -5.37 -46.04
N LYS D 91 -22.29 -5.31 -45.94
CA LYS D 91 -23.05 -4.07 -45.80
C LYS D 91 -22.71 -3.32 -44.50
N VAL D 92 -22.58 -4.01 -43.35
CA VAL D 92 -22.15 -3.37 -42.10
C VAL D 92 -20.75 -2.75 -42.26
N GLY D 93 -19.85 -3.54 -42.87
CA GLY D 93 -18.49 -3.08 -43.10
C GLY D 93 -18.43 -1.85 -44.01
N ALA D 94 -19.28 -1.84 -45.05
CA ALA D 94 -19.52 -0.69 -45.91
C ALA D 94 -20.00 0.52 -45.11
N ALA D 95 -21.01 0.35 -44.24
CA ALA D 95 -21.53 1.44 -43.39
C ALA D 95 -20.42 2.04 -42.55
N PHE D 96 -19.55 1.18 -41.98
CA PHE D 96 -18.36 1.59 -41.23
C PHE D 96 -17.35 2.39 -42.09
N THR D 97 -17.15 2.02 -43.39
CA THR D 97 -16.32 2.80 -44.34
C THR D 97 -16.92 4.19 -44.49
N LEU D 98 -18.25 4.19 -44.74
CA LEU D 98 -18.99 5.40 -45.05
C LEU D 98 -18.90 6.41 -43.90
N ILE D 99 -19.06 5.97 -42.63
CA ILE D 99 -19.11 6.86 -41.45
C ILE D 99 -17.78 6.89 -40.70
N SER D 100 -16.65 6.55 -41.40
CA SER D 100 -15.29 6.78 -40.91
C SER D 100 -14.51 7.75 -41.81
N MET D 101 -15.09 8.20 -42.95
CA MET D 101 -14.65 9.26 -43.87
C MET D 101 -14.17 10.55 -43.18
N TYR D 102 -14.66 10.85 -41.95
CA TYR D 102 -14.21 11.94 -41.08
C TYR D 102 -12.69 11.99 -40.92
N SER D 103 -12.03 10.83 -40.71
CA SER D 103 -10.70 10.75 -40.10
C SER D 103 -9.58 11.17 -41.03
N GLU D 104 -8.56 11.85 -40.45
CA GLU D 104 -7.27 12.09 -41.09
C GLU D 104 -6.55 10.78 -41.39
N ARG D 105 -6.78 9.75 -40.56
CA ARG D 105 -6.22 8.40 -40.65
C ARG D 105 -7.37 7.42 -40.43
N PRO D 106 -8.16 7.12 -41.50
CA PRO D 106 -9.51 6.56 -41.31
C PRO D 106 -9.46 5.21 -40.60
N GLY D 107 -8.40 4.44 -40.88
CA GLY D 107 -8.17 3.13 -40.26
C GLY D 107 -7.92 3.22 -38.76
N ALA D 108 -7.17 4.23 -38.33
CA ALA D 108 -6.90 4.46 -36.93
C ALA D 108 -8.17 4.82 -36.18
N LEU D 109 -9.01 5.67 -36.76
CA LEU D 109 -10.28 6.07 -36.18
C LEU D 109 -11.16 4.85 -35.89
N ILE D 110 -11.37 3.98 -36.90
CA ILE D 110 -12.13 2.74 -36.71
C ILE D 110 -11.49 1.87 -35.62
N ARG D 111 -10.21 1.49 -35.77
CA ARG D 111 -9.53 0.54 -34.88
C ARG D 111 -9.59 1.00 -33.42
N SER D 112 -9.43 2.30 -33.18
CA SER D 112 -9.29 2.88 -31.84
C SER D 112 -10.62 3.10 -31.11
N LEU D 113 -11.69 3.33 -31.87
CA LEU D 113 -12.97 3.54 -31.21
C LEU D 113 -13.84 2.26 -31.20
N LEU D 114 -13.56 1.33 -32.12
CA LEU D 114 -14.51 0.24 -32.36
C LEU D 114 -14.27 -0.82 -31.30
N ASN D 115 -15.21 -1.06 -30.37
CA ASN D 115 -14.81 -1.68 -29.11
C ASN D 115 -15.97 -2.42 -28.44
N ASP D 116 -16.54 -3.42 -29.17
CA ASP D 116 -17.58 -4.37 -28.77
C ASP D 116 -17.35 -5.78 -29.36
N PRO D 117 -17.41 -6.86 -28.52
CA PRO D 117 -16.69 -8.13 -28.74
C PRO D 117 -17.31 -9.04 -29.79
N ASP D 118 -18.62 -8.83 -30.05
CA ASP D 118 -19.44 -9.67 -30.92
C ASP D 118 -18.97 -9.64 -32.38
N ILE D 119 -18.49 -8.44 -32.78
CA ILE D 119 -18.07 -8.19 -34.16
C ILE D 119 -16.59 -7.77 -34.24
N GLU D 120 -15.71 -8.56 -34.94
CA GLU D 120 -14.25 -8.44 -35.01
C GLU D 120 -13.85 -8.07 -36.44
N ALA D 121 -13.25 -6.88 -36.55
CA ALA D 121 -12.99 -6.21 -37.83
C ALA D 121 -11.70 -6.70 -38.48
N VAL D 122 -11.74 -7.03 -39.77
CA VAL D 122 -10.55 -7.06 -40.62
C VAL D 122 -10.63 -5.78 -41.46
N ILE D 123 -9.79 -4.78 -41.16
CA ILE D 123 -9.85 -3.53 -41.92
C ILE D 123 -8.69 -3.55 -42.90
N ILE D 124 -8.95 -3.58 -44.22
CA ILE D 124 -7.90 -3.55 -45.24
C ILE D 124 -7.98 -2.22 -45.97
N ASP D 125 -7.00 -1.30 -45.77
CA ASP D 125 -7.05 -0.03 -46.47
C ASP D 125 -6.45 -0.25 -47.86
N VAL D 126 -7.24 -0.21 -48.93
CA VAL D 126 -6.59 -0.37 -50.22
C VAL D 126 -6.25 1.03 -50.73
N GLY D 127 -5.01 1.32 -51.11
CA GLY D 127 -4.73 2.69 -51.49
C GLY D 127 -4.83 2.93 -53.00
N SER D 128 -4.50 1.87 -53.75
CA SER D 128 -4.35 2.08 -55.18
C SER D 128 -5.66 2.63 -55.74
N MET D 129 -6.74 1.87 -55.47
CA MET D 129 -8.03 2.05 -56.12
C MET D 129 -7.79 2.03 -57.63
N VAL D 130 -6.74 1.31 -58.06
CA VAL D 130 -6.31 1.15 -59.45
C VAL D 130 -7.36 0.43 -60.32
N ASN D 131 -8.05 -0.57 -59.73
CA ASN D 131 -8.89 -1.51 -60.47
C ASN D 131 -10.12 -0.89 -61.15
N GLY D 132 -10.88 -0.06 -60.44
CA GLY D 132 -12.05 0.50 -61.09
C GLY D 132 -13.03 0.96 -60.05
N ILE D 133 -14.32 0.59 -60.21
CA ILE D 133 -15.39 0.78 -59.22
C ILE D 133 -15.08 0.10 -57.87
N PRO D 134 -14.66 -1.19 -57.84
CA PRO D 134 -14.35 -1.89 -56.57
C PRO D 134 -12.92 -1.58 -56.10
N VAL D 135 -12.61 -1.85 -54.82
CA VAL D 135 -11.24 -1.68 -54.32
C VAL D 135 -10.30 -2.72 -54.96
N MET D 136 -8.98 -2.47 -54.95
CA MET D 136 -8.02 -3.35 -55.62
C MET D 136 -7.68 -4.60 -54.81
N GLU D 137 -7.62 -5.79 -55.43
CA GLU D 137 -7.23 -7.02 -54.74
C GLU D 137 -5.74 -6.97 -54.36
N ARG D 138 -5.43 -7.03 -53.06
CA ARG D 138 -4.12 -6.76 -52.47
C ARG D 138 -2.95 -7.59 -53.03
N ARG D 139 -3.18 -8.87 -53.40
CA ARG D 139 -2.15 -9.85 -53.72
C ARG D 139 -2.10 -10.27 -55.19
N GLY D 140 -3.20 -10.23 -55.96
CA GLY D 140 -3.13 -10.72 -57.32
C GLY D 140 -4.16 -11.83 -57.56
N ASP D 141 -3.72 -12.85 -58.29
CA ASP D 141 -4.54 -13.88 -58.93
C ASP D 141 -5.78 -14.29 -58.13
N LYS D 142 -5.58 -14.57 -56.82
CA LYS D 142 -6.58 -14.98 -55.84
C LYS D 142 -7.63 -13.88 -55.60
N ALA D 143 -7.26 -12.62 -55.91
CA ALA D 143 -8.13 -11.46 -55.72
C ALA D 143 -9.17 -11.38 -56.84
N GLN D 144 -8.91 -12.04 -57.99
CA GLN D 144 -9.76 -12.10 -59.18
C GLN D 144 -11.24 -12.41 -58.86
N GLU D 145 -11.46 -13.42 -58.00
CA GLU D 145 -12.82 -13.75 -57.57
C GLU D 145 -13.44 -12.61 -56.76
N GLU D 146 -12.59 -11.95 -55.96
CA GLU D 146 -13.02 -10.88 -55.06
C GLU D 146 -13.50 -9.67 -55.88
N MET D 147 -12.72 -9.30 -56.91
CA MET D 147 -12.95 -8.12 -57.76
C MET D 147 -14.27 -8.25 -58.53
N GLU D 148 -14.59 -9.50 -58.92
CA GLU D 148 -15.80 -9.84 -59.67
C GLU D 148 -16.99 -9.97 -58.71
N GLY D 149 -16.73 -10.41 -57.45
CA GLY D 149 -17.73 -10.30 -56.39
C GLY D 149 -18.15 -8.83 -56.19
N LEU D 150 -17.15 -7.93 -56.08
CA LEU D 150 -17.36 -6.48 -56.02
C LEU D 150 -18.14 -5.99 -57.23
N MET D 151 -17.78 -6.41 -58.45
CA MET D 151 -18.47 -6.03 -59.69
C MET D 151 -19.94 -6.42 -59.61
N ARG D 152 -20.24 -7.66 -59.18
CA ARG D 152 -21.60 -8.16 -59.00
C ARG D 152 -22.36 -7.28 -58.02
N ILE D 153 -21.71 -6.97 -56.90
CA ILE D 153 -22.27 -6.12 -55.86
C ILE D 153 -22.67 -4.76 -56.46
N LEU D 154 -21.78 -4.09 -57.23
CA LEU D 154 -21.98 -2.77 -57.85
C LEU D 154 -23.08 -2.81 -58.92
N LYS D 155 -23.06 -3.85 -59.77
CA LYS D 155 -24.07 -4.03 -60.81
C LYS D 155 -25.45 -4.15 -60.16
N THR D 156 -25.56 -5.13 -59.22
CA THR D 156 -26.80 -5.40 -58.49
C THR D 156 -27.28 -4.12 -57.79
N ALA D 157 -26.37 -3.31 -57.26
CA ALA D 157 -26.70 -2.03 -56.63
C ALA D 157 -27.39 -1.10 -57.61
N ARG D 158 -26.76 -0.84 -58.79
CA ARG D 158 -27.30 0.00 -59.85
C ARG D 158 -28.69 -0.50 -60.24
N ASP D 159 -28.73 -1.82 -60.61
CA ASP D 159 -29.89 -2.45 -61.23
C ASP D 159 -31.11 -2.45 -60.28
N SER D 160 -30.87 -2.82 -59.01
CA SER D 160 -31.91 -2.96 -57.98
C SER D 160 -32.49 -1.61 -57.57
N SER D 161 -31.65 -0.57 -57.67
CA SER D 161 -32.06 0.80 -57.39
C SER D 161 -32.64 1.49 -58.62
N LYS D 162 -32.79 0.77 -59.76
CA LYS D 162 -33.43 1.33 -60.94
C LYS D 162 -32.65 2.55 -61.43
N GLY D 163 -31.30 2.50 -61.31
CA GLY D 163 -30.46 3.58 -61.83
C GLY D 163 -30.31 4.80 -60.93
N LYS D 164 -31.00 4.90 -59.77
CA LYS D 164 -30.90 6.04 -58.85
C LYS D 164 -29.55 6.01 -58.12
N THR D 165 -28.71 7.05 -58.29
CA THR D 165 -27.36 7.07 -57.73
C THR D 165 -27.50 7.56 -56.30
N PRO D 166 -26.44 7.69 -55.45
CA PRO D 166 -26.63 8.09 -54.06
C PRO D 166 -27.30 9.46 -53.83
N PHE D 167 -26.93 10.42 -54.68
CA PHE D 167 -27.39 11.81 -54.56
C PHE D 167 -28.73 12.02 -55.28
N VAL D 168 -29.55 12.98 -54.79
CA VAL D 168 -30.96 13.11 -55.19
C VAL D 168 -31.08 13.75 -56.58
N ASP D 169 -30.11 14.64 -56.87
CA ASP D 169 -29.96 15.39 -58.13
C ASP D 169 -28.67 14.93 -58.83
N SER D 170 -28.87 14.35 -60.02
CA SER D 170 -28.04 13.23 -60.46
C SER D 170 -26.64 13.67 -60.84
N ARG D 171 -26.46 14.95 -61.23
CA ARG D 171 -25.16 15.52 -61.58
C ARG D 171 -24.14 15.32 -60.46
N ALA D 172 -24.65 15.38 -59.21
CA ALA D 172 -23.82 15.16 -58.04
C ALA D 172 -23.22 13.75 -58.04
N TYR D 173 -24.07 12.73 -58.25
CA TYR D 173 -23.52 11.38 -58.34
C TYR D 173 -22.45 11.39 -59.43
N GLY D 174 -22.66 12.24 -60.44
CA GLY D 174 -21.78 12.30 -61.59
C GLY D 174 -20.44 12.97 -61.31
N LEU D 175 -20.40 13.95 -60.38
CA LEU D 175 -19.17 14.75 -60.23
C LEU D 175 -18.02 13.95 -59.60
N ARG D 176 -16.88 13.81 -60.29
CA ARG D 176 -15.72 13.15 -59.72
C ARG D 176 -14.92 14.25 -59.00
N ILE D 177 -15.03 14.31 -57.65
CA ILE D 177 -14.49 15.43 -56.90
C ILE D 177 -12.96 15.48 -57.05
N THR D 178 -12.43 16.68 -57.34
CA THR D 178 -10.99 16.96 -57.40
C THR D 178 -10.48 17.92 -56.31
N ASP D 179 -11.37 18.54 -55.50
CA ASP D 179 -10.89 19.57 -54.59
C ASP D 179 -11.27 19.21 -53.15
N MET D 180 -10.30 19.36 -52.23
CA MET D 180 -10.58 19.16 -50.81
C MET D 180 -11.92 19.81 -50.42
N SER D 181 -12.17 21.01 -50.95
CA SER D 181 -13.31 21.82 -50.56
C SER D 181 -14.64 21.17 -50.92
N THR D 182 -14.72 20.68 -52.15
CA THR D 182 -15.87 19.95 -52.66
C THR D 182 -16.04 18.63 -51.90
N LEU D 183 -14.91 17.94 -51.66
CA LEU D 183 -14.85 16.70 -50.89
C LEU D 183 -15.55 16.87 -49.53
N VAL D 184 -15.03 17.81 -48.71
CA VAL D 184 -15.54 18.08 -47.36
C VAL D 184 -17.01 18.50 -47.40
N SER D 185 -17.36 19.35 -48.38
CA SER D 185 -18.75 19.74 -48.58
C SER D 185 -19.67 18.51 -48.72
N ALA D 186 -19.23 17.56 -49.55
CA ALA D 186 -19.97 16.35 -49.86
C ALA D 186 -19.98 15.39 -48.66
N VAL D 187 -18.79 15.04 -48.14
CA VAL D 187 -18.60 14.11 -47.03
C VAL D 187 -19.43 14.54 -45.81
N ILE D 188 -19.31 15.82 -45.41
CA ILE D 188 -20.07 16.35 -44.28
C ILE D 188 -21.58 16.15 -44.50
N THR D 189 -21.99 16.27 -45.77
CA THR D 189 -23.38 16.21 -46.19
C THR D 189 -23.93 14.78 -46.04
N ILE D 190 -23.18 13.80 -46.54
CA ILE D 190 -23.54 12.39 -46.44
C ILE D 190 -23.51 11.96 -44.97
N GLU D 191 -22.44 12.32 -44.23
CA GLU D 191 -22.28 11.93 -42.82
C GLU D 191 -23.50 12.44 -42.03
N ALA D 192 -23.82 13.73 -42.21
CA ALA D 192 -24.98 14.31 -41.53
C ALA D 192 -26.27 13.51 -41.81
N GLN D 193 -26.39 13.03 -43.05
CA GLN D 193 -27.53 12.25 -43.45
C GLN D 193 -27.56 10.86 -42.79
N ILE D 194 -26.40 10.27 -42.41
CA ILE D 194 -26.41 9.05 -41.62
C ILE D 194 -26.81 9.36 -40.18
N TRP D 195 -26.23 10.42 -39.59
CA TRP D 195 -26.43 10.75 -38.19
C TRP D 195 -27.88 11.19 -37.93
N ILE D 196 -28.59 11.78 -38.89
CA ILE D 196 -30.01 12.09 -38.77
C ILE D 196 -30.86 10.82 -38.55
N LEU D 197 -30.34 9.64 -38.97
CA LEU D 197 -31.07 8.40 -38.95
C LEU D 197 -31.09 7.82 -37.52
N ILE D 198 -29.88 7.76 -36.88
CA ILE D 198 -29.56 7.15 -35.56
C ILE D 198 -30.65 7.49 -34.54
N ALA D 199 -31.08 8.77 -34.59
CA ALA D 199 -32.04 9.38 -33.68
C ALA D 199 -33.37 8.64 -33.57
N LYS D 200 -33.76 7.94 -34.66
CA LYS D 200 -35.03 7.24 -34.70
C LYS D 200 -34.96 5.78 -35.19
N ALA D 201 -33.79 5.38 -35.75
CA ALA D 201 -33.67 4.04 -36.35
C ALA D 201 -34.01 2.91 -35.38
N VAL D 202 -33.67 3.13 -34.09
CA VAL D 202 -33.81 2.09 -33.08
C VAL D 202 -34.80 2.51 -31.99
N THR D 203 -35.65 3.52 -32.23
CA THR D 203 -36.69 3.93 -31.29
C THR D 203 -38.07 3.93 -31.97
N ALA D 204 -38.11 4.16 -33.30
CA ALA D 204 -39.34 4.16 -34.10
C ALA D 204 -39.05 4.26 -35.60
N PRO D 205 -38.64 3.14 -36.25
CA PRO D 205 -38.04 3.18 -37.58
C PRO D 205 -39.02 3.49 -38.71
N ASP D 206 -40.33 3.57 -38.35
CA ASP D 206 -41.44 4.06 -39.15
C ASP D 206 -42.09 5.18 -38.33
N THR D 207 -42.68 6.16 -39.03
CA THR D 207 -43.04 7.40 -38.35
C THR D 207 -41.87 8.40 -38.33
N ALA D 208 -40.72 7.97 -38.88
CA ALA D 208 -39.44 8.67 -38.72
C ALA D 208 -39.38 10.01 -39.48
N GLU D 209 -40.01 10.03 -40.67
CA GLU D 209 -39.91 11.06 -41.70
C GLU D 209 -40.07 12.49 -41.15
N GLU D 210 -41.07 12.76 -40.29
CA GLU D 210 -41.37 14.12 -39.80
C GLU D 210 -40.13 14.74 -39.16
N SER D 211 -39.58 13.96 -38.23
CA SER D 211 -38.43 14.36 -37.45
C SER D 211 -37.17 14.50 -38.33
N GLU D 212 -36.91 13.52 -39.20
CA GLU D 212 -35.66 13.45 -39.95
C GLU D 212 -35.64 14.56 -41.00
N THR D 213 -36.82 14.95 -41.56
CA THR D 213 -36.92 16.07 -42.48
C THR D 213 -36.66 17.40 -41.75
N ARG D 214 -37.23 17.50 -40.52
CA ARG D 214 -37.14 18.69 -39.68
C ARG D 214 -35.66 18.96 -39.35
N ARG D 215 -34.90 17.91 -39.01
CA ARG D 215 -33.46 18.00 -38.74
C ARG D 215 -32.69 18.32 -40.03
N TRP D 216 -33.11 17.83 -41.24
CA TRP D 216 -32.45 18.10 -42.54
C TRP D 216 -32.47 19.61 -42.81
N ALA D 217 -33.72 20.12 -42.68
CA ALA D 217 -34.01 21.54 -42.91
C ALA D 217 -33.07 22.44 -42.11
N LYS D 218 -32.93 22.18 -40.80
CA LYS D 218 -32.04 22.84 -39.85
C LYS D 218 -30.62 22.92 -40.39
N TYR D 219 -29.95 21.79 -40.71
CA TYR D 219 -28.53 21.81 -41.05
C TYR D 219 -28.25 22.64 -42.31
N VAL D 220 -29.21 22.56 -43.27
CA VAL D 220 -29.12 23.26 -44.55
C VAL D 220 -29.34 24.77 -44.34
N GLN D 221 -30.40 25.11 -43.59
CA GLN D 221 -30.82 26.49 -43.33
C GLN D 221 -29.76 27.25 -42.54
N GLN D 222 -29.08 26.52 -41.65
CA GLN D 222 -27.96 27.02 -40.86
C GLN D 222 -26.66 26.99 -41.63
N LYS D 223 -26.67 26.55 -42.91
CA LYS D 223 -25.46 26.59 -43.73
C LYS D 223 -24.29 25.75 -43.21
N ARG D 224 -24.59 24.73 -42.38
CA ARG D 224 -23.57 23.78 -41.96
C ARG D 224 -23.27 22.75 -43.05
N VAL D 225 -24.19 22.43 -43.98
CA VAL D 225 -23.97 21.29 -44.89
C VAL D 225 -24.31 21.65 -46.33
N ASN D 226 -23.54 21.17 -47.33
CA ASN D 226 -23.42 21.72 -48.69
C ASN D 226 -24.35 21.02 -49.67
N PRO D 227 -25.52 21.62 -50.06
CA PRO D 227 -26.67 20.89 -50.59
C PRO D 227 -26.46 20.24 -51.97
N PHE D 228 -25.39 20.69 -52.65
CA PHE D 228 -24.88 20.10 -53.89
C PHE D 228 -24.71 18.59 -53.74
N PHE D 229 -24.31 18.17 -52.52
CA PHE D 229 -24.07 16.76 -52.21
C PHE D 229 -25.30 15.95 -51.75
N ALA D 230 -26.56 16.47 -51.86
CA ALA D 230 -27.66 15.93 -51.05
C ALA D 230 -28.04 14.47 -51.40
N LEU D 231 -28.17 13.59 -50.39
CA LEU D 231 -28.37 12.15 -50.50
C LEU D 231 -29.85 11.71 -50.51
N THR D 232 -30.21 10.78 -51.41
CA THR D 232 -31.58 10.55 -51.91
C THR D 232 -32.41 9.80 -50.86
N GLN D 233 -33.71 10.09 -50.68
CA GLN D 233 -34.59 9.46 -49.66
C GLN D 233 -34.54 7.93 -49.74
N GLN D 234 -34.46 7.44 -50.98
CA GLN D 234 -34.35 6.01 -51.26
C GLN D 234 -33.10 5.39 -50.63
N TRP D 235 -31.95 6.06 -50.79
CA TRP D 235 -30.67 5.59 -50.23
C TRP D 235 -30.71 5.75 -48.72
N LEU D 236 -31.19 6.89 -48.21
CA LEU D 236 -31.29 7.15 -46.77
C LEU D 236 -32.17 6.10 -46.06
N THR D 237 -33.33 5.69 -46.64
CA THR D 237 -34.22 4.67 -46.07
C THR D 237 -33.48 3.32 -46.02
N GLU D 238 -32.75 2.98 -47.12
CA GLU D 238 -32.02 1.72 -47.23
C GLU D 238 -30.95 1.63 -46.14
N MET D 239 -30.24 2.74 -45.89
CA MET D 239 -29.23 2.84 -44.85
C MET D 239 -29.86 2.92 -43.46
N ARG D 240 -30.98 3.63 -43.26
CA ARG D 240 -31.68 3.71 -41.98
C ARG D 240 -32.08 2.30 -41.53
N ASN D 241 -32.62 1.50 -42.46
CA ASN D 241 -33.01 0.12 -42.18
C ASN D 241 -31.77 -0.72 -41.79
N LEU D 242 -30.62 -0.57 -42.51
CA LEU D 242 -29.33 -1.24 -42.19
C LEU D 242 -28.94 -0.92 -40.74
N LEU D 243 -29.08 0.35 -40.32
CA LEU D 243 -28.75 0.80 -38.96
C LEU D 243 -29.70 0.17 -37.93
N SER D 244 -31.01 0.16 -38.20
CA SER D 244 -32.01 -0.43 -37.30
C SER D 244 -31.71 -1.91 -37.02
N GLN D 245 -31.30 -2.64 -38.07
CA GLN D 245 -31.26 -4.09 -38.01
C GLN D 245 -29.87 -4.62 -37.59
N SER D 246 -28.82 -3.78 -37.59
CA SER D 246 -27.46 -4.14 -37.20
C SER D 246 -27.02 -3.46 -35.90
N LEU D 247 -26.58 -4.27 -34.93
CA LEU D 247 -25.97 -3.81 -33.69
C LEU D 247 -24.56 -3.29 -33.96
N SER D 248 -23.78 -3.98 -34.81
CA SER D 248 -22.36 -3.67 -35.00
C SER D 248 -22.14 -2.22 -35.48
N VAL D 249 -23.01 -1.74 -36.39
CA VAL D 249 -22.95 -0.36 -36.88
C VAL D 249 -23.25 0.61 -35.73
N ARG D 250 -24.36 0.36 -34.98
CA ARG D 250 -24.81 1.17 -33.85
C ARG D 250 -23.71 1.26 -32.78
N LYS D 251 -22.98 0.17 -32.53
CA LYS D 251 -21.84 0.16 -31.62
C LYS D 251 -20.78 1.20 -32.06
N PHE D 252 -20.34 1.25 -33.34
CA PHE D 252 -19.41 2.28 -33.87
C PHE D 252 -20.00 3.70 -33.72
N MET D 253 -21.27 3.87 -34.13
CA MET D 253 -21.97 5.14 -34.01
C MET D 253 -21.94 5.63 -32.55
N VAL D 254 -22.37 4.81 -31.58
CA VAL D 254 -22.43 5.17 -30.15
C VAL D 254 -21.03 5.38 -29.57
N GLU D 255 -20.01 4.68 -30.09
CA GLU D 255 -18.63 4.93 -29.70
C GLU D 255 -18.24 6.36 -30.05
N ILE D 256 -18.50 6.78 -31.31
CA ILE D 256 -18.23 8.14 -31.81
C ILE D 256 -19.07 9.16 -31.01
N LEU D 257 -20.35 8.83 -30.76
CA LEU D 257 -21.33 9.70 -30.10
C LEU D 257 -20.92 10.03 -28.66
N ILE D 258 -20.34 9.05 -27.94
CA ILE D 258 -19.74 9.24 -26.62
C ILE D 258 -18.46 10.09 -26.76
N GLU D 259 -17.60 9.76 -27.74
CA GLU D 259 -16.27 10.36 -27.81
C GLU D 259 -16.36 11.86 -28.08
N VAL D 260 -17.25 12.27 -29.00
CA VAL D 260 -17.36 13.68 -29.41
C VAL D 260 -18.30 14.44 -28.46
N LYS D 261 -19.03 13.77 -27.55
CA LYS D 261 -19.82 14.41 -26.50
C LYS D 261 -18.91 15.02 -25.43
N LYS D 262 -17.70 14.47 -25.26
CA LYS D 262 -16.71 15.00 -24.32
C LYS D 262 -16.25 16.38 -24.78
N GLY D 263 -15.98 17.27 -23.83
CA GLY D 263 -15.30 18.53 -24.12
C GLY D 263 -13.77 18.36 -24.24
N GLY D 264 -13.02 19.43 -23.95
CA GLY D 264 -11.55 19.41 -23.93
C GLY D 264 -10.93 19.28 -25.32
N SER D 265 -11.66 19.73 -26.32
CA SER D 265 -11.09 19.72 -27.66
C SER D 265 -11.82 20.73 -28.54
N ALA D 266 -11.03 21.41 -29.41
CA ALA D 266 -11.59 22.08 -30.56
C ALA D 266 -12.13 21.04 -31.53
N LYS D 267 -13.22 21.43 -32.24
CA LYS D 267 -13.78 20.68 -33.36
C LYS D 267 -13.76 21.53 -34.65
N GLY D 268 -13.39 20.89 -35.78
CA GLY D 268 -13.49 21.40 -37.15
C GLY D 268 -14.86 21.02 -37.71
N ARG D 269 -15.20 21.37 -38.98
CA ARG D 269 -16.55 21.29 -39.55
C ARG D 269 -17.16 19.90 -39.29
N ALA D 270 -16.30 18.90 -39.52
CA ALA D 270 -16.61 17.49 -39.38
C ALA D 270 -17.15 17.12 -38.00
N VAL D 271 -16.32 17.34 -36.95
CA VAL D 271 -16.66 17.00 -35.57
C VAL D 271 -17.86 17.85 -35.12
N GLU D 272 -17.94 19.08 -35.66
CA GLU D 272 -18.98 20.04 -35.30
C GLU D 272 -20.35 19.54 -35.71
N ILE D 273 -20.47 18.99 -36.95
CA ILE D 273 -21.74 18.46 -37.44
C ILE D 273 -22.19 17.31 -36.51
N ILE D 274 -21.23 16.40 -36.14
CA ILE D 274 -21.48 15.27 -35.21
C ILE D 274 -22.07 15.81 -33.90
N SER D 275 -21.35 16.79 -33.34
CA SER D 275 -21.67 17.32 -32.02
C SER D 275 -23.07 17.94 -32.06
N ASP D 276 -23.41 18.61 -33.18
CA ASP D 276 -24.68 19.29 -33.39
C ASP D 276 -25.81 18.28 -33.37
N ILE D 277 -25.62 17.18 -34.13
CA ILE D 277 -26.55 16.07 -34.18
C ILE D 277 -26.76 15.51 -32.77
N GLY D 278 -25.64 15.42 -32.01
CA GLY D 278 -25.67 14.95 -30.63
C GLY D 278 -26.80 15.55 -29.80
N ASN D 279 -27.10 16.83 -30.02
CA ASN D 279 -28.04 17.56 -29.18
C ASN D 279 -29.49 17.12 -29.40
N TYR D 280 -29.71 16.36 -30.50
CA TYR D 280 -30.99 15.70 -30.76
C TYR D 280 -31.02 14.27 -30.19
N VAL D 281 -29.82 13.66 -30.23
CA VAL D 281 -29.58 12.24 -30.03
C VAL D 281 -29.52 11.86 -28.56
N GLU D 282 -28.95 12.72 -27.70
CA GLU D 282 -28.87 12.46 -26.27
C GLU D 282 -30.24 12.21 -25.62
N GLU D 283 -30.27 11.30 -24.62
CA GLU D 283 -31.45 10.90 -23.86
C GLU D 283 -32.46 10.07 -24.66
N THR D 284 -32.27 9.97 -26.00
CA THR D 284 -33.32 9.47 -26.91
C THR D 284 -33.70 8.02 -26.61
N GLY D 285 -35.00 7.73 -26.50
CA GLY D 285 -35.49 6.40 -26.22
C GLY D 285 -35.23 5.96 -24.77
N MET D 286 -34.95 6.95 -23.87
CA MET D 286 -35.19 6.86 -22.43
C MET D 286 -36.33 7.81 -22.01
N ALA D 287 -37.19 8.15 -22.99
CA ALA D 287 -38.41 8.96 -22.98
C ALA D 287 -39.12 8.89 -21.62
N GLY D 288 -39.56 7.68 -21.28
CA GLY D 288 -40.35 7.43 -20.07
C GLY D 288 -39.68 7.96 -18.80
N PHE D 289 -38.38 7.67 -18.61
CA PHE D 289 -37.64 8.05 -17.41
C PHE D 289 -37.69 9.57 -17.24
N PHE D 290 -37.28 10.29 -18.28
CA PHE D 290 -37.23 11.74 -18.09
C PHE D 290 -38.64 12.30 -17.87
N ALA D 291 -39.67 11.68 -18.48
CA ALA D 291 -41.01 12.24 -18.46
C ALA D 291 -41.61 12.24 -17.07
N THR D 292 -41.34 11.19 -16.29
CA THR D 292 -41.77 11.18 -14.90
C THR D 292 -41.04 12.28 -14.12
N ILE D 293 -39.74 12.50 -14.42
CA ILE D 293 -38.96 13.52 -13.71
C ILE D 293 -39.48 14.92 -14.08
N ARG D 294 -39.54 15.22 -15.40
CA ARG D 294 -39.96 16.53 -15.92
C ARG D 294 -41.40 16.88 -15.51
N PHE D 295 -42.28 15.90 -15.75
CA PHE D 295 -43.72 16.12 -15.61
C PHE D 295 -44.21 15.29 -14.42
N GLY D 296 -45.00 15.91 -13.51
CA GLY D 296 -45.40 15.20 -12.32
C GLY D 296 -44.41 15.45 -11.20
N LEU D 297 -43.15 15.00 -11.34
CA LEU D 297 -42.21 15.13 -10.20
C LEU D 297 -41.81 16.58 -9.98
N GLU D 298 -41.17 17.21 -11.00
CA GLU D 298 -40.73 18.59 -10.89
C GLU D 298 -41.93 19.53 -10.71
N THR D 299 -43.06 19.14 -11.33
CA THR D 299 -44.31 19.90 -11.28
C THR D 299 -44.90 19.96 -9.86
N ARG D 300 -44.60 18.97 -9.02
CA ARG D 300 -44.94 19.04 -7.60
C ARG D 300 -46.38 19.49 -7.29
N TYR D 301 -47.43 19.01 -8.01
CA TYR D 301 -48.84 19.21 -7.66
C TYR D 301 -49.11 18.77 -6.21
N PRO D 302 -49.89 19.56 -5.40
CA PRO D 302 -50.18 19.21 -4.00
C PRO D 302 -50.61 17.73 -3.82
N ALA D 303 -51.16 17.20 -4.91
CA ALA D 303 -51.70 15.83 -4.94
C ALA D 303 -50.62 14.79 -4.64
N LEU D 304 -49.31 15.11 -4.85
CA LEU D 304 -48.16 14.26 -4.55
C LEU D 304 -48.17 13.74 -3.10
N ALA D 305 -48.88 14.43 -2.18
CA ALA D 305 -48.94 14.03 -0.76
C ALA D 305 -49.86 12.82 -0.48
N LEU D 306 -50.71 12.46 -1.47
CA LEU D 306 -51.75 11.43 -1.30
C LEU D 306 -51.13 10.05 -1.00
N ASN D 307 -51.64 9.29 0.01
CA ASN D 307 -51.11 8.07 0.64
C ASN D 307 -50.44 7.06 -0.31
N GLU D 308 -51.17 6.78 -1.40
CA GLU D 308 -50.93 5.68 -2.34
C GLU D 308 -49.57 5.83 -3.03
N PHE D 309 -49.24 7.07 -3.39
CA PHE D 309 -48.05 7.48 -4.11
C PHE D 309 -46.69 7.21 -3.43
N GLN D 310 -46.69 7.10 -2.07
CA GLN D 310 -45.46 7.19 -1.27
C GLN D 310 -44.40 6.21 -1.82
N SER D 311 -44.87 4.96 -1.97
CA SER D 311 -44.07 3.82 -2.39
C SER D 311 -43.49 4.06 -3.79
N ASP D 312 -44.30 4.66 -4.66
CA ASP D 312 -43.91 4.99 -6.03
C ASP D 312 -42.80 6.04 -6.00
N LEU D 313 -43.00 7.12 -5.20
CA LEU D 313 -41.97 8.15 -5.07
C LEU D 313 -40.63 7.56 -4.62
N ASN D 314 -40.67 6.71 -3.59
CA ASN D 314 -39.48 6.02 -3.09
C ASN D 314 -38.83 5.20 -4.22
N THR D 315 -39.68 4.61 -5.06
CA THR D 315 -39.23 3.84 -6.22
C THR D 315 -38.44 4.75 -7.16
N ILE D 316 -39.06 5.87 -7.56
CA ILE D 316 -38.47 6.77 -8.54
C ILE D 316 -37.12 7.25 -8.01
N LYS D 317 -37.06 7.62 -6.72
CA LYS D 317 -35.81 8.07 -6.09
C LYS D 317 -34.72 7.03 -6.31
N SER D 318 -35.00 5.75 -6.00
CA SER D 318 -34.07 4.65 -6.18
C SER D 318 -33.60 4.54 -7.64
N LEU D 319 -34.56 4.74 -8.57
CA LEU D 319 -34.32 4.72 -10.01
C LEU D 319 -33.32 5.82 -10.42
N MET D 320 -33.58 7.06 -9.95
CA MET D 320 -32.78 8.24 -10.31
C MET D 320 -31.34 8.05 -9.87
N LEU D 321 -31.15 7.62 -8.61
CA LEU D 321 -29.82 7.37 -8.07
C LEU D 321 -29.17 6.21 -8.81
N LEU D 322 -29.97 5.19 -9.19
CA LEU D 322 -29.46 4.08 -9.99
C LEU D 322 -28.90 4.56 -11.35
N TYR D 323 -29.71 5.42 -12.02
CA TYR D 323 -29.41 5.97 -13.35
C TYR D 323 -28.05 6.66 -13.34
N ARG D 324 -27.84 7.48 -12.30
CA ARG D 324 -26.60 8.18 -12.02
C ARG D 324 -25.43 7.20 -11.95
N GLU D 325 -25.65 6.08 -11.23
CA GLU D 325 -24.59 5.13 -10.95
C GLU D 325 -24.19 4.37 -12.22
N ILE D 326 -25.16 4.17 -13.15
CA ILE D 326 -24.83 3.50 -14.42
C ILE D 326 -23.91 4.36 -15.30
N GLY D 327 -23.99 5.70 -15.23
CA GLY D 327 -22.82 6.52 -15.60
C GLY D 327 -22.61 6.73 -17.10
N PRO D 328 -21.38 6.59 -17.66
CA PRO D 328 -21.01 7.04 -19.00
C PRO D 328 -21.88 6.68 -20.19
N ARG D 329 -22.50 5.49 -20.18
CA ARG D 329 -23.31 5.05 -21.30
C ARG D 329 -24.72 5.68 -21.30
N ALA D 330 -25.12 6.35 -20.19
CA ALA D 330 -26.51 6.70 -19.89
C ALA D 330 -27.18 7.54 -20.97
N PRO D 331 -26.54 8.52 -21.65
CA PRO D 331 -27.16 9.32 -22.72
C PRO D 331 -27.59 8.54 -23.96
N TYR D 332 -27.21 7.26 -24.06
CA TYR D 332 -27.66 6.51 -25.22
C TYR D 332 -28.08 5.07 -24.91
N MET D 333 -28.60 4.74 -23.73
CA MET D 333 -28.78 3.38 -23.23
C MET D 333 -29.65 2.55 -24.17
N VAL D 334 -30.75 3.18 -24.62
CA VAL D 334 -31.78 2.51 -25.41
C VAL D 334 -31.19 2.09 -26.75
N LEU D 335 -30.45 3.03 -27.39
CA LEU D 335 -29.84 2.82 -28.72
C LEU D 335 -28.79 1.70 -28.61
N LEU D 336 -28.15 1.56 -27.42
CA LEU D 336 -27.12 0.55 -27.18
C LEU D 336 -27.73 -0.77 -26.73
N GLU D 337 -29.07 -0.85 -26.60
CA GLU D 337 -29.73 -2.08 -26.12
C GLU D 337 -29.24 -2.45 -24.71
N GLU D 338 -28.75 -1.46 -23.93
CA GLU D 338 -28.07 -1.77 -22.67
C GLU D 338 -29.05 -2.31 -21.64
N SER D 339 -28.78 -3.52 -21.13
CA SER D 339 -29.74 -4.31 -20.38
C SER D 339 -30.24 -3.61 -19.12
N ILE D 340 -29.30 -2.91 -18.45
CA ILE D 340 -29.56 -2.17 -17.24
C ILE D 340 -30.87 -1.36 -17.39
N GLN D 341 -31.09 -0.94 -18.64
CA GLN D 341 -32.13 0.00 -19.05
C GLN D 341 -33.52 -0.57 -18.83
N THR D 342 -33.67 -1.90 -18.97
CA THR D 342 -34.96 -2.54 -18.82
C THR D 342 -35.55 -2.21 -17.45
N LYS D 343 -34.67 -2.17 -16.43
CA LYS D 343 -35.07 -1.96 -15.05
C LYS D 343 -35.65 -0.55 -14.90
N PHE D 344 -34.96 0.37 -15.58
CA PHE D 344 -35.23 1.80 -15.60
C PHE D 344 -36.54 2.07 -16.34
N ALA D 345 -36.99 1.16 -17.25
CA ALA D 345 -38.15 1.37 -18.11
C ALA D 345 -39.37 1.82 -17.31
N PRO D 346 -40.12 2.82 -17.85
CA PRO D 346 -41.07 3.64 -17.09
C PRO D 346 -42.34 2.91 -16.67
N GLY D 347 -42.57 1.75 -17.29
CA GLY D 347 -43.66 0.86 -16.96
C GLY D 347 -43.53 0.30 -15.54
N GLY D 348 -42.38 0.53 -14.91
CA GLY D 348 -42.00 -0.02 -13.63
C GLY D 348 -42.68 0.64 -12.43
N TYR D 349 -43.15 1.93 -12.59
CA TYR D 349 -43.64 2.80 -11.50
C TYR D 349 -45.06 3.36 -11.72
N PRO D 350 -46.10 2.49 -11.75
CA PRO D 350 -47.26 2.63 -12.66
C PRO D 350 -48.21 3.73 -12.23
N LEU D 351 -48.33 3.87 -10.91
CA LEU D 351 -49.26 4.79 -10.28
C LEU D 351 -48.78 6.22 -10.55
N LEU D 352 -47.51 6.47 -10.21
CA LEU D 352 -46.85 7.74 -10.41
C LEU D 352 -46.79 8.10 -11.89
N TRP D 353 -46.48 7.11 -12.75
CA TRP D 353 -46.42 7.32 -14.20
C TRP D 353 -47.77 7.68 -14.77
N SER D 354 -48.82 6.93 -14.40
CA SER D 354 -50.16 7.23 -14.91
C SER D 354 -50.59 8.64 -14.52
N PHE D 355 -50.10 9.10 -13.35
CA PHE D 355 -50.32 10.46 -12.84
C PHE D 355 -49.35 11.49 -13.47
N ALA D 356 -48.05 11.16 -13.70
CA ALA D 356 -47.10 12.04 -14.40
C ALA D 356 -47.58 12.34 -15.83
N MET D 357 -48.21 11.37 -16.52
CA MET D 357 -48.81 11.60 -17.85
C MET D 357 -50.11 12.43 -17.74
N GLY D 358 -51.10 11.94 -16.94
CA GLY D 358 -52.35 12.68 -16.77
C GLY D 358 -52.13 14.19 -16.63
N VAL D 359 -51.12 14.57 -15.84
CA VAL D 359 -50.65 15.96 -15.75
C VAL D 359 -50.10 16.44 -17.10
N ALA D 360 -49.10 15.71 -17.64
CA ALA D 360 -48.33 16.12 -18.81
C ALA D 360 -49.24 16.49 -20.00
N THR D 361 -50.12 15.52 -20.32
CA THR D 361 -51.01 15.63 -21.47
C THR D 361 -52.00 16.79 -21.29
N THR D 362 -52.33 17.14 -20.02
CA THR D 362 -53.30 18.20 -19.72
C THR D 362 -52.64 19.57 -19.79
N ILE D 363 -51.37 19.67 -19.40
CA ILE D 363 -50.74 20.95 -19.11
C ILE D 363 -49.85 21.40 -20.26
N ASP D 364 -49.26 20.48 -21.02
CA ASP D 364 -48.36 20.87 -22.10
C ASP D 364 -48.94 20.53 -23.47
N ARG D 365 -49.27 21.54 -24.29
CA ARG D 365 -49.86 21.38 -25.62
C ARG D 365 -48.94 20.62 -26.58
N SER D 366 -47.63 20.68 -26.34
CA SER D 366 -46.64 20.00 -27.15
C SER D 366 -46.56 18.51 -26.83
N MET D 367 -46.85 18.14 -25.57
CA MET D 367 -46.81 16.76 -25.10
C MET D 367 -48.03 16.02 -25.64
N GLY D 368 -48.04 14.68 -25.52
CA GLY D 368 -49.25 13.95 -25.84
C GLY D 368 -49.33 13.58 -27.33
N ALA D 369 -48.50 14.27 -28.14
CA ALA D 369 -48.16 13.86 -29.51
C ALA D 369 -47.35 12.55 -29.52
N LEU D 370 -46.68 12.23 -28.39
CA LEU D 370 -46.08 10.90 -28.23
C LEU D 370 -47.14 9.86 -27.88
N ASN D 371 -47.19 8.75 -28.64
CA ASN D 371 -48.09 7.62 -28.40
C ASN D 371 -47.77 6.91 -27.08
N ILE D 372 -48.63 7.03 -26.05
CA ILE D 372 -48.36 6.52 -24.70
C ILE D 372 -49.32 5.39 -24.31
N ASN D 373 -49.97 4.79 -25.34
CA ASN D 373 -50.99 3.75 -25.21
C ASN D 373 -50.33 2.43 -24.79
N ARG D 374 -50.06 2.30 -23.48
CA ARG D 374 -49.43 1.10 -22.92
C ARG D 374 -50.25 0.55 -21.75
N GLY D 375 -50.01 -0.73 -21.48
CA GLY D 375 -50.91 -1.52 -20.67
C GLY D 375 -50.86 -1.21 -19.17
N TYR D 376 -49.77 -0.55 -18.71
CA TYR D 376 -49.50 -0.17 -17.32
C TYR D 376 -50.30 1.08 -16.90
N LEU D 377 -51.04 1.69 -17.85
CA LEU D 377 -51.85 2.86 -17.53
C LEU D 377 -52.99 2.49 -16.58
N GLU D 378 -53.18 3.23 -15.49
CA GLU D 378 -54.38 3.07 -14.69
C GLU D 378 -55.22 4.31 -14.90
N PRO D 379 -56.34 4.20 -15.66
CA PRO D 379 -57.20 5.34 -15.96
C PRO D 379 -57.54 6.26 -14.77
N MET D 380 -57.86 5.68 -13.60
CA MET D 380 -58.20 6.43 -12.39
C MET D 380 -57.06 7.39 -11.98
N TYR D 381 -55.82 6.85 -11.96
CA TYR D 381 -54.63 7.60 -11.58
C TYR D 381 -54.30 8.63 -12.67
N PHE D 382 -54.47 8.24 -13.95
CA PHE D 382 -54.25 9.15 -15.07
C PHE D 382 -55.23 10.32 -15.00
N ARG D 383 -56.51 10.03 -14.70
CA ARG D 383 -57.52 11.08 -14.56
C ARG D 383 -57.21 11.92 -13.34
N LEU D 384 -56.89 11.27 -12.19
CA LEU D 384 -56.45 12.07 -11.05
C LEU D 384 -55.39 13.07 -11.50
N GLY D 385 -54.45 12.64 -12.35
CA GLY D 385 -53.41 13.50 -12.94
C GLY D 385 -54.02 14.67 -13.73
N GLN D 386 -54.96 14.35 -14.65
CA GLN D 386 -55.75 15.33 -15.43
C GLN D 386 -56.46 16.31 -14.49
N LYS D 387 -57.19 15.74 -13.49
CA LYS D 387 -58.02 16.46 -12.51
C LYS D 387 -57.15 17.37 -11.64
N SER D 388 -55.89 16.97 -11.33
CA SER D 388 -54.93 17.82 -10.64
C SER D 388 -54.43 19.02 -11.46
N ALA D 389 -53.85 18.74 -12.63
CA ALA D 389 -53.22 19.66 -13.55
C ALA D 389 -54.19 20.66 -14.20
N ARG D 390 -55.49 20.31 -14.40
CA ARG D 390 -56.32 21.03 -15.38
C ARG D 390 -57.53 21.77 -14.77
N HIS D 391 -58.14 21.14 -13.76
CA HIS D 391 -59.34 21.62 -13.08
C HIS D 391 -59.13 21.85 -11.57
N HIS D 392 -57.90 22.15 -11.18
CA HIS D 392 -57.55 22.47 -9.81
C HIS D 392 -56.55 23.62 -9.81
N ALA D 393 -56.57 24.40 -10.91
CA ALA D 393 -55.52 25.35 -11.31
C ALA D 393 -54.91 24.91 -12.66
N ILE E 26 -35.53 14.19 -0.62
CA ILE E 26 -36.83 13.70 -1.24
C ILE E 26 -37.09 14.36 -2.60
N PHE E 27 -37.72 15.57 -2.57
CA PHE E 27 -37.94 16.45 -3.72
C PHE E 27 -36.61 17.03 -4.22
N GLU E 28 -35.69 17.24 -3.26
CA GLU E 28 -34.33 17.77 -3.43
C GLU E 28 -33.52 16.96 -4.44
N GLU E 29 -33.77 15.63 -4.38
CA GLU E 29 -33.04 14.66 -5.19
C GLU E 29 -33.39 14.88 -6.66
N ALA E 30 -34.70 15.10 -6.96
CA ALA E 30 -35.25 15.33 -8.29
C ALA E 30 -34.62 16.53 -8.99
N ALA E 31 -34.60 17.67 -8.25
CA ALA E 31 -34.01 18.91 -8.72
C ALA E 31 -32.53 18.69 -9.07
N SER E 32 -31.80 18.00 -8.14
CA SER E 32 -30.39 17.69 -8.30
C SER E 32 -30.18 16.79 -9.52
N PHE E 33 -31.14 15.87 -9.75
CA PHE E 33 -31.08 14.88 -10.81
C PHE E 33 -31.28 15.55 -12.18
N ARG E 34 -32.23 16.49 -12.30
CA ARG E 34 -32.43 17.27 -13.52
C ARG E 34 -31.11 17.96 -13.90
N SER E 35 -30.46 18.54 -12.86
CA SER E 35 -29.19 19.23 -13.07
C SER E 35 -28.11 18.23 -13.49
N TYR E 36 -28.14 17.03 -12.90
CA TYR E 36 -27.13 16.02 -13.17
C TYR E 36 -27.25 15.60 -14.64
N GLN E 37 -28.48 15.32 -15.13
CA GLN E 37 -28.73 14.95 -16.52
C GLN E 37 -28.12 15.99 -17.44
N SER E 38 -28.35 17.27 -17.12
CA SER E 38 -27.95 18.39 -17.97
C SER E 38 -26.42 18.50 -18.12
N LYS E 39 -25.69 18.12 -17.05
CA LYS E 39 -24.24 18.22 -17.02
C LYS E 39 -23.53 16.88 -17.28
N LEU E 40 -24.30 15.77 -17.32
CA LEU E 40 -23.77 14.40 -17.39
C LEU E 40 -22.90 14.23 -18.62
N GLY E 41 -21.64 13.78 -18.40
CA GLY E 41 -20.69 13.39 -19.43
C GLY E 41 -20.13 14.56 -20.23
N ARG E 42 -20.42 15.77 -19.71
CA ARG E 42 -19.84 16.99 -20.26
C ARG E 42 -18.30 16.99 -20.12
N ASP E 43 -17.79 16.35 -19.04
CA ASP E 43 -16.40 16.35 -18.63
C ASP E 43 -15.56 15.38 -19.44
N GLY E 44 -14.24 15.38 -19.18
CA GLY E 44 -13.30 14.49 -19.85
C GLY E 44 -12.75 15.11 -21.15
N ARG E 45 -11.84 14.41 -21.84
CA ARG E 45 -11.07 14.96 -22.98
C ARG E 45 -11.15 14.06 -24.22
N ALA E 46 -11.55 14.65 -25.37
CA ALA E 46 -11.87 13.92 -26.60
C ALA E 46 -10.63 13.37 -27.29
N SER E 47 -10.71 12.13 -27.74
CA SER E 47 -9.61 11.35 -28.31
C SER E 47 -9.08 11.94 -29.63
N ALA E 48 -7.74 11.96 -29.78
CA ALA E 48 -7.06 12.64 -30.88
C ALA E 48 -7.35 11.98 -32.23
N ALA E 49 -7.86 10.75 -32.16
CA ALA E 49 -8.27 9.98 -33.32
C ALA E 49 -9.34 10.70 -34.13
N THR E 50 -10.11 11.60 -33.49
CA THR E 50 -11.16 12.39 -34.12
C THR E 50 -10.62 13.53 -35.01
N ALA E 51 -9.28 13.73 -35.13
CA ALA E 51 -8.61 14.69 -36.02
C ALA E 51 -9.09 14.64 -37.49
N THR E 52 -9.74 15.73 -37.97
CA THR E 52 -10.49 15.75 -39.23
C THR E 52 -9.58 15.91 -40.44
N LEU E 53 -10.04 15.46 -41.62
CA LEU E 53 -9.43 15.77 -42.92
C LEU E 53 -9.26 17.29 -43.14
N THR E 54 -8.01 17.73 -43.30
CA THR E 54 -7.68 19.14 -43.32
C THR E 54 -7.94 19.70 -44.71
N THR E 55 -8.43 20.94 -44.66
CA THR E 55 -8.49 21.78 -45.85
C THR E 55 -7.24 22.66 -45.96
N LYS E 56 -6.47 22.54 -47.07
CA LYS E 56 -5.31 23.37 -47.40
C LYS E 56 -5.78 24.67 -48.06
N ILE E 57 -5.44 25.83 -47.47
CA ILE E 57 -5.78 27.15 -48.00
C ILE E 57 -4.54 28.02 -48.13
N ARG E 58 -4.46 28.79 -49.23
CA ARG E 58 -3.38 29.75 -49.47
C ARG E 58 -3.80 31.12 -48.90
N ILE E 59 -2.99 31.70 -47.99
CA ILE E 59 -3.20 33.05 -47.47
C ILE E 59 -1.99 33.89 -47.91
N PHE E 60 -2.19 34.83 -48.86
CA PHE E 60 -1.22 35.88 -49.16
C PHE E 60 -1.26 36.92 -48.03
N VAL E 61 -0.07 37.32 -47.53
CA VAL E 61 0.03 38.04 -46.26
C VAL E 61 1.03 39.18 -46.43
N PRO E 62 0.85 40.40 -45.82
CA PRO E 62 1.68 41.60 -46.08
C PRO E 62 3.15 41.31 -45.75
N ALA E 63 4.07 41.45 -46.71
CA ALA E 63 5.46 41.01 -46.54
C ALA E 63 6.31 42.05 -45.80
N THR E 64 5.92 43.34 -45.94
CA THR E 64 6.58 44.52 -45.41
C THR E 64 5.54 45.60 -45.05
N ASN E 65 5.92 46.53 -44.16
CA ASN E 65 5.01 47.54 -43.65
C ASN E 65 5.14 48.83 -44.45
N SER E 66 5.03 48.71 -45.78
CA SER E 66 5.28 49.77 -46.76
C SER E 66 4.07 49.95 -47.66
N PRO E 67 3.64 51.22 -47.83
CA PRO E 67 2.34 51.54 -48.40
C PRO E 67 2.08 51.05 -49.82
N GLU E 68 3.14 51.02 -50.67
CA GLU E 68 3.13 50.58 -52.06
C GLU E 68 2.57 49.15 -52.15
N LEU E 69 3.14 48.24 -51.34
CA LEU E 69 2.74 46.84 -51.32
C LEU E 69 1.34 46.69 -50.71
N ARG E 70 1.14 47.39 -49.60
CA ARG E 70 -0.07 47.26 -48.79
C ARG E 70 -1.32 47.69 -49.56
N TRP E 71 -1.29 48.82 -50.32
CA TRP E 71 -2.41 49.27 -51.14
C TRP E 71 -2.71 48.24 -52.25
N GLU E 72 -1.66 47.82 -52.98
CA GLU E 72 -1.82 46.87 -54.08
C GLU E 72 -2.43 45.53 -53.60
N LEU E 73 -1.92 45.04 -52.45
CA LEU E 73 -2.39 43.80 -51.85
C LEU E 73 -3.85 43.94 -51.42
N THR E 74 -4.24 45.12 -50.91
CA THR E 74 -5.64 45.38 -50.55
C THR E 74 -6.51 45.33 -51.80
N LEU E 75 -6.09 45.96 -52.89
CA LEU E 75 -6.81 45.91 -54.17
C LEU E 75 -6.97 44.46 -54.66
N PHE E 76 -5.87 43.65 -54.67
CA PHE E 76 -5.88 42.21 -54.98
C PHE E 76 -7.00 41.51 -54.17
N ALA E 77 -6.95 41.71 -52.85
CA ALA E 77 -7.85 41.04 -51.92
C ALA E 77 -9.32 41.45 -52.10
N LEU E 78 -9.57 42.75 -52.29
CA LEU E 78 -10.91 43.27 -52.55
C LEU E 78 -11.44 42.57 -53.80
N ASP E 79 -10.58 42.40 -54.83
CA ASP E 79 -11.00 41.78 -56.09
C ASP E 79 -11.24 40.29 -55.94
N VAL E 80 -10.39 39.57 -55.16
CA VAL E 80 -10.63 38.16 -54.85
C VAL E 80 -12.06 37.96 -54.32
N ILE E 81 -12.47 38.82 -53.39
CA ILE E 81 -13.80 38.75 -52.79
C ILE E 81 -14.91 39.17 -53.75
N ARG E 82 -14.57 40.08 -54.68
CA ARG E 82 -15.54 40.53 -55.67
C ARG E 82 -15.72 39.48 -56.79
N SER E 83 -14.80 38.52 -56.93
CA SER E 83 -14.76 37.60 -58.07
C SER E 83 -15.87 36.56 -58.07
N PRO E 84 -16.53 36.29 -59.22
CA PRO E 84 -17.34 35.06 -59.31
C PRO E 84 -16.46 33.86 -59.65
N SER E 85 -15.23 34.13 -60.13
CA SER E 85 -14.38 33.23 -60.92
C SER E 85 -13.32 32.49 -60.10
N ALA E 86 -12.95 33.10 -58.99
CA ALA E 86 -12.03 32.43 -58.05
C ALA E 86 -12.77 31.35 -57.22
N ALA E 87 -12.07 30.24 -56.97
CA ALA E 87 -12.51 29.12 -56.12
C ALA E 87 -12.63 29.47 -54.63
N GLU E 88 -13.58 28.81 -53.92
CA GLU E 88 -14.01 29.17 -52.56
C GLU E 88 -12.85 29.06 -51.56
N SER E 89 -11.98 28.08 -51.80
CA SER E 89 -10.79 27.86 -50.99
C SER E 89 -9.82 29.06 -51.06
N MET E 90 -9.69 29.65 -52.25
CA MET E 90 -8.89 30.86 -52.45
C MET E 90 -9.60 32.06 -51.81
N LYS E 91 -10.94 32.15 -52.00
CA LYS E 91 -11.76 33.26 -51.50
C LYS E 91 -11.69 33.37 -49.96
N VAL E 92 -11.81 32.27 -49.20
CA VAL E 92 -11.62 32.26 -47.74
C VAL E 92 -10.25 32.82 -47.34
N GLY E 93 -9.19 32.34 -48.02
CA GLY E 93 -7.82 32.79 -47.77
C GLY E 93 -7.62 34.28 -48.04
N ALA E 94 -8.25 34.75 -49.12
CA ALA E 94 -8.35 36.17 -49.45
C ALA E 94 -9.04 36.95 -48.33
N ALA E 95 -10.21 36.48 -47.85
CA ALA E 95 -10.95 37.15 -46.77
C ALA E 95 -10.11 37.25 -45.51
N PHE E 96 -9.31 36.22 -45.20
CA PHE E 96 -8.35 36.23 -44.09
C PHE E 96 -7.25 37.29 -44.31
N THR E 97 -6.74 37.49 -45.57
CA THR E 97 -5.79 38.57 -45.92
C THR E 97 -6.47 39.92 -45.55
N LEU E 98 -7.70 40.05 -46.06
CA LEU E 98 -8.45 41.31 -45.98
C LEU E 98 -8.69 41.72 -44.53
N ILE E 99 -9.08 40.79 -43.61
CA ILE E 99 -9.44 41.12 -42.21
C ILE E 99 -8.30 40.79 -41.24
N SER E 100 -7.04 40.75 -41.76
CA SER E 100 -5.85 40.76 -40.93
C SER E 100 -4.95 41.99 -41.19
N MET E 101 -5.35 42.88 -42.12
CA MET E 101 -4.76 44.18 -42.46
C MET E 101 -4.48 45.06 -41.23
N TYR E 102 -5.18 44.82 -40.08
CA TYR E 102 -4.90 45.40 -38.76
C TYR E 102 -3.42 45.36 -38.37
N SER E 103 -2.72 44.22 -38.58
CA SER E 103 -1.47 43.84 -37.91
C SER E 103 -0.27 44.65 -38.39
N GLU E 104 0.60 45.03 -37.44
CA GLU E 104 1.86 45.66 -37.79
C GLU E 104 2.78 44.66 -38.48
N ARG E 105 2.57 43.33 -38.21
CA ARG E 105 3.36 42.24 -38.79
C ARG E 105 2.37 41.19 -39.30
N PRO E 106 1.79 41.37 -40.51
CA PRO E 106 0.51 40.76 -40.87
C PRO E 106 0.52 39.24 -40.84
N GLY E 107 1.67 38.68 -41.24
CA GLY E 107 1.90 37.24 -41.24
C GLY E 107 1.88 36.63 -39.83
N ALA E 108 2.52 37.35 -38.90
CA ALA E 108 2.58 36.93 -37.51
C ALA E 108 1.18 36.93 -36.87
N LEU E 109 0.39 37.97 -37.16
CA LEU E 109 -0.98 38.12 -36.65
C LEU E 109 -1.84 36.93 -37.05
N ILE E 110 -1.85 36.58 -38.35
CA ILE E 110 -2.59 35.42 -38.83
C ILE E 110 -2.10 34.15 -38.15
N ARG E 111 -0.78 33.84 -38.29
CA ARG E 111 -0.22 32.56 -37.82
C ARG E 111 -0.47 32.33 -36.32
N SER E 112 -0.40 33.40 -35.53
CA SER E 112 -0.43 33.32 -34.07
C SER E 112 -1.84 33.28 -33.49
N LEU E 113 -2.83 33.84 -34.19
CA LEU E 113 -4.19 33.82 -33.67
C LEU E 113 -5.04 32.71 -34.33
N LEU E 114 -4.57 32.20 -35.49
CA LEU E 114 -5.38 31.25 -36.26
C LEU E 114 -5.30 29.89 -35.56
N ASN E 115 -6.40 29.34 -35.02
CA ASN E 115 -6.32 28.24 -34.06
C ASN E 115 -7.48 27.26 -34.16
N ASP E 116 -7.59 26.58 -35.33
CA ASP E 116 -8.76 25.80 -35.70
C ASP E 116 -8.35 24.59 -36.54
N PRO E 117 -8.83 23.40 -36.14
CA PRO E 117 -8.39 22.17 -36.79
C PRO E 117 -9.14 21.72 -38.04
N ASP E 118 -9.94 22.57 -38.71
CA ASP E 118 -10.55 22.22 -39.99
C ASP E 118 -9.66 22.62 -41.17
N ILE E 119 -9.01 23.78 -40.94
CA ILE E 119 -8.30 24.52 -42.01
C ILE E 119 -6.82 24.72 -41.70
N GLU E 120 -5.94 24.32 -42.64
CA GLU E 120 -4.48 24.38 -42.50
C GLU E 120 -3.91 25.33 -43.57
N ALA E 121 -3.30 26.40 -43.05
CA ALA E 121 -2.84 27.52 -43.85
C ALA E 121 -1.45 27.23 -44.42
N VAL E 122 -1.27 27.57 -45.70
CA VAL E 122 0.04 27.94 -46.22
C VAL E 122 0.06 29.46 -46.36
N ILE E 123 1.00 30.11 -45.63
CA ILE E 123 1.17 31.56 -45.57
C ILE E 123 2.24 31.97 -46.58
N ILE E 124 1.89 32.85 -47.53
CA ILE E 124 2.76 33.35 -48.59
C ILE E 124 2.97 34.85 -48.37
N ASP E 125 4.17 35.22 -47.97
CA ASP E 125 4.30 36.60 -47.56
C ASP E 125 5.10 37.40 -48.59
N VAL E 126 4.60 37.54 -49.83
CA VAL E 126 5.36 38.26 -50.86
C VAL E 126 5.20 39.77 -50.67
N GLY E 127 6.25 40.56 -50.46
CA GLY E 127 6.13 41.99 -50.23
C GLY E 127 6.38 42.75 -51.53
N SER E 128 7.01 42.03 -52.46
CA SER E 128 7.51 42.63 -53.71
C SER E 128 6.35 43.19 -54.56
N MET E 129 5.22 42.48 -54.55
CA MET E 129 3.99 42.95 -55.18
C MET E 129 4.25 43.46 -56.60
N VAL E 130 5.26 42.89 -57.30
CA VAL E 130 5.67 43.31 -58.63
C VAL E 130 4.81 42.59 -59.68
N ASN E 131 3.97 41.66 -59.21
CA ASN E 131 3.12 40.85 -60.08
C ASN E 131 1.85 41.54 -60.59
N GLY E 132 1.80 42.87 -60.63
CA GLY E 132 0.64 43.57 -61.16
C GLY E 132 -0.53 43.47 -60.18
N ILE E 133 -1.72 43.09 -60.68
CA ILE E 133 -2.91 42.83 -59.87
C ILE E 133 -2.72 41.61 -58.94
N PRO E 134 -2.16 40.48 -59.46
CA PRO E 134 -1.90 39.28 -58.65
C PRO E 134 -0.56 39.38 -57.92
N VAL E 135 -0.27 38.40 -57.04
CA VAL E 135 1.06 38.28 -56.42
C VAL E 135 2.11 37.84 -57.45
N MET E 136 3.39 38.21 -57.23
CA MET E 136 4.55 37.53 -57.80
C MET E 136 4.62 36.07 -57.33
N GLU E 137 5.17 35.24 -58.23
CA GLU E 137 5.42 33.81 -58.03
C GLU E 137 6.92 33.46 -58.02
N ARG E 138 7.41 32.99 -56.85
CA ARG E 138 8.82 32.75 -56.50
C ARG E 138 9.44 31.61 -57.31
N ARG E 139 8.61 30.62 -57.64
CA ARG E 139 8.96 29.53 -58.54
C ARG E 139 9.15 30.01 -60.00
N GLY E 140 8.57 31.15 -60.39
CA GLY E 140 9.06 31.76 -61.62
C GLY E 140 8.25 31.27 -62.82
N ASP E 141 8.80 30.39 -63.68
CA ASP E 141 8.16 29.76 -64.83
C ASP E 141 7.11 28.71 -64.42
N LYS E 142 7.32 27.98 -63.30
CA LYS E 142 6.37 27.03 -62.72
C LYS E 142 5.15 27.76 -62.13
N ALA E 143 5.31 29.06 -61.81
CA ALA E 143 4.26 29.87 -61.21
C ALA E 143 3.40 30.53 -62.30
N GLN E 144 3.81 30.39 -63.57
CA GLN E 144 3.13 30.91 -64.76
C GLN E 144 1.65 30.50 -64.80
N GLU E 145 1.33 29.26 -64.43
CA GLU E 145 -0.06 28.83 -64.30
C GLU E 145 -0.80 29.63 -63.22
N GLU E 146 -0.07 29.88 -62.12
CA GLU E 146 -0.57 30.58 -60.93
C GLU E 146 -1.01 32.00 -61.32
N MET E 147 -0.10 32.71 -62.00
CA MET E 147 -0.21 34.13 -62.34
C MET E 147 -1.39 34.38 -63.30
N GLU E 148 -1.65 33.41 -64.18
CA GLU E 148 -2.74 33.47 -65.16
C GLU E 148 -4.05 33.03 -64.52
N GLY E 149 -3.96 32.11 -63.52
CA GLY E 149 -5.13 31.87 -62.67
C GLY E 149 -5.57 33.15 -61.95
N LEU E 150 -4.61 33.86 -61.33
CA LEU E 150 -4.82 35.18 -60.72
C LEU E 150 -5.42 36.16 -61.73
N MET E 151 -4.88 36.23 -62.95
CA MET E 151 -5.37 37.12 -64.01
C MET E 151 -6.85 36.83 -64.28
N ARG E 152 -7.19 35.53 -64.45
CA ARG E 152 -8.56 35.09 -64.69
C ARG E 152 -9.47 35.54 -63.54
N ILE E 153 -8.99 35.31 -62.30
CA ILE E 153 -9.71 35.71 -61.10
C ILE E 153 -10.05 37.20 -61.15
N LEU E 154 -9.05 38.07 -61.44
CA LEU E 154 -9.17 39.54 -61.47
C LEU E 154 -10.10 40.00 -62.61
N LYS E 155 -9.93 39.40 -63.80
CA LYS E 155 -10.75 39.72 -64.96
C LYS E 155 -12.21 39.40 -64.64
N THR E 156 -12.45 38.14 -64.21
CA THR E 156 -13.80 37.66 -63.86
C THR E 156 -14.41 38.57 -62.79
N ALA E 157 -13.61 39.02 -61.82
CA ALA E 157 -14.05 39.96 -60.78
C ALA E 157 -14.61 41.24 -61.41
N ARG E 158 -13.78 41.92 -62.24
CA ARG E 158 -14.15 43.15 -62.93
C ARG E 158 -15.45 42.92 -63.73
N ASP E 159 -15.41 41.89 -64.62
CA ASP E 159 -16.44 41.62 -65.63
C ASP E 159 -17.80 41.30 -64.98
N SER E 160 -17.77 40.43 -63.96
CA SER E 160 -18.97 39.93 -63.27
C SER E 160 -19.63 41.04 -62.45
N SER E 161 -18.81 41.98 -61.97
CA SER E 161 -19.30 43.12 -61.22
C SER E 161 -19.66 44.30 -62.12
N LYS E 162 -19.58 44.13 -63.47
CA LYS E 162 -19.99 45.18 -64.39
C LYS E 162 -19.15 46.43 -64.17
N GLY E 163 -17.85 46.26 -63.87
CA GLY E 163 -16.94 47.39 -63.75
C GLY E 163 -16.91 48.07 -62.37
N LYS E 164 -17.78 47.72 -61.41
CA LYS E 164 -17.91 48.43 -60.15
C LYS E 164 -16.72 48.12 -59.22
N THR E 165 -15.92 49.13 -58.83
CA THR E 165 -14.75 48.96 -57.97
C THR E 165 -15.26 48.85 -56.53
N PRO E 166 -14.44 48.51 -55.50
CA PRO E 166 -14.98 48.21 -54.17
C PRO E 166 -15.76 49.34 -53.50
N PHE E 167 -15.27 50.56 -53.69
CA PHE E 167 -15.79 51.78 -53.08
C PHE E 167 -17.01 52.35 -53.84
N VAL E 168 -17.91 53.03 -53.10
CA VAL E 168 -19.23 53.48 -53.58
C VAL E 168 -19.11 54.68 -54.53
N ASP E 169 -18.08 55.50 -54.29
CA ASP E 169 -17.67 56.61 -55.15
C ASP E 169 -16.30 56.31 -55.78
N SER E 170 -16.30 56.18 -57.11
CA SER E 170 -15.40 55.25 -57.79
C SER E 170 -13.95 55.73 -57.77
N ARG E 171 -13.69 57.06 -57.65
CA ARG E 171 -12.36 57.67 -57.56
C ARG E 171 -11.54 57.00 -56.45
N ALA E 172 -12.26 56.68 -55.36
CA ALA E 172 -11.64 56.04 -54.20
C ALA E 172 -11.09 54.66 -54.58
N TYR E 173 -11.86 53.92 -55.40
CA TYR E 173 -11.50 52.57 -55.81
C TYR E 173 -10.20 52.58 -56.63
N GLY E 174 -10.01 53.65 -57.40
CA GLY E 174 -8.89 53.80 -58.32
C GLY E 174 -7.63 54.26 -57.60
N LEU E 175 -7.81 54.96 -56.46
CA LEU E 175 -6.75 55.80 -55.88
C LEU E 175 -5.57 54.98 -55.34
N ARG E 176 -4.38 55.01 -55.98
CA ARG E 176 -3.17 54.39 -55.46
C ARG E 176 -2.71 55.36 -54.38
N ILE E 177 -2.31 54.84 -53.19
CA ILE E 177 -2.00 55.59 -51.99
C ILE E 177 -0.48 55.72 -51.81
N THR E 178 -0.12 56.83 -51.16
CA THR E 178 1.26 57.31 -51.12
C THR E 178 1.87 57.43 -49.72
N ASP E 179 1.09 57.30 -48.63
CA ASP E 179 1.63 57.53 -47.29
C ASP E 179 1.00 56.58 -46.28
N MET E 180 1.63 56.48 -45.09
CA MET E 180 1.11 55.82 -43.89
C MET E 180 -0.30 56.30 -43.56
N SER E 181 -0.51 57.63 -43.68
CA SER E 181 -1.73 58.33 -43.27
C SER E 181 -2.96 57.80 -44.01
N THR E 182 -2.82 57.77 -45.34
CA THR E 182 -3.80 57.29 -46.29
C THR E 182 -4.05 55.79 -46.06
N LEU E 183 -2.95 55.04 -45.88
CA LEU E 183 -2.97 53.60 -45.63
C LEU E 183 -3.89 53.28 -44.44
N VAL E 184 -3.57 53.87 -43.26
CA VAL E 184 -4.30 53.60 -42.02
C VAL E 184 -5.78 54.03 -42.17
N SER E 185 -5.98 55.21 -42.82
CA SER E 185 -7.34 55.68 -43.08
C SER E 185 -8.16 54.62 -43.82
N ALA E 186 -7.54 54.03 -44.86
CA ALA E 186 -8.17 53.04 -45.74
C ALA E 186 -8.36 51.72 -45.01
N VAL E 187 -7.27 51.15 -44.45
CA VAL E 187 -7.26 49.86 -43.78
C VAL E 187 -8.33 49.82 -42.68
N ILE E 188 -8.31 50.84 -41.77
CA ILE E 188 -9.27 50.97 -40.68
C ILE E 188 -10.72 50.87 -41.21
N THR E 189 -10.89 51.49 -42.40
CA THR E 189 -12.18 51.67 -43.03
C THR E 189 -12.72 50.33 -43.56
N ILE E 190 -11.86 49.60 -44.27
CA ILE E 190 -12.21 48.29 -44.81
C ILE E 190 -12.45 47.32 -43.65
N GLU E 191 -11.52 47.28 -42.66
CA GLU E 191 -11.64 46.36 -41.53
C GLU E 191 -13.00 46.55 -40.84
N ALA E 192 -13.30 47.83 -40.53
CA ALA E 192 -14.56 48.15 -39.88
C ALA E 192 -15.76 47.60 -40.67
N GLN E 193 -15.65 47.68 -42.01
CA GLN E 193 -16.71 47.23 -42.89
C GLN E 193 -16.84 45.70 -42.90
N ILE E 194 -15.77 44.93 -42.59
CA ILE E 194 -15.90 43.48 -42.41
C ILE E 194 -16.59 43.19 -41.07
N TRP E 195 -16.12 43.87 -40.01
CA TRP E 195 -16.57 43.59 -38.65
C TRP E 195 -18.06 43.97 -38.47
N ILE E 196 -18.59 44.98 -39.20
CA ILE E 196 -20.03 45.31 -39.20
C ILE E 196 -20.90 44.13 -39.64
N LEU E 197 -20.32 43.22 -40.44
CA LEU E 197 -21.06 42.15 -41.07
C LEU E 197 -21.33 41.01 -40.06
N ILE E 198 -20.23 40.59 -39.40
CA ILE E 198 -20.10 39.44 -38.49
C ILE E 198 -21.30 39.33 -37.55
N ALA E 199 -21.78 40.48 -37.05
CA ALA E 199 -22.84 40.43 -36.06
C ALA E 199 -24.14 39.79 -36.55
N LYS E 200 -24.38 39.78 -37.89
CA LYS E 200 -25.60 39.25 -38.46
C LYS E 200 -25.40 38.24 -39.61
N ALA E 201 -24.13 38.11 -40.08
CA ALA E 201 -23.80 37.16 -41.14
C ALA E 201 -24.22 35.72 -40.79
N VAL E 202 -24.14 35.36 -39.50
CA VAL E 202 -24.42 34.00 -39.09
C VAL E 202 -25.56 33.96 -38.07
N THR E 203 -26.43 34.98 -38.04
CA THR E 203 -27.61 35.04 -37.17
C THR E 203 -28.86 35.31 -38.01
N ALA E 204 -28.72 36.03 -39.14
CA ALA E 204 -29.82 36.33 -40.05
C ALA E 204 -29.28 36.93 -41.36
N PRO E 205 -28.70 36.10 -42.25
CA PRO E 205 -27.90 36.61 -43.37
C PRO E 205 -28.76 37.20 -44.50
N ASP E 206 -30.09 37.22 -44.34
CA ASP E 206 -31.06 38.00 -45.11
C ASP E 206 -31.90 38.75 -44.08
N THR E 207 -32.46 39.88 -44.48
CA THR E 207 -33.02 40.80 -43.50
C THR E 207 -31.94 41.72 -42.90
N ALA E 208 -30.69 41.55 -43.36
CA ALA E 208 -29.51 42.10 -42.69
C ALA E 208 -29.42 43.63 -42.66
N GLU E 209 -29.77 44.20 -43.83
CA GLU E 209 -29.58 45.59 -44.22
C GLU E 209 -29.90 46.60 -43.09
N GLU E 210 -31.07 46.50 -42.42
CA GLU E 210 -31.52 47.48 -41.40
C GLU E 210 -30.46 47.69 -40.32
N SER E 211 -30.02 46.55 -39.77
CA SER E 211 -29.06 46.53 -38.68
C SER E 211 -27.69 47.01 -39.14
N GLU E 212 -27.24 46.50 -40.30
CA GLU E 212 -25.87 46.75 -40.73
C GLU E 212 -25.72 48.22 -41.16
N THR E 213 -26.80 48.83 -41.70
CA THR E 213 -26.79 50.25 -42.05
C THR E 213 -26.81 51.12 -40.79
N ARG E 214 -27.56 50.68 -39.75
CA ARG E 214 -27.68 51.38 -38.48
C ARG E 214 -26.29 51.47 -37.82
N ARG E 215 -25.54 50.35 -37.85
CA ARG E 215 -24.16 50.30 -37.35
C ARG E 215 -23.22 51.17 -38.22
N TRP E 216 -23.42 51.24 -39.57
CA TRP E 216 -22.57 52.01 -40.51
C TRP E 216 -22.66 53.50 -40.17
N ALA E 217 -23.94 53.92 -40.00
CA ALA E 217 -24.29 55.31 -39.69
C ALA E 217 -23.54 55.80 -38.44
N LYS E 218 -23.57 55.00 -37.37
CA LYS E 218 -22.87 55.22 -36.10
C LYS E 218 -21.39 55.52 -36.35
N TYR E 219 -20.63 54.59 -36.98
CA TYR E 219 -19.18 54.74 -37.06
C TYR E 219 -18.78 55.99 -37.84
N VAL E 220 -19.58 56.32 -38.89
CA VAL E 220 -19.34 57.48 -39.75
C VAL E 220 -19.66 58.79 -38.98
N GLN E 221 -20.84 58.81 -38.33
CA GLN E 221 -21.36 59.96 -37.58
C GLN E 221 -20.45 60.33 -36.42
N GLN E 222 -19.87 59.30 -35.81
CA GLN E 222 -18.90 59.42 -34.73
C GLN E 222 -17.50 59.71 -35.26
N LYS E 223 -17.30 59.80 -36.58
CA LYS E 223 -15.98 60.12 -37.13
C LYS E 223 -14.88 59.12 -36.76
N ARG E 224 -15.26 57.87 -36.40
CA ARG E 224 -14.33 56.79 -36.10
C ARG E 224 -13.69 56.20 -37.37
N VAL E 225 -14.31 56.28 -38.57
CA VAL E 225 -13.63 55.71 -39.76
C VAL E 225 -13.88 56.61 -40.97
N ASN E 226 -12.93 56.64 -41.93
CA ASN E 226 -12.60 57.73 -42.89
C ASN E 226 -13.40 57.62 -44.18
N PRO E 227 -14.49 58.44 -44.37
CA PRO E 227 -15.64 58.05 -45.19
C PRO E 227 -15.37 58.02 -46.70
N PHE E 228 -14.23 58.63 -47.08
CA PHE E 228 -13.66 58.58 -48.43
C PHE E 228 -13.53 57.13 -48.89
N PHE E 229 -13.27 56.20 -47.94
CA PHE E 229 -13.14 54.78 -48.22
C PHE E 229 -14.47 53.97 -48.24
N ALA E 230 -15.69 54.60 -48.32
CA ALA E 230 -16.98 53.88 -48.15
C ALA E 230 -17.19 52.75 -49.18
N LEU E 231 -17.51 51.51 -48.76
CA LEU E 231 -17.53 50.30 -49.60
C LEU E 231 -18.96 49.94 -50.05
N THR E 232 -19.12 49.55 -51.32
CA THR E 232 -20.40 49.47 -52.04
C THR E 232 -21.30 48.34 -51.51
N GLN E 233 -22.65 48.53 -51.45
CA GLN E 233 -23.63 47.54 -50.95
C GLN E 233 -23.42 46.16 -51.61
N GLN E 234 -23.19 46.25 -52.91
CA GLN E 234 -22.95 45.08 -53.76
C GLN E 234 -21.74 44.26 -53.31
N TRP E 235 -20.62 44.93 -52.99
CA TRP E 235 -19.39 44.29 -52.52
C TRP E 235 -19.60 43.74 -51.12
N LEU E 236 -20.21 44.54 -50.25
CA LEU E 236 -20.46 44.10 -48.89
C LEU E 236 -21.39 42.87 -48.84
N THR E 237 -22.44 42.77 -49.68
CA THR E 237 -23.34 41.61 -49.74
C THR E 237 -22.56 40.38 -50.22
N GLU E 238 -21.67 40.54 -51.24
CA GLU E 238 -20.86 39.46 -51.79
C GLU E 238 -19.94 38.87 -50.72
N MET E 239 -19.34 39.76 -49.91
CA MET E 239 -18.48 39.37 -48.79
C MET E 239 -19.29 38.81 -47.61
N ARG E 240 -20.45 39.40 -47.29
CA ARG E 240 -21.33 38.91 -46.21
C ARG E 240 -21.71 37.46 -46.49
N ASN E 241 -22.08 37.16 -47.74
CA ASN E 241 -22.45 35.80 -48.16
C ASN E 241 -21.26 34.85 -48.00
N LEU E 242 -20.03 35.28 -48.42
CA LEU E 242 -18.81 34.49 -48.24
C LEU E 242 -18.60 34.13 -46.76
N LEU E 243 -18.83 35.10 -45.85
CA LEU E 243 -18.73 34.89 -44.41
C LEU E 243 -19.79 33.92 -43.88
N SER E 244 -21.04 34.06 -44.31
CA SER E 244 -22.12 33.16 -43.89
C SER E 244 -21.80 31.70 -44.24
N GLN E 245 -21.23 31.49 -45.44
CA GLN E 245 -21.15 30.14 -46.03
C GLN E 245 -19.80 29.46 -45.74
N SER E 246 -18.81 30.20 -45.19
CA SER E 246 -17.53 29.66 -44.72
C SER E 246 -17.47 29.61 -43.18
N LEU E 247 -17.26 28.43 -42.58
CA LEU E 247 -17.01 28.27 -41.15
C LEU E 247 -15.58 28.72 -40.82
N SER E 248 -14.63 28.37 -41.70
CA SER E 248 -13.20 28.62 -41.49
C SER E 248 -12.89 30.11 -41.25
N VAL E 249 -13.54 30.99 -42.04
CA VAL E 249 -13.41 32.44 -41.90
C VAL E 249 -13.94 32.91 -40.53
N ARG E 250 -15.17 32.47 -40.19
CA ARG E 250 -15.88 32.82 -38.94
C ARG E 250 -15.04 32.37 -37.74
N LYS E 251 -14.39 31.20 -37.82
CA LYS E 251 -13.47 30.71 -36.79
C LYS E 251 -12.36 31.71 -36.52
N PHE E 252 -11.65 32.21 -37.55
CA PHE E 252 -10.61 33.25 -37.41
C PHE E 252 -11.16 34.55 -36.84
N MET E 253 -12.30 35.00 -37.40
CA MET E 253 -12.98 36.21 -36.92
C MET E 253 -13.26 36.09 -35.41
N VAL E 254 -13.92 35.01 -34.95
CA VAL E 254 -14.29 34.80 -33.55
C VAL E 254 -13.06 34.61 -32.67
N GLU E 255 -11.96 34.04 -33.21
CA GLU E 255 -10.69 33.98 -32.49
C GLU E 255 -10.22 35.39 -32.13
N ILE E 256 -10.17 36.27 -33.16
CA ILE E 256 -9.76 37.67 -33.01
C ILE E 256 -10.73 38.41 -32.07
N LEU E 257 -12.04 38.16 -32.24
CA LEU E 257 -13.12 38.85 -31.51
C LEU E 257 -13.05 38.55 -30.01
N ILE E 258 -12.68 37.31 -29.63
CA ILE E 258 -12.40 36.93 -28.25
C ILE E 258 -11.13 37.62 -27.77
N GLU E 259 -10.06 37.59 -28.60
CA GLU E 259 -8.73 38.02 -28.17
C GLU E 259 -8.71 39.51 -27.82
N VAL E 260 -9.36 40.32 -28.68
CA VAL E 260 -9.33 41.78 -28.51
C VAL E 260 -10.41 42.24 -27.53
N LYS E 261 -11.37 41.36 -27.18
CA LYS E 261 -12.40 41.65 -26.17
C LYS E 261 -11.79 41.69 -24.77
N LYS E 262 -10.66 40.98 -24.57
CA LYS E 262 -9.95 40.93 -23.29
C LYS E 262 -9.40 42.33 -22.97
N GLY E 263 -9.46 42.74 -21.68
CA GLY E 263 -9.25 44.11 -21.25
C GLY E 263 -7.75 44.35 -21.00
N GLY E 264 -7.42 45.50 -20.39
CA GLY E 264 -6.08 45.74 -19.85
C GLY E 264 -5.03 46.01 -20.93
N SER E 265 -5.50 46.57 -22.05
CA SER E 265 -4.64 46.96 -23.16
C SER E 265 -5.07 48.31 -23.73
N ALA E 266 -4.06 49.17 -24.03
CA ALA E 266 -4.25 50.31 -24.91
C ALA E 266 -4.52 49.82 -26.32
N LYS E 267 -5.39 50.56 -27.04
CA LYS E 267 -5.72 50.25 -28.42
C LYS E 267 -5.45 51.46 -29.33
N GLY E 268 -4.92 51.18 -30.52
CA GLY E 268 -4.88 52.09 -31.66
C GLY E 268 -6.15 51.97 -32.50
N ARG E 269 -6.37 52.89 -33.45
CA ARG E 269 -7.67 53.16 -34.05
C ARG E 269 -8.29 51.89 -34.62
N ALA E 270 -7.41 51.07 -35.22
CA ALA E 270 -7.73 49.80 -35.83
C ALA E 270 -8.44 48.85 -34.87
N VAL E 271 -7.72 48.48 -33.79
CA VAL E 271 -8.23 47.52 -32.79
C VAL E 271 -9.45 48.13 -32.07
N GLU E 272 -9.46 49.46 -31.93
CA GLU E 272 -10.51 50.18 -31.24
C GLU E 272 -11.84 50.03 -31.97
N ILE E 273 -11.84 50.17 -33.32
CA ILE E 273 -13.05 50.00 -34.13
C ILE E 273 -13.62 48.59 -33.89
N ILE E 274 -12.72 47.57 -33.95
CA ILE E 274 -13.10 46.18 -33.74
C ILE E 274 -13.79 46.01 -32.38
N SER E 275 -13.10 46.53 -31.34
CA SER E 275 -13.54 46.36 -29.96
C SER E 275 -14.92 47.00 -29.79
N ASP E 276 -15.14 48.15 -30.45
CA ASP E 276 -16.38 48.91 -30.39
C ASP E 276 -17.53 48.08 -30.95
N ILE E 277 -17.26 47.52 -32.15
CA ILE E 277 -18.19 46.63 -32.84
C ILE E 277 -18.55 45.47 -31.91
N GLY E 278 -17.51 44.93 -31.22
CA GLY E 278 -17.70 43.84 -30.28
C GLY E 278 -18.90 43.98 -29.35
N ASN E 279 -19.13 45.20 -28.90
CA ASN E 279 -20.14 45.42 -27.87
C ASN E 279 -21.56 45.23 -28.42
N TYR E 280 -21.69 45.19 -29.76
CA TYR E 280 -22.94 44.89 -30.44
C TYR E 280 -23.03 43.41 -30.83
N VAL E 281 -21.85 42.78 -31.01
CA VAL E 281 -21.66 41.42 -31.51
C VAL E 281 -21.87 40.41 -30.40
N GLU E 282 -21.49 40.73 -29.14
CA GLU E 282 -21.78 39.92 -27.96
C GLU E 282 -23.26 39.48 -27.85
N GLU E 283 -23.48 38.22 -27.40
CA GLU E 283 -24.78 37.60 -27.15
C GLU E 283 -25.56 37.28 -28.44
N THR E 284 -25.00 37.67 -29.61
CA THR E 284 -25.73 37.62 -30.88
C THR E 284 -26.12 36.19 -31.26
N GLY E 285 -27.39 35.99 -31.65
CA GLY E 285 -27.88 34.67 -32.04
C GLY E 285 -28.14 33.77 -30.84
N MET E 286 -28.14 34.36 -29.63
CA MET E 286 -28.63 33.64 -28.44
C MET E 286 -29.79 34.39 -27.77
N ALA E 287 -30.54 35.12 -28.62
CA ALA E 287 -31.76 35.88 -28.35
C ALA E 287 -32.60 35.24 -27.24
N GLY E 288 -33.01 34.00 -27.49
CA GLY E 288 -33.88 33.26 -26.58
C GLY E 288 -33.34 33.14 -25.16
N PHE E 289 -32.03 32.82 -24.97
CA PHE E 289 -31.40 32.66 -23.66
C PHE E 289 -31.59 33.95 -22.86
N PHE E 290 -31.26 35.08 -23.46
CA PHE E 290 -31.41 36.28 -22.67
C PHE E 290 -32.89 36.66 -22.51
N ALA E 291 -33.76 36.29 -23.45
CA ALA E 291 -35.16 36.73 -23.42
C ALA E 291 -35.92 36.20 -22.21
N THR E 292 -35.62 34.95 -21.83
CA THR E 292 -36.18 34.42 -20.59
C THR E 292 -35.63 35.16 -19.37
N ILE E 293 -34.34 35.53 -19.43
CA ILE E 293 -33.75 36.33 -18.37
C ILE E 293 -34.44 37.71 -18.29
N ARG E 294 -34.49 38.47 -19.42
CA ARG E 294 -35.02 39.84 -19.48
C ARG E 294 -36.52 39.87 -19.11
N PHE E 295 -37.25 38.96 -19.77
CA PHE E 295 -38.71 39.01 -19.69
C PHE E 295 -39.21 37.73 -19.00
N GLY E 296 -40.15 37.91 -18.05
CA GLY E 296 -40.47 36.85 -17.13
C GLY E 296 -39.53 36.89 -15.93
N LEU E 297 -38.24 36.54 -16.09
CA LEU E 297 -37.39 36.26 -14.92
C LEU E 297 -37.04 37.51 -14.15
N GLU E 298 -36.39 38.49 -14.80
CA GLU E 298 -36.02 39.77 -14.20
C GLU E 298 -37.26 40.49 -13.69
N THR E 299 -38.40 40.16 -14.34
CA THR E 299 -39.68 40.80 -14.04
C THR E 299 -40.28 40.34 -12.71
N ARG E 300 -40.02 39.08 -12.29
CA ARG E 300 -40.43 38.65 -10.97
C ARG E 300 -41.94 38.76 -10.75
N TYR E 301 -42.74 38.47 -11.80
CA TYR E 301 -44.20 38.59 -11.82
C TYR E 301 -44.85 37.61 -10.83
N PRO E 302 -46.08 37.95 -10.32
CA PRO E 302 -46.77 37.17 -9.28
C PRO E 302 -46.94 35.70 -9.63
N ALA E 303 -46.72 35.37 -10.92
CA ALA E 303 -47.02 34.04 -11.44
C ALA E 303 -45.80 33.12 -11.43
N LEU E 304 -44.66 33.59 -10.90
CA LEU E 304 -43.47 32.76 -10.72
C LEU E 304 -43.80 31.61 -9.78
N ALA E 305 -44.85 31.84 -8.97
CA ALA E 305 -45.33 30.87 -8.02
C ALA E 305 -46.36 29.94 -8.67
N LEU E 306 -46.58 30.08 -9.99
CA LEU E 306 -47.53 29.17 -10.64
C LEU E 306 -46.99 27.76 -10.44
N ASN E 307 -47.81 26.85 -9.86
CA ASN E 307 -47.41 25.52 -9.43
C ASN E 307 -46.62 24.81 -10.54
N GLU E 308 -47.27 24.83 -11.72
CA GLU E 308 -46.75 24.26 -12.96
C GLU E 308 -45.31 24.77 -13.20
N PHE E 309 -45.17 26.11 -13.17
CA PHE E 309 -43.91 26.80 -13.40
C PHE E 309 -42.67 26.22 -12.69
N GLN E 310 -42.88 25.61 -11.49
CA GLN E 310 -41.80 25.36 -10.55
C GLN E 310 -40.62 24.65 -11.21
N SER E 311 -40.99 23.54 -11.87
CA SER E 311 -40.04 22.65 -12.51
C SER E 311 -39.29 23.35 -13.64
N ASP E 312 -40.01 24.22 -14.35
CA ASP E 312 -39.40 24.99 -15.45
C ASP E 312 -38.41 26.00 -14.88
N LEU E 313 -38.78 26.72 -13.79
CA LEU E 313 -37.86 27.65 -13.14
C LEU E 313 -36.57 26.94 -12.74
N ASN E 314 -36.70 25.77 -12.08
CA ASN E 314 -35.56 24.95 -11.69
C ASN E 314 -34.70 24.61 -12.91
N THR E 315 -35.37 24.34 -14.04
CA THR E 315 -34.73 24.08 -15.32
C THR E 315 -33.84 25.27 -15.72
N ILE E 316 -34.49 26.46 -15.78
CA ILE E 316 -33.82 27.66 -16.28
C ILE E 316 -32.60 27.95 -15.39
N LYS E 317 -32.76 27.81 -14.06
CA LYS E 317 -31.66 28.02 -13.12
C LYS E 317 -30.47 27.15 -13.50
N SER E 318 -30.72 25.85 -13.70
CA SER E 318 -29.68 24.90 -14.06
C SER E 318 -29.00 25.30 -15.38
N LEU E 319 -29.82 25.82 -16.34
CA LEU E 319 -29.32 26.27 -17.63
C LEU E 319 -28.37 27.47 -17.49
N MET E 320 -28.79 28.46 -16.67
CA MET E 320 -28.03 29.69 -16.49
C MET E 320 -26.67 29.35 -15.89
N LEU E 321 -26.64 28.54 -14.83
CA LEU E 321 -25.40 28.11 -14.19
C LEU E 321 -24.56 27.27 -15.13
N LEU E 322 -25.23 26.46 -15.98
CA LEU E 322 -24.53 25.69 -17.01
C LEU E 322 -23.79 26.64 -17.99
N TYR E 323 -24.52 27.67 -18.45
CA TYR E 323 -24.04 28.65 -19.42
C TYR E 323 -22.75 29.32 -18.92
N ARG E 324 -22.79 29.71 -17.64
CA ARG E 324 -21.67 30.27 -16.89
C ARG E 324 -20.45 29.34 -16.96
N GLU E 325 -20.71 28.05 -16.75
CA GLU E 325 -19.65 27.04 -16.66
C GLU E 325 -18.99 26.83 -18.03
N ILE E 326 -19.76 26.99 -19.12
CA ILE E 326 -19.16 26.85 -20.46
C ILE E 326 -18.19 27.99 -20.78
N GLY E 327 -18.42 29.22 -20.25
CA GLY E 327 -17.30 30.15 -20.08
C GLY E 327 -16.87 30.91 -21.35
N PRO E 328 -15.57 31.03 -21.69
CA PRO E 328 -15.02 31.97 -22.67
C PRO E 328 -15.65 32.14 -24.05
N ARG E 329 -16.17 31.06 -24.66
CA ARG E 329 -16.74 31.14 -25.99
C ARG E 329 -18.21 31.64 -25.95
N ALA E 330 -18.82 31.74 -24.76
CA ALA E 330 -20.27 31.88 -24.55
C ALA E 330 -20.87 33.09 -25.27
N PRO E 331 -20.22 34.28 -25.28
CA PRO E 331 -20.74 35.46 -25.99
C PRO E 331 -20.86 35.36 -27.51
N TYR E 332 -20.21 34.34 -28.09
CA TYR E 332 -20.25 34.19 -29.54
C TYR E 332 -20.50 32.72 -29.91
N MET E 333 -21.27 31.98 -29.11
CA MET E 333 -21.51 30.54 -29.29
C MET E 333 -22.13 30.20 -30.65
N VAL E 334 -23.07 31.06 -31.08
CA VAL E 334 -23.80 30.91 -32.33
C VAL E 334 -22.79 31.00 -33.49
N LEU E 335 -21.91 32.02 -33.46
CA LEU E 335 -20.94 32.29 -34.54
C LEU E 335 -19.96 31.11 -34.64
N LEU E 336 -19.66 30.46 -33.48
CA LEU E 336 -18.72 29.34 -33.42
C LEU E 336 -19.42 28.02 -33.75
N GLU E 337 -20.75 28.02 -33.99
CA GLU E 337 -21.49 26.79 -34.24
C GLU E 337 -21.38 25.84 -33.05
N GLU E 338 -21.12 26.37 -31.83
CA GLU E 338 -20.78 25.53 -30.68
C GLU E 338 -21.97 24.64 -30.29
N SER E 339 -21.75 23.31 -30.22
CA SER E 339 -22.81 22.32 -30.00
C SER E 339 -23.63 22.55 -28.74
N ILE E 340 -22.93 22.97 -27.68
CA ILE E 340 -23.53 23.33 -26.40
C ILE E 340 -24.69 24.30 -26.64
N GLN E 341 -24.64 25.07 -27.75
CA GLN E 341 -25.61 26.12 -28.06
C GLN E 341 -27.03 25.55 -28.00
N THR E 342 -27.18 24.32 -28.54
CA THR E 342 -28.49 23.67 -28.66
C THR E 342 -29.19 23.65 -27.29
N LYS E 343 -28.37 23.34 -26.28
CA LYS E 343 -28.86 23.12 -24.93
C LYS E 343 -29.39 24.43 -24.35
N PHE E 344 -28.58 25.48 -24.60
CA PHE E 344 -28.90 26.82 -24.14
C PHE E 344 -30.12 27.26 -24.94
N ALA E 345 -30.51 26.48 -25.97
CA ALA E 345 -31.63 26.91 -26.83
C ALA E 345 -32.94 27.01 -26.02
N PRO E 346 -33.81 28.07 -26.13
CA PRO E 346 -35.06 28.11 -25.36
C PRO E 346 -35.90 27.13 -26.15
N GLY E 347 -36.95 26.53 -25.54
CA GLY E 347 -37.49 25.38 -26.23
C GLY E 347 -36.95 24.16 -25.48
N GLY E 348 -35.77 24.33 -24.85
CA GLY E 348 -35.27 23.43 -23.82
C GLY E 348 -36.05 23.61 -22.51
N TYR E 349 -36.57 24.83 -22.25
CA TYR E 349 -37.56 25.16 -21.21
C TYR E 349 -38.75 25.94 -21.78
N PRO E 350 -39.54 25.35 -22.70
CA PRO E 350 -40.56 26.07 -23.45
C PRO E 350 -41.78 26.54 -22.64
N LEU E 351 -42.10 25.92 -21.50
CA LEU E 351 -43.26 26.39 -20.72
C LEU E 351 -42.97 27.79 -20.15
N LEU E 352 -41.82 27.89 -19.49
CA LEU E 352 -41.41 29.14 -18.86
C LEU E 352 -41.03 30.11 -19.97
N TRP E 353 -40.82 29.58 -21.18
CA TRP E 353 -40.41 30.41 -22.31
C TRP E 353 -41.64 31.06 -22.95
N SER E 354 -42.69 30.29 -23.23
CA SER E 354 -43.89 30.84 -23.86
C SER E 354 -44.50 31.92 -22.96
N PHE E 355 -44.42 31.74 -21.63
CA PHE E 355 -44.82 32.76 -20.64
C PHE E 355 -43.86 33.95 -20.72
N ALA E 356 -42.54 33.69 -20.87
CA ALA E 356 -41.52 34.77 -20.91
C ALA E 356 -41.75 35.65 -22.16
N MET E 357 -42.09 35.03 -23.33
CA MET E 357 -42.39 35.82 -24.53
C MET E 357 -43.67 36.64 -24.27
N GLY E 358 -44.66 35.99 -23.61
CA GLY E 358 -45.98 36.62 -23.42
C GLY E 358 -45.88 37.88 -22.58
N VAL E 359 -45.11 37.83 -21.47
CA VAL E 359 -44.75 38.99 -20.64
C VAL E 359 -43.96 40.01 -21.46
N ALA E 360 -42.82 39.57 -22.00
CA ALA E 360 -41.84 40.44 -22.65
C ALA E 360 -42.48 41.34 -23.72
N THR E 361 -43.20 40.68 -24.67
CA THR E 361 -43.82 41.33 -25.80
C THR E 361 -44.89 42.33 -25.35
N THR E 362 -45.50 42.08 -24.18
CA THR E 362 -46.58 42.94 -23.67
C THR E 362 -46.01 44.16 -22.95
N ILE E 363 -44.87 43.99 -22.28
CA ILE E 363 -44.41 44.97 -21.29
C ILE E 363 -43.32 45.86 -21.87
N ASP E 364 -42.50 45.35 -22.82
CA ASP E 364 -41.40 46.12 -23.41
C ASP E 364 -41.70 46.48 -24.86
N ARG E 365 -41.79 47.80 -25.13
CA ARG E 365 -42.33 48.38 -26.36
C ARG E 365 -41.47 48.00 -27.58
N SER E 366 -40.17 47.77 -27.35
CA SER E 366 -39.24 47.41 -28.41
C SER E 366 -39.35 45.94 -28.81
N MET E 367 -39.76 45.08 -27.88
CA MET E 367 -39.93 43.65 -28.14
C MET E 367 -41.21 43.43 -28.95
N GLY E 368 -41.40 42.21 -29.44
CA GLY E 368 -42.62 41.84 -30.15
C GLY E 368 -42.53 42.15 -31.64
N ALA E 369 -41.76 43.20 -31.98
CA ALA E 369 -41.25 43.51 -33.31
C ALA E 369 -40.18 42.49 -33.75
N LEU E 370 -39.58 41.76 -32.78
CA LEU E 370 -38.73 40.62 -33.13
C LEU E 370 -39.60 39.39 -33.47
N ASN E 371 -39.35 38.78 -34.64
CA ASN E 371 -40.11 37.63 -35.14
C ASN E 371 -39.89 36.39 -34.28
N ILE E 372 -40.89 35.96 -33.50
CA ILE E 372 -40.73 35.02 -32.39
C ILE E 372 -41.51 33.72 -32.65
N ASN E 373 -41.99 33.58 -33.89
CA ASN E 373 -42.91 32.54 -34.35
C ASN E 373 -42.17 31.21 -34.48
N ARG E 374 -42.19 30.48 -33.36
CA ARG E 374 -41.70 29.11 -33.35
C ARG E 374 -42.80 28.11 -32.99
N GLY E 375 -42.59 26.88 -33.45
CA GLY E 375 -43.52 25.78 -33.19
C GLY E 375 -43.61 25.37 -31.72
N TYR E 376 -42.61 25.69 -30.87
CA TYR E 376 -42.51 25.31 -29.45
C TYR E 376 -43.31 26.26 -28.56
N LEU E 377 -43.90 27.32 -29.15
CA LEU E 377 -44.63 28.30 -28.34
C LEU E 377 -45.96 27.70 -27.88
N GLU E 378 -46.37 27.88 -26.62
CA GLU E 378 -47.64 27.31 -26.19
C GLU E 378 -48.63 28.44 -25.97
N PRO E 379 -49.51 28.73 -26.95
CA PRO E 379 -50.39 29.91 -26.97
C PRO E 379 -51.06 30.27 -25.64
N MET E 380 -51.70 29.27 -25.01
CA MET E 380 -52.44 29.45 -23.77
C MET E 380 -51.50 30.00 -22.68
N TYR E 381 -50.29 29.42 -22.54
CA TYR E 381 -49.30 29.82 -21.54
C TYR E 381 -48.70 31.19 -21.89
N PHE E 382 -48.47 31.44 -23.19
CA PHE E 382 -48.01 32.76 -23.64
C PHE E 382 -49.04 33.84 -23.35
N ARG E 383 -50.33 33.50 -23.60
CA ARG E 383 -51.42 34.42 -23.29
C ARG E 383 -51.48 34.57 -21.78
N LEU E 384 -51.29 33.46 -21.04
CA LEU E 384 -51.17 33.68 -19.60
C LEU E 384 -50.09 34.74 -19.34
N GLY E 385 -48.97 34.68 -20.06
CA GLY E 385 -47.91 35.69 -19.96
C GLY E 385 -48.42 37.10 -20.29
N GLN E 386 -49.09 37.23 -21.46
CA GLN E 386 -49.75 38.46 -21.91
C GLN E 386 -50.78 38.94 -20.91
N LYS E 387 -51.82 38.12 -20.74
CA LYS E 387 -52.83 38.40 -19.74
C LYS E 387 -52.11 38.82 -18.47
N SER E 388 -50.93 38.23 -18.22
CA SER E 388 -50.11 38.59 -17.08
C SER E 388 -50.10 40.11 -17.05
N ALA E 389 -49.90 40.74 -18.22
CA ALA E 389 -49.98 42.20 -18.37
C ALA E 389 -51.42 42.71 -18.20
N ARG E 390 -52.34 42.23 -19.05
CA ARG E 390 -53.70 42.76 -19.11
C ARG E 390 -54.51 42.46 -17.84
N HIS E 391 -54.49 41.18 -17.42
CA HIS E 391 -55.18 40.75 -16.19
C HIS E 391 -54.43 41.33 -15.00
N HIS E 392 -53.17 41.77 -15.26
CA HIS E 392 -52.39 42.43 -14.22
C HIS E 392 -52.88 43.86 -14.10
N ALA E 393 -53.90 44.24 -14.90
CA ALA E 393 -54.34 45.63 -14.90
C ALA E 393 -53.19 46.47 -15.45
N GLY E 394 -52.52 45.95 -16.50
CA GLY E 394 -51.34 46.59 -17.06
C GLY E 394 -50.08 46.23 -16.27
N GLY E 395 -50.12 45.13 -15.49
CA GLY E 395 -48.98 44.74 -14.66
C GLY E 395 -49.05 45.23 -13.24
N ILE E 396 -50.22 45.78 -12.81
CA ILE E 396 -50.47 46.17 -11.40
C ILE E 396 -50.20 44.96 -10.47
N ASP E 397 -50.59 43.75 -10.95
CA ASP E 397 -50.36 42.49 -10.24
C ASP E 397 -48.94 42.44 -9.69
N GLN E 398 -47.95 42.75 -10.56
CA GLN E 398 -46.56 42.88 -10.10
C GLN E 398 -46.28 44.33 -9.69
N ASN E 399 -47.09 44.90 -8.78
CA ASN E 399 -46.84 46.23 -8.21
C ASN E 399 -45.51 46.31 -7.45
N MET E 400 -45.20 45.26 -6.65
CA MET E 400 -43.95 45.14 -5.92
C MET E 400 -43.91 46.10 -4.72
N ASP E 409 -51.70 54.99 -2.26
CA ASP E 409 -52.24 53.70 -2.79
C ASP E 409 -52.33 53.73 -4.32
N GLN E 410 -51.20 54.11 -4.95
CA GLN E 410 -51.10 54.47 -6.35
C GLN E 410 -50.38 53.39 -7.17
N VAL E 411 -50.98 52.18 -7.17
CA VAL E 411 -50.49 51.00 -7.88
C VAL E 411 -51.37 50.70 -9.11
N ALA E 412 -52.35 51.57 -9.37
CA ALA E 412 -53.15 51.46 -10.58
C ALA E 412 -53.51 52.83 -11.14
N GLU E 413 -52.62 53.81 -10.86
CA GLU E 413 -52.82 55.22 -11.16
C GLU E 413 -51.95 55.76 -12.33
N LEU E 414 -51.95 55.03 -13.46
CA LEU E 414 -50.75 54.93 -14.33
C LEU E 414 -51.22 54.68 -15.79
N ALA E 415 -52.20 55.55 -16.20
CA ALA E 415 -52.72 55.63 -17.58
C ALA E 415 -51.64 56.23 -18.37
N ILE F 26 -32.71 31.20 -5.42
CA ILE F 26 -33.82 31.04 -6.43
C ILE F 26 -33.84 32.18 -7.46
N PHE F 27 -34.49 33.31 -7.10
CA PHE F 27 -34.53 34.58 -7.83
C PHE F 27 -33.14 35.22 -7.85
N GLU F 28 -32.42 35.01 -6.72
CA GLU F 28 -31.08 35.51 -6.43
C GLU F 28 -30.07 35.09 -7.49
N GLU F 29 -30.28 33.86 -8.00
CA GLU F 29 -29.36 33.25 -8.96
C GLU F 29 -29.43 34.05 -10.27
N ALA F 30 -30.66 34.41 -10.71
CA ALA F 30 -30.93 35.17 -11.93
C ALA F 30 -30.23 36.53 -11.95
N ALA F 31 -30.41 37.27 -10.85
CA ALA F 31 -29.79 38.58 -10.66
C ALA F 31 -28.27 38.45 -10.74
N SER F 32 -27.71 37.43 -10.06
CA SER F 32 -26.28 37.16 -10.03
C SER F 32 -25.77 36.78 -11.42
N PHE F 33 -26.63 36.09 -12.18
CA PHE F 33 -26.30 35.61 -13.53
C PHE F 33 -26.23 36.79 -14.51
N ARG F 34 -27.20 37.73 -14.42
CA ARG F 34 -27.17 38.96 -15.23
C ARG F 34 -25.84 39.68 -14.98
N SER F 35 -25.44 39.76 -13.70
CA SER F 35 -24.20 40.41 -13.32
C SER F 35 -23.01 39.64 -13.87
N TYR F 36 -23.10 38.31 -13.86
CA TYR F 36 -22.01 37.45 -14.35
C TYR F 36 -21.79 37.72 -15.84
N GLN F 37 -22.88 37.72 -16.63
CA GLN F 37 -22.82 37.99 -18.07
C GLN F 37 -22.08 39.31 -18.32
N SER F 38 -22.44 40.34 -17.53
CA SER F 38 -21.95 41.70 -17.71
C SER F 38 -20.44 41.81 -17.47
N LYS F 39 -19.93 40.97 -16.55
CA LYS F 39 -18.52 41.00 -16.17
C LYS F 39 -17.70 39.88 -16.82
N LEU F 40 -18.38 38.91 -17.47
CA LEU F 40 -17.72 37.79 -18.12
C LEU F 40 -16.82 38.29 -19.24
N GLY F 41 -15.56 37.82 -19.20
CA GLY F 41 -14.59 38.04 -20.26
C GLY F 41 -14.03 39.45 -20.25
N ARG F 42 -14.42 40.24 -19.21
CA ARG F 42 -13.83 41.55 -18.95
C ARG F 42 -12.32 41.43 -18.68
N ASP F 43 -11.92 40.32 -18.03
CA ASP F 43 -10.59 40.09 -17.51
C ASP F 43 -9.62 39.64 -18.60
N GLY F 44 -8.37 39.47 -18.18
CA GLY F 44 -7.31 38.97 -19.05
C GLY F 44 -6.56 40.09 -19.79
N ARG F 45 -5.39 39.73 -20.37
CA ARG F 45 -4.45 40.64 -21.04
C ARG F 45 -4.15 40.22 -22.48
N ALA F 46 -4.32 41.17 -23.42
CA ALA F 46 -4.41 40.88 -24.85
C ALA F 46 -3.05 40.54 -25.43
N SER F 47 -3.05 39.53 -26.32
CA SER F 47 -1.88 39.03 -27.03
C SER F 47 -1.26 40.07 -27.96
N ALA F 48 0.10 40.12 -27.97
CA ALA F 48 0.87 41.23 -28.52
C ALA F 48 0.74 41.30 -30.05
N ALA F 49 0.29 40.18 -30.63
CA ALA F 49 0.03 40.05 -32.06
C ALA F 49 -0.98 41.09 -32.55
N THR F 50 -1.86 41.58 -31.65
CA THR F 50 -2.89 42.58 -31.94
C THR F 50 -2.34 44.00 -32.19
N ALA F 51 -1.06 44.25 -31.86
CA ALA F 51 -0.39 45.55 -32.01
C ALA F 51 -0.45 46.12 -33.44
N THR F 52 -1.12 47.26 -33.66
CA THR F 52 -1.46 47.74 -34.99
C THR F 52 -0.31 48.56 -35.58
N LEU F 53 -0.25 48.65 -36.93
CA LEU F 53 0.75 49.41 -37.67
C LEU F 53 0.78 50.89 -37.24
N THR F 54 1.93 51.34 -36.68
CA THR F 54 2.06 52.67 -36.10
C THR F 54 2.28 53.69 -37.22
N THR F 55 1.57 54.81 -37.05
CA THR F 55 1.57 55.94 -37.97
C THR F 55 2.59 56.99 -37.52
N LYS F 56 3.50 57.35 -38.44
CA LYS F 56 4.62 58.24 -38.17
C LYS F 56 4.20 59.71 -38.26
N ILE F 57 4.41 60.47 -37.18
CA ILE F 57 4.10 61.89 -37.09
C ILE F 57 5.34 62.69 -36.66
N ARG F 58 5.65 63.81 -37.36
CA ARG F 58 6.76 64.70 -37.02
C ARG F 58 6.25 65.78 -36.06
N ILE F 59 6.84 65.91 -34.87
CA ILE F 59 6.49 66.95 -33.91
C ILE F 59 7.71 67.83 -33.70
N PHE F 60 7.67 69.09 -34.17
CA PHE F 60 8.64 70.12 -33.79
C PHE F 60 8.30 70.61 -32.37
N VAL F 61 9.34 70.74 -31.54
CA VAL F 61 9.13 70.90 -30.10
C VAL F 61 10.11 71.96 -29.58
N PRO F 62 9.70 72.73 -28.52
CA PRO F 62 10.40 73.93 -28.05
C PRO F 62 11.82 73.58 -27.59
N ALA F 63 12.86 74.18 -28.19
CA ALA F 63 14.26 73.78 -28.02
C ALA F 63 14.96 74.53 -26.89
N THR F 64 14.32 75.54 -26.30
CA THR F 64 14.95 76.39 -25.29
C THR F 64 13.86 77.21 -24.57
N ASN F 65 14.14 77.62 -23.32
CA ASN F 65 13.14 78.21 -22.43
C ASN F 65 13.18 79.74 -22.52
N SER F 66 13.33 80.25 -23.76
CA SER F 66 13.45 81.66 -24.11
C SER F 66 12.32 82.07 -25.06
N PRO F 67 11.66 83.20 -24.72
CA PRO F 67 10.60 83.78 -25.54
C PRO F 67 10.92 84.03 -27.01
N GLU F 68 12.20 84.36 -27.34
CA GLU F 68 12.75 84.58 -28.68
C GLU F 68 12.46 83.38 -29.59
N LEU F 69 12.80 82.18 -29.12
CA LEU F 69 12.57 80.95 -29.88
C LEU F 69 11.07 80.60 -29.93
N ARG F 70 10.44 80.71 -28.77
CA ARG F 70 9.09 80.21 -28.51
C ARG F 70 7.98 80.96 -29.26
N TRP F 71 7.89 82.31 -29.12
CA TRP F 71 6.74 83.10 -29.60
C TRP F 71 6.45 82.83 -31.09
N GLU F 72 7.55 82.88 -31.86
CA GLU F 72 7.61 82.53 -33.29
C GLU F 72 7.08 81.11 -33.53
N LEU F 73 7.51 80.16 -32.69
CA LEU F 73 7.11 78.77 -32.84
C LEU F 73 5.60 78.62 -32.55
N THR F 74 5.05 79.40 -31.61
CA THR F 74 3.61 79.42 -31.31
C THR F 74 2.85 79.90 -32.56
N LEU F 75 3.35 81.01 -33.16
CA LEU F 75 2.77 81.57 -34.38
C LEU F 75 2.77 80.53 -35.52
N PHE F 76 3.93 79.89 -35.75
CA PHE F 76 4.11 78.80 -36.71
C PHE F 76 3.05 77.71 -36.49
N ALA F 77 2.92 77.23 -35.25
CA ALA F 77 2.00 76.15 -34.89
C ALA F 77 0.53 76.52 -35.10
N LEU F 78 0.14 77.76 -34.70
CA LEU F 78 -1.21 78.27 -34.93
C LEU F 78 -1.48 78.17 -36.45
N ASP F 79 -0.49 78.60 -37.25
CA ASP F 79 -0.63 78.63 -38.71
C ASP F 79 -0.65 77.23 -39.33
N VAL F 80 0.16 76.27 -38.84
CA VAL F 80 0.13 74.88 -39.28
C VAL F 80 -1.31 74.34 -39.19
N ILE F 81 -1.97 74.63 -38.06
CA ILE F 81 -3.35 74.19 -37.82
C ILE F 81 -4.35 74.95 -38.69
N ARG F 82 -4.03 76.22 -39.01
CA ARG F 82 -4.86 77.03 -39.89
C ARG F 82 -4.72 76.63 -41.38
N SER F 83 -3.65 75.90 -41.79
CA SER F 83 -3.22 75.64 -43.18
C SER F 83 -4.22 74.79 -43.97
N PRO F 84 -4.67 75.18 -45.19
CA PRO F 84 -5.43 74.28 -46.08
C PRO F 84 -4.47 73.33 -46.79
N SER F 85 -3.16 73.71 -46.82
CA SER F 85 -2.15 73.23 -47.77
C SER F 85 -1.29 72.07 -47.21
N ALA F 86 -1.18 72.04 -45.89
CA ALA F 86 -0.45 70.95 -45.24
C ALA F 86 -1.29 69.67 -45.17
N ALA F 87 -0.60 68.54 -45.33
CA ALA F 87 -1.10 67.18 -45.04
C ALA F 87 -1.47 66.93 -43.56
N GLU F 88 -2.49 66.04 -43.37
CA GLU F 88 -3.10 65.70 -42.08
C GLU F 88 -2.06 65.20 -41.07
N SER F 89 -1.09 64.44 -41.57
CA SER F 89 0.00 63.90 -40.77
C SER F 89 0.87 65.01 -40.15
N MET F 90 1.12 66.08 -40.92
CA MET F 90 1.82 67.26 -40.43
C MET F 90 0.94 68.00 -39.42
N LYS F 91 -0.36 68.17 -39.76
CA LYS F 91 -1.31 68.92 -38.97
C LYS F 91 -1.50 68.33 -37.56
N VAL F 92 -1.63 67.00 -37.40
CA VAL F 92 -1.68 66.34 -36.09
C VAL F 92 -0.43 66.65 -35.24
N GLY F 93 0.74 66.53 -35.90
CA GLY F 93 2.01 66.79 -35.24
C GLY F 93 2.13 68.24 -34.77
N ALA F 94 1.65 69.17 -35.63
CA ALA F 94 1.51 70.58 -35.31
C ALA F 94 0.60 70.77 -34.09
N ALA F 95 -0.58 70.15 -34.07
CA ALA F 95 -1.52 70.27 -32.95
C ALA F 95 -0.88 69.82 -31.65
N PHE F 96 -0.09 68.73 -31.69
CA PHE F 96 0.71 68.24 -30.56
C PHE F 96 1.74 69.28 -30.09
N THR F 97 2.42 70.00 -31.03
CA THR F 97 3.34 71.10 -30.69
C THR F 97 2.55 72.17 -29.92
N LEU F 98 1.41 72.56 -30.52
CA LEU F 98 0.60 73.66 -30.04
C LEU F 98 0.12 73.42 -28.62
N ILE F 99 -0.36 72.19 -28.26
CA ILE F 99 -0.93 71.88 -26.94
C ILE F 99 0.07 71.19 -25.99
N SER F 100 1.39 71.33 -26.29
CA SER F 100 2.48 70.97 -25.38
C SER F 100 3.30 72.19 -24.92
N MET F 101 3.03 73.38 -25.45
CA MET F 101 3.56 74.67 -25.02
C MET F 101 3.39 74.93 -23.51
N TYR F 102 2.47 74.25 -22.78
CA TYR F 102 2.38 74.23 -21.32
C TYR F 102 3.73 74.03 -20.62
N SER F 103 4.53 73.08 -21.12
CA SER F 103 5.62 72.48 -20.37
C SER F 103 6.85 73.37 -20.23
N GLU F 104 7.49 73.21 -19.07
CA GLU F 104 8.83 73.73 -18.77
C GLU F 104 9.87 73.14 -19.72
N ARG F 105 9.65 71.91 -20.23
CA ARG F 105 10.60 71.23 -21.10
C ARG F 105 9.83 70.54 -22.22
N PRO F 106 9.37 71.32 -23.23
CA PRO F 106 8.15 70.97 -23.96
C PRO F 106 8.14 69.60 -24.65
N GLY F 107 9.29 69.33 -25.26
CA GLY F 107 9.53 68.08 -25.97
C GLY F 107 9.49 66.85 -25.05
N ALA F 108 10.11 67.00 -23.87
CA ALA F 108 10.16 65.92 -22.88
C ALA F 108 8.76 65.61 -22.36
N LEU F 109 7.94 66.65 -22.09
CA LEU F 109 6.58 66.51 -21.58
C LEU F 109 5.73 65.68 -22.56
N ILE F 110 5.74 66.05 -23.85
CA ILE F 110 5.00 65.31 -24.87
C ILE F 110 5.51 63.87 -24.94
N ARG F 111 6.83 63.67 -25.20
CA ARG F 111 7.39 62.34 -25.46
C ARG F 111 7.14 61.36 -24.30
N SER F 112 7.19 61.88 -23.05
CA SER F 112 7.14 61.05 -21.85
C SER F 112 5.72 60.70 -21.40
N LEU F 113 4.74 61.55 -21.74
CA LEU F 113 3.35 61.27 -21.33
C LEU F 113 2.55 60.63 -22.48
N LEU F 114 3.03 60.81 -23.73
CA LEU F 114 2.26 60.42 -24.92
C LEU F 114 2.32 58.90 -25.07
N ASN F 115 1.18 58.20 -24.93
CA ASN F 115 1.17 56.75 -24.69
C ASN F 115 0.02 56.03 -25.38
N ASP F 116 0.16 55.89 -26.72
CA ASP F 116 -0.83 55.29 -27.60
C ASP F 116 -0.13 54.51 -28.71
N PRO F 117 -0.57 53.26 -28.96
CA PRO F 117 0.03 52.39 -29.98
C PRO F 117 -0.21 52.77 -31.45
N ASP F 118 -1.21 53.63 -31.71
CA ASP F 118 -1.62 54.02 -33.07
C ASP F 118 -0.54 54.86 -33.76
N ILE F 119 0.18 55.60 -32.91
CA ILE F 119 1.03 56.72 -33.34
C ILE F 119 2.47 56.58 -32.84
N GLU F 120 3.45 56.78 -33.75
CA GLU F 120 4.87 56.79 -33.45
C GLU F 120 5.46 58.16 -33.79
N ALA F 121 5.91 58.86 -32.74
CA ALA F 121 6.41 60.22 -32.85
C ALA F 121 7.88 60.24 -33.26
N VAL F 122 8.24 61.11 -34.22
CA VAL F 122 9.60 61.62 -34.33
C VAL F 122 9.58 63.05 -33.77
N ILE F 123 10.35 63.29 -32.70
CA ILE F 123 10.44 64.58 -32.03
C ILE F 123 11.66 65.33 -32.57
N ILE F 124 11.47 66.55 -33.07
CA ILE F 124 12.53 67.47 -33.54
C ILE F 124 12.59 68.67 -32.60
N ASP F 125 13.67 68.84 -31.82
CA ASP F 125 13.78 70.05 -31.02
C ASP F 125 14.19 71.18 -31.98
N VAL F 126 13.40 72.27 -32.07
CA VAL F 126 13.64 73.31 -33.06
C VAL F 126 15.01 74.01 -32.90
N GLY F 127 15.74 74.29 -34.01
CA GLY F 127 17.03 74.95 -33.95
C GLY F 127 16.92 76.48 -33.88
N SER F 128 16.23 77.00 -32.84
CA SER F 128 16.00 78.43 -32.70
C SER F 128 14.99 79.01 -33.72
N MET F 129 14.51 78.20 -34.68
CA MET F 129 13.43 78.53 -35.63
C MET F 129 13.68 79.86 -36.34
N VAL F 130 14.88 80.06 -36.91
CA VAL F 130 15.29 81.35 -37.46
C VAL F 130 14.87 81.57 -38.92
N ASN F 131 14.20 80.62 -39.57
CA ASN F 131 13.88 80.74 -41.00
C ASN F 131 12.39 81.05 -41.26
N GLY F 132 11.95 82.29 -40.98
CA GLY F 132 10.53 82.60 -40.90
C GLY F 132 9.73 81.56 -40.12
N ILE F 133 8.52 81.27 -40.62
CA ILE F 133 7.40 80.62 -39.92
C ILE F 133 7.69 79.12 -39.71
N PRO F 134 8.22 78.40 -40.73
CA PRO F 134 8.58 76.97 -40.54
C PRO F 134 9.97 76.79 -39.95
N VAL F 135 10.40 75.54 -39.74
CA VAL F 135 11.73 75.29 -39.21
C VAL F 135 12.50 74.42 -40.19
N MET F 136 13.83 74.57 -40.23
CA MET F 136 14.58 73.76 -41.16
C MET F 136 15.61 72.94 -40.39
N GLU F 137 15.96 71.75 -40.91
CA GLU F 137 17.15 71.03 -40.45
C GLU F 137 18.38 71.76 -40.98
N ARG F 138 19.21 72.40 -40.12
CA ARG F 138 20.25 73.30 -40.63
C ARG F 138 21.40 72.58 -41.34
N ARG F 139 21.83 71.46 -40.75
CA ARG F 139 23.07 70.76 -41.10
C ARG F 139 22.82 69.41 -41.80
N GLY F 140 21.99 68.55 -41.22
CA GLY F 140 21.54 67.34 -41.93
C GLY F 140 20.19 67.59 -42.63
N ASP F 141 20.00 67.18 -43.89
CA ASP F 141 18.87 67.78 -44.60
C ASP F 141 17.83 66.68 -44.85
N LYS F 142 16.61 66.80 -44.28
CA LYS F 142 15.47 65.96 -44.67
C LYS F 142 15.26 66.04 -46.19
N ALA F 143 15.36 67.27 -46.69
CA ALA F 143 15.34 67.66 -48.07
C ALA F 143 15.46 69.18 -48.13
N GLN F 144 16.05 69.67 -49.25
CA GLN F 144 16.22 71.11 -49.46
C GLN F 144 14.87 71.82 -49.67
N GLU F 145 13.88 71.06 -50.21
CA GLU F 145 12.55 71.51 -50.53
C GLU F 145 11.63 71.47 -49.31
N GLU F 146 12.09 70.83 -48.22
CA GLU F 146 11.36 70.74 -46.96
C GLU F 146 10.73 72.09 -46.57
N MET F 147 11.56 73.14 -46.66
CA MET F 147 11.16 74.51 -46.37
C MET F 147 10.02 74.94 -47.31
N GLU F 148 10.04 74.50 -48.58
CA GLU F 148 8.99 74.74 -49.56
C GLU F 148 7.72 73.96 -49.23
N GLY F 149 7.89 72.70 -48.78
CA GLY F 149 6.74 71.94 -48.30
C GLY F 149 6.10 72.74 -47.17
N LEU F 150 6.97 73.51 -46.48
CA LEU F 150 6.56 74.37 -45.37
C LEU F 150 6.03 75.72 -45.89
N MET F 151 6.76 76.37 -46.80
CA MET F 151 6.37 77.64 -47.41
C MET F 151 4.98 77.51 -48.06
N ARG F 152 4.75 76.45 -48.87
CA ARG F 152 3.48 76.12 -49.50
C ARG F 152 2.34 76.04 -48.45
N ILE F 153 2.64 75.26 -47.40
CA ILE F 153 1.73 75.03 -46.29
C ILE F 153 1.27 76.39 -45.72
N LEU F 154 2.26 77.26 -45.39
CA LEU F 154 2.05 78.56 -44.74
C LEU F 154 1.32 79.53 -45.67
N LYS F 155 1.70 79.58 -46.94
CA LYS F 155 1.06 80.44 -47.93
C LYS F 155 -0.41 80.05 -48.07
N THR F 156 -0.66 78.74 -48.33
CA THR F 156 -2.01 78.20 -48.46
C THR F 156 -2.85 78.55 -47.22
N ALA F 157 -2.22 78.45 -46.04
CA ALA F 157 -2.86 78.80 -44.78
C ALA F 157 -3.34 80.25 -44.78
N ARG F 158 -2.42 81.21 -45.04
CA ARG F 158 -2.69 82.64 -45.10
C ARG F 158 -3.80 82.89 -46.11
N ASP F 159 -3.63 82.40 -47.37
CA ASP F 159 -4.48 82.71 -48.52
C ASP F 159 -5.92 82.23 -48.30
N SER F 160 -6.05 80.97 -47.84
CA SER F 160 -7.33 80.29 -47.63
C SER F 160 -8.12 80.94 -46.49
N SER F 161 -7.38 81.47 -45.50
CA SER F 161 -7.98 82.14 -44.38
C SER F 161 -8.15 83.64 -44.59
N LYS F 162 -7.89 84.14 -45.83
CA LYS F 162 -8.14 85.55 -46.16
C LYS F 162 -7.32 86.47 -45.24
N GLY F 163 -6.07 86.07 -44.94
CA GLY F 163 -5.13 86.91 -44.19
C GLY F 163 -5.24 86.81 -42.67
N LYS F 164 -6.22 86.07 -42.08
CA LYS F 164 -6.61 86.28 -40.69
C LYS F 164 -5.59 85.66 -39.74
N THR F 165 -4.95 86.45 -38.85
CA THR F 165 -4.00 85.94 -37.85
C THR F 165 -4.82 85.36 -36.70
N PRO F 166 -4.24 84.62 -35.72
CA PRO F 166 -5.04 83.78 -34.81
C PRO F 166 -6.02 84.53 -33.91
N PHE F 167 -5.55 85.70 -33.46
CA PHE F 167 -6.26 86.56 -32.50
C PHE F 167 -7.30 87.44 -33.20
N VAL F 168 -8.38 87.83 -32.46
CA VAL F 168 -9.53 88.57 -32.97
C VAL F 168 -9.19 90.03 -33.30
N ASP F 169 -8.24 90.63 -32.56
CA ASP F 169 -7.68 91.94 -32.85
C ASP F 169 -6.21 91.84 -33.29
N SER F 170 -5.98 92.33 -34.52
CA SER F 170 -4.89 91.92 -35.41
C SER F 170 -3.48 92.19 -34.87
N ARG F 171 -3.29 93.24 -34.03
CA ARG F 171 -2.01 93.60 -33.43
C ARG F 171 -1.42 92.40 -32.68
N ALA F 172 -2.34 91.66 -32.02
CA ALA F 172 -1.95 90.49 -31.25
C ALA F 172 -1.34 89.42 -32.17
N TYR F 173 -1.86 89.25 -33.40
CA TYR F 173 -1.38 88.26 -34.36
C TYR F 173 0.09 88.56 -34.75
N GLY F 174 0.45 89.83 -34.76
CA GLY F 174 1.79 90.18 -35.16
C GLY F 174 2.81 90.24 -34.02
N LEU F 175 2.36 90.14 -32.76
CA LEU F 175 3.04 90.67 -31.57
C LEU F 175 4.55 90.45 -31.42
N ARG F 176 5.08 89.24 -31.67
CA ARG F 176 6.50 88.91 -31.50
C ARG F 176 7.02 89.34 -30.12
N ILE F 177 6.50 88.66 -29.08
CA ILE F 177 6.67 89.03 -27.70
C ILE F 177 8.07 88.63 -27.23
N THR F 178 8.62 89.46 -26.33
CA THR F 178 10.03 89.54 -25.98
C THR F 178 10.41 89.13 -24.55
N ASP F 179 9.47 88.81 -23.66
CA ASP F 179 9.84 88.42 -22.30
C ASP F 179 8.97 87.28 -21.81
N MET F 180 9.42 86.60 -20.74
CA MET F 180 8.72 85.49 -20.09
C MET F 180 7.28 85.84 -19.69
N SER F 181 7.08 87.06 -19.15
CA SER F 181 5.81 87.50 -18.58
C SER F 181 4.70 87.53 -19.64
N THR F 182 5.03 88.15 -20.78
CA THR F 182 4.17 88.26 -21.95
C THR F 182 3.91 86.86 -22.54
N LEU F 183 4.99 86.04 -22.62
CA LEU F 183 4.93 84.66 -23.10
C LEU F 183 3.87 83.87 -22.33
N VAL F 184 4.00 83.79 -21.00
CA VAL F 184 3.10 83.01 -20.14
C VAL F 184 1.66 83.57 -20.23
N SER F 185 1.53 84.91 -20.25
CA SER F 185 0.23 85.54 -20.45
C SER F 185 -0.47 85.01 -21.70
N ALA F 186 0.30 84.96 -22.79
CA ALA F 186 -0.18 84.54 -24.10
C ALA F 186 -0.44 83.03 -24.15
N VAL F 187 0.56 82.22 -23.80
CA VAL F 187 0.49 80.77 -23.83
C VAL F 187 -0.68 80.26 -22.99
N ILE F 188 -0.85 80.74 -21.74
CA ILE F 188 -1.98 80.38 -20.88
C ILE F 188 -3.32 80.63 -21.61
N THR F 189 -3.33 81.73 -22.39
CA THR F 189 -4.49 82.24 -23.11
C THR F 189 -4.88 81.26 -24.25
N ILE F 190 -3.88 80.89 -25.06
CA ILE F 190 -4.04 79.97 -26.18
C ILE F 190 -4.39 78.58 -25.64
N GLU F 191 -3.68 78.09 -24.62
CA GLU F 191 -3.90 76.77 -24.04
C GLU F 191 -5.34 76.67 -23.54
N ALA F 192 -5.78 77.69 -22.78
CA ALA F 192 -7.16 77.71 -22.30
C ALA F 192 -8.16 77.60 -23.46
N GLN F 193 -7.83 78.22 -24.59
CA GLN F 193 -8.67 78.17 -25.76
C GLN F 193 -8.68 76.79 -26.44
N ILE F 194 -7.63 75.94 -26.28
CA ILE F 194 -7.67 74.54 -26.70
C ILE F 194 -8.58 73.75 -25.74
N TRP F 195 -8.37 73.94 -24.44
CA TRP F 195 -9.06 73.16 -23.41
C TRP F 195 -10.58 73.48 -23.37
N ILE F 196 -11.03 74.69 -23.74
CA ILE F 196 -12.44 75.05 -23.93
C ILE F 196 -13.12 74.15 -24.97
N LEU F 197 -12.34 73.60 -25.90
CA LEU F 197 -12.84 72.84 -27.03
C LEU F 197 -13.22 71.41 -26.59
N ILE F 198 -12.31 70.73 -25.85
CA ILE F 198 -12.38 69.32 -25.37
C ILE F 198 -13.79 68.98 -24.86
N ALA F 199 -14.38 69.93 -24.13
CA ALA F 199 -15.71 69.80 -23.52
C ALA F 199 -16.82 69.43 -24.50
N LYS F 200 -16.69 69.80 -25.77
CA LYS F 200 -17.71 69.53 -26.80
C LYS F 200 -17.16 68.90 -28.10
N ALA F 201 -15.82 68.84 -28.28
CA ALA F 201 -15.30 68.50 -29.62
C ALA F 201 -15.71 67.08 -30.05
N VAL F 202 -15.82 66.20 -29.06
CA VAL F 202 -16.12 64.80 -29.33
C VAL F 202 -17.41 64.37 -28.65
N THR F 203 -18.28 65.31 -28.26
CA THR F 203 -19.57 65.05 -27.62
C THR F 203 -20.69 65.72 -28.42
N ALA F 204 -20.41 66.83 -29.14
CA ALA F 204 -21.36 67.56 -29.96
C ALA F 204 -20.64 68.62 -30.80
N PRO F 205 -19.91 68.22 -31.87
CA PRO F 205 -18.97 69.12 -32.55
C PRO F 205 -19.68 70.15 -33.46
N ASP F 206 -21.03 70.14 -33.48
CA ASP F 206 -21.90 71.17 -34.01
C ASP F 206 -22.90 71.47 -32.89
N THR F 207 -23.48 72.67 -32.89
CA THR F 207 -24.19 73.19 -31.72
C THR F 207 -23.22 73.76 -30.66
N ALA F 208 -21.91 73.73 -30.99
CA ALA F 208 -20.84 73.90 -30.02
C ALA F 208 -20.72 75.31 -29.44
N GLU F 209 -20.97 76.32 -30.29
CA GLU F 209 -20.61 77.72 -30.07
C GLU F 209 -21.12 78.24 -28.71
N GLU F 210 -22.40 77.94 -28.39
CA GLU F 210 -23.09 78.42 -27.18
C GLU F 210 -22.28 78.09 -25.91
N SER F 211 -21.94 76.80 -25.80
CA SER F 211 -21.23 76.27 -24.66
C SER F 211 -19.81 76.81 -24.58
N GLU F 212 -19.10 76.83 -25.71
CA GLU F 212 -17.69 77.17 -25.70
C GLU F 212 -17.51 78.67 -25.42
N THR F 213 -18.48 79.50 -25.86
CA THR F 213 -18.47 80.92 -25.53
C THR F 213 -18.79 81.14 -24.05
N ARG F 214 -19.73 80.34 -23.49
CA ARG F 214 -20.14 80.39 -22.08
C ARG F 214 -18.93 80.13 -21.17
N ARG F 215 -18.12 79.13 -21.54
CA ARG F 215 -16.88 78.82 -20.85
C ARG F 215 -15.83 79.93 -21.04
N TRP F 216 -15.75 80.58 -22.24
CA TRP F 216 -14.80 81.67 -22.56
C TRP F 216 -15.04 82.85 -21.62
N ALA F 217 -16.34 83.21 -21.52
CA ALA F 217 -16.81 84.32 -20.69
C ALA F 217 -16.34 84.18 -19.24
N LYS F 218 -16.52 82.99 -18.65
CA LYS F 218 -16.05 82.61 -17.33
C LYS F 218 -14.56 82.94 -17.16
N TYR F 219 -13.67 82.36 -17.98
CA TYR F 219 -12.23 82.48 -17.78
C TYR F 219 -11.74 83.94 -17.86
N VAL F 220 -12.38 84.73 -18.76
CA VAL F 220 -12.06 86.14 -18.96
C VAL F 220 -12.56 86.98 -17.76
N GLN F 221 -13.82 86.74 -17.36
CA GLN F 221 -14.48 87.48 -16.27
C GLN F 221 -13.77 87.25 -14.93
N GLN F 222 -13.26 86.03 -14.76
CA GLN F 222 -12.45 85.63 -13.60
C GLN F 222 -11.00 86.09 -13.74
N LYS F 223 -10.61 86.74 -14.85
CA LYS F 223 -9.22 87.21 -14.98
C LYS F 223 -8.16 86.10 -14.97
N ARG F 224 -8.57 84.84 -15.25
CA ARG F 224 -7.67 83.70 -15.33
C ARG F 224 -6.87 83.69 -16.66
N VAL F 225 -7.37 84.28 -17.77
CA VAL F 225 -6.63 84.22 -19.05
C VAL F 225 -6.51 85.60 -19.71
N ASN F 226 -5.44 85.87 -20.53
CA ASN F 226 -4.89 87.20 -20.82
C ASN F 226 -5.46 87.81 -22.10
N PRO F 227 -6.43 88.76 -22.01
CA PRO F 227 -7.50 88.82 -23.01
C PRO F 227 -7.08 89.37 -24.38
N PHE F 228 -5.89 90.00 -24.37
CA PHE F 228 -5.19 90.45 -25.57
C PHE F 228 -5.08 89.31 -26.59
N PHE F 229 -4.92 88.07 -26.06
CA PHE F 229 -4.78 86.89 -26.91
C PHE F 229 -6.12 86.18 -27.22
N ALA F 230 -7.29 86.86 -27.16
CA ALA F 230 -8.58 86.25 -27.54
C ALA F 230 -8.61 85.77 -29.00
N LEU F 231 -9.03 84.52 -29.26
CA LEU F 231 -8.75 83.84 -30.53
C LEU F 231 -9.99 83.75 -31.41
N THR F 232 -9.81 83.96 -32.73
CA THR F 232 -10.87 84.11 -33.73
C THR F 232 -11.71 82.82 -33.91
N GLN F 233 -13.05 82.98 -34.12
CA GLN F 233 -14.01 81.89 -34.33
C GLN F 233 -13.50 80.96 -35.44
N GLN F 234 -12.94 81.57 -36.49
CA GLN F 234 -12.37 80.86 -37.65
C GLN F 234 -11.29 79.86 -37.24
N TRP F 235 -10.34 80.30 -36.37
CA TRP F 235 -9.23 79.47 -35.89
C TRP F 235 -9.79 78.39 -34.95
N LEU F 236 -10.66 78.81 -34.03
CA LEU F 236 -11.23 77.87 -33.06
C LEU F 236 -12.03 76.74 -33.74
N THR F 237 -12.82 77.05 -34.81
CA THR F 237 -13.60 76.04 -35.54
C THR F 237 -12.65 75.09 -36.27
N GLU F 238 -11.57 75.63 -36.87
CA GLU F 238 -10.58 74.82 -37.61
C GLU F 238 -9.93 73.81 -36.66
N MET F 239 -9.59 74.26 -35.43
CA MET F 239 -9.02 73.40 -34.37
C MET F 239 -10.07 72.43 -33.80
N ARG F 240 -11.32 72.88 -33.56
CA ARG F 240 -12.40 72.03 -33.05
C ARG F 240 -12.61 70.83 -33.99
N ASN F 241 -12.64 71.13 -35.30
CA ASN F 241 -12.81 70.11 -36.33
C ASN F 241 -11.62 69.13 -36.34
N LEU F 242 -10.37 69.63 -36.21
CA LEU F 242 -9.17 68.78 -36.14
C LEU F 242 -9.29 67.82 -34.96
N LEU F 243 -9.79 68.30 -33.80
CA LEU F 243 -10.00 67.46 -32.61
C LEU F 243 -11.06 66.38 -32.86
N SER F 244 -12.21 66.78 -33.44
CA SER F 244 -13.28 65.82 -33.75
C SER F 244 -12.79 64.67 -34.63
N GLN F 245 -11.96 64.99 -35.63
CA GLN F 245 -11.67 64.07 -36.73
C GLN F 245 -10.39 63.26 -36.49
N SER F 246 -9.56 63.63 -35.49
CA SER F 246 -8.36 62.89 -35.13
C SER F 246 -8.48 62.25 -33.76
N LEU F 247 -8.29 60.92 -33.70
CA LEU F 247 -8.29 60.14 -32.47
C LEU F 247 -6.97 60.38 -31.71
N SER F 248 -5.88 60.39 -32.49
CA SER F 248 -4.52 60.42 -31.95
C SER F 248 -4.31 61.66 -31.06
N VAL F 249 -4.84 62.83 -31.50
CA VAL F 249 -4.77 64.07 -30.75
C VAL F 249 -5.52 63.97 -29.43
N ARG F 250 -6.79 63.51 -29.54
CA ARG F 250 -7.71 63.35 -28.42
C ARG F 250 -7.10 62.42 -27.36
N LYS F 251 -6.42 61.35 -27.81
CA LYS F 251 -5.72 60.41 -26.93
C LYS F 251 -4.69 61.15 -26.07
N PHE F 252 -3.80 61.97 -26.66
CA PHE F 252 -2.83 62.79 -25.92
C PHE F 252 -3.49 63.76 -24.95
N MET F 253 -4.50 64.48 -25.46
CA MET F 253 -5.26 65.42 -24.64
C MET F 253 -5.81 64.70 -23.39
N VAL F 254 -6.55 63.60 -23.58
CA VAL F 254 -7.19 62.86 -22.48
C VAL F 254 -6.16 62.21 -21.57
N GLU F 255 -4.98 61.83 -22.09
CA GLU F 255 -3.89 61.34 -21.25
C GLU F 255 -3.48 62.42 -20.25
N ILE F 256 -3.22 63.63 -20.77
CA ILE F 256 -2.86 64.78 -19.93
C ILE F 256 -4.00 65.16 -18.97
N LEU F 257 -5.25 65.14 -19.47
CA LEU F 257 -6.45 65.53 -18.73
C LEU F 257 -6.67 64.61 -17.51
N ILE F 258 -6.38 63.31 -17.65
CA ILE F 258 -6.39 62.34 -16.56
C ILE F 258 -5.23 62.63 -15.61
N GLU F 259 -4.03 62.87 -16.17
CA GLU F 259 -2.83 62.97 -15.35
C GLU F 259 -2.88 64.16 -14.40
N VAL F 260 -3.36 65.31 -14.89
CA VAL F 260 -3.39 66.54 -14.10
C VAL F 260 -4.65 66.62 -13.23
N LYS F 261 -5.64 65.75 -13.46
CA LYS F 261 -6.83 65.64 -12.62
C LYS F 261 -6.49 65.02 -11.27
N LYS F 262 -5.43 64.19 -11.22
CA LYS F 262 -4.97 63.51 -10.01
C LYS F 262 -4.46 64.57 -9.02
N GLY F 263 -4.74 64.37 -7.71
CA GLY F 263 -4.78 65.41 -6.70
C GLY F 263 -3.41 65.64 -6.09
N GLY F 264 -3.35 66.46 -5.04
CA GLY F 264 -2.16 66.58 -4.19
C GLY F 264 -1.03 67.39 -4.85
N SER F 265 -1.42 68.32 -5.73
CA SER F 265 -0.50 69.31 -6.25
C SER F 265 -1.15 70.69 -6.33
N ALA F 266 -0.39 71.73 -5.97
CA ALA F 266 -0.74 73.09 -6.34
C ALA F 266 -0.53 73.26 -7.83
N LYS F 267 -1.38 74.11 -8.44
CA LYS F 267 -1.20 74.47 -9.83
C LYS F 267 -1.05 75.99 -10.02
N GLY F 268 -0.03 76.41 -10.79
CA GLY F 268 0.11 77.77 -11.31
C GLY F 268 -0.56 77.84 -12.68
N ARG F 269 -0.58 79.02 -13.33
CA ARG F 269 -1.73 79.55 -14.07
C ARG F 269 -2.16 78.56 -15.16
N ALA F 270 -1.16 78.09 -15.90
CA ALA F 270 -1.33 77.21 -17.03
C ALA F 270 -2.08 75.92 -16.69
N VAL F 271 -1.47 75.12 -15.79
CA VAL F 271 -2.04 73.83 -15.38
C VAL F 271 -3.35 74.04 -14.63
N GLU F 272 -3.46 75.20 -13.96
CA GLU F 272 -4.62 75.56 -13.14
C GLU F 272 -5.83 75.72 -14.03
N ILE F 273 -5.69 76.40 -15.18
CA ILE F 273 -6.79 76.62 -16.12
C ILE F 273 -7.27 75.26 -16.62
N ILE F 274 -6.33 74.34 -16.97
CA ILE F 274 -6.68 72.99 -17.40
C ILE F 274 -7.54 72.29 -16.34
N SER F 275 -7.01 72.31 -15.11
CA SER F 275 -7.64 71.59 -14.02
C SER F 275 -9.05 72.14 -13.79
N ASP F 276 -9.21 73.46 -13.91
CA ASP F 276 -10.45 74.19 -13.70
C ASP F 276 -11.49 73.73 -14.72
N ILE F 277 -11.06 73.71 -15.99
CA ILE F 277 -11.86 73.24 -17.10
C ILE F 277 -12.28 71.81 -16.83
N GLY F 278 -11.37 70.98 -16.29
CA GLY F 278 -11.67 69.61 -15.93
C GLY F 278 -12.99 69.42 -15.21
N ASN F 279 -13.37 70.37 -14.34
CA ASN F 279 -14.58 70.21 -13.53
C ASN F 279 -15.86 70.30 -14.37
N TYR F 280 -15.74 70.79 -15.61
CA TYR F 280 -16.82 70.80 -16.58
C TYR F 280 -16.74 69.59 -17.54
N VAL F 281 -15.51 69.08 -17.71
CA VAL F 281 -15.12 68.07 -18.69
C VAL F 281 -15.41 66.68 -18.17
N GLU F 282 -15.30 66.43 -16.86
CA GLU F 282 -15.70 65.18 -16.23
C GLU F 282 -17.15 64.77 -16.55
N GLU F 283 -17.39 63.46 -16.74
CA GLU F 283 -18.67 62.83 -17.05
C GLU F 283 -19.20 63.18 -18.45
N THR F 284 -18.46 64.01 -19.21
CA THR F 284 -18.95 64.53 -20.48
C THR F 284 -19.14 63.44 -21.52
N GLY F 285 -20.28 63.49 -22.21
CA GLY F 285 -20.62 62.50 -23.22
C GLY F 285 -21.07 61.19 -22.59
N MET F 286 -21.33 61.17 -21.27
CA MET F 286 -22.01 60.05 -20.61
C MET F 286 -23.33 60.51 -19.95
N ALA F 287 -23.92 61.56 -20.55
CA ALA F 287 -25.18 62.24 -20.23
C ALA F 287 -26.21 61.28 -19.65
N GLY F 288 -26.56 60.30 -20.47
CA GLY F 288 -27.59 59.33 -20.14
C GLY F 288 -27.37 58.61 -18.81
N PHE F 289 -26.13 58.13 -18.53
CA PHE F 289 -25.78 57.39 -17.32
C PHE F 289 -26.08 58.25 -16.09
N PHE F 290 -25.37 59.40 -16.02
CA PHE F 290 -25.56 60.31 -14.90
C PHE F 290 -27.04 60.73 -14.83
N ALA F 291 -27.72 60.87 -15.99
CA ALA F 291 -29.12 61.30 -16.06
C ALA F 291 -30.06 60.30 -15.39
N THR F 292 -29.78 59.00 -15.56
CA THR F 292 -30.55 57.98 -14.86
C THR F 292 -30.27 58.06 -13.36
N ILE F 293 -29.02 58.38 -12.97
CA ILE F 293 -28.70 58.53 -11.54
C ILE F 293 -29.45 59.76 -10.98
N ARG F 294 -29.29 60.94 -11.61
CA ARG F 294 -29.88 62.19 -11.10
C ARG F 294 -31.42 62.14 -11.10
N PHE F 295 -31.97 61.70 -12.25
CA PHE F 295 -33.42 61.77 -12.46
C PHE F 295 -33.97 60.33 -12.51
N GLY F 296 -35.10 60.10 -11.82
CA GLY F 296 -35.55 58.74 -11.60
C GLY F 296 -34.87 58.12 -10.38
N LEU F 297 -33.56 57.82 -10.43
CA LEU F 297 -32.94 57.01 -9.36
C LEU F 297 -32.85 57.76 -8.04
N GLU F 298 -32.15 58.92 -8.00
CA GLU F 298 -32.03 59.78 -6.81
C GLU F 298 -33.42 60.20 -6.32
N THR F 299 -34.37 60.18 -7.29
CA THR F 299 -35.75 60.62 -7.05
C THR F 299 -36.56 59.60 -6.24
N ARG F 300 -36.39 58.28 -6.48
CA ARG F 300 -36.91 57.24 -5.60
C ARG F 300 -38.39 57.37 -5.26
N TYR F 301 -39.23 57.59 -6.30
CA TYR F 301 -40.67 57.72 -6.14
C TYR F 301 -41.28 56.39 -5.66
N PRO F 302 -42.49 56.38 -5.04
CA PRO F 302 -43.11 55.16 -4.48
C PRO F 302 -43.30 54.06 -5.52
N ALA F 303 -42.99 54.37 -6.79
CA ALA F 303 -43.30 53.48 -7.92
C ALA F 303 -42.07 52.70 -8.40
N LEU F 304 -40.97 52.73 -7.62
CA LEU F 304 -39.72 52.11 -8.05
C LEU F 304 -39.81 50.59 -8.15
N ALA F 305 -40.59 49.96 -7.27
CA ALA F 305 -40.63 48.51 -7.21
C ALA F 305 -41.49 47.93 -8.35
N LEU F 306 -42.02 48.82 -9.22
CA LEU F 306 -42.93 48.39 -10.27
C LEU F 306 -42.25 47.23 -11.00
N ASN F 307 -43.01 46.28 -11.52
CA ASN F 307 -42.52 45.01 -12.04
C ASN F 307 -41.26 45.17 -12.90
N GLU F 308 -41.37 46.05 -13.91
CA GLU F 308 -40.22 46.38 -14.75
C GLU F 308 -39.03 46.76 -13.84
N PHE F 309 -39.31 47.68 -12.91
CA PHE F 309 -38.28 48.20 -12.01
C PHE F 309 -37.65 47.07 -11.20
N GLN F 310 -38.36 45.96 -11.06
CA GLN F 310 -37.78 44.79 -10.41
C GLN F 310 -36.51 44.37 -11.15
N SER F 311 -36.51 44.44 -12.50
CA SER F 311 -35.36 43.93 -13.27
C SER F 311 -34.38 45.04 -13.64
N ASP F 312 -34.90 46.07 -14.32
CA ASP F 312 -34.14 47.27 -14.65
C ASP F 312 -33.29 47.72 -13.45
N LEU F 313 -33.83 47.74 -12.22
CA LEU F 313 -33.06 48.05 -11.01
C LEU F 313 -31.87 47.11 -10.87
N ASN F 314 -32.07 45.80 -11.06
CA ASN F 314 -30.98 44.83 -11.02
C ASN F 314 -29.95 45.15 -12.09
N THR F 315 -30.43 45.62 -13.25
CA THR F 315 -29.57 46.08 -14.34
C THR F 315 -28.69 47.24 -13.85
N ILE F 316 -29.32 48.28 -13.29
CA ILE F 316 -28.62 49.50 -12.87
C ILE F 316 -27.56 49.13 -11.84
N LYS F 317 -27.90 48.25 -10.88
CA LYS F 317 -26.96 47.78 -9.87
C LYS F 317 -25.70 47.25 -10.57
N SER F 318 -25.89 46.33 -11.53
CA SER F 318 -24.80 45.73 -12.30
C SER F 318 -23.97 46.81 -13.02
N LEU F 319 -24.67 47.84 -13.55
CA LEU F 319 -24.06 48.98 -14.25
C LEU F 319 -23.15 49.78 -13.30
N MET F 320 -23.66 50.09 -12.10
CA MET F 320 -22.94 50.91 -11.14
C MET F 320 -21.65 50.20 -10.73
N LEU F 321 -21.74 48.91 -10.38
CA LEU F 321 -20.57 48.10 -10.02
C LEU F 321 -19.61 48.01 -11.21
N LEU F 322 -20.18 47.92 -12.42
CA LEU F 322 -19.36 47.91 -13.64
C LEU F 322 -18.57 49.21 -13.80
N TYR F 323 -19.26 50.35 -13.60
CA TYR F 323 -18.72 51.70 -13.73
C TYR F 323 -17.50 51.86 -12.83
N ARG F 324 -17.65 51.39 -11.58
CA ARG F 324 -16.61 51.33 -10.57
C ARG F 324 -15.38 50.59 -11.11
N GLU F 325 -15.64 49.44 -11.75
CA GLU F 325 -14.57 48.56 -12.20
C GLU F 325 -13.81 49.18 -13.38
N ILE F 326 -14.48 50.01 -14.20
CA ILE F 326 -13.81 50.70 -15.31
C ILE F 326 -12.78 51.73 -14.79
N GLY F 327 -13.03 52.38 -13.63
CA GLY F 327 -11.91 52.91 -12.83
C GLY F 327 -11.32 54.23 -13.31
N PRO F 328 -9.97 54.38 -13.39
CA PRO F 328 -9.31 55.66 -13.71
C PRO F 328 -9.73 56.39 -14.99
N ARG F 329 -10.14 55.65 -16.04
CA ARG F 329 -10.51 56.28 -17.29
C ARG F 329 -11.93 56.87 -17.25
N ALA F 330 -12.72 56.59 -16.19
CA ALA F 330 -14.20 56.58 -16.22
C ALA F 330 -14.79 57.92 -16.56
N PRO F 331 -14.26 58.99 -15.94
CA PRO F 331 -14.75 60.35 -16.18
C PRO F 331 -14.64 60.86 -17.63
N TYR F 332 -13.91 60.13 -18.49
CA TYR F 332 -13.64 60.66 -19.83
C TYR F 332 -13.73 59.56 -20.89
N MET F 333 -14.62 58.57 -20.72
CA MET F 333 -14.66 57.40 -21.59
C MET F 333 -14.97 57.75 -23.04
N VAL F 334 -15.85 58.74 -23.22
CA VAL F 334 -16.30 59.12 -24.54
C VAL F 334 -15.13 59.75 -25.29
N LEU F 335 -14.35 60.61 -24.61
CA LEU F 335 -13.22 61.29 -25.23
C LEU F 335 -12.18 60.25 -25.64
N LEU F 336 -12.10 59.15 -24.87
CA LEU F 336 -11.11 58.09 -25.14
C LEU F 336 -11.66 57.11 -26.19
N GLU F 337 -12.92 57.26 -26.66
CA GLU F 337 -13.54 56.31 -27.60
C GLU F 337 -13.59 54.92 -26.95
N GLU F 338 -13.54 54.84 -25.60
CA GLU F 338 -13.36 53.56 -24.91
C GLU F 338 -14.58 52.66 -25.10
N SER F 339 -14.35 51.47 -25.66
CA SER F 339 -15.40 50.55 -26.07
C SER F 339 -16.33 50.15 -24.92
N ILE F 340 -15.72 49.98 -23.73
CA ILE F 340 -16.44 49.68 -22.49
C ILE F 340 -17.58 50.70 -22.38
N GLN F 341 -17.36 51.87 -23.00
CA GLN F 341 -18.32 52.97 -22.95
C GLN F 341 -19.69 52.51 -23.44
N THR F 342 -19.67 51.68 -24.50
CA THR F 342 -20.91 51.24 -25.14
C THR F 342 -21.81 50.55 -24.10
N LYS F 343 -21.16 49.78 -23.21
CA LYS F 343 -21.88 48.98 -22.22
C LYS F 343 -22.60 49.91 -21.24
N PHE F 344 -21.89 50.99 -20.91
CA PHE F 344 -22.32 52.02 -19.98
C PHE F 344 -23.45 52.84 -20.59
N ALA F 345 -23.56 52.90 -21.94
CA ALA F 345 -24.53 53.74 -22.63
C ALA F 345 -25.94 53.42 -22.15
N PRO F 346 -26.78 54.47 -22.01
CA PRO F 346 -28.04 54.44 -21.26
C PRO F 346 -29.14 53.57 -21.86
N GLY F 347 -28.99 53.21 -23.15
CA GLY F 347 -29.88 52.30 -23.85
C GLY F 347 -29.89 50.90 -23.21
N GLY F 348 -28.96 50.67 -22.28
CA GLY F 348 -28.68 49.41 -21.60
C GLY F 348 -29.74 49.01 -20.59
N TYR F 349 -30.47 50.02 -20.02
CA TYR F 349 -31.55 49.88 -19.03
C TYR F 349 -32.84 50.64 -19.43
N PRO F 350 -33.52 50.28 -20.53
CA PRO F 350 -34.24 51.29 -21.31
C PRO F 350 -35.60 51.68 -20.74
N LEU F 351 -36.19 50.73 -20.00
CA LEU F 351 -37.49 50.93 -19.37
C LEU F 351 -37.32 51.93 -18.22
N LEU F 352 -36.34 51.64 -17.35
CA LEU F 352 -35.98 52.51 -16.24
C LEU F 352 -35.51 53.87 -16.75
N TRP F 353 -34.69 53.93 -17.81
CA TRP F 353 -34.21 55.17 -18.42
C TRP F 353 -35.37 55.99 -18.98
N SER F 354 -36.29 55.39 -19.74
CA SER F 354 -37.42 56.12 -20.30
C SER F 354 -38.25 56.77 -19.16
N PHE F 355 -38.44 56.01 -18.06
CA PHE F 355 -39.07 56.56 -16.87
C PHE F 355 -38.16 57.65 -16.27
N ALA F 356 -36.82 57.46 -16.27
CA ALA F 356 -35.84 58.43 -15.72
C ALA F 356 -35.88 59.75 -16.50
N MET F 357 -36.03 59.73 -17.84
CA MET F 357 -36.23 60.99 -18.57
C MET F 357 -37.59 61.60 -18.20
N GLY F 358 -38.62 60.74 -18.03
CA GLY F 358 -39.96 61.25 -17.78
C GLY F 358 -40.06 62.03 -16.45
N VAL F 359 -39.49 61.46 -15.38
CA VAL F 359 -39.34 62.12 -14.08
C VAL F 359 -38.43 63.36 -14.22
N ALA F 360 -37.20 63.20 -14.73
CA ALA F 360 -36.17 64.24 -14.80
C ALA F 360 -36.68 65.51 -15.48
N THR F 361 -37.29 65.38 -16.68
CA THR F 361 -37.89 66.45 -17.47
C THR F 361 -38.96 67.23 -16.69
N THR F 362 -39.68 66.50 -15.81
CA THR F 362 -40.78 67.05 -15.02
C THR F 362 -40.25 67.83 -13.81
N ILE F 363 -39.17 67.32 -13.19
CA ILE F 363 -38.75 67.74 -11.85
C ILE F 363 -37.62 68.78 -11.92
N ASP F 364 -36.76 68.73 -12.95
CA ASP F 364 -35.60 69.62 -13.05
C ASP F 364 -35.77 70.58 -14.23
N ARG F 365 -35.89 71.89 -13.91
CA ARG F 365 -36.25 72.98 -14.82
C ARG F 365 -35.22 73.14 -15.95
N SER F 366 -33.97 72.79 -15.66
CA SER F 366 -32.87 72.90 -16.61
C SER F 366 -32.87 71.78 -17.64
N MET F 367 -33.37 70.61 -17.23
CA MET F 367 -33.42 69.46 -18.13
C MET F 367 -34.55 69.68 -19.12
N GLY F 368 -34.69 68.76 -20.08
CA GLY F 368 -35.78 68.86 -21.03
C GLY F 368 -35.39 69.68 -22.25
N ALA F 369 -34.49 70.67 -22.02
CA ALA F 369 -33.67 71.40 -23.00
C ALA F 369 -32.70 70.44 -23.70
N LEU F 370 -32.55 69.24 -23.12
CA LEU F 370 -31.64 68.23 -23.64
C LEU F 370 -32.24 67.52 -24.84
N ASN F 371 -31.38 66.95 -25.71
CA ASN F 371 -31.84 66.25 -26.90
C ASN F 371 -32.24 64.83 -26.52
N ILE F 372 -33.56 64.52 -26.54
CA ILE F 372 -34.18 63.34 -25.97
C ILE F 372 -34.52 62.33 -27.07
N ASN F 373 -34.01 62.54 -28.31
CA ASN F 373 -34.26 61.59 -29.40
C ASN F 373 -33.34 60.35 -29.38
N ARG F 374 -33.63 59.31 -28.56
CA ARG F 374 -32.94 58.03 -28.51
C ARG F 374 -33.99 56.93 -28.67
N GLY F 375 -33.62 55.82 -29.34
CA GLY F 375 -34.56 54.78 -29.75
C GLY F 375 -35.18 54.00 -28.60
N TYR F 376 -34.37 53.85 -27.52
CA TYR F 376 -34.77 53.16 -26.31
C TYR F 376 -35.81 53.93 -25.48
N LEU F 377 -36.19 55.16 -25.91
CA LEU F 377 -37.27 55.86 -25.19
C LEU F 377 -38.61 55.18 -25.52
N GLU F 378 -39.36 54.76 -24.50
CA GLU F 378 -40.65 54.12 -24.74
C GLU F 378 -41.71 55.07 -24.21
N PRO F 379 -42.52 55.66 -25.12
CA PRO F 379 -43.52 56.69 -24.78
C PRO F 379 -44.38 56.41 -23.55
N MET F 380 -44.87 55.17 -23.47
CA MET F 380 -45.73 54.77 -22.36
C MET F 380 -45.00 54.91 -21.03
N TYR F 381 -43.73 54.46 -20.97
CA TYR F 381 -42.91 54.51 -19.76
C TYR F 381 -42.52 55.96 -19.46
N PHE F 382 -42.21 56.74 -20.52
CA PHE F 382 -41.92 58.17 -20.34
C PHE F 382 -43.12 58.93 -19.78
N ARG F 383 -44.30 58.71 -20.43
CA ARG F 383 -45.52 59.41 -20.02
C ARG F 383 -45.73 59.16 -18.52
N LEU F 384 -45.60 57.90 -18.05
CA LEU F 384 -45.75 57.56 -16.62
C LEU F 384 -44.72 58.32 -15.79
N GLY F 385 -43.48 58.35 -16.27
CA GLY F 385 -42.45 59.12 -15.58
C GLY F 385 -42.78 60.62 -15.49
N GLN F 386 -43.21 61.23 -16.62
CA GLN F 386 -43.64 62.63 -16.68
C GLN F 386 -44.83 62.86 -15.75
N LYS F 387 -45.88 62.05 -15.91
CA LYS F 387 -47.13 62.27 -15.19
C LYS F 387 -47.05 61.71 -13.79
N SER F 388 -46.44 60.52 -13.61
CA SER F 388 -46.34 59.86 -12.31
C SER F 388 -45.68 60.78 -11.28
N ALA F 389 -44.60 61.43 -11.73
CA ALA F 389 -43.97 62.49 -10.93
C ALA F 389 -44.82 63.77 -10.95
N ARG F 390 -45.11 64.31 -12.14
CA ARG F 390 -45.70 65.66 -12.24
C ARG F 390 -47.16 65.75 -11.75
N HIS F 391 -48.02 64.81 -12.18
CA HIS F 391 -49.41 64.77 -11.72
C HIS F 391 -49.42 64.41 -10.23
N HIS F 392 -48.30 63.79 -9.78
CA HIS F 392 -48.12 63.46 -8.38
C HIS F 392 -47.74 64.74 -7.63
N ALA F 393 -47.71 65.86 -8.38
CA ALA F 393 -47.27 67.13 -7.80
C ALA F 393 -45.81 66.98 -7.37
N GLY F 394 -44.97 66.39 -8.25
CA GLY F 394 -43.58 66.11 -7.90
C GLY F 394 -43.38 64.77 -7.18
N GLY F 395 -44.44 63.93 -7.16
CA GLY F 395 -44.38 62.69 -6.40
C GLY F 395 -44.71 63.01 -4.93
N ILE F 396 -45.69 63.90 -4.72
CA ILE F 396 -46.15 64.35 -3.39
C ILE F 396 -46.55 63.13 -2.56
N ASP F 397 -47.31 62.25 -3.24
CA ASP F 397 -47.75 60.98 -2.63
C ASP F 397 -46.53 60.15 -2.18
N GLN F 398 -45.47 60.09 -3.02
CA GLN F 398 -44.28 59.29 -2.72
C GLN F 398 -43.18 60.16 -2.11
N ASN F 399 -43.58 61.02 -1.16
CA ASN F 399 -42.63 61.84 -0.42
C ASN F 399 -41.60 60.96 0.31
N MET F 400 -42.05 59.86 0.91
CA MET F 400 -41.17 58.91 1.56
C MET F 400 -41.24 57.55 0.85
N SER F 408 -49.43 68.37 11.58
CA SER F 408 -49.95 69.69 11.14
C SER F 408 -50.26 69.65 9.64
N ASP F 409 -50.74 68.49 9.16
CA ASP F 409 -51.25 68.27 7.81
C ASP F 409 -50.24 68.71 6.73
N GLN F 410 -48.97 68.29 6.95
CA GLN F 410 -47.82 68.64 6.11
C GLN F 410 -48.13 68.40 4.63
N VAL F 411 -48.64 67.20 4.35
CA VAL F 411 -48.94 66.72 3.00
C VAL F 411 -49.78 67.76 2.24
N ALA F 412 -50.95 68.09 2.83
CA ALA F 412 -51.95 68.95 2.18
C ALA F 412 -51.37 70.34 1.87
N GLU F 413 -50.65 70.92 2.85
CA GLU F 413 -50.15 72.29 2.69
C GLU F 413 -49.21 72.37 1.49
N LEU F 414 -48.43 71.29 1.28
CA LEU F 414 -47.48 71.24 0.17
C LEU F 414 -48.21 71.35 -1.18
N ALA F 415 -49.57 71.29 -1.17
CA ALA F 415 -50.34 71.44 -2.41
C ALA F 415 -50.04 72.80 -3.08
N ALA F 416 -49.95 73.86 -2.24
CA ALA F 416 -49.72 75.23 -2.72
C ALA F 416 -48.42 75.29 -3.55
N ALA F 417 -47.39 74.64 -2.97
CA ALA F 417 -46.04 74.66 -3.52
C ALA F 417 -46.01 74.04 -4.94
N VAL F 418 -46.78 72.94 -5.17
CA VAL F 418 -46.91 72.26 -6.48
C VAL F 418 -47.37 73.25 -7.55
N GLN F 419 -48.37 74.09 -7.19
CA GLN F 419 -48.96 75.03 -8.16
C GLN F 419 -49.45 74.28 -9.40
N GLU F 420 -50.03 73.09 -9.17
CA GLU F 420 -50.47 72.24 -10.26
C GLU F 420 -50.30 70.79 -9.82
N ILE G 26 -29.24 48.03 -1.40
CA ILE G 26 -30.16 48.16 -2.60
C ILE G 26 -30.17 49.60 -3.15
N PHE G 27 -31.01 50.47 -2.55
CA PHE G 27 -31.07 51.91 -2.82
C PHE G 27 -29.82 52.61 -2.26
N GLU G 28 -29.33 52.04 -1.14
CA GLU G 28 -28.16 52.49 -0.39
C GLU G 28 -26.91 52.50 -1.27
N GLU G 29 -26.87 51.51 -2.19
CA GLU G 29 -25.74 51.31 -3.09
C GLU G 29 -25.62 52.52 -4.03
N ALA G 30 -26.76 52.99 -4.57
CA ALA G 30 -26.88 54.14 -5.47
C ALA G 30 -26.33 55.42 -4.85
N ALA G 31 -26.78 55.73 -3.62
CA ALA G 31 -26.31 56.90 -2.88
C ALA G 31 -24.79 56.82 -2.67
N SER G 32 -24.30 55.63 -2.27
CA SER G 32 -22.88 55.38 -2.05
C SER G 32 -22.10 55.53 -3.35
N PHE G 33 -22.74 55.14 -4.47
CA PHE G 33 -22.13 55.17 -5.80
C PHE G 33 -21.98 56.61 -6.28
N ARG G 34 -23.01 57.45 -6.09
CA ARG G 34 -22.95 58.89 -6.39
C ARG G 34 -21.73 59.49 -5.69
N SER G 35 -21.58 59.12 -4.39
CA SER G 35 -20.47 59.61 -3.58
C SER G 35 -19.14 59.09 -4.13
N TYR G 36 -19.13 57.82 -4.57
CA TYR G 36 -17.91 57.21 -5.08
C TYR G 36 -17.44 57.97 -6.33
N GLN G 37 -18.38 58.22 -7.29
CA GLN G 37 -18.08 58.96 -8.52
C GLN G 37 -17.41 60.29 -8.17
N SER G 38 -17.98 61.00 -7.18
CA SER G 38 -17.57 62.35 -6.82
C SER G 38 -16.15 62.39 -6.25
N LYS G 39 -15.75 61.31 -5.56
CA LYS G 39 -14.45 61.22 -4.91
C LYS G 39 -13.44 60.39 -5.71
N LEU G 40 -13.91 59.70 -6.77
CA LEU G 40 -13.03 58.95 -7.66
C LEU G 40 -12.03 59.91 -8.31
N GLY G 41 -10.77 59.51 -8.26
CA GLY G 41 -9.73 60.23 -8.98
C GLY G 41 -9.22 61.45 -8.19
N ARG G 42 -9.77 61.63 -6.98
CA ARG G 42 -9.22 62.59 -6.02
C ARG G 42 -7.78 62.22 -5.64
N ASP G 43 -7.48 60.91 -5.59
CA ASP G 43 -6.23 60.36 -5.11
C ASP G 43 -5.11 60.44 -6.15
N GLY G 44 -3.93 60.02 -5.71
CA GLY G 44 -2.76 59.96 -6.57
C GLY G 44 -1.93 61.24 -6.55
N ARG G 45 -0.71 61.18 -7.11
CA ARG G 45 0.29 62.25 -7.10
C ARG G 45 0.81 62.56 -8.51
N ALA G 46 0.87 63.86 -8.85
CA ALA G 46 0.92 64.34 -10.22
C ALA G 46 2.30 64.17 -10.83
N SER G 47 2.33 63.73 -12.09
CA SER G 47 3.55 63.61 -12.90
C SER G 47 4.22 64.95 -13.18
N ALA G 48 5.57 64.96 -13.13
CA ALA G 48 6.41 66.15 -13.21
C ALA G 48 6.27 66.87 -14.56
N ALA G 49 5.79 66.10 -15.54
CA ALA G 49 5.49 66.58 -16.88
C ALA G 49 4.53 67.78 -16.88
N THR G 50 3.67 67.93 -15.82
CA THR G 50 2.71 69.03 -15.64
C THR G 50 3.35 70.41 -15.38
N ALA G 51 4.64 70.40 -14.99
CA ALA G 51 5.33 71.62 -14.52
C ALA G 51 5.35 72.75 -15.57
N THR G 52 4.75 73.92 -15.28
CA THR G 52 4.62 75.00 -16.25
C THR G 52 5.90 75.86 -16.27
N LEU G 53 6.23 76.55 -17.38
CA LEU G 53 7.41 77.45 -17.53
C LEU G 53 7.44 78.57 -16.47
N THR G 54 8.45 78.57 -15.59
CA THR G 54 8.52 79.41 -14.40
C THR G 54 8.94 80.84 -14.77
N THR G 55 8.19 81.75 -14.13
CA THR G 55 8.32 83.18 -14.33
C THR G 55 9.23 83.79 -13.25
N LYS G 56 10.26 84.54 -13.67
CA LYS G 56 11.14 85.28 -12.78
C LYS G 56 10.53 86.64 -12.38
N ILE G 57 10.39 86.86 -11.05
CA ILE G 57 9.92 88.11 -10.48
C ILE G 57 10.96 88.69 -9.48
N ARG G 58 11.24 90.00 -9.58
CA ARG G 58 12.25 90.66 -8.75
C ARG G 58 11.55 91.28 -7.53
N ILE G 59 12.00 90.91 -6.33
CA ILE G 59 11.39 91.40 -5.10
C ILE G 59 12.45 92.13 -4.29
N PHE G 60 12.36 93.45 -4.16
CA PHE G 60 13.10 94.18 -3.11
C PHE G 60 12.44 93.94 -1.75
N VAL G 61 13.24 93.58 -0.72
CA VAL G 61 12.71 92.94 0.49
C VAL G 61 13.40 93.59 1.70
N PRO G 62 12.72 93.75 2.88
CA PRO G 62 13.17 94.64 3.95
C PRO G 62 14.51 94.21 4.56
N ALA G 63 15.52 95.11 4.49
CA ALA G 63 16.94 94.83 4.74
C ALA G 63 17.31 94.50 6.20
N THR G 64 16.63 95.15 7.17
CA THR G 64 17.00 95.05 8.58
C THR G 64 15.98 95.81 9.43
N ASN G 65 16.26 95.97 10.73
CA ASN G 65 15.30 96.49 11.71
C ASN G 65 15.44 98.00 11.91
N SER G 66 15.40 98.78 10.83
CA SER G 66 15.49 100.23 10.82
C SER G 66 14.22 100.81 10.18
N PRO G 67 13.61 101.81 10.85
CA PRO G 67 12.46 102.53 10.28
C PRO G 67 12.78 103.30 8.99
N GLU G 68 14.06 103.71 8.85
CA GLU G 68 14.65 104.37 7.68
C GLU G 68 14.40 103.56 6.41
N LEU G 69 14.75 102.28 6.44
CA LEU G 69 14.58 101.36 5.33
C LEU G 69 13.09 101.07 5.08
N ARG G 70 12.37 100.78 6.17
CA ARG G 70 10.97 100.33 6.16
C ARG G 70 10.06 101.38 5.49
N TRP G 71 10.20 102.67 5.89
CA TRP G 71 9.41 103.78 5.33
C TRP G 71 9.71 104.00 3.84
N GLU G 72 11.02 104.05 3.50
CA GLU G 72 11.47 104.29 2.12
C GLU G 72 10.96 103.17 1.20
N LEU G 73 11.07 101.92 1.67
CA LEU G 73 10.60 100.75 0.92
C LEU G 73 9.08 100.80 0.70
N THR G 74 8.33 101.25 1.72
CA THR G 74 6.88 101.43 1.58
C THR G 74 6.58 102.46 0.49
N LEU G 75 7.28 103.61 0.50
CA LEU G 75 7.14 104.66 -0.51
C LEU G 75 7.42 104.13 -1.92
N PHE G 76 8.56 103.41 -2.07
CA PHE G 76 8.98 102.72 -3.31
C PHE G 76 7.80 101.87 -3.82
N ALA G 77 7.27 100.99 -2.94
CA ALA G 77 6.23 100.02 -3.29
C ALA G 77 4.92 100.68 -3.70
N LEU G 78 4.51 101.72 -2.95
CA LEU G 78 3.32 102.47 -3.28
C LEU G 78 3.47 103.03 -4.70
N ASP G 79 4.68 103.55 -5.00
CA ASP G 79 4.94 104.16 -6.29
C ASP G 79 5.02 103.13 -7.42
N VAL G 80 5.60 101.94 -7.18
CA VAL G 80 5.62 100.87 -8.17
C VAL G 80 4.20 100.54 -8.63
N ILE G 81 3.25 100.47 -7.66
CA ILE G 81 1.84 100.18 -7.94
C ILE G 81 1.15 101.38 -8.64
N ARG G 82 1.63 102.60 -8.33
CA ARG G 82 1.10 103.80 -8.97
C ARG G 82 1.63 103.99 -10.41
N SER G 83 2.73 103.32 -10.80
CA SER G 83 3.49 103.58 -12.04
C SER G 83 2.76 103.17 -13.31
N PRO G 84 2.72 104.04 -14.37
CA PRO G 84 2.08 103.73 -15.64
C PRO G 84 3.01 102.90 -16.51
N SER G 85 4.32 102.97 -16.22
CA SER G 85 5.39 102.46 -17.06
C SER G 85 5.96 101.12 -16.57
N ALA G 86 5.71 100.78 -15.31
CA ALA G 86 6.34 99.64 -14.66
C ALA G 86 5.75 98.30 -15.13
N ALA G 87 6.64 97.32 -15.37
CA ALA G 87 6.30 95.95 -15.79
C ALA G 87 5.61 95.14 -14.69
N GLU G 88 4.74 94.20 -15.14
CA GLU G 88 3.93 93.33 -14.27
C GLU G 88 4.79 92.55 -13.29
N SER G 89 5.94 92.10 -13.81
CA SER G 89 6.92 91.34 -13.04
C SER G 89 7.44 92.14 -11.85
N MET G 90 7.68 93.43 -12.05
CA MET G 90 8.09 94.35 -10.99
C MET G 90 6.94 94.59 -10.01
N LYS G 91 5.72 94.80 -10.56
CA LYS G 91 4.54 95.12 -9.77
C LYS G 91 4.18 94.02 -8.76
N VAL G 92 4.19 92.75 -9.21
CA VAL G 92 3.94 91.62 -8.32
C VAL G 92 4.96 91.57 -7.18
N GLY G 93 6.23 91.76 -7.56
CA GLY G 93 7.32 91.73 -6.60
C GLY G 93 7.24 92.85 -5.57
N ALA G 94 6.80 94.04 -6.03
CA ALA G 94 6.44 95.17 -5.17
C ALA G 94 5.35 94.77 -4.17
N ALA G 95 4.25 94.19 -4.68
CA ALA G 95 3.15 93.77 -3.82
C ALA G 95 3.60 92.79 -2.73
N PHE G 96 4.48 91.84 -3.09
CA PHE G 96 5.09 90.90 -2.17
C PHE G 96 5.95 91.60 -1.09
N THR G 97 6.70 92.66 -1.46
CA THR G 97 7.45 93.45 -0.48
C THR G 97 6.48 94.08 0.51
N LEU G 98 5.43 94.71 -0.06
CA LEU G 98 4.47 95.49 0.71
C LEU G 98 3.82 94.60 1.75
N ILE G 99 3.38 93.36 1.40
CA ILE G 99 2.66 92.49 2.34
C ILE G 99 3.55 91.41 2.97
N SER G 100 4.87 91.69 3.08
CA SER G 100 5.80 90.98 3.93
C SER G 100 6.34 91.84 5.10
N MET G 101 6.06 93.15 5.12
CA MET G 101 6.23 94.06 6.25
C MET G 101 5.85 93.53 7.64
N TYR G 102 4.92 92.57 7.80
CA TYR G 102 4.60 91.94 9.08
C TYR G 102 5.82 91.39 9.82
N SER G 103 6.73 90.77 9.07
CA SER G 103 7.73 89.88 9.66
C SER G 103 8.87 90.62 10.36
N GLU G 104 9.40 89.94 11.36
CA GLU G 104 10.72 90.21 11.95
C GLU G 104 11.85 90.24 10.91
N ARG G 105 11.78 89.41 9.84
CA ARG G 105 12.84 89.43 8.85
C ARG G 105 12.26 89.37 7.44
N PRO G 106 11.77 90.53 6.89
CA PRO G 106 11.03 90.59 5.62
C PRO G 106 11.27 89.60 4.47
N GLY G 107 12.54 89.53 4.06
CA GLY G 107 12.93 88.68 2.94
C GLY G 107 12.83 87.19 3.27
N ALA G 108 13.17 86.83 4.53
CA ALA G 108 13.07 85.45 4.98
C ALA G 108 11.61 85.00 5.04
N LEU G 109 10.71 85.89 5.53
CA LEU G 109 9.27 85.61 5.63
C LEU G 109 8.71 85.28 4.24
N ILE G 110 8.97 86.14 3.23
CA ILE G 110 8.51 85.88 1.85
C ILE G 110 9.09 84.55 1.34
N ARG G 111 10.44 84.40 1.34
CA ARG G 111 11.09 83.25 0.73
C ARG G 111 10.63 81.91 1.34
N SER G 112 10.40 81.91 2.66
CA SER G 112 10.10 80.70 3.42
C SER G 112 8.63 80.28 3.38
N LEU G 113 7.71 81.23 3.18
CA LEU G 113 6.29 80.88 3.14
C LEU G 113 5.77 80.79 1.70
N LEU G 114 6.52 81.39 0.74
CA LEU G 114 6.05 81.49 -0.64
C LEU G 114 6.21 80.13 -1.29
N ASN G 115 5.10 79.51 -1.72
CA ASN G 115 5.04 78.09 -2.08
C ASN G 115 4.13 77.84 -3.29
N ASP G 116 4.57 78.31 -4.47
CA ASP G 116 3.81 78.39 -5.70
C ASP G 116 4.74 78.14 -6.89
N PRO G 117 4.35 77.20 -7.78
CA PRO G 117 5.26 76.69 -8.82
C PRO G 117 5.46 77.60 -10.03
N ASP G 118 4.49 78.50 -10.26
CA ASP G 118 4.44 79.29 -11.49
C ASP G 118 5.56 80.33 -11.55
N ILE G 119 5.96 80.76 -10.34
CA ILE G 119 6.82 81.90 -10.04
C ILE G 119 8.11 81.45 -9.34
N GLU G 120 9.25 82.03 -9.81
CA GLU G 120 10.53 81.98 -9.11
C GLU G 120 10.94 83.41 -8.72
N ALA G 121 11.01 83.64 -7.40
CA ALA G 121 11.38 84.94 -6.83
C ALA G 121 12.89 85.09 -6.79
N VAL G 122 13.41 86.24 -7.26
CA VAL G 122 14.76 86.67 -6.95
C VAL G 122 14.65 87.81 -5.96
N ILE G 123 15.21 87.60 -4.76
CA ILE G 123 15.09 88.48 -3.62
C ILE G 123 16.33 89.38 -3.55
N ILE G 124 16.12 90.70 -3.49
CA ILE G 124 17.14 91.73 -3.22
C ILE G 124 16.88 92.35 -1.84
N ASP G 125 17.81 92.20 -0.87
CA ASP G 125 17.46 92.65 0.48
C ASP G 125 18.45 93.67 1.05
N VAL G 126 18.76 94.74 0.29
CA VAL G 126 19.90 95.59 0.64
C VAL G 126 19.54 96.51 1.81
N GLY G 127 20.44 96.64 2.80
CA GLY G 127 20.34 97.55 3.94
C GLY G 127 20.77 98.97 3.55
N SER G 128 21.37 99.10 2.36
CA SER G 128 21.93 100.36 1.86
C SER G 128 20.90 101.48 1.76
N MET G 129 19.69 101.11 1.31
CA MET G 129 18.52 101.99 1.33
C MET G 129 18.85 103.43 0.89
N VAL G 130 19.84 103.60 -0.01
CA VAL G 130 20.21 104.91 -0.50
C VAL G 130 19.43 105.21 -1.78
N ASN G 131 18.53 104.29 -2.19
CA ASN G 131 17.99 104.29 -3.53
C ASN G 131 16.48 104.39 -3.55
N GLY G 132 15.87 105.12 -2.60
CA GLY G 132 14.43 105.30 -2.48
C GLY G 132 13.65 104.17 -3.17
N ILE G 133 12.60 104.57 -3.92
CA ILE G 133 11.63 103.69 -4.55
C ILE G 133 12.21 102.81 -5.66
N PRO G 134 13.01 103.38 -6.60
CA PRO G 134 13.39 102.64 -7.82
C PRO G 134 14.90 102.78 -7.95
N VAL G 135 15.64 101.86 -7.32
CA VAL G 135 17.10 102.02 -7.22
C VAL G 135 17.89 101.17 -8.21
N MET G 136 19.06 101.67 -8.59
CA MET G 136 20.01 101.00 -9.45
C MET G 136 20.69 99.85 -8.72
N GLU G 137 21.04 98.84 -9.51
CA GLU G 137 21.96 97.79 -9.11
C GLU G 137 23.11 97.69 -10.12
N GLU G 145 21.94 101.72 -17.77
CA GLU G 145 20.67 102.01 -18.51
C GLU G 145 19.43 101.63 -17.69
N GLU G 146 19.57 100.51 -16.95
CA GLU G 146 18.55 99.93 -16.07
C GLU G 146 18.03 100.99 -15.08
N MET G 147 18.95 101.72 -14.42
CA MET G 147 18.64 102.75 -13.43
C MET G 147 17.84 103.90 -14.05
N GLU G 148 18.10 104.19 -15.33
CA GLU G 148 17.42 105.23 -16.09
C GLU G 148 16.07 104.72 -16.59
N GLY G 149 15.97 103.41 -16.91
CA GLY G 149 14.68 102.76 -17.11
C GLY G 149 13.77 102.91 -15.90
N LEU G 150 14.33 102.60 -14.70
CA LEU G 150 13.68 102.80 -13.40
C LEU G 150 13.25 104.26 -13.23
N MET G 151 14.14 105.23 -13.52
CA MET G 151 13.86 106.67 -13.42
C MET G 151 12.66 107.03 -14.29
N ARG G 152 12.63 106.54 -15.56
CA ARG G 152 11.52 106.78 -16.49
C ARG G 152 10.21 106.23 -15.90
N ILE G 153 10.30 104.99 -15.38
CA ILE G 153 9.16 104.33 -14.74
C ILE G 153 8.58 105.22 -13.63
N LEU G 154 9.45 105.71 -12.71
CA LEU G 154 9.07 106.53 -11.54
C LEU G 154 8.53 107.90 -11.96
N LYS G 155 9.18 108.56 -12.94
CA LYS G 155 8.75 109.85 -13.47
C LYS G 155 7.32 109.70 -14.04
N THR G 156 7.17 108.73 -14.96
CA THR G 156 5.89 108.46 -15.62
C THR G 156 4.80 108.19 -14.56
N ALA G 157 5.18 107.43 -13.49
CA ALA G 157 4.27 107.14 -12.37
C ALA G 157 3.76 108.43 -11.72
N ARG G 158 4.68 109.32 -11.29
CA ARG G 158 4.37 110.60 -10.66
C ARG G 158 3.49 111.43 -11.58
N ASP G 159 3.94 111.61 -12.85
CA ASP G 159 3.35 112.54 -13.81
C ASP G 159 1.91 112.12 -14.19
N SER G 160 1.74 110.81 -14.45
CA SER G 160 0.47 110.24 -14.88
C SER G 160 -0.57 110.28 -13.77
N SER G 161 -0.09 110.17 -12.51
CA SER G 161 -0.93 110.23 -11.33
C SER G 161 -1.16 111.67 -10.85
N LYS G 162 -0.62 112.67 -11.57
CA LYS G 162 -0.82 114.08 -11.22
C LYS G 162 -0.31 114.34 -9.80
N GLY G 163 0.79 113.64 -9.39
CA GLY G 163 1.41 113.79 -8.08
C GLY G 163 0.65 113.22 -6.87
N LYS G 164 -0.49 112.50 -7.02
CA LYS G 164 -1.41 112.21 -5.92
C LYS G 164 -0.82 111.11 -5.03
N THR G 165 -0.49 111.32 -3.74
CA THR G 165 0.55 110.52 -3.06
C THR G 165 -0.13 109.36 -2.35
N PRO G 166 0.56 108.40 -1.68
CA PRO G 166 -0.11 107.20 -1.16
C PRO G 166 -1.21 107.44 -0.12
N PHE G 167 -0.88 108.38 0.78
CA PHE G 167 -1.74 108.63 1.94
C PHE G 167 -2.72 109.78 1.61
N VAL G 168 -3.88 109.84 2.30
CA VAL G 168 -5.03 110.63 1.83
C VAL G 168 -4.82 112.13 2.09
N ASP G 169 -4.11 112.44 3.19
CA ASP G 169 -3.77 113.81 3.57
C ASP G 169 -2.26 114.03 3.55
N SER G 170 -1.79 114.90 2.64
CA SER G 170 -0.50 114.89 1.95
C SER G 170 0.74 114.77 2.85
N ARG G 171 0.72 115.49 4.00
CA ARG G 171 1.85 115.56 4.94
C ARG G 171 2.25 114.15 5.41
N ALA G 172 1.21 113.31 5.58
CA ALA G 172 1.40 111.91 5.99
C ALA G 172 2.23 111.15 4.95
N TYR G 173 2.04 111.43 3.64
CA TYR G 173 2.77 110.74 2.56
C TYR G 173 4.26 111.13 2.59
N GLY G 174 4.51 112.39 2.96
CA GLY G 174 5.83 113.00 2.87
C GLY G 174 6.73 112.65 4.06
N LEU G 175 6.08 112.45 5.20
CA LEU G 175 6.78 112.43 6.49
C LEU G 175 7.58 111.15 6.75
N ARG G 176 8.93 111.22 6.81
CA ARG G 176 9.79 110.13 7.23
C ARG G 176 9.53 109.81 8.70
N ILE G 177 9.24 108.55 9.04
CA ILE G 177 9.11 108.07 10.43
C ILE G 177 10.31 107.18 10.76
N THR G 178 10.88 107.37 11.98
CA THR G 178 12.30 107.13 12.24
C THR G 178 12.60 106.07 13.32
N ASP G 179 11.59 105.60 14.07
CA ASP G 179 11.83 104.76 15.25
C ASP G 179 10.80 103.63 15.30
N MET G 180 11.08 102.49 15.97
CA MET G 180 10.36 101.21 15.91
C MET G 180 8.83 101.33 16.04
N SER G 181 8.40 102.07 17.08
CA SER G 181 6.99 102.13 17.49
C SER G 181 6.14 102.80 16.40
N THR G 182 6.64 103.93 15.88
CA THR G 182 6.02 104.69 14.79
C THR G 182 6.05 103.87 13.49
N LEU G 183 7.18 103.18 13.24
CA LEU G 183 7.37 102.32 12.07
C LEU G 183 6.29 101.24 12.00
N VAL G 184 6.15 100.46 13.10
CA VAL G 184 5.17 99.37 13.15
C VAL G 184 3.74 99.94 13.08
N SER G 185 3.48 101.07 13.75
CA SER G 185 2.19 101.76 13.63
C SER G 185 1.83 102.05 12.16
N ALA G 186 2.81 102.55 11.38
CA ALA G 186 2.68 102.92 9.97
C ALA G 186 2.53 101.66 9.11
N VAL G 187 3.50 100.73 9.20
CA VAL G 187 3.57 99.50 8.42
C VAL G 187 2.27 98.69 8.60
N ILE G 188 1.84 98.45 9.84
CA ILE G 188 0.61 97.71 10.16
C ILE G 188 -0.61 98.43 9.55
N THR G 189 -0.54 99.74 9.37
CA THR G 189 -1.64 100.54 8.83
C THR G 189 -1.75 100.36 7.32
N ILE G 190 -0.60 100.40 6.63
CA ILE G 190 -0.55 100.16 5.19
C ILE G 190 -0.93 98.70 4.91
N GLU G 191 -0.34 97.76 5.66
CA GLU G 191 -0.60 96.33 5.47
C GLU G 191 -2.08 96.05 5.66
N ALA G 192 -2.69 96.56 6.74
CA ALA G 192 -4.12 96.38 6.97
C ALA G 192 -4.93 96.89 5.78
N GLN G 193 -4.47 97.95 5.12
CA GLN G 193 -5.12 98.50 3.93
C GLN G 193 -4.99 97.54 2.71
N ILE G 194 -3.92 96.73 2.61
CA ILE G 194 -3.81 95.65 1.62
C ILE G 194 -4.79 94.51 1.95
N TRP G 195 -4.79 94.08 3.21
CA TRP G 195 -5.54 92.93 3.68
C TRP G 195 -7.05 93.20 3.66
N ILE G 196 -7.53 94.44 3.81
CA ILE G 196 -8.94 94.79 3.63
C ILE G 196 -9.41 94.50 2.21
N LEU G 197 -8.49 94.45 1.24
CA LEU G 197 -8.81 94.24 -0.16
C LEU G 197 -9.11 92.77 -0.47
N ILE G 198 -8.28 91.82 0.01
CA ILE G 198 -8.37 90.37 -0.20
C ILE G 198 -9.81 89.87 -0.03
N ALA G 199 -10.53 90.42 0.94
CA ALA G 199 -11.92 90.11 1.25
C ALA G 199 -12.89 90.23 0.08
N LYS G 200 -12.59 91.08 -0.91
CA LYS G 200 -13.43 91.29 -2.10
C LYS G 200 -12.66 91.24 -3.44
N ALA G 201 -11.31 91.18 -3.43
CA ALA G 201 -10.51 91.28 -4.67
C ALA G 201 -10.87 90.23 -5.72
N VAL G 202 -11.25 89.04 -5.24
CA VAL G 202 -11.52 87.92 -6.12
C VAL G 202 -12.98 87.49 -6.05
N THR G 203 -13.88 88.27 -5.45
CA THR G 203 -15.27 87.88 -5.24
C THR G 203 -16.22 88.99 -5.67
N ALA G 204 -15.76 90.26 -5.73
CA ALA G 204 -16.57 91.42 -6.10
C ALA G 204 -15.62 92.60 -6.40
N PRO G 205 -14.79 92.49 -7.47
CA PRO G 205 -13.66 93.40 -7.64
C PRO G 205 -14.07 94.81 -8.08
N ASP G 206 -15.38 95.04 -8.29
CA ASP G 206 -16.00 96.36 -8.43
C ASP G 206 -17.19 96.34 -7.47
N THR G 207 -17.61 97.54 -7.07
CA THR G 207 -18.56 97.69 -5.96
C THR G 207 -17.87 97.45 -4.60
N ALA G 208 -16.53 97.44 -4.62
CA ALA G 208 -15.70 97.11 -3.47
C ALA G 208 -15.84 98.07 -2.26
N GLU G 209 -16.03 99.38 -2.52
CA GLU G 209 -15.93 100.47 -1.55
C GLU G 209 -16.76 100.22 -0.28
N GLU G 210 -18.02 99.79 -0.45
CA GLU G 210 -18.96 99.58 0.64
C GLU G 210 -18.38 98.64 1.69
N SER G 211 -17.88 97.49 1.24
CA SER G 211 -17.30 96.46 2.09
C SER G 211 -16.01 96.93 2.75
N GLU G 212 -15.12 97.56 1.98
CA GLU G 212 -13.80 97.92 2.50
C GLU G 212 -13.93 99.04 3.55
N THR G 213 -14.92 99.94 3.36
CA THR G 213 -15.21 100.98 4.34
C THR G 213 -15.82 100.37 5.61
N ARG G 214 -16.71 99.36 5.45
CA ARG G 214 -17.39 98.68 6.55
C ARG G 214 -16.37 97.98 7.46
N ARG G 215 -15.34 97.36 6.86
CA ARG G 215 -14.24 96.77 7.60
C ARG G 215 -13.38 97.86 8.27
N TRP G 216 -13.17 99.01 7.60
CA TRP G 216 -12.39 100.15 8.14
C TRP G 216 -13.04 100.66 9.44
N ALA G 217 -14.37 100.88 9.39
CA ALA G 217 -15.19 101.34 10.52
C ALA G 217 -14.94 100.50 11.78
N LYS G 218 -15.00 99.15 11.66
CA LYS G 218 -14.67 98.21 12.73
C LYS G 218 -13.30 98.51 13.35
N TYR G 219 -12.21 98.49 12.56
CA TYR G 219 -10.85 98.62 13.10
C TYR G 219 -10.62 99.97 13.80
N VAL G 220 -11.26 101.04 13.32
CA VAL G 220 -11.15 102.37 13.92
C VAL G 220 -11.98 102.45 15.21
N GLN G 221 -13.21 101.91 15.19
CA GLN G 221 -14.12 101.91 16.34
C GLN G 221 -13.52 101.09 17.51
N GLN G 222 -12.82 100.01 17.16
CA GLN G 222 -12.07 99.15 18.08
C GLN G 222 -10.72 99.78 18.47
N LYS G 223 -10.36 100.96 17.92
CA LYS G 223 -9.15 101.72 18.23
C LYS G 223 -7.85 100.95 17.90
N ARG G 224 -7.94 99.96 17.01
CA ARG G 224 -6.78 99.18 16.57
C ARG G 224 -5.93 99.93 15.55
N VAL G 225 -6.52 100.88 14.77
CA VAL G 225 -5.89 101.34 13.52
C VAL G 225 -5.69 102.86 13.48
N ASN G 226 -4.51 103.28 12.97
CA ASN G 226 -3.98 104.61 13.22
C ASN G 226 -4.25 105.53 12.04
N PRO G 227 -5.19 106.51 12.16
CA PRO G 227 -5.78 107.17 10.99
C PRO G 227 -4.86 108.12 10.23
N PHE G 228 -3.70 108.42 10.84
CA PHE G 228 -2.59 109.12 10.19
C PHE G 228 -2.20 108.41 8.90
N PHE G 229 -2.29 107.08 8.91
CA PHE G 229 -1.95 106.27 7.73
C PHE G 229 -3.18 105.89 6.89
N ALA G 230 -4.22 106.73 6.81
CA ALA G 230 -5.32 106.52 5.85
C ALA G 230 -4.83 106.56 4.40
N LEU G 231 -5.20 105.60 3.54
CA LEU G 231 -4.56 105.52 2.22
C LEU G 231 -5.58 105.85 1.14
N THR G 232 -5.12 106.60 0.11
CA THR G 232 -5.95 107.35 -0.83
C THR G 232 -6.79 106.43 -1.73
N GLN G 233 -8.06 106.77 -2.08
CA GLN G 233 -8.94 105.89 -2.85
C GLN G 233 -8.33 105.54 -4.21
N GLN G 234 -7.62 106.52 -4.79
CA GLN G 234 -6.88 106.33 -6.04
C GLN G 234 -5.86 105.20 -5.95
N TRP G 235 -5.06 105.20 -4.87
CA TRP G 235 -4.04 104.17 -4.63
C TRP G 235 -4.74 102.83 -4.33
N LEU G 236 -5.76 102.82 -3.45
CA LEU G 236 -6.48 101.62 -3.07
C LEU G 236 -7.13 100.92 -4.29
N THR G 237 -7.73 101.70 -5.23
CA THR G 237 -8.36 101.14 -6.43
C THR G 237 -7.28 100.51 -7.33
N GLU G 238 -6.12 101.22 -7.48
CA GLU G 238 -5.00 100.75 -8.30
C GLU G 238 -4.46 99.41 -7.77
N MET G 239 -4.34 99.27 -6.43
CA MET G 239 -3.91 98.03 -5.76
C MET G 239 -5.00 96.96 -5.83
N ARG G 240 -6.30 97.31 -5.64
CA ARG G 240 -7.40 96.36 -5.72
C ARG G 240 -7.40 95.67 -7.10
N ASN G 241 -7.25 96.51 -8.15
CA ASN G 241 -7.20 96.04 -9.53
C ASN G 241 -5.99 95.12 -9.75
N LEU G 242 -4.80 95.49 -9.22
CA LEU G 242 -3.60 94.64 -9.31
C LEU G 242 -3.85 93.27 -8.69
N LEU G 243 -4.55 93.21 -7.53
CA LEU G 243 -4.91 91.96 -6.86
C LEU G 243 -5.85 91.11 -7.74
N SER G 244 -6.91 91.76 -8.28
CA SER G 244 -7.87 91.05 -9.14
C SER G 244 -7.17 90.39 -10.35
N GLN G 245 -6.22 91.08 -10.97
CA GLN G 245 -5.71 90.73 -12.29
C GLN G 245 -4.43 89.88 -12.22
N SER G 246 -3.80 89.78 -11.03
CA SER G 246 -2.61 88.94 -10.85
C SER G 246 -2.89 87.77 -9.90
N LEU G 247 -2.72 86.54 -10.40
CA LEU G 247 -3.02 85.32 -9.65
C LEU G 247 -1.89 85.02 -8.67
N SER G 248 -0.67 85.22 -9.18
CA SER G 248 0.56 84.85 -8.47
C SER G 248 0.64 85.54 -7.10
N VAL G 249 0.27 86.83 -7.09
CA VAL G 249 0.23 87.66 -5.88
C VAL G 249 -0.78 87.09 -4.88
N ARG G 250 -2.01 86.87 -5.35
CA ARG G 250 -3.14 86.39 -4.55
C ARG G 250 -2.82 85.03 -3.94
N LYS G 251 -2.12 84.17 -4.70
CA LYS G 251 -1.65 82.87 -4.21
C LYS G 251 -0.79 83.06 -2.96
N PHE G 252 0.23 83.92 -3.01
CA PHE G 252 1.10 84.23 -1.87
C PHE G 252 0.33 84.82 -0.68
N MET G 253 -0.54 85.81 -0.98
CA MET G 253 -1.39 86.44 0.04
C MET G 253 -2.15 85.36 0.80
N VAL G 254 -2.92 84.54 0.06
CA VAL G 254 -3.77 83.50 0.65
C VAL G 254 -2.95 82.44 1.38
N GLU G 255 -1.74 82.14 0.89
CA GLU G 255 -0.84 81.23 1.59
C GLU G 255 -0.53 81.76 2.99
N ILE G 256 -0.10 83.04 3.09
CA ILE G 256 0.19 83.72 4.36
C ILE G 256 -1.06 83.76 5.27
N LEU G 257 -2.20 84.12 4.63
CA LEU G 257 -3.46 84.31 5.33
C LEU G 257 -3.95 83.03 6.03
N ILE G 258 -3.75 81.89 5.33
CA ILE G 258 -4.03 80.56 5.87
C ILE G 258 -3.03 80.25 6.97
N GLU G 259 -1.74 80.51 6.74
CA GLU G 259 -0.69 80.06 7.65
C GLU G 259 -0.83 80.69 9.03
N VAL G 260 -1.13 82.00 9.07
CA VAL G 260 -1.27 82.75 10.33
C VAL G 260 -2.57 82.44 11.09
N LYS G 261 -3.57 81.99 10.30
CA LYS G 261 -4.90 81.68 10.81
C LYS G 261 -4.85 80.44 11.72
N LYS G 262 -3.89 79.55 11.44
CA LYS G 262 -3.74 78.26 12.12
C LYS G 262 -3.40 78.51 13.58
N GLY G 263 -3.93 77.59 14.39
CA GLY G 263 -4.28 77.80 15.77
C GLY G 263 -3.07 77.67 16.69
N GLY G 264 -3.33 77.89 17.98
CA GLY G 264 -2.32 77.82 19.03
C GLY G 264 -1.27 78.95 18.99
N SER G 265 -1.63 80.12 18.44
CA SER G 265 -0.77 81.30 18.59
C SER G 265 -1.55 82.54 19.03
N ALA G 266 -1.07 83.24 20.07
CA ALA G 266 -1.47 84.62 20.35
C ALA G 266 -0.96 85.54 19.23
N LYS G 267 -1.76 86.56 18.91
CA LYS G 267 -1.31 87.62 18.02
C LYS G 267 -1.34 89.00 18.69
N GLY G 268 -0.24 89.78 18.60
CA GLY G 268 -0.13 91.21 18.89
C GLY G 268 -0.46 92.00 17.62
N ARG G 269 -0.35 93.34 17.59
CA ARG G 269 -1.24 94.28 16.88
C ARG G 269 -1.36 93.94 15.38
N ALA G 270 -0.18 93.75 14.77
CA ALA G 270 -0.01 93.49 13.36
C ALA G 270 -0.78 92.25 12.88
N VAL G 271 -0.44 91.07 13.44
CA VAL G 271 -1.04 89.80 13.06
C VAL G 271 -2.51 89.77 13.51
N GLU G 272 -2.83 90.51 14.58
CA GLU G 272 -4.17 90.59 15.17
C GLU G 272 -5.11 91.25 14.18
N ILE G 273 -4.69 92.33 13.51
CA ILE G 273 -5.51 92.99 12.49
C ILE G 273 -5.79 92.03 11.32
N ILE G 274 -4.77 91.27 10.86
CA ILE G 274 -4.94 90.25 9.81
C ILE G 274 -6.03 89.25 10.25
N SER G 275 -5.86 88.74 11.48
CA SER G 275 -6.74 87.71 12.01
C SER G 275 -8.17 88.23 12.08
N ASP G 276 -8.34 89.51 12.44
CA ASP G 276 -9.61 90.19 12.58
C ASP G 276 -10.31 90.28 11.24
N ILE G 277 -9.54 90.68 10.20
CA ILE G 277 -10.01 90.71 8.82
C ILE G 277 -10.45 89.31 8.40
N GLY G 278 -9.68 88.29 8.82
CA GLY G 278 -10.01 86.90 8.55
C GLY G 278 -11.46 86.53 8.85
N ASN G 279 -12.10 87.14 9.86
CA ASN G 279 -13.47 86.78 10.23
C ASN G 279 -14.50 87.28 9.24
N TYR G 280 -14.08 88.13 8.28
CA TYR G 280 -14.89 88.49 7.13
C TYR G 280 -14.54 87.64 5.90
N VAL G 281 -13.28 87.19 5.86
CA VAL G 281 -12.60 86.55 4.74
C VAL G 281 -12.94 85.07 4.65
N GLU G 282 -13.10 84.38 5.80
CA GLU G 282 -13.50 82.98 5.89
C GLU G 282 -14.78 82.66 5.09
N GLU G 283 -14.75 81.46 4.45
CA GLU G 283 -15.83 80.89 3.66
C GLU G 283 -16.13 81.70 2.39
N THR G 284 -15.33 82.73 2.07
CA THR G 284 -15.65 83.64 0.97
C THR G 284 -15.77 82.95 -0.38
N GLY G 285 -16.83 83.34 -1.09
CA GLY G 285 -17.13 82.80 -2.41
C GLY G 285 -17.64 81.36 -2.33
N MET G 286 -18.04 80.90 -1.11
CA MET G 286 -18.75 79.63 -0.90
C MET G 286 -20.11 79.90 -0.27
N ALA G 287 -20.64 81.13 -0.49
CA ALA G 287 -21.99 81.61 -0.18
C ALA G 287 -23.04 80.51 -0.28
N GLY G 288 -23.16 79.88 -1.46
CA GLY G 288 -24.14 78.82 -1.72
C GLY G 288 -24.09 77.67 -0.72
N PHE G 289 -22.89 77.14 -0.40
CA PHE G 289 -22.72 76.01 0.52
C PHE G 289 -23.27 76.36 1.91
N PHE G 290 -22.65 77.38 2.53
CA PHE G 290 -22.99 77.79 3.89
C PHE G 290 -24.44 78.29 3.93
N ALA G 291 -24.88 78.98 2.86
CA ALA G 291 -26.19 79.64 2.85
C ALA G 291 -27.34 78.62 2.74
N THR G 292 -27.24 77.69 1.80
CA THR G 292 -28.21 76.61 1.66
C THR G 292 -28.15 75.69 2.89
N ILE G 293 -26.93 75.48 3.46
CA ILE G 293 -26.79 74.67 4.67
C ILE G 293 -27.46 75.39 5.85
N ARG G 294 -27.09 76.66 6.10
CA ARG G 294 -27.60 77.40 7.26
C ARG G 294 -29.11 77.64 7.15
N PHE G 295 -29.55 78.12 5.96
CA PHE G 295 -30.92 78.60 5.73
C PHE G 295 -31.64 77.60 4.80
N GLY G 296 -32.89 77.21 5.12
CA GLY G 296 -33.47 76.07 4.43
C GLY G 296 -33.09 74.74 5.13
N LEU G 297 -31.84 74.28 4.93
CA LEU G 297 -31.47 72.91 5.30
C LEU G 297 -31.43 72.68 6.82
N GLU G 298 -30.62 73.46 7.58
CA GLU G 298 -30.51 73.41 9.05
C GLU G 298 -31.84 73.83 9.69
N THR G 299 -32.59 74.71 8.99
CA THR G 299 -33.94 75.11 9.43
C THR G 299 -34.94 73.93 9.37
N ARG G 300 -34.69 72.94 8.49
CA ARG G 300 -35.35 71.62 8.48
C ARG G 300 -36.89 71.68 8.55
N TYR G 301 -37.46 72.63 7.79
CA TYR G 301 -38.90 72.79 7.70
C TYR G 301 -39.56 71.45 7.37
N PRO G 302 -40.62 71.07 8.11
CA PRO G 302 -41.33 69.81 7.90
C PRO G 302 -41.70 69.39 6.46
N ALA G 303 -41.41 70.23 5.46
CA ALA G 303 -41.48 69.84 4.06
C ALA G 303 -40.12 69.31 3.59
N LEU G 304 -39.20 69.04 4.54
CA LEU G 304 -37.79 68.76 4.25
C LEU G 304 -37.63 67.55 3.33
N ALA G 305 -38.31 66.47 3.67
CA ALA G 305 -38.29 65.24 2.87
C ALA G 305 -39.29 65.33 1.73
N LEU G 306 -39.03 66.25 0.77
CA LEU G 306 -39.79 66.35 -0.47
C LEU G 306 -39.55 65.11 -1.32
N ASN G 307 -40.57 64.68 -2.08
CA ASN G 307 -40.45 63.53 -2.97
C ASN G 307 -39.44 63.80 -4.08
N GLU G 308 -39.15 65.09 -4.33
CA GLU G 308 -38.20 65.54 -5.35
C GLU G 308 -36.81 65.82 -4.77
N PHE G 309 -36.70 66.14 -3.47
CA PHE G 309 -35.40 66.60 -2.95
C PHE G 309 -34.48 65.45 -2.47
N GLN G 310 -34.99 64.21 -2.42
CA GLN G 310 -34.30 63.09 -1.76
C GLN G 310 -32.86 62.91 -2.29
N SER G 311 -32.74 62.91 -3.61
CA SER G 311 -31.43 62.81 -4.27
C SER G 311 -30.54 64.02 -3.91
N ASP G 312 -31.13 65.22 -3.87
CA ASP G 312 -30.38 66.44 -3.56
C ASP G 312 -29.82 66.38 -2.14
N LEU G 313 -30.65 66.04 -1.12
CA LEU G 313 -30.12 65.86 0.23
C LEU G 313 -28.94 64.88 0.23
N ASN G 314 -29.06 63.75 -0.48
CA ASN G 314 -27.96 62.78 -0.63
C ASN G 314 -26.75 63.44 -1.29
N THR G 315 -27.02 64.36 -2.24
CA THR G 315 -26.00 65.16 -2.91
C THR G 315 -25.27 66.00 -1.87
N ILE G 316 -26.02 66.79 -1.08
CA ILE G 316 -25.44 67.72 -0.13
C ILE G 316 -24.60 66.95 0.89
N LYS G 317 -25.08 65.78 1.36
CA LYS G 317 -24.33 64.93 2.28
C LYS G 317 -22.96 64.64 1.68
N SER G 318 -22.93 64.16 0.42
CA SER G 318 -21.72 63.86 -0.31
C SER G 318 -20.79 65.08 -0.40
N LEU G 319 -21.40 66.26 -0.61
CA LEU G 319 -20.71 67.55 -0.69
C LEU G 319 -20.01 67.90 0.63
N MET G 320 -20.74 67.75 1.74
CA MET G 320 -20.22 68.12 3.06
C MET G 320 -19.02 67.25 3.39
N LEU G 321 -19.14 65.93 3.19
CA LEU G 321 -18.05 64.98 3.43
C LEU G 321 -16.90 65.26 2.46
N LEU G 322 -17.22 65.67 1.22
CA LEU G 322 -16.20 66.05 0.25
C LEU G 322 -15.40 67.27 0.73
N TYR G 323 -16.13 68.29 1.24
CA TYR G 323 -15.57 69.53 1.73
C TYR G 323 -14.52 69.24 2.81
N ARG G 324 -14.89 68.36 3.74
CA ARG G 324 -14.04 67.84 4.80
C ARG G 324 -12.75 67.26 4.22
N GLU G 325 -12.88 66.47 3.15
CA GLU G 325 -11.78 65.76 2.52
C GLU G 325 -10.81 66.75 1.85
N ILE G 326 -11.31 67.88 1.33
CA ILE G 326 -10.45 68.90 0.72
C ILE G 326 -9.56 69.57 1.77
N GLY G 327 -10.07 69.76 3.01
CA GLY G 327 -9.20 69.98 4.16
C GLY G 327 -8.66 71.41 4.30
N PRO G 328 -7.35 71.62 4.58
CA PRO G 328 -6.81 72.90 5.07
C PRO G 328 -7.10 74.18 4.30
N ARG G 329 -7.20 74.09 2.97
CA ARG G 329 -7.41 75.27 2.15
C ARG G 329 -8.87 75.73 2.16
N ALA G 330 -9.80 74.92 2.74
CA ALA G 330 -11.25 75.03 2.58
C ALA G 330 -11.81 76.39 2.89
N PRO G 331 -11.39 77.06 3.99
CA PRO G 331 -11.95 78.38 4.29
C PRO G 331 -11.62 79.47 3.28
N TYR G 332 -10.67 79.21 2.37
CA TYR G 332 -10.24 80.19 1.37
C TYR G 332 -10.18 79.58 -0.04
N MET G 333 -11.05 78.60 -0.38
CA MET G 333 -10.98 77.83 -1.63
C MET G 333 -11.01 78.73 -2.88
N VAL G 334 -11.95 79.68 -2.81
CA VAL G 334 -12.24 80.57 -3.92
C VAL G 334 -11.07 81.51 -4.18
N LEU G 335 -10.50 82.04 -3.10
CA LEU G 335 -9.38 82.96 -3.20
C LEU G 335 -8.15 82.22 -3.74
N LEU G 336 -8.06 80.91 -3.46
CA LEU G 336 -6.93 80.13 -3.96
C LEU G 336 -7.18 79.63 -5.38
N GLU G 337 -8.35 79.94 -6.00
CA GLU G 337 -8.71 79.42 -7.32
C GLU G 337 -8.69 77.89 -7.34
N GLU G 338 -8.91 77.25 -6.16
CA GLU G 338 -8.71 75.80 -6.05
C GLU G 338 -9.81 75.07 -6.81
N SER G 339 -9.41 74.23 -7.75
CA SER G 339 -10.25 73.54 -8.74
C SER G 339 -11.51 72.91 -8.16
N ILE G 340 -11.32 72.19 -7.04
CA ILE G 340 -12.41 71.47 -6.38
C ILE G 340 -13.44 72.48 -5.90
N GLN G 341 -12.97 73.72 -5.66
CA GLN G 341 -13.95 74.77 -5.34
C GLN G 341 -15.15 74.63 -6.27
N THR G 342 -14.89 74.27 -7.54
CA THR G 342 -15.94 74.20 -8.54
C THR G 342 -17.02 73.21 -8.10
N LYS G 343 -16.59 72.10 -7.47
CA LYS G 343 -17.50 71.04 -7.05
C LYS G 343 -18.42 71.56 -5.96
N PHE G 344 -17.84 72.39 -5.08
CA PHE G 344 -18.51 73.00 -3.95
C PHE G 344 -19.47 74.09 -4.42
N ALA G 345 -19.27 74.67 -5.63
CA ALA G 345 -20.08 75.78 -6.14
C ALA G 345 -21.56 75.41 -6.15
N PRO G 346 -22.43 76.38 -5.78
CA PRO G 346 -23.79 76.15 -5.27
C PRO G 346 -24.79 75.52 -6.23
N GLY G 347 -24.49 75.59 -7.54
CA GLY G 347 -25.31 74.99 -8.58
C GLY G 347 -25.31 73.46 -8.47
N GLY G 348 -24.46 72.93 -7.58
CA GLY G 348 -24.21 71.50 -7.37
C GLY G 348 -25.35 70.78 -6.66
N TYR G 349 -26.17 71.52 -5.87
CA TYR G 349 -27.39 71.05 -5.21
C TYR G 349 -28.63 71.92 -5.49
N PRO G 350 -29.14 71.98 -6.74
CA PRO G 350 -29.86 73.17 -7.23
C PRO G 350 -31.27 73.32 -6.70
N LEU G 351 -31.88 72.16 -6.46
CA LEU G 351 -33.25 72.06 -5.99
C LEU G 351 -33.30 72.58 -4.56
N LEU G 352 -32.44 71.98 -3.73
CA LEU G 352 -32.27 72.36 -2.32
C LEU G 352 -31.88 73.83 -2.22
N TRP G 353 -30.92 74.30 -3.03
CA TRP G 353 -30.45 75.69 -3.04
C TRP G 353 -31.58 76.65 -3.41
N SER G 354 -32.36 76.38 -4.49
CA SER G 354 -33.45 77.27 -4.90
C SER G 354 -34.51 77.43 -3.78
N PHE G 355 -34.89 76.26 -3.21
CA PHE G 355 -35.80 76.20 -2.08
C PHE G 355 -35.21 76.95 -0.85
N ALA G 356 -33.95 76.69 -0.49
CA ALA G 356 -33.24 77.28 0.67
C ALA G 356 -33.15 78.79 0.51
N MET G 357 -32.84 79.33 -0.69
CA MET G 357 -32.82 80.78 -0.92
C MET G 357 -34.23 81.35 -0.71
N GLY G 358 -35.25 80.62 -1.20
CA GLY G 358 -36.64 80.99 -0.98
C GLY G 358 -37.00 81.15 0.51
N VAL G 359 -36.54 80.20 1.35
CA VAL G 359 -36.63 80.27 2.82
C VAL G 359 -35.82 81.48 3.33
N ALA G 360 -34.52 81.53 3.00
CA ALA G 360 -33.56 82.51 3.54
C ALA G 360 -34.07 83.94 3.35
N THR G 361 -34.46 84.29 2.10
CA THR G 361 -34.98 85.61 1.70
C THR G 361 -36.22 85.99 2.51
N THR G 362 -37.02 84.97 2.89
CA THR G 362 -38.27 85.16 3.59
C THR G 362 -38.05 85.38 5.09
N ILE G 363 -37.06 84.69 5.66
CA ILE G 363 -36.89 84.62 7.11
C ILE G 363 -35.89 85.68 7.61
N ASP G 364 -34.85 85.99 6.83
CA ASP G 364 -33.75 86.81 7.32
C ASP G 364 -33.68 88.14 6.55
N ARG G 365 -33.92 89.26 7.28
CA ARG G 365 -34.07 90.63 6.76
C ARG G 365 -32.85 91.11 5.99
N SER G 366 -31.69 90.62 6.41
CA SER G 366 -30.42 91.00 5.83
C SER G 366 -30.14 90.29 4.52
N MET G 367 -30.67 89.07 4.38
CA MET G 367 -30.48 88.28 3.17
C MET G 367 -31.35 88.85 2.06
N GLY G 368 -31.17 88.32 0.85
CA GLY G 368 -32.03 88.70 -0.27
C GLY G 368 -31.47 89.92 -1.00
N ALA G 369 -30.74 90.77 -0.24
CA ALA G 369 -29.83 91.79 -0.77
C ALA G 369 -28.62 91.17 -1.46
N LEU G 370 -28.31 89.89 -1.16
CA LEU G 370 -27.34 89.09 -1.92
C LEU G 370 -27.91 88.68 -3.28
N ASN G 371 -27.16 88.99 -4.35
CA ASN G 371 -27.61 88.85 -5.74
C ASN G 371 -27.70 87.37 -6.12
N ILE G 372 -28.93 86.87 -6.33
CA ILE G 372 -29.14 85.46 -6.67
C ILE G 372 -29.75 85.28 -8.05
N ASN G 373 -29.56 86.31 -8.89
CA ASN G 373 -30.07 86.29 -10.26
C ASN G 373 -29.13 85.43 -11.09
N ARG G 374 -29.17 84.11 -10.87
CA ARG G 374 -28.32 83.13 -11.54
C ARG G 374 -29.22 82.13 -12.27
N GLY G 375 -28.69 81.59 -13.38
CA GLY G 375 -29.44 80.75 -14.32
C GLY G 375 -29.96 79.44 -13.73
N TYR G 376 -29.24 78.90 -12.72
CA TYR G 376 -29.50 77.62 -12.08
C TYR G 376 -30.60 77.65 -11.01
N LEU G 377 -31.09 78.87 -10.66
CA LEU G 377 -32.09 78.97 -9.60
C LEU G 377 -33.43 78.41 -10.08
N GLU G 378 -34.15 77.72 -9.21
CA GLU G 378 -35.38 77.09 -9.68
C GLU G 378 -36.60 77.87 -9.17
N PRO G 379 -37.23 78.75 -10.01
CA PRO G 379 -38.40 79.58 -9.65
C PRO G 379 -39.51 78.90 -8.87
N MET G 380 -39.90 77.73 -9.40
CA MET G 380 -40.96 76.89 -8.82
C MET G 380 -40.62 76.52 -7.36
N TYR G 381 -39.39 76.04 -7.13
CA TYR G 381 -38.90 75.60 -5.83
C TYR G 381 -38.68 76.80 -4.89
N PHE G 382 -38.24 77.95 -5.46
CA PHE G 382 -38.08 79.16 -4.66
C PHE G 382 -39.48 79.65 -4.20
N ARG G 383 -40.47 79.63 -5.12
CA ARG G 383 -41.84 79.99 -4.75
C ARG G 383 -42.30 79.01 -3.66
N LEU G 384 -41.84 77.74 -3.70
CA LEU G 384 -42.37 76.77 -2.74
C LEU G 384 -41.64 76.87 -1.40
N GLY G 385 -40.30 76.95 -1.49
CA GLY G 385 -39.49 77.06 -0.29
C GLY G 385 -39.80 78.35 0.43
N GLN G 386 -39.97 79.47 -0.30
CA GLN G 386 -40.38 80.75 0.28
C GLN G 386 -41.73 80.62 1.01
N LYS G 387 -42.71 79.99 0.31
CA LYS G 387 -44.05 79.80 0.83
C LYS G 387 -44.00 78.97 2.14
N SER G 388 -43.15 77.90 2.12
CA SER G 388 -43.12 76.93 3.23
C SER G 388 -42.79 77.62 4.56
N ALA G 389 -41.84 78.57 4.50
CA ALA G 389 -41.52 79.38 5.66
C ALA G 389 -42.59 80.47 5.87
N ARG G 390 -42.90 81.22 4.79
CA ARG G 390 -43.68 82.44 4.98
C ARG G 390 -45.18 82.23 4.77
N HIS G 391 -45.66 80.97 4.82
CA HIS G 391 -47.08 80.69 4.75
C HIS G 391 -47.88 81.62 5.70
N HIS G 392 -47.52 81.60 7.00
CA HIS G 392 -48.16 82.45 7.98
C HIS G 392 -47.25 82.54 9.19
N ALA G 393 -46.11 83.22 8.98
CA ALA G 393 -45.02 83.14 9.94
C ALA G 393 -44.80 81.64 10.17
N GLY G 394 -44.75 80.89 9.07
CA GLY G 394 -44.74 79.43 9.13
C GLY G 394 -43.50 78.82 9.81
N GLY G 395 -42.32 79.37 9.49
CA GLY G 395 -41.04 78.81 9.97
C GLY G 395 -41.07 78.29 11.42
N ILE H 26 33.56 42.46 31.28
CA ILE H 26 34.66 43.02 32.15
C ILE H 26 35.63 43.88 31.32
N PHE H 27 36.62 43.23 30.66
CA PHE H 27 37.57 43.87 29.74
C PHE H 27 36.86 44.24 28.43
N GLU H 28 35.84 43.43 28.09
CA GLU H 28 35.00 43.57 26.91
C GLU H 28 34.30 44.94 26.90
N GLU H 29 34.00 45.47 28.10
CA GLU H 29 33.31 46.75 28.28
C GLU H 29 34.20 47.88 27.77
N ALA H 30 35.51 47.83 28.11
CA ALA H 30 36.55 48.79 27.71
C ALA H 30 36.66 48.91 26.17
N ALA H 31 36.79 47.75 25.51
CA ALA H 31 36.86 47.66 24.05
C ALA H 31 35.61 48.27 23.41
N SER H 32 34.43 47.93 23.96
CA SER H 32 33.14 48.43 23.49
C SER H 32 33.03 49.94 23.72
N PHE H 33 33.65 50.42 24.81
CA PHE H 33 33.60 51.82 25.20
C PHE H 33 34.48 52.63 24.25
N ARG H 34 35.68 52.15 23.89
CA ARG H 34 36.55 52.78 22.89
C ARG H 34 35.76 52.98 21.60
N SER H 35 35.01 51.93 21.20
CA SER H 35 34.18 51.98 20.00
C SER H 35 33.08 53.03 20.16
N TYR H 36 32.49 53.08 21.38
CA TYR H 36 31.41 54.01 21.72
C TYR H 36 31.90 55.45 21.51
N GLN H 37 33.05 55.77 22.11
CA GLN H 37 33.67 57.10 22.02
C GLN H 37 33.85 57.50 20.56
N SER H 38 34.33 56.57 19.72
CA SER H 38 34.68 56.82 18.32
C SER H 38 33.43 57.19 17.50
N LYS H 39 32.26 56.61 17.88
CA LYS H 39 30.99 56.82 17.18
C LYS H 39 30.11 57.90 17.83
N LEU H 40 30.42 58.24 19.09
CA LEU H 40 29.56 59.12 19.89
C LEU H 40 29.49 60.52 19.28
N GLY H 41 28.27 61.01 19.04
CA GLY H 41 27.99 62.37 18.59
C GLY H 41 28.41 62.62 17.15
N ARG H 42 28.83 61.53 16.46
CA ARG H 42 29.11 61.56 15.02
C ARG H 42 27.84 61.91 14.23
N ASP H 43 26.69 61.41 14.75
CA ASP H 43 25.36 61.43 14.14
C ASP H 43 24.77 62.84 14.14
N GLY H 44 23.72 62.99 13.35
CA GLY H 44 23.11 64.32 13.22
C GLY H 44 23.66 65.15 12.06
N ARG H 45 22.77 66.07 11.60
CA ARG H 45 22.89 66.85 10.37
C ARG H 45 22.75 68.35 10.64
N ALA H 46 23.59 69.09 9.92
CA ALA H 46 24.17 70.34 10.39
C ALA H 46 23.16 71.48 10.32
N SER H 47 23.13 72.29 11.41
CA SER H 47 22.29 73.47 11.60
C SER H 47 22.58 74.57 10.57
N ALA H 48 21.48 75.18 10.04
CA ALA H 48 21.45 75.73 8.69
C ALA H 48 22.28 77.00 8.57
N ALA H 49 22.55 77.63 9.73
CA ALA H 49 23.38 78.82 9.86
C ALA H 49 24.78 78.61 9.28
N THR H 50 25.26 77.34 9.29
CA THR H 50 26.59 76.95 8.82
C THR H 50 26.73 76.92 7.29
N ALA H 51 25.61 77.07 6.57
CA ALA H 51 25.60 77.17 5.12
C ALA H 51 26.47 78.31 4.61
N THR H 52 27.43 77.96 3.73
CA THR H 52 28.24 78.96 3.07
C THR H 52 27.53 79.51 1.84
N LEU H 53 27.92 80.72 1.38
CA LEU H 53 27.44 81.34 0.15
C LEU H 53 27.60 80.41 -1.06
N THR H 54 26.48 80.07 -1.71
CA THR H 54 26.47 79.32 -2.96
C THR H 54 26.89 80.26 -4.12
N THR H 55 27.77 79.68 -4.95
CA THR H 55 28.42 80.38 -6.05
C THR H 55 27.68 80.11 -7.35
N LYS H 56 27.31 81.19 -8.05
CA LYS H 56 26.62 81.12 -9.34
C LYS H 56 27.61 80.91 -10.49
N ILE H 57 27.39 79.81 -11.25
CA ILE H 57 28.23 79.40 -12.37
C ILE H 57 27.39 79.25 -13.65
N ARG H 58 27.87 79.84 -14.77
CA ARG H 58 27.19 79.76 -16.07
C ARG H 58 27.71 78.54 -16.82
N ILE H 59 26.82 77.61 -17.20
CA ILE H 59 27.19 76.37 -17.85
C ILE H 59 26.44 76.33 -19.18
N PHE H 60 27.19 76.09 -20.25
CA PHE H 60 26.59 75.71 -21.52
C PHE H 60 26.14 74.24 -21.44
N VAL H 61 24.92 73.96 -21.89
CA VAL H 61 24.40 72.60 -22.03
C VAL H 61 23.82 72.50 -23.43
N PRO H 62 24.10 71.40 -24.16
CA PRO H 62 23.65 71.28 -25.55
C PRO H 62 22.16 70.99 -25.59
N ALA H 63 21.38 71.93 -26.14
CA ALA H 63 19.98 71.66 -26.33
C ALA H 63 19.79 70.93 -27.67
N THR H 64 20.85 70.41 -28.28
CA THR H 64 20.70 69.98 -29.67
C THR H 64 21.44 68.68 -29.96
N ASN H 65 20.93 67.87 -30.91
CA ASN H 65 21.61 66.65 -31.35
C ASN H 65 22.03 66.70 -32.83
N SER H 66 22.10 67.91 -33.41
CA SER H 66 22.65 68.03 -34.76
C SER H 66 24.14 68.32 -34.62
N PRO H 67 25.09 67.42 -35.06
CA PRO H 67 26.51 67.50 -34.68
C PRO H 67 27.09 68.92 -34.76
N GLU H 68 26.59 69.65 -35.76
CA GLU H 68 27.11 70.96 -36.07
C GLU H 68 27.23 71.78 -34.78
N LEU H 69 26.15 71.84 -33.99
CA LEU H 69 26.13 72.58 -32.73
C LEU H 69 27.02 71.91 -31.68
N ARG H 70 26.87 70.59 -31.57
CA ARG H 70 27.49 69.79 -30.52
C ARG H 70 29.03 69.86 -30.61
N TRP H 71 29.60 69.71 -31.84
CA TRP H 71 31.06 69.75 -32.08
C TRP H 71 31.59 71.16 -31.78
N GLU H 72 30.91 72.17 -32.32
CA GLU H 72 31.37 73.55 -32.14
C GLU H 72 31.33 73.95 -30.66
N LEU H 73 30.28 73.56 -29.93
CA LEU H 73 30.15 73.82 -28.50
C LEU H 73 31.27 73.13 -27.71
N THR H 74 31.64 71.91 -28.13
CA THR H 74 32.77 71.23 -27.49
C THR H 74 34.07 72.00 -27.69
N LEU H 75 34.32 72.46 -28.95
CA LEU H 75 35.49 73.26 -29.33
C LEU H 75 35.51 74.54 -28.47
N PHE H 76 34.38 75.28 -28.39
CA PHE H 76 34.19 76.46 -27.54
C PHE H 76 34.59 76.18 -26.09
N ALA H 77 34.07 75.09 -25.50
CA ALA H 77 34.30 74.72 -24.10
C ALA H 77 35.79 74.42 -23.85
N LEU H 78 36.38 73.63 -24.77
CA LEU H 78 37.80 73.31 -24.67
C LEU H 78 38.61 74.60 -24.65
N ASP H 79 38.23 75.55 -25.53
CA ASP H 79 38.95 76.81 -25.71
C ASP H 79 38.72 77.73 -24.51
N VAL H 80 37.52 77.78 -23.89
CA VAL H 80 37.27 78.54 -22.65
C VAL H 80 38.29 78.16 -21.58
N ILE H 81 38.49 76.83 -21.42
CA ILE H 81 39.42 76.28 -20.43
C ILE H 81 40.89 76.57 -20.84
N ARG H 82 41.16 76.63 -22.15
CA ARG H 82 42.49 76.90 -22.68
C ARG H 82 42.85 78.38 -22.65
N SER H 83 41.87 79.28 -22.46
CA SER H 83 42.10 80.72 -22.62
C SER H 83 42.84 81.28 -21.39
N PRO H 84 43.75 82.26 -21.62
CA PRO H 84 44.54 82.88 -20.56
C PRO H 84 43.78 84.01 -19.87
N SER H 85 42.72 84.50 -20.55
CA SER H 85 41.96 85.67 -20.17
C SER H 85 40.66 85.38 -19.39
N ALA H 86 40.20 84.12 -19.39
CA ALA H 86 38.96 83.78 -18.70
C ALA H 86 39.17 83.78 -17.18
N ALA H 87 38.15 84.25 -16.44
CA ALA H 87 38.08 84.12 -14.99
C ALA H 87 37.68 82.69 -14.57
N GLU H 88 38.08 82.33 -13.33
CA GLU H 88 37.77 81.07 -12.63
C GLU H 88 36.28 80.67 -12.72
N SER H 89 35.39 81.65 -12.58
CA SER H 89 33.93 81.44 -12.70
C SER H 89 33.52 80.89 -14.07
N MET H 90 34.15 81.41 -15.14
CA MET H 90 33.94 80.91 -16.50
C MET H 90 34.59 79.53 -16.66
N LYS H 91 35.81 79.35 -16.12
CA LYS H 91 36.61 78.12 -16.27
C LYS H 91 35.91 76.90 -15.64
N VAL H 92 35.33 77.04 -14.42
CA VAL H 92 34.59 75.94 -13.77
C VAL H 92 33.39 75.56 -14.65
N GLY H 93 32.67 76.59 -15.15
CA GLY H 93 31.49 76.41 -15.99
C GLY H 93 31.84 75.69 -17.29
N ALA H 94 32.99 76.04 -17.90
CA ALA H 94 33.63 75.37 -19.03
C ALA H 94 33.89 73.89 -18.70
N ALA H 95 34.52 73.59 -17.56
CA ALA H 95 34.82 72.21 -17.16
C ALA H 95 33.56 71.36 -17.03
N PHE H 96 32.48 71.96 -16.49
CA PHE H 96 31.18 71.33 -16.42
C PHE H 96 30.56 71.07 -17.81
N THR H 97 30.77 71.98 -18.77
CA THR H 97 30.35 71.74 -20.14
C THR H 97 31.14 70.60 -20.76
N LEU H 98 32.45 70.57 -20.52
CA LEU H 98 33.32 69.56 -21.09
C LEU H 98 32.90 68.16 -20.61
N ILE H 99 32.57 67.97 -19.30
CA ILE H 99 32.16 66.67 -18.73
C ILE H 99 30.64 66.42 -18.77
N SER H 100 29.86 67.18 -19.57
CA SER H 100 28.45 66.92 -19.87
C SER H 100 28.21 66.54 -21.36
N MET H 101 29.16 66.84 -22.24
CA MET H 101 28.94 67.10 -23.66
C MET H 101 28.52 65.88 -24.47
N TYR H 102 28.89 64.68 -24.00
CA TYR H 102 28.46 63.38 -24.50
C TYR H 102 26.94 63.20 -24.68
N SER H 103 26.08 63.53 -23.68
CA SER H 103 24.68 63.12 -23.58
C SER H 103 23.67 63.58 -24.66
N GLU H 104 22.56 62.84 -24.72
CA GLU H 104 21.35 63.21 -25.46
C GLU H 104 20.78 64.54 -24.95
N ARG H 105 20.84 64.73 -23.64
CA ARG H 105 20.34 65.95 -23.03
C ARG H 105 21.41 66.48 -22.07
N PRO H 106 22.40 67.25 -22.60
CA PRO H 106 23.56 67.63 -21.78
C PRO H 106 23.18 68.30 -20.46
N GLY H 107 22.23 69.21 -20.66
CA GLY H 107 21.70 70.04 -19.60
C GLY H 107 20.93 69.23 -18.54
N ALA H 108 20.14 68.25 -19.00
CA ALA H 108 19.38 67.34 -18.16
C ALA H 108 20.33 66.54 -17.26
N LEU H 109 21.39 65.99 -17.87
CA LEU H 109 22.37 65.18 -17.17
C LEU H 109 22.99 65.97 -16.00
N ILE H 110 23.50 67.21 -16.26
CA ILE H 110 24.05 68.08 -15.22
C ILE H 110 23.00 68.32 -14.13
N ARG H 111 21.84 68.89 -14.51
CA ARG H 111 20.83 69.37 -13.56
C ARG H 111 20.33 68.25 -12.64
N SER H 112 20.21 67.04 -13.20
CA SER H 112 19.58 65.93 -12.51
C SER H 112 20.53 65.15 -11.60
N LEU H 113 21.82 65.16 -11.92
CA LEU H 113 22.77 64.44 -11.08
C LEU H 113 23.45 65.36 -10.06
N LEU H 114 23.46 66.69 -10.36
CA LEU H 114 24.19 67.69 -9.59
C LEU H 114 23.52 67.86 -8.23
N ASN H 115 24.26 67.52 -7.16
CA ASN H 115 23.76 67.52 -5.79
C ASN H 115 24.82 67.98 -4.80
N ASP H 116 25.34 69.23 -4.93
CA ASP H 116 26.49 69.74 -4.16
C ASP H 116 26.29 71.22 -3.89
N PRO H 117 26.37 71.64 -2.60
CA PRO H 117 25.79 72.89 -2.09
C PRO H 117 26.55 74.17 -2.42
N ASP H 118 27.84 74.00 -2.75
CA ASP H 118 28.77 75.11 -2.95
C ASP H 118 28.44 75.91 -4.21
N ILE H 119 27.83 75.22 -5.18
CA ILE H 119 27.59 75.71 -6.53
C ILE H 119 26.10 75.71 -6.91
N GLU H 120 25.63 76.82 -7.51
CA GLU H 120 24.30 76.95 -8.10
C GLU H 120 24.43 77.26 -9.59
N ALA H 121 23.91 76.36 -10.40
CA ALA H 121 24.12 76.42 -11.85
C ALA H 121 23.06 77.28 -12.52
N VAL H 122 23.48 78.32 -13.24
CA VAL H 122 22.55 78.94 -14.16
C VAL H 122 22.88 78.26 -15.48
N ILE H 123 22.14 77.21 -15.85
CA ILE H 123 22.46 76.41 -17.04
C ILE H 123 21.86 77.03 -18.30
N ILE H 124 22.66 77.21 -19.35
CA ILE H 124 22.16 77.81 -20.58
C ILE H 124 22.23 76.82 -21.74
N ASP H 125 21.09 76.56 -22.36
CA ASP H 125 21.13 75.63 -23.48
C ASP H 125 21.65 76.38 -24.72
N VAL H 126 22.90 76.15 -25.17
CA VAL H 126 23.51 77.00 -26.19
C VAL H 126 22.95 76.63 -27.56
N GLY H 127 22.23 77.51 -28.25
CA GLY H 127 21.57 76.98 -29.43
C GLY H 127 22.37 77.32 -30.66
N SER H 128 22.54 78.62 -30.84
CA SER H 128 22.75 79.10 -32.21
C SER H 128 24.03 78.59 -32.84
N MET H 129 25.04 78.34 -31.99
CA MET H 129 26.42 78.14 -32.42
C MET H 129 26.75 79.27 -33.38
N VAL H 130 26.08 80.42 -33.23
CA VAL H 130 26.23 81.49 -34.21
C VAL H 130 27.32 82.47 -33.75
N ASN H 131 27.83 82.26 -32.51
CA ASN H 131 28.85 83.16 -31.95
C ASN H 131 30.12 83.14 -32.81
N GLY H 132 30.47 81.95 -33.30
CA GLY H 132 31.68 81.78 -34.07
C GLY H 132 32.38 80.65 -33.34
N ILE H 133 33.38 81.01 -32.55
CA ILE H 133 33.97 80.01 -31.67
C ILE H 133 33.07 79.73 -30.43
N PRO H 134 32.56 80.76 -29.71
CA PRO H 134 31.75 80.55 -28.48
C PRO H 134 30.29 80.38 -28.87
N VAL H 135 29.42 80.06 -27.88
CA VAL H 135 28.00 79.75 -28.15
C VAL H 135 27.33 80.95 -28.84
N MET H 136 26.37 80.69 -29.76
CA MET H 136 25.54 81.70 -30.42
C MET H 136 24.34 82.12 -29.57
N GLU H 137 24.61 82.68 -28.37
CA GLU H 137 23.59 82.98 -27.37
C GLU H 137 22.53 83.88 -27.99
N ARG H 138 23.01 84.96 -28.61
CA ARG H 138 22.19 85.92 -29.33
C ARG H 138 20.86 86.24 -28.60
N ARG H 139 20.89 86.64 -27.32
CA ARG H 139 19.66 86.92 -26.59
C ARG H 139 18.93 88.13 -27.21
N GLY H 140 19.70 89.16 -27.57
CA GLY H 140 19.11 90.43 -27.98
C GLY H 140 20.19 91.49 -28.23
N ASP H 141 19.78 92.76 -28.34
CA ASP H 141 20.69 93.90 -28.41
C ASP H 141 21.64 93.89 -27.21
N LYS H 142 21.07 93.53 -26.04
CA LYS H 142 21.80 93.40 -24.78
C LYS H 142 22.83 92.26 -24.84
N ALA H 143 22.57 91.28 -25.73
CA ALA H 143 23.42 90.10 -25.90
C ALA H 143 24.60 90.42 -26.83
N GLN H 144 24.50 91.55 -27.58
CA GLN H 144 25.48 92.00 -28.57
C GLN H 144 26.87 92.13 -27.94
N GLU H 145 26.91 92.70 -26.72
CA GLU H 145 28.14 92.77 -25.93
C GLU H 145 28.70 91.37 -25.62
N GLU H 146 27.78 90.47 -25.26
CA GLU H 146 28.09 89.11 -24.80
C GLU H 146 28.76 88.33 -25.94
N MET H 147 28.22 88.45 -27.18
CA MET H 147 28.75 87.79 -28.39
C MET H 147 30.19 88.27 -28.69
N GLU H 148 30.46 89.54 -28.38
CA GLU H 148 31.75 90.16 -28.59
C GLU H 148 32.72 89.79 -27.46
N GLY H 149 32.18 89.60 -26.22
CA GLY H 149 32.93 88.96 -25.13
C GLY H 149 33.41 87.57 -25.56
N LEU H 150 32.49 86.75 -26.09
CA LEU H 150 32.80 85.44 -26.68
C LEU H 150 33.88 85.55 -27.77
N MET H 151 33.75 86.51 -28.71
CA MET H 151 34.72 86.73 -29.79
C MET H 151 36.11 86.96 -29.18
N ARG H 152 36.18 87.87 -28.18
CA ARG H 152 37.42 88.21 -27.48
C ARG H 152 38.01 86.96 -26.80
N ILE H 153 37.16 86.16 -26.13
CA ILE H 153 37.53 84.92 -25.45
C ILE H 153 38.20 83.99 -26.47
N LEU H 154 37.59 83.77 -27.67
CA LEU H 154 38.09 82.86 -28.71
C LEU H 154 39.40 83.35 -29.32
N LYS H 155 39.45 84.66 -29.62
CA LYS H 155 40.63 85.29 -30.19
C LYS H 155 41.81 85.12 -29.20
N THR H 156 41.60 85.56 -27.94
CA THR H 156 42.59 85.48 -26.86
C THR H 156 43.05 84.03 -26.65
N ALA H 157 42.13 83.06 -26.77
CA ALA H 157 42.49 81.65 -26.66
C ALA H 157 43.51 81.27 -27.77
N ARG H 158 43.18 81.55 -29.06
CA ARG H 158 44.05 81.30 -30.22
C ARG H 158 45.42 81.97 -30.01
N ASP H 159 45.37 83.29 -29.73
CA ASP H 159 46.54 84.16 -29.71
C ASP H 159 47.51 83.77 -28.57
N SER H 160 46.96 83.50 -27.37
CA SER H 160 47.73 83.16 -26.15
C SER H 160 48.37 81.78 -26.27
N SER H 161 47.73 80.88 -27.05
CA SER H 161 48.25 79.56 -27.32
C SER H 161 49.19 79.55 -28.55
N LYS H 162 49.44 80.72 -29.18
CA LYS H 162 50.35 80.82 -30.33
C LYS H 162 49.84 79.95 -31.49
N GLY H 163 48.51 79.82 -31.64
CA GLY H 163 47.96 79.03 -32.73
C GLY H 163 47.81 77.52 -32.48
N LYS H 164 48.40 76.93 -31.41
CA LYS H 164 48.31 75.50 -31.10
C LYS H 164 46.92 75.18 -30.53
N THR H 165 46.15 74.29 -31.19
CA THR H 165 44.73 74.16 -30.88
C THR H 165 44.57 73.14 -29.76
N PRO H 166 43.32 72.74 -29.39
CA PRO H 166 43.12 71.74 -28.33
C PRO H 166 43.77 70.39 -28.61
N PHE H 167 43.75 69.98 -29.89
CA PHE H 167 44.23 68.66 -30.31
C PHE H 167 45.74 68.65 -30.59
N VAL H 168 46.33 67.46 -30.52
CA VAL H 168 47.78 67.32 -30.55
C VAL H 168 48.29 67.43 -32.00
N ASP H 169 47.45 66.99 -32.95
CA ASP H 169 47.74 67.06 -34.39
C ASP H 169 46.72 67.96 -35.07
N SER H 170 47.17 69.11 -35.60
CA SER H 170 46.48 70.41 -35.59
C SER H 170 45.10 70.42 -36.27
N ARG H 171 44.97 69.66 -37.37
CA ARG H 171 43.74 69.59 -38.18
C ARG H 171 42.55 69.15 -37.31
N ALA H 172 42.84 68.26 -36.35
CA ALA H 172 41.84 67.78 -35.39
C ALA H 172 41.28 68.94 -34.56
N TYR H 173 42.13 69.91 -34.17
CA TYR H 173 41.70 71.05 -33.35
C TYR H 173 40.72 71.94 -34.12
N GLY H 174 40.90 72.02 -35.45
CA GLY H 174 40.05 72.84 -36.30
C GLY H 174 38.74 72.16 -36.66
N LEU H 175 38.75 70.81 -36.65
CA LEU H 175 37.73 70.02 -37.33
C LEU H 175 36.36 70.08 -36.64
N ARG H 176 35.35 70.64 -37.34
CA ARG H 176 34.00 70.58 -36.87
C ARG H 176 33.49 69.17 -37.12
N ILE H 177 32.69 68.69 -36.16
CA ILE H 177 31.88 67.49 -36.31
C ILE H 177 30.47 67.82 -36.84
N THR H 178 30.05 67.10 -37.91
CA THR H 178 28.84 67.36 -38.68
C THR H 178 27.83 66.21 -38.61
N ASP H 179 28.28 64.99 -38.30
CA ASP H 179 27.41 63.81 -38.39
C ASP H 179 27.61 62.90 -37.20
N MET H 180 26.53 62.21 -36.74
CA MET H 180 26.39 61.53 -35.46
C MET H 180 27.58 60.60 -35.14
N SER H 181 27.95 59.74 -36.10
CA SER H 181 28.92 58.64 -35.91
C SER H 181 30.28 59.16 -35.47
N THR H 182 30.74 60.13 -36.28
CA THR H 182 32.01 60.81 -36.09
C THR H 182 31.98 61.62 -34.80
N LEU H 183 30.85 62.32 -34.57
CA LEU H 183 30.60 63.13 -33.38
C LEU H 183 30.79 62.31 -32.11
N VAL H 184 30.06 61.20 -31.97
CA VAL H 184 30.12 60.36 -30.77
C VAL H 184 31.52 59.79 -30.60
N SER H 185 32.13 59.34 -31.73
CA SER H 185 33.51 58.86 -31.69
C SER H 185 34.43 59.91 -31.01
N ALA H 186 34.30 61.16 -31.46
CA ALA H 186 35.11 62.28 -31.01
C ALA H 186 34.78 62.69 -29.59
N VAL H 187 33.49 62.95 -29.28
CA VAL H 187 33.00 63.38 -27.96
C VAL H 187 33.47 62.41 -26.88
N ILE H 188 33.20 61.11 -27.10
CA ILE H 188 33.60 60.06 -26.19
C ILE H 188 35.11 60.12 -25.90
N THR H 189 35.86 60.48 -26.94
CA THR H 189 37.32 60.52 -26.94
C THR H 189 37.86 61.66 -26.08
N ILE H 190 37.29 62.86 -26.28
CA ILE H 190 37.65 64.04 -25.51
C ILE H 190 37.23 63.85 -24.05
N GLU H 191 35.98 63.37 -23.82
CA GLU H 191 35.47 63.17 -22.47
C GLU H 191 36.36 62.19 -21.69
N ALA H 192 36.68 61.07 -22.35
CA ALA H 192 37.55 60.10 -21.71
C ALA H 192 38.90 60.71 -21.33
N GLN H 193 39.40 61.65 -22.14
CA GLN H 193 40.65 62.32 -21.88
C GLN H 193 40.55 63.29 -20.69
N ILE H 194 39.36 63.81 -20.38
CA ILE H 194 39.16 64.56 -19.14
C ILE H 194 39.15 63.62 -17.93
N TRP H 195 38.39 62.53 -18.06
CA TRP H 195 38.16 61.59 -16.97
C TRP H 195 39.45 60.84 -16.60
N ILE H 196 40.39 60.63 -17.53
CA ILE H 196 41.74 60.10 -17.28
C ILE H 196 42.53 60.95 -16.28
N LEU H 197 42.17 62.23 -16.19
CA LEU H 197 42.91 63.19 -15.39
C LEU H 197 42.54 63.04 -13.91
N ILE H 198 41.22 63.04 -13.65
CA ILE H 198 40.57 63.04 -12.34
C ILE H 198 41.25 62.04 -11.38
N ALA H 199 41.60 60.88 -11.93
CA ALA H 199 42.19 59.73 -11.25
C ALA H 199 43.42 60.09 -10.43
N LYS H 200 44.19 61.10 -10.93
CA LYS H 200 45.47 61.48 -10.35
C LYS H 200 45.62 62.98 -10.06
N ALA H 201 44.70 63.82 -10.59
CA ALA H 201 44.68 65.25 -10.29
C ALA H 201 44.66 65.51 -8.76
N VAL H 202 44.05 64.60 -7.97
CA VAL H 202 43.89 64.83 -6.54
C VAL H 202 44.61 63.79 -5.70
N THR H 203 45.58 63.04 -6.29
CA THR H 203 46.54 62.23 -5.55
C THR H 203 47.98 62.73 -5.77
N ALA H 204 48.26 63.22 -7.01
CA ALA H 204 49.57 63.76 -7.34
C ALA H 204 49.58 64.39 -8.74
N PRO H 205 49.13 65.66 -8.87
CA PRO H 205 48.80 66.25 -10.19
C PRO H 205 50.00 66.53 -11.08
N ASP H 206 51.20 66.35 -10.49
CA ASP H 206 52.56 66.43 -11.02
C ASP H 206 53.15 65.02 -10.83
N THR H 207 53.99 64.58 -11.79
CA THR H 207 54.26 63.14 -11.94
C THR H 207 53.08 62.42 -12.59
N ALA H 208 52.14 63.21 -13.13
CA ALA H 208 50.85 62.74 -13.64
C ALA H 208 50.99 61.94 -14.93
N GLU H 209 51.95 62.38 -15.77
CA GLU H 209 52.10 62.00 -17.18
C GLU H 209 52.13 60.47 -17.35
N GLU H 210 52.94 59.81 -16.51
CA GLU H 210 53.21 58.37 -16.59
C GLU H 210 51.90 57.57 -16.57
N SER H 211 51.10 57.87 -15.52
CA SER H 211 49.85 57.17 -15.26
C SER H 211 48.85 57.45 -16.39
N GLU H 212 48.70 58.75 -16.76
CA GLU H 212 47.64 59.18 -17.65
C GLU H 212 47.93 58.69 -19.08
N THR H 213 49.22 58.58 -19.46
CA THR H 213 49.60 58.01 -20.75
C THR H 213 49.32 56.51 -20.75
N ARG H 214 49.60 55.80 -19.61
CA ARG H 214 49.39 54.36 -19.47
C ARG H 214 47.91 53.99 -19.68
N ARG H 215 47.03 54.81 -19.08
CA ARG H 215 45.59 54.65 -19.25
C ARG H 215 45.18 54.99 -20.68
N TRP H 216 45.80 56.01 -21.34
CA TRP H 216 45.49 56.45 -22.71
C TRP H 216 45.77 55.34 -23.70
N ALA H 217 46.95 54.71 -23.54
CA ALA H 217 47.42 53.63 -24.40
C ALA H 217 46.38 52.53 -24.49
N LYS H 218 45.89 52.11 -23.29
CA LYS H 218 44.85 51.11 -23.11
C LYS H 218 43.62 51.44 -23.97
N TYR H 219 43.00 52.61 -23.72
CA TYR H 219 41.72 52.98 -24.32
C TYR H 219 41.81 52.99 -25.86
N VAL H 220 42.97 53.47 -26.38
CA VAL H 220 43.22 53.57 -27.82
C VAL H 220 43.47 52.20 -28.46
N GLN H 221 44.29 51.40 -27.79
CA GLN H 221 44.63 50.06 -28.28
C GLN H 221 43.39 49.17 -28.35
N GLN H 222 42.52 49.32 -27.34
CA GLN H 222 41.23 48.65 -27.26
C GLN H 222 40.18 49.29 -28.18
N LYS H 223 40.52 50.36 -28.93
CA LYS H 223 39.58 50.98 -29.87
C LYS H 223 38.31 51.55 -29.21
N ARG H 224 38.35 51.85 -27.90
CA ARG H 224 37.25 52.50 -27.19
C ARG H 224 37.23 54.02 -27.44
N VAL H 225 38.40 54.59 -27.72
CA VAL H 225 38.65 56.02 -27.91
C VAL H 225 39.41 56.24 -29.22
N ASN H 226 39.08 57.29 -29.99
CA ASN H 226 39.56 57.43 -31.37
C ASN H 226 40.71 58.43 -31.44
N PRO H 227 41.96 57.96 -31.66
CA PRO H 227 43.15 58.78 -31.45
C PRO H 227 43.34 59.96 -32.42
N PHE H 228 42.52 60.00 -33.50
CA PHE H 228 42.36 61.14 -34.38
C PHE H 228 42.07 62.42 -33.56
N PHE H 229 41.29 62.24 -32.49
CA PHE H 229 40.92 63.35 -31.60
C PHE H 229 41.77 63.44 -30.33
N ALA H 230 43.06 63.07 -30.39
CA ALA H 230 43.89 63.17 -29.19
C ALA H 230 44.10 64.64 -28.77
N LEU H 231 43.99 64.93 -27.45
CA LEU H 231 44.09 66.28 -26.87
C LEU H 231 45.50 66.56 -26.33
N THR H 232 45.96 67.80 -26.52
CA THR H 232 47.38 68.15 -26.52
C THR H 232 47.83 68.31 -25.07
N GLN H 233 49.10 68.00 -24.76
CA GLN H 233 49.63 68.02 -23.40
C GLN H 233 49.38 69.38 -22.73
N GLN H 234 49.50 70.45 -23.52
CA GLN H 234 49.22 71.80 -23.05
C GLN H 234 47.80 71.97 -22.48
N TRP H 235 46.79 71.45 -23.23
CA TRP H 235 45.38 71.50 -22.83
C TRP H 235 45.18 70.62 -21.59
N LEU H 236 45.72 69.39 -21.65
CA LEU H 236 45.57 68.43 -20.56
C LEU H 236 46.17 68.93 -19.24
N THR H 237 47.34 69.60 -19.28
CA THR H 237 47.98 70.14 -18.08
C THR H 237 47.13 71.27 -17.52
N GLU H 238 46.60 72.15 -18.41
CA GLU H 238 45.76 73.27 -18.01
C GLU H 238 44.52 72.79 -17.25
N MET H 239 43.90 71.72 -17.78
CA MET H 239 42.74 71.08 -17.16
C MET H 239 43.10 70.34 -15.88
N ARG H 240 44.22 69.59 -15.87
CA ARG H 240 44.69 68.85 -14.69
C ARG H 240 44.84 69.80 -13.51
N ASN H 241 45.49 70.96 -13.79
CA ASN H 241 45.73 72.00 -12.78
C ASN H 241 44.39 72.53 -12.24
N LEU H 242 43.43 72.82 -13.15
CA LEU H 242 42.09 73.30 -12.77
C LEU H 242 41.41 72.33 -11.82
N LEU H 243 41.53 71.00 -12.09
CA LEU H 243 40.97 69.94 -11.25
C LEU H 243 41.62 69.93 -9.87
N SER H 244 42.97 69.97 -9.84
CA SER H 244 43.72 69.96 -8.58
C SER H 244 43.28 71.10 -7.65
N GLN H 245 43.09 72.29 -8.23
CA GLN H 245 42.99 73.53 -7.44
C GLN H 245 41.53 73.84 -7.06
N SER H 246 40.56 73.27 -7.77
CA SER H 246 39.16 73.59 -7.51
C SER H 246 38.35 72.37 -7.07
N LEU H 247 37.78 72.46 -5.85
CA LEU H 247 36.91 71.48 -5.21
C LEU H 247 35.56 71.38 -5.96
N SER H 248 34.96 72.52 -6.31
CA SER H 248 33.54 72.57 -6.68
C SER H 248 33.26 71.76 -7.95
N VAL H 249 34.22 71.85 -8.90
CA VAL H 249 34.13 71.09 -10.15
C VAL H 249 34.23 69.59 -9.86
N ARG H 250 35.27 69.23 -9.07
CA ARG H 250 35.55 67.84 -8.70
C ARG H 250 34.38 67.22 -7.94
N LYS H 251 33.68 67.98 -7.09
CA LYS H 251 32.45 67.55 -6.42
C LYS H 251 31.41 67.07 -7.44
N PHE H 252 31.09 67.90 -8.47
CA PHE H 252 30.16 67.51 -9.53
C PHE H 252 30.64 66.26 -10.31
N MET H 253 31.93 66.30 -10.71
CA MET H 253 32.56 65.19 -11.43
C MET H 253 32.40 63.89 -10.62
N VAL H 254 32.79 63.85 -9.33
CA VAL H 254 32.73 62.66 -8.47
C VAL H 254 31.28 62.24 -8.23
N GLU H 255 30.34 63.18 -8.18
CA GLU H 255 28.93 62.82 -8.09
C GLU H 255 28.52 61.95 -9.31
N ILE H 256 28.83 62.46 -10.53
CA ILE H 256 28.55 61.77 -11.79
C ILE H 256 29.31 60.43 -11.86
N LEU H 257 30.59 60.45 -11.44
CA LEU H 257 31.49 59.30 -11.51
C LEU H 257 31.01 58.15 -10.63
N ILE H 258 30.42 58.45 -9.45
CA ILE H 258 29.75 57.49 -8.57
C ILE H 258 28.49 57.00 -9.28
N GLU H 259 27.68 57.92 -9.83
CA GLU H 259 26.35 57.57 -10.36
C GLU H 259 26.46 56.55 -11.51
N VAL H 260 27.41 56.79 -12.44
CA VAL H 260 27.59 55.97 -13.64
C VAL H 260 28.36 54.66 -13.35
N LYS H 261 29.05 54.62 -12.20
CA LYS H 261 29.80 53.44 -11.75
C LYS H 261 28.86 52.32 -11.31
N LYS H 262 27.65 52.70 -10.85
CA LYS H 262 26.66 51.76 -10.36
C LYS H 262 26.15 50.93 -11.53
N GLY H 263 25.87 49.64 -11.26
CA GLY H 263 25.47 48.71 -12.30
C GLY H 263 23.97 48.76 -12.54
N GLY H 264 23.43 47.67 -13.12
CA GLY H 264 22.00 47.55 -13.41
C GLY H 264 21.53 48.47 -14.53
N SER H 265 22.46 48.80 -15.42
CA SER H 265 22.13 49.57 -16.61
C SER H 265 22.93 49.09 -17.81
N ALA H 266 22.22 48.98 -18.96
CA ALA H 266 22.83 48.96 -20.29
C ALA H 266 23.56 50.28 -20.53
N LYS H 267 24.72 50.18 -21.19
CA LYS H 267 25.64 51.30 -21.37
C LYS H 267 26.07 51.37 -22.82
N GLY H 268 26.22 52.62 -23.32
CA GLY H 268 26.89 52.97 -24.56
C GLY H 268 28.39 53.12 -24.33
N ARG H 269 29.20 53.14 -25.41
CA ARG H 269 30.65 53.17 -25.36
C ARG H 269 31.14 54.26 -24.39
N ALA H 270 30.43 55.39 -24.44
CA ALA H 270 30.68 56.57 -23.63
C ALA H 270 30.67 56.27 -22.13
N VAL H 271 29.54 55.81 -21.60
CA VAL H 271 29.38 55.53 -20.17
C VAL H 271 30.27 54.34 -19.75
N GLU H 272 30.51 53.45 -20.73
CA GLU H 272 31.31 52.24 -20.49
C GLU H 272 32.74 52.66 -20.15
N ILE H 273 33.30 53.60 -20.93
CA ILE H 273 34.68 54.08 -20.71
C ILE H 273 34.78 54.74 -19.34
N ILE H 274 33.78 55.55 -18.95
CA ILE H 274 33.73 56.17 -17.62
C ILE H 274 33.79 55.10 -16.53
N SER H 275 32.91 54.10 -16.66
CA SER H 275 32.79 53.07 -15.66
C SER H 275 34.14 52.34 -15.50
N ASP H 276 34.79 52.10 -16.66
CA ASP H 276 36.06 51.37 -16.74
C ASP H 276 37.15 52.13 -16.02
N ILE H 277 37.21 53.44 -16.29
CA ILE H 277 38.15 54.35 -15.64
C ILE H 277 37.88 54.37 -14.15
N GLY H 278 36.60 54.29 -13.74
CA GLY H 278 36.24 54.21 -12.34
C GLY H 278 37.07 53.18 -11.57
N ASN H 279 37.42 52.05 -12.18
CA ASN H 279 38.10 50.96 -11.48
C ASN H 279 39.55 51.32 -11.15
N TYR H 280 40.07 52.42 -11.74
CA TYR H 280 41.37 52.99 -11.42
C TYR H 280 41.23 54.15 -10.41
N VAL H 281 40.05 54.79 -10.41
CA VAL H 281 39.70 55.98 -9.64
C VAL H 281 39.36 55.60 -8.19
N GLU H 282 38.67 54.47 -8.00
CA GLU H 282 38.32 53.91 -6.70
C GLU H 282 39.54 53.69 -5.81
N GLU H 283 39.33 53.94 -4.49
CA GLU H 283 40.32 53.76 -3.46
C GLU H 283 41.45 54.80 -3.54
N THR H 284 41.47 55.67 -4.57
CA THR H 284 42.66 56.51 -4.86
C THR H 284 42.90 57.52 -3.74
N GLY H 285 44.14 57.60 -3.21
CA GLY H 285 44.46 58.49 -2.11
C GLY H 285 43.82 58.10 -0.77
N MET H 286 43.36 56.83 -0.62
CA MET H 286 43.04 56.14 0.65
C MET H 286 44.06 55.01 0.92
N ALA H 287 45.25 55.11 0.27
CA ALA H 287 46.48 54.32 0.29
C ALA H 287 46.68 53.61 1.62
N GLY H 288 46.86 54.42 2.68
CA GLY H 288 47.18 53.93 4.01
C GLY H 288 46.19 52.87 4.50
N PHE H 289 44.88 53.20 4.39
CA PHE H 289 43.79 52.36 4.90
C PHE H 289 43.89 50.99 4.26
N PHE H 290 44.05 50.96 2.92
CA PHE H 290 44.02 49.70 2.17
C PHE H 290 45.30 48.87 2.35
N ALA H 291 46.45 49.57 2.51
CA ALA H 291 47.74 48.89 2.57
C ALA H 291 47.81 47.99 3.80
N THR H 292 47.22 48.49 4.90
CA THR H 292 47.17 47.74 6.15
C THR H 292 46.27 46.52 5.96
N ILE H 293 45.20 46.62 5.16
CA ILE H 293 44.31 45.49 4.91
C ILE H 293 45.03 44.43 4.09
N ARG H 294 45.59 44.89 2.94
CA ARG H 294 46.23 43.95 2.00
C ARG H 294 47.46 43.31 2.64
N PHE H 295 48.31 44.15 3.25
CA PHE H 295 49.60 43.67 3.74
C PHE H 295 49.61 43.76 5.27
N GLY H 296 50.09 42.72 5.96
CA GLY H 296 49.99 42.74 7.41
C GLY H 296 48.70 42.10 7.92
N LEU H 297 47.49 42.66 7.63
CA LEU H 297 46.24 42.01 8.06
C LEU H 297 45.99 40.70 7.30
N GLU H 298 45.83 40.81 5.96
CA GLU H 298 45.55 39.63 5.16
C GLU H 298 46.80 38.75 5.07
N THR H 299 48.00 39.35 5.27
CA THR H 299 49.30 38.67 5.36
C THR H 299 49.36 37.73 6.58
N ARG H 300 48.58 38.03 7.66
CA ARG H 300 48.43 37.13 8.81
C ARG H 300 49.78 36.60 9.37
N TYR H 301 50.82 37.48 9.47
CA TYR H 301 52.14 37.10 9.98
C TYR H 301 52.03 36.68 11.46
N PRO H 302 52.99 35.85 11.97
CA PRO H 302 52.94 35.37 13.36
C PRO H 302 53.01 36.49 14.41
N ALA H 303 53.65 37.62 14.00
CA ALA H 303 53.80 38.86 14.76
C ALA H 303 52.47 39.40 15.32
N LEU H 304 51.33 39.13 14.62
CA LEU H 304 49.97 39.52 14.98
C LEU H 304 49.56 39.07 16.40
N ALA H 305 50.22 38.02 16.94
CA ALA H 305 49.88 37.45 18.26
C ALA H 305 50.47 38.26 19.42
N LEU H 306 51.46 39.13 19.10
CA LEU H 306 52.22 39.83 20.14
C LEU H 306 51.34 40.86 20.88
N ASN H 307 51.43 40.94 22.23
CA ASN H 307 50.63 41.77 23.14
C ASN H 307 50.40 43.22 22.67
N GLU H 308 51.45 43.84 22.08
CA GLU H 308 51.52 45.27 21.73
C GLU H 308 50.46 45.65 20.68
N PHE H 309 50.21 44.74 19.74
CA PHE H 309 49.28 44.85 18.62
C PHE H 309 47.79 45.01 19.01
N GLN H 310 47.39 44.58 20.24
CA GLN H 310 45.98 44.41 20.62
C GLN H 310 45.16 45.68 20.35
N SER H 311 45.72 46.81 20.83
CA SER H 311 45.15 48.15 20.71
C SER H 311 44.94 48.51 19.23
N ASP H 312 45.94 48.18 18.39
CA ASP H 312 45.94 48.39 16.95
C ASP H 312 44.80 47.59 16.29
N LEU H 313 44.70 46.30 16.64
CA LEU H 313 43.64 45.43 16.11
C LEU H 313 42.25 46.02 16.43
N ASN H 314 42.06 46.42 17.71
CA ASN H 314 40.82 47.04 18.15
C ASN H 314 40.54 48.32 17.33
N THR H 315 41.61 49.05 17.00
CA THR H 315 41.56 50.24 16.16
C THR H 315 40.99 49.88 14.79
N ILE H 316 41.62 48.89 14.14
CA ILE H 316 41.25 48.51 12.78
C ILE H 316 39.77 48.11 12.77
N LYS H 317 39.34 47.30 13.75
CA LYS H 317 37.93 46.88 13.86
C LYS H 317 37.01 48.12 13.83
N SER H 318 37.30 49.12 14.69
CA SER H 318 36.53 50.35 14.79
C SER H 318 36.52 51.08 13.43
N LEU H 319 37.68 51.06 12.72
CA LEU H 319 37.85 51.68 11.40
C LEU H 319 36.95 51.01 10.36
N MET H 320 36.93 49.66 10.34
CA MET H 320 36.16 48.90 9.34
C MET H 320 34.67 49.22 9.50
N LEU H 321 34.17 49.17 10.75
CA LEU H 321 32.78 49.48 11.05
C LEU H 321 32.50 50.95 10.70
N LEU H 322 33.48 51.84 10.96
CA LEU H 322 33.36 53.25 10.61
C LEU H 322 33.21 53.45 9.09
N TYR H 323 34.06 52.74 8.32
CA TYR H 323 34.11 52.81 6.86
C TYR H 323 32.72 52.49 6.29
N ARG H 324 32.11 51.41 6.83
CA ARG H 324 30.76 50.96 6.52
C ARG H 324 29.75 52.10 6.73
N GLU H 325 29.90 52.80 7.86
CA GLU H 325 28.98 53.86 8.28
C GLU H 325 29.09 55.08 7.34
N ILE H 326 30.29 55.36 6.79
CA ILE H 326 30.45 56.49 5.86
C ILE H 326 29.71 56.22 4.53
N GLY H 327 29.67 54.94 4.09
CA GLY H 327 28.70 54.51 3.09
C GLY H 327 29.06 54.89 1.65
N PRO H 328 28.08 55.39 0.84
CA PRO H 328 28.19 55.48 -0.62
C PRO H 328 29.39 56.24 -1.19
N ARG H 329 29.90 57.24 -0.48
CA ARG H 329 30.99 58.03 -1.03
C ARG H 329 32.35 57.35 -0.82
N ALA H 330 32.42 56.22 -0.06
CA ALA H 330 33.64 55.60 0.46
C ALA H 330 34.80 55.49 -0.53
N PRO H 331 34.59 54.99 -1.79
CA PRO H 331 35.68 54.82 -2.76
C PRO H 331 36.33 56.11 -3.27
N TYR H 332 35.57 57.20 -3.12
CA TYR H 332 36.07 58.46 -3.62
C TYR H 332 36.13 59.48 -2.48
N MET H 333 36.29 59.03 -1.21
CA MET H 333 36.25 59.93 -0.05
C MET H 333 37.34 61.02 -0.14
N VAL H 334 38.50 60.57 -0.60
CA VAL H 334 39.68 61.41 -0.72
C VAL H 334 39.47 62.50 -1.77
N LEU H 335 38.93 62.10 -2.94
CA LEU H 335 38.66 63.01 -4.06
C LEU H 335 37.64 64.07 -3.62
N LEU H 336 36.71 63.68 -2.72
CA LEU H 336 35.66 64.59 -2.22
C LEU H 336 36.13 65.42 -1.01
N GLU H 337 37.39 65.23 -0.57
CA GLU H 337 37.89 65.93 0.60
C GLU H 337 37.01 65.64 1.82
N GLU H 338 36.43 64.43 1.88
CA GLU H 338 35.50 64.17 2.97
C GLU H 338 36.27 64.05 4.29
N SER H 339 35.85 64.85 5.28
CA SER H 339 36.58 65.00 6.53
C SER H 339 36.82 63.67 7.26
N ILE H 340 35.82 62.78 7.20
CA ILE H 340 35.88 61.50 7.89
C ILE H 340 37.13 60.74 7.42
N GLN H 341 37.63 61.10 6.21
CA GLN H 341 38.84 60.52 5.61
C GLN H 341 39.94 60.39 6.67
N THR H 342 40.03 61.44 7.53
CA THR H 342 41.11 61.55 8.52
C THR H 342 41.11 60.31 9.42
N LYS H 343 39.90 59.82 9.75
CA LYS H 343 39.72 58.70 10.67
C LYS H 343 40.29 57.43 10.04
N PHE H 344 40.07 57.32 8.71
CA PHE H 344 40.49 56.19 7.91
C PHE H 344 41.99 56.23 7.65
N ALA H 345 42.64 57.41 7.78
CA ALA H 345 44.06 57.57 7.45
C ALA H 345 44.94 56.64 8.29
N PRO H 346 45.98 56.05 7.64
CA PRO H 346 46.89 55.06 8.23
C PRO H 346 47.71 55.55 9.43
N GLY H 347 47.80 56.87 9.70
CA GLY H 347 48.44 57.40 10.91
C GLY H 347 47.52 57.26 12.12
N GLY H 348 46.29 56.77 11.87
CA GLY H 348 45.46 56.32 12.96
C GLY H 348 45.84 54.90 13.37
N TYR H 349 46.55 54.22 12.44
CA TYR H 349 47.05 52.85 12.66
C TYR H 349 48.55 52.74 12.31
N PRO H 350 49.38 53.75 12.70
CA PRO H 350 50.81 53.83 12.40
C PRO H 350 51.68 52.63 12.82
N LEU H 351 51.39 51.96 13.95
CA LEU H 351 52.17 50.80 14.38
C LEU H 351 52.07 49.71 13.31
N LEU H 352 50.82 49.38 12.97
CA LEU H 352 50.57 48.39 11.93
C LEU H 352 51.09 48.87 10.57
N TRP H 353 50.99 50.16 10.21
CA TRP H 353 51.52 50.73 8.96
C TRP H 353 53.04 50.59 8.91
N SER H 354 53.72 50.92 10.03
CA SER H 354 55.18 50.82 10.06
C SER H 354 55.58 49.35 9.83
N PHE H 355 54.79 48.41 10.41
CA PHE H 355 54.90 46.97 10.12
C PHE H 355 54.41 46.66 8.71
N ALA H 356 53.24 47.18 8.29
CA ALA H 356 52.61 46.94 6.98
C ALA H 356 53.54 47.49 5.86
N MET H 357 54.21 48.65 6.05
CA MET H 357 55.19 49.19 5.10
C MET H 357 56.42 48.25 5.00
N GLY H 358 56.98 47.90 6.19
CA GLY H 358 58.15 47.00 6.27
C GLY H 358 57.94 45.68 5.49
N VAL H 359 56.74 45.07 5.66
CA VAL H 359 56.27 43.90 4.92
C VAL H 359 56.14 44.22 3.46
N ALA H 360 55.31 45.25 3.15
CA ALA H 360 54.89 45.57 1.77
C ALA H 360 56.09 45.72 0.84
N THR H 361 57.02 46.61 1.29
CA THR H 361 58.24 46.94 0.55
C THR H 361 59.10 45.72 0.26
N THR H 362 59.06 44.76 1.21
CA THR H 362 59.92 43.59 1.14
C THR H 362 59.33 42.51 0.23
N ILE H 363 57.99 42.40 0.23
CA ILE H 363 57.32 41.22 -0.31
C ILE H 363 56.80 41.49 -1.72
N ASP H 364 56.38 42.73 -2.00
CA ASP H 364 55.82 43.06 -3.30
C ASP H 364 56.78 43.95 -4.08
N ARG H 365 57.19 43.53 -5.29
CA ARG H 365 57.82 44.39 -6.29
C ARG H 365 56.99 45.64 -6.63
N SER H 366 55.66 45.48 -6.56
CA SER H 366 54.71 46.53 -6.86
C SER H 366 54.57 47.55 -5.74
N MET H 367 54.78 47.11 -4.50
CA MET H 367 54.64 47.90 -3.29
C MET H 367 55.85 48.82 -3.18
N GLY H 368 55.83 49.80 -2.26
CA GLY H 368 57.11 50.24 -1.72
C GLY H 368 57.66 51.44 -2.47
N ALA H 369 57.22 51.64 -3.73
CA ALA H 369 57.29 52.92 -4.46
C ALA H 369 56.36 53.98 -3.82
N LEU H 370 55.37 53.55 -3.01
CA LEU H 370 54.58 54.48 -2.19
C LEU H 370 55.45 54.99 -1.04
N ASN H 371 55.51 56.33 -0.83
CA ASN H 371 56.36 56.95 0.19
C ASN H 371 55.76 56.80 1.58
N ILE H 372 56.34 55.89 2.37
CA ILE H 372 55.83 55.45 3.67
C ILE H 372 56.58 56.09 4.84
N ASN H 373 57.43 57.12 4.56
CA ASN H 373 58.12 57.94 5.53
C ASN H 373 57.09 58.84 6.18
N ARG H 374 56.40 58.29 7.19
CA ARG H 374 55.45 59.03 8.00
C ARG H 374 55.86 59.01 9.48
N GLY H 375 55.47 60.06 10.20
CA GLY H 375 55.97 60.34 11.55
C GLY H 375 55.49 59.34 12.60
N TYR H 376 54.26 58.83 12.40
CA TYR H 376 53.67 57.85 13.30
C TYR H 376 54.29 56.46 13.11
N LEU H 377 55.34 56.41 12.26
CA LEU H 377 56.10 55.18 12.06
C LEU H 377 57.15 54.99 13.17
N GLU H 378 57.85 53.84 13.15
CA GLU H 378 58.82 53.51 14.17
C GLU H 378 59.80 52.53 13.52
N PRO H 379 61.09 52.92 13.35
CA PRO H 379 62.06 52.11 12.62
C PRO H 379 62.27 50.67 13.08
N MET H 380 62.21 50.42 14.41
CA MET H 380 62.31 49.08 14.97
C MET H 380 61.19 48.20 14.43
N TYR H 381 59.96 48.74 14.45
CA TYR H 381 58.77 48.03 13.97
C TYR H 381 58.81 47.88 12.44
N PHE H 382 59.35 48.89 11.72
CA PHE H 382 59.51 48.84 10.27
C PHE H 382 60.49 47.72 9.89
N ARG H 383 61.58 47.61 10.67
CA ARG H 383 62.53 46.51 10.48
C ARG H 383 61.84 45.17 10.83
N LEU H 384 61.01 45.14 11.92
CA LEU H 384 60.30 43.90 12.25
C LEU H 384 59.46 43.43 11.05
N GLY H 385 58.80 44.38 10.34
CA GLY H 385 58.02 44.09 9.14
C GLY H 385 58.91 43.48 8.05
N GLN H 386 60.04 44.14 7.75
CA GLN H 386 61.07 43.64 6.83
C GLN H 386 61.54 42.23 7.23
N LYS H 387 61.92 42.07 8.52
CA LYS H 387 62.44 40.85 9.14
C LYS H 387 61.41 39.72 9.06
N SER H 388 60.09 40.04 9.17
CA SER H 388 59.02 39.07 8.97
C SER H 388 58.90 38.56 7.51
N ALA H 389 58.67 39.50 6.57
CA ALA H 389 58.41 39.32 5.15
C ALA H 389 59.59 38.73 4.37
N ARG H 390 60.85 38.99 4.78
CA ARG H 390 61.94 38.87 3.79
C ARG H 390 63.06 37.91 4.21
N HIS H 391 63.29 37.76 5.52
CA HIS H 391 64.30 36.89 6.14
C HIS H 391 63.63 35.84 7.06
N HIS H 392 62.37 35.53 6.80
CA HIS H 392 61.62 34.37 7.29
C HIS H 392 60.98 33.72 6.07
N ALA H 393 60.84 34.53 5.00
CA ALA H 393 60.31 34.15 3.68
C ALA H 393 61.41 34.29 2.60
N GLN H 398 53.46 29.36 6.80
CA GLN H 398 52.03 29.65 7.09
C GLN H 398 51.42 28.43 7.77
N ASN H 399 50.28 28.66 8.45
CA ASN H 399 49.54 27.64 9.18
C ASN H 399 48.31 27.20 8.37
N MET H 400 48.49 26.96 7.06
CA MET H 400 47.39 26.78 6.11
C MET H 400 47.23 25.33 5.64
N ALA H 401 46.58 24.48 6.47
CA ALA H 401 46.12 23.16 6.06
C ALA H 401 46.29 22.13 7.19
N SER H 408 58.18 17.76 2.88
CA SER H 408 57.36 18.97 3.16
C SER H 408 58.23 20.21 3.39
N ASP H 409 59.51 20.01 3.75
CA ASP H 409 60.47 21.10 3.88
C ASP H 409 60.83 21.64 2.48
N GLN H 410 60.24 21.00 1.44
CA GLN H 410 60.46 21.35 0.04
C GLN H 410 60.03 22.81 -0.17
N VAL H 411 58.93 23.20 0.51
CA VAL H 411 58.35 24.54 0.44
C VAL H 411 59.39 25.59 0.87
N ALA H 412 59.99 25.32 2.04
CA ALA H 412 61.04 26.16 2.61
C ALA H 412 62.25 26.23 1.66
N GLU H 413 62.59 25.06 1.05
CA GLU H 413 63.71 25.02 0.11
C GLU H 413 63.44 25.93 -1.10
N LEU H 414 62.18 25.91 -1.61
CA LEU H 414 61.78 26.74 -2.75
C LEU H 414 61.83 28.23 -2.34
N ALA H 415 61.41 28.54 -1.10
CA ALA H 415 61.47 29.90 -0.59
C ALA H 415 62.92 30.38 -0.56
N ALA H 416 63.87 29.48 -0.21
CA ALA H 416 65.28 29.82 -0.30
C ALA H 416 65.69 30.05 -1.77
N ILE I 26 36.68 38.28 15.07
CA ILE I 26 37.97 39.02 15.30
C ILE I 26 38.70 39.34 13.99
N PHE I 27 39.49 38.37 13.50
CA PHE I 27 40.15 38.42 12.19
C PHE I 27 39.14 38.29 11.06
N GLU I 28 38.04 37.55 11.36
CA GLU I 28 36.87 37.28 10.54
C GLU I 28 36.28 38.59 10.01
N GLU I 29 36.32 39.65 10.85
CA GLU I 29 35.74 40.95 10.56
C GLU I 29 36.46 41.59 9.36
N ALA I 30 37.81 41.51 9.39
CA ALA I 30 38.72 42.04 8.37
C ALA I 30 38.44 41.43 6.99
N ALA I 31 38.39 40.09 6.95
CA ALA I 31 38.10 39.32 5.75
C ALA I 31 36.73 39.73 5.18
N SER I 32 35.73 39.84 6.06
CA SER I 32 34.37 40.21 5.68
C SER I 32 34.33 41.66 5.19
N PHE I 33 35.21 42.51 5.74
CA PHE I 33 35.30 43.92 5.39
C PHE I 33 35.89 44.08 3.98
N ARG I 34 36.96 43.32 3.67
CA ARG I 34 37.53 43.28 2.32
C ARG I 34 36.44 42.94 1.31
N SER I 35 35.62 41.94 1.65
CA SER I 35 34.52 41.52 0.80
C SER I 35 33.48 42.61 0.69
N TYR I 36 33.22 43.32 1.80
CA TYR I 36 32.22 44.40 1.85
C TYR I 36 32.65 45.50 0.88
N GLN I 37 33.92 45.93 0.95
CA GLN I 37 34.46 46.96 0.06
C GLN I 37 34.24 46.56 -1.40
N SER I 38 34.50 45.29 -1.74
CA SER I 38 34.45 44.77 -3.10
C SER I 38 33.03 44.83 -3.67
N LYS I 39 32.02 44.66 -2.80
CA LYS I 39 30.60 44.63 -3.19
C LYS I 39 29.89 45.98 -2.96
N LEU I 40 30.52 46.88 -2.18
CA LEU I 40 29.91 48.15 -1.79
C LEU I 40 29.66 49.03 -3.01
N GLY I 41 28.43 49.49 -3.20
CA GLY I 41 28.13 50.45 -4.25
C GLY I 41 27.99 49.79 -5.64
N ARG I 42 28.18 48.46 -5.68
CA ARG I 42 27.89 47.68 -6.88
C ARG I 42 26.38 47.70 -7.19
N ASP I 43 25.55 47.76 -6.14
CA ASP I 43 24.11 47.60 -6.21
C ASP I 43 23.44 48.92 -6.55
N GLY I 44 22.10 48.88 -6.67
CA GLY I 44 21.30 50.02 -7.08
C GLY I 44 21.29 50.24 -8.61
N ARG I 45 20.75 51.38 -9.05
CA ARG I 45 20.60 51.69 -10.48
C ARG I 45 21.17 53.08 -10.82
N ALA I 46 21.96 53.15 -11.90
CA ALA I 46 22.62 54.36 -12.37
C ALA I 46 21.61 55.36 -12.95
N SER I 47 21.81 56.65 -12.62
CA SER I 47 20.98 57.78 -13.02
C SER I 47 20.95 57.98 -14.55
N ALA I 48 19.73 58.24 -15.10
CA ALA I 48 19.43 57.98 -16.50
C ALA I 48 20.15 58.96 -17.43
N ALA I 49 20.57 60.06 -16.83
CA ALA I 49 21.33 61.10 -17.53
C ALA I 49 22.62 60.57 -18.14
N THR I 50 23.19 59.44 -17.60
CA THR I 50 24.41 58.78 -18.09
C THR I 50 24.28 58.16 -19.48
N ALA I 51 23.02 57.92 -19.87
CA ALA I 51 22.71 57.30 -21.16
C ALA I 51 23.18 58.16 -22.34
N THR I 52 24.03 57.57 -23.20
CA THR I 52 24.69 58.32 -24.25
C THR I 52 23.81 58.44 -25.50
N LEU I 53 24.07 59.50 -26.32
CA LEU I 53 23.37 59.80 -27.56
C LEU I 53 23.37 58.61 -28.53
N THR I 54 22.17 58.06 -28.84
CA THR I 54 21.98 56.84 -29.61
C THR I 54 22.23 57.12 -31.10
N THR I 55 23.01 56.21 -31.68
CA THR I 55 23.54 56.37 -33.02
C THR I 55 22.69 55.57 -34.00
N LYS I 56 22.19 56.25 -35.06
CA LYS I 56 21.27 55.70 -36.03
C LYS I 56 22.03 54.91 -37.11
N ILE I 57 21.66 53.63 -37.29
CA ILE I 57 22.26 52.76 -38.30
C ILE I 57 21.17 52.06 -39.13
N ARG I 58 21.44 51.89 -40.44
CA ARG I 58 20.53 51.24 -41.38
C ARG I 58 20.85 49.74 -41.46
N ILE I 59 19.89 48.87 -41.13
CA ILE I 59 20.10 47.43 -41.03
C ILE I 59 19.11 46.77 -41.98
N PHE I 60 19.67 46.14 -43.01
CA PHE I 60 18.85 45.35 -43.93
C PHE I 60 18.54 43.99 -43.28
N VAL I 61 17.27 43.54 -43.36
CA VAL I 61 16.84 42.24 -42.84
C VAL I 61 16.13 41.45 -43.93
N PRO I 62 16.35 40.13 -44.20
CA PRO I 62 15.64 39.43 -45.28
C PRO I 62 14.11 39.44 -45.06
N ALA I 63 13.36 39.93 -46.07
CA ALA I 63 11.94 40.28 -45.95
C ALA I 63 11.00 39.06 -45.92
N THR I 64 11.41 37.99 -46.62
CA THR I 64 10.95 36.60 -46.47
C THR I 64 12.09 35.61 -46.77
N ASN I 65 11.83 34.34 -46.47
CA ASN I 65 12.65 33.24 -46.98
C ASN I 65 12.21 32.81 -48.38
N SER I 66 12.36 33.72 -49.37
CA SER I 66 12.28 33.48 -50.81
C SER I 66 13.66 33.62 -51.48
N PRO I 67 14.23 32.55 -52.08
CA PRO I 67 15.69 32.41 -52.23
C PRO I 67 16.38 33.42 -53.14
N GLU I 68 15.65 33.89 -54.16
CA GLU I 68 16.12 34.88 -55.11
C GLU I 68 16.45 36.19 -54.41
N LEU I 69 15.55 36.67 -53.54
CA LEU I 69 15.77 37.91 -52.79
C LEU I 69 16.88 37.72 -51.75
N ARG I 70 16.79 36.58 -51.05
CA ARG I 70 17.64 36.28 -49.90
C ARG I 70 19.11 36.19 -50.32
N TRP I 71 19.42 35.48 -51.43
CA TRP I 71 20.78 35.34 -51.97
C TRP I 71 21.32 36.70 -52.42
N GLU I 72 20.53 37.45 -53.19
CA GLU I 72 20.95 38.75 -53.71
C GLU I 72 21.24 39.72 -52.58
N LEU I 73 20.37 39.75 -51.55
CA LEU I 73 20.53 40.61 -50.38
C LEU I 73 21.83 40.25 -49.63
N THR I 74 22.10 38.94 -49.52
CA THR I 74 23.33 38.49 -48.87
C THR I 74 24.55 38.97 -49.65
N LEU I 75 24.53 38.84 -50.98
CA LEU I 75 25.61 39.30 -51.85
C LEU I 75 25.82 40.81 -51.72
N PHE I 76 24.74 41.62 -51.74
CA PHE I 76 24.77 43.06 -51.48
C PHE I 76 25.50 43.37 -50.17
N ALA I 77 25.08 42.68 -49.09
CA ALA I 77 25.61 42.92 -47.76
C ALA I 77 27.09 42.56 -47.67
N LEU I 78 27.46 41.39 -48.23
CA LEU I 78 28.84 40.93 -48.28
C LEU I 78 29.68 42.00 -48.98
N ASP I 79 29.15 42.58 -50.08
CA ASP I 79 29.87 43.56 -50.88
C ASP I 79 29.97 44.89 -50.16
N VAL I 80 28.92 45.34 -49.43
CA VAL I 80 29.00 46.55 -48.60
C VAL I 80 30.23 46.47 -47.67
N ILE I 81 30.39 45.30 -47.01
CA ILE I 81 31.48 45.06 -46.05
C ILE I 81 32.83 44.96 -46.78
N ARG I 82 32.81 44.46 -48.03
CA ARG I 82 34.01 44.29 -48.85
C ARG I 82 34.48 45.61 -49.47
N SER I 83 33.61 46.65 -49.50
CA SER I 83 33.88 47.89 -50.23
C SER I 83 34.91 48.77 -49.49
N PRO I 84 35.82 49.41 -50.27
CA PRO I 84 36.79 50.37 -49.75
C PRO I 84 36.15 51.73 -49.47
N SER I 85 34.98 51.97 -50.10
CA SER I 85 34.33 53.26 -50.14
C SER I 85 33.17 53.46 -49.14
N ALA I 86 32.68 52.37 -48.56
CA ALA I 86 31.53 52.47 -47.67
C ALA I 86 31.91 53.05 -46.31
N ALA I 87 31.05 53.91 -45.74
CA ALA I 87 31.23 54.49 -44.40
C ALA I 87 30.88 53.49 -43.28
N GLU I 88 31.52 53.69 -42.12
CA GLU I 88 31.43 52.84 -40.93
C GLU I 88 29.98 52.57 -40.49
N SER I 89 29.12 53.59 -40.58
CA SER I 89 27.70 53.46 -40.23
C SER I 89 26.98 52.44 -41.11
N MET I 90 27.33 52.42 -42.41
CA MET I 90 26.80 51.43 -43.34
C MET I 90 27.40 50.06 -43.04
N LYS I 91 28.71 50.01 -42.79
CA LYS I 91 29.46 48.78 -42.58
C LYS I 91 28.98 48.02 -41.34
N VAL I 92 28.70 48.68 -40.19
CA VAL I 92 28.12 48.03 -39.01
C VAL I 92 26.79 47.34 -39.36
N GLY I 93 25.95 48.13 -40.06
CA GLY I 93 24.63 47.65 -40.47
C GLY I 93 24.72 46.43 -41.39
N ALA I 94 25.68 46.47 -42.31
CA ALA I 94 26.06 45.36 -43.19
C ALA I 94 26.49 44.14 -42.37
N ALA I 95 27.38 44.30 -41.37
CA ALA I 95 27.85 43.20 -40.54
C ALA I 95 26.71 42.52 -39.81
N PHE I 96 25.74 43.34 -39.33
CA PHE I 96 24.52 42.84 -38.70
C PHE I 96 23.66 42.03 -39.69
N THR I 97 23.56 42.47 -40.96
CA THR I 97 22.89 41.69 -41.99
C THR I 97 23.58 40.35 -42.22
N LEU I 98 24.91 40.40 -42.34
CA LEU I 98 25.72 39.23 -42.66
C LEU I 98 25.51 38.16 -41.59
N ILE I 99 25.52 38.53 -40.27
CA ILE I 99 25.40 37.54 -39.20
C ILE I 99 23.97 37.37 -38.66
N SER I 100 22.94 37.76 -39.43
CA SER I 100 21.53 37.51 -39.17
C SER I 100 20.86 36.66 -40.26
N MET I 101 21.60 36.29 -41.33
CA MET I 101 21.19 35.41 -42.43
C MET I 101 20.58 34.07 -41.99
N TYR I 102 20.95 33.60 -40.79
CA TYR I 102 20.39 32.43 -40.12
C TYR I 102 18.85 32.43 -40.05
N SER I 103 18.21 33.57 -39.73
CA SER I 103 16.85 33.61 -39.20
C SER I 103 15.80 33.31 -40.25
N GLU I 104 14.72 32.66 -39.79
CA GLU I 104 13.45 32.56 -40.50
C GLU I 104 12.83 33.94 -40.77
N ARG I 105 13.06 34.87 -39.85
CA ARG I 105 12.59 36.26 -39.96
C ARG I 105 13.74 37.17 -39.52
N PRO I 106 14.70 37.51 -40.42
CA PRO I 106 15.99 38.10 -40.01
C PRO I 106 15.90 39.37 -39.18
N GLY I 107 14.93 40.18 -39.58
CA GLY I 107 14.65 41.44 -38.89
C GLY I 107 14.09 41.25 -37.48
N ALA I 108 13.24 40.23 -37.27
CA ALA I 108 12.71 39.89 -35.96
C ALA I 108 13.83 39.42 -35.03
N LEU I 109 14.75 38.60 -35.54
CA LEU I 109 15.87 38.10 -34.78
C LEU I 109 16.72 39.25 -34.24
N ILE I 110 17.13 40.20 -35.11
CA ILE I 110 17.87 41.40 -34.70
C ILE I 110 17.07 42.17 -33.65
N ARG I 111 15.84 42.61 -33.99
CA ARG I 111 15.04 43.48 -33.12
C ARG I 111 14.82 42.90 -31.72
N SER I 112 14.61 41.57 -31.63
CA SER I 112 14.23 40.87 -30.42
C SER I 112 15.41 40.53 -29.49
N LEU I 113 16.60 40.35 -30.07
CA LEU I 113 17.75 40.04 -29.23
C LEU I 113 18.60 41.29 -28.92
N LEU I 114 18.48 42.31 -29.79
CA LEU I 114 19.43 43.41 -29.78
C LEU I 114 19.05 44.35 -28.64
N ASN I 115 19.96 44.53 -27.68
CA ASN I 115 19.66 45.20 -26.41
C ASN I 115 20.81 46.09 -25.94
N ASP I 116 21.03 47.22 -26.64
CA ASP I 116 22.25 48.02 -26.54
C ASP I 116 21.94 49.50 -26.66
N PRO I 117 22.36 50.30 -25.64
CA PRO I 117 21.99 51.71 -25.53
C PRO I 117 22.68 52.65 -26.52
N ASP I 118 23.76 52.16 -27.16
CA ASP I 118 24.63 52.94 -28.01
C ASP I 118 23.98 53.20 -29.38
N ILE I 119 23.25 52.15 -29.84
CA ILE I 119 22.78 52.03 -31.22
C ILE I 119 21.25 51.99 -31.31
N GLU I 120 20.69 52.74 -32.27
CA GLU I 120 19.29 52.71 -32.64
C GLU I 120 19.16 52.28 -34.10
N ALA I 121 18.52 51.12 -34.30
CA ALA I 121 18.42 50.56 -35.64
C ALA I 121 17.20 51.11 -36.37
N VAL I 122 17.39 51.45 -37.66
CA VAL I 122 16.28 51.49 -38.60
C VAL I 122 16.39 50.24 -39.47
N ILE I 123 15.35 49.36 -39.38
CA ILE I 123 15.28 48.05 -40.00
C ILE I 123 14.53 48.23 -41.32
N ILE I 124 15.20 47.77 -42.41
CA ILE I 124 14.67 47.76 -43.76
C ILE I 124 14.50 46.31 -44.19
N ASP I 125 13.24 45.91 -44.43
CA ASP I 125 12.89 44.59 -44.89
C ASP I 125 13.27 44.59 -46.36
N VAL I 126 14.39 43.93 -46.72
CA VAL I 126 15.02 43.99 -48.05
C VAL I 126 14.11 43.87 -49.29
N GLY I 127 13.29 42.82 -49.32
CA GLY I 127 12.26 42.55 -50.32
C GLY I 127 12.83 42.04 -51.63
N SER I 128 12.10 42.30 -52.73
CA SER I 128 12.59 42.22 -54.11
C SER I 128 13.89 43.01 -54.30
N MET I 129 14.97 42.26 -54.51
CA MET I 129 16.27 42.85 -54.82
C MET I 129 16.40 43.10 -56.32
N VAL I 130 15.28 43.41 -57.01
CA VAL I 130 15.22 43.52 -58.46
C VAL I 130 15.41 44.97 -58.93
N ASN I 131 16.58 45.54 -58.64
CA ASN I 131 17.01 46.80 -59.20
C ASN I 131 18.44 46.64 -59.68
N GLY I 132 18.74 45.48 -60.30
CA GLY I 132 20.11 45.10 -60.67
C GLY I 132 20.94 44.72 -59.44
N ILE I 133 22.22 45.12 -59.46
CA ILE I 133 23.25 44.81 -58.48
C ILE I 133 22.92 45.33 -57.07
N PRO I 134 22.46 46.60 -56.90
CA PRO I 134 22.04 47.09 -55.59
C PRO I 134 20.75 46.47 -55.01
N VAL I 135 20.62 46.61 -53.67
CA VAL I 135 19.44 46.20 -52.88
C VAL I 135 18.27 47.09 -53.26
N MET I 136 17.04 46.57 -53.19
CA MET I 136 15.79 47.25 -53.46
C MET I 136 15.47 48.29 -52.40
N GLU I 137 14.82 49.33 -52.84
CA GLU I 137 14.45 50.46 -52.01
C GLU I 137 13.24 51.14 -52.65
N ARG I 138 12.08 51.20 -51.94
CA ARG I 138 10.75 51.34 -52.53
C ARG I 138 10.12 52.70 -52.22
N ARG I 139 10.91 53.66 -51.71
CA ARG I 139 10.38 54.96 -51.25
C ARG I 139 10.04 55.89 -52.43
N GLY I 140 10.72 55.70 -53.58
CA GLY I 140 10.54 56.55 -54.75
C GLY I 140 11.84 57.23 -55.20
N ASP I 141 11.73 58.52 -55.55
CA ASP I 141 12.63 59.24 -56.44
C ASP I 141 13.98 59.58 -55.80
N LYS I 142 13.97 59.90 -54.49
CA LYS I 142 15.18 60.19 -53.72
C LYS I 142 15.95 58.90 -53.43
N ALA I 143 15.26 57.73 -53.51
CA ALA I 143 15.88 56.43 -53.29
C ALA I 143 16.63 55.97 -54.54
N GLN I 144 16.32 56.58 -55.70
CA GLN I 144 17.07 56.41 -56.94
C GLN I 144 18.54 56.82 -56.73
N GLU I 145 18.82 57.87 -55.92
CA GLU I 145 20.20 58.19 -55.53
C GLU I 145 20.85 57.07 -54.72
N GLU I 146 20.05 56.48 -53.82
CA GLU I 146 20.46 55.43 -52.89
C GLU I 146 20.93 54.18 -53.68
N MET I 147 20.14 53.78 -54.70
CA MET I 147 20.44 52.65 -55.57
C MET I 147 21.75 52.85 -56.34
N GLU I 148 22.04 54.11 -56.67
CA GLU I 148 23.25 54.51 -57.40
C GLU I 148 24.43 54.61 -56.45
N GLY I 149 24.18 54.99 -55.17
CA GLY I 149 25.15 54.85 -54.09
C GLY I 149 25.58 53.38 -53.97
N LEU I 150 24.61 52.47 -53.90
CA LEU I 150 24.83 51.02 -53.93
C LEU I 150 25.65 50.59 -55.15
N MET I 151 25.29 51.06 -56.35
CA MET I 151 26.01 50.74 -57.59
C MET I 151 27.48 51.15 -57.47
N ARG I 152 27.73 52.39 -56.99
CA ARG I 152 29.07 52.93 -56.80
C ARG I 152 29.84 52.05 -55.82
N ILE I 153 29.18 51.69 -54.71
CA ILE I 153 29.75 50.83 -53.67
C ILE I 153 30.20 49.50 -54.30
N LEU I 154 29.37 48.82 -55.13
CA LEU I 154 29.65 47.53 -55.77
C LEU I 154 30.79 47.64 -56.79
N LYS I 155 30.73 48.71 -57.61
CA LYS I 155 31.76 48.95 -58.60
C LYS I 155 33.13 49.11 -57.91
N THR I 156 33.16 50.08 -56.96
CA THR I 156 34.35 50.39 -56.19
C THR I 156 34.88 49.16 -55.47
N ALA I 157 33.99 48.30 -54.98
CA ALA I 157 34.37 47.04 -54.33
C ALA I 157 35.15 46.17 -55.32
N ARG I 158 34.58 45.89 -56.51
CA ARG I 158 35.22 45.10 -57.57
C ARG I 158 36.59 45.70 -57.91
N ASP I 159 36.57 47.02 -58.26
CA ASP I 159 37.72 47.73 -58.83
C ASP I 159 38.89 47.79 -57.83
N SER I 160 38.59 48.11 -56.55
CA SER I 160 39.56 48.29 -55.47
C SER I 160 40.20 46.97 -55.06
N SER I 161 39.43 45.87 -55.23
CA SER I 161 39.92 44.53 -54.95
C SER I 161 40.57 43.89 -56.18
N LYS I 162 40.73 44.64 -57.30
CA LYS I 162 41.43 44.14 -58.48
C LYS I 162 40.74 42.89 -59.03
N GLY I 163 39.39 42.90 -58.98
CA GLY I 163 38.67 41.79 -59.59
C GLY I 163 38.36 40.61 -58.65
N LYS I 164 39.01 40.50 -57.46
CA LYS I 164 38.68 39.47 -56.48
C LYS I 164 37.37 39.82 -55.75
N THR I 165 36.34 38.96 -55.82
CA THR I 165 35.08 39.21 -55.14
C THR I 165 35.24 38.79 -53.67
N PRO I 166 34.19 38.85 -52.81
CA PRO I 166 34.31 38.37 -51.43
C PRO I 166 34.72 36.90 -51.26
N PHE I 167 34.27 36.00 -52.16
CA PHE I 167 34.55 34.56 -52.03
C PHE I 167 35.86 34.19 -52.73
N VAL I 168 36.50 33.09 -52.34
CA VAL I 168 37.83 32.74 -52.83
C VAL I 168 37.76 32.12 -54.22
N ASP I 169 36.65 31.44 -54.53
CA ASP I 169 36.62 30.65 -55.75
C ASP I 169 35.44 31.08 -56.64
N SER I 170 35.73 31.71 -57.81
CA SER I 170 34.95 32.75 -58.49
C SER I 170 33.49 32.39 -58.78
N ARG I 171 33.34 31.13 -59.28
CA ARG I 171 32.08 30.55 -59.74
C ARG I 171 31.01 30.70 -58.65
N ALA I 172 31.47 30.50 -57.39
CA ALA I 172 30.61 30.56 -56.21
C ALA I 172 29.99 31.94 -56.03
N TYR I 173 30.80 32.99 -56.32
CA TYR I 173 30.36 34.38 -56.14
C TYR I 173 29.20 34.68 -57.10
N GLY I 174 29.26 34.08 -58.30
CA GLY I 174 28.25 34.33 -59.33
C GLY I 174 26.98 33.51 -59.16
N LEU I 175 27.11 32.38 -58.46
CA LEU I 175 26.12 31.29 -58.60
C LEU I 175 24.76 31.60 -57.97
N ARG I 176 23.71 31.73 -58.83
CA ARG I 176 22.35 32.09 -58.47
C ARG I 176 21.73 30.90 -57.77
N ILE I 177 21.11 31.13 -56.61
CA ILE I 177 20.45 30.02 -55.92
C ILE I 177 18.94 30.23 -55.98
N THR I 178 18.23 29.12 -56.30
CA THR I 178 16.79 29.06 -56.45
C THR I 178 16.08 28.16 -55.43
N ASP I 179 16.78 27.37 -54.59
CA ASP I 179 16.15 26.44 -53.64
C ASP I 179 16.66 26.65 -52.21
N MET I 180 15.77 26.40 -51.22
CA MET I 180 16.04 26.51 -49.79
C MET I 180 17.29 25.72 -49.39
N SER I 181 17.46 24.50 -49.95
CA SER I 181 18.53 23.56 -49.59
C SER I 181 19.92 24.13 -49.80
N THR I 182 20.11 24.64 -51.03
CA THR I 182 21.34 25.29 -51.48
C THR I 182 21.58 26.57 -50.67
N LEU I 183 20.48 27.33 -50.47
CA LEU I 183 20.50 28.58 -49.70
C LEU I 183 21.08 28.34 -48.30
N VAL I 184 20.47 27.42 -47.52
CA VAL I 184 20.87 27.14 -46.14
C VAL I 184 22.29 26.59 -46.10
N SER I 185 22.64 25.71 -47.08
CA SER I 185 24.01 25.20 -47.21
C SER I 185 25.01 26.38 -47.25
N ALA I 186 24.68 27.36 -48.10
CA ALA I 186 25.53 28.52 -48.35
C ALA I 186 25.53 29.48 -47.16
N VAL I 187 24.35 29.92 -46.69
CA VAL I 187 24.16 30.88 -45.60
C VAL I 187 24.89 30.40 -44.36
N ILE I 188 24.63 29.13 -43.95
CA ILE I 188 25.28 28.55 -42.78
C ILE I 188 26.80 28.63 -42.90
N THR I 189 27.28 28.48 -44.15
CA THR I 189 28.70 28.42 -44.46
C THR I 189 29.36 29.80 -44.30
N ILE I 190 28.71 30.82 -44.85
CA ILE I 190 29.20 32.19 -44.74
C ILE I 190 29.11 32.66 -43.29
N GLU I 191 27.97 32.39 -42.62
CA GLU I 191 27.79 32.81 -41.22
C GLU I 191 28.89 32.21 -40.36
N ALA I 192 29.09 30.89 -40.52
CA ALA I 192 30.13 30.22 -39.75
C ALA I 192 31.49 30.88 -39.98
N GLN I 193 31.76 31.37 -41.19
CA GLN I 193 32.98 32.07 -41.54
C GLN I 193 33.12 33.43 -40.85
N ILE I 194 32.00 34.10 -40.52
CA ILE I 194 32.00 35.29 -39.67
C ILE I 194 32.35 34.91 -38.23
N TRP I 195 31.63 33.90 -37.72
CA TRP I 195 31.73 33.49 -36.34
C TRP I 195 33.12 32.90 -36.02
N ILE I 196 33.87 32.27 -36.96
CA ILE I 196 35.30 31.93 -36.97
C ILE I 196 36.17 33.08 -36.39
N LEU I 197 35.76 34.31 -36.73
CA LEU I 197 36.59 35.49 -36.49
C LEU I 197 36.50 35.96 -35.04
N ILE I 198 35.24 36.09 -34.60
CA ILE I 198 34.77 36.65 -33.33
C ILE I 198 35.64 36.16 -32.17
N ALA I 199 36.03 34.88 -32.23
CA ALA I 199 36.77 34.21 -31.17
C ALA I 199 38.06 34.92 -30.80
N LYS I 200 38.68 35.64 -31.78
CA LYS I 200 39.98 36.29 -31.60
C LYS I 200 40.02 37.78 -31.97
N ALA I 201 38.98 38.21 -32.75
CA ALA I 201 38.87 39.59 -33.19
C ALA I 201 39.10 40.61 -32.05
N VAL I 202 38.67 40.31 -30.82
CA VAL I 202 38.67 41.28 -29.72
C VAL I 202 39.56 40.83 -28.57
N THR I 203 40.45 39.83 -28.78
CA THR I 203 41.52 39.48 -27.83
C THR I 203 42.91 39.70 -28.47
N ALA I 204 43.01 39.58 -29.82
CA ALA I 204 44.18 40.00 -30.59
C ALA I 204 43.99 39.72 -32.08
N PRO I 205 43.44 40.66 -32.88
CA PRO I 205 42.98 40.36 -34.24
C PRO I 205 44.12 40.23 -35.25
N ASP I 206 45.38 40.47 -34.75
CA ASP I 206 46.73 40.28 -35.32
C ASP I 206 47.38 39.12 -34.55
N THR I 207 48.09 38.25 -35.28
CA THR I 207 48.33 36.88 -34.81
C THR I 207 47.11 35.97 -35.05
N ALA I 208 46.05 36.53 -35.65
CA ALA I 208 44.72 35.94 -35.69
C ALA I 208 44.62 34.76 -36.68
N GLU I 209 45.38 34.81 -37.78
CA GLU I 209 45.16 33.97 -38.98
C GLU I 209 45.31 32.47 -38.65
N GLU I 210 46.33 32.17 -37.83
CA GLU I 210 46.66 30.80 -37.46
C GLU I 210 45.48 30.10 -36.79
N SER I 211 44.91 30.79 -35.79
CA SER I 211 43.79 30.30 -35.00
C SER I 211 42.54 30.16 -35.88
N GLU I 212 42.23 31.17 -36.70
CA GLU I 212 40.98 31.21 -37.46
C GLU I 212 41.01 30.15 -38.56
N THR I 213 42.19 29.87 -39.14
CA THR I 213 42.38 28.77 -40.10
C THR I 213 42.17 27.42 -39.38
N ARG I 214 42.72 27.27 -38.16
CA ARG I 214 42.63 26.05 -37.34
C ARG I 214 41.16 25.69 -37.04
N ARG I 215 40.36 26.71 -36.70
CA ARG I 215 38.93 26.55 -36.46
C ARG I 215 38.22 26.23 -37.78
N TRP I 216 38.64 26.82 -38.94
CA TRP I 216 38.02 26.60 -40.26
C TRP I 216 38.17 25.14 -40.66
N ALA I 217 39.40 24.63 -40.50
CA ALA I 217 39.76 23.24 -40.82
C ALA I 217 38.80 22.26 -40.16
N LYS I 218 38.57 22.45 -38.85
CA LYS I 218 37.62 21.68 -38.05
C LYS I 218 36.23 21.64 -38.72
N TYR I 219 35.60 22.81 -38.93
CA TYR I 219 34.21 22.90 -39.39
C TYR I 219 34.05 22.20 -40.76
N VAL I 220 35.06 22.33 -41.64
CA VAL I 220 35.06 21.76 -43.00
C VAL I 220 35.26 20.24 -42.95
N GLN I 221 36.23 19.79 -42.13
CA GLN I 221 36.56 18.37 -42.00
C GLN I 221 35.38 17.59 -41.40
N GLN I 222 34.67 18.24 -40.47
CA GLN I 222 33.45 17.73 -39.85
C GLN I 222 32.23 17.91 -40.75
N LYS I 223 32.39 18.48 -41.96
CA LYS I 223 31.27 18.58 -42.90
C LYS I 223 30.11 19.46 -42.41
N ARG I 224 30.35 20.37 -41.47
CA ARG I 224 29.36 21.37 -41.09
C ARG I 224 29.32 22.54 -42.10
N VAL I 225 30.42 22.82 -42.83
CA VAL I 225 30.53 24.03 -43.66
C VAL I 225 31.03 23.65 -45.07
N ASN I 226 30.42 24.14 -46.17
CA ASN I 226 30.62 23.69 -47.56
C ASN I 226 31.67 24.55 -48.27
N PRO I 227 32.90 24.01 -48.51
CA PRO I 227 34.11 24.84 -48.69
C PRO I 227 34.18 25.71 -49.94
N PHE I 228 33.30 25.38 -50.90
CA PHE I 228 33.04 26.18 -52.10
C PHE I 228 32.76 27.64 -51.70
N PHE I 229 32.10 27.84 -50.54
CA PHE I 229 31.76 29.17 -50.01
C PHE I 229 32.83 29.81 -49.10
N ALA I 230 34.14 29.44 -49.22
CA ALA I 230 35.21 30.10 -48.48
C ALA I 230 35.32 31.61 -48.79
N LEU I 231 35.40 32.49 -47.78
CA LEU I 231 35.48 33.94 -48.00
C LEU I 231 36.92 34.45 -47.80
N THR I 232 37.35 35.39 -48.64
CA THR I 232 38.76 35.68 -48.98
C THR I 232 39.51 36.36 -47.84
N GLN I 233 40.80 35.97 -47.65
CA GLN I 233 41.55 36.32 -46.44
C GLN I 233 41.62 37.85 -46.27
N GLN I 234 41.76 38.51 -47.43
CA GLN I 234 41.85 39.98 -47.49
C GLN I 234 40.60 40.63 -46.88
N TRP I 235 39.41 40.11 -47.28
CA TRP I 235 38.13 40.61 -46.81
C TRP I 235 37.97 40.30 -45.32
N LEU I 236 38.25 39.04 -44.96
CA LEU I 236 38.12 38.61 -43.57
C LEU I 236 39.00 39.44 -42.62
N THR I 237 40.27 39.76 -43.00
CA THR I 237 41.16 40.57 -42.17
C THR I 237 40.59 42.00 -41.98
N GLU I 238 40.10 42.56 -43.11
CA GLU I 238 39.58 43.92 -43.11
C GLU I 238 38.36 44.03 -42.18
N MET I 239 37.50 42.99 -42.23
CA MET I 239 36.29 42.85 -41.41
C MET I 239 36.67 42.53 -39.97
N ARG I 240 37.65 41.67 -39.69
CA ARG I 240 38.11 41.35 -38.33
C ARG I 240 38.53 42.63 -37.61
N ASN I 241 39.31 43.47 -38.32
CA ASN I 241 39.74 44.76 -37.77
C ASN I 241 38.53 45.68 -37.45
N LEU I 242 37.58 45.75 -38.40
CA LEU I 242 36.35 46.53 -38.20
C LEU I 242 35.59 46.05 -36.95
N LEU I 243 35.53 44.74 -36.70
CA LEU I 243 34.88 44.16 -35.52
C LEU I 243 35.64 44.52 -34.24
N SER I 244 36.97 44.42 -34.26
CA SER I 244 37.75 44.83 -33.08
C SER I 244 37.47 46.27 -32.67
N GLN I 245 37.38 47.19 -33.65
CA GLN I 245 37.37 48.64 -33.42
C GLN I 245 35.96 49.19 -33.17
N SER I 246 34.90 48.47 -33.59
CA SER I 246 33.51 48.92 -33.49
C SER I 246 32.69 48.09 -32.50
N LEU I 247 32.14 48.78 -31.50
CA LEU I 247 31.44 48.21 -30.34
C LEU I 247 30.07 47.69 -30.75
N SER I 248 29.36 48.46 -31.58
CA SER I 248 27.95 48.22 -31.88
C SER I 248 27.70 46.83 -32.46
N VAL I 249 28.59 46.44 -33.38
CA VAL I 249 28.57 45.12 -34.01
C VAL I 249 28.77 44.01 -32.96
N ARG I 250 29.84 44.17 -32.17
CA ARG I 250 30.23 43.20 -31.15
C ARG I 250 29.13 43.03 -30.11
N LYS I 251 28.44 44.13 -29.75
CA LYS I 251 27.29 44.10 -28.85
C LYS I 251 26.23 43.13 -29.38
N PHE I 252 25.79 43.28 -30.66
CA PHE I 252 24.81 42.40 -31.29
C PHE I 252 25.30 40.93 -31.32
N MET I 253 26.56 40.73 -31.76
CA MET I 253 27.17 39.41 -31.80
C MET I 253 27.10 38.72 -30.43
N VAL I 254 27.59 39.39 -29.37
CA VAL I 254 27.64 38.84 -28.02
C VAL I 254 26.23 38.62 -27.47
N GLU I 255 25.26 39.48 -27.85
CA GLU I 255 23.86 39.26 -27.47
C GLU I 255 23.36 37.93 -28.00
N ILE I 256 23.56 37.68 -29.31
CA ILE I 256 23.17 36.42 -29.98
C ILE I 256 23.93 35.22 -29.38
N LEU I 257 25.24 35.42 -29.13
CA LEU I 257 26.15 34.37 -28.64
C LEU I 257 25.73 33.87 -27.24
N ILE I 258 25.25 34.80 -26.38
CA ILE I 258 24.66 34.50 -25.07
C ILE I 258 23.32 33.78 -25.26
N GLU I 259 22.48 34.31 -26.17
CA GLU I 259 21.08 33.87 -26.27
C GLU I 259 21.00 32.42 -26.73
N VAL I 260 21.83 32.06 -27.73
CA VAL I 260 21.77 30.72 -28.32
C VAL I 260 22.63 29.72 -27.53
N LYS I 261 23.46 30.22 -26.60
CA LYS I 261 24.24 29.35 -25.70
C LYS I 261 23.35 28.69 -24.66
N LYS I 262 22.20 29.32 -24.35
CA LYS I 262 21.22 28.80 -23.40
C LYS I 262 20.64 27.49 -23.94
N GLY I 263 20.41 26.50 -23.06
CA GLY I 263 20.13 25.15 -23.52
C GLY I 263 18.63 24.91 -23.64
N GLY I 264 18.21 23.63 -23.54
CA GLY I 264 16.80 23.24 -23.42
C GLY I 264 16.02 23.42 -24.73
N SER I 265 16.74 23.32 -25.83
CA SER I 265 16.06 23.38 -27.11
C SER I 265 16.89 22.71 -28.19
N ALA I 266 16.19 21.97 -29.07
CA ALA I 266 16.72 21.63 -30.37
C ALA I 266 16.92 22.91 -31.19
N LYS I 267 17.95 22.84 -32.05
CA LYS I 267 18.29 23.88 -32.99
C LYS I 267 18.32 23.35 -34.44
N GLY I 268 18.25 24.34 -35.32
CA GLY I 268 18.56 24.30 -36.77
C GLY I 268 20.09 24.28 -36.98
N ARG I 269 20.59 23.67 -38.07
CA ARG I 269 22.03 23.47 -38.31
C ARG I 269 22.78 24.80 -38.14
N ALA I 270 22.12 25.88 -38.56
CA ALA I 270 22.64 27.24 -38.48
C ALA I 270 22.98 27.66 -37.04
N VAL I 271 22.02 27.66 -36.11
CA VAL I 271 22.23 28.04 -34.71
C VAL I 271 23.14 27.03 -34.02
N GLU I 272 23.11 25.78 -34.50
CA GLU I 272 23.94 24.72 -33.94
C GLU I 272 25.41 25.03 -34.16
N ILE I 273 25.78 25.45 -35.39
CA ILE I 273 27.17 25.80 -35.73
C ILE I 273 27.63 26.98 -34.85
N ILE I 274 26.76 27.99 -34.65
CA ILE I 274 27.06 29.13 -33.78
C ILE I 274 27.37 28.64 -32.36
N SER I 275 26.47 27.80 -31.84
CA SER I 275 26.60 27.32 -30.47
C SER I 275 27.91 26.56 -30.30
N ASP I 276 28.28 25.78 -31.34
CA ASP I 276 29.47 24.95 -31.36
C ASP I 276 30.71 25.83 -31.30
N ILE I 277 30.72 26.89 -32.11
CA ILE I 277 31.77 27.90 -32.14
C ILE I 277 31.86 28.56 -30.76
N GLY I 278 30.71 28.79 -30.11
CA GLY I 278 30.65 29.33 -28.76
C GLY I 278 31.62 28.64 -27.80
N ASN I 279 31.85 27.34 -27.94
CA ASN I 279 32.70 26.60 -27.00
C ASN I 279 34.18 26.92 -27.17
N TYR I 280 34.54 27.64 -28.25
CA TYR I 280 35.86 28.21 -28.45
C TYR I 280 35.91 29.69 -28.00
N VAL I 281 34.75 30.34 -28.07
CA VAL I 281 34.53 31.78 -27.86
C VAL I 281 34.45 32.11 -26.39
N GLU I 282 33.84 31.25 -25.57
CA GLU I 282 33.75 31.37 -24.12
C GLU I 282 35.12 31.53 -23.45
N GLU I 283 35.15 32.35 -22.39
CA GLU I 283 36.29 32.70 -21.56
C GLU I 283 37.34 33.50 -22.33
N THR I 284 37.15 33.75 -23.63
CA THR I 284 38.22 34.31 -24.47
C THR I 284 38.49 35.76 -24.11
N GLY I 285 39.77 36.11 -23.96
CA GLY I 285 40.14 37.46 -23.59
C GLY I 285 39.81 37.74 -22.11
N MET I 286 39.57 36.70 -21.30
CA MET I 286 39.57 36.73 -19.83
C MET I 286 40.68 35.83 -19.25
N ALA I 287 41.73 35.62 -20.08
CA ALA I 287 42.93 34.80 -19.91
C ALA I 287 43.40 34.78 -18.46
N GLY I 288 43.72 35.97 -17.91
CA GLY I 288 44.24 36.12 -16.55
C GLY I 288 43.38 35.43 -15.49
N PHE I 289 42.04 35.67 -15.54
CA PHE I 289 41.08 35.15 -14.55
C PHE I 289 41.18 33.63 -14.53
N PHE I 290 41.12 33.12 -15.77
CA PHE I 290 41.18 31.67 -15.98
C PHE I 290 42.58 31.15 -15.66
N ALA I 291 43.66 31.93 -15.91
CA ALA I 291 45.01 31.40 -15.72
C ALA I 291 45.29 31.11 -14.25
N THR I 292 44.79 31.98 -13.37
CA THR I 292 44.92 31.75 -11.93
C THR I 292 44.09 30.55 -11.51
N ILE I 293 42.92 30.36 -12.14
CA ILE I 293 42.08 29.21 -11.84
C ILE I 293 42.79 27.94 -12.30
N ARG I 294 43.23 27.87 -13.57
CA ARG I 294 43.83 26.65 -14.16
C ARG I 294 45.15 26.31 -13.47
N PHE I 295 45.99 27.35 -13.35
CA PHE I 295 47.36 27.16 -12.89
C PHE I 295 47.51 27.80 -11.51
N GLY I 296 48.09 27.08 -10.52
CA GLY I 296 48.06 27.59 -9.17
C GLY I 296 46.82 27.14 -8.38
N LEU I 297 45.61 27.60 -8.72
CA LEU I 297 44.43 27.27 -7.90
C LEU I 297 44.06 25.79 -8.03
N GLU I 298 43.72 25.35 -9.27
CA GLU I 298 43.33 23.98 -9.52
C GLU I 298 44.50 23.03 -9.30
N THR I 299 45.72 23.56 -9.50
CA THR I 299 46.98 22.84 -9.23
C THR I 299 47.16 22.51 -7.75
N ARG I 300 46.60 23.33 -6.82
CA ARG I 300 46.62 23.06 -5.38
C ARG I 300 48.04 22.69 -4.89
N TYR I 301 49.07 23.40 -5.43
CA TYR I 301 50.52 23.20 -5.26
C TYR I 301 50.91 23.39 -3.80
N PRO I 302 52.06 22.81 -3.36
CA PRO I 302 52.65 23.11 -2.05
C PRO I 302 52.89 24.60 -1.79
N ALA I 303 53.13 25.40 -2.86
CA ALA I 303 53.31 26.84 -2.85
C ALA I 303 52.21 27.60 -2.10
N LEU I 304 50.99 27.06 -2.13
CA LEU I 304 49.80 27.65 -1.54
C LEU I 304 49.90 27.81 -0.02
N ALA I 305 50.82 27.10 0.64
CA ALA I 305 50.99 27.20 2.08
C ALA I 305 51.81 28.43 2.50
N LEU I 306 52.48 29.07 1.52
CA LEU I 306 53.38 30.19 1.83
C LEU I 306 52.60 31.40 2.37
N ASN I 307 53.09 32.09 3.42
CA ASN I 307 52.40 33.20 4.11
C ASN I 307 51.95 34.33 3.18
N GLU I 308 52.72 34.57 2.11
CA GLU I 308 52.56 35.69 1.19
C GLU I 308 51.24 35.63 0.41
N PHE I 309 50.86 34.40 0.04
CA PHE I 309 49.65 34.05 -0.67
C PHE I 309 48.32 34.41 0.05
N GLN I 310 48.29 34.55 1.39
CA GLN I 310 47.05 34.54 2.18
C GLN I 310 46.08 35.64 1.70
N SER I 311 46.66 36.84 1.51
CA SER I 311 45.98 38.03 1.03
C SER I 311 45.37 37.80 -0.34
N ASP I 312 46.17 37.14 -1.20
CA ASP I 312 45.77 36.78 -2.56
C ASP I 312 44.59 35.80 -2.52
N LEU I 313 44.65 34.74 -1.69
CA LEU I 313 43.55 33.77 -1.52
C LEU I 313 42.25 34.48 -1.10
N ASN I 314 42.35 35.38 -0.11
CA ASN I 314 41.20 36.19 0.32
C ASN I 314 40.63 36.98 -0.87
N THR I 315 41.56 37.49 -1.70
CA THR I 315 41.20 38.22 -2.91
C THR I 315 40.42 37.31 -3.86
N ILE I 316 40.94 36.12 -4.17
CA ILE I 316 40.33 35.22 -5.14
C ILE I 316 38.96 34.82 -4.62
N LYS I 317 38.76 34.56 -3.33
CA LYS I 317 37.46 34.26 -2.76
C LYS I 317 36.47 35.36 -3.16
N SER I 318 36.85 36.63 -2.89
CA SER I 318 36.06 37.81 -3.23
C SER I 318 35.70 37.83 -4.73
N LEU I 319 36.71 37.48 -5.55
CA LEU I 319 36.64 37.42 -7.01
C LEU I 319 35.62 36.38 -7.48
N MET I 320 35.66 35.17 -6.89
CA MET I 320 34.79 34.06 -7.28
C MET I 320 33.34 34.44 -7.02
N LEU I 321 33.06 34.96 -5.82
CA LEU I 321 31.71 35.40 -5.46
C LEU I 321 31.29 36.56 -6.38
N LEU I 322 32.25 37.46 -6.70
CA LEU I 322 31.99 38.55 -7.64
C LEU I 322 31.58 38.03 -9.03
N TYR I 323 32.34 37.04 -9.53
CA TYR I 323 32.17 36.44 -10.86
C TYR I 323 30.75 35.89 -10.98
N ARG I 324 30.30 35.19 -9.93
CA ARG I 324 28.94 34.68 -9.78
C ARG I 324 27.91 35.80 -9.95
N GLU I 325 28.17 36.94 -9.30
CA GLU I 325 27.26 38.07 -9.29
C GLU I 325 27.16 38.73 -10.67
N ILE I 326 28.26 38.70 -11.46
CA ILE I 326 28.24 39.27 -12.82
C ILE I 326 27.36 38.45 -13.77
N GLY I 327 27.31 37.09 -13.57
CA GLY I 327 26.25 36.24 -14.11
C GLY I 327 26.26 35.99 -15.62
N PRO I 328 25.11 36.11 -16.33
CA PRO I 328 24.97 35.70 -17.73
C PRO I 328 25.96 36.25 -18.75
N ARG I 329 26.52 37.43 -18.56
CA ARG I 329 27.45 37.94 -19.57
C ARG I 329 28.88 37.37 -19.41
N ALA I 330 29.14 36.60 -18.31
CA ALA I 330 30.48 36.30 -17.78
C ALA I 330 31.44 35.70 -18.78
N PRO I 331 31.00 34.74 -19.62
CA PRO I 331 31.89 34.10 -20.60
C PRO I 331 32.41 35.03 -21.69
N TYR I 332 31.83 36.24 -21.74
CA TYR I 332 32.20 37.14 -22.81
C TYR I 332 32.48 38.52 -22.24
N MET I 333 32.94 38.65 -20.98
CA MET I 333 33.11 39.96 -20.34
C MET I 333 34.09 40.84 -21.12
N VAL I 334 35.15 40.18 -21.58
CA VAL I 334 36.23 40.84 -22.30
C VAL I 334 35.72 41.37 -23.64
N LEU I 335 34.94 40.54 -24.37
CA LEU I 335 34.44 40.89 -25.71
C LEU I 335 33.48 42.07 -25.59
N LEU I 336 32.78 42.14 -24.44
CA LEU I 336 31.81 43.22 -24.21
C LEU I 336 32.47 44.47 -23.62
N GLU I 337 33.80 44.45 -23.41
CA GLU I 337 34.51 45.58 -22.80
C GLU I 337 33.93 45.88 -21.41
N GLU I 338 33.35 44.87 -20.75
CA GLU I 338 32.63 45.14 -19.51
C GLU I 338 33.58 45.53 -18.40
N SER I 339 33.34 46.69 -17.79
CA SER I 339 34.21 47.30 -16.79
C SER I 339 34.46 46.40 -15.58
N ILE I 340 33.40 45.71 -15.13
CA ILE I 340 33.54 44.76 -14.04
C ILE I 340 34.64 43.74 -14.39
N GLN I 341 34.86 43.56 -15.72
CA GLN I 341 35.95 42.73 -16.24
C GLN I 341 37.28 43.10 -15.58
N THR I 342 37.47 44.41 -15.34
CA THR I 342 38.73 44.92 -14.82
C THR I 342 39.04 44.26 -13.47
N LYS I 343 37.98 44.01 -12.69
CA LYS I 343 38.11 43.44 -11.34
C LYS I 343 38.63 42.01 -11.45
N PHE I 344 38.12 41.31 -12.48
CA PHE I 344 38.47 39.92 -12.76
C PHE I 344 39.87 39.82 -13.36
N ALA I 345 40.43 40.91 -13.96
CA ALA I 345 41.73 40.88 -14.64
C ALA I 345 42.84 40.40 -13.71
N PRO I 346 43.76 39.53 -14.23
CA PRO I 346 44.67 38.69 -13.42
C PRO I 346 45.72 39.45 -12.62
N GLY I 347 45.93 40.69 -13.07
CA GLY I 347 46.86 41.63 -12.49
C GLY I 347 46.46 41.99 -11.05
N GLY I 348 45.24 41.59 -10.66
CA GLY I 348 44.59 41.99 -9.42
C GLY I 348 45.14 41.28 -8.18
N TYR I 349 45.72 40.06 -8.38
CA TYR I 349 46.21 39.09 -7.39
C TYR I 349 47.65 38.62 -7.69
N PRO I 350 48.65 39.51 -7.46
CA PRO I 350 49.87 39.52 -8.26
C PRO I 350 50.84 38.38 -7.90
N LEU I 351 50.81 38.06 -6.60
CA LEU I 351 51.69 37.04 -6.01
C LEU I 351 51.30 35.68 -6.58
N LEU I 352 50.02 35.38 -6.41
CA LEU I 352 49.44 34.14 -6.91
C LEU I 352 49.56 34.06 -8.44
N TRP I 353 49.31 35.15 -9.19
CA TRP I 353 49.42 35.19 -10.64
C TRP I 353 50.86 34.92 -11.08
N SER I 354 51.85 35.60 -10.46
CA SER I 354 53.25 35.36 -10.83
C SER I 354 53.65 33.90 -10.62
N PHE I 355 53.16 33.31 -9.51
CA PHE I 355 53.33 31.88 -9.26
C PHE I 355 52.54 31.07 -10.29
N ALA I 356 51.31 31.51 -10.66
CA ALA I 356 50.42 30.83 -11.64
C ALA I 356 51.09 30.82 -13.02
N MET I 357 51.79 31.92 -13.42
CA MET I 357 52.56 31.92 -14.67
C MET I 357 53.72 30.91 -14.58
N GLY I 358 54.44 30.93 -13.43
CA GLY I 358 55.63 30.12 -13.21
C GLY I 358 55.36 28.61 -13.33
N VAL I 359 54.26 28.15 -12.72
CA VAL I 359 53.76 26.77 -12.84
C VAL I 359 53.39 26.50 -14.30
N ALA I 360 52.46 27.31 -14.85
CA ALA I 360 51.82 27.08 -16.15
C ALA I 360 52.87 26.84 -17.25
N THR I 361 53.81 27.83 -17.35
CA THR I 361 54.88 27.89 -18.34
C THR I 361 55.79 26.65 -18.24
N THR I 362 55.93 26.10 -17.02
CA THR I 362 56.83 24.99 -16.77
C THR I 362 56.15 23.65 -17.12
N ILE I 363 54.88 23.58 -16.82
CA ILE I 363 54.20 22.33 -16.53
C ILE I 363 53.31 21.92 -17.69
N ASP I 364 52.72 22.89 -18.39
CA ASP I 364 51.74 22.54 -19.41
C ASP I 364 52.21 22.89 -20.82
N ARG I 365 52.62 21.93 -21.69
CA ARG I 365 53.76 22.10 -22.61
C ARG I 365 53.51 23.18 -23.66
N SER I 366 52.26 23.20 -24.12
CA SER I 366 51.85 24.08 -25.20
C SER I 366 51.58 25.49 -24.72
N MET I 367 51.18 25.63 -23.44
CA MET I 367 50.86 26.92 -22.84
C MET I 367 52.17 27.67 -22.58
N GLY I 368 52.04 28.96 -22.22
CA GLY I 368 53.21 29.71 -21.74
C GLY I 368 53.97 30.35 -22.90
N ALA I 369 53.74 29.82 -24.14
CA ALA I 369 54.05 30.51 -25.42
C ALA I 369 53.12 31.74 -25.61
N LEU I 370 51.93 31.74 -24.95
CA LEU I 370 51.08 32.93 -24.89
C LEU I 370 51.64 33.93 -23.87
N ASN I 371 51.87 35.19 -24.30
CA ASN I 371 52.79 36.10 -23.64
C ASN I 371 52.20 36.63 -22.34
N ILE I 372 52.74 36.23 -21.17
CA ILE I 372 52.30 36.62 -19.83
C ILE I 372 53.27 37.59 -19.14
N ASN I 373 54.25 38.07 -19.93
CA ASN I 373 55.24 39.12 -19.65
C ASN I 373 54.46 40.41 -19.60
N ARG I 374 53.87 40.59 -18.42
CA ARG I 374 53.37 41.83 -17.89
C ARG I 374 54.34 42.34 -16.82
N GLY I 375 54.31 43.66 -16.62
CA GLY I 375 55.23 44.36 -15.73
C GLY I 375 55.09 43.95 -14.26
N TYR I 376 53.89 43.51 -13.86
CA TYR I 376 53.57 43.23 -12.47
C TYR I 376 53.85 41.77 -12.10
N LEU I 377 54.52 41.03 -12.99
CA LEU I 377 54.86 39.63 -12.70
C LEU I 377 55.93 39.60 -11.61
N GLU I 378 55.80 38.69 -10.64
CA GLU I 378 56.58 38.81 -9.40
C GLU I 378 57.70 37.78 -9.39
N PRO I 379 58.98 38.18 -9.60
CA PRO I 379 60.14 37.27 -9.64
C PRO I 379 60.20 36.08 -8.69
N MET I 380 59.94 36.30 -7.38
CA MET I 380 59.90 35.26 -6.33
C MET I 380 58.91 34.16 -6.75
N TYR I 381 57.69 34.60 -7.11
CA TYR I 381 56.59 33.70 -7.51
C TYR I 381 56.89 33.06 -8.88
N PHE I 382 57.50 33.82 -9.81
CA PHE I 382 57.86 33.31 -11.13
C PHE I 382 58.90 32.20 -10.97
N ARG I 383 59.89 32.41 -10.07
CA ARG I 383 60.91 31.41 -9.83
C ARG I 383 60.34 30.28 -8.96
N LEU I 384 59.56 30.66 -7.92
CA LEU I 384 58.99 29.71 -6.97
C LEU I 384 57.98 28.81 -7.70
N GLY I 385 57.15 29.41 -8.60
CA GLY I 385 56.18 28.68 -9.43
C GLY I 385 56.88 27.64 -10.31
N GLN I 386 57.91 28.08 -11.05
CA GLN I 386 58.79 27.22 -11.86
C GLN I 386 59.39 26.09 -11.01
N LYS I 387 59.98 26.45 -9.85
CA LYS I 387 60.65 25.54 -8.93
C LYS I 387 59.65 24.51 -8.35
N SER I 388 58.40 24.97 -8.13
CA SER I 388 57.40 24.19 -7.41
C SER I 388 57.20 22.83 -8.07
N ALA I 389 56.66 22.81 -9.30
CA ALA I 389 56.35 21.61 -10.08
C ALA I 389 57.63 20.82 -10.39
N ARG I 390 58.53 21.46 -11.14
CA ARG I 390 59.71 20.78 -11.70
C ARG I 390 60.74 20.43 -10.61
N HIS I 391 60.99 21.35 -9.65
CA HIS I 391 61.98 21.13 -8.60
C HIS I 391 61.59 19.97 -7.68
N HIS I 392 60.30 19.92 -7.31
CA HIS I 392 59.82 18.73 -6.64
C HIS I 392 59.61 17.74 -7.78
N ALA I 393 59.50 16.43 -7.52
CA ALA I 393 59.17 15.49 -8.58
C ALA I 393 58.02 14.59 -8.12
N GLY I 394 56.96 14.46 -8.96
CA GLY I 394 55.73 13.77 -8.59
C GLY I 394 55.05 14.37 -7.35
N GLY I 395 54.88 15.71 -7.38
CA GLY I 395 54.15 16.44 -6.34
C GLY I 395 55.05 16.95 -5.19
N ILE I 396 56.39 16.92 -5.42
CA ILE I 396 57.35 17.57 -4.52
C ILE I 396 57.32 16.93 -3.11
N ASP I 397 57.28 17.75 -2.04
CA ASP I 397 57.24 17.30 -0.64
C ASP I 397 56.16 16.22 -0.35
N GLN I 398 54.90 16.46 -0.72
CA GLN I 398 53.79 15.55 -0.37
C GLN I 398 52.86 15.39 -1.59
N ASN I 399 52.61 14.15 -2.03
CA ASN I 399 51.61 13.84 -3.06
C ASN I 399 50.20 14.13 -2.52
N MET I 400 49.30 14.65 -3.39
CA MET I 400 48.10 15.36 -2.96
C MET I 400 47.15 14.42 -2.20
N ALA I 401 46.96 13.23 -2.75
CA ALA I 401 45.94 12.29 -2.28
C ALA I 401 46.57 10.90 -2.14
N ASN I 402 47.49 10.74 -1.17
CA ASN I 402 47.97 9.42 -0.80
C ASN I 402 47.15 8.78 0.33
N ASP I 409 56.15 4.70 -1.18
CA ASP I 409 57.13 3.66 -1.58
C ASP I 409 57.69 3.92 -2.98
N GLN I 410 56.81 3.92 -3.99
CA GLN I 410 57.18 3.88 -5.41
C GLN I 410 56.92 5.21 -6.10
N VAL I 411 57.41 6.28 -5.48
CA VAL I 411 57.11 7.66 -5.89
C VAL I 411 58.38 8.37 -6.34
N ALA I 412 59.36 7.62 -6.89
CA ALA I 412 60.64 8.17 -7.29
C ALA I 412 60.97 8.03 -8.79
N GLU I 413 61.45 6.83 -9.19
CA GLU I 413 62.12 6.60 -10.47
C GLU I 413 61.25 7.07 -11.65
N LEU I 414 60.02 6.52 -11.67
CA LEU I 414 58.97 6.86 -12.64
C LEU I 414 58.74 8.38 -12.60
N ALA I 415 58.68 8.91 -11.36
CA ALA I 415 58.48 10.34 -11.13
C ALA I 415 59.65 11.15 -11.71
N ALA I 416 60.88 10.61 -11.61
CA ALA I 416 62.08 11.24 -12.14
C ALA I 416 61.96 11.44 -13.66
N ALA I 417 61.57 10.34 -14.35
CA ALA I 417 61.42 10.36 -15.81
C ALA I 417 60.32 11.36 -16.24
N VAL I 418 59.17 11.39 -15.50
CA VAL I 418 58.03 12.27 -15.84
C VAL I 418 58.44 13.74 -15.80
N GLN I 419 59.15 14.16 -14.73
CA GLN I 419 59.62 15.54 -14.59
C GLN I 419 60.95 15.56 -13.81
N ILE J 26 36.83 27.15 1.84
CA ILE J 26 38.10 27.84 1.40
C ILE J 26 38.50 27.43 -0.04
N PHE J 27 39.19 26.29 -0.15
CA PHE J 27 39.56 25.69 -1.45
C PHE J 27 38.34 25.06 -2.12
N GLU J 28 37.37 24.63 -1.27
CA GLU J 28 36.08 24.05 -1.65
C GLU J 28 35.31 25.00 -2.58
N GLU J 29 35.48 26.32 -2.35
CA GLU J 29 34.78 27.36 -3.10
C GLU J 29 35.23 27.35 -4.56
N ALA J 30 36.56 27.21 -4.77
CA ALA J 30 37.20 27.14 -6.09
C ALA J 30 36.68 25.98 -6.94
N ALA J 31 36.66 24.78 -6.34
CA ALA J 31 36.14 23.58 -6.97
C ALA J 31 34.67 23.76 -7.36
N SER J 32 33.88 24.33 -6.45
CA SER J 32 32.46 24.60 -6.68
C SER J 32 32.28 25.65 -7.78
N PHE J 33 33.23 26.59 -7.87
CA PHE J 33 33.22 27.67 -8.85
C PHE J 33 33.50 27.12 -10.25
N ARG J 34 34.49 26.23 -10.37
CA ARG J 34 34.78 25.54 -11.63
C ARG J 34 33.51 24.84 -12.12
N SER J 35 32.79 24.17 -11.20
CA SER J 35 31.53 23.48 -11.51
C SER J 35 30.48 24.49 -11.94
N TYR J 36 30.45 25.66 -11.26
CA TYR J 36 29.50 26.72 -11.55
C TYR J 36 29.69 27.20 -13.00
N GLN J 37 30.94 27.51 -13.37
CA GLN J 37 31.31 27.95 -14.73
C GLN J 37 30.79 26.95 -15.75
N SER J 38 30.99 25.65 -15.48
CA SER J 38 30.66 24.58 -16.42
C SER J 38 29.15 24.45 -16.67
N LYS J 39 28.34 24.80 -15.65
CA LYS J 39 26.88 24.69 -15.72
C LYS J 39 26.22 26.05 -16.01
N LEU J 40 26.99 27.16 -15.93
CA LEU J 40 26.46 28.51 -16.08
C LEU J 40 25.80 28.71 -17.44
N GLY J 41 24.57 29.21 -17.39
CA GLY J 41 23.86 29.62 -18.58
C GLY J 41 23.25 28.43 -19.33
N ARG J 42 23.50 27.22 -18.81
CA ARG J 42 22.82 26.04 -19.34
C ARG J 42 21.32 26.11 -19.09
N ASP J 43 20.89 26.79 -18.00
CA ASP J 43 19.52 26.90 -17.53
C ASP J 43 18.68 27.89 -18.34
N GLY J 44 17.38 27.88 -18.05
CA GLY J 44 16.37 28.64 -18.76
C GLY J 44 15.92 27.95 -20.05
N ARG J 45 15.09 28.64 -20.86
CA ARG J 45 14.61 28.18 -22.18
C ARG J 45 14.99 29.15 -23.32
N ALA J 46 15.62 28.61 -24.38
CA ALA J 46 16.44 29.33 -25.36
C ALA J 46 15.58 30.20 -26.27
N SER J 47 16.03 31.47 -26.46
CA SER J 47 15.27 32.58 -27.07
C SER J 47 14.91 32.32 -28.54
N ALA J 48 13.65 32.61 -28.92
CA ALA J 48 12.98 32.00 -30.06
C ALA J 48 13.59 32.45 -31.40
N ALA J 49 14.27 33.59 -31.32
CA ALA J 49 14.93 34.16 -32.47
C ALA J 49 16.00 33.23 -33.06
N THR J 50 16.52 32.28 -32.25
CA THR J 50 17.51 31.26 -32.66
C THR J 50 16.96 30.22 -33.65
N ALA J 51 15.63 30.19 -33.87
CA ALA J 51 14.96 29.39 -34.89
C ALA J 51 15.57 29.55 -36.30
N THR J 52 16.13 28.46 -36.87
CA THR J 52 16.87 28.54 -38.12
C THR J 52 15.90 28.42 -39.30
N LEU J 53 16.24 28.94 -40.50
CA LEU J 53 15.45 28.70 -41.71
C LEU J 53 15.34 27.19 -42.04
N THR J 54 14.12 26.67 -42.09
CA THR J 54 13.92 25.23 -42.24
C THR J 54 13.94 24.94 -43.73
N THR J 55 14.58 23.78 -44.03
CA THR J 55 14.67 23.20 -45.37
C THR J 55 13.48 22.26 -45.63
N LYS J 56 12.71 22.51 -46.71
CA LYS J 56 11.54 21.73 -47.13
C LYS J 56 11.99 20.49 -47.92
N ILE J 57 11.67 19.27 -47.44
CA ILE J 57 12.22 18.03 -47.96
C ILE J 57 11.13 16.99 -48.12
N ARG J 58 11.19 16.21 -49.22
CA ARG J 58 10.14 15.28 -49.59
C ARG J 58 10.48 13.90 -49.04
N ILE J 59 9.61 13.28 -48.18
CA ILE J 59 9.75 11.91 -47.68
C ILE J 59 8.59 11.09 -48.26
N PHE J 60 8.86 10.17 -49.21
CA PHE J 60 7.87 9.17 -49.61
C PHE J 60 7.85 8.07 -48.54
N VAL J 61 6.64 7.65 -48.08
CA VAL J 61 6.52 6.80 -46.90
C VAL J 61 5.51 5.68 -47.20
N PRO J 62 5.69 4.42 -46.70
CA PRO J 62 4.87 3.26 -47.13
C PRO J 62 3.38 3.46 -46.84
N ALA J 63 2.51 3.45 -47.85
CA ALA J 63 1.10 3.88 -47.74
C ALA J 63 0.20 2.81 -47.13
N THR J 64 0.57 1.54 -47.38
CA THR J 64 -0.02 0.30 -46.88
C THR J 64 1.03 -0.82 -46.99
N ASN J 65 0.98 -1.84 -46.10
CA ASN J 65 2.00 -2.87 -45.98
C ASN J 65 1.67 -4.09 -46.86
N SER J 66 1.54 -3.86 -48.20
CA SER J 66 1.29 -4.82 -49.29
C SER J 66 2.54 -5.00 -50.18
N PRO J 67 3.04 -6.24 -50.30
CA PRO J 67 4.44 -6.53 -50.65
C PRO J 67 4.99 -5.97 -51.96
N GLU J 68 4.17 -5.97 -53.01
CA GLU J 68 4.60 -5.49 -54.30
C GLU J 68 4.89 -3.98 -54.28
N LEU J 69 4.06 -3.16 -53.60
CA LEU J 69 4.31 -1.72 -53.49
C LEU J 69 5.50 -1.47 -52.55
N ARG J 70 5.60 -2.24 -51.44
CA ARG J 70 6.70 -2.10 -50.49
C ARG J 70 8.06 -2.39 -51.14
N TRP J 71 8.17 -3.46 -51.94
CA TRP J 71 9.39 -3.82 -52.67
C TRP J 71 9.71 -2.73 -53.70
N GLU J 72 8.74 -2.30 -54.51
CA GLU J 72 8.94 -1.30 -55.56
C GLU J 72 9.41 0.05 -54.96
N LEU J 73 8.77 0.48 -53.86
CA LEU J 73 9.14 1.73 -53.16
C LEU J 73 10.58 1.62 -52.64
N THR J 74 10.93 0.43 -52.12
CA THR J 74 12.30 0.21 -51.65
C THR J 74 13.30 0.31 -52.81
N LEU J 75 13.01 -0.30 -53.97
CA LEU J 75 13.82 -0.23 -55.18
C LEU J 75 13.97 1.23 -55.64
N PHE J 76 12.87 2.04 -55.69
CA PHE J 76 12.88 3.50 -55.94
C PHE J 76 13.92 4.18 -55.06
N ALA J 77 13.78 3.93 -53.75
CA ALA J 77 14.61 4.59 -52.76
C ALA J 77 16.10 4.19 -52.84
N LEU J 78 16.37 2.89 -53.06
CA LEU J 78 17.72 2.37 -53.25
C LEU J 78 18.33 3.08 -54.45
N ASP J 79 17.53 3.29 -55.52
CA ASP J 79 18.03 3.89 -56.74
C ASP J 79 18.23 5.40 -56.54
N VAL J 80 17.36 6.11 -55.80
CA VAL J 80 17.58 7.52 -55.44
C VAL J 80 18.99 7.70 -54.85
N ILE J 81 19.35 6.82 -53.90
CA ILE J 81 20.64 6.85 -53.20
C ILE J 81 21.80 6.47 -54.16
N ARG J 82 21.50 5.59 -55.14
CA ARG J 82 22.50 5.17 -56.12
C ARG J 82 22.74 6.21 -57.24
N SER J 83 21.81 7.16 -57.39
CA SER J 83 21.78 8.05 -58.57
C SER J 83 22.84 9.13 -58.53
N PRO J 84 23.45 9.43 -59.69
CA PRO J 84 24.24 10.65 -59.83
C PRO J 84 23.36 11.89 -60.01
N SER J 85 22.10 11.65 -60.41
CA SER J 85 21.20 12.61 -61.02
C SER J 85 20.18 13.21 -60.05
N ALA J 86 19.94 12.52 -58.93
CA ALA J 86 19.11 13.12 -57.89
C ALA J 86 19.86 14.22 -57.12
N ALA J 87 19.14 15.27 -56.74
CA ALA J 87 19.61 16.30 -55.81
C ALA J 87 19.68 15.79 -54.37
N GLU J 88 20.58 16.37 -53.56
CA GLU J 88 20.83 15.98 -52.17
C GLU J 88 19.56 16.08 -51.31
N SER J 89 18.68 17.06 -51.61
CA SER J 89 17.38 17.22 -50.95
C SER J 89 16.49 16.00 -51.13
N MET J 90 16.51 15.43 -52.34
CA MET J 90 15.79 14.19 -52.63
C MET J 90 16.47 13.01 -51.95
N LYS J 91 17.81 12.95 -52.01
CA LYS J 91 18.61 11.86 -51.47
C LYS J 91 18.43 11.69 -49.95
N VAL J 92 18.41 12.78 -49.15
CA VAL J 92 18.13 12.71 -47.71
C VAL J 92 16.76 12.07 -47.45
N GLY J 93 15.78 12.57 -48.21
CA GLY J 93 14.41 12.10 -48.09
C GLY J 93 14.28 10.61 -48.43
N ALA J 94 15.00 10.19 -49.48
CA ALA J 94 15.18 8.80 -49.87
C ALA J 94 15.78 7.97 -48.75
N ALA J 95 16.87 8.44 -48.13
CA ALA J 95 17.51 7.72 -47.03
C ALA J 95 16.55 7.52 -45.86
N PHE J 96 15.73 8.53 -45.56
CA PHE J 96 14.66 8.45 -44.56
C PHE J 96 13.60 7.39 -44.93
N THR J 97 13.23 7.28 -46.23
CA THR J 97 12.34 6.22 -46.68
C THR J 97 12.98 4.84 -46.47
N LEU J 98 14.26 4.72 -46.85
CA LEU J 98 14.99 3.47 -46.81
C LEU J 98 15.05 2.95 -45.37
N ILE J 99 15.33 3.82 -44.37
CA ILE J 99 15.47 3.40 -42.95
C ILE J 99 14.20 3.59 -42.12
N SER J 100 13.01 3.70 -42.78
CA SER J 100 11.68 3.66 -42.14
C SER J 100 10.86 2.44 -42.60
N MET J 101 11.35 1.64 -43.58
CA MET J 101 10.84 0.34 -44.06
C MET J 101 10.50 -0.65 -42.93
N TYR J 102 11.16 -0.55 -41.75
CA TYR J 102 10.85 -1.27 -40.49
C TYR J 102 9.37 -1.26 -40.11
N SER J 103 8.68 -0.11 -40.23
CA SER J 103 7.46 0.16 -39.50
C SER J 103 6.26 -0.54 -40.11
N GLU J 104 5.34 -0.84 -39.17
CA GLU J 104 3.95 -1.20 -39.43
C GLU J 104 3.19 -0.07 -40.14
N ARG J 105 3.51 1.18 -39.80
CA ARG J 105 2.92 2.35 -40.44
C ARG J 105 4.01 3.38 -40.73
N PRO J 106 4.77 3.20 -41.84
CA PRO J 106 6.08 3.84 -41.99
C PRO J 106 6.14 5.34 -41.80
N GLY J 107 5.12 5.96 -42.36
CA GLY J 107 4.96 7.40 -42.31
C GLY J 107 4.66 7.93 -40.91
N ALA J 108 3.86 7.18 -40.13
CA ALA J 108 3.57 7.55 -38.74
C ALA J 108 4.83 7.48 -37.89
N LEU J 109 5.65 6.43 -38.08
CA LEU J 109 6.90 6.24 -37.35
C LEU J 109 7.82 7.45 -37.55
N ILE J 110 8.07 7.85 -38.82
CA ILE J 110 8.88 9.03 -39.15
C ILE J 110 8.28 10.28 -38.51
N ARG J 111 7.01 10.61 -38.82
CA ARG J 111 6.38 11.86 -38.39
C ARG J 111 6.39 12.03 -36.85
N SER J 112 6.17 10.93 -36.11
CA SER J 112 5.98 10.98 -34.67
C SER J 112 7.28 10.97 -33.87
N LEU J 113 8.35 10.40 -34.43
CA LEU J 113 9.62 10.43 -33.70
C LEU J 113 10.50 11.61 -34.16
N LEU J 114 10.33 12.04 -35.41
CA LEU J 114 11.37 12.83 -36.08
C LEU J 114 11.15 14.29 -35.69
N ASN J 115 12.11 14.89 -34.98
CA ASN J 115 11.82 16.13 -34.27
C ASN J 115 13.06 17.05 -34.19
N ASP J 116 13.44 17.57 -35.37
CA ASP J 116 14.66 18.35 -35.55
C ASP J 116 14.41 19.50 -36.51
N PRO J 117 14.72 20.75 -36.08
CA PRO J 117 14.17 21.95 -36.70
C PRO J 117 14.73 22.38 -38.04
N ASP J 118 15.93 21.89 -38.40
CA ASP J 118 16.64 22.30 -39.62
C ASP J 118 15.91 21.86 -40.89
N ILE J 119 15.15 20.73 -40.74
CA ILE J 119 14.33 20.08 -41.78
C ILE J 119 12.83 20.15 -41.46
N GLU J 120 12.03 20.54 -42.47
CA GLU J 120 10.56 20.48 -42.41
C GLU J 120 10.04 19.55 -43.52
N ALA J 121 9.41 18.46 -43.06
CA ALA J 121 9.06 17.35 -43.93
C ALA J 121 7.72 17.60 -44.64
N VAL J 122 7.66 17.32 -45.95
CA VAL J 122 6.42 17.01 -46.65
C VAL J 122 6.41 15.50 -46.84
N ILE J 123 5.41 14.83 -46.24
CA ILE J 123 5.22 13.39 -46.24
C ILE J 123 4.26 13.05 -47.37
N ILE J 124 4.67 12.14 -48.28
CA ILE J 124 3.82 11.69 -49.36
C ILE J 124 3.57 10.19 -49.21
N ASP J 125 2.32 9.77 -48.94
CA ASP J 125 2.07 8.37 -48.65
C ASP J 125 2.01 7.67 -50.00
N VAL J 126 2.92 6.71 -50.27
CA VAL J 126 2.98 6.10 -51.60
C VAL J 126 1.84 5.10 -51.75
N GLY J 127 1.10 5.19 -52.86
CA GLY J 127 0.07 4.21 -53.15
C GLY J 127 0.63 3.02 -53.91
N SER J 128 1.56 2.30 -53.28
CA SER J 128 2.18 1.12 -53.85
C SER J 128 2.86 1.38 -55.19
N MET J 129 3.01 2.67 -55.54
CA MET J 129 3.82 3.08 -56.68
C MET J 129 3.37 2.44 -58.00
N VAL J 130 2.13 2.80 -58.37
CA VAL J 130 1.43 2.39 -59.58
C VAL J 130 2.14 2.55 -60.94
N ASN J 131 2.94 3.62 -61.14
CA ASN J 131 3.37 4.07 -62.47
C ASN J 131 4.33 3.14 -63.22
N GLY J 132 5.31 2.58 -62.51
CA GLY J 132 6.32 1.73 -63.14
C GLY J 132 7.38 1.44 -62.10
N ILE J 133 8.67 1.71 -62.37
CA ILE J 133 9.72 1.80 -61.36
C ILE J 133 9.36 2.78 -60.20
N PRO J 134 8.78 3.99 -60.48
CA PRO J 134 8.63 5.05 -59.46
C PRO J 134 7.27 5.28 -58.79
N VAL J 135 7.20 6.26 -57.86
CA VAL J 135 6.02 6.72 -57.11
C VAL J 135 4.95 7.30 -58.07
N MET J 136 3.66 7.19 -57.73
CA MET J 136 2.56 7.63 -58.59
C MET J 136 2.04 9.03 -58.18
N GLU J 137 1.66 9.85 -59.17
CA GLU J 137 1.29 11.26 -58.91
C GLU J 137 -0.04 11.37 -58.15
N ARG J 138 0.03 11.89 -56.90
CA ARG J 138 -0.96 11.75 -55.82
C ARG J 138 -2.41 12.07 -56.20
N ARG J 139 -2.59 13.20 -56.88
CA ARG J 139 -3.90 13.69 -57.29
C ARG J 139 -4.06 13.62 -58.81
N GLY J 140 -3.10 12.97 -59.49
CA GLY J 140 -3.03 13.05 -60.96
C GLY J 140 -2.24 14.29 -61.40
N ASP J 141 -1.36 14.11 -62.42
CA ASP J 141 -0.26 15.06 -62.62
C ASP J 141 -0.55 16.25 -63.54
N LYS J 142 -0.94 17.42 -62.98
CA LYS J 142 -0.89 18.69 -63.70
C LYS J 142 0.40 18.69 -64.54
N ALA J 143 1.48 18.20 -63.93
CA ALA J 143 2.73 17.94 -64.63
C ALA J 143 3.10 16.49 -64.36
N GLN J 144 2.95 15.59 -65.36
CA GLN J 144 3.24 14.18 -65.15
C GLN J 144 4.75 13.94 -65.09
N GLU J 145 5.54 14.98 -65.43
CA GLU J 145 7.00 15.06 -65.40
C GLU J 145 7.54 14.79 -63.99
N GLU J 146 6.65 14.74 -62.98
CA GLU J 146 7.13 14.32 -61.67
C GLU J 146 7.82 12.94 -61.78
N MET J 147 7.11 12.00 -62.42
CA MET J 147 7.61 10.63 -62.59
C MET J 147 8.80 10.60 -63.55
N GLU J 148 8.88 11.54 -64.50
CA GLU J 148 10.01 11.66 -65.41
C GLU J 148 11.25 12.15 -64.68
N GLY J 149 11.07 13.11 -63.74
CA GLY J 149 12.21 13.50 -62.90
C GLY J 149 12.71 12.24 -62.21
N LEU J 150 11.75 11.40 -61.80
CA LEU J 150 12.00 10.09 -61.23
C LEU J 150 12.64 9.14 -62.25
N MET J 151 12.10 9.07 -63.48
CA MET J 151 12.61 8.22 -64.55
C MET J 151 14.07 8.58 -64.83
N ARG J 152 14.36 9.89 -64.95
CA ARG J 152 15.70 10.40 -65.20
C ARG J 152 16.64 9.97 -64.06
N ILE J 153 16.17 10.14 -62.82
CA ILE J 153 16.90 9.74 -61.62
C ILE J 153 17.30 8.27 -61.73
N LEU J 154 16.34 7.36 -62.05
CA LEU J 154 16.53 5.90 -62.15
C LEU J 154 17.48 5.52 -63.29
N LYS J 155 17.28 6.15 -64.46
CA LYS J 155 18.10 5.91 -65.63
C LYS J 155 19.56 6.28 -65.31
N THR J 156 19.75 7.54 -64.85
CA THR J 156 21.07 8.07 -64.49
C THR J 156 21.74 7.17 -63.45
N ALA J 157 20.95 6.66 -62.48
CA ALA J 157 21.45 5.72 -61.48
C ALA J 157 22.05 4.47 -62.14
N ARG J 158 21.26 3.78 -62.99
CA ARG J 158 21.67 2.57 -63.74
C ARG J 158 22.94 2.88 -64.53
N ASP J 159 22.87 3.94 -65.37
CA ASP J 159 23.88 4.26 -66.36
C ASP J 159 25.23 4.61 -65.71
N SER J 160 25.17 5.46 -64.65
CA SER J 160 26.35 5.96 -63.95
C SER J 160 27.05 4.85 -63.16
N SER J 161 26.25 3.87 -62.71
CA SER J 161 26.77 2.72 -61.98
C SER J 161 27.17 1.58 -62.92
N LYS J 162 27.10 1.79 -64.25
CA LYS J 162 27.54 0.78 -65.23
C LYS J 162 26.74 -0.50 -65.03
N GLY J 163 25.43 -0.36 -64.74
CA GLY J 163 24.53 -1.51 -64.65
C GLY J 163 24.49 -2.22 -63.29
N LYS J 164 25.39 -1.91 -62.33
CA LYS J 164 25.57 -2.70 -61.10
C LYS J 164 24.41 -2.44 -60.13
N THR J 165 23.63 -3.48 -59.77
CA THR J 165 22.36 -3.32 -59.07
C THR J 165 22.68 -3.22 -57.58
N PRO J 166 21.70 -2.97 -56.67
CA PRO J 166 22.07 -2.70 -55.27
C PRO J 166 22.71 -3.87 -54.53
N PHE J 167 22.21 -5.07 -54.88
CA PHE J 167 22.63 -6.30 -54.22
C PHE J 167 23.88 -6.89 -54.89
N VAL J 168 24.66 -7.69 -54.13
CA VAL J 168 25.91 -8.31 -54.61
C VAL J 168 25.61 -9.45 -55.59
N ASP J 169 24.46 -10.12 -55.42
CA ASP J 169 23.94 -11.16 -56.30
C ASP J 169 22.66 -10.71 -57.01
N SER J 170 22.75 -10.67 -58.35
CA SER J 170 21.88 -9.92 -59.25
C SER J 170 20.41 -10.29 -59.16
N ARG J 171 20.15 -11.58 -58.87
CA ARG J 171 18.80 -12.14 -58.76
C ARG J 171 17.97 -11.32 -57.76
N ALA J 172 18.62 -10.85 -56.70
CA ALA J 172 17.99 -10.02 -55.68
C ALA J 172 17.40 -8.74 -56.28
N TYR J 173 18.16 -8.12 -57.22
CA TYR J 173 17.81 -6.84 -57.83
C TYR J 173 16.49 -7.01 -58.60
N GLY J 174 16.23 -8.22 -59.15
CA GLY J 174 15.00 -8.31 -59.93
C GLY J 174 13.77 -8.81 -59.18
N LEU J 175 13.89 -9.12 -57.88
CA LEU J 175 13.02 -10.07 -57.19
C LEU J 175 11.49 -9.91 -57.34
N ARG J 176 10.94 -8.67 -57.34
CA ARG J 176 9.50 -8.44 -57.49
C ARG J 176 8.66 -9.23 -56.48
N ILE J 177 8.84 -8.95 -55.17
CA ILE J 177 8.42 -9.80 -54.07
C ILE J 177 6.91 -9.67 -53.85
N THR J 178 6.34 -10.83 -53.49
CA THR J 178 4.90 -11.07 -53.50
C THR J 178 4.33 -11.45 -52.12
N ASP J 179 5.16 -11.73 -51.10
CA ASP J 179 4.64 -12.28 -49.84
C ASP J 179 5.26 -11.57 -48.63
N MET J 180 4.50 -11.42 -47.53
CA MET J 180 4.89 -10.74 -46.29
C MET J 180 6.23 -11.27 -45.75
N SER J 181 6.38 -12.60 -45.75
CA SER J 181 7.48 -13.30 -45.11
C SER J 181 8.83 -12.95 -45.75
N THR J 182 8.85 -13.00 -47.08
CA THR J 182 9.99 -12.66 -47.91
C THR J 182 10.31 -11.16 -47.76
N LEU J 183 9.24 -10.34 -47.77
CA LEU J 183 9.34 -8.89 -47.62
C LEU J 183 10.06 -8.52 -46.32
N VAL J 184 9.59 -9.02 -45.16
CA VAL J 184 10.18 -8.71 -43.87
C VAL J 184 11.61 -9.25 -43.77
N SER J 185 11.84 -10.47 -44.32
CA SER J 185 13.19 -11.03 -44.39
C SER J 185 14.14 -10.03 -45.07
N ALA J 186 13.69 -9.49 -46.20
CA ALA J 186 14.45 -8.56 -47.03
C ALA J 186 14.60 -7.20 -46.39
N VAL J 187 13.50 -6.56 -45.97
CA VAL J 187 13.46 -5.24 -45.33
C VAL J 187 14.38 -5.22 -44.12
N ILE J 188 14.25 -6.19 -43.20
CA ILE J 188 15.11 -6.33 -42.03
C ILE J 188 16.60 -6.33 -42.43
N THR J 189 16.87 -6.96 -43.58
CA THR J 189 18.21 -7.19 -44.09
C THR J 189 18.82 -5.87 -44.61
N ILE J 190 18.04 -5.13 -45.39
CA ILE J 190 18.47 -3.84 -45.91
C ILE J 190 18.58 -2.84 -44.75
N GLU J 191 17.60 -2.78 -43.83
CA GLU J 191 17.62 -1.85 -42.69
C GLU J 191 18.89 -2.08 -41.87
N ALA J 192 19.16 -3.36 -41.56
CA ALA J 192 20.38 -3.69 -40.83
C ALA J 192 21.63 -3.16 -41.54
N GLN J 193 21.63 -3.21 -42.87
CA GLN J 193 22.71 -2.71 -43.70
C GLN J 193 22.84 -1.19 -43.67
N ILE J 194 21.76 -0.41 -43.41
CA ILE J 194 21.81 1.02 -43.11
C ILE J 194 22.48 1.26 -41.76
N TRP J 195 21.97 0.54 -40.75
CA TRP J 195 22.40 0.73 -39.38
C TRP J 195 23.87 0.31 -39.16
N ILE J 196 24.43 -0.67 -39.90
CA ILE J 196 25.86 -1.04 -39.99
C ILE J 196 26.75 0.18 -40.29
N LEU J 197 26.19 1.16 -41.01
CA LEU J 197 26.97 2.25 -41.55
C LEU J 197 27.21 3.33 -40.46
N ILE J 198 26.09 3.70 -39.79
CA ILE J 198 25.93 4.78 -38.81
C ILE J 198 27.10 4.79 -37.83
N ALA J 199 27.53 3.59 -37.43
CA ALA J 199 28.55 3.36 -36.41
C ALA J 199 29.87 4.05 -36.75
N LYS J 200 30.16 4.23 -38.06
CA LYS J 200 31.42 4.81 -38.53
C LYS J 200 31.28 6.01 -39.47
N ALA J 201 30.07 6.14 -40.07
CA ALA J 201 29.81 7.20 -41.06
C ALA J 201 30.13 8.59 -40.49
N VAL J 202 29.92 8.77 -39.19
CA VAL J 202 30.01 10.08 -38.55
C VAL J 202 31.09 10.09 -37.47
N THR J 203 32.04 9.15 -37.48
CA THR J 203 33.24 9.22 -36.66
C THR J 203 34.50 9.14 -37.51
N ALA J 204 34.41 8.53 -38.72
CA ALA J 204 35.58 8.37 -39.60
C ALA J 204 35.18 7.59 -40.84
N PRO J 205 34.57 8.31 -41.82
CA PRO J 205 33.86 7.69 -42.94
C PRO J 205 34.81 7.04 -43.95
N ASP J 206 36.13 7.24 -43.74
CA ASP J 206 37.29 6.64 -44.42
C ASP J 206 38.08 5.87 -43.36
N THR J 207 38.70 4.77 -43.78
CA THR J 207 39.20 3.77 -42.83
C THR J 207 38.07 2.85 -42.33
N ALA J 208 36.86 3.04 -42.86
CA ALA J 208 35.67 2.41 -42.29
C ALA J 208 35.59 0.89 -42.57
N GLU J 209 36.09 0.43 -43.74
CA GLU J 209 35.64 -0.80 -44.40
C GLU J 209 35.82 -2.04 -43.50
N GLU J 210 37.00 -2.15 -42.88
CA GLU J 210 37.40 -3.29 -42.05
C GLU J 210 36.38 -3.54 -40.94
N SER J 211 36.04 -2.46 -40.21
CA SER J 211 35.13 -2.52 -39.09
C SER J 211 33.70 -2.84 -39.56
N GLU J 212 33.23 -2.19 -40.63
CA GLU J 212 31.84 -2.31 -41.06
C GLU J 212 31.59 -3.70 -41.64
N THR J 213 32.63 -4.29 -42.28
CA THR J 213 32.56 -5.68 -42.75
C THR J 213 32.54 -6.65 -41.57
N ARG J 214 33.34 -6.38 -40.53
CA ARG J 214 33.45 -7.20 -39.31
C ARG J 214 32.08 -7.28 -38.61
N ARG J 215 31.37 -6.15 -38.52
CA ARG J 215 30.02 -6.10 -37.99
C ARG J 215 29.02 -6.84 -38.90
N TRP J 216 29.19 -6.76 -40.26
CA TRP J 216 28.30 -7.44 -41.22
C TRP J 216 28.38 -8.96 -41.03
N ALA J 217 29.63 -9.44 -40.94
CA ALA J 217 29.95 -10.85 -40.75
C ALA J 217 29.25 -11.43 -39.53
N LYS J 218 29.28 -10.72 -38.38
CA LYS J 218 28.56 -11.03 -37.15
C LYS J 218 27.08 -11.31 -37.46
N TYR J 219 26.34 -10.32 -38.00
CA TYR J 219 24.89 -10.45 -38.16
C TYR J 219 24.50 -11.64 -39.05
N VAL J 220 25.31 -11.88 -40.12
CA VAL J 220 25.10 -12.97 -41.07
C VAL J 220 25.39 -14.33 -40.42
N GLN J 221 26.55 -14.43 -39.73
CA GLN J 221 27.01 -15.65 -39.08
C GLN J 221 26.04 -16.11 -37.99
N GLN J 222 25.47 -15.13 -37.28
CA GLN J 222 24.44 -15.33 -36.27
C GLN J 222 23.05 -15.54 -36.89
N LYS J 223 22.92 -15.52 -38.23
CA LYS J 223 21.62 -15.79 -38.86
C LYS J 223 20.52 -14.77 -38.52
N ARG J 224 20.89 -13.56 -38.05
CA ARG J 224 19.93 -12.48 -37.81
C ARG J 224 19.54 -11.78 -39.12
N VAL J 225 20.41 -11.76 -40.14
CA VAL J 225 20.31 -10.88 -41.31
C VAL J 225 20.58 -11.73 -42.56
N ASN J 226 19.79 -11.59 -43.66
CA ASN J 226 19.46 -12.74 -44.53
C ASN J 226 20.23 -12.71 -45.84
N PRO J 227 21.30 -13.53 -46.02
CA PRO J 227 22.45 -13.12 -46.84
C PRO J 227 22.23 -13.03 -48.33
N PHE J 228 21.12 -13.67 -48.76
CA PHE J 228 20.61 -13.57 -50.14
C PHE J 228 20.43 -12.12 -50.56
N PHE J 229 20.06 -11.26 -49.58
CA PHE J 229 19.84 -9.85 -49.84
C PHE J 229 21.07 -8.97 -49.52
N ALA J 230 22.31 -9.50 -49.57
CA ALA J 230 23.49 -8.69 -49.25
C ALA J 230 23.70 -7.53 -50.25
N LEU J 231 23.99 -6.32 -49.74
CA LEU J 231 24.14 -5.09 -50.52
C LEU J 231 25.61 -4.77 -50.85
N THR J 232 25.84 -4.30 -52.09
CA THR J 232 27.16 -4.17 -52.72
C THR J 232 28.03 -3.10 -52.05
N GLN J 233 29.36 -3.28 -51.95
CA GLN J 233 30.32 -2.30 -51.40
C GLN J 233 30.16 -0.93 -52.07
N GLN J 234 29.87 -0.96 -53.38
CA GLN J 234 29.61 0.25 -54.17
C GLN J 234 28.43 1.05 -53.61
N TRP J 235 27.30 0.36 -53.32
CA TRP J 235 26.08 0.95 -52.74
C TRP J 235 26.40 1.45 -51.33
N LEU J 236 27.03 0.60 -50.51
CA LEU J 236 27.35 0.94 -49.13
C LEU J 236 28.25 2.18 -49.01
N THR J 237 29.27 2.34 -49.91
CA THR J 237 30.15 3.50 -49.90
C THR J 237 29.36 4.77 -50.25
N GLU J 238 28.48 4.64 -51.27
CA GLU J 238 27.66 5.76 -51.73
C GLU J 238 26.73 6.26 -50.61
N MET J 239 26.13 5.32 -49.85
CA MET J 239 25.27 5.60 -48.70
C MET J 239 26.10 6.10 -47.51
N ARG J 240 27.29 5.53 -47.22
CA ARG J 240 28.17 5.99 -46.13
C ARG J 240 28.48 7.48 -46.30
N ASN J 241 28.85 7.84 -47.57
CA ASN J 241 29.14 9.22 -47.95
C ASN J 241 27.91 10.13 -47.67
N LEU J 242 26.71 9.68 -48.14
CA LEU J 242 25.44 10.39 -47.93
C LEU J 242 25.22 10.68 -46.45
N LEU J 243 25.48 9.69 -45.57
CA LEU J 243 25.33 9.81 -44.12
C LEU J 243 26.30 10.83 -43.53
N SER J 244 27.58 10.74 -43.95
CA SER J 244 28.57 11.69 -43.46
C SER J 244 28.19 13.14 -43.73
N GLN J 245 27.67 13.39 -44.94
CA GLN J 245 27.56 14.73 -45.46
C GLN J 245 26.18 15.37 -45.15
N SER J 246 25.18 14.56 -44.73
CA SER J 246 23.85 15.04 -44.36
C SER J 246 23.57 14.95 -42.86
N LEU J 247 23.29 16.10 -42.24
CA LEU J 247 22.93 16.22 -40.83
C LEU J 247 21.50 15.74 -40.63
N SER J 248 20.63 16.14 -41.57
CA SER J 248 19.18 15.93 -41.47
C SER J 248 18.83 14.44 -41.30
N VAL J 249 19.53 13.61 -42.08
CA VAL J 249 19.38 12.16 -42.02
C VAL J 249 19.79 11.62 -40.64
N ARG J 250 21.00 12.01 -40.19
CA ARG J 250 21.59 11.60 -38.91
C ARG J 250 20.68 11.99 -37.75
N LYS J 251 20.05 13.17 -37.83
CA LYS J 251 19.07 13.63 -36.84
C LYS J 251 17.93 12.59 -36.69
N PHE J 252 17.29 12.18 -37.80
CA PHE J 252 16.23 11.15 -37.78
C PHE J 252 16.74 9.81 -37.24
N MET J 253 17.90 9.37 -37.75
CA MET J 253 18.53 8.13 -37.29
C MET J 253 18.71 8.16 -35.76
N VAL J 254 19.35 9.20 -35.19
CA VAL J 254 19.63 9.34 -33.76
C VAL J 254 18.33 9.45 -32.97
N GLU J 255 17.31 10.07 -33.54
CA GLU J 255 15.99 10.10 -32.90
C GLU J 255 15.46 8.67 -32.67
N ILE J 256 15.46 7.87 -33.75
CA ILE J 256 15.03 6.46 -33.71
C ILE J 256 15.93 5.63 -32.79
N LEU J 257 17.26 5.88 -32.83
CA LEU J 257 18.26 5.14 -32.07
C LEU J 257 18.09 5.34 -30.55
N ILE J 258 17.71 6.57 -30.11
CA ILE J 258 17.32 6.90 -28.74
C ILE J 258 16.00 6.17 -28.43
N GLU J 259 15.01 6.27 -29.33
CA GLU J 259 13.64 5.84 -29.04
C GLU J 259 13.57 4.33 -28.79
N VAL J 260 14.27 3.55 -29.63
CA VAL J 260 14.23 2.08 -29.58
C VAL J 260 15.20 1.53 -28.53
N LYS J 261 16.13 2.37 -28.03
CA LYS J 261 17.03 1.99 -26.95
C LYS J 261 16.28 1.86 -25.61
N LYS J 262 15.16 2.58 -25.47
CA LYS J 262 14.32 2.51 -24.28
C LYS J 262 13.74 1.10 -24.12
N GLY J 263 13.63 0.62 -22.87
CA GLY J 263 13.09 -0.70 -22.57
C GLY J 263 11.55 -0.70 -22.51
N GLY J 264 10.97 -1.66 -21.77
CA GLY J 264 9.56 -1.59 -21.37
C GLY J 264 8.59 -1.93 -22.49
N SER J 265 9.06 -2.75 -23.42
CA SER J 265 8.13 -3.35 -24.35
C SER J 265 8.68 -4.62 -24.96
N ALA J 266 7.89 -5.08 -25.91
CA ALA J 266 8.37 -6.04 -26.89
C ALA J 266 9.39 -5.37 -27.79
N LYS J 267 10.34 -6.20 -28.28
CA LYS J 267 11.09 -5.94 -29.51
C LYS J 267 10.75 -6.98 -30.60
N GLY J 268 10.36 -6.50 -31.82
CA GLY J 268 10.16 -7.28 -33.04
C GLY J 268 11.51 -7.44 -33.73
N ARG J 269 11.74 -8.40 -34.65
CA ARG J 269 13.07 -8.73 -35.19
C ARG J 269 13.76 -7.46 -35.71
N ALA J 270 12.94 -6.60 -36.32
CA ALA J 270 13.36 -5.33 -36.88
C ALA J 270 14.03 -4.41 -35.85
N VAL J 271 13.30 -4.04 -34.79
CA VAL J 271 13.81 -3.14 -33.75
C VAL J 271 14.96 -3.84 -32.99
N GLU J 272 14.92 -5.17 -32.92
CA GLU J 272 15.94 -5.95 -32.22
C GLU J 272 17.28 -5.82 -32.91
N ILE J 273 17.32 -5.90 -34.26
CA ILE J 273 18.55 -5.75 -35.03
C ILE J 273 19.14 -4.36 -34.76
N ILE J 274 18.28 -3.32 -34.76
CA ILE J 274 18.70 -1.95 -34.48
C ILE J 274 19.33 -1.85 -33.09
N SER J 275 18.64 -2.41 -32.09
CA SER J 275 19.09 -2.33 -30.72
C SER J 275 20.45 -3.02 -30.59
N ASP J 276 20.65 -4.13 -31.32
CA ASP J 276 21.87 -4.93 -31.32
C ASP J 276 23.03 -4.09 -31.84
N ILE J 277 22.78 -3.42 -32.99
CA ILE J 277 23.70 -2.48 -33.64
C ILE J 277 24.07 -1.38 -32.63
N GLY J 278 23.06 -0.91 -31.89
CA GLY J 278 23.25 0.12 -30.88
C GLY J 278 24.42 -0.15 -29.95
N ASN J 279 24.70 -1.41 -29.60
CA ASN J 279 25.72 -1.73 -28.62
C ASN J 279 27.14 -1.53 -29.16
N TYR J 280 27.25 -1.35 -30.50
CA TYR J 280 28.50 -0.95 -31.14
C TYR J 280 28.58 0.58 -31.31
N VAL J 281 27.39 1.20 -31.46
CA VAL J 281 27.15 2.58 -31.85
C VAL J 281 27.29 3.51 -30.65
N GLU J 282 26.88 3.09 -29.45
CA GLU J 282 27.01 3.84 -28.20
C GLU J 282 28.45 4.28 -27.93
N GLU J 283 28.56 5.51 -27.37
CA GLU J 283 29.83 6.16 -27.01
C GLU J 283 30.68 6.55 -28.23
N THR J 284 30.25 6.18 -29.43
CA THR J 284 31.17 6.15 -30.57
C THR J 284 31.55 7.57 -31.00
N GLY J 285 32.85 7.75 -31.26
CA GLY J 285 33.39 9.04 -31.65
C GLY J 285 33.35 10.04 -30.48
N MET J 286 33.22 9.54 -29.23
CA MET J 286 33.53 10.24 -27.97
C MET J 286 34.70 9.54 -27.26
N ALA J 287 35.54 8.85 -28.06
CA ALA J 287 36.82 8.21 -27.77
C ALA J 287 37.52 8.77 -26.55
N GLY J 288 37.91 10.05 -26.61
CA GLY J 288 38.65 10.73 -25.56
C GLY J 288 37.99 10.62 -24.18
N PHE J 289 36.67 10.90 -24.11
CA PHE J 289 35.91 10.93 -22.85
C PHE J 289 35.98 9.55 -22.20
N PHE J 290 35.54 8.51 -22.91
CA PHE J 290 35.50 7.19 -22.32
C PHE J 290 36.92 6.71 -21.99
N ALA J 291 37.91 7.14 -22.78
CA ALA J 291 39.28 6.67 -22.62
C ALA J 291 39.87 7.09 -21.29
N THR J 292 39.55 8.31 -20.84
CA THR J 292 40.01 8.75 -19.53
C THR J 292 39.34 7.90 -18.45
N ILE J 293 38.06 7.52 -18.64
CA ILE J 293 37.35 6.70 -17.67
C ILE J 293 37.98 5.30 -17.64
N ARG J 294 38.12 4.63 -18.82
CA ARG J 294 38.61 3.25 -18.92
C ARG J 294 40.07 3.19 -18.46
N PHE J 295 40.88 4.13 -18.97
CA PHE J 295 42.33 4.09 -18.79
C PHE J 295 42.76 5.26 -17.88
N GLY J 296 43.57 5.00 -16.83
CA GLY J 296 43.81 6.05 -15.88
C GLY J 296 42.81 6.02 -14.72
N LEU J 297 41.53 6.37 -14.93
CA LEU J 297 40.58 6.47 -13.80
C LEU J 297 40.22 5.10 -13.21
N GLU J 298 39.67 4.20 -14.04
CA GLU J 298 39.30 2.88 -13.57
C GLU J 298 40.54 2.05 -13.25
N THR J 299 41.65 2.37 -13.94
CA THR J 299 42.96 1.76 -13.71
C THR J 299 43.49 2.08 -12.30
N ARG J 300 43.02 3.18 -11.67
CA ARG J 300 43.34 3.49 -10.27
C ARG J 300 44.85 3.46 -9.97
N TYR J 301 45.70 3.89 -10.93
CA TYR J 301 47.15 3.84 -10.79
C TYR J 301 47.55 4.79 -9.67
N PRO J 302 48.60 4.48 -8.87
CA PRO J 302 49.05 5.40 -7.82
C PRO J 302 49.32 6.79 -8.41
N ALA J 303 49.34 6.84 -9.75
CA ALA J 303 49.76 8.02 -10.50
C ALA J 303 48.87 9.24 -10.24
N LEU J 304 47.63 9.05 -9.76
CA LEU J 304 46.74 10.17 -9.49
C LEU J 304 47.41 11.19 -8.56
N ALA J 305 48.31 10.67 -7.71
CA ALA J 305 48.88 11.52 -6.69
C ALA J 305 49.69 12.68 -7.28
N LEU J 306 49.95 12.66 -8.59
CA LEU J 306 50.85 13.66 -9.17
C LEU J 306 50.26 15.07 -9.00
N ASN J 307 51.15 16.06 -8.84
CA ASN J 307 50.78 17.45 -8.56
C ASN J 307 49.70 17.94 -9.53
N GLU J 308 50.00 17.79 -10.83
CA GLU J 308 49.15 18.16 -11.96
C GLU J 308 47.78 17.48 -11.87
N PHE J 309 47.78 16.29 -11.24
CA PHE J 309 46.61 15.43 -11.15
C PHE J 309 45.41 16.10 -10.47
N GLN J 310 45.65 16.88 -9.38
CA GLN J 310 44.53 17.39 -8.58
C GLN J 310 43.53 18.12 -9.48
N SER J 311 44.06 19.02 -10.33
CA SER J 311 43.21 19.85 -11.19
C SER J 311 42.43 18.96 -12.14
N ASP J 312 43.20 18.00 -12.72
CA ASP J 312 42.65 17.12 -13.76
C ASP J 312 41.49 16.35 -13.13
N LEU J 313 41.64 15.90 -11.88
CA LEU J 313 40.57 15.19 -11.18
C LEU J 313 39.37 16.12 -11.09
N ASN J 314 39.63 17.41 -10.80
CA ASN J 314 38.50 18.33 -10.63
C ASN J 314 37.74 18.36 -11.96
N THR J 315 38.52 18.43 -13.06
CA THR J 315 37.89 18.57 -14.37
C THR J 315 37.00 17.35 -14.60
N ILE J 316 37.51 16.15 -14.28
CA ILE J 316 36.75 14.93 -14.57
C ILE J 316 35.48 14.98 -13.74
N LYS J 317 35.58 15.30 -12.43
CA LYS J 317 34.40 15.32 -11.58
C LYS J 317 33.41 16.27 -12.23
N SER J 318 33.86 17.50 -12.53
CA SER J 318 32.93 18.47 -13.10
C SER J 318 32.30 17.90 -14.38
N LEU J 319 33.16 17.24 -15.20
CA LEU J 319 32.79 16.65 -16.48
C LEU J 319 31.81 15.50 -16.29
N MET J 320 32.10 14.61 -15.32
CA MET J 320 31.27 13.42 -15.10
C MET J 320 29.87 13.84 -14.66
N LEU J 321 29.80 14.79 -13.69
CA LEU J 321 28.52 15.29 -13.22
C LEU J 321 27.80 16.03 -14.35
N LEU J 322 28.58 16.75 -15.20
CA LEU J 322 28.03 17.43 -16.39
C LEU J 322 27.36 16.41 -17.34
N TYR J 323 28.10 15.31 -17.63
CA TYR J 323 27.70 14.25 -18.55
C TYR J 323 26.33 13.70 -18.15
N ARG J 324 26.20 13.43 -16.83
CA ARG J 324 24.97 12.97 -16.19
C ARG J 324 23.83 13.92 -16.52
N GLU J 325 24.10 15.22 -16.37
CA GLU J 325 23.08 16.25 -16.50
C GLU J 325 22.63 16.40 -17.96
N ILE J 326 23.52 16.12 -18.92
CA ILE J 326 23.12 16.20 -20.34
C ILE J 326 22.14 15.10 -20.72
N GLY J 327 22.29 13.89 -20.09
CA GLY J 327 21.20 12.91 -20.07
C GLY J 327 20.95 12.16 -21.38
N PRO J 328 19.69 12.02 -21.86
CA PRO J 328 19.30 11.22 -23.02
C PRO J 328 20.13 11.19 -24.30
N ARG J 329 20.72 12.33 -24.70
CA ARG J 329 21.49 12.43 -25.93
C ARG J 329 22.88 11.76 -25.80
N ALA J 330 23.33 11.49 -24.55
CA ALA J 330 24.74 11.27 -24.19
C ALA J 330 25.46 10.22 -25.01
N PRO J 331 24.85 9.04 -25.24
CA PRO J 331 25.49 7.95 -25.99
C PRO J 331 25.82 8.27 -27.45
N TYR J 332 25.24 9.41 -27.90
CA TYR J 332 25.36 9.72 -29.32
C TYR J 332 25.71 11.20 -29.53
N MET J 333 26.43 11.84 -28.60
CA MET J 333 26.67 13.28 -28.63
C MET J 333 27.32 13.73 -29.94
N VAL J 334 28.34 12.95 -30.34
CA VAL J 334 29.18 13.26 -31.48
C VAL J 334 28.34 13.23 -32.74
N LEU J 335 27.53 12.17 -32.85
CA LEU J 335 26.73 11.95 -34.04
C LEU J 335 25.69 13.05 -34.17
N LEU J 336 25.21 13.56 -33.02
CA LEU J 336 24.14 14.55 -33.02
C LEU J 336 24.71 15.96 -33.12
N GLU J 337 26.05 16.11 -33.25
CA GLU J 337 26.68 17.43 -33.31
C GLU J 337 26.37 18.24 -32.04
N GLU J 338 26.05 17.55 -30.92
CA GLU J 338 25.60 18.26 -29.72
C GLU J 338 26.74 19.04 -29.09
N SER J 339 26.55 20.35 -28.90
CA SER J 339 27.60 21.28 -28.51
C SER J 339 28.33 20.89 -27.23
N ILE J 340 27.53 20.42 -26.27
CA ILE J 340 28.06 20.10 -24.95
C ILE J 340 29.18 19.09 -25.16
N GLN J 341 29.10 18.36 -26.28
CA GLN J 341 30.12 17.40 -26.71
C GLN J 341 31.50 18.04 -26.62
N THR J 342 31.61 19.35 -26.93
CA THR J 342 32.89 20.04 -26.93
C THR J 342 33.57 19.93 -25.56
N LYS J 343 32.76 19.98 -24.50
CA LYS J 343 33.27 19.95 -23.14
C LYS J 343 33.84 18.57 -22.84
N PHE J 344 33.18 17.54 -23.39
CA PHE J 344 33.54 16.13 -23.26
C PHE J 344 34.79 15.85 -24.08
N ALA J 345 35.09 16.77 -25.02
CA ALA J 345 36.22 16.68 -25.94
C ALA J 345 37.52 16.14 -25.32
N PRO J 346 38.22 15.27 -26.09
CA PRO J 346 39.55 14.74 -25.77
C PRO J 346 40.55 15.83 -25.39
N GLY J 347 40.61 16.92 -26.17
CA GLY J 347 41.59 17.99 -25.97
C GLY J 347 41.69 18.55 -24.53
N GLY J 348 40.55 18.90 -23.94
CA GLY J 348 40.49 19.62 -22.67
C GLY J 348 41.02 18.88 -21.44
N TYR J 349 40.70 17.57 -21.29
CA TYR J 349 41.07 16.77 -20.11
C TYR J 349 42.60 16.90 -19.99
N PRO J 350 43.27 17.16 -18.84
CA PRO J 350 44.70 17.54 -18.83
C PRO J 350 45.73 16.42 -18.90
N LEU J 351 46.08 16.03 -17.68
CA LEU J 351 47.03 14.95 -17.47
C LEU J 351 46.56 13.65 -18.15
N LEU J 352 45.27 13.31 -18.03
CA LEU J 352 44.69 12.10 -18.58
C LEU J 352 44.81 12.08 -20.11
N TRP J 353 44.64 13.22 -20.74
CA TRP J 353 44.65 13.27 -22.18
C TRP J 353 45.98 12.75 -22.68
N SER J 354 47.02 12.83 -21.81
CA SER J 354 48.32 12.22 -22.12
C SER J 354 48.61 10.99 -21.25
N PHE J 355 48.40 11.07 -19.93
CA PHE J 355 48.71 10.00 -18.97
C PHE J 355 47.78 8.78 -19.17
N ALA J 356 46.48 8.99 -19.36
CA ALA J 356 45.45 7.96 -19.58
C ALA J 356 45.76 7.18 -20.87
N MET J 357 46.23 7.87 -21.94
CA MET J 357 46.67 7.22 -23.17
C MET J 357 47.97 6.42 -22.92
N GLY J 358 48.98 7.06 -22.28
CA GLY J 358 50.27 6.40 -21.98
C GLY J 358 50.06 5.04 -21.27
N VAL J 359 49.17 5.00 -20.26
CA VAL J 359 48.73 3.78 -19.58
C VAL J 359 48.01 2.86 -20.57
N ALA J 360 46.94 3.36 -21.22
CA ALA J 360 46.04 2.58 -22.06
C ALA J 360 46.80 1.80 -23.15
N THR J 361 47.66 2.52 -23.90
CA THR J 361 48.49 2.00 -24.98
C THR J 361 49.43 0.89 -24.49
N THR J 362 49.85 0.99 -23.22
CA THR J 362 50.80 0.05 -22.64
C THR J 362 50.09 -1.22 -22.15
N ILE J 363 48.88 -1.06 -21.62
CA ILE J 363 48.26 -2.10 -20.79
C ILE J 363 47.21 -2.87 -21.58
N ASP J 364 46.54 -2.25 -22.55
CA ASP J 364 45.43 -2.90 -23.24
C ASP J 364 45.77 -3.18 -24.71
N ARG J 365 45.88 -4.47 -25.09
CA ARG J 365 46.43 -4.94 -26.36
C ARG J 365 45.59 -4.48 -27.56
N SER J 366 44.29 -4.26 -27.31
CA SER J 366 43.35 -3.83 -28.34
C SER J 366 43.47 -2.34 -28.63
N MET J 367 43.87 -1.56 -27.61
CA MET J 367 44.01 -0.10 -27.74
C MET J 367 45.28 0.19 -28.53
N GLY J 368 45.46 1.45 -28.99
CA GLY J 368 46.74 1.89 -29.52
C GLY J 368 46.90 1.61 -31.02
N ALA J 369 46.13 0.64 -31.53
CA ALA J 369 45.81 0.52 -32.95
C ALA J 369 45.08 1.80 -33.40
N LEU J 370 44.54 2.59 -32.43
CA LEU J 370 43.79 3.84 -32.61
C LEU J 370 44.70 5.05 -32.84
N ASN J 371 44.24 6.01 -33.66
CA ASN J 371 45.04 7.16 -34.06
C ASN J 371 45.05 8.22 -32.96
N ILE J 372 46.21 8.41 -32.32
CA ILE J 372 46.35 9.22 -31.10
C ILE J 372 47.10 10.52 -31.42
N ASN J 373 47.02 10.98 -32.68
CA ASN J 373 47.55 12.28 -33.10
C ASN J 373 46.66 13.38 -32.54
N ARG J 374 46.99 13.87 -31.33
CA ARG J 374 46.28 15.01 -30.77
C ARG J 374 47.28 16.04 -30.27
N GLY J 375 46.98 17.31 -30.56
CA GLY J 375 47.83 18.41 -30.15
C GLY J 375 47.87 18.62 -28.63
N TYR J 376 46.85 18.13 -27.89
CA TYR J 376 46.70 18.28 -26.44
C TYR J 376 47.56 17.31 -25.63
N LEU J 377 48.21 16.35 -26.33
CA LEU J 377 48.99 15.32 -25.66
C LEU J 377 50.23 15.94 -25.01
N GLU J 378 50.57 15.61 -23.77
CA GLU J 378 51.80 16.14 -23.18
C GLU J 378 52.85 15.04 -23.15
N PRO J 379 53.83 14.99 -24.09
CA PRO J 379 54.87 13.94 -24.25
C PRO J 379 55.46 13.31 -22.99
N MET J 380 55.90 14.19 -22.09
CA MET J 380 56.45 13.79 -20.80
C MET J 380 55.43 12.99 -19.99
N TYR J 381 54.18 13.48 -19.95
CA TYR J 381 53.15 12.85 -19.14
C TYR J 381 52.65 11.56 -19.82
N PHE J 382 52.58 11.52 -21.17
CA PHE J 382 52.26 10.32 -21.95
C PHE J 382 53.30 9.21 -21.68
N ARG J 383 54.57 9.55 -21.41
CA ARG J 383 55.48 8.45 -21.13
C ARG J 383 55.33 7.96 -19.68
N LEU J 384 54.96 8.88 -18.76
CA LEU J 384 54.78 8.55 -17.34
C LEU J 384 53.65 7.53 -17.22
N GLY J 385 52.60 7.71 -18.04
CA GLY J 385 51.49 6.75 -18.06
C GLY J 385 51.95 5.38 -18.51
N GLN J 386 52.76 5.32 -19.60
CA GLN J 386 53.36 4.06 -20.08
C GLN J 386 54.20 3.43 -18.96
N LYS J 387 55.04 4.26 -18.31
CA LYS J 387 55.93 3.79 -17.25
C LYS J 387 55.13 3.26 -16.05
N SER J 388 54.01 3.92 -15.71
CA SER J 388 53.26 3.58 -14.50
C SER J 388 52.79 2.14 -14.53
N ALA J 389 52.31 1.71 -15.73
CA ALA J 389 51.95 0.32 -15.93
C ALA J 389 53.21 -0.52 -16.17
N ARG J 390 54.08 -0.10 -17.10
CA ARG J 390 55.22 -0.95 -17.53
C ARG J 390 56.37 -0.96 -16.53
N HIS J 391 56.20 -0.26 -15.38
CA HIS J 391 57.23 -0.15 -14.35
C HIS J 391 57.64 -1.55 -13.90
N HIS J 392 56.64 -2.41 -13.63
CA HIS J 392 56.93 -3.80 -13.30
C HIS J 392 56.27 -4.73 -14.34
N ALA J 393 55.94 -4.19 -15.54
CA ALA J 393 55.16 -4.97 -16.48
C ALA J 393 53.77 -5.17 -15.87
N GLY J 394 53.11 -4.06 -15.54
CA GLY J 394 51.87 -4.12 -14.78
C GLY J 394 52.11 -3.67 -13.34
N GLY J 395 53.23 -2.96 -13.11
CA GLY J 395 53.59 -2.45 -11.78
C GLY J 395 53.84 -3.60 -10.79
N ILE J 396 54.40 -4.72 -11.29
CA ILE J 396 54.54 -5.96 -10.49
C ILE J 396 55.47 -5.72 -9.30
N ASP J 397 55.07 -6.26 -8.11
CA ASP J 397 55.72 -5.94 -6.83
C ASP J 397 55.40 -4.51 -6.41
N GLN J 398 54.29 -3.99 -6.93
CA GLN J 398 53.75 -2.68 -6.59
C GLN J 398 52.23 -2.65 -6.81
N ASN J 399 51.64 -1.46 -6.64
CA ASN J 399 50.20 -1.28 -6.88
C ASN J 399 49.41 -2.14 -5.90
N MET J 400 48.41 -2.88 -6.39
CA MET J 400 47.57 -3.77 -5.60
C MET J 400 47.00 -3.08 -4.34
N ALA J 401 46.49 -1.86 -4.56
CA ALA J 401 46.01 -0.97 -3.51
C ALA J 401 45.00 -1.67 -2.59
N ASN J 402 44.00 -2.34 -3.19
CA ASN J 402 43.03 -3.14 -2.45
C ASN J 402 43.73 -4.31 -1.74
N ARG J 403 43.47 -4.48 -0.44
CA ARG J 403 44.24 -5.42 0.37
C ARG J 403 43.33 -6.51 0.91
N LEU J 404 42.13 -6.64 0.30
CA LEU J 404 41.18 -7.68 0.66
C LEU J 404 41.85 -9.06 0.58
N GLY J 405 42.93 -9.14 -0.21
CA GLY J 405 43.68 -10.37 -0.42
C GLY J 405 44.38 -10.84 0.86
N LEU J 406 44.34 -12.16 1.11
CA LEU J 406 44.99 -12.80 2.26
C LEU J 406 46.50 -12.52 2.36
N SER J 407 47.21 -12.62 1.23
CA SER J 407 48.63 -12.96 1.17
C SER J 407 49.44 -11.94 0.36
N SER J 408 50.68 -11.75 0.86
CA SER J 408 51.67 -10.74 0.48
C SER J 408 52.81 -11.27 -0.40
N ASP J 409 52.96 -12.61 -0.38
CA ASP J 409 54.11 -13.30 -0.96
C ASP J 409 54.26 -13.07 -2.48
N GLN J 410 53.16 -13.24 -3.23
CA GLN J 410 53.17 -13.50 -4.67
C GLN J 410 53.16 -12.23 -5.51
N VAL J 411 53.34 -11.06 -4.86
CA VAL J 411 53.48 -9.81 -5.63
C VAL J 411 54.71 -9.94 -6.57
N ALA J 412 55.78 -10.46 -5.93
CA ALA J 412 57.08 -10.74 -6.55
C ALA J 412 56.91 -11.72 -7.74
N GLU J 413 56.12 -12.80 -7.52
CA GLU J 413 55.89 -13.84 -8.52
C GLU J 413 55.18 -13.22 -9.73
N LEU J 414 54.19 -12.35 -9.45
CA LEU J 414 53.45 -11.70 -10.53
C LEU J 414 54.42 -10.82 -11.34
N ALA J 415 55.33 -10.11 -10.61
CA ALA J 415 56.30 -9.23 -11.25
C ALA J 415 57.23 -10.06 -12.17
N ALA J 416 57.66 -11.26 -11.69
CA ALA J 416 58.53 -12.15 -12.46
C ALA J 416 57.80 -12.62 -13.72
N ALA J 417 56.49 -12.95 -13.59
CA ALA J 417 55.70 -13.34 -14.75
C ALA J 417 55.63 -12.19 -15.76
N VAL J 418 55.46 -10.94 -15.28
CA VAL J 418 55.39 -9.77 -16.15
C VAL J 418 56.72 -9.62 -16.93
N ILE K 26 34.95 11.27 -4.31
CA ILE K 26 36.11 11.58 -5.22
C ILE K 26 36.24 10.59 -6.38
N PHE K 27 36.93 9.45 -6.12
CA PHE K 27 37.05 8.32 -7.04
C PHE K 27 35.70 7.60 -7.18
N GLU K 28 34.93 7.64 -6.09
CA GLU K 28 33.60 7.08 -5.92
C GLU K 28 32.63 7.59 -6.98
N GLU K 29 32.84 8.86 -7.42
CA GLU K 29 31.99 9.52 -8.42
C GLU K 29 32.11 8.79 -9.76
N ALA K 30 33.36 8.47 -10.15
CA ALA K 30 33.71 7.77 -11.38
C ALA K 30 33.05 6.39 -11.49
N ALA K 31 33.19 5.61 -10.42
CA ALA K 31 32.58 4.29 -10.32
C ALA K 31 31.05 4.37 -10.45
N SER K 32 30.45 5.36 -9.76
CA SER K 32 29.01 5.59 -9.79
C SER K 32 28.57 6.04 -11.18
N PHE K 33 29.46 6.78 -11.89
CA PHE K 33 29.19 7.30 -13.22
C PHE K 33 29.19 6.16 -14.24
N ARG K 34 30.16 5.24 -14.15
CA ARG K 34 30.20 4.05 -15.00
C ARG K 34 28.87 3.29 -14.85
N SER K 35 28.40 3.16 -13.60
CA SER K 35 27.14 2.47 -13.31
C SER K 35 25.96 3.25 -13.90
N TYR K 36 26.03 4.60 -13.83
CA TYR K 36 24.95 5.44 -14.32
C TYR K 36 24.84 5.24 -15.83
N GLN K 37 25.97 5.29 -16.57
CA GLN K 37 26.01 5.06 -18.02
C GLN K 37 25.32 3.75 -18.36
N SER K 38 25.63 2.69 -17.59
CA SER K 38 25.16 1.33 -17.86
C SER K 38 23.64 1.20 -17.70
N LYS K 39 23.06 2.00 -16.79
CA LYS K 39 21.62 1.97 -16.49
C LYS K 39 20.84 3.09 -17.20
N LEU K 40 21.56 4.08 -17.76
CA LEU K 40 20.95 5.23 -18.42
C LEU K 40 20.15 4.77 -19.63
N GLY K 41 18.89 5.21 -19.69
CA GLY K 41 18.10 4.97 -20.88
C GLY K 41 17.51 3.57 -20.90
N ARG K 42 17.81 2.75 -19.89
CA ARG K 42 17.10 1.49 -19.67
C ARG K 42 15.62 1.72 -19.38
N ASP K 43 15.31 2.85 -18.70
CA ASP K 43 14.01 3.21 -18.21
C ASP K 43 13.11 3.79 -19.29
N GLY K 44 11.87 4.07 -18.89
CA GLY K 44 10.84 4.53 -19.81
C GLY K 44 10.10 3.39 -20.50
N ARG K 45 9.04 3.72 -21.26
CA ARG K 45 8.25 2.77 -22.07
C ARG K 45 8.20 3.18 -23.56
N ALA K 46 8.56 2.24 -24.46
CA ALA K 46 9.04 2.52 -25.81
C ALA K 46 7.92 3.01 -26.72
N SER K 47 8.19 4.07 -27.49
CA SER K 47 7.23 4.74 -28.38
C SER K 47 6.78 3.83 -29.53
N ALA K 48 5.48 3.90 -29.85
CA ALA K 48 4.75 2.82 -30.49
C ALA K 48 5.19 2.58 -31.94
N ALA K 49 5.78 3.63 -32.51
CA ALA K 49 6.32 3.61 -33.87
C ALA K 49 7.35 2.51 -34.05
N THR K 50 8.03 2.07 -32.96
CA THR K 50 9.06 1.01 -32.96
C THR K 50 8.51 -0.40 -33.19
N ALA K 51 7.18 -0.58 -33.08
CA ALA K 51 6.50 -1.86 -33.34
C ALA K 51 6.73 -2.39 -34.78
N THR K 52 7.38 -3.57 -34.93
CA THR K 52 7.88 -4.08 -36.21
C THR K 52 6.76 -4.73 -37.03
N LEU K 53 6.86 -4.67 -38.39
CA LEU K 53 5.86 -5.17 -39.34
C LEU K 53 5.60 -6.67 -39.15
N THR K 54 4.35 -7.02 -38.79
CA THR K 54 3.98 -8.36 -38.34
C THR K 54 3.86 -9.30 -39.53
N THR K 55 4.38 -10.51 -39.25
CA THR K 55 4.22 -11.65 -40.13
C THR K 55 3.00 -12.48 -39.70
N LYS K 56 2.05 -12.71 -40.64
CA LYS K 56 0.93 -13.63 -40.50
C LYS K 56 1.39 -15.06 -40.78
N ILE K 57 1.22 -15.98 -39.79
CA ILE K 57 1.55 -17.40 -39.88
C ILE K 57 0.33 -18.27 -39.56
N ARG K 58 0.15 -19.37 -40.31
CA ARG K 58 -0.94 -20.33 -40.10
C ARG K 58 -0.46 -21.41 -39.12
N ILE K 59 -1.13 -21.62 -37.96
CA ILE K 59 -0.84 -22.66 -36.97
C ILE K 59 -2.07 -23.59 -36.94
N PHE K 60 -1.96 -24.87 -37.40
CA PHE K 60 -2.93 -25.94 -37.17
C PHE K 60 -2.72 -26.43 -35.73
N VAL K 61 -3.77 -26.53 -34.86
CA VAL K 61 -3.60 -26.96 -33.46
C VAL K 61 -4.50 -28.19 -33.23
N PRO K 62 -4.38 -29.03 -32.15
CA PRO K 62 -5.26 -30.20 -31.95
C PRO K 62 -6.67 -29.76 -31.54
N ALA K 63 -7.68 -29.93 -32.41
CA ALA K 63 -9.06 -29.55 -32.11
C ALA K 63 -9.65 -30.47 -31.04
N THR K 64 -8.97 -31.62 -30.74
CA THR K 64 -9.59 -32.67 -29.89
C THR K 64 -8.57 -33.43 -29.03
N ASN K 65 -9.04 -34.33 -28.14
CA ASN K 65 -8.17 -35.05 -27.19
C ASN K 65 -8.00 -36.54 -27.52
N SER K 66 -8.58 -36.97 -28.64
CA SER K 66 -8.58 -38.39 -29.02
C SER K 66 -7.39 -38.72 -29.92
N PRO K 67 -6.49 -39.66 -29.54
CA PRO K 67 -5.32 -40.00 -30.35
C PRO K 67 -5.41 -40.15 -31.87
N GLU K 68 -6.42 -40.87 -32.38
CA GLU K 68 -6.58 -41.02 -33.82
C GLU K 68 -6.17 -39.72 -34.52
N LEU K 69 -6.74 -38.59 -34.07
CA LEU K 69 -6.44 -37.28 -34.62
C LEU K 69 -5.02 -36.85 -34.26
N ARG K 70 -4.67 -37.06 -32.98
CA ARG K 70 -3.41 -36.56 -32.42
C ARG K 70 -2.19 -37.19 -33.09
N TRP K 71 -2.19 -38.52 -33.35
CA TRP K 71 -1.09 -39.25 -34.03
C TRP K 71 -0.97 -38.74 -35.47
N GLU K 72 -2.11 -38.67 -36.19
CA GLU K 72 -2.13 -38.24 -37.60
C GLU K 72 -1.61 -36.80 -37.75
N LEU K 73 -2.07 -35.91 -36.85
CA LEU K 73 -1.66 -34.51 -36.84
C LEU K 73 -0.17 -34.41 -36.56
N THR K 74 0.37 -35.25 -35.67
CA THR K 74 1.80 -35.27 -35.39
C THR K 74 2.58 -35.69 -36.62
N LEU K 75 2.13 -36.74 -37.34
CA LEU K 75 2.74 -37.18 -38.58
C LEU K 75 2.75 -36.06 -39.62
N PHE K 76 1.60 -35.37 -39.82
CA PHE K 76 1.46 -34.18 -40.67
C PHE K 76 2.54 -33.14 -40.33
N ALA K 77 2.63 -32.80 -39.05
CA ALA K 77 3.54 -31.77 -38.58
C ALA K 77 5.02 -32.15 -38.73
N LEU K 78 5.38 -33.41 -38.43
CA LEU K 78 6.73 -33.95 -38.63
C LEU K 78 7.06 -33.75 -40.11
N ASP K 79 6.11 -34.05 -41.00
CA ASP K 79 6.34 -33.98 -42.44
C ASP K 79 6.42 -32.53 -42.93
N VAL K 80 5.61 -31.59 -42.40
CA VAL K 80 5.68 -30.14 -42.71
C VAL K 80 7.13 -29.68 -42.53
N ILE K 81 7.72 -30.08 -41.37
CA ILE K 81 9.09 -29.70 -41.01
C ILE K 81 10.14 -30.41 -41.86
N ARG K 82 9.81 -31.64 -42.30
CA ARG K 82 10.69 -32.44 -43.14
C ARG K 82 10.67 -31.97 -44.60
N SER K 83 9.66 -31.17 -45.02
CA SER K 83 9.38 -30.90 -46.45
C SER K 83 10.43 -30.01 -47.11
N PRO K 84 10.87 -30.35 -48.34
CA PRO K 84 11.82 -29.53 -49.09
C PRO K 84 11.09 -28.41 -49.81
N SER K 85 9.77 -28.58 -49.98
CA SER K 85 8.96 -27.71 -50.82
C SER K 85 8.11 -26.69 -50.03
N ALA K 86 8.00 -26.88 -48.72
CA ALA K 86 7.21 -25.98 -47.90
C ALA K 86 7.90 -24.63 -47.70
N ALA K 87 7.10 -23.55 -47.71
CA ALA K 87 7.48 -22.19 -47.34
C ALA K 87 7.78 -22.06 -45.84
N GLU K 88 8.68 -21.11 -45.50
CA GLU K 88 9.14 -20.87 -44.12
C GLU K 88 7.97 -20.49 -43.22
N SER K 89 6.99 -19.77 -43.80
CA SER K 89 5.76 -19.37 -43.11
C SER K 89 4.98 -20.58 -42.61
N MET K 90 4.91 -21.63 -43.44
CA MET K 90 4.27 -22.89 -43.10
C MET K 90 5.10 -23.63 -42.06
N LYS K 91 6.42 -23.67 -42.27
CA LYS K 91 7.33 -24.39 -41.41
C LYS K 91 7.31 -23.88 -39.95
N VAL K 92 7.33 -22.55 -39.71
CA VAL K 92 7.19 -21.97 -38.37
C VAL K 92 5.91 -22.45 -37.68
N GLY K 93 4.84 -22.35 -38.45
CA GLY K 93 3.53 -22.73 -37.96
C GLY K 93 3.43 -24.21 -37.59
N ALA K 94 4.07 -25.04 -38.42
CA ALA K 94 4.27 -26.46 -38.16
C ALA K 94 5.05 -26.68 -36.87
N ALA K 95 6.17 -25.99 -36.69
CA ALA K 95 6.97 -26.14 -35.49
C ALA K 95 6.18 -25.81 -34.23
N PHE K 96 5.34 -24.77 -34.30
CA PHE K 96 4.42 -24.42 -33.22
C PHE K 96 3.40 -25.55 -32.93
N THR K 97 2.87 -26.21 -33.99
CA THR K 97 2.00 -27.37 -33.80
C THR K 97 2.76 -28.48 -33.07
N LEU K 98 3.98 -28.76 -33.55
CA LEU K 98 4.81 -29.85 -33.08
C LEU K 98 5.09 -29.70 -31.59
N ILE K 99 5.44 -28.49 -31.11
CA ILE K 99 5.84 -28.26 -29.71
C ILE K 99 4.69 -27.73 -28.85
N SER K 100 3.42 -27.90 -29.31
CA SER K 100 2.23 -27.67 -28.52
C SER K 100 1.40 -28.95 -28.28
N MET K 101 1.79 -30.11 -28.85
CA MET K 101 1.18 -31.42 -28.67
C MET K 101 1.03 -31.83 -27.18
N TYR K 102 1.88 -31.27 -26.30
CA TYR K 102 1.83 -31.33 -24.82
C TYR K 102 0.41 -31.13 -24.26
N SER K 103 -0.29 -30.11 -24.74
CA SER K 103 -1.38 -29.47 -24.02
C SER K 103 -2.66 -30.27 -24.06
N GLU K 104 -3.41 -30.14 -22.97
CA GLU K 104 -4.81 -30.57 -22.88
C GLU K 104 -5.69 -29.80 -23.86
N ARG K 105 -5.34 -28.55 -24.13
CA ARG K 105 -6.06 -27.69 -25.07
C ARG K 105 -5.02 -26.95 -25.92
N PRO K 106 -4.51 -27.60 -26.99
CA PRO K 106 -3.28 -27.14 -27.63
C PRO K 106 -3.31 -25.69 -28.13
N GLY K 107 -4.48 -25.31 -28.65
CA GLY K 107 -4.73 -23.97 -29.13
C GLY K 107 -4.66 -22.91 -28.03
N ALA K 108 -5.22 -23.23 -26.87
CA ALA K 108 -5.17 -22.34 -25.72
C ALA K 108 -3.74 -22.13 -25.23
N LEU K 109 -2.92 -23.20 -25.17
CA LEU K 109 -1.53 -23.15 -24.76
C LEU K 109 -0.76 -22.16 -25.64
N ILE K 110 -0.84 -22.30 -26.99
CA ILE K 110 -0.18 -21.38 -27.94
C ILE K 110 -0.68 -19.94 -27.71
N ARG K 111 -2.01 -19.72 -27.82
CA ARG K 111 -2.60 -18.38 -27.80
C ARG K 111 -2.27 -17.61 -26.51
N SER K 112 -2.24 -18.33 -25.39
CA SER K 112 -2.11 -17.73 -24.07
C SER K 112 -0.68 -17.48 -23.63
N LEU K 113 0.28 -18.24 -24.16
CA LEU K 113 1.67 -17.99 -23.80
C LEU K 113 2.40 -17.15 -24.85
N LEU K 114 1.88 -17.15 -26.09
CA LEU K 114 2.63 -16.63 -27.24
C LEU K 114 2.54 -15.11 -27.22
N ASN K 115 3.69 -14.44 -27.05
CA ASN K 115 3.69 -13.02 -26.73
C ASN K 115 4.92 -12.30 -27.28
N ASP K 116 5.02 -12.24 -28.63
CA ASP K 116 6.16 -11.74 -29.38
C ASP K 116 5.68 -10.95 -30.59
N PRO K 117 6.17 -9.72 -30.79
CA PRO K 117 5.56 -8.79 -31.73
C PRO K 117 5.82 -9.02 -33.22
N ASP K 118 6.81 -9.82 -33.57
CA ASP K 118 7.15 -9.94 -34.99
C ASP K 118 6.12 -10.78 -35.74
N ILE K 119 5.43 -11.66 -34.98
CA ILE K 119 4.61 -12.74 -35.53
C ILE K 119 3.18 -12.71 -34.99
N GLU K 120 2.18 -12.78 -35.89
CA GLU K 120 0.77 -12.89 -35.53
C GLU K 120 0.22 -14.20 -36.08
N ALA K 121 -0.20 -15.07 -35.14
CA ALA K 121 -0.71 -16.38 -35.46
C ALA K 121 -2.20 -16.34 -35.83
N VAL K 122 -2.59 -17.01 -36.93
CA VAL K 122 -3.97 -17.43 -37.16
C VAL K 122 -4.02 -18.92 -36.87
N ILE K 123 -4.83 -19.35 -35.88
CA ILE K 123 -4.90 -20.74 -35.39
C ILE K 123 -6.25 -21.37 -35.74
N ILE K 124 -6.30 -22.42 -36.61
CA ILE K 124 -7.53 -23.20 -36.89
C ILE K 124 -7.33 -24.64 -36.35
N ASP K 125 -8.08 -25.09 -35.32
CA ASP K 125 -7.87 -26.42 -34.71
C ASP K 125 -8.42 -27.45 -35.68
N VAL K 126 -7.58 -28.35 -36.20
CA VAL K 126 -8.11 -29.18 -37.27
C VAL K 126 -8.62 -30.47 -36.65
N GLY K 127 -9.88 -30.86 -36.92
CA GLY K 127 -10.41 -32.10 -36.37
C GLY K 127 -10.12 -33.32 -37.24
N SER K 128 -10.92 -33.41 -38.32
CA SER K 128 -10.99 -34.58 -39.17
C SER K 128 -9.59 -35.11 -39.50
N MET K 129 -8.82 -34.32 -40.25
CA MET K 129 -7.51 -34.78 -40.69
C MET K 129 -7.63 -36.10 -41.46
N VAL K 130 -8.80 -36.33 -42.09
CA VAL K 130 -9.09 -37.55 -42.84
C VAL K 130 -8.67 -37.32 -44.29
N ASN K 131 -8.17 -36.11 -44.54
CA ASN K 131 -7.78 -35.78 -45.91
C ASN K 131 -6.72 -36.78 -46.36
N GLY K 132 -5.82 -37.11 -45.45
CA GLY K 132 -4.66 -37.91 -45.77
C GLY K 132 -3.49 -37.36 -44.96
N ILE K 133 -2.37 -36.99 -45.63
CA ILE K 133 -1.26 -36.26 -45.01
C ILE K 133 -1.68 -34.92 -44.37
N PRO K 134 -2.44 -34.05 -45.08
CA PRO K 134 -2.80 -32.75 -44.46
C PRO K 134 -4.07 -32.81 -43.61
N VAL K 135 -4.40 -31.65 -43.01
CA VAL K 135 -5.62 -31.41 -42.27
C VAL K 135 -6.80 -31.37 -43.23
N MET K 136 -8.01 -31.18 -42.67
CA MET K 136 -9.30 -30.99 -43.35
C MET K 136 -9.72 -29.51 -43.22
N GLU K 137 -9.91 -28.83 -44.36
CA GLU K 137 -10.12 -27.38 -44.41
C GLU K 137 -11.38 -26.91 -43.65
N ARG K 138 -11.16 -26.09 -42.61
CA ARG K 138 -11.99 -25.75 -41.44
C ARG K 138 -13.50 -25.57 -41.71
N ARG K 139 -13.73 -24.64 -42.63
CA ARG K 139 -15.06 -24.22 -43.06
C ARG K 139 -15.37 -24.77 -44.45
N GLY K 140 -14.50 -25.68 -44.93
CA GLY K 140 -14.44 -26.01 -46.37
C GLY K 140 -13.58 -24.95 -47.06
N ASP K 141 -12.88 -25.34 -48.13
CA ASP K 141 -11.94 -24.41 -48.71
C ASP K 141 -12.62 -23.57 -49.81
N LYS K 142 -12.46 -22.23 -49.76
CA LYS K 142 -12.77 -21.32 -50.86
C LYS K 142 -12.17 -21.81 -52.20
N ALA K 143 -10.90 -22.30 -52.14
CA ALA K 143 -10.27 -23.17 -53.12
C ALA K 143 -9.99 -24.54 -52.46
N GLN K 144 -10.37 -25.64 -53.13
CA GLN K 144 -9.95 -27.00 -52.75
C GLN K 144 -8.43 -27.18 -52.92
N GLU K 145 -7.74 -26.20 -53.53
CA GLU K 145 -6.29 -26.09 -53.74
C GLU K 145 -5.54 -26.03 -52.41
N GLU K 146 -6.20 -25.62 -51.30
CA GLU K 146 -5.58 -25.73 -49.98
C GLU K 146 -5.09 -27.16 -49.74
N MET K 147 -6.02 -28.11 -49.93
CA MET K 147 -5.84 -29.55 -49.75
C MET K 147 -4.79 -30.10 -50.72
N GLU K 148 -4.71 -29.50 -51.91
CA GLU K 148 -3.76 -29.87 -52.95
C GLU K 148 -2.38 -29.24 -52.67
N GLY K 149 -2.36 -28.05 -52.06
CA GLY K 149 -1.14 -27.49 -51.49
C GLY K 149 -0.55 -28.42 -50.43
N LEU K 150 -1.40 -28.88 -49.50
CA LEU K 150 -1.05 -29.89 -48.52
C LEU K 150 -0.51 -31.17 -49.19
N MET K 151 -1.20 -31.68 -50.22
CA MET K 151 -0.79 -32.87 -50.95
C MET K 151 0.62 -32.67 -51.53
N ARG K 152 0.87 -31.51 -52.17
CA ARG K 152 2.18 -31.15 -52.72
C ARG K 152 3.25 -31.17 -51.64
N ILE K 153 2.91 -30.54 -50.50
CA ILE K 153 3.79 -30.49 -49.33
C ILE K 153 4.20 -31.92 -48.93
N LEU K 154 3.23 -32.85 -48.78
CA LEU K 154 3.42 -34.24 -48.34
C LEU K 154 4.23 -35.05 -49.35
N LYS K 155 3.88 -34.90 -50.64
CA LYS K 155 4.56 -35.59 -51.73
C LYS K 155 6.03 -35.18 -51.73
N THR K 156 6.25 -33.84 -51.80
CA THR K 156 7.59 -33.27 -51.81
C THR K 156 8.39 -33.72 -50.60
N ALA K 157 7.75 -33.82 -49.43
CA ALA K 157 8.38 -34.32 -48.22
C ALA K 157 8.92 -35.74 -48.41
N ARG K 158 8.04 -36.69 -48.85
CA ARG K 158 8.39 -38.08 -49.12
C ARG K 158 9.58 -38.15 -50.09
N ASP K 159 9.36 -37.47 -51.26
CA ASP K 159 10.24 -37.58 -52.42
C ASP K 159 11.64 -37.02 -52.12
N SER K 160 11.68 -35.84 -51.49
CA SER K 160 12.92 -35.12 -51.19
C SER K 160 13.74 -35.85 -50.13
N SER K 161 13.06 -36.56 -49.22
CA SER K 161 13.70 -37.35 -48.19
C SER K 161 14.07 -38.74 -48.69
N LYS K 162 13.81 -39.06 -49.98
CA LYS K 162 14.16 -40.37 -50.53
C LYS K 162 13.49 -41.46 -49.72
N GLY K 163 12.26 -41.19 -49.18
CA GLY K 163 11.51 -42.20 -48.43
C GLY K 163 11.96 -42.45 -46.98
N LYS K 164 13.03 -41.81 -46.44
CA LYS K 164 13.46 -41.98 -45.05
C LYS K 164 12.48 -41.23 -44.13
N THR K 165 11.78 -41.91 -43.20
CA THR K 165 10.58 -41.30 -42.60
C THR K 165 11.02 -40.59 -41.33
N PRO K 166 10.15 -39.91 -40.53
CA PRO K 166 10.59 -39.22 -39.31
C PRO K 166 11.37 -40.04 -38.27
N PHE K 167 10.90 -41.27 -38.05
CA PHE K 167 11.44 -42.17 -37.01
C PHE K 167 12.62 -42.98 -37.56
N VAL K 168 13.54 -43.42 -36.68
CA VAL K 168 14.78 -44.10 -37.04
C VAL K 168 14.50 -45.55 -37.46
N ASP K 169 13.45 -46.15 -36.86
CA ASP K 169 12.93 -47.48 -37.20
C ASP K 169 11.51 -47.35 -37.76
N SER K 170 11.37 -47.76 -39.03
CA SER K 170 10.33 -47.34 -39.95
C SER K 170 8.91 -47.69 -39.50
N ARG K 171 8.75 -48.82 -38.77
CA ARG K 171 7.49 -49.32 -38.23
C ARG K 171 6.76 -48.22 -37.45
N ALA K 172 7.58 -47.44 -36.72
CA ALA K 172 7.06 -46.36 -35.91
C ALA K 172 6.36 -45.30 -36.76
N TYR K 173 6.96 -45.01 -37.94
CA TYR K 173 6.43 -43.98 -38.85
C TYR K 173 5.05 -44.38 -39.36
N GLY K 174 4.85 -45.69 -39.54
CA GLY K 174 3.60 -46.21 -40.08
C GLY K 174 2.49 -46.33 -39.05
N LEU K 175 2.90 -46.47 -37.77
CA LEU K 175 2.02 -47.01 -36.74
C LEU K 175 0.85 -46.07 -36.39
N ARG K 176 -0.41 -46.46 -36.71
CA ARG K 176 -1.61 -45.69 -36.45
C ARG K 176 -1.90 -45.83 -34.95
N ILE K 177 -2.17 -44.72 -34.26
CA ILE K 177 -2.27 -44.72 -32.81
C ILE K 177 -3.74 -44.56 -32.39
N THR K 178 -4.16 -45.42 -31.45
CA THR K 178 -5.57 -45.65 -31.18
C THR K 178 -5.95 -45.38 -29.71
N ASP K 179 -4.97 -45.23 -28.80
CA ASP K 179 -5.26 -45.12 -27.37
C ASP K 179 -4.47 -43.97 -26.74
N MET K 180 -5.01 -43.37 -25.67
CA MET K 180 -4.38 -42.26 -24.95
C MET K 180 -2.97 -42.62 -24.47
N SER K 181 -2.80 -43.86 -23.97
CA SER K 181 -1.56 -44.31 -23.34
C SER K 181 -0.37 -44.29 -24.30
N THR K 182 -0.62 -44.86 -25.49
CA THR K 182 0.32 -44.91 -26.60
C THR K 182 0.61 -43.49 -27.08
N LEU K 183 -0.45 -42.67 -27.22
CA LEU K 183 -0.40 -41.27 -27.65
C LEU K 183 0.58 -40.49 -26.77
N VAL K 184 0.37 -40.47 -25.44
CA VAL K 184 1.19 -39.72 -24.50
C VAL K 184 2.64 -40.25 -24.50
N SER K 185 2.79 -41.60 -24.55
CA SER K 185 4.12 -42.19 -24.64
C SER K 185 4.89 -41.59 -25.83
N ALA K 186 4.21 -41.52 -26.96
CA ALA K 186 4.78 -41.07 -28.23
C ALA K 186 4.99 -39.56 -28.25
N VAL K 187 3.96 -38.77 -27.92
CA VAL K 187 4.02 -37.32 -27.91
C VAL K 187 5.14 -36.84 -27.00
N ILE K 188 5.24 -37.35 -25.75
CA ILE K 188 6.33 -37.04 -24.83
C ILE K 188 7.70 -37.23 -25.49
N THR K 189 7.77 -38.31 -26.30
CA THR K 189 8.97 -38.78 -26.97
C THR K 189 9.42 -37.79 -28.07
N ILE K 190 8.46 -37.39 -28.92
CA ILE K 190 8.68 -36.44 -30.00
C ILE K 190 9.00 -35.06 -29.40
N GLU K 191 8.21 -34.62 -28.40
CA GLU K 191 8.39 -33.31 -27.78
C GLU K 191 9.80 -33.23 -27.20
N ALA K 192 10.20 -34.26 -26.44
CA ALA K 192 11.54 -34.28 -25.87
C ALA K 192 12.62 -34.14 -26.94
N GLN K 193 12.38 -34.73 -28.11
CA GLN K 193 13.30 -34.64 -29.23
C GLN K 193 13.36 -33.22 -29.83
N ILE K 194 12.29 -32.40 -29.74
CA ILE K 194 12.33 -30.97 -30.07
C ILE K 194 13.16 -30.19 -29.03
N TRP K 195 12.86 -30.43 -27.74
CA TRP K 195 13.45 -29.68 -26.65
C TRP K 195 14.96 -29.99 -26.50
N ILE K 196 15.46 -31.18 -26.87
CA ILE K 196 16.88 -31.53 -26.94
C ILE K 196 17.63 -30.61 -27.91
N LEU K 197 16.93 -30.03 -28.88
CA LEU K 197 17.55 -29.27 -29.95
C LEU K 197 17.89 -27.84 -29.46
N ILE K 198 16.88 -27.19 -28.82
CA ILE K 198 16.84 -25.79 -28.36
C ILE K 198 18.17 -25.41 -27.71
N ALA K 199 18.71 -26.35 -26.92
CA ALA K 199 19.92 -26.15 -26.11
C ALA K 199 21.15 -25.74 -26.92
N LYS K 200 21.19 -26.12 -28.20
CA LYS K 200 22.33 -25.83 -29.06
C LYS K 200 21.97 -25.17 -30.42
N ALA K 201 20.67 -25.21 -30.79
CA ALA K 201 20.24 -24.71 -32.09
C ALA K 201 20.61 -23.24 -32.30
N VAL K 202 20.58 -22.49 -31.18
CA VAL K 202 20.74 -21.05 -31.21
C VAL K 202 22.01 -20.61 -30.50
N THR K 203 22.94 -21.52 -30.17
CA THR K 203 24.27 -21.15 -29.69
C THR K 203 25.39 -21.67 -30.62
N ALA K 204 25.16 -22.84 -31.25
CA ALA K 204 26.21 -23.54 -32.00
C ALA K 204 25.60 -24.66 -32.84
N PRO K 205 24.92 -24.27 -33.93
CA PRO K 205 24.05 -25.21 -34.63
C PRO K 205 24.84 -26.19 -35.51
N ASP K 206 26.20 -26.10 -35.48
CA ASP K 206 27.16 -27.09 -35.99
C ASP K 206 28.06 -27.46 -34.79
N THR K 207 28.55 -28.69 -34.82
CA THR K 207 29.15 -29.26 -33.62
C THR K 207 28.08 -29.88 -32.71
N ALA K 208 26.80 -29.79 -33.11
CA ALA K 208 25.64 -30.03 -32.25
C ALA K 208 25.49 -31.48 -31.75
N GLU K 209 25.76 -32.44 -32.67
CA GLU K 209 25.35 -33.84 -32.54
C GLU K 209 25.80 -34.46 -31.20
N GLU K 210 27.07 -34.22 -30.82
CA GLU K 210 27.70 -34.81 -29.64
C GLU K 210 26.90 -34.52 -28.37
N SER K 211 26.55 -33.24 -28.19
CA SER K 211 25.83 -32.77 -27.03
C SER K 211 24.40 -33.32 -27.01
N GLU K 212 23.72 -33.23 -28.18
CA GLU K 212 22.30 -33.56 -28.24
C GLU K 212 22.13 -35.07 -28.02
N THR K 213 23.08 -35.88 -28.51
CA THR K 213 23.07 -37.33 -28.28
C THR K 213 23.33 -37.64 -26.79
N ARG K 214 24.27 -36.90 -26.13
CA ARG K 214 24.65 -37.04 -24.72
C ARG K 214 23.39 -36.86 -23.84
N ARG K 215 22.62 -35.81 -24.15
CA ARG K 215 21.36 -35.53 -23.46
C ARG K 215 20.30 -36.62 -23.76
N TRP K 216 20.24 -37.16 -25.01
CA TRP K 216 19.25 -38.17 -25.44
C TRP K 216 19.46 -39.45 -24.65
N ALA K 217 20.75 -39.86 -24.54
CA ALA K 217 21.17 -41.05 -23.80
C ALA K 217 20.61 -41.07 -22.38
N LYS K 218 20.80 -39.94 -21.67
CA LYS K 218 20.26 -39.70 -20.33
C LYS K 218 18.75 -40.02 -20.27
N TYR K 219 17.93 -39.32 -21.06
CA TYR K 219 16.47 -39.43 -20.94
C TYR K 219 15.96 -40.86 -21.19
N VAL K 220 16.62 -41.55 -22.15
CA VAL K 220 16.25 -42.92 -22.52
C VAL K 220 16.69 -43.91 -21.43
N GLN K 221 17.94 -43.76 -20.94
CA GLN K 221 18.52 -44.65 -19.92
C GLN K 221 17.73 -44.57 -18.61
N GLN K 222 17.26 -43.35 -18.29
CA GLN K 222 16.40 -43.06 -17.15
C GLN K 222 14.95 -43.46 -17.41
N LYS K 223 14.61 -43.99 -18.61
CA LYS K 223 13.26 -44.45 -18.91
C LYS K 223 12.18 -43.34 -18.84
N ARG K 224 12.59 -42.06 -18.94
CA ARG K 224 11.65 -40.93 -18.96
C ARG K 224 11.00 -40.76 -20.35
N VAL K 225 11.69 -41.17 -21.44
CA VAL K 225 11.22 -40.87 -22.80
C VAL K 225 11.37 -42.11 -23.68
N ASN K 226 10.36 -42.43 -24.53
CA ASN K 226 9.95 -43.79 -24.89
C ASN K 226 10.57 -44.23 -26.22
N PRO K 227 11.62 -45.10 -26.22
CA PRO K 227 12.58 -45.18 -27.33
C PRO K 227 12.02 -45.73 -28.64
N PHE K 228 10.84 -46.38 -28.51
CA PHE K 228 10.02 -46.84 -29.64
C PHE K 228 9.80 -45.71 -30.63
N PHE K 229 9.67 -44.47 -30.11
CA PHE K 229 9.43 -43.29 -30.93
C PHE K 229 10.71 -42.55 -31.37
N ALA K 230 11.90 -43.19 -31.45
CA ALA K 230 13.15 -42.47 -31.71
C ALA K 230 13.16 -41.77 -33.08
N LEU K 231 13.58 -40.50 -33.15
CA LEU K 231 13.55 -39.69 -34.38
C LEU K 231 14.91 -39.59 -35.08
N THR K 232 14.88 -39.60 -36.42
CA THR K 232 16.04 -39.90 -37.28
C THR K 232 17.02 -38.72 -37.31
N GLN K 233 18.35 -38.89 -37.38
CA GLN K 233 19.36 -37.82 -37.45
C GLN K 233 19.03 -36.79 -38.54
N GLN K 234 18.58 -37.33 -39.68
CA GLN K 234 18.15 -36.53 -40.83
C GLN K 234 17.01 -35.56 -40.46
N TRP K 235 15.97 -36.05 -39.74
CA TRP K 235 14.81 -35.27 -39.27
C TRP K 235 15.29 -34.25 -38.23
N LEU K 236 16.08 -34.70 -37.26
CA LEU K 236 16.58 -33.84 -36.19
C LEU K 236 17.43 -32.68 -36.72
N THR K 237 18.28 -32.92 -37.75
CA THR K 237 19.12 -31.87 -38.35
C THR K 237 18.21 -30.86 -39.07
N GLU K 238 17.19 -31.37 -39.79
CA GLU K 238 16.25 -30.51 -40.51
C GLU K 238 15.48 -29.58 -39.55
N MET K 239 15.05 -30.09 -38.38
CA MET K 239 14.39 -29.33 -37.31
C MET K 239 15.40 -28.39 -36.63
N ARG K 240 16.66 -28.83 -36.33
CA ARG K 240 17.71 -28.01 -35.69
C ARG K 240 17.95 -26.75 -36.54
N ASN K 241 18.06 -26.96 -37.87
CA ASN K 241 18.29 -25.89 -38.85
C ASN K 241 17.09 -24.92 -38.85
N LEU K 242 15.84 -25.44 -38.83
CA LEU K 242 14.62 -24.63 -38.75
C LEU K 242 14.66 -23.72 -37.51
N LEU K 243 15.11 -24.26 -36.36
CA LEU K 243 15.24 -23.49 -35.13
C LEU K 243 16.29 -22.38 -35.25
N SER K 244 17.47 -22.73 -35.80
CA SER K 244 18.51 -21.73 -36.01
C SER K 244 18.04 -20.54 -36.84
N GLN K 245 17.30 -20.82 -37.92
CA GLN K 245 17.05 -19.84 -38.96
C GLN K 245 15.76 -19.03 -38.71
N SER K 246 14.88 -19.50 -37.80
CA SER K 246 13.62 -18.83 -37.44
C SER K 246 13.65 -18.26 -36.02
N LEU K 247 13.40 -16.95 -35.93
CA LEU K 247 13.46 -16.26 -34.65
C LEU K 247 12.16 -16.47 -33.90
N SER K 248 11.08 -16.41 -34.70
CA SER K 248 9.71 -16.47 -34.18
C SER K 248 9.49 -17.77 -33.40
N VAL K 249 10.03 -18.89 -33.92
CA VAL K 249 10.01 -20.20 -33.26
C VAL K 249 10.68 -20.15 -31.89
N ARG K 250 11.93 -19.66 -31.87
CA ARG K 250 12.78 -19.57 -30.70
C ARG K 250 12.12 -18.71 -29.63
N LYS K 251 11.47 -17.62 -30.05
CA LYS K 251 10.72 -16.75 -29.14
C LYS K 251 9.66 -17.56 -28.39
N PHE K 252 8.81 -18.33 -29.10
CA PHE K 252 7.78 -19.20 -28.48
C PHE K 252 8.40 -20.26 -27.56
N MET K 253 9.46 -20.95 -28.03
CA MET K 253 10.18 -21.94 -27.24
C MET K 253 10.60 -21.32 -25.90
N VAL K 254 11.35 -20.18 -25.95
CA VAL K 254 11.89 -19.51 -24.77
C VAL K 254 10.77 -19.02 -23.86
N GLU K 255 9.65 -18.58 -24.45
CA GLU K 255 8.49 -18.16 -23.68
C GLU K 255 7.99 -19.31 -22.83
N ILE K 256 7.78 -20.50 -23.44
CA ILE K 256 7.32 -21.73 -22.76
C ILE K 256 8.33 -22.17 -21.70
N LEU K 257 9.63 -22.09 -22.08
CA LEU K 257 10.73 -22.55 -21.23
C LEU K 257 10.81 -21.75 -19.92
N ILE K 258 10.58 -20.42 -20.01
CA ILE K 258 10.45 -19.52 -18.87
C ILE K 258 9.20 -19.88 -18.07
N GLU K 259 8.06 -20.04 -18.77
CA GLU K 259 6.75 -20.09 -18.10
C GLU K 259 6.64 -21.32 -17.22
N VAL K 260 7.08 -22.46 -17.75
CA VAL K 260 6.90 -23.71 -17.01
C VAL K 260 8.04 -23.93 -16.01
N LYS K 261 9.13 -23.15 -16.12
CA LYS K 261 10.22 -23.20 -15.15
C LYS K 261 9.79 -22.65 -13.79
N LYS K 262 8.76 -21.77 -13.77
CA LYS K 262 8.18 -21.25 -12.55
C LYS K 262 7.67 -22.38 -11.66
N GLY K 263 7.87 -22.26 -10.32
CA GLY K 263 7.56 -23.32 -9.37
C GLY K 263 6.11 -23.19 -8.91
N GLY K 264 5.75 -23.81 -7.78
CA GLY K 264 4.40 -23.72 -7.23
C GLY K 264 3.36 -24.49 -8.05
N SER K 265 3.84 -25.52 -8.75
CA SER K 265 2.96 -26.42 -9.48
C SER K 265 3.54 -27.83 -9.47
N ALA K 266 2.62 -28.80 -9.42
CA ALA K 266 2.93 -30.18 -9.80
C ALA K 266 3.21 -30.23 -11.30
N LYS K 267 4.13 -31.14 -11.66
CA LYS K 267 4.44 -31.44 -13.05
C LYS K 267 4.16 -32.91 -13.40
N GLY K 268 3.50 -33.12 -14.56
CA GLY K 268 3.26 -34.42 -15.19
C GLY K 268 4.41 -34.70 -16.14
N ARG K 269 4.49 -35.87 -16.79
CA ARG K 269 5.62 -36.34 -17.60
C ARG K 269 6.04 -35.25 -18.59
N ALA K 270 5.01 -34.61 -19.18
CA ALA K 270 5.15 -33.57 -20.17
C ALA K 270 5.97 -32.37 -19.68
N VAL K 271 5.49 -31.71 -18.60
CA VAL K 271 6.13 -30.52 -18.04
C VAL K 271 7.52 -30.90 -17.49
N GLU K 272 7.62 -32.16 -17.00
CA GLU K 272 8.83 -32.68 -16.38
C GLU K 272 9.95 -32.76 -17.40
N ILE K 273 9.67 -33.26 -18.63
CA ILE K 273 10.68 -33.36 -19.69
C ILE K 273 11.16 -31.93 -20.04
N ILE K 274 10.26 -30.92 -20.15
CA ILE K 274 10.62 -29.50 -20.41
C ILE K 274 11.61 -29.02 -19.34
N SER K 275 11.20 -29.26 -18.09
CA SER K 275 11.95 -28.73 -16.97
C SER K 275 13.34 -29.39 -16.94
N ASP K 276 13.43 -30.68 -17.29
CA ASP K 276 14.64 -31.47 -17.31
C ASP K 276 15.61 -30.91 -18.34
N ILE K 277 15.07 -30.63 -19.55
CA ILE K 277 15.82 -30.01 -20.64
C ILE K 277 16.34 -28.66 -20.15
N GLY K 278 15.50 -27.92 -19.40
CA GLY K 278 15.89 -26.64 -18.83
C GLY K 278 17.25 -26.65 -18.15
N ASN K 279 17.65 -27.75 -17.50
CA ASN K 279 18.90 -27.77 -16.76
C ASN K 279 20.13 -27.75 -17.68
N TYR K 280 19.92 -28.00 -18.98
CA TYR K 280 20.95 -27.82 -19.99
C TYR K 280 20.86 -26.44 -20.64
N VAL K 281 19.64 -25.89 -20.69
CA VAL K 281 19.20 -24.73 -21.44
C VAL K 281 19.52 -23.44 -20.72
N GLU K 282 19.41 -23.41 -19.39
CA GLU K 282 19.74 -22.22 -18.60
C GLU K 282 21.21 -21.79 -18.74
N GLU K 283 21.46 -20.47 -18.75
CA GLU K 283 22.78 -19.87 -18.93
C GLU K 283 23.36 -20.01 -20.34
N THR K 284 22.68 -20.77 -21.20
CA THR K 284 23.31 -21.19 -22.46
C THR K 284 23.51 -20.01 -23.40
N GLY K 285 24.69 -19.96 -24.02
CA GLY K 285 25.04 -18.90 -24.94
C GLY K 285 25.25 -17.56 -24.22
N MET K 286 25.42 -17.59 -22.87
CA MET K 286 25.99 -16.50 -22.08
C MET K 286 27.30 -16.94 -21.42
N ALA K 287 27.99 -17.90 -22.07
CA ALA K 287 29.19 -18.62 -21.66
C ALA K 287 30.17 -17.70 -20.94
N GLY K 288 30.58 -16.64 -21.64
CA GLY K 288 31.55 -15.67 -21.14
C GLY K 288 31.19 -15.12 -19.75
N PHE K 289 29.92 -14.67 -19.55
CA PHE K 289 29.46 -14.05 -18.31
C PHE K 289 29.66 -15.03 -17.15
N PHE K 290 29.16 -16.27 -17.34
CA PHE K 290 29.20 -17.28 -16.29
C PHE K 290 30.65 -17.70 -15.99
N ALA K 291 31.48 -17.85 -17.05
CA ALA K 291 32.84 -18.35 -16.89
C ALA K 291 33.70 -17.41 -16.06
N THR K 292 33.51 -16.11 -16.25
CA THR K 292 34.25 -15.14 -15.44
C THR K 292 33.80 -15.24 -13.99
N ILE K 293 32.50 -15.51 -13.75
CA ILE K 293 31.98 -15.64 -12.38
C ILE K 293 32.59 -16.89 -11.76
N ARG K 294 32.46 -18.06 -12.44
CA ARG K 294 32.90 -19.34 -11.89
C ARG K 294 34.43 -19.34 -11.69
N PHE K 295 35.14 -18.94 -12.76
CA PHE K 295 36.60 -19.08 -12.84
C PHE K 295 37.24 -17.69 -12.77
N GLY K 296 38.26 -17.50 -11.91
CA GLY K 296 38.74 -16.16 -11.65
C GLY K 296 37.99 -15.53 -10.49
N LEU K 297 36.70 -15.15 -10.68
CA LEU K 297 36.03 -14.33 -9.66
C LEU K 297 35.74 -15.10 -8.37
N GLU K 298 34.95 -16.18 -8.45
CA GLU K 298 34.58 -17.00 -7.30
C GLU K 298 35.84 -17.64 -6.72
N THR K 299 36.79 -17.91 -7.64
CA THR K 299 38.08 -18.50 -7.27
C THR K 299 38.91 -17.58 -6.38
N ARG K 300 38.69 -16.24 -6.41
CA ARG K 300 39.27 -15.30 -5.46
C ARG K 300 40.79 -15.45 -5.34
N TYR K 301 41.45 -15.61 -6.52
CA TYR K 301 42.90 -15.78 -6.63
C TYR K 301 43.63 -14.53 -6.14
N PRO K 302 44.90 -14.61 -5.66
CA PRO K 302 45.54 -13.46 -5.00
C PRO K 302 45.67 -12.28 -5.94
N ALA K 303 45.32 -12.50 -7.21
CA ALA K 303 45.62 -11.51 -8.25
C ALA K 303 44.52 -10.44 -8.37
N LEU K 304 43.40 -10.57 -7.64
CA LEU K 304 42.28 -9.65 -7.75
C LEU K 304 42.71 -8.20 -7.51
N ALA K 305 43.53 -8.04 -6.47
CA ALA K 305 44.00 -6.72 -6.09
C ALA K 305 44.87 -6.11 -7.18
N LEU K 306 45.47 -6.95 -8.06
CA LEU K 306 46.38 -6.43 -9.09
C LEU K 306 45.69 -5.24 -9.75
N ASN K 307 46.40 -4.11 -9.73
CA ASN K 307 45.81 -2.84 -10.14
C ASN K 307 45.24 -2.96 -11.55
N GLU K 308 45.99 -3.63 -12.46
CA GLU K 308 45.58 -3.77 -13.86
C GLU K 308 44.08 -4.09 -13.97
N PHE K 309 43.53 -4.87 -13.02
CA PHE K 309 42.20 -5.40 -13.24
C PHE K 309 41.11 -4.57 -12.56
N GLN K 310 41.49 -3.53 -11.79
CA GLN K 310 40.55 -2.93 -10.81
C GLN K 310 39.28 -2.41 -11.50
N SER K 311 39.49 -1.72 -12.63
CA SER K 311 38.39 -1.21 -13.45
C SER K 311 37.60 -2.38 -14.04
N ASP K 312 38.34 -3.39 -14.53
CA ASP K 312 37.70 -4.62 -14.99
C ASP K 312 36.71 -5.12 -13.93
N LEU K 313 37.19 -5.25 -12.67
CA LEU K 313 36.35 -5.68 -11.55
C LEU K 313 35.14 -4.75 -11.39
N ASN K 314 35.36 -3.42 -11.42
CA ASN K 314 34.31 -2.41 -11.39
C ASN K 314 33.29 -2.63 -12.51
N THR K 315 33.81 -3.03 -13.69
CA THR K 315 33.02 -3.36 -14.86
C THR K 315 32.10 -4.53 -14.53
N ILE K 316 32.70 -5.63 -14.06
CA ILE K 316 31.97 -6.86 -13.84
C ILE K 316 30.89 -6.59 -12.80
N LYS K 317 31.19 -5.84 -11.73
CA LYS K 317 30.22 -5.49 -10.70
C LYS K 317 29.02 -4.84 -11.34
N SER K 318 29.23 -3.84 -12.20
CA SER K 318 28.17 -3.15 -12.94
C SER K 318 27.33 -4.14 -13.74
N LEU K 319 28.03 -5.12 -14.39
CA LEU K 319 27.45 -6.22 -15.16
C LEU K 319 26.48 -7.07 -14.31
N MET K 320 26.97 -7.50 -13.14
CA MET K 320 26.25 -8.41 -12.26
C MET K 320 24.95 -7.75 -11.78
N LEU K 321 25.06 -6.49 -11.32
CA LEU K 321 23.91 -5.72 -10.86
C LEU K 321 22.96 -5.47 -12.04
N LEU K 322 23.52 -5.24 -13.24
CA LEU K 322 22.71 -5.07 -14.45
C LEU K 322 21.89 -6.33 -14.74
N TYR K 323 22.56 -7.50 -14.67
CA TYR K 323 21.98 -8.81 -14.96
C TYR K 323 20.75 -9.04 -14.10
N ARG K 324 20.91 -8.74 -12.80
CA ARG K 324 19.86 -8.79 -11.79
C ARG K 324 18.65 -7.97 -12.25
N GLU K 325 18.93 -6.75 -12.73
CA GLU K 325 17.91 -5.77 -13.08
C GLU K 325 17.13 -6.22 -14.32
N ILE K 326 17.79 -6.95 -15.24
CA ILE K 326 17.10 -7.44 -16.44
C ILE K 326 16.08 -8.52 -16.09
N GLY K 327 16.34 -9.35 -15.05
CA GLY K 327 15.24 -10.08 -14.39
C GLY K 327 14.69 -11.28 -15.18
N PRO K 328 13.36 -11.49 -15.32
CA PRO K 328 12.73 -12.57 -16.07
C PRO K 328 13.37 -13.26 -17.28
N ARG K 329 13.98 -12.54 -18.21
CA ARG K 329 14.53 -13.22 -19.37
C ARG K 329 15.90 -13.88 -19.08
N ALA K 330 16.51 -13.65 -17.88
CA ALA K 330 17.96 -13.70 -17.62
C ALA K 330 18.65 -14.97 -18.05
N PRO K 331 18.08 -16.15 -17.70
CA PRO K 331 18.75 -17.40 -18.01
C PRO K 331 18.78 -17.75 -19.49
N TYR K 332 18.12 -16.95 -20.34
CA TYR K 332 18.06 -17.26 -21.76
C TYR K 332 18.23 -16.02 -22.66
N MET K 333 19.01 -15.03 -22.23
CA MET K 333 19.13 -13.74 -22.93
C MET K 333 19.61 -13.91 -24.37
N VAL K 334 20.60 -14.82 -24.53
CA VAL K 334 21.29 -15.05 -25.79
C VAL K 334 20.31 -15.65 -26.80
N LEU K 335 19.52 -16.64 -26.34
CA LEU K 335 18.55 -17.30 -27.21
C LEU K 335 17.46 -16.32 -27.62
N LEU K 336 17.15 -15.34 -26.74
CA LEU K 336 16.13 -14.34 -27.01
C LEU K 336 16.69 -13.22 -27.89
N GLU K 337 18.01 -13.23 -28.21
CA GLU K 337 18.66 -12.14 -28.97
C GLU K 337 18.49 -10.83 -28.21
N GLU K 338 18.28 -10.87 -26.88
CA GLU K 338 17.96 -9.64 -26.15
C GLU K 338 19.17 -8.72 -26.06
N SER K 339 19.02 -7.49 -26.56
CA SER K 339 20.09 -6.53 -26.80
C SER K 339 21.08 -6.38 -25.67
N ILE K 340 20.52 -6.22 -24.47
CA ILE K 340 21.29 -5.88 -23.29
C ILE K 340 22.36 -6.94 -23.10
N GLN K 341 22.04 -8.11 -23.68
CA GLN K 341 22.95 -9.25 -23.64
C GLN K 341 24.31 -8.88 -24.21
N THR K 342 24.31 -8.02 -25.24
CA THR K 342 25.54 -7.65 -25.94
C THR K 342 26.54 -7.04 -24.94
N LYS K 343 25.99 -6.25 -24.01
CA LYS K 343 26.82 -5.53 -23.06
C LYS K 343 27.50 -6.52 -22.13
N PHE K 344 26.75 -7.57 -21.77
CA PHE K 344 27.16 -8.63 -20.87
C PHE K 344 28.19 -9.53 -21.56
N ALA K 345 28.21 -9.56 -22.92
CA ALA K 345 29.10 -10.45 -23.67
C ALA K 345 30.56 -10.23 -23.28
N PRO K 346 31.35 -11.33 -23.16
CA PRO K 346 32.60 -11.37 -22.41
C PRO K 346 33.72 -10.47 -22.92
N GLY K 347 33.68 -10.04 -24.22
CA GLY K 347 34.61 -9.10 -24.87
C GLY K 347 34.65 -7.77 -24.11
N GLY K 348 33.65 -7.56 -23.26
CA GLY K 348 33.34 -6.29 -22.63
C GLY K 348 34.21 -5.97 -21.43
N TYR K 349 34.81 -7.01 -20.81
CA TYR K 349 35.66 -6.98 -19.61
C TYR K 349 37.02 -7.69 -19.79
N PRO K 350 37.92 -7.17 -20.68
CA PRO K 350 38.83 -8.01 -21.48
C PRO K 350 39.97 -8.62 -20.66
N LEU K 351 40.41 -7.79 -19.72
CA LEU K 351 41.57 -8.10 -18.89
C LEU K 351 41.19 -9.23 -17.95
N LEU K 352 40.07 -9.02 -17.22
CA LEU K 352 39.49 -9.99 -16.29
C LEU K 352 39.17 -11.29 -17.02
N TRP K 353 38.55 -11.19 -18.21
CA TRP K 353 38.15 -12.36 -19.00
C TRP K 353 39.38 -13.16 -19.43
N SER K 354 40.40 -12.48 -20.00
CA SER K 354 41.59 -13.17 -20.47
C SER K 354 42.26 -13.94 -19.33
N PHE K 355 42.17 -13.33 -18.12
CA PHE K 355 42.70 -13.97 -16.92
C PHE K 355 41.74 -15.06 -16.37
N ALA K 356 40.39 -14.87 -16.43
CA ALA K 356 39.41 -15.88 -16.00
C ALA K 356 39.55 -17.14 -16.84
N MET K 357 39.82 -17.00 -18.17
CA MET K 357 40.09 -18.16 -19.02
C MET K 357 41.42 -18.84 -18.64
N GLY K 358 42.48 -18.03 -18.60
CA GLY K 358 43.80 -18.55 -18.29
C GLY K 358 43.79 -19.45 -17.04
N VAL K 359 43.09 -19.00 -15.98
CA VAL K 359 42.84 -19.78 -14.77
C VAL K 359 41.98 -21.00 -15.10
N ALA K 360 40.81 -20.80 -15.71
CA ALA K 360 39.81 -21.84 -15.93
C ALA K 360 40.41 -23.05 -16.65
N THR K 361 41.10 -22.78 -17.79
CA THR K 361 41.77 -23.77 -18.63
C THR K 361 42.79 -24.60 -17.84
N THR K 362 43.42 -23.94 -16.87
CA THR K 362 44.47 -24.55 -16.08
C THR K 362 43.91 -25.44 -14.96
N ILE K 363 42.81 -25.01 -14.36
CA ILE K 363 42.35 -25.54 -13.08
C ILE K 363 41.25 -26.58 -13.27
N ASP K 364 40.41 -26.43 -14.30
CA ASP K 364 39.21 -27.27 -14.40
C ASP K 364 39.24 -28.17 -15.64
N ARG K 365 39.42 -29.51 -15.46
CA ARG K 365 39.86 -30.48 -16.47
C ARG K 365 38.89 -30.58 -17.65
N SER K 366 37.61 -30.39 -17.33
CA SER K 366 36.55 -30.52 -18.31
C SER K 366 36.40 -29.26 -19.16
N MET K 367 36.76 -28.10 -18.59
CA MET K 367 36.65 -26.84 -19.30
C MET K 367 37.79 -26.76 -20.33
N GLY K 368 37.76 -25.72 -21.18
CA GLY K 368 38.93 -25.47 -22.00
C GLY K 368 38.84 -26.23 -23.32
N ALA K 369 37.92 -27.24 -23.31
CA ALA K 369 37.42 -27.84 -24.55
C ALA K 369 36.57 -26.86 -25.35
N LEU K 370 36.08 -25.76 -24.72
CA LEU K 370 35.49 -24.61 -25.40
C LEU K 370 36.56 -23.82 -26.16
N ASN K 371 36.31 -23.59 -27.47
CA ASN K 371 37.10 -22.72 -28.34
C ASN K 371 36.99 -21.27 -27.87
N ILE K 372 38.09 -20.70 -27.37
CA ILE K 372 38.11 -19.32 -26.88
C ILE K 372 39.08 -18.47 -27.69
N ASN K 373 39.30 -18.86 -28.95
CA ASN K 373 40.13 -18.10 -29.86
C ASN K 373 39.33 -16.87 -30.32
N ARG K 374 39.19 -15.83 -29.45
CA ARG K 374 38.39 -14.61 -29.63
C ARG K 374 39.28 -13.40 -29.39
N GLY K 375 38.82 -12.27 -29.93
CA GLY K 375 39.68 -11.10 -30.09
C GLY K 375 40.03 -10.40 -28.78
N TYR K 376 39.20 -10.67 -27.75
CA TYR K 376 39.27 -10.09 -26.42
C TYR K 376 40.38 -10.72 -25.55
N LEU K 377 40.86 -11.90 -25.95
CA LEU K 377 41.83 -12.60 -25.11
C LEU K 377 43.20 -11.96 -25.31
N GLU K 378 43.85 -11.52 -24.22
CA GLU K 378 45.13 -10.85 -24.29
C GLU K 378 46.19 -11.79 -23.74
N PRO K 379 47.09 -12.33 -24.60
CA PRO K 379 48.07 -13.35 -24.23
C PRO K 379 48.79 -13.17 -22.90
N MET K 380 49.27 -11.94 -22.68
CA MET K 380 50.02 -11.59 -21.48
C MET K 380 49.15 -11.80 -20.23
N TYR K 381 47.91 -11.31 -20.29
CA TYR K 381 46.97 -11.43 -19.17
C TYR K 381 46.49 -12.88 -19.04
N PHE K 382 46.31 -13.58 -20.19
CA PHE K 382 45.93 -14.99 -20.20
C PHE K 382 47.05 -15.84 -19.60
N ARG K 383 48.30 -15.53 -20.03
CA ARG K 383 49.48 -16.22 -19.54
C ARG K 383 49.56 -15.95 -18.03
N LEU K 384 49.20 -14.71 -17.61
CA LEU K 384 49.17 -14.41 -16.17
C LEU K 384 48.15 -15.30 -15.47
N GLY K 385 46.97 -15.50 -16.08
CA GLY K 385 45.94 -16.41 -15.57
C GLY K 385 46.45 -17.84 -15.40
N GLN K 386 47.05 -18.38 -16.49
CA GLN K 386 47.73 -19.68 -16.53
C GLN K 386 48.80 -19.79 -15.44
N LYS K 387 49.84 -18.96 -15.55
CA LYS K 387 50.97 -19.11 -14.64
C LYS K 387 50.50 -18.81 -13.21
N SER K 388 49.73 -17.71 -13.04
CA SER K 388 49.31 -17.27 -11.71
C SER K 388 48.53 -18.39 -11.02
N ALA K 389 47.68 -19.07 -11.81
CA ALA K 389 46.97 -20.22 -11.28
C ALA K 389 47.91 -21.41 -11.19
N ARG K 390 48.57 -21.81 -12.28
CA ARG K 390 49.34 -23.06 -12.33
C ARG K 390 50.57 -23.03 -11.42
N HIS K 391 51.40 -21.97 -11.56
CA HIS K 391 52.59 -21.80 -10.72
C HIS K 391 52.16 -21.52 -9.29
N HIS K 392 50.91 -20.99 -9.17
CA HIS K 392 50.32 -20.79 -7.86
C HIS K 392 50.07 -22.18 -7.26
N ALA K 393 50.22 -23.25 -8.08
CA ALA K 393 49.87 -24.59 -7.62
C ALA K 393 48.34 -24.64 -7.49
N GLY K 394 47.63 -24.10 -8.50
CA GLY K 394 46.17 -24.16 -8.58
C GLY K 394 45.45 -23.26 -7.58
N GLY K 395 45.66 -21.93 -7.69
CA GLY K 395 45.10 -20.84 -6.92
C GLY K 395 45.70 -20.74 -5.50
N ILE K 396 46.81 -21.47 -5.26
CA ILE K 396 47.55 -21.42 -4.00
C ILE K 396 48.18 -20.03 -3.84
N ASP K 397 48.10 -19.18 -4.90
CA ASP K 397 48.66 -17.81 -4.83
C ASP K 397 48.04 -17.06 -3.64
N GLN K 398 46.69 -17.10 -3.51
CA GLN K 398 46.02 -16.58 -2.34
C GLN K 398 44.88 -17.50 -1.96
N ASN K 399 44.95 -18.12 -0.75
CA ASN K 399 43.84 -18.87 -0.16
C ASN K 399 43.09 -17.92 0.77
N MET K 400 41.74 -17.99 0.78
CA MET K 400 40.89 -17.12 1.58
C MET K 400 40.51 -17.80 2.91
N ALA K 401 40.73 -19.12 2.96
CA ALA K 401 40.24 -19.94 4.05
C ALA K 401 41.17 -19.83 5.26
N ASN K 402 40.64 -19.22 6.35
CA ASN K 402 41.23 -19.32 7.68
C ASN K 402 40.21 -19.71 8.74
N ARG K 403 40.75 -20.07 9.90
CA ARG K 403 39.94 -20.48 11.05
C ARG K 403 39.58 -21.96 10.97
N LEU K 404 39.81 -22.60 9.81
CA LEU K 404 39.72 -24.06 9.73
C LEU K 404 40.70 -24.64 10.75
N GLY K 405 41.81 -23.91 10.96
CA GLY K 405 42.88 -24.24 11.88
C GLY K 405 44.27 -23.79 11.35
N LEU K 406 45.32 -24.31 11.99
CA LEU K 406 46.71 -23.99 11.63
C LEU K 406 47.05 -24.52 10.22
N SER K 407 47.74 -23.67 9.43
CA SER K 407 48.17 -23.95 8.06
C SER K 407 49.14 -25.14 7.92
N SER K 408 48.86 -26.05 6.98
CA SER K 408 49.71 -27.19 6.71
C SER K 408 50.66 -26.80 5.58
N ASP K 409 51.93 -26.56 5.97
CA ASP K 409 53.03 -26.31 5.04
C ASP K 409 53.15 -27.52 4.09
N GLN K 410 53.07 -28.73 4.68
CA GLN K 410 53.13 -30.01 3.98
C GLN K 410 52.07 -30.07 2.87
N VAL K 411 50.83 -29.72 3.25
CA VAL K 411 49.68 -29.73 2.35
C VAL K 411 49.91 -28.75 1.20
N ALA K 412 50.45 -27.54 1.54
CA ALA K 412 50.74 -26.52 0.54
C ALA K 412 51.77 -27.07 -0.48
N GLU K 413 52.82 -27.75 0.03
CA GLU K 413 53.85 -28.33 -0.83
C GLU K 413 53.25 -29.41 -1.74
N LEU K 414 52.32 -30.24 -1.19
CA LEU K 414 51.66 -31.29 -1.97
C LEU K 414 50.86 -30.65 -3.11
N ALA K 415 50.18 -29.51 -2.82
CA ALA K 415 49.41 -28.81 -3.86
C ALA K 415 50.32 -28.18 -4.92
N ILE L 26 31.67 -6.06 -2.16
CA ILE L 26 32.72 -6.24 -3.24
C ILE L 26 32.72 -7.65 -3.86
N PHE L 27 33.42 -8.59 -3.19
CA PHE L 27 33.40 -10.04 -3.48
C PHE L 27 32.04 -10.62 -3.07
N GLU L 28 31.49 -10.05 -1.99
CA GLU L 28 30.22 -10.37 -1.36
C GLU L 28 29.07 -10.23 -2.36
N GLU L 29 29.19 -9.29 -3.31
CA GLU L 29 28.16 -9.03 -4.32
C GLU L 29 28.01 -10.26 -5.22
N ALA L 30 29.16 -10.82 -5.65
CA ALA L 30 29.25 -11.99 -6.50
C ALA L 30 28.57 -13.22 -5.89
N ALA L 31 28.91 -13.52 -4.62
CA ALA L 31 28.32 -14.61 -3.85
C ALA L 31 26.79 -14.44 -3.77
N SER L 32 26.33 -13.20 -3.48
CA SER L 32 24.91 -12.87 -3.39
C SER L 32 24.22 -13.05 -4.76
N PHE L 33 24.98 -12.74 -5.82
CA PHE L 33 24.49 -12.81 -7.19
C PHE L 33 24.31 -14.27 -7.62
N ARG L 34 25.27 -15.15 -7.30
CA ARG L 34 25.17 -16.59 -7.54
C ARG L 34 23.89 -17.11 -6.89
N SER L 35 23.63 -16.66 -5.65
CA SER L 35 22.44 -17.08 -4.92
C SER L 35 21.19 -16.55 -5.61
N TYR L 36 21.27 -15.30 -6.12
CA TYR L 36 20.13 -14.66 -6.78
C TYR L 36 19.74 -15.49 -8.01
N GLN L 37 20.75 -15.82 -8.85
CA GLN L 37 20.54 -16.61 -10.06
C GLN L 37 19.84 -17.93 -9.72
N SER L 38 20.27 -18.58 -8.64
CA SER L 38 19.79 -19.91 -8.25
C SER L 38 18.31 -19.89 -7.84
N LYS L 39 17.89 -18.76 -7.26
CA LYS L 39 16.52 -18.62 -6.76
C LYS L 39 15.64 -17.82 -7.73
N LEU L 40 16.23 -17.19 -8.77
CA LEU L 40 15.48 -16.45 -9.78
C LEU L 40 14.53 -17.39 -10.51
N GLY L 41 13.24 -17.02 -10.58
CA GLY L 41 12.33 -17.79 -11.40
C GLY L 41 11.81 -19.03 -10.69
N ARG L 42 12.32 -19.32 -9.48
CA ARG L 42 11.72 -20.31 -8.60
C ARG L 42 10.32 -19.88 -8.16
N ASP L 43 10.10 -18.56 -8.02
CA ASP L 43 8.90 -17.91 -7.52
C ASP L 43 7.77 -17.90 -8.56
N GLY L 44 6.58 -17.53 -8.10
CA GLY L 44 5.42 -17.41 -8.97
C GLY L 44 4.62 -18.72 -9.06
N ARG L 45 3.46 -18.66 -9.75
CA ARG L 45 2.57 -19.80 -10.02
C ARG L 45 2.35 -20.01 -11.52
N ALA L 46 2.59 -21.25 -12.00
CA ALA L 46 2.71 -21.58 -13.42
C ALA L 46 1.33 -21.54 -14.11
N SER L 47 1.31 -20.96 -15.32
CA SER L 47 0.10 -20.79 -16.15
C SER L 47 -0.51 -22.12 -16.59
N ALA L 48 -1.86 -22.21 -16.55
CA ALA L 48 -2.60 -23.46 -16.55
C ALA L 48 -2.48 -24.20 -17.88
N ALA L 49 -2.11 -23.44 -18.92
CA ALA L 49 -1.87 -23.96 -20.25
C ALA L 49 -0.81 -25.06 -20.27
N THR L 50 0.12 -25.07 -19.28
CA THR L 50 1.22 -26.05 -19.12
C THR L 50 0.74 -27.45 -18.70
N ALA L 51 -0.54 -27.57 -18.25
CA ALA L 51 -1.17 -28.84 -17.89
C ALA L 51 -1.12 -29.87 -19.04
N THR L 52 -0.46 -31.03 -18.84
CA THR L 52 -0.21 -32.03 -19.87
C THR L 52 -1.45 -32.95 -20.02
N LEU L 53 -1.72 -33.53 -21.21
CA LEU L 53 -2.93 -34.29 -21.56
C LEU L 53 -3.18 -35.47 -20.59
N THR L 54 -4.26 -35.44 -19.77
CA THR L 54 -4.52 -36.36 -18.65
C THR L 54 -4.99 -37.71 -19.19
N THR L 55 -4.35 -38.75 -18.64
CA THR L 55 -4.58 -40.13 -19.02
C THR L 55 -5.60 -40.77 -18.07
N LYS L 56 -6.67 -41.36 -18.63
CA LYS L 56 -7.68 -42.10 -17.88
C LYS L 56 -7.22 -43.53 -17.55
N ILE L 57 -7.15 -43.86 -16.23
CA ILE L 57 -6.61 -45.11 -15.69
C ILE L 57 -7.64 -45.76 -14.77
N ARG L 58 -7.94 -47.06 -14.98
CA ARG L 58 -8.96 -47.79 -14.24
C ARG L 58 -8.29 -48.46 -13.04
N ILE L 59 -8.76 -48.18 -11.80
CA ILE L 59 -8.32 -48.82 -10.57
C ILE L 59 -9.49 -49.63 -10.02
N PHE L 60 -9.45 -50.98 -10.08
CA PHE L 60 -10.32 -51.84 -9.28
C PHE L 60 -9.85 -51.81 -7.81
N VAL L 61 -10.75 -51.60 -6.83
CA VAL L 61 -10.31 -51.37 -5.46
C VAL L 61 -11.24 -52.14 -4.51
N PRO L 62 -10.76 -52.55 -3.29
CA PRO L 62 -11.48 -53.46 -2.36
C PRO L 62 -12.86 -52.91 -1.97
N ALA L 63 -13.95 -53.62 -2.28
CA ALA L 63 -15.34 -53.13 -2.22
C ALA L 63 -15.90 -53.09 -0.80
N THR L 64 -15.45 -54.03 0.04
CA THR L 64 -16.04 -54.35 1.34
C THR L 64 -14.96 -54.93 2.27
N ASN L 65 -15.27 -55.00 3.57
CA ASN L 65 -14.32 -55.48 4.57
C ASN L 65 -14.44 -56.99 4.82
N SER L 66 -14.29 -57.81 3.77
CA SER L 66 -14.39 -59.28 3.87
C SER L 66 -13.14 -59.95 3.34
N PRO L 67 -12.46 -60.81 4.13
CA PRO L 67 -11.18 -61.41 3.71
C PRO L 67 -11.25 -62.31 2.47
N GLU L 68 -12.42 -62.94 2.23
CA GLU L 68 -12.73 -63.76 1.05
C GLU L 68 -12.50 -62.98 -0.24
N LEU L 69 -13.07 -61.77 -0.33
CA LEU L 69 -12.92 -60.88 -1.49
C LEU L 69 -11.48 -60.37 -1.57
N ARG L 70 -10.94 -59.92 -0.44
CA ARG L 70 -9.64 -59.26 -0.34
C ARG L 70 -8.49 -60.18 -0.80
N TRP L 71 -8.46 -61.47 -0.38
CA TRP L 71 -7.45 -62.48 -0.79
C TRP L 71 -7.51 -62.71 -2.31
N GLU L 72 -8.76 -62.98 -2.77
CA GLU L 72 -8.99 -63.28 -4.18
C GLU L 72 -8.59 -62.09 -5.10
N LEU L 73 -8.96 -60.89 -4.67
CA LEU L 73 -8.65 -59.67 -5.42
C LEU L 73 -7.14 -59.43 -5.41
N THR L 74 -6.42 -59.77 -4.34
CA THR L 74 -4.96 -59.67 -4.32
C THR L 74 -4.36 -60.63 -5.34
N LEU L 75 -4.85 -61.87 -5.39
CA LEU L 75 -4.40 -62.86 -6.37
C LEU L 75 -4.65 -62.33 -7.80
N PHE L 76 -5.87 -61.84 -8.09
CA PHE L 76 -6.25 -61.17 -9.35
C PHE L 76 -5.24 -60.08 -9.72
N ALA L 77 -4.94 -59.17 -8.79
CA ALA L 77 -4.05 -58.05 -9.03
C ALA L 77 -2.61 -58.49 -9.28
N LEU L 78 -2.10 -59.48 -8.52
CA LEU L 78 -0.76 -60.04 -8.75
C LEU L 78 -0.73 -60.55 -10.20
N ASP L 79 -1.81 -61.23 -10.63
CA ASP L 79 -1.89 -61.82 -11.97
C ASP L 79 -2.04 -60.75 -13.06
N VAL L 80 -2.80 -59.66 -12.84
CA VAL L 80 -2.90 -58.52 -13.77
C VAL L 80 -1.50 -58.00 -14.11
N ILE L 81 -0.65 -57.86 -13.07
CA ILE L 81 0.73 -57.37 -13.24
C ILE L 81 1.61 -58.44 -13.91
N ARG L 82 1.31 -59.72 -13.68
CA ARG L 82 2.03 -60.84 -14.28
C ARG L 82 1.65 -61.05 -15.76
N SER L 83 0.51 -60.51 -16.21
CA SER L 83 -0.11 -60.81 -17.52
C SER L 83 0.67 -60.22 -18.71
N PRO L 84 0.87 -61.01 -19.79
CA PRO L 84 1.80 -60.62 -20.86
C PRO L 84 1.09 -59.77 -21.91
N SER L 85 -0.25 -59.89 -21.92
CA SER L 85 -1.08 -59.30 -22.96
C SER L 85 -1.78 -58.01 -22.54
N ALA L 86 -1.82 -57.75 -21.24
CA ALA L 86 -2.44 -56.55 -20.68
C ALA L 86 -1.63 -55.28 -20.99
N ALA L 87 -2.39 -54.22 -21.32
CA ALA L 87 -1.91 -52.86 -21.56
C ALA L 87 -1.36 -52.19 -20.29
N GLU L 88 -0.40 -51.27 -20.50
CA GLU L 88 0.27 -50.51 -19.45
C GLU L 88 -0.71 -49.72 -18.60
N SER L 89 -1.77 -49.22 -19.26
CA SER L 89 -2.85 -48.50 -18.60
C SER L 89 -3.53 -49.34 -17.52
N MET L 90 -3.78 -50.63 -17.84
CA MET L 90 -4.34 -51.59 -16.91
C MET L 90 -3.33 -51.94 -15.81
N LYS L 91 -2.05 -52.14 -16.20
CA LYS L 91 -0.98 -52.57 -15.31
C LYS L 91 -0.74 -51.53 -14.19
N VAL L 92 -0.68 -50.23 -14.52
CA VAL L 92 -0.54 -49.15 -13.52
C VAL L 92 -1.70 -49.19 -12.53
N GLY L 93 -2.90 -49.32 -13.06
CA GLY L 93 -4.10 -49.37 -12.25
C GLY L 93 -4.12 -50.57 -11.29
N ALA L 94 -3.66 -51.70 -11.80
CA ALA L 94 -3.42 -52.90 -11.00
C ALA L 94 -2.42 -52.63 -9.88
N ALA L 95 -1.27 -52.02 -10.19
CA ALA L 95 -0.27 -51.71 -9.19
C ALA L 95 -0.82 -50.81 -8.08
N PHE L 96 -1.67 -49.84 -8.44
CA PHE L 96 -2.39 -49.01 -7.50
C PHE L 96 -3.36 -49.81 -6.62
N THR L 97 -4.05 -50.83 -7.17
CA THR L 97 -4.87 -51.74 -6.37
C THR L 97 -4.01 -52.46 -5.35
N LEU L 98 -2.88 -53.01 -5.86
CA LEU L 98 -1.96 -53.83 -5.06
C LEU L 98 -1.47 -53.05 -3.85
N ILE L 99 -1.04 -51.77 -4.02
CA ILE L 99 -0.46 -50.96 -2.93
C ILE L 99 -1.45 -50.02 -2.26
N SER L 100 -2.77 -50.30 -2.39
CA SER L 100 -3.85 -49.67 -1.62
C SER L 100 -4.58 -50.65 -0.69
N MET L 101 -4.23 -51.96 -0.74
CA MET L 101 -4.60 -53.05 0.18
C MET L 101 -4.47 -52.68 1.67
N TYR L 102 -3.59 -51.73 2.06
CA TYR L 102 -3.46 -51.20 3.42
C TYR L 102 -4.80 -50.75 4.01
N SER L 103 -5.61 -50.04 3.23
CA SER L 103 -6.67 -49.18 3.75
C SER L 103 -7.91 -49.94 4.16
N GLU L 104 -8.56 -49.43 5.20
CA GLU L 104 -9.91 -49.81 5.59
C GLU L 104 -10.91 -49.55 4.46
N ARG L 105 -10.67 -48.50 3.68
CA ARG L 105 -11.50 -48.13 2.54
C ARG L 105 -10.60 -47.84 1.33
N PRO L 106 -10.22 -48.89 0.56
CA PRO L 106 -9.25 -48.75 -0.54
C PRO L 106 -9.46 -47.58 -1.51
N GLY L 107 -10.73 -47.29 -1.85
CA GLY L 107 -11.12 -46.16 -2.72
C GLY L 107 -10.75 -44.80 -2.13
N ALA L 108 -11.02 -44.67 -0.83
CA ALA L 108 -10.72 -43.45 -0.10
C ALA L 108 -9.21 -43.22 -0.04
N LEU L 109 -8.42 -44.27 0.22
CA LEU L 109 -6.96 -44.20 0.28
C LEU L 109 -6.38 -43.66 -1.02
N ILE L 110 -6.79 -44.24 -2.18
CA ILE L 110 -6.35 -43.74 -3.48
C ILE L 110 -6.76 -42.27 -3.66
N ARG L 111 -8.08 -41.98 -3.57
CA ARG L 111 -8.62 -40.64 -3.86
C ARG L 111 -7.95 -39.54 -3.02
N SER L 112 -7.68 -39.84 -1.74
CA SER L 112 -7.21 -38.87 -0.76
C SER L 112 -5.69 -38.63 -0.78
N LEU L 113 -4.91 -39.62 -1.21
CA LEU L 113 -3.47 -39.43 -1.27
C LEU L 113 -3.02 -39.02 -2.68
N LEU L 114 -3.81 -39.40 -3.69
CA LEU L 114 -3.32 -39.38 -5.07
C LEU L 114 -3.43 -37.95 -5.59
N ASN L 115 -2.28 -37.32 -5.93
CA ASN L 115 -2.25 -35.92 -6.31
C ASN L 115 -1.19 -35.64 -7.38
N ASP L 116 -1.34 -36.27 -8.58
CA ASP L 116 -0.38 -36.23 -9.67
C ASP L 116 -1.11 -36.09 -11.00
N PRO L 117 -0.79 -35.01 -11.78
CA PRO L 117 -1.68 -34.41 -12.78
C PRO L 117 -1.82 -35.19 -14.09
N ASP L 118 -0.83 -36.04 -14.36
CA ASP L 118 -0.74 -36.72 -15.65
C ASP L 118 -1.83 -37.79 -15.81
N ILE L 119 -2.28 -38.33 -14.66
CA ILE L 119 -3.24 -39.44 -14.51
C ILE L 119 -4.54 -38.98 -13.84
N GLU L 120 -5.72 -39.30 -14.48
CA GLU L 120 -7.09 -39.12 -13.95
C GLU L 120 -7.71 -40.50 -13.71
N ALA L 121 -7.97 -40.78 -12.41
CA ALA L 121 -8.35 -42.11 -11.96
C ALA L 121 -9.86 -42.32 -12.06
N VAL L 122 -10.29 -43.47 -12.61
CA VAL L 122 -11.62 -43.97 -12.38
C VAL L 122 -11.50 -45.15 -11.41
N ILE L 123 -12.10 -45.04 -10.21
CA ILE L 123 -12.13 -46.04 -9.15
C ILE L 123 -13.36 -46.93 -9.37
N ILE L 124 -13.18 -48.12 -9.93
CA ILE L 124 -14.26 -49.10 -10.04
C ILE L 124 -14.25 -49.87 -8.72
N ASP L 125 -15.18 -49.53 -7.82
CA ASP L 125 -15.25 -50.19 -6.51
C ASP L 125 -15.64 -51.65 -6.75
N VAL L 126 -14.76 -52.58 -6.39
CA VAL L 126 -14.93 -54.00 -6.69
C VAL L 126 -16.27 -54.52 -6.16
N GLY L 127 -17.17 -55.05 -7.02
CA GLY L 127 -18.49 -55.50 -6.59
C GLY L 127 -18.48 -56.95 -6.10
N SER L 128 -17.67 -57.28 -5.09
CA SER L 128 -17.53 -58.67 -4.64
C SER L 128 -16.64 -59.51 -5.58
N MET L 129 -16.95 -59.45 -6.89
CA MET L 129 -16.16 -59.97 -7.99
C MET L 129 -15.85 -61.45 -7.75
N VAL L 130 -16.87 -62.18 -7.26
CA VAL L 130 -16.74 -63.60 -6.98
C VAL L 130 -17.01 -64.35 -8.28
N ASN L 131 -17.03 -63.59 -9.38
CA ASN L 131 -17.42 -64.01 -10.73
C ASN L 131 -16.34 -64.84 -11.45
N GLY L 132 -15.13 -64.88 -10.88
CA GLY L 132 -14.08 -65.62 -11.53
C GLY L 132 -12.77 -64.92 -11.25
N ILE L 133 -11.85 -65.01 -12.21
CA ILE L 133 -10.53 -64.39 -12.07
C ILE L 133 -10.60 -62.85 -12.09
N PRO L 134 -11.35 -62.23 -13.03
CA PRO L 134 -11.39 -60.75 -13.15
C PRO L 134 -12.38 -60.12 -12.19
N VAL L 135 -12.60 -58.80 -12.35
CA VAL L 135 -13.69 -58.10 -11.71
C VAL L 135 -15.06 -58.60 -12.22
N MET L 136 -16.13 -58.39 -11.41
CA MET L 136 -17.52 -58.52 -11.83
C MET L 136 -17.98 -57.25 -12.55
N GLU L 137 -18.78 -57.43 -13.62
CA GLU L 137 -19.29 -56.33 -14.45
C GLU L 137 -20.25 -55.41 -13.68
N ARG L 138 -19.81 -54.13 -13.56
CA ARG L 138 -20.27 -53.10 -12.64
C ARG L 138 -21.79 -53.00 -12.44
N ARG L 139 -22.52 -53.01 -13.54
CA ARG L 139 -23.99 -52.94 -13.51
C ARG L 139 -24.59 -53.89 -14.54
N GLY L 140 -23.85 -54.95 -14.91
CA GLY L 140 -24.13 -55.68 -16.15
C GLY L 140 -23.39 -54.95 -17.29
N ASP L 141 -22.41 -55.61 -17.96
CA ASP L 141 -21.53 -54.87 -18.86
C ASP L 141 -22.27 -54.61 -20.18
N LYS L 142 -22.07 -53.40 -20.78
CA LYS L 142 -22.50 -53.13 -22.14
C LYS L 142 -21.89 -54.17 -23.09
N ALA L 143 -20.59 -54.41 -22.90
CA ALA L 143 -19.92 -55.49 -23.60
C ALA L 143 -19.31 -56.41 -22.54
N GLN L 144 -19.80 -57.66 -22.41
CA GLN L 144 -19.23 -58.65 -21.49
C GLN L 144 -17.85 -59.09 -21.95
N GLU L 145 -17.40 -58.56 -23.09
CA GLU L 145 -16.05 -58.78 -23.55
C GLU L 145 -15.02 -58.27 -22.53
N GLU L 146 -15.48 -57.52 -21.51
CA GLU L 146 -14.55 -56.94 -20.54
C GLU L 146 -14.13 -58.05 -19.61
N MET L 147 -15.12 -58.82 -19.13
CA MET L 147 -14.88 -60.02 -18.31
C MET L 147 -14.05 -61.06 -19.11
N GLU L 148 -14.28 -61.12 -20.42
CA GLU L 148 -13.58 -62.02 -21.33
C GLU L 148 -12.20 -61.45 -21.70
N GLY L 149 -12.09 -60.10 -21.78
CA GLY L 149 -10.79 -59.44 -21.83
C GLY L 149 -9.94 -59.80 -20.61
N LEU L 150 -10.54 -59.67 -19.41
CA LEU L 150 -9.93 -60.10 -18.15
C LEU L 150 -9.53 -61.59 -18.21
N MET L 151 -10.39 -62.49 -18.69
CA MET L 151 -10.11 -63.91 -18.81
C MET L 151 -8.89 -64.13 -19.68
N ARG L 152 -8.81 -63.44 -20.84
CA ARG L 152 -7.67 -63.52 -21.74
C ARG L 152 -6.38 -63.08 -21.03
N ILE L 153 -6.50 -61.94 -20.31
CA ILE L 153 -5.40 -61.39 -19.54
C ILE L 153 -4.87 -62.46 -18.57
N LEU L 154 -5.75 -63.12 -17.79
CA LEU L 154 -5.43 -64.13 -16.77
C LEU L 154 -4.84 -65.40 -17.38
N LYS L 155 -5.43 -65.87 -18.49
CA LYS L 155 -4.97 -67.05 -19.21
C LYS L 155 -3.52 -66.80 -19.67
N THR L 156 -3.36 -65.68 -20.43
CA THR L 156 -2.06 -65.28 -20.97
C THR L 156 -1.02 -65.17 -19.83
N ALA L 157 -1.44 -64.61 -18.68
CA ALA L 157 -0.58 -64.51 -17.51
C ALA L 157 -0.05 -65.87 -17.07
N ARG L 158 -0.97 -66.85 -16.82
CA ARG L 158 -0.65 -68.21 -16.42
C ARG L 158 0.32 -68.84 -17.42
N ASP L 159 -0.12 -68.81 -18.72
CA ASP L 159 0.54 -69.54 -19.80
C ASP L 159 1.97 -69.02 -20.05
N SER L 160 2.09 -67.69 -20.09
CA SER L 160 3.35 -67.01 -20.40
C SER L 160 4.37 -67.19 -19.27
N SER L 161 3.85 -67.31 -18.04
CA SER L 161 4.69 -67.52 -16.87
C SER L 161 4.94 -69.00 -16.61
N LYS L 162 4.50 -69.89 -17.52
CA LYS L 162 4.80 -71.31 -17.42
C LYS L 162 4.27 -71.86 -16.09
N GLY L 163 3.07 -71.38 -15.68
CA GLY L 163 2.40 -71.93 -14.51
C GLY L 163 2.92 -71.44 -13.15
N LYS L 164 3.92 -70.52 -13.08
CA LYS L 164 4.41 -69.99 -11.80
C LYS L 164 3.37 -69.03 -11.19
N THR L 165 2.77 -69.29 -10.00
CA THR L 165 1.68 -68.46 -9.49
C THR L 165 2.37 -67.37 -8.68
N PRO L 166 1.69 -66.32 -8.11
CA PRO L 166 2.42 -65.22 -7.49
C PRO L 166 3.36 -65.57 -6.33
N PHE L 167 2.91 -66.52 -5.48
CA PHE L 167 3.64 -66.91 -4.27
C PHE L 167 4.67 -68.01 -4.57
N VAL L 168 5.81 -68.07 -3.85
CA VAL L 168 7.00 -68.83 -4.25
C VAL L 168 6.82 -70.31 -3.94
N ASP L 169 6.03 -70.60 -2.89
CA ASP L 169 5.65 -71.95 -2.42
C ASP L 169 4.15 -72.15 -2.62
N SER L 170 3.82 -73.12 -3.49
CA SER L 170 2.68 -73.01 -4.39
C SER L 170 1.33 -73.08 -3.66
N ARG L 171 1.27 -73.77 -2.50
CA ARG L 171 0.09 -73.91 -1.64
C ARG L 171 -0.51 -72.53 -1.35
N ALA L 172 0.39 -71.56 -1.15
CA ALA L 172 0.01 -70.18 -0.87
C ALA L 172 -0.81 -69.58 -2.02
N TYR L 173 -0.43 -69.89 -3.27
CA TYR L 173 -1.10 -69.36 -4.46
C TYR L 173 -2.53 -69.88 -4.54
N GLY L 174 -2.75 -71.11 -4.06
CA GLY L 174 -4.09 -71.71 -4.10
C GLY L 174 -4.99 -71.27 -2.95
N LEU L 175 -4.36 -70.86 -1.83
CA LEU L 175 -5.05 -70.81 -0.55
C LEU L 175 -6.10 -69.70 -0.45
N ARG L 176 -7.41 -70.03 -0.37
CA ARG L 176 -8.47 -69.05 -0.14
C ARG L 176 -8.40 -68.64 1.32
N ILE L 177 -8.49 -67.33 1.59
CA ILE L 177 -8.33 -66.80 2.95
C ILE L 177 -9.69 -66.44 3.55
N THR L 178 -9.90 -66.88 4.82
CA THR L 178 -11.20 -66.98 5.49
C THR L 178 -11.34 -66.07 6.72
N ASP L 179 -10.21 -65.60 7.28
CA ASP L 179 -10.23 -64.71 8.45
C ASP L 179 -9.37 -63.47 8.21
N MET L 180 -9.72 -62.38 8.90
CA MET L 180 -8.93 -61.15 8.93
C MET L 180 -7.46 -61.40 9.33
N SER L 181 -7.17 -62.35 10.26
CA SER L 181 -5.83 -62.62 10.78
C SER L 181 -4.86 -63.03 9.68
N THR L 182 -5.32 -64.02 8.91
CA THR L 182 -4.63 -64.56 7.75
C THR L 182 -4.48 -63.49 6.67
N LEU L 183 -5.57 -62.74 6.43
CA LEU L 183 -5.62 -61.63 5.48
C LEU L 183 -4.49 -60.63 5.74
N VAL L 184 -4.44 -60.05 6.95
CA VAL L 184 -3.45 -59.05 7.32
C VAL L 184 -2.04 -59.62 7.26
N SER L 185 -1.86 -60.89 7.72
CA SER L 185 -0.58 -61.56 7.60
C SER L 185 -0.07 -61.53 6.14
N ALA L 186 -0.99 -61.90 5.23
CA ALA L 186 -0.70 -62.00 3.81
C ALA L 186 -0.52 -60.63 3.15
N VAL L 187 -1.48 -59.71 3.33
CA VAL L 187 -1.47 -58.36 2.76
C VAL L 187 -0.18 -57.64 3.18
N ILE L 188 0.19 -57.63 4.49
CA ILE L 188 1.45 -57.08 4.99
C ILE L 188 2.66 -57.60 4.21
N THR L 189 2.57 -58.89 3.86
CA THR L 189 3.63 -59.64 3.20
C THR L 189 3.82 -59.17 1.74
N ILE L 190 2.70 -59.07 1.01
CA ILE L 190 2.67 -58.61 -0.37
C ILE L 190 3.09 -57.13 -0.42
N GLU L 191 2.50 -56.31 0.46
CA GLU L 191 2.79 -54.87 0.48
C GLU L 191 4.28 -54.65 0.72
N ALA L 192 4.85 -55.35 1.73
CA ALA L 192 6.29 -55.25 1.98
C ALA L 192 7.11 -55.57 0.73
N GLN L 193 6.63 -56.52 -0.05
CA GLN L 193 7.26 -56.89 -1.31
C GLN L 193 7.18 -55.77 -2.37
N ILE L 194 6.14 -54.90 -2.38
CA ILE L 194 6.03 -53.67 -3.17
C ILE L 194 7.10 -52.66 -2.72
N TRP L 195 7.09 -52.41 -1.40
CA TRP L 195 7.90 -51.36 -0.80
C TRP L 195 9.41 -51.68 -0.85
N ILE L 196 9.85 -52.97 -0.83
CA ILE L 196 11.26 -53.34 -0.98
C ILE L 196 11.76 -52.92 -2.36
N LEU L 197 10.86 -52.73 -3.34
CA LEU L 197 11.24 -52.45 -4.72
C LEU L 197 11.66 -50.97 -4.89
N ILE L 198 10.82 -50.05 -4.34
CA ILE L 198 10.94 -48.59 -4.44
C ILE L 198 12.38 -48.14 -4.21
N ALA L 199 13.10 -48.79 -3.29
CA ALA L 199 14.50 -48.52 -2.94
C ALA L 199 15.48 -48.49 -4.12
N LYS L 200 15.15 -49.23 -5.18
CA LYS L 200 16.01 -49.29 -6.37
C LYS L 200 15.27 -49.09 -7.71
N ALA L 201 13.92 -49.14 -7.69
CA ALA L 201 13.11 -49.11 -8.92
C ALA L 201 13.47 -47.97 -9.89
N VAL L 202 13.74 -46.80 -9.34
CA VAL L 202 13.94 -45.61 -10.17
C VAL L 202 15.35 -45.05 -9.99
N THR L 203 16.28 -45.81 -9.36
CA THR L 203 17.63 -45.34 -9.08
C THR L 203 18.66 -46.32 -9.62
N ALA L 204 18.31 -47.61 -9.83
CA ALA L 204 19.20 -48.67 -10.29
C ALA L 204 18.38 -49.90 -10.64
N PRO L 205 17.57 -49.81 -11.73
CA PRO L 205 16.49 -50.76 -11.99
C PRO L 205 16.96 -52.14 -12.41
N ASP L 206 18.29 -52.31 -12.59
CA ASP L 206 18.96 -53.59 -12.75
C ASP L 206 20.11 -53.57 -11.75
N THR L 207 20.52 -54.78 -11.37
CA THR L 207 21.43 -54.94 -10.22
C THR L 207 20.68 -54.82 -8.88
N ALA L 208 19.35 -54.78 -8.97
CA ALA L 208 18.51 -54.51 -7.81
C ALA L 208 18.54 -55.64 -6.74
N GLU L 209 18.65 -56.92 -7.18
CA GLU L 209 18.50 -58.16 -6.42
C GLU L 209 19.21 -58.10 -5.05
N GLU L 210 20.49 -57.68 -5.05
CA GLU L 210 21.34 -57.71 -3.85
C GLU L 210 20.69 -56.94 -2.70
N SER L 211 20.29 -55.71 -3.03
CA SER L 211 19.70 -54.80 -2.08
C SER L 211 18.34 -55.29 -1.60
N GLU L 212 17.49 -55.73 -2.55
CA GLU L 212 16.10 -56.07 -2.24
C GLU L 212 16.08 -57.33 -1.38
N THR L 213 17.01 -58.27 -1.60
CA THR L 213 17.16 -59.48 -0.77
C THR L 213 17.64 -59.12 0.64
N ARG L 214 18.59 -58.17 0.72
CA ARG L 214 19.18 -57.71 1.99
C ARG L 214 18.09 -57.11 2.89
N ARG L 215 17.20 -56.30 2.29
CA ARG L 215 16.06 -55.73 3.00
C ARG L 215 15.04 -56.82 3.36
N TRP L 216 14.83 -57.86 2.52
CA TRP L 216 13.87 -58.96 2.76
C TRP L 216 14.28 -59.72 4.02
N ALA L 217 15.60 -60.06 4.05
CA ALA L 217 16.19 -60.76 5.18
C ALA L 217 15.88 -60.07 6.51
N LYS L 218 16.08 -58.76 6.62
CA LYS L 218 15.72 -57.95 7.78
C LYS L 218 14.27 -58.17 8.22
N TYR L 219 13.28 -57.94 7.35
CA TYR L 219 11.89 -57.98 7.79
C TYR L 219 11.47 -59.38 8.28
N VAL L 220 12.05 -60.43 7.65
CA VAL L 220 11.79 -61.83 8.00
C VAL L 220 12.46 -62.19 9.33
N GLN L 221 13.74 -61.80 9.48
CA GLN L 221 14.55 -62.08 10.67
C GLN L 221 13.94 -61.42 11.91
N GLN L 222 13.40 -60.20 11.71
CA GLN L 222 12.69 -59.41 12.71
C GLN L 222 11.27 -59.95 12.94
N LYS L 223 10.82 -60.97 12.17
CA LYS L 223 9.51 -61.59 12.32
C LYS L 223 8.33 -60.62 12.09
N ARG L 224 8.61 -59.51 11.39
CA ARG L 224 7.61 -58.49 11.11
C ARG L 224 6.67 -58.89 9.98
N VAL L 225 7.11 -59.73 9.03
CA VAL L 225 6.21 -60.08 7.93
C VAL L 225 6.34 -61.57 7.62
N ASN L 226 5.22 -62.24 7.26
CA ASN L 226 4.94 -63.66 7.48
C ASN L 226 5.34 -64.54 6.31
N PRO L 227 6.47 -65.30 6.39
CA PRO L 227 7.20 -65.77 5.21
C PRO L 227 6.46 -66.82 4.37
N PHE L 228 5.38 -67.38 4.95
CA PHE L 228 4.42 -68.23 4.24
C PHE L 228 3.89 -67.55 2.97
N PHE L 229 3.77 -66.22 3.02
CA PHE L 229 3.33 -65.44 1.88
C PHE L 229 4.48 -64.85 1.03
N ALA L 230 5.65 -65.50 0.95
CA ALA L 230 6.75 -65.03 0.11
C ALA L 230 6.36 -64.99 -1.38
N LEU L 231 6.68 -63.90 -2.09
CA LEU L 231 6.32 -63.75 -3.51
C LEU L 231 7.50 -64.01 -4.46
N THR L 232 7.21 -64.64 -5.61
CA THR L 232 8.15 -65.28 -6.54
C THR L 232 9.09 -64.26 -7.21
N GLN L 233 10.39 -64.55 -7.43
CA GLN L 233 11.36 -63.61 -8.05
C GLN L 233 10.85 -63.12 -9.41
N GLN L 234 10.19 -64.03 -10.14
CA GLN L 234 9.56 -63.69 -11.43
C GLN L 234 8.49 -62.60 -11.29
N TRP L 235 7.60 -62.68 -10.27
CA TRP L 235 6.56 -61.66 -9.99
C TRP L 235 7.25 -60.37 -9.52
N LEU L 236 8.23 -60.46 -8.61
CA LEU L 236 8.93 -59.30 -8.10
C LEU L 236 9.69 -58.52 -9.20
N THR L 237 10.32 -59.22 -10.16
CA THR L 237 11.02 -58.58 -11.28
C THR L 237 9.99 -57.91 -12.20
N GLU L 238 8.84 -58.57 -12.45
CA GLU L 238 7.77 -58.01 -13.28
C GLU L 238 7.20 -56.73 -12.67
N MET L 239 7.04 -56.66 -11.34
CA MET L 239 6.62 -55.46 -10.59
C MET L 239 7.74 -54.41 -10.57
N ARG L 240 9.02 -54.81 -10.37
CA ARG L 240 10.16 -53.90 -10.38
C ARG L 240 10.19 -53.13 -11.73
N ASN L 241 10.04 -53.89 -12.82
CA ASN L 241 10.02 -53.36 -14.19
C ASN L 241 8.82 -52.40 -14.38
N LEU L 242 7.61 -52.74 -13.86
CA LEU L 242 6.42 -51.87 -13.88
C LEU L 242 6.74 -50.53 -13.23
N LEU L 243 7.45 -50.55 -12.07
CA LEU L 243 7.89 -49.36 -11.34
C LEU L 243 8.86 -48.52 -12.19
N SER L 244 9.87 -49.18 -12.77
CA SER L 244 10.85 -48.50 -13.63
C SER L 244 10.22 -47.75 -14.79
N GLN L 245 9.23 -48.37 -15.44
CA GLN L 245 8.74 -47.94 -16.74
C GLN L 245 7.54 -46.98 -16.60
N SER L 246 6.90 -46.92 -15.41
CA SER L 246 5.76 -46.02 -15.18
C SER L 246 6.09 -44.92 -14.16
N LEU L 247 5.93 -43.68 -14.59
CA LEU L 247 6.11 -42.51 -13.74
C LEU L 247 4.92 -42.34 -12.80
N SER L 248 3.73 -42.57 -13.39
CA SER L 248 2.45 -42.35 -12.70
C SER L 248 2.39 -43.18 -11.40
N VAL L 249 2.87 -44.44 -11.47
CA VAL L 249 2.97 -45.34 -10.32
C VAL L 249 3.87 -44.75 -9.23
N ARG L 250 5.09 -44.37 -9.61
CA ARG L 250 6.12 -43.81 -8.74
C ARG L 250 5.61 -42.56 -8.04
N LYS L 251 4.87 -41.71 -8.78
CA LYS L 251 4.24 -40.52 -8.23
C LYS L 251 3.34 -40.89 -7.05
N PHE L 252 2.40 -41.85 -7.23
CA PHE L 252 1.49 -42.34 -6.19
C PHE L 252 2.27 -42.95 -5.00
N MET L 253 3.28 -43.81 -5.27
CA MET L 253 4.15 -44.44 -4.26
C MET L 253 4.73 -43.33 -3.38
N VAL L 254 5.43 -42.35 -4.01
CA VAL L 254 6.11 -41.27 -3.28
C VAL L 254 5.11 -40.39 -2.52
N GLU L 255 3.92 -40.18 -3.09
CA GLU L 255 2.86 -39.43 -2.39
C GLU L 255 2.51 -40.12 -1.07
N ILE L 256 2.25 -41.45 -1.10
CA ILE L 256 1.93 -42.26 0.08
C ILE L 256 3.10 -42.30 1.06
N LEU L 257 4.33 -42.43 0.52
CA LEU L 257 5.55 -42.55 1.31
C LEU L 257 5.81 -41.26 2.15
N ILE L 258 5.51 -40.09 1.56
CA ILE L 258 5.54 -38.81 2.25
C ILE L 258 4.41 -38.75 3.27
N GLU L 259 3.20 -39.16 2.88
CA GLU L 259 2.01 -38.93 3.70
C GLU L 259 2.10 -39.70 5.02
N VAL L 260 2.55 -40.96 4.95
CA VAL L 260 2.61 -41.83 6.13
C VAL L 260 3.85 -41.54 6.98
N LYS L 261 4.85 -40.83 6.42
CA LYS L 261 6.05 -40.41 7.13
C LYS L 261 5.73 -39.34 8.18
N LYS L 262 4.68 -38.54 7.93
CA LYS L 262 4.24 -37.48 8.81
C LYS L 262 3.75 -38.09 10.12
N GLY L 263 4.01 -37.42 11.26
CA GLY L 263 3.72 -37.95 12.58
C GLY L 263 2.30 -37.62 13.05
N GLY L 264 2.10 -37.45 14.37
CA GLY L 264 0.76 -37.20 14.91
C GLY L 264 -0.16 -38.42 14.86
N SER L 265 0.44 -39.59 14.82
CA SER L 265 -0.34 -40.82 14.85
C SER L 265 0.54 -41.97 15.29
N ALA L 266 -0.07 -42.93 15.99
CA ALA L 266 0.51 -44.25 16.15
C ALA L 266 0.43 -44.99 14.82
N LYS L 267 1.43 -45.83 14.54
CA LYS L 267 1.33 -46.81 13.45
C LYS L 267 1.47 -48.24 13.98
N GLY L 268 0.50 -49.12 13.62
CA GLY L 268 0.60 -50.57 13.82
C GLY L 268 1.15 -51.20 12.54
N ARG L 269 1.14 -52.55 12.46
CA ARG L 269 2.12 -53.36 11.74
C ARG L 269 2.18 -52.93 10.27
N ALA L 270 1.00 -52.74 9.68
CA ALA L 270 0.83 -52.38 8.29
C ALA L 270 1.58 -51.10 7.88
N VAL L 271 1.19 -49.98 8.52
CA VAL L 271 1.77 -48.68 8.19
C VAL L 271 3.24 -48.66 8.63
N GLU L 272 3.56 -49.44 9.68
CA GLU L 272 4.89 -49.52 10.29
C GLU L 272 5.85 -50.13 9.28
N ILE L 273 5.47 -51.18 8.50
CA ILE L 273 6.31 -51.79 7.46
C ILE L 273 6.66 -50.69 6.42
N ILE L 274 5.65 -49.88 5.96
CA ILE L 274 5.88 -48.77 4.99
C ILE L 274 6.94 -47.83 5.56
N SER L 275 6.64 -47.40 6.80
CA SER L 275 7.45 -46.37 7.44
C SER L 275 8.88 -46.87 7.62
N ASP L 276 9.02 -48.17 7.95
CA ASP L 276 10.28 -48.84 8.22
C ASP L 276 11.13 -48.85 6.96
N ILE L 277 10.49 -49.21 5.83
CA ILE L 277 11.12 -49.20 4.51
C ILE L 277 11.60 -47.77 4.22
N GLY L 278 10.75 -46.78 4.56
CA GLY L 278 11.09 -45.38 4.39
C GLY L 278 12.51 -45.02 4.83
N ASN L 279 12.98 -45.60 5.93
CA ASN L 279 14.25 -45.21 6.52
C ASN L 279 15.45 -45.67 5.68
N TYR L 280 15.20 -46.57 4.71
CA TYR L 280 16.18 -46.97 3.71
C TYR L 280 16.05 -46.13 2.44
N VAL L 281 14.82 -45.67 2.18
CA VAL L 281 14.34 -45.05 0.95
C VAL L 281 14.67 -43.58 0.94
N GLU L 282 14.71 -42.88 2.09
CA GLU L 282 15.15 -41.50 2.24
C GLU L 282 16.48 -41.19 1.53
N GLU L 283 16.51 -39.99 0.89
CA GLU L 283 17.66 -39.45 0.16
C GLU L 283 18.03 -40.25 -1.08
N THR L 284 17.27 -41.30 -1.42
CA THR L 284 17.71 -42.23 -2.47
C THR L 284 17.77 -41.55 -3.84
N GLY L 285 18.84 -41.86 -4.56
CA GLY L 285 19.05 -41.28 -5.89
C GLY L 285 19.43 -39.80 -5.81
N MET L 286 19.81 -39.31 -4.62
CA MET L 286 20.55 -38.06 -4.42
C MET L 286 21.94 -38.36 -3.82
N ALA L 287 22.47 -39.59 -4.05
CA ALA L 287 23.64 -40.18 -3.42
C ALA L 287 24.81 -39.20 -3.35
N GLY L 288 25.20 -38.71 -4.53
CA GLY L 288 26.31 -37.79 -4.69
C GLY L 288 26.17 -36.53 -3.82
N PHE L 289 24.99 -35.88 -3.76
CA PHE L 289 24.75 -34.66 -2.98
C PHE L 289 25.05 -34.91 -1.50
N PHE L 290 24.44 -35.96 -0.93
CA PHE L 290 24.64 -36.29 0.48
C PHE L 290 26.12 -36.64 0.72
N ALA L 291 26.75 -37.29 -0.26
CA ALA L 291 28.12 -37.78 -0.08
C ALA L 291 29.12 -36.64 0.07
N THR L 292 28.92 -35.55 -0.67
CA THR L 292 29.76 -34.36 -0.54
C THR L 292 29.54 -33.74 0.83
N ILE L 293 28.29 -33.76 1.37
CA ILE L 293 28.00 -33.21 2.70
C ILE L 293 28.70 -34.07 3.76
N ARG L 294 28.44 -35.40 3.74
CA ARG L 294 28.97 -36.32 4.75
C ARG L 294 30.51 -36.37 4.70
N PHE L 295 31.04 -36.55 3.49
CA PHE L 295 32.46 -36.86 3.28
C PHE L 295 33.11 -35.66 2.57
N GLY L 296 34.28 -35.22 3.01
CA GLY L 296 34.75 -33.95 2.50
C GLY L 296 34.27 -32.77 3.36
N LEU L 297 32.99 -32.39 3.26
CA LEU L 297 32.53 -31.16 3.92
C LEU L 297 32.50 -31.26 5.45
N GLU L 298 31.68 -32.19 5.98
CA GLU L 298 31.56 -32.40 7.42
C GLU L 298 32.88 -32.88 8.00
N THR L 299 33.64 -33.62 7.15
CA THR L 299 34.96 -34.15 7.49
C THR L 299 36.00 -33.05 7.72
N ARG L 300 35.85 -31.88 7.07
CA ARG L 300 36.68 -30.68 7.31
C ARG L 300 38.18 -30.97 7.49
N TYR L 301 38.78 -31.80 6.60
CA TYR L 301 40.21 -32.09 6.58
C TYR L 301 40.96 -30.78 6.37
N PRO L 302 42.11 -30.53 7.07
CA PRO L 302 42.81 -29.25 6.90
C PRO L 302 42.89 -28.78 5.45
N ALA L 303 42.85 -29.77 4.54
CA ALA L 303 43.03 -29.51 3.11
C ALA L 303 41.89 -28.66 2.54
N LEU L 304 40.71 -28.63 3.22
CA LEU L 304 39.52 -27.85 2.86
C LEU L 304 39.83 -26.36 2.77
N ALA L 305 40.93 -25.91 3.38
CA ALA L 305 41.27 -24.49 3.37
C ALA L 305 41.97 -24.05 2.07
N LEU L 306 42.33 -25.01 1.19
CA LEU L 306 43.03 -24.74 -0.06
C LEU L 306 42.24 -23.81 -0.98
N ASN L 307 42.93 -22.81 -1.58
CA ASN L 307 42.28 -21.62 -2.09
C ASN L 307 41.32 -21.92 -3.24
N GLU L 308 41.64 -22.97 -4.02
CA GLU L 308 40.93 -23.33 -5.25
C GLU L 308 39.46 -23.67 -4.98
N PHE L 309 39.24 -24.34 -3.85
CA PHE L 309 37.93 -24.75 -3.36
C PHE L 309 36.91 -23.63 -3.09
N GLN L 310 37.30 -22.35 -2.92
CA GLN L 310 36.41 -21.27 -2.48
C GLN L 310 35.10 -21.24 -3.26
N SER L 311 35.22 -21.27 -4.59
CA SER L 311 34.07 -21.23 -5.49
C SER L 311 33.17 -22.45 -5.30
N ASP L 312 33.78 -23.62 -5.06
CA ASP L 312 33.08 -24.86 -4.78
C ASP L 312 32.30 -24.73 -3.47
N LEU L 313 32.95 -24.23 -2.39
CA LEU L 313 32.29 -24.02 -1.11
C LEU L 313 31.06 -23.10 -1.27
N ASN L 314 31.23 -21.98 -2.00
CA ASN L 314 30.14 -21.07 -2.29
C ASN L 314 29.00 -21.80 -3.02
N THR L 315 29.38 -22.74 -3.91
CA THR L 315 28.45 -23.59 -4.63
C THR L 315 27.63 -24.42 -3.63
N ILE L 316 28.34 -25.15 -2.75
CA ILE L 316 27.70 -26.07 -1.82
C ILE L 316 26.72 -25.27 -0.96
N LYS L 317 27.14 -24.09 -0.48
CA LYS L 317 26.29 -23.22 0.33
C LYS L 317 24.98 -22.94 -0.40
N SER L 318 25.08 -22.51 -1.67
CA SER L 318 23.91 -22.20 -2.51
C SER L 318 23.01 -23.44 -2.65
N LEU L 319 23.64 -24.63 -2.77
CA LEU L 319 22.94 -25.91 -2.88
C LEU L 319 22.14 -26.21 -1.61
N MET L 320 22.78 -26.05 -0.45
CA MET L 320 22.16 -26.36 0.83
C MET L 320 20.94 -25.47 1.05
N LEU L 321 21.07 -24.15 0.82
CA LEU L 321 19.97 -23.19 0.94
C LEU L 321 18.89 -23.53 -0.08
N LEU L 322 19.31 -23.97 -1.28
CA LEU L 322 18.35 -24.39 -2.32
C LEU L 322 17.53 -25.59 -1.84
N TYR L 323 18.22 -26.59 -1.27
CA TYR L 323 17.63 -27.83 -0.77
C TYR L 323 16.53 -27.54 0.24
N ARG L 324 16.84 -26.62 1.16
CA ARG L 324 15.91 -26.10 2.15
C ARG L 324 14.64 -25.57 1.47
N GLU L 325 14.84 -24.78 0.40
CA GLU L 325 13.77 -24.10 -0.31
C GLU L 325 12.85 -25.10 -1.03
N ILE L 326 13.42 -26.23 -1.50
CA ILE L 326 12.60 -27.24 -2.19
C ILE L 326 11.66 -27.95 -1.22
N GLY L 327 12.08 -28.13 0.06
CA GLY L 327 11.14 -28.39 1.14
C GLY L 327 10.59 -29.83 1.21
N PRO L 328 9.26 -30.04 1.40
CA PRO L 328 8.69 -31.34 1.76
C PRO L 328 9.01 -32.56 0.89
N ARG L 329 9.21 -32.35 -0.41
CA ARG L 329 9.48 -33.45 -1.33
C ARG L 329 10.93 -33.95 -1.21
N ALA L 330 11.82 -33.25 -0.48
CA ALA L 330 13.27 -33.45 -0.40
C ALA L 330 13.74 -34.88 -0.25
N PRO L 331 13.17 -35.68 0.67
CA PRO L 331 13.56 -37.09 0.88
C PRO L 331 13.41 -38.01 -0.33
N TYR L 332 12.69 -37.55 -1.36
CA TYR L 332 12.44 -38.43 -2.49
C TYR L 332 12.60 -37.75 -3.86
N MET L 333 13.47 -36.74 -4.02
CA MET L 333 13.43 -35.86 -5.19
C MET L 333 13.65 -36.62 -6.51
N VAL L 334 14.65 -37.50 -6.46
CA VAL L 334 15.10 -38.25 -7.61
C VAL L 334 14.00 -39.21 -8.06
N LEU L 335 13.38 -39.90 -7.10
CA LEU L 335 12.34 -40.89 -7.39
C LEU L 335 11.12 -40.19 -7.97
N LEU L 336 10.87 -38.92 -7.57
CA LEU L 336 9.74 -38.13 -8.05
C LEU L 336 10.06 -37.46 -9.40
N GLU L 337 11.26 -37.73 -9.98
CA GLU L 337 11.68 -37.08 -11.23
C GLU L 337 11.65 -35.56 -11.11
N GLU L 338 11.75 -35.03 -9.87
CA GLU L 338 11.53 -33.61 -9.64
C GLU L 338 12.56 -32.74 -10.35
N SER L 339 12.14 -31.73 -11.14
CA SER L 339 13.02 -30.99 -12.05
C SER L 339 14.27 -30.39 -11.43
N ILE L 340 14.02 -29.82 -10.23
CA ILE L 340 15.04 -29.10 -9.47
C ILE L 340 16.24 -30.03 -9.27
N GLN L 341 16.01 -31.36 -9.31
CA GLN L 341 16.99 -32.39 -8.95
C GLN L 341 18.23 -32.21 -9.78
N THR L 342 18.07 -31.77 -11.04
CA THR L 342 19.21 -31.63 -11.94
C THR L 342 20.25 -30.71 -11.31
N LYS L 343 19.74 -29.60 -10.74
CA LYS L 343 20.62 -28.57 -10.18
C LYS L 343 21.38 -29.16 -9.00
N PHE L 344 20.68 -30.00 -8.21
CA PHE L 344 21.19 -30.60 -6.99
C PHE L 344 22.29 -31.60 -7.36
N ALA L 345 22.24 -32.16 -8.60
CA ALA L 345 23.14 -33.26 -8.99
C ALA L 345 24.60 -32.91 -8.77
N PRO L 346 25.45 -33.83 -8.20
CA PRO L 346 26.89 -33.59 -8.09
C PRO L 346 27.37 -33.47 -9.52
N GLY L 347 28.54 -32.84 -9.73
CA GLY L 347 28.85 -32.51 -11.10
C GLY L 347 28.53 -31.04 -11.24
N GLY L 348 27.60 -30.59 -10.38
CA GLY L 348 27.34 -29.18 -10.20
C GLY L 348 28.44 -28.56 -9.35
N TYR L 349 29.13 -29.38 -8.53
CA TYR L 349 30.34 -28.92 -7.85
C TYR L 349 31.57 -29.82 -8.03
N PRO L 350 32.10 -29.98 -9.28
CA PRO L 350 33.18 -30.92 -9.63
C PRO L 350 34.42 -31.10 -8.74
N LEU L 351 35.04 -29.96 -8.42
CA LEU L 351 36.27 -29.93 -7.65
C LEU L 351 36.00 -30.49 -6.26
N LEU L 352 34.96 -29.92 -5.61
CA LEU L 352 34.58 -30.30 -4.24
C LEU L 352 34.16 -31.77 -4.22
N TRP L 353 33.41 -32.19 -5.27
CA TRP L 353 32.89 -33.55 -5.40
C TRP L 353 34.05 -34.53 -5.56
N SER L 354 35.02 -34.20 -6.42
CA SER L 354 36.12 -35.12 -6.68
C SER L 354 36.96 -35.29 -5.42
N PHE L 355 37.21 -34.15 -4.74
CA PHE L 355 37.90 -34.17 -3.44
C PHE L 355 37.08 -34.95 -2.42
N ALA L 356 35.73 -34.74 -2.42
CA ALA L 356 34.81 -35.43 -1.50
C ALA L 356 34.91 -36.94 -1.68
N MET L 357 34.97 -37.40 -2.95
CA MET L 357 35.09 -38.84 -3.25
C MET L 357 36.47 -39.38 -2.84
N GLY L 358 37.54 -38.70 -3.28
CA GLY L 358 38.90 -39.18 -2.99
C GLY L 358 39.11 -39.43 -1.50
N VAL L 359 38.59 -38.54 -0.64
CA VAL L 359 38.55 -38.75 0.80
C VAL L 359 37.64 -39.95 1.15
N ALA L 360 36.38 -39.92 0.71
CA ALA L 360 35.35 -40.88 1.09
C ALA L 360 35.80 -42.33 0.86
N THR L 361 36.27 -42.60 -0.39
CA THR L 361 36.73 -43.91 -0.82
C THR L 361 37.90 -44.42 0.02
N THR L 362 38.72 -43.46 0.51
CA THR L 362 39.92 -43.80 1.25
C THR L 362 39.59 -44.09 2.73
N ILE L 363 38.59 -43.38 3.29
CA ILE L 363 38.38 -43.37 4.74
C ILE L 363 37.28 -44.34 5.14
N ASP L 364 36.27 -44.57 4.29
CA ASP L 364 35.14 -45.39 4.65
C ASP L 364 35.11 -46.69 3.84
N ARG L 365 35.26 -47.84 4.56
CA ARG L 365 35.35 -49.20 4.03
C ARG L 365 34.11 -49.59 3.23
N SER L 366 32.97 -49.01 3.61
CA SER L 366 31.69 -49.30 2.98
C SER L 366 31.52 -48.55 1.67
N MET L 367 32.14 -47.37 1.56
CA MET L 367 32.05 -46.56 0.35
C MET L 367 32.92 -47.21 -0.72
N GLY L 368 32.91 -46.61 -1.92
CA GLY L 368 33.80 -47.12 -2.95
C GLY L 368 33.12 -48.22 -3.78
N ALA L 369 32.15 -48.90 -3.13
CA ALA L 369 31.16 -49.71 -3.84
C ALA L 369 30.21 -48.82 -4.67
N LEU L 370 30.24 -47.48 -4.49
CA LEU L 370 29.54 -46.51 -5.35
C LEU L 370 30.27 -46.37 -6.69
N ASN L 371 29.52 -46.34 -7.81
CA ASN L 371 30.10 -46.24 -9.15
C ASN L 371 30.47 -44.80 -9.47
N ILE L 372 31.78 -44.54 -9.58
CA ILE L 372 32.28 -43.16 -9.70
C ILE L 372 32.79 -42.86 -11.11
N ASN L 373 32.38 -43.65 -12.11
CA ASN L 373 32.83 -43.43 -13.47
C ASN L 373 32.02 -42.29 -14.08
N ARG L 374 32.33 -41.03 -13.74
CA ARG L 374 31.63 -39.86 -14.26
C ARG L 374 32.67 -38.81 -14.62
N GLY L 375 32.39 -38.01 -15.68
CA GLY L 375 33.33 -37.06 -16.24
C GLY L 375 33.69 -35.92 -15.30
N TYR L 376 32.70 -35.57 -14.45
CA TYR L 376 32.75 -34.53 -13.43
C TYR L 376 33.81 -34.85 -12.36
N LEU L 377 34.33 -36.10 -12.40
CA LEU L 377 35.39 -36.52 -11.47
C LEU L 377 36.73 -35.95 -11.95
N GLU L 378 37.52 -35.35 -11.06
CA GLU L 378 38.74 -34.75 -11.57
C GLU L 378 39.92 -35.52 -11.01
N PRO L 379 40.58 -36.40 -11.82
CA PRO L 379 41.59 -37.35 -11.34
C PRO L 379 42.66 -36.80 -10.40
N MET L 380 43.24 -35.68 -10.88
CA MET L 380 44.33 -34.99 -10.18
C MET L 380 43.87 -34.57 -8.78
N TYR L 381 42.68 -33.94 -8.72
CA TYR L 381 42.11 -33.44 -7.48
C TYR L 381 41.69 -34.60 -6.56
N PHE L 382 41.15 -35.69 -7.16
CA PHE L 382 40.75 -36.85 -6.36
C PHE L 382 41.99 -37.51 -5.74
N ARG L 383 43.08 -37.61 -6.55
CA ARG L 383 44.35 -38.12 -6.05
C ARG L 383 44.77 -37.23 -4.88
N LEU L 384 44.37 -35.95 -4.92
CA LEU L 384 44.60 -35.06 -3.78
C LEU L 384 43.69 -35.42 -2.62
N GLY L 385 42.42 -35.78 -2.88
CA GLY L 385 41.47 -36.25 -1.86
C GLY L 385 42.00 -37.50 -1.12
N GLN L 386 42.42 -38.51 -1.93
CA GLN L 386 43.07 -39.72 -1.44
C GLN L 386 44.29 -39.39 -0.55
N LYS L 387 45.19 -38.57 -1.16
CA LYS L 387 46.46 -38.16 -0.61
C LYS L 387 46.27 -37.37 0.69
N SER L 388 45.17 -36.58 0.80
CA SER L 388 44.79 -35.87 2.02
C SER L 388 44.40 -36.81 3.16
N ALA L 389 43.51 -37.77 2.85
CA ALA L 389 42.86 -38.69 3.76
C ALA L 389 43.80 -39.65 4.49
N ARG L 390 44.93 -40.09 3.86
CA ARG L 390 45.67 -41.17 4.50
C ARG L 390 47.13 -40.83 4.85
N HIS L 391 47.34 -39.59 5.36
CA HIS L 391 48.65 -38.94 5.30
C HIS L 391 49.26 -38.55 6.66
N SER L 407 49.01 -33.34 23.86
CA SER L 407 48.71 -33.32 22.39
C SER L 407 49.59 -34.27 21.56
N SER L 408 49.53 -35.57 21.91
CA SER L 408 50.46 -36.59 21.42
C SER L 408 50.52 -36.64 19.88
N ASP L 409 49.43 -37.08 19.23
CA ASP L 409 49.39 -37.33 17.79
C ASP L 409 49.98 -38.71 17.47
N GLN L 410 50.50 -39.37 18.51
CA GLN L 410 51.14 -40.68 18.41
C GLN L 410 50.11 -41.73 18.00
N VAL L 411 48.90 -41.62 18.60
CA VAL L 411 47.78 -42.53 18.36
C VAL L 411 47.43 -42.56 16.86
N ALA L 412 47.36 -41.35 16.26
CA ALA L 412 47.08 -41.21 14.83
C ALA L 412 48.20 -41.90 14.02
N GLU L 413 49.47 -41.70 14.46
CA GLU L 413 50.62 -42.34 13.81
C GLU L 413 50.53 -43.88 13.88
N LEU L 414 50.16 -44.40 15.07
CA LEU L 414 50.04 -45.85 15.31
C LEU L 414 48.93 -46.44 14.42
N ALA L 415 47.80 -45.71 14.30
CA ALA L 415 46.66 -46.20 13.51
C ALA L 415 46.62 -45.53 12.11
N ILE M 26 29.30 -20.25 7.99
CA ILE M 26 30.06 -20.83 6.81
C ILE M 26 30.06 -22.36 6.79
N PHE M 27 30.96 -23.00 7.57
CA PHE M 27 30.97 -24.45 7.81
C PHE M 27 29.85 -24.84 8.77
N GLU M 28 29.53 -23.90 9.66
CA GLU M 28 28.48 -24.02 10.66
C GLU M 28 27.11 -24.20 10.00
N GLU M 29 26.93 -23.64 8.78
CA GLU M 29 25.68 -23.74 8.04
C GLU M 29 25.44 -25.19 7.63
N ALA M 30 26.50 -25.88 7.17
CA ALA M 30 26.49 -27.29 6.78
C ALA M 30 26.03 -28.21 7.92
N ALA M 31 26.65 -28.06 9.09
CA ALA M 31 26.27 -28.81 10.28
C ALA M 31 24.81 -28.57 10.65
N SER M 32 24.36 -27.31 10.60
CA SER M 32 22.97 -26.93 10.88
C SER M 32 22.02 -27.53 9.85
N PHE M 33 22.51 -27.65 8.61
CA PHE M 33 21.74 -28.17 7.49
C PHE M 33 21.55 -29.67 7.63
N ARG M 34 22.61 -30.42 8.03
CA ARG M 34 22.52 -31.84 8.33
C ARG M 34 21.44 -32.07 9.38
N SER M 35 21.42 -31.22 10.42
CA SER M 35 20.43 -31.31 11.48
C SER M 35 19.04 -31.03 10.93
N TYR M 36 18.94 -30.03 10.02
CA TYR M 36 17.67 -29.63 9.43
C TYR M 36 17.08 -30.83 8.66
N GLN M 37 17.90 -31.46 7.80
CA GLN M 37 17.51 -32.63 7.01
C GLN M 37 16.95 -33.73 7.91
N SER M 38 17.62 -33.98 9.03
CA SER M 38 17.29 -35.08 9.93
C SER M 38 15.93 -34.86 10.61
N LYS M 39 15.57 -33.59 10.83
CA LYS M 39 14.31 -33.24 11.50
C LYS M 39 13.20 -32.83 10.51
N LEU M 40 13.57 -32.59 9.25
CA LEU M 40 12.63 -32.14 8.22
C LEU M 40 11.57 -33.21 8.00
N GLY M 41 10.32 -32.73 8.00
CA GLY M 41 9.17 -33.54 7.64
C GLY M 41 8.78 -34.49 8.76
N ARG M 42 9.49 -34.40 9.91
CA ARG M 42 9.07 -35.09 11.13
C ARG M 42 7.70 -34.59 11.59
N ASP M 43 7.40 -33.30 11.36
CA ASP M 43 6.22 -32.56 11.78
C ASP M 43 4.97 -32.94 10.99
N GLY M 44 3.84 -32.43 11.47
CA GLY M 44 2.56 -32.64 10.80
C GLY M 44 1.81 -33.87 11.32
N ARG M 45 0.52 -34.01 10.91
CA ARG M 45 -0.36 -35.13 11.29
C ARG M 45 -0.92 -35.86 10.05
N ALA M 46 -0.72 -37.19 9.98
CA ALA M 46 -0.98 -38.01 8.80
C ALA M 46 -2.48 -38.17 8.55
N SER M 47 -2.86 -38.06 7.27
CA SER M 47 -4.24 -38.11 6.78
C SER M 47 -4.93 -39.45 7.06
N ALA M 48 -6.20 -39.41 7.53
CA ALA M 48 -6.82 -40.46 8.33
C ALA M 48 -7.05 -41.74 7.52
N ALA M 49 -7.14 -41.52 6.21
CA ALA M 49 -7.34 -42.60 5.25
C ALA M 49 -6.24 -43.67 5.33
N THR M 50 -5.03 -43.32 5.85
CA THR M 50 -3.88 -44.22 6.03
C THR M 50 -4.10 -45.29 7.11
N ALA M 51 -5.15 -45.14 7.95
CA ALA M 51 -5.56 -46.13 8.96
C ALA M 51 -5.76 -47.54 8.40
N THR M 52 -4.95 -48.52 8.88
CA THR M 52 -4.83 -49.88 8.35
C THR M 52 -6.01 -50.76 8.84
N LEU M 53 -6.41 -51.76 8.02
CA LEU M 53 -7.65 -52.53 8.20
C LEU M 53 -7.71 -53.26 9.55
N THR M 54 -8.70 -52.90 10.40
CA THR M 54 -8.84 -53.22 11.82
C THR M 54 -9.20 -54.68 12.03
N THR M 55 -8.42 -55.29 12.93
CA THR M 55 -8.59 -56.69 13.22
C THR M 55 -9.38 -56.86 14.52
N LYS M 56 -10.47 -57.65 14.49
CA LYS M 56 -11.23 -57.99 15.68
C LYS M 56 -10.61 -59.15 16.47
N ILE M 57 -10.29 -58.89 17.76
CA ILE M 57 -9.65 -59.84 18.67
C ILE M 57 -10.51 -60.02 19.94
N ARG M 58 -10.79 -61.28 20.33
CA ARG M 58 -11.65 -61.59 21.47
C ARG M 58 -10.76 -61.76 22.71
N ILE M 59 -10.99 -60.98 23.80
CA ILE M 59 -10.34 -61.13 25.09
C ILE M 59 -11.40 -61.61 26.10
N PHE M 60 -11.30 -62.86 26.58
CA PHE M 60 -12.11 -63.32 27.71
C PHE M 60 -11.47 -62.83 29.01
N VAL M 61 -12.25 -62.23 29.94
CA VAL M 61 -11.66 -61.47 31.04
C VAL M 61 -12.36 -61.81 32.34
N PRO M 62 -11.63 -61.88 33.51
CA PRO M 62 -12.17 -62.26 34.82
C PRO M 62 -13.33 -61.34 35.24
N ALA M 63 -14.53 -61.90 35.46
CA ALA M 63 -15.78 -61.15 35.65
C ALA M 63 -15.90 -60.49 37.04
N THR M 64 -15.31 -61.11 38.07
CA THR M 64 -15.58 -60.78 39.47
C THR M 64 -14.37 -61.08 40.35
N ASN M 65 -14.38 -60.54 41.58
CA ASN M 65 -13.19 -60.41 42.42
C ASN M 65 -12.95 -61.57 43.39
N SER M 66 -12.74 -62.79 42.87
CA SER M 66 -12.50 -63.96 43.70
C SER M 66 -11.24 -64.68 43.24
N PRO M 67 -10.39 -65.15 44.17
CA PRO M 67 -9.23 -66.00 43.84
C PRO M 67 -9.53 -67.33 43.15
N GLU M 68 -10.73 -67.89 43.45
CA GLU M 68 -11.39 -69.06 42.85
C GLU M 68 -11.38 -68.98 41.32
N LEU M 69 -11.93 -67.87 40.81
CA LEU M 69 -12.05 -67.60 39.38
C LEU M 69 -10.67 -67.34 38.79
N ARG M 70 -9.89 -66.49 39.46
CA ARG M 70 -8.59 -66.01 38.99
C ARG M 70 -7.59 -67.18 38.76
N TRP M 71 -7.48 -68.15 39.70
CA TRP M 71 -6.64 -69.36 39.59
C TRP M 71 -7.04 -70.24 38.38
N GLU M 72 -8.36 -70.52 38.34
CA GLU M 72 -8.92 -71.38 37.30
C GLU M 72 -8.73 -70.78 35.90
N LEU M 73 -8.99 -69.46 35.83
CA LEU M 73 -8.86 -68.72 34.57
C LEU M 73 -7.41 -68.65 34.14
N THR M 74 -6.45 -68.58 35.08
CA THR M 74 -5.04 -68.62 34.73
C THR M 74 -4.69 -69.96 34.13
N LEU M 75 -5.18 -71.07 34.74
CA LEU M 75 -4.99 -72.41 34.20
C LEU M 75 -5.52 -72.52 32.76
N PHE M 76 -6.79 -72.07 32.56
CA PHE M 76 -7.47 -71.98 31.26
C PHE M 76 -6.55 -71.27 30.24
N ALA M 77 -6.09 -70.07 30.61
CA ALA M 77 -5.31 -69.20 29.72
C ALA M 77 -3.95 -69.80 29.37
N LEU M 78 -3.25 -70.40 30.36
CA LEU M 78 -1.98 -71.09 30.12
C LEU M 78 -2.23 -72.16 29.07
N ASP M 79 -3.35 -72.89 29.21
CA ASP M 79 -3.65 -73.99 28.29
C ASP M 79 -4.05 -73.49 26.90
N VAL M 80 -4.82 -72.39 26.80
CA VAL M 80 -5.18 -71.77 25.51
C VAL M 80 -3.91 -71.49 24.71
N ILE M 81 -2.88 -70.94 25.38
CA ILE M 81 -1.62 -70.61 24.74
C ILE M 81 -0.81 -71.86 24.41
N ARG M 82 -0.96 -72.92 25.23
CA ARG M 82 -0.27 -74.19 25.04
C ARG M 82 -0.91 -75.00 23.90
N SER M 83 -2.15 -74.67 23.49
CA SER M 83 -2.94 -75.45 22.52
C SER M 83 -2.38 -75.37 21.09
N PRO M 84 -2.29 -76.50 20.36
CA PRO M 84 -1.76 -76.52 18.99
C PRO M 84 -2.86 -76.16 17.98
N SER M 85 -4.12 -76.27 18.44
CA SER M 85 -5.37 -76.25 17.67
C SER M 85 -6.00 -74.85 17.54
N ALA M 86 -5.70 -73.95 18.47
CA ALA M 86 -6.19 -72.57 18.39
C ALA M 86 -5.49 -71.79 17.27
N ALA M 87 -6.25 -70.94 16.57
CA ALA M 87 -5.74 -69.98 15.60
C ALA M 87 -5.06 -68.78 16.28
N GLU M 88 -4.11 -68.14 15.58
CA GLU M 88 -3.27 -67.04 16.07
C GLU M 88 -4.06 -65.87 16.67
N SER M 89 -5.18 -65.52 16.01
CA SER M 89 -6.08 -64.48 16.46
C SER M 89 -6.65 -64.79 17.86
N MET M 90 -7.01 -66.06 18.11
CA MET M 90 -7.47 -66.50 19.42
C MET M 90 -6.31 -66.53 20.42
N LYS M 91 -5.12 -66.99 19.99
CA LYS M 91 -3.91 -67.14 20.82
C LYS M 91 -3.45 -65.79 21.39
N VAL M 92 -3.40 -64.73 20.57
CA VAL M 92 -3.11 -63.37 21.02
C VAL M 92 -4.10 -62.90 22.10
N GLY M 93 -5.39 -63.12 21.84
CA GLY M 93 -6.45 -62.75 22.76
C GLY M 93 -6.35 -63.49 24.10
N ALA M 94 -5.99 -64.78 24.04
CA ALA M 94 -5.66 -65.59 25.20
C ALA M 94 -4.51 -64.96 25.99
N ALA M 95 -3.41 -64.64 25.29
CA ALA M 95 -2.26 -64.04 25.95
C ALA M 95 -2.60 -62.73 26.65
N PHE M 96 -3.46 -61.91 26.04
CA PHE M 96 -4.00 -60.69 26.63
C PHE M 96 -4.84 -60.96 27.88
N THR M 97 -5.64 -62.06 27.91
CA THR M 97 -6.34 -62.47 29.12
C THR M 97 -5.33 -62.78 30.23
N LEU M 98 -4.35 -63.60 29.85
CA LEU M 98 -3.35 -64.08 30.81
C LEU M 98 -2.61 -62.91 31.47
N ILE M 99 -2.18 -61.86 30.71
CA ILE M 99 -1.36 -60.75 31.24
C ILE M 99 -2.19 -59.49 31.53
N SER M 100 -3.53 -59.68 31.73
CA SER M 100 -4.45 -58.70 32.31
C SER M 100 -4.98 -59.10 33.70
N MET M 101 -4.73 -60.33 34.15
CA MET M 101 -4.82 -60.83 35.53
C MET M 101 -4.27 -59.88 36.62
N TYR M 102 -3.30 -58.99 36.33
CA TYR M 102 -2.84 -57.95 37.25
C TYR M 102 -3.96 -57.10 37.85
N SER M 103 -4.96 -56.70 37.04
CA SER M 103 -5.87 -55.59 37.34
C SER M 103 -6.94 -55.93 38.35
N GLU M 104 -7.24 -54.94 39.19
CA GLU M 104 -8.36 -54.93 40.14
C GLU M 104 -9.69 -55.09 39.41
N ARG M 105 -9.76 -54.55 38.18
CA ARG M 105 -11.00 -54.56 37.39
C ARG M 105 -10.65 -54.90 35.95
N PRO M 106 -10.48 -56.22 35.65
CA PRO M 106 -9.98 -56.74 34.37
C PRO M 106 -10.30 -56.00 33.06
N GLY M 107 -11.60 -55.72 32.86
CA GLY M 107 -12.14 -55.04 31.69
C GLY M 107 -11.60 -53.61 31.53
N ALA M 108 -11.59 -52.91 32.68
CA ALA M 108 -11.13 -51.53 32.75
C ALA M 108 -9.63 -51.44 32.44
N LEU M 109 -8.83 -52.38 32.99
CA LEU M 109 -7.39 -52.43 32.77
C LEU M 109 -7.07 -52.57 31.28
N ILE M 110 -7.70 -53.54 30.59
CA ILE M 110 -7.50 -53.71 29.14
C ILE M 110 -7.91 -52.43 28.41
N ARG M 111 -9.18 -51.99 28.57
CA ARG M 111 -9.74 -50.88 27.78
C ARG M 111 -8.92 -49.58 27.93
N SER M 112 -8.42 -49.35 29.14
CA SER M 112 -7.77 -48.08 29.49
C SER M 112 -6.30 -48.02 29.11
N LEU M 113 -5.61 -49.17 29.05
CA LEU M 113 -4.20 -49.15 28.68
C LEU M 113 -4.01 -49.45 27.18
N LEU M 114 -5.00 -50.14 26.58
CA LEU M 114 -4.83 -50.73 25.25
C LEU M 114 -4.95 -49.60 24.23
N ASN M 115 -3.88 -49.31 23.47
CA ASN M 115 -3.82 -48.10 22.65
C ASN M 115 -3.00 -48.33 21.38
N ASP M 116 -3.35 -49.36 20.56
CA ASP M 116 -2.69 -49.77 19.32
C ASP M 116 -3.76 -50.02 18.25
N PRO M 117 -3.70 -49.28 17.10
CA PRO M 117 -4.85 -49.02 16.23
C PRO M 117 -5.25 -50.18 15.31
N ASP M 118 -4.31 -51.10 15.11
CA ASP M 118 -4.46 -52.19 14.15
C ASP M 118 -5.47 -53.25 14.62
N ILE M 119 -5.63 -53.31 15.96
CA ILE M 119 -6.46 -54.27 16.69
C ILE M 119 -7.63 -53.59 17.43
N GLU M 120 -8.89 -54.10 17.20
CA GLU M 120 -10.16 -53.68 17.83
C GLU M 120 -10.65 -54.81 18.74
N ALA M 121 -10.66 -54.53 20.05
CA ALA M 121 -10.87 -55.54 21.07
C ALA M 121 -12.37 -55.72 21.36
N VAL M 122 -12.83 -56.97 21.40
CA VAL M 122 -14.10 -57.31 22.02
C VAL M 122 -13.77 -57.99 23.35
N ILE M 123 -14.25 -57.41 24.45
CA ILE M 123 -14.09 -57.95 25.79
C ILE M 123 -15.32 -58.79 26.15
N ILE M 124 -15.10 -60.06 26.56
CA ILE M 124 -16.12 -60.97 27.10
C ILE M 124 -15.88 -61.22 28.60
N ASP M 125 -16.80 -60.81 29.49
CA ASP M 125 -16.54 -61.00 30.91
C ASP M 125 -17.21 -62.29 31.37
N VAL M 126 -16.43 -63.31 31.76
CA VAL M 126 -17.02 -64.62 32.02
C VAL M 126 -17.86 -64.65 33.31
N GLY M 127 -19.05 -65.30 33.28
CA GLY M 127 -19.88 -65.55 34.48
C GLY M 127 -19.45 -66.76 35.31
N SER M 128 -18.25 -66.69 35.95
CA SER M 128 -17.70 -67.84 36.67
C SER M 128 -17.67 -69.11 35.80
N MET M 129 -16.88 -69.12 34.72
CA MET M 129 -16.95 -70.18 33.69
C MET M 129 -16.66 -71.58 34.24
N VAL M 130 -17.69 -72.44 34.33
CA VAL M 130 -17.49 -73.82 34.73
C VAL M 130 -17.35 -74.69 33.48
N ASN M 131 -17.24 -74.03 32.31
CA ASN M 131 -17.37 -74.72 31.02
C ASN M 131 -16.25 -75.76 30.89
N GLY M 132 -15.04 -75.35 31.26
CA GLY M 132 -13.88 -76.20 31.06
C GLY M 132 -12.67 -75.31 30.82
N ILE M 133 -11.82 -75.62 29.81
CA ILE M 133 -10.64 -74.83 29.43
C ILE M 133 -11.04 -73.44 28.85
N PRO M 134 -12.05 -73.42 27.94
CA PRO M 134 -12.51 -72.15 27.35
C PRO M 134 -13.70 -71.61 28.15
N VAL M 135 -14.44 -70.65 27.60
CA VAL M 135 -15.51 -70.04 28.39
C VAL M 135 -16.81 -70.83 28.26
N MET M 136 -17.79 -70.54 29.14
CA MET M 136 -19.21 -70.83 28.95
C MET M 136 -19.85 -69.81 28.01
N GLU M 137 -20.84 -70.28 27.24
CA GLU M 137 -21.46 -69.47 26.21
C GLU M 137 -22.98 -69.55 26.31
N ARG M 138 -23.62 -68.38 26.48
CA ARG M 138 -25.07 -68.26 26.56
C ARG M 138 -25.65 -67.59 25.32
N ARG M 139 -24.82 -67.36 24.28
CA ARG M 139 -25.23 -66.71 23.02
C ARG M 139 -26.19 -67.59 22.18
N GLY M 140 -26.12 -68.91 22.33
CA GLY M 140 -27.12 -69.79 21.78
C GLY M 140 -26.52 -71.06 21.19
N ASP M 141 -27.25 -71.59 20.20
CA ASP M 141 -27.16 -72.96 19.69
C ASP M 141 -25.91 -73.15 18.81
N LYS M 142 -25.56 -72.11 18.03
CA LYS M 142 -24.36 -72.03 17.19
C LYS M 142 -23.09 -71.93 18.04
N ALA M 143 -23.22 -71.47 19.29
CA ALA M 143 -22.11 -71.31 20.22
C ALA M 143 -21.78 -72.64 20.89
N GLN M 144 -22.72 -73.60 20.85
CA GLN M 144 -22.48 -74.99 21.25
C GLN M 144 -21.35 -75.61 20.41
N GLU M 145 -21.27 -75.27 19.12
CA GLU M 145 -20.12 -75.70 18.31
C GLU M 145 -18.81 -75.07 18.79
N GLU M 146 -18.90 -73.80 19.21
CA GLU M 146 -17.78 -72.96 19.65
C GLU M 146 -17.16 -73.59 20.90
N MET M 147 -18.00 -74.02 21.84
CA MET M 147 -17.57 -74.65 23.10
C MET M 147 -16.85 -75.99 22.82
N GLU M 148 -17.25 -76.69 21.76
CA GLU M 148 -16.67 -77.95 21.31
C GLU M 148 -15.37 -77.69 20.53
N GLY M 149 -15.31 -76.57 19.80
CA GLY M 149 -14.04 -76.08 19.26
C GLY M 149 -13.02 -75.82 20.38
N LEU M 150 -13.43 -75.12 21.44
CA LEU M 150 -12.66 -74.92 22.66
C LEU M 150 -12.24 -76.25 23.28
N MET M 151 -13.13 -77.24 23.41
CA MET M 151 -12.85 -78.56 23.94
C MET M 151 -11.72 -79.22 23.12
N ARG M 152 -11.85 -79.17 21.78
CA ARG M 152 -10.86 -79.73 20.88
C ARG M 152 -9.51 -79.03 21.08
N ILE M 153 -9.54 -77.70 21.19
CA ILE M 153 -8.35 -76.89 21.45
C ILE M 153 -7.66 -77.35 22.73
N LEU M 154 -8.39 -77.55 23.85
CA LEU M 154 -7.86 -77.96 25.16
C LEU M 154 -7.32 -79.39 25.11
N LYS M 155 -8.07 -80.30 24.48
CA LYS M 155 -7.67 -81.69 24.33
C LYS M 155 -6.33 -81.75 23.56
N THR M 156 -6.33 -81.13 22.37
CA THR M 156 -5.15 -81.07 21.50
C THR M 156 -3.96 -80.45 22.25
N ALA M 157 -4.21 -79.43 23.08
CA ALA M 157 -3.18 -78.83 23.93
C ALA M 157 -2.53 -79.87 24.84
N ARG M 158 -3.35 -80.57 25.64
CA ARG M 158 -2.91 -81.62 26.55
C ARG M 158 -2.12 -82.68 25.78
N ASP M 159 -2.74 -83.24 24.71
CA ASP M 159 -2.26 -84.40 23.95
C ASP M 159 -0.92 -84.10 23.27
N SER M 160 -0.83 -82.93 22.62
CA SER M 160 0.33 -82.50 21.84
C SER M 160 1.52 -82.19 22.75
N SER M 161 1.22 -81.75 23.98
CA SER M 161 2.23 -81.46 24.98
C SER M 161 2.56 -82.68 25.85
N LYS M 162 2.00 -83.87 25.51
CA LYS M 162 2.34 -85.11 26.20
C LYS M 162 2.03 -84.99 27.70
N GLY M 163 0.90 -84.32 28.02
CA GLY M 163 0.42 -84.25 29.39
C GLY M 163 1.09 -83.19 30.28
N LYS M 164 2.04 -82.37 29.78
CA LYS M 164 2.71 -81.32 30.58
C LYS M 164 1.73 -80.16 30.83
N THR M 165 1.37 -79.82 32.08
CA THR M 165 0.37 -78.80 32.34
C THR M 165 1.12 -77.48 32.48
N PRO M 166 0.51 -76.32 32.89
CA PRO M 166 1.22 -75.04 32.98
C PRO M 166 2.50 -75.01 33.82
N PHE M 167 2.41 -75.67 34.98
CA PHE M 167 3.50 -75.61 35.96
C PHE M 167 4.49 -76.76 35.75
N VAL M 168 5.73 -76.59 36.24
CA VAL M 168 6.84 -77.55 36.12
C VAL M 168 6.59 -78.78 37.02
N ASP M 169 5.97 -78.52 38.17
CA ASP M 169 5.65 -79.50 39.19
C ASP M 169 4.13 -79.60 39.37
N SER M 170 3.64 -80.82 39.13
CA SER M 170 2.27 -81.16 38.79
C SER M 170 1.19 -80.66 39.76
N ARG M 171 1.48 -80.62 41.09
CA ARG M 171 0.55 -80.18 42.13
C ARG M 171 0.00 -78.79 41.80
N ALA M 172 0.88 -77.95 41.22
CA ALA M 172 0.51 -76.60 40.80
C ALA M 172 -0.61 -76.64 39.75
N TYR M 173 -0.58 -77.61 38.80
CA TYR M 173 -1.58 -77.74 37.74
C TYR M 173 -2.96 -78.03 38.33
N GLY M 174 -3.00 -78.74 39.46
CA GLY M 174 -4.29 -79.06 40.06
C GLY M 174 -4.83 -78.00 41.03
N LEU M 175 -4.00 -77.01 41.42
CA LEU M 175 -4.08 -76.27 42.69
C LEU M 175 -5.44 -75.74 43.16
N ARG M 176 -6.21 -75.10 42.27
CA ARG M 176 -7.50 -74.46 42.59
C ARG M 176 -7.51 -73.69 43.92
N ILE M 177 -6.80 -72.56 43.98
CA ILE M 177 -6.70 -71.73 45.16
C ILE M 177 -7.99 -70.94 45.38
N THR M 178 -8.27 -70.69 46.67
CA THR M 178 -9.49 -70.06 47.19
C THR M 178 -9.36 -68.62 47.73
N ASP M 179 -8.13 -68.15 48.04
CA ASP M 179 -7.97 -66.95 48.83
C ASP M 179 -6.94 -65.98 48.22
N MET M 180 -7.13 -64.67 48.50
CA MET M 180 -6.45 -63.55 47.85
C MET M 180 -4.92 -63.64 47.93
N SER M 181 -4.39 -64.01 49.10
CA SER M 181 -2.96 -63.94 49.38
C SER M 181 -2.21 -64.96 48.50
N THR M 182 -2.76 -66.20 48.43
CA THR M 182 -2.23 -67.28 47.61
C THR M 182 -2.39 -66.93 46.12
N LEU M 183 -3.55 -66.35 45.76
CA LEU M 183 -3.87 -65.91 44.40
C LEU M 183 -2.79 -64.96 43.89
N VAL M 184 -2.55 -63.86 44.62
CA VAL M 184 -1.58 -62.83 44.21
C VAL M 184 -0.18 -63.44 44.18
N SER M 185 0.17 -64.28 45.16
CA SER M 185 1.45 -65.00 45.14
C SER M 185 1.66 -65.76 43.82
N ALA M 186 0.61 -66.48 43.39
CA ALA M 186 0.62 -67.29 42.19
C ALA M 186 0.64 -66.42 40.92
N VAL M 187 -0.34 -65.52 40.80
CA VAL M 187 -0.51 -64.63 39.66
C VAL M 187 0.77 -63.82 39.41
N ILE M 188 1.33 -63.17 40.44
CA ILE M 188 2.56 -62.40 40.34
C ILE M 188 3.70 -63.30 39.84
N THR M 189 3.66 -64.59 40.15
CA THR M 189 4.68 -65.58 39.78
C THR M 189 4.63 -65.89 38.27
N ILE M 190 3.40 -66.15 37.79
CA ILE M 190 3.19 -66.40 36.37
C ILE M 190 3.47 -65.12 35.56
N GLU M 191 2.94 -63.98 36.02
CA GLU M 191 3.12 -62.71 35.31
C GLU M 191 4.60 -62.35 35.22
N ALA M 192 5.35 -62.49 36.32
CA ALA M 192 6.79 -62.27 36.28
C ALA M 192 7.48 -63.14 35.24
N GLN M 193 6.98 -64.36 35.05
CA GLN M 193 7.46 -65.26 34.01
C GLN M 193 7.15 -64.76 32.59
N ILE M 194 6.06 -64.02 32.36
CA ILE M 194 5.78 -63.31 31.10
C ILE M 194 6.77 -62.15 30.89
N TRP M 195 6.91 -61.33 31.94
CA TRP M 195 7.68 -60.10 31.88
C TRP M 195 9.19 -60.40 31.74
N ILE M 196 9.72 -61.51 32.26
CA ILE M 196 11.12 -61.92 32.04
C ILE M 196 11.39 -62.15 30.56
N LEU M 197 10.36 -62.43 29.76
CA LEU M 197 10.50 -62.78 28.36
C LEU M 197 10.73 -61.53 27.49
N ILE M 198 9.93 -60.45 27.71
CA ILE M 198 9.92 -59.19 26.96
C ILE M 198 11.35 -58.69 26.74
N ALA M 199 12.22 -58.86 27.72
CA ALA M 199 13.63 -58.49 27.72
C ALA M 199 14.43 -59.00 26.52
N LYS M 200 14.02 -60.13 25.95
CA LYS M 200 14.70 -60.74 24.80
C LYS M 200 13.74 -61.14 23.66
N ALA M 201 12.41 -61.12 23.86
CA ALA M 201 11.40 -61.53 22.87
C ALA M 201 11.57 -60.91 21.48
N VAL M 202 11.94 -59.62 21.45
CA VAL M 202 12.01 -58.85 20.23
C VAL M 202 13.45 -58.51 19.84
N THR M 203 14.46 -58.95 20.62
CA THR M 203 15.86 -58.53 20.46
C THR M 203 16.81 -59.72 20.39
N ALA M 204 16.35 -60.96 20.65
CA ALA M 204 17.07 -62.22 20.49
C ALA M 204 16.22 -63.39 20.97
N PRO M 205 15.15 -63.81 20.21
CA PRO M 205 14.07 -64.68 20.69
C PRO M 205 14.49 -66.09 21.06
N ASP M 206 15.72 -66.44 20.63
CA ASP M 206 16.44 -67.69 20.86
C ASP M 206 17.79 -67.25 21.47
N THR M 207 18.38 -68.12 22.30
CA THR M 207 19.46 -67.67 23.17
C THR M 207 18.93 -66.93 24.40
N ALA M 208 17.59 -66.94 24.55
CA ALA M 208 16.88 -66.15 25.55
C ALA M 208 17.08 -66.71 26.98
N GLU M 209 17.22 -68.04 27.10
CA GLU M 209 17.15 -68.80 28.35
C GLU M 209 18.13 -68.28 29.40
N GLU M 210 19.38 -67.97 29.01
CA GLU M 210 20.42 -67.56 29.95
C GLU M 210 19.98 -66.32 30.72
N SER M 211 19.51 -65.31 29.98
CA SER M 211 19.06 -64.04 30.56
C SER M 211 17.80 -64.23 31.41
N GLU M 212 16.81 -64.98 30.91
CA GLU M 212 15.51 -65.10 31.57
C GLU M 212 15.68 -65.89 32.87
N THR M 213 16.61 -66.87 32.91
CA THR M 213 16.94 -67.61 34.13
C THR M 213 17.66 -66.71 35.13
N ARG M 214 18.58 -65.85 34.63
CA ARG M 214 19.34 -64.91 35.45
C ARG M 214 18.42 -63.94 36.18
N ARG M 215 17.39 -63.45 35.48
CA ARG M 215 16.37 -62.59 36.07
C ARG M 215 15.50 -63.40 37.05
N TRP M 216 15.19 -64.69 36.77
CA TRP M 216 14.42 -65.58 37.64
C TRP M 216 15.08 -65.74 39.00
N ALA M 217 16.39 -66.03 38.96
CA ALA M 217 17.22 -66.20 40.14
C ALA M 217 17.07 -65.02 41.11
N LYS M 218 17.21 -63.78 40.58
CA LYS M 218 16.99 -62.53 41.30
C LYS M 218 15.65 -62.52 42.03
N TYR M 219 14.53 -62.66 41.31
CA TYR M 219 13.20 -62.50 41.89
C TYR M 219 12.92 -63.55 42.98
N VAL M 220 13.46 -64.78 42.85
CA VAL M 220 13.31 -65.86 43.83
C VAL M 220 14.16 -65.59 45.07
N GLN M 221 15.43 -65.19 44.83
CA GLN M 221 16.37 -64.91 45.92
C GLN M 221 15.89 -63.74 46.77
N GLN M 222 15.27 -62.74 46.12
CA GLN M 222 14.64 -61.59 46.73
C GLN M 222 13.25 -61.92 47.32
N LYS M 223 12.80 -63.17 47.19
CA LYS M 223 11.53 -63.61 47.78
C LYS M 223 10.29 -62.89 47.24
N ARG M 224 10.38 -62.28 46.06
CA ARG M 224 9.24 -61.66 45.41
C ARG M 224 8.29 -62.67 44.75
N VAL M 225 8.73 -63.88 44.35
CA VAL M 225 7.84 -64.71 43.50
C VAL M 225 7.82 -66.17 43.98
N ASN M 226 6.65 -66.82 43.97
CA ASN M 226 6.30 -67.93 44.87
C ASN M 226 6.51 -69.28 44.18
N PRO M 227 7.61 -70.03 44.47
CA PRO M 227 8.18 -70.96 43.49
C PRO M 227 7.37 -72.23 43.26
N PHE M 228 6.41 -72.47 44.16
CA PHE M 228 5.41 -73.53 44.01
C PHE M 228 4.69 -73.40 42.67
N PHE M 229 4.50 -72.15 42.22
CA PHE M 229 3.84 -71.89 40.95
C PHE M 229 4.81 -71.73 39.76
N ALA M 230 6.00 -72.35 39.77
CA ALA M 230 6.95 -72.24 38.66
C ALA M 230 6.38 -72.81 37.36
N LEU M 231 6.54 -72.06 36.24
CA LEU M 231 5.89 -72.33 34.96
C LEU M 231 6.87 -73.02 34.00
N THR M 232 6.33 -73.97 33.22
CA THR M 232 7.12 -75.03 32.61
C THR M 232 7.85 -74.49 31.37
N GLN M 233 9.05 -74.99 31.02
CA GLN M 233 9.86 -74.47 29.89
C GLN M 233 9.06 -74.48 28.59
N GLN M 234 8.29 -75.55 28.41
CA GLN M 234 7.41 -75.69 27.26
C GLN M 234 6.37 -74.55 27.17
N TRP M 235 5.73 -74.15 28.27
CA TRP M 235 4.75 -73.05 28.31
C TRP M 235 5.49 -71.73 28.10
N LEU M 236 6.62 -71.52 28.77
CA LEU M 236 7.39 -70.28 28.64
C LEU M 236 7.87 -70.06 27.19
N THR M 237 8.34 -71.12 26.49
CA THR M 237 8.81 -71.03 25.12
C THR M 237 7.63 -70.73 24.19
N GLU M 238 6.47 -71.35 24.45
CA GLU M 238 5.26 -71.12 23.64
C GLU M 238 4.79 -69.67 23.76
N MET M 239 4.86 -69.06 24.96
CA MET M 239 4.56 -67.64 25.21
C MET M 239 5.64 -66.75 24.60
N ARG M 240 6.94 -67.09 24.74
CA ARG M 240 8.06 -66.34 24.17
C ARG M 240 7.84 -66.19 22.65
N ASN M 241 7.53 -67.33 22.00
CA ASN M 241 7.28 -67.41 20.55
C ASN M 241 6.07 -66.54 20.17
N LEU M 242 4.97 -66.59 20.95
CA LEU M 242 3.78 -65.75 20.71
C LEU M 242 4.15 -64.28 20.74
N LEU M 243 5.03 -63.85 21.70
CA LEU M 243 5.52 -62.46 21.80
C LEU M 243 6.34 -62.07 20.57
N SER M 244 7.29 -62.96 20.18
CA SER M 244 8.13 -62.69 19.01
C SER M 244 7.32 -62.46 17.74
N GLN M 245 6.26 -63.26 17.56
CA GLN M 245 5.61 -63.37 16.27
C GLN M 245 4.36 -62.47 16.16
N SER M 246 3.92 -61.86 17.28
CA SER M 246 2.82 -60.90 17.28
C SER M 246 3.30 -59.48 17.64
N LEU M 247 2.99 -58.51 16.77
CA LEU M 247 3.21 -57.09 17.04
C LEU M 247 2.13 -56.58 18.00
N SER M 248 0.90 -57.02 17.73
CA SER M 248 -0.29 -56.55 18.44
C SER M 248 -0.16 -56.81 19.96
N VAL M 249 0.37 -58.00 20.30
CA VAL M 249 0.60 -58.39 21.69
C VAL M 249 1.65 -57.49 22.34
N ARG M 250 2.79 -57.30 21.67
CA ARG M 250 3.93 -56.50 22.10
C ARG M 250 3.48 -55.07 22.35
N LYS M 251 2.60 -54.54 21.48
CA LYS M 251 2.00 -53.20 21.64
C LYS M 251 1.31 -53.10 22.99
N PHE M 252 0.40 -54.03 23.34
CA PHE M 252 -0.28 -54.06 24.65
C PHE M 252 0.70 -54.19 25.83
N MET M 253 1.66 -55.13 25.72
CA MET M 253 2.69 -55.31 26.74
C MET M 253 3.41 -53.98 27.02
N VAL M 254 3.95 -53.34 25.96
CA VAL M 254 4.72 -52.11 26.08
C VAL M 254 3.84 -50.96 26.56
N GLU M 255 2.55 -50.95 26.21
CA GLU M 255 1.60 -49.96 26.71
C GLU M 255 1.50 -50.05 28.23
N ILE M 256 1.31 -51.27 28.77
CA ILE M 256 1.25 -51.51 30.21
C ILE M 256 2.58 -51.16 30.88
N LEU M 257 3.69 -51.56 30.22
CA LEU M 257 5.05 -51.38 30.75
C LEU M 257 5.39 -49.89 30.94
N ILE M 258 4.95 -49.05 29.98
CA ILE M 258 5.05 -47.60 30.06
C ILE M 258 4.12 -47.08 31.15
N GLU M 259 2.88 -47.56 31.21
CA GLU M 259 1.87 -46.98 32.09
C GLU M 259 2.26 -47.14 33.56
N VAL M 260 2.78 -48.33 33.93
CA VAL M 260 3.18 -48.66 35.31
C VAL M 260 4.52 -48.03 35.69
N LYS M 261 5.33 -47.64 34.69
CA LYS M 261 6.61 -46.97 34.89
C LYS M 261 6.42 -45.54 35.41
N LYS M 262 5.30 -44.93 35.05
CA LYS M 262 5.01 -43.55 35.39
C LYS M 262 4.66 -43.49 36.87
N GLY M 263 5.04 -42.38 37.50
CA GLY M 263 4.79 -42.07 38.89
C GLY M 263 3.36 -41.61 39.20
N GLY M 264 3.20 -40.74 40.21
CA GLY M 264 1.89 -40.36 40.76
C GLY M 264 1.22 -41.51 41.54
N SER M 265 2.03 -42.43 42.01
CA SER M 265 1.50 -43.54 42.81
C SER M 265 2.62 -44.48 43.17
N ALA M 266 2.58 -44.99 44.42
CA ALA M 266 3.35 -46.16 44.82
C ALA M 266 2.79 -47.39 44.11
N LYS M 267 3.70 -48.33 43.80
CA LYS M 267 3.35 -49.66 43.31
C LYS M 267 3.68 -50.78 44.32
N GLY M 268 2.65 -51.58 44.70
CA GLY M 268 2.76 -52.83 45.45
C GLY M 268 2.94 -53.98 44.46
N ARG M 269 2.77 -55.25 44.90
CA ARG M 269 3.61 -56.38 44.50
C ARG M 269 3.60 -56.59 42.98
N ALA M 270 2.38 -56.57 42.41
CA ALA M 270 2.13 -56.80 41.00
C ALA M 270 2.92 -55.86 40.08
N VAL M 271 2.62 -54.56 40.20
CA VAL M 271 3.25 -53.53 39.38
C VAL M 271 4.74 -53.41 39.72
N GLU M 272 5.11 -53.74 40.96
CA GLU M 272 6.47 -53.66 41.48
C GLU M 272 7.34 -54.67 40.74
N ILE M 273 6.85 -55.90 40.51
CA ILE M 273 7.60 -56.92 39.79
C ILE M 273 7.86 -56.44 38.35
N ILE M 274 6.81 -55.86 37.70
CA ILE M 274 6.92 -55.29 36.35
C ILE M 274 8.06 -54.25 36.34
N SER M 275 7.98 -53.32 37.30
CA SER M 275 8.89 -52.19 37.36
C SER M 275 10.32 -52.68 37.56
N ASP M 276 10.51 -53.75 38.35
CA ASP M 276 11.79 -54.37 38.64
C ASP M 276 12.42 -54.92 37.36
N ILE M 277 11.58 -55.67 36.62
CA ILE M 277 11.97 -56.21 35.33
C ILE M 277 12.36 -55.07 34.39
N GLY M 278 11.60 -53.95 34.44
CA GLY M 278 11.85 -52.76 33.66
C GLY M 278 13.29 -52.33 33.66
N ASN M 279 14.04 -52.53 34.76
CA ASN M 279 15.40 -52.05 34.84
C ASN M 279 16.35 -52.82 33.90
N TYR M 280 15.89 -53.99 33.43
CA TYR M 280 16.59 -54.79 32.43
C TYR M 280 16.08 -54.47 31.00
N VAL M 281 14.81 -54.06 30.94
CA VAL M 281 14.00 -53.88 29.74
C VAL M 281 14.29 -52.54 29.08
N GLU M 282 14.53 -51.49 29.86
CA GLU M 282 14.88 -50.17 29.32
C GLU M 282 16.12 -50.22 28.41
N GLU M 283 16.11 -49.36 27.38
CA GLU M 283 17.16 -49.22 26.39
C GLU M 283 17.33 -50.47 25.52
N THR M 284 16.51 -51.50 25.69
CA THR M 284 16.76 -52.77 25.01
C THR M 284 16.60 -52.64 23.50
N GLY M 285 17.55 -53.24 22.77
CA GLY M 285 17.56 -53.18 21.31
C GLY M 285 17.92 -51.77 20.79
N MET M 286 18.47 -50.92 21.66
CA MET M 286 19.17 -49.69 21.26
C MET M 286 20.65 -49.75 21.69
N ALA M 287 21.19 -50.98 21.79
CA ALA M 287 22.52 -51.33 22.31
C ALA M 287 23.59 -50.37 21.79
N GLY M 288 23.67 -50.28 20.46
CA GLY M 288 24.62 -49.44 19.74
C GLY M 288 24.64 -47.99 20.23
N PHE M 289 23.46 -47.37 20.35
CA PHE M 289 23.32 -45.97 20.73
C PHE M 289 23.92 -45.74 22.11
N PHE M 290 23.48 -46.56 23.08
CA PHE M 290 23.92 -46.42 24.47
C PHE M 290 25.45 -46.64 24.54
N ALA M 291 25.94 -47.65 23.79
CA ALA M 291 27.34 -48.06 23.88
C ALA M 291 28.28 -46.95 23.40
N THR M 292 27.87 -46.24 22.33
CA THR M 292 28.66 -45.11 21.84
C THR M 292 28.68 -43.99 22.88
N ILE M 293 27.54 -43.78 23.58
CA ILE M 293 27.47 -42.73 24.60
C ILE M 293 28.36 -43.13 25.78
N ARG M 294 28.17 -44.35 26.33
CA ARG M 294 28.92 -44.78 27.51
C ARG M 294 30.42 -44.91 27.22
N PHE M 295 30.73 -45.60 26.13
CA PHE M 295 32.11 -46.00 25.81
C PHE M 295 32.58 -45.18 24.60
N GLY M 296 33.79 -44.62 24.66
CA GLY M 296 34.14 -43.63 23.66
C GLY M 296 33.72 -42.24 24.11
N LEU M 297 32.41 -41.91 24.07
CA LEU M 297 31.99 -40.50 24.23
C LEU M 297 32.18 -39.97 25.64
N GLU M 298 31.52 -40.60 26.63
CA GLU M 298 31.61 -40.22 28.03
C GLU M 298 33.05 -40.36 28.50
N THR M 299 33.80 -41.25 27.82
CA THR M 299 35.15 -41.62 28.25
C THR M 299 36.26 -40.65 27.77
N ARG M 300 35.99 -39.77 26.78
CA ARG M 300 36.92 -38.70 26.38
C ARG M 300 38.34 -39.20 26.11
N TYR M 301 38.47 -40.30 25.35
CA TYR M 301 39.78 -40.86 24.98
C TYR M 301 40.60 -39.84 24.15
N PRO M 302 41.94 -40.07 24.00
CA PRO M 302 42.77 -39.17 23.19
C PRO M 302 42.15 -39.17 21.80
N ALA M 303 41.41 -40.26 21.50
CA ALA M 303 40.82 -40.45 20.18
C ALA M 303 39.80 -39.34 19.87
N LEU M 304 39.16 -38.76 20.92
CA LEU M 304 38.27 -37.61 20.74
C LEU M 304 39.01 -36.60 19.83
N ALA M 305 40.35 -36.54 19.97
CA ALA M 305 41.17 -35.57 19.23
C ALA M 305 41.14 -35.79 17.70
N LEU M 306 40.97 -37.05 17.25
CA LEU M 306 41.14 -37.36 15.83
C LEU M 306 40.21 -36.49 14.96
N ASN M 307 40.78 -35.81 13.95
CA ASN M 307 40.07 -34.94 13.03
C ASN M 307 39.13 -35.73 12.10
N GLU M 308 39.63 -36.87 11.61
CA GLU M 308 38.92 -37.76 10.69
C GLU M 308 37.58 -38.23 11.24
N PHE M 309 37.50 -38.46 12.55
CA PHE M 309 36.27 -38.87 13.20
C PHE M 309 35.38 -37.67 13.54
N GLN M 310 35.79 -36.46 13.12
CA GLN M 310 35.07 -35.23 13.50
C GLN M 310 33.58 -35.25 13.13
N SER M 311 33.31 -35.61 11.87
CA SER M 311 31.95 -35.63 11.34
C SER M 311 31.06 -36.49 12.23
N ASP M 312 31.58 -37.68 12.53
CA ASP M 312 30.94 -38.61 13.43
C ASP M 312 30.35 -37.85 14.62
N LEU M 313 31.16 -36.96 15.23
CA LEU M 313 30.72 -36.12 16.35
C LEU M 313 29.46 -35.34 15.97
N ASN M 314 29.50 -34.68 14.80
CA ASN M 314 28.36 -33.91 14.31
C ASN M 314 27.14 -34.81 14.15
N THR M 315 27.39 -36.06 13.73
CA THR M 315 26.35 -37.09 13.61
C THR M 315 25.69 -37.30 14.98
N ILE M 316 26.53 -37.63 15.98
CA ILE M 316 26.04 -38.00 17.31
C ILE M 316 25.22 -36.84 17.87
N LYS M 317 25.71 -35.59 17.70
CA LYS M 317 25.00 -34.40 18.17
C LYS M 317 23.58 -34.40 17.60
N SER M 318 23.46 -34.55 16.27
CA SER M 318 22.18 -34.56 15.56
C SER M 318 21.28 -35.65 16.14
N LEU M 319 21.88 -36.83 16.43
CA LEU M 319 21.20 -37.99 17.00
C LEU M 319 20.62 -37.71 18.38
N MET M 320 21.42 -37.09 19.25
CA MET M 320 21.01 -36.83 20.61
C MET M 320 19.81 -35.88 20.61
N LEU M 321 19.89 -34.79 19.83
CA LEU M 321 18.79 -33.83 19.69
C LEU M 321 17.57 -34.52 19.08
N LEU M 322 17.81 -35.44 18.12
CA LEU M 322 16.73 -36.22 17.51
C LEU M 322 16.01 -37.07 18.56
N TYR M 323 16.81 -37.77 19.39
CA TYR M 323 16.35 -38.68 20.44
C TYR M 323 15.37 -37.97 21.37
N ARG M 324 15.79 -36.75 21.78
CA ARG M 324 15.01 -35.85 22.60
C ARG M 324 13.65 -35.58 21.97
N GLU M 325 13.67 -35.31 20.66
CA GLU M 325 12.48 -34.92 19.92
C GLU M 325 11.49 -36.08 19.80
N ILE M 326 11.99 -37.33 19.74
CA ILE M 326 11.08 -38.47 19.67
C ILE M 326 10.32 -38.67 20.98
N GLY M 327 10.97 -38.37 22.12
CA GLY M 327 10.25 -38.17 23.38
C GLY M 327 9.81 -39.48 24.08
N PRO M 328 8.55 -39.51 24.60
CA PRO M 328 8.06 -40.47 25.60
C PRO M 328 8.32 -41.96 25.42
N ARG M 329 8.33 -42.45 24.18
CA ARG M 329 8.53 -43.88 23.94
C ARG M 329 10.00 -44.30 24.02
N ALA M 330 10.98 -43.35 24.16
CA ALA M 330 12.42 -43.53 23.94
C ALA M 330 13.04 -44.84 24.46
N PRO M 331 12.83 -45.19 25.75
CA PRO M 331 13.47 -46.36 26.33
C PRO M 331 12.97 -47.71 25.80
N TYR M 332 11.93 -47.67 24.94
CA TYR M 332 11.35 -48.93 24.45
C TYR M 332 11.08 -48.93 22.94
N MET M 333 11.82 -48.12 22.16
CA MET M 333 11.57 -47.92 20.73
C MET M 333 11.59 -49.25 19.95
N VAL M 334 12.57 -50.09 20.34
CA VAL M 334 12.85 -51.37 19.69
C VAL M 334 11.64 -52.31 19.84
N LEU M 335 11.13 -52.39 21.08
CA LEU M 335 10.02 -53.26 21.41
C LEU M 335 8.76 -52.80 20.67
N LEU M 336 8.65 -51.48 20.43
CA LEU M 336 7.49 -50.93 19.76
C LEU M 336 7.64 -51.00 18.25
N GLU M 337 8.79 -51.48 17.75
CA GLU M 337 9.05 -51.51 16.30
C GLU M 337 8.98 -50.11 15.69
N GLU M 338 9.23 -49.06 16.51
CA GLU M 338 8.97 -47.69 16.04
C GLU M 338 9.90 -47.33 14.88
N SER M 339 9.38 -46.89 13.74
CA SER M 339 10.17 -46.69 12.52
C SER M 339 11.35 -45.74 12.70
N ILE M 340 11.07 -44.65 13.43
CA ILE M 340 12.05 -43.60 13.66
C ILE M 340 13.26 -44.29 14.30
N GLN M 341 13.02 -45.51 14.80
CA GLN M 341 14.05 -46.34 15.44
C GLN M 341 15.15 -46.68 14.46
N THR M 342 14.76 -46.92 13.20
CA THR M 342 15.71 -47.32 12.17
C THR M 342 16.82 -46.27 12.06
N LYS M 343 16.43 -45.00 12.14
CA LYS M 343 17.34 -43.88 11.98
C LYS M 343 18.38 -43.88 13.10
N PHE M 344 17.86 -44.21 14.30
CA PHE M 344 18.56 -44.30 15.55
C PHE M 344 19.58 -45.42 15.50
N ALA M 345 19.53 -46.33 14.49
CA ALA M 345 20.34 -47.53 14.39
C ALA M 345 21.85 -47.28 14.51
N PRO M 346 22.62 -48.33 14.91
CA PRO M 346 24.01 -48.18 15.37
C PRO M 346 24.99 -47.74 14.28
N GLY M 347 24.98 -48.43 13.10
CA GLY M 347 25.77 -48.31 11.87
C GLY M 347 25.30 -47.13 11.03
N GLY M 348 24.39 -46.32 11.58
CA GLY M 348 24.12 -44.99 11.06
C GLY M 348 25.29 -44.04 11.30
N TYR M 349 26.05 -44.23 12.40
CA TYR M 349 27.25 -43.50 12.79
C TYR M 349 28.44 -44.44 12.98
N PRO M 350 28.89 -45.12 11.90
CA PRO M 350 29.83 -46.25 11.94
C PRO M 350 31.27 -46.11 12.45
N LEU M 351 31.92 -44.98 12.08
CA LEU M 351 33.32 -44.74 12.41
C LEU M 351 33.44 -44.65 13.94
N LEU M 352 32.59 -43.79 14.53
CA LEU M 352 32.55 -43.58 15.98
C LEU M 352 32.20 -44.88 16.70
N TRP M 353 31.20 -45.62 16.18
CA TRP M 353 30.77 -46.89 16.75
C TRP M 353 31.93 -47.89 16.74
N SER M 354 32.64 -48.02 15.59
CA SER M 354 33.72 -49.02 15.50
C SER M 354 34.84 -48.74 16.53
N PHE M 355 35.15 -47.43 16.70
CA PHE M 355 36.10 -47.00 17.73
C PHE M 355 35.51 -47.17 19.15
N ALA M 356 34.22 -46.82 19.37
CA ALA M 356 33.56 -46.99 20.67
C ALA M 356 33.57 -48.46 21.09
N MET M 357 33.35 -49.39 20.12
CA MET M 357 33.41 -50.82 20.41
C MET M 357 34.84 -51.25 20.79
N GLY M 358 35.83 -50.79 20.02
CA GLY M 358 37.23 -51.11 20.29
C GLY M 358 37.63 -50.72 21.72
N VAL M 359 37.20 -49.52 22.17
CA VAL M 359 37.39 -49.10 23.56
C VAL M 359 36.57 -50.00 24.52
N ALA M 360 35.27 -50.19 24.25
CA ALA M 360 34.36 -50.88 25.18
C ALA M 360 34.80 -52.32 25.45
N THR M 361 35.12 -53.05 24.35
CA THR M 361 35.49 -54.46 24.42
C THR M 361 36.81 -54.65 25.18
N THR M 362 37.70 -53.62 25.09
CA THR M 362 39.02 -53.70 25.68
C THR M 362 38.96 -53.36 27.18
N ILE M 363 38.07 -52.43 27.58
CA ILE M 363 38.12 -51.86 28.92
C ILE M 363 37.12 -52.53 29.86
N ASP M 364 35.98 -53.00 29.35
CA ASP M 364 34.91 -53.50 30.20
C ASP M 364 34.71 -55.00 30.00
N ARG M 365 34.93 -55.78 31.08
CA ARG M 365 34.95 -57.25 31.10
C ARG M 365 33.59 -57.83 30.70
N SER M 366 32.52 -57.09 30.97
CA SER M 366 31.15 -57.49 30.68
C SER M 366 30.80 -57.33 29.22
N MET M 367 31.42 -56.33 28.57
CA MET M 367 31.17 -56.05 27.15
C MET M 367 31.88 -57.12 26.31
N GLY M 368 31.61 -57.10 25.00
CA GLY M 368 32.35 -57.98 24.11
C GLY M 368 31.69 -59.35 23.98
N ALA M 369 30.97 -59.77 25.03
CA ALA M 369 29.99 -60.85 24.98
C ALA M 369 28.75 -60.45 24.17
N LEU M 370 28.52 -59.12 23.94
CA LEU M 370 27.56 -58.62 22.96
C LEU M 370 28.07 -58.82 21.54
N ASN M 371 27.28 -59.48 20.68
CA ASN M 371 27.61 -59.74 19.28
C ASN M 371 27.61 -58.44 18.48
N ILE M 372 28.79 -58.01 18.01
CA ILE M 372 28.95 -56.74 17.29
C ILE M 372 29.35 -56.97 15.83
N ASN M 373 29.11 -58.19 15.34
CA ASN M 373 29.45 -58.61 13.98
C ASN M 373 28.44 -57.98 13.02
N ARG M 374 28.65 -56.69 12.75
CA ARG M 374 27.92 -55.95 11.73
C ARG M 374 28.89 -55.58 10.60
N GLY M 375 28.33 -55.40 9.40
CA GLY M 375 29.09 -54.94 8.25
C GLY M 375 29.58 -53.50 8.37
N TYR M 376 28.97 -52.73 9.31
CA TYR M 376 29.28 -51.36 9.73
C TYR M 376 30.64 -51.20 10.44
N LEU M 377 31.22 -52.30 10.95
CA LEU M 377 32.44 -52.24 11.75
C LEU M 377 33.67 -51.94 10.88
N GLU M 378 34.50 -50.99 11.29
CA GLU M 378 35.68 -50.69 10.50
C GLU M 378 36.89 -51.15 11.29
N PRO M 379 37.56 -52.24 10.86
CA PRO M 379 38.71 -52.82 11.57
C PRO M 379 39.80 -51.85 12.01
N MET M 380 40.13 -50.87 11.15
CA MET M 380 41.15 -49.88 11.43
C MET M 380 40.76 -49.04 12.65
N TYR M 381 39.52 -48.55 12.64
CA TYR M 381 38.96 -47.68 13.69
C TYR M 381 38.72 -48.48 14.99
N PHE M 382 38.28 -49.74 14.86
CA PHE M 382 38.09 -50.60 16.03
C PHE M 382 39.45 -50.87 16.69
N ARG M 383 40.49 -51.16 15.87
CA ARG M 383 41.84 -51.38 16.37
C ARG M 383 42.36 -50.10 17.03
N LEU M 384 42.05 -48.93 16.42
CA LEU M 384 42.42 -47.64 17.02
C LEU M 384 41.76 -47.54 18.40
N GLY M 385 40.49 -47.97 18.52
CA GLY M 385 39.79 -47.94 19.80
C GLY M 385 40.49 -48.82 20.85
N GLN M 386 40.86 -50.06 20.46
CA GLN M 386 41.62 -50.94 21.35
C GLN M 386 43.02 -50.33 21.62
N LYS M 387 43.75 -49.96 20.54
CA LYS M 387 45.08 -49.36 20.61
C LYS M 387 45.06 -48.14 21.55
N SER M 388 43.94 -47.40 21.58
CA SER M 388 43.73 -46.27 22.50
C SER M 388 43.55 -46.69 23.96
N ALA M 389 42.57 -47.55 24.22
CA ALA M 389 42.14 -48.05 25.50
C ALA M 389 43.20 -48.77 26.33
N ARG M 390 44.33 -49.29 25.80
CA ARG M 390 45.42 -49.94 26.53
C ARG M 390 46.69 -49.13 26.88
N HIS M 391 47.10 -48.10 26.07
CA HIS M 391 48.30 -47.28 26.34
C HIS M 391 48.00 -45.81 26.71
N ILE N 26 29.19 -29.13 23.17
CA ILE N 26 29.85 -30.26 22.38
C ILE N 26 29.92 -31.55 23.20
N PHE N 27 30.92 -31.68 24.11
CA PHE N 27 31.06 -32.78 25.08
C PHE N 27 30.01 -32.64 26.20
N GLU N 28 29.70 -31.37 26.50
CA GLU N 28 28.75 -30.95 27.52
C GLU N 28 27.35 -31.47 27.22
N GLU N 29 27.05 -31.59 25.91
CA GLU N 29 25.73 -32.02 25.44
C GLU N 29 25.54 -33.49 25.81
N ALA N 30 26.60 -34.33 25.64
CA ALA N 30 26.63 -35.75 25.97
C ALA N 30 26.29 -36.01 27.45
N ALA N 31 27.00 -35.30 28.34
CA ALA N 31 26.78 -35.37 29.78
C ALA N 31 25.33 -35.02 30.12
N SER N 32 24.83 -33.92 29.52
CA SER N 32 23.47 -33.46 29.72
C SER N 32 22.45 -34.49 29.21
N PHE N 33 22.82 -35.19 28.12
CA PHE N 33 21.98 -36.17 27.47
C PHE N 33 21.86 -37.43 28.34
N ARG N 34 22.99 -37.89 28.92
CA ARG N 34 22.99 -39.00 29.85
C ARG N 34 22.02 -38.70 30.99
N SER N 35 22.08 -37.46 31.50
CA SER N 35 21.20 -37.04 32.59
C SER N 35 19.76 -37.03 32.12
N TYR N 36 19.52 -36.59 30.86
CA TYR N 36 18.19 -36.52 30.28
C TYR N 36 17.56 -37.91 30.28
N GLN N 37 18.32 -38.89 29.73
CA GLN N 37 17.89 -40.30 29.65
C GLN N 37 17.46 -40.79 31.03
N SER N 38 18.27 -40.50 32.05
CA SER N 38 18.10 -41.01 33.41
C SER N 38 16.82 -40.48 34.05
N LYS N 39 16.42 -39.25 33.69
CA LYS N 39 15.24 -38.60 34.26
C LYS N 39 14.01 -38.69 33.35
N LEU N 40 14.21 -39.11 32.09
CA LEU N 40 13.10 -39.22 31.14
C LEU N 40 12.08 -40.23 31.64
N GLY N 41 10.80 -39.81 31.63
CA GLY N 41 9.65 -40.64 31.91
C GLY N 41 9.52 -41.02 33.38
N ARG N 42 10.43 -40.45 34.20
CA ARG N 42 10.36 -40.59 35.66
C ARG N 42 9.05 -39.97 36.18
N ASP N 43 8.59 -38.90 35.54
CA ASP N 43 7.44 -38.15 36.02
C ASP N 43 6.12 -38.70 35.49
N GLY N 44 5.09 -37.85 35.55
CA GLY N 44 3.74 -38.21 35.13
C GLY N 44 2.93 -38.76 36.30
N ARG N 45 1.61 -38.97 36.11
CA ARG N 45 0.74 -39.57 37.14
C ARG N 45 -0.02 -40.80 36.64
N ALA N 46 0.19 -41.98 37.27
CA ALA N 46 -0.24 -43.28 36.75
C ALA N 46 -1.76 -43.45 36.86
N SER N 47 -2.40 -43.95 35.79
CA SER N 47 -3.85 -44.08 35.69
C SER N 47 -4.41 -45.12 36.66
N ALA N 48 -5.57 -44.80 37.29
CA ALA N 48 -6.06 -45.54 38.44
C ALA N 48 -6.54 -46.93 38.02
N ALA N 49 -6.76 -47.09 36.69
CA ALA N 49 -7.14 -48.34 36.03
C ALA N 49 -6.16 -49.47 36.36
N THR N 50 -4.89 -49.11 36.63
CA THR N 50 -3.79 -50.05 36.93
C THR N 50 -3.89 -50.70 38.33
N ALA N 51 -4.75 -50.18 39.22
CA ALA N 51 -4.81 -50.55 40.64
C ALA N 51 -5.06 -52.06 40.84
N THR N 52 -4.10 -52.77 41.47
CA THR N 52 -4.11 -54.22 41.62
C THR N 52 -5.01 -54.64 42.81
N LEU N 53 -5.54 -55.86 42.76
CA LEU N 53 -6.65 -56.32 43.60
C LEU N 53 -6.34 -56.23 45.11
N THR N 54 -7.12 -55.39 45.83
CA THR N 54 -6.92 -55.02 47.24
C THR N 54 -7.33 -56.19 48.15
N THR N 55 -6.41 -56.48 49.08
CA THR N 55 -6.49 -57.65 49.91
C THR N 55 -7.01 -57.27 51.29
N LYS N 56 -8.11 -57.87 51.76
CA LYS N 56 -8.52 -57.81 53.16
C LYS N 56 -7.78 -58.87 53.98
N ILE N 57 -7.12 -58.41 55.07
CA ILE N 57 -6.50 -59.29 56.05
C ILE N 57 -7.02 -59.03 57.48
N ARG N 58 -7.26 -60.11 58.25
CA ARG N 58 -7.95 -60.03 59.54
C ARG N 58 -6.92 -59.93 60.67
N ILE N 59 -6.88 -58.84 61.45
CA ILE N 59 -5.79 -58.49 62.36
C ILE N 59 -6.41 -58.32 63.74
N PHE N 60 -5.93 -59.14 64.65
CA PHE N 60 -6.36 -59.13 66.06
C PHE N 60 -5.80 -57.93 66.83
N VAL N 61 -6.68 -57.19 67.54
CA VAL N 61 -6.40 -55.80 67.93
C VAL N 61 -6.96 -55.58 69.33
N PRO N 62 -6.43 -54.63 70.14
CA PRO N 62 -6.79 -54.53 71.57
C PRO N 62 -8.25 -54.13 71.79
N ALA N 63 -8.96 -54.94 72.57
CA ALA N 63 -10.26 -54.55 73.08
C ALA N 63 -10.24 -53.82 74.44
N THR N 64 -9.14 -53.86 75.20
CA THR N 64 -9.12 -53.26 76.55
C THR N 64 -7.67 -52.98 76.98
N ASN N 65 -7.43 -51.92 77.79
CA ASN N 65 -6.11 -51.32 77.98
C ASN N 65 -5.34 -51.88 79.17
N SER N 66 -4.99 -53.18 79.13
CA SER N 66 -4.27 -53.85 80.19
C SER N 66 -3.01 -54.51 79.63
N PRO N 67 -1.87 -54.42 80.35
CA PRO N 67 -0.67 -55.28 80.15
C PRO N 67 -0.94 -56.78 80.17
N GLU N 68 -1.93 -57.17 81.00
CA GLU N 68 -2.41 -58.54 81.20
C GLU N 68 -2.83 -59.16 79.86
N LEU N 69 -3.69 -58.47 79.12
CA LEU N 69 -4.20 -58.88 77.81
C LEU N 69 -3.06 -58.87 76.80
N ARG N 70 -2.28 -57.76 76.77
CA ARG N 70 -1.20 -57.50 75.80
C ARG N 70 -0.17 -58.65 75.83
N TRP N 71 0.13 -59.23 77.02
CA TRP N 71 1.08 -60.34 77.24
C TRP N 71 0.64 -61.70 76.67
N GLU N 72 -0.55 -62.17 77.08
CA GLU N 72 -1.05 -63.46 76.59
C GLU N 72 -1.28 -63.43 75.07
N LEU N 73 -1.78 -62.25 74.59
CA LEU N 73 -2.03 -62.04 73.17
C LEU N 73 -0.70 -62.09 72.40
N THR N 74 0.39 -61.54 72.95
CA THR N 74 1.71 -61.71 72.33
C THR N 74 2.10 -63.18 72.32
N LEU N 75 2.03 -63.87 73.46
CA LEU N 75 2.35 -65.29 73.42
C LEU N 75 1.67 -65.88 72.16
N PHE N 76 0.36 -65.57 72.01
CA PHE N 76 -0.40 -66.14 70.91
C PHE N 76 0.15 -65.67 69.56
N ALA N 77 0.44 -64.38 69.45
CA ALA N 77 0.94 -63.86 68.18
C ALA N 77 2.26 -64.57 67.90
N LEU N 78 2.75 -65.29 68.93
CA LEU N 78 3.98 -66.02 68.73
C LEU N 78 3.64 -67.44 68.31
N ASP N 79 2.65 -68.05 68.99
CA ASP N 79 2.23 -69.41 68.67
C ASP N 79 1.52 -69.50 67.31
N VAL N 80 0.67 -68.51 66.92
CA VAL N 80 0.04 -68.40 65.60
C VAL N 80 1.10 -68.56 64.49
N ILE N 81 2.20 -67.82 64.67
CA ILE N 81 3.31 -67.78 63.73
C ILE N 81 4.12 -69.08 63.78
N ARG N 82 4.17 -69.72 64.96
CA ARG N 82 4.90 -70.98 65.14
C ARG N 82 4.10 -72.17 64.60
N SER N 83 2.78 -72.00 64.33
CA SER N 83 1.88 -73.07 63.91
C SER N 83 2.18 -73.58 62.49
N PRO N 84 2.19 -74.93 62.26
CA PRO N 84 2.22 -75.48 60.89
C PRO N 84 0.81 -75.45 60.30
N SER N 85 -0.21 -75.31 61.18
CA SER N 85 -1.63 -75.44 60.87
C SER N 85 -2.33 -74.09 60.62
N ALA N 86 -1.73 -73.00 61.13
CA ALA N 86 -2.26 -71.65 60.95
C ALA N 86 -2.08 -71.16 59.49
N ALA N 87 -3.13 -70.54 58.88
CA ALA N 87 -3.11 -70.13 57.48
C ALA N 87 -2.38 -68.79 57.34
N GLU N 88 -1.77 -68.49 56.18
CA GLU N 88 -1.00 -67.27 55.93
C GLU N 88 -1.83 -65.99 56.16
N SER N 89 -3.13 -66.05 55.83
CA SER N 89 -4.09 -64.96 56.09
C SER N 89 -4.17 -64.61 57.57
N MET N 90 -4.18 -65.65 58.41
CA MET N 90 -4.18 -65.48 59.86
C MET N 90 -2.80 -65.00 60.33
N LYS N 91 -1.71 -65.54 59.78
CA LYS N 91 -0.31 -65.26 60.16
C LYS N 91 0.05 -63.78 59.94
N VAL N 92 -0.33 -63.22 58.79
CA VAL N 92 -0.12 -61.79 58.52
C VAL N 92 -0.85 -60.94 59.56
N GLY N 93 -2.10 -61.30 59.82
CA GLY N 93 -2.95 -60.59 60.76
C GLY N 93 -2.42 -60.65 62.20
N ALA N 94 -1.86 -61.81 62.57
CA ALA N 94 -1.11 -62.01 63.80
C ALA N 94 0.10 -61.08 63.87
N ALA N 95 0.91 -61.03 62.81
CA ALA N 95 2.09 -60.16 62.77
C ALA N 95 1.69 -58.70 62.98
N PHE N 96 0.58 -58.27 62.37
CA PHE N 96 0.01 -56.94 62.57
C PHE N 96 -0.45 -56.69 64.02
N THR N 97 -1.01 -57.70 64.72
CA THR N 97 -1.32 -57.59 66.15
C THR N 97 -0.02 -57.35 66.93
N LEU N 98 0.99 -58.18 66.62
CA LEU N 98 2.25 -58.18 67.34
C LEU N 98 2.93 -56.81 67.25
N ILE N 99 2.97 -56.17 66.04
CA ILE N 99 3.67 -54.89 65.82
C ILE N 99 2.71 -53.69 65.81
N SER N 100 1.56 -53.83 66.49
CA SER N 100 0.70 -52.70 66.83
C SER N 100 0.50 -52.53 68.33
N MET N 101 1.09 -53.41 69.18
CA MET N 101 0.95 -53.48 70.62
C MET N 101 1.14 -52.14 71.36
N TYR N 102 1.94 -51.22 70.78
CA TYR N 102 2.15 -49.85 71.25
C TYR N 102 0.85 -49.09 71.54
N SER N 103 -0.13 -49.18 70.63
CA SER N 103 -1.22 -48.20 70.47
C SER N 103 -2.31 -48.35 71.53
N GLU N 104 -2.82 -47.19 71.99
CA GLU N 104 -4.02 -47.06 72.83
C GLU N 104 -5.23 -47.69 72.13
N ARG N 105 -5.25 -47.58 70.79
CA ARG N 105 -6.38 -48.07 69.99
C ARG N 105 -5.83 -48.81 68.76
N PRO N 106 -5.46 -50.12 68.93
CA PRO N 106 -5.06 -51.03 67.84
C PRO N 106 -5.40 -50.73 66.36
N GLY N 107 -6.73 -50.59 66.09
CA GLY N 107 -7.30 -50.30 64.77
C GLY N 107 -6.78 -48.99 64.18
N ALA N 108 -6.80 -47.96 65.06
CA ALA N 108 -6.38 -46.61 64.68
C ALA N 108 -4.87 -46.57 64.35
N LEU N 109 -4.05 -47.29 65.14
CA LEU N 109 -2.60 -47.35 64.94
C LEU N 109 -2.27 -47.91 63.56
N ILE N 110 -2.87 -49.08 63.22
CA ILE N 110 -2.67 -49.71 61.91
C ILE N 110 -3.12 -48.75 60.80
N ARG N 111 -4.40 -48.28 60.84
CA ARG N 111 -4.95 -47.42 59.79
C ARG N 111 -4.11 -46.16 59.54
N SER N 112 -3.51 -45.58 60.61
CA SER N 112 -2.81 -44.30 60.60
C SER N 112 -1.38 -44.39 60.05
N LEU N 113 -0.73 -45.52 60.29
CA LEU N 113 0.65 -45.73 59.88
C LEU N 113 0.75 -46.48 58.54
N LEU N 114 -0.32 -47.22 58.19
CA LEU N 114 -0.33 -48.11 57.04
C LEU N 114 -0.40 -47.24 55.77
N ASN N 115 0.64 -47.34 54.91
CA ASN N 115 0.68 -46.68 53.60
C ASN N 115 1.11 -47.60 52.44
N ASP N 116 0.36 -48.68 52.17
CA ASP N 116 0.41 -49.52 50.97
C ASP N 116 -1.03 -49.86 50.57
N PRO N 117 -1.50 -49.50 49.33
CA PRO N 117 -2.92 -49.62 48.96
C PRO N 117 -3.36 -51.04 48.60
N ASP N 118 -2.38 -51.93 48.43
CA ASP N 118 -2.63 -53.31 48.01
C ASP N 118 -3.34 -54.09 49.13
N ILE N 119 -3.18 -53.66 50.39
CA ILE N 119 -3.74 -54.31 51.57
C ILE N 119 -4.65 -53.37 52.38
N GLU N 120 -5.78 -53.94 52.84
CA GLU N 120 -6.63 -53.31 53.83
C GLU N 120 -6.72 -54.22 55.06
N ALA N 121 -6.24 -53.72 56.21
CA ALA N 121 -6.34 -54.43 57.49
C ALA N 121 -7.71 -54.21 58.15
N VAL N 122 -8.37 -55.30 58.57
CA VAL N 122 -9.67 -55.22 59.20
C VAL N 122 -9.42 -55.75 60.60
N ILE N 123 -9.77 -54.91 61.59
CA ILE N 123 -9.50 -55.06 63.01
C ILE N 123 -10.60 -55.87 63.71
N ILE N 124 -10.17 -56.97 64.36
CA ILE N 124 -10.96 -57.91 65.17
C ILE N 124 -10.53 -57.76 66.62
N ASP N 125 -11.49 -57.32 67.46
CA ASP N 125 -11.27 -56.93 68.84
C ASP N 125 -11.04 -58.22 69.63
N VAL N 126 -9.80 -58.49 70.06
CA VAL N 126 -9.54 -59.74 70.81
C VAL N 126 -10.52 -59.83 71.99
N GLY N 127 -11.20 -60.98 72.19
CA GLY N 127 -12.17 -61.09 73.28
C GLY N 127 -11.56 -61.39 74.66
N SER N 128 -10.74 -60.46 75.20
CA SER N 128 -9.95 -60.66 76.42
C SER N 128 -8.84 -61.71 76.22
N MET N 129 -8.62 -62.05 74.94
CA MET N 129 -7.52 -62.92 74.49
C MET N 129 -7.65 -64.31 75.13
N VAL N 130 -8.88 -64.84 75.14
CA VAL N 130 -9.26 -66.01 75.94
C VAL N 130 -8.94 -67.34 75.27
N ASN N 131 -8.52 -67.33 74.00
CA ASN N 131 -8.55 -68.52 73.15
C ASN N 131 -7.59 -69.66 73.57
N GLY N 132 -6.29 -69.31 73.78
CA GLY N 132 -5.21 -70.28 74.01
C GLY N 132 -4.02 -69.98 73.08
N ILE N 133 -3.47 -71.03 72.45
CA ILE N 133 -2.43 -70.93 71.42
C ILE N 133 -2.94 -70.21 70.15
N PRO N 134 -4.18 -70.51 69.66
CA PRO N 134 -4.70 -69.91 68.42
C PRO N 134 -5.41 -68.57 68.75
N VAL N 135 -5.83 -67.80 67.73
CA VAL N 135 -6.65 -66.58 67.92
C VAL N 135 -8.04 -66.98 68.46
N MET N 136 -8.69 -66.04 69.14
CA MET N 136 -9.90 -66.30 69.93
C MET N 136 -11.21 -66.09 69.14
N GLU N 137 -12.13 -67.05 69.31
CA GLU N 137 -13.30 -67.17 68.46
C GLU N 137 -14.21 -65.97 68.73
N ARG N 138 -14.41 -65.13 67.69
CA ARG N 138 -15.31 -64.01 67.82
C ARG N 138 -16.79 -64.47 68.02
N GLN N 144 -18.64 -71.93 63.82
CA GLN N 144 -18.24 -72.57 65.11
C GLN N 144 -16.93 -73.34 64.96
N GLU N 145 -16.66 -73.78 63.72
CA GLU N 145 -15.48 -74.58 63.40
C GLU N 145 -14.24 -73.71 63.16
N GLU N 146 -14.44 -72.44 62.73
CA GLU N 146 -13.35 -71.47 62.68
C GLU N 146 -12.49 -71.56 63.96
N MET N 147 -13.16 -71.54 65.12
CA MET N 147 -12.54 -71.61 66.44
C MET N 147 -11.82 -72.95 66.66
N GLU N 148 -12.37 -74.01 66.05
CA GLU N 148 -11.78 -75.35 66.10
C GLU N 148 -10.62 -75.49 65.11
N GLY N 149 -10.71 -74.78 63.96
CA GLY N 149 -9.56 -74.59 63.08
C GLY N 149 -8.40 -73.93 63.82
N LEU N 150 -8.68 -72.82 64.54
CA LEU N 150 -7.74 -72.13 65.42
C LEU N 150 -7.16 -73.10 66.46
N MET N 151 -7.99 -73.91 67.13
CA MET N 151 -7.56 -74.89 68.12
C MET N 151 -6.56 -75.88 67.50
N ARG N 152 -6.89 -76.41 66.30
CA ARG N 152 -6.03 -77.32 65.56
C ARG N 152 -4.68 -76.66 65.26
N ILE N 153 -4.76 -75.40 64.79
CA ILE N 153 -3.58 -74.59 64.49
C ILE N 153 -2.67 -74.51 65.72
N LEU N 154 -3.21 -74.18 66.90
CA LEU N 154 -2.48 -73.99 68.16
C LEU N 154 -1.91 -75.32 68.66
N LYS N 155 -2.71 -76.41 68.60
CA LYS N 155 -2.28 -77.75 69.01
C LYS N 155 -1.06 -78.15 68.16
N THR N 156 -1.26 -78.11 66.82
CA THR N 156 -0.23 -78.48 65.85
C THR N 156 1.04 -77.66 66.09
N ALA N 157 0.88 -76.36 66.41
CA ALA N 157 1.99 -75.46 66.73
C ALA N 157 2.80 -75.99 67.90
N ARG N 158 2.13 -76.23 69.04
CA ARG N 158 2.73 -76.76 70.26
C ARG N 158 3.45 -78.08 69.94
N ASP N 159 2.72 -79.05 69.33
CA ASP N 159 3.17 -80.43 69.12
C ASP N 159 4.41 -80.49 68.22
N SER N 160 4.35 -79.74 67.09
CA SER N 160 5.38 -79.72 66.05
C SER N 160 6.67 -79.07 66.58
N SER N 161 6.50 -78.11 67.48
CA SER N 161 7.62 -77.40 68.09
C SER N 161 8.07 -78.03 69.41
N LYS N 162 7.57 -79.27 69.70
CA LYS N 162 8.09 -80.04 70.83
C LYS N 162 7.89 -79.27 72.16
N GLY N 163 6.70 -78.70 72.31
CA GLY N 163 6.27 -78.10 73.57
C GLY N 163 6.64 -76.61 73.71
N LYS N 164 7.42 -75.99 72.79
CA LYS N 164 8.14 -74.75 73.10
C LYS N 164 7.16 -73.57 73.14
N THR N 165 7.03 -72.84 74.26
CA THR N 165 6.18 -71.66 74.31
C THR N 165 7.00 -70.44 73.86
N PRO N 166 6.46 -69.19 73.97
CA PRO N 166 7.11 -67.97 73.45
C PRO N 166 8.53 -67.70 73.97
N PHE N 167 8.68 -67.92 75.28
CA PHE N 167 9.91 -67.57 75.98
C PHE N 167 10.91 -68.74 75.96
N VAL N 168 12.22 -68.42 76.13
CA VAL N 168 13.33 -69.38 76.05
C VAL N 168 13.37 -70.25 77.32
N ASP N 169 13.00 -69.63 78.43
CA ASP N 169 12.99 -70.27 79.75
C ASP N 169 11.56 -70.21 80.31
N SER N 170 10.98 -71.40 80.51
CA SER N 170 9.55 -71.68 80.38
C SER N 170 8.64 -70.88 81.30
N ARG N 171 9.09 -70.57 82.53
CA ARG N 171 8.31 -69.83 83.54
C ARG N 171 7.86 -68.48 83.00
N ALA N 172 8.74 -67.87 82.17
CA ALA N 172 8.42 -66.59 81.54
C ALA N 172 7.21 -66.74 80.62
N TYR N 173 7.11 -67.88 79.89
CA TYR N 173 6.03 -68.14 78.94
C TYR N 173 4.69 -68.27 79.68
N GLY N 174 4.73 -68.78 80.92
CA GLY N 174 3.52 -68.98 81.73
C GLY N 174 3.06 -67.69 82.42
N LEU N 175 4.05 -66.81 82.69
CA LEU N 175 3.81 -65.68 83.59
C LEU N 175 2.97 -64.58 82.94
N ARG N 176 1.71 -64.29 83.35
CA ARG N 176 0.99 -63.13 82.84
C ARG N 176 1.53 -61.92 83.60
N ILE N 177 1.87 -60.81 82.92
CA ILE N 177 2.36 -59.61 83.60
C ILE N 177 1.29 -58.52 83.56
N THR N 178 0.99 -57.86 84.71
CA THR N 178 -0.29 -57.25 85.04
C THR N 178 -0.24 -55.72 85.24
N ASP N 179 0.94 -55.09 85.25
CA ASP N 179 1.08 -53.65 85.42
C ASP N 179 2.05 -53.07 84.38
N MET N 180 1.93 -51.76 84.13
CA MET N 180 2.55 -51.01 83.04
C MET N 180 4.07 -51.21 82.95
N SER N 181 4.75 -51.11 84.12
CA SER N 181 6.21 -51.05 84.22
C SER N 181 6.83 -52.37 83.70
N THR N 182 6.26 -53.50 84.20
CA THR N 182 6.66 -54.86 83.83
C THR N 182 6.33 -55.12 82.36
N LEU N 183 5.13 -54.65 81.92
CA LEU N 183 4.64 -54.77 80.55
C LEU N 183 5.67 -54.16 79.58
N VAL N 184 6.02 -52.87 79.77
CA VAL N 184 6.95 -52.14 78.89
C VAL N 184 8.34 -52.79 78.94
N SER N 185 8.79 -53.21 80.13
CA SER N 185 10.04 -53.95 80.25
C SER N 185 10.08 -55.19 79.33
N ALA N 186 8.98 -55.95 79.35
CA ALA N 186 8.83 -57.19 78.59
C ALA N 186 8.70 -56.88 77.09
N VAL N 187 7.70 -56.04 76.75
CA VAL N 187 7.36 -55.68 75.37
C VAL N 187 8.58 -55.08 74.67
N ILE N 188 9.30 -54.11 75.26
CA ILE N 188 10.50 -53.50 74.68
C ILE N 188 11.54 -54.60 74.40
N THR N 189 11.57 -55.66 75.23
CA THR N 189 12.52 -56.77 75.13
C THR N 189 12.24 -57.64 73.88
N ILE N 190 10.95 -58.02 73.76
CA ILE N 190 10.49 -58.83 72.63
C ILE N 190 10.56 -58.04 71.31
N GLU N 191 9.90 -56.87 71.28
CA GLU N 191 9.81 -56.12 70.02
C GLU N 191 11.23 -55.82 69.53
N ALA N 192 12.16 -55.50 70.44
CA ALA N 192 13.56 -55.26 70.04
C ALA N 192 14.14 -56.52 69.40
N GLN N 193 13.72 -57.71 69.89
CA GLN N 193 14.14 -58.98 69.29
C GLN N 193 13.63 -59.05 67.83
N ILE N 194 12.47 -58.42 67.57
CA ILE N 194 11.94 -58.27 66.21
C ILE N 194 12.80 -57.31 65.37
N TRP N 195 13.16 -56.16 65.96
CA TRP N 195 13.86 -55.07 65.27
C TRP N 195 15.30 -55.49 64.94
N ILE N 196 15.95 -56.37 65.72
CA ILE N 196 17.24 -56.97 65.39
C ILE N 196 17.20 -57.72 64.05
N LEU N 197 16.03 -58.21 63.67
CA LEU N 197 15.85 -59.03 62.50
C LEU N 197 15.83 -58.19 61.20
N ILE N 198 15.07 -57.08 61.17
CA ILE N 198 14.85 -56.20 60.02
C ILE N 198 16.16 -55.85 59.31
N ALA N 199 17.23 -55.68 60.09
CA ALA N 199 18.59 -55.37 59.65
C ALA N 199 19.14 -56.35 58.62
N LYS N 200 18.70 -57.61 58.65
CA LYS N 200 19.15 -58.66 57.73
C LYS N 200 18.01 -59.43 57.02
N ALA N 201 16.74 -59.25 57.43
CA ALA N 201 15.57 -59.94 56.86
C ALA N 201 15.49 -59.91 55.32
N VAL N 202 15.88 -58.78 54.71
CA VAL N 202 15.75 -58.61 53.28
C VAL N 202 17.13 -58.41 52.62
N THR N 203 18.24 -58.80 53.29
CA THR N 203 19.57 -58.77 52.70
C THR N 203 20.25 -60.14 52.82
N ALA N 204 19.89 -60.93 53.84
CA ALA N 204 20.47 -62.24 54.12
C ALA N 204 19.71 -62.95 55.25
N PRO N 205 18.49 -63.50 55.00
CA PRO N 205 17.54 -63.91 56.06
C PRO N 205 17.96 -65.15 56.85
N ASP N 206 19.06 -65.77 56.42
CA ASP N 206 19.81 -66.85 57.06
C ASP N 206 21.25 -66.35 57.17
N THR N 207 21.96 -66.79 58.22
CA THR N 207 23.20 -66.12 58.60
C THR N 207 22.92 -64.87 59.46
N ALA N 208 21.63 -64.67 59.80
CA ALA N 208 21.12 -63.50 60.53
C ALA N 208 21.64 -63.40 61.98
N GLU N 209 21.77 -64.58 62.61
CA GLU N 209 21.99 -64.77 64.05
C GLU N 209 23.15 -63.94 64.59
N GLU N 210 24.31 -63.89 63.90
CA GLU N 210 25.52 -63.19 64.39
C GLU N 210 25.21 -61.72 64.69
N SER N 211 24.59 -61.07 63.70
CA SER N 211 24.26 -59.65 63.77
C SER N 211 23.18 -59.41 64.84
N GLU N 212 22.12 -60.23 64.83
CA GLU N 212 20.96 -59.99 65.69
C GLU N 212 21.34 -60.23 67.15
N THR N 213 22.27 -61.16 67.43
CA THR N 213 22.78 -61.38 68.79
C THR N 213 23.68 -60.23 69.23
N ARG N 214 24.50 -59.70 68.29
CA ARG N 214 25.40 -58.58 68.55
C ARG N 214 24.59 -57.35 68.98
N ARG N 215 23.48 -57.10 68.28
CA ARG N 215 22.56 -56.02 68.63
C ARG N 215 21.84 -56.32 69.95
N TRP N 216 21.49 -57.58 70.26
CA TRP N 216 20.85 -58.00 71.52
C TRP N 216 21.71 -57.64 72.73
N ALA N 217 23.01 -58.01 72.63
CA ALA N 217 24.01 -57.73 73.65
C ALA N 217 23.96 -56.24 74.10
N LYS N 218 24.03 -55.34 73.09
CA LYS N 218 23.92 -53.88 73.27
C LYS N 218 22.66 -53.49 74.07
N TYR N 219 21.46 -53.86 73.63
CA TYR N 219 20.22 -53.39 74.23
C TYR N 219 20.07 -53.88 75.69
N VAL N 220 20.59 -55.08 76.00
CA VAL N 220 20.56 -55.66 77.35
C VAL N 220 21.58 -54.96 78.25
N GLN N 221 22.79 -54.76 77.73
CA GLN N 221 23.88 -54.13 78.48
C GLN N 221 23.51 -52.68 78.83
N GLN N 222 22.85 -52.00 77.89
CA GLN N 222 22.31 -50.65 78.03
C GLN N 222 21.01 -50.62 78.81
N LYS N 223 20.54 -51.78 79.32
CA LYS N 223 19.39 -51.92 80.23
C LYS N 223 18.05 -51.42 79.65
N ARG N 224 17.88 -51.45 78.33
CA ARG N 224 16.62 -51.10 77.68
C ARG N 224 15.54 -52.18 77.84
N VAL N 225 15.98 -53.45 77.87
CA VAL N 225 15.06 -54.56 77.57
C VAL N 225 15.15 -55.65 78.64
N ASN N 226 13.98 -56.21 79.01
CA ASN N 226 13.76 -56.95 80.26
C ASN N 226 13.83 -58.45 80.00
N PRO N 227 14.95 -59.13 80.39
CA PRO N 227 15.21 -60.52 80.00
C PRO N 227 14.27 -61.52 80.69
N PHE N 228 13.45 -61.05 81.66
CA PHE N 228 12.33 -61.81 82.21
C PHE N 228 11.43 -62.34 81.09
N PHE N 229 11.27 -61.52 80.05
CA PHE N 229 10.43 -61.90 78.92
C PHE N 229 11.16 -62.62 77.76
N ALA N 230 12.36 -63.21 77.97
CA ALA N 230 13.27 -63.43 76.81
C ALA N 230 12.76 -64.47 75.83
N LEU N 231 12.74 -64.15 74.52
CA LEU N 231 11.89 -64.81 73.54
C LEU N 231 12.70 -65.75 72.67
N THR N 232 12.11 -66.92 72.36
CA THR N 232 12.88 -68.12 72.02
C THR N 232 13.34 -68.04 70.57
N GLN N 233 14.56 -68.58 70.25
CA GLN N 233 15.16 -68.50 68.90
C GLN N 233 14.16 -68.99 67.84
N GLN N 234 13.49 -70.09 68.19
CA GLN N 234 12.50 -70.71 67.32
C GLN N 234 11.36 -69.75 66.94
N TRP N 235 10.80 -69.01 67.93
CA TRP N 235 9.71 -68.06 67.69
C TRP N 235 10.24 -66.87 66.90
N LEU N 236 11.42 -66.34 67.32
CA LEU N 236 11.99 -65.16 66.68
C LEU N 236 12.31 -65.42 65.20
N THR N 237 12.83 -66.63 64.90
CA THR N 237 13.18 -67.00 63.52
C THR N 237 11.91 -67.17 62.69
N GLU N 238 10.84 -67.75 63.27
CA GLU N 238 9.57 -67.93 62.59
C GLU N 238 8.97 -66.58 62.20
N MET N 239 9.05 -65.57 63.10
CA MET N 239 8.60 -64.20 62.83
C MET N 239 9.52 -63.50 61.82
N ARG N 240 10.86 -63.65 61.98
CA ARG N 240 11.86 -63.05 61.09
C ARG N 240 11.59 -63.49 59.65
N ASN N 241 11.36 -64.81 59.48
CA ASN N 241 11.11 -65.43 58.18
C ASN N 241 9.80 -64.90 57.60
N LEU N 242 8.72 -64.76 58.41
CA LEU N 242 7.44 -64.18 57.96
C LEU N 242 7.69 -62.78 57.40
N LEU N 243 8.52 -61.95 58.07
CA LEU N 243 8.87 -60.60 57.61
C LEU N 243 9.64 -60.63 56.28
N SER N 244 10.66 -61.51 56.18
CA SER N 244 11.46 -61.63 54.97
C SER N 244 10.60 -61.96 53.75
N GLN N 245 9.63 -62.87 53.94
CA GLN N 245 8.98 -63.53 52.82
C GLN N 245 7.62 -62.91 52.50
N SER N 246 7.13 -61.96 53.31
CA SER N 246 5.87 -61.27 53.04
C SER N 246 6.12 -59.77 52.89
N LEU N 247 5.51 -59.23 51.83
CA LEU N 247 5.62 -57.82 51.49
C LEU N 247 4.68 -57.00 52.37
N SER N 248 3.48 -57.54 52.63
CA SER N 248 2.44 -56.79 53.33
C SER N 248 2.89 -56.37 54.74
N VAL N 249 3.55 -57.32 55.41
CA VAL N 249 4.15 -57.14 56.73
C VAL N 249 5.23 -56.04 56.69
N ARG N 250 6.18 -56.18 55.76
CA ARG N 250 7.33 -55.32 55.54
C ARG N 250 6.84 -53.89 55.27
N LYS N 251 5.76 -53.72 54.50
CA LYS N 251 5.13 -52.43 54.22
C LYS N 251 4.74 -51.73 55.54
N PHE N 252 4.00 -52.42 56.42
CA PHE N 252 3.64 -51.85 57.73
C PHE N 252 4.86 -51.51 58.60
N MET N 253 5.80 -52.47 58.66
CA MET N 253 7.05 -52.28 59.41
C MET N 253 7.76 -51.00 58.93
N VAL N 254 8.01 -50.88 57.62
CA VAL N 254 8.73 -49.74 57.05
C VAL N 254 7.93 -48.45 57.22
N GLU N 255 6.59 -48.51 57.20
CA GLU N 255 5.75 -47.35 57.49
C GLU N 255 6.06 -46.80 58.89
N ILE N 256 6.03 -47.71 59.90
CA ILE N 256 6.34 -47.38 61.30
C ILE N 256 7.78 -46.87 61.44
N LEU N 257 8.72 -47.58 60.75
CA LEU N 257 10.17 -47.35 60.81
C LEU N 257 10.52 -45.94 60.30
N ILE N 258 9.83 -45.48 59.25
CA ILE N 258 9.93 -44.13 58.71
C ILE N 258 9.31 -43.14 59.71
N GLU N 259 8.12 -43.47 60.24
CA GLU N 259 7.34 -42.49 61.03
C GLU N 259 8.10 -42.08 62.29
N VAL N 260 8.68 -43.09 62.98
CA VAL N 260 9.34 -42.84 64.25
C VAL N 260 10.76 -42.31 64.07
N LYS N 261 11.33 -42.49 62.85
CA LYS N 261 12.66 -41.99 62.52
C LYS N 261 12.69 -40.47 62.45
N LYS N 262 11.52 -39.86 62.15
CA LYS N 262 11.38 -38.41 62.07
C LYS N 262 11.69 -37.80 63.44
N GLY N 263 12.34 -36.62 63.41
CA GLY N 263 12.91 -36.01 64.60
C GLY N 263 11.90 -35.10 65.30
N GLY N 264 12.41 -34.23 66.19
CA GLY N 264 11.63 -33.46 67.16
C GLY N 264 10.84 -34.31 68.17
N SER N 265 11.27 -35.54 68.50
CA SER N 265 10.65 -36.14 69.68
C SER N 265 11.35 -37.42 70.05
N ALA N 266 11.73 -37.52 71.35
CA ALA N 266 12.15 -38.79 71.91
C ALA N 266 10.94 -39.72 71.93
N LYS N 267 11.25 -41.01 72.00
CA LYS N 267 10.24 -42.01 72.18
C LYS N 267 10.42 -42.78 73.51
N GLY N 268 9.26 -43.12 74.12
CA GLY N 268 9.04 -44.19 75.09
C GLY N 268 9.14 -45.56 74.39
N ARG N 269 8.83 -46.68 75.07
CA ARG N 269 9.35 -48.02 74.76
C ARG N 269 9.30 -48.38 73.26
N ALA N 270 8.09 -48.20 72.70
CA ALA N 270 7.75 -48.58 71.32
C ALA N 270 8.70 -47.90 70.32
N VAL N 271 8.66 -46.57 70.38
CA VAL N 271 9.42 -45.77 69.41
C VAL N 271 10.93 -45.89 69.71
N GLU N 272 11.28 -46.14 70.99
CA GLU N 272 12.67 -46.23 71.44
C GLU N 272 13.32 -47.42 70.74
N ILE N 273 12.60 -48.57 70.68
CA ILE N 273 13.13 -49.76 70.01
C ILE N 273 13.42 -49.43 68.54
N ILE N 274 12.45 -48.74 67.89
CA ILE N 274 12.59 -48.37 66.48
C ILE N 274 13.84 -47.48 66.33
N SER N 275 14.00 -46.45 67.20
CA SER N 275 15.11 -45.51 67.10
C SER N 275 16.46 -46.23 67.28
N ASP N 276 16.49 -47.19 68.23
CA ASP N 276 17.73 -47.91 68.54
C ASP N 276 18.10 -48.75 67.32
N ILE N 277 17.12 -49.56 66.88
CA ILE N 277 17.38 -50.47 65.76
C ILE N 277 17.68 -49.65 64.51
N GLY N 278 16.93 -48.54 64.31
CA GLY N 278 17.06 -47.62 63.20
C GLY N 278 18.52 -47.27 62.90
N ASN N 279 19.37 -47.16 63.95
CA ASN N 279 20.75 -46.73 63.79
C ASN N 279 21.59 -47.76 63.01
N TYR N 280 21.09 -49.00 62.93
CA TYR N 280 21.69 -50.06 62.14
C TYR N 280 21.04 -50.21 60.76
N VAL N 281 19.75 -49.82 60.72
CA VAL N 281 18.81 -50.07 59.63
C VAL N 281 18.96 -49.03 58.53
N GLU N 282 19.24 -47.76 58.87
CA GLU N 282 19.41 -46.72 57.85
C GLU N 282 20.59 -47.03 56.90
N GLU N 283 20.46 -46.64 55.62
CA GLU N 283 21.44 -46.85 54.56
C GLU N 283 21.60 -48.31 54.13
N THR N 284 20.92 -49.22 54.84
CA THR N 284 21.12 -50.64 54.59
C THR N 284 20.53 -51.01 53.23
N GLY N 285 21.24 -51.84 52.48
CA GLY N 285 20.80 -52.24 51.15
C GLY N 285 20.93 -51.12 50.12
N MET N 286 21.69 -50.07 50.47
CA MET N 286 22.30 -49.15 49.50
C MET N 286 23.84 -49.21 49.59
N ALA N 287 24.36 -50.38 49.98
CA ALA N 287 25.77 -50.70 50.26
C ALA N 287 26.72 -50.01 49.30
N GLY N 288 26.52 -50.34 48.02
CA GLY N 288 27.28 -49.84 46.89
C GLY N 288 27.43 -48.31 46.89
N PHE N 289 26.31 -47.58 47.03
CA PHE N 289 26.27 -46.11 46.98
C PHE N 289 27.15 -45.52 48.07
N PHE N 290 26.85 -45.87 49.34
CA PHE N 290 27.58 -45.37 50.51
C PHE N 290 29.09 -45.70 50.40
N ALA N 291 29.40 -46.96 50.04
CA ALA N 291 30.79 -47.41 50.01
C ALA N 291 31.61 -46.64 48.97
N THR N 292 30.98 -46.34 47.83
CA THR N 292 31.64 -45.56 46.79
C THR N 292 31.86 -44.12 47.27
N ILE N 293 30.91 -43.58 48.07
CA ILE N 293 31.08 -42.21 48.59
C ILE N 293 32.22 -42.20 49.62
N ARG N 294 32.19 -43.11 50.61
CA ARG N 294 33.18 -43.10 51.68
C ARG N 294 34.60 -43.41 51.11
N PHE N 295 34.66 -44.48 50.31
CA PHE N 295 35.95 -45.04 49.88
C PHE N 295 36.07 -44.82 48.37
N GLY N 296 37.26 -44.35 47.94
CA GLY N 296 37.36 -43.86 46.59
C GLY N 296 36.99 -42.38 46.52
N LEU N 297 35.70 -42.02 46.68
CA LEU N 297 35.27 -40.64 46.34
C LEU N 297 35.77 -39.61 47.34
N GLU N 298 35.40 -39.74 48.61
CA GLU N 298 35.86 -38.84 49.65
C GLU N 298 37.36 -38.93 49.84
N THR N 299 37.90 -40.13 49.56
CA THR N 299 39.34 -40.34 49.66
C THR N 299 40.10 -39.51 48.61
N ARG N 300 39.44 -39.08 47.50
CA ARG N 300 39.99 -38.13 46.51
C ARG N 300 41.37 -38.45 46.01
N TYR N 301 41.56 -39.76 45.71
CA TYR N 301 42.79 -40.25 45.10
C TYR N 301 43.03 -39.57 43.74
N PRO N 302 44.27 -39.68 43.20
CA PRO N 302 44.61 -39.04 41.93
C PRO N 302 44.13 -39.89 40.75
N ALA N 303 43.70 -41.13 41.03
CA ALA N 303 43.17 -42.05 40.04
C ALA N 303 41.81 -41.58 39.51
N LEU N 304 41.16 -40.63 40.24
CA LEU N 304 39.90 -40.04 39.83
C LEU N 304 40.05 -39.21 38.56
N ALA N 305 41.21 -38.57 38.42
CA ALA N 305 41.52 -37.85 37.18
C ALA N 305 41.69 -38.84 36.01
N LEU N 306 41.97 -40.09 36.38
CA LEU N 306 42.27 -41.12 35.38
C LEU N 306 41.16 -41.14 34.32
N ASN N 307 41.57 -41.21 33.04
CA ASN N 307 40.63 -41.23 31.92
C ASN N 307 39.54 -42.27 32.16
N GLU N 308 40.00 -43.50 32.44
CA GLU N 308 39.15 -44.64 32.70
C GLU N 308 38.01 -44.23 33.63
N PHE N 309 38.33 -43.36 34.59
CA PHE N 309 37.41 -42.94 35.65
C PHE N 309 36.22 -42.09 35.19
N GLN N 310 36.42 -41.30 34.10
CA GLN N 310 35.58 -40.14 33.81
C GLN N 310 34.10 -40.54 33.70
N SER N 311 33.86 -41.61 32.94
CA SER N 311 32.52 -42.17 32.69
C SER N 311 31.85 -42.58 34.00
N ASP N 312 32.65 -43.18 34.89
CA ASP N 312 32.14 -43.63 36.19
C ASP N 312 31.79 -42.42 37.04
N LEU N 313 32.67 -41.39 37.09
CA LEU N 313 32.37 -40.16 37.83
C LEU N 313 31.05 -39.53 37.35
N ASN N 314 30.88 -39.42 36.01
CA ASN N 314 29.66 -38.89 35.42
C ASN N 314 28.45 -39.72 35.87
N THR N 315 28.67 -41.05 35.99
CA THR N 315 27.66 -41.98 36.48
C THR N 315 27.25 -41.58 37.90
N ILE N 316 28.26 -41.50 38.79
CA ILE N 316 28.01 -41.25 40.21
C ILE N 316 27.24 -39.94 40.34
N LYS N 317 27.66 -38.89 39.61
CA LYS N 317 26.99 -37.58 39.64
C LYS N 317 25.49 -37.77 39.36
N SER N 318 25.16 -38.48 38.26
CA SER N 318 23.78 -38.74 37.85
C SER N 318 23.03 -39.47 38.98
N LEU N 319 23.73 -40.42 39.64
CA LEU N 319 23.20 -41.21 40.75
C LEU N 319 22.83 -40.34 41.96
N MET N 320 23.76 -39.44 42.33
CA MET N 320 23.59 -38.61 43.51
C MET N 320 22.39 -37.69 43.30
N LEU N 321 22.30 -37.03 42.12
CA LEU N 321 21.17 -36.15 41.78
C LEU N 321 19.88 -36.96 41.73
N LEU N 322 19.96 -38.22 41.23
CA LEU N 322 18.81 -39.12 41.21
C LEU N 322 18.29 -39.38 42.64
N TYR N 323 19.25 -39.72 43.53
CA TYR N 323 19.00 -40.08 44.92
C TYR N 323 18.22 -38.97 45.62
N ARG N 324 18.69 -37.73 45.39
CA ARG N 324 18.07 -36.51 45.88
C ARG N 324 16.61 -36.43 45.44
N GLU N 325 16.37 -36.77 44.16
CA GLU N 325 15.05 -36.65 43.54
C GLU N 325 14.08 -37.68 44.13
N ILE N 326 14.59 -38.84 44.53
CA ILE N 326 13.71 -39.85 45.13
C ILE N 326 13.23 -39.41 46.51
N GLY N 327 14.11 -38.72 47.26
CA GLY N 327 13.78 -38.01 48.50
C GLY N 327 13.49 -38.93 49.70
N PRO N 328 12.40 -38.63 50.45
CA PRO N 328 11.87 -39.40 51.60
C PRO N 328 12.21 -40.87 51.87
N ARG N 329 12.07 -41.74 50.88
CA ARG N 329 12.28 -43.16 51.14
C ARG N 329 13.77 -43.55 51.15
N ALA N 330 14.72 -42.64 50.77
CA ALA N 330 16.08 -42.99 50.30
C ALA N 330 16.86 -43.93 51.23
N PRO N 331 16.90 -43.64 52.54
CA PRO N 331 17.69 -44.44 53.46
C PRO N 331 17.15 -45.86 53.72
N TYR N 332 16.00 -46.22 53.10
CA TYR N 332 15.39 -47.52 53.34
C TYR N 332 14.77 -48.13 52.07
N MET N 333 15.33 -47.79 50.89
CA MET N 333 14.84 -48.25 49.59
C MET N 333 14.71 -49.77 49.48
N VAL N 334 15.71 -50.47 50.06
CA VAL N 334 15.83 -51.94 50.08
C VAL N 334 14.61 -52.54 50.78
N LEU N 335 14.30 -52.01 51.97
CA LEU N 335 13.20 -52.48 52.79
C LEU N 335 11.85 -52.23 52.11
N LEU N 336 11.77 -51.14 51.33
CA LEU N 336 10.54 -50.82 50.61
C LEU N 336 10.44 -51.61 49.29
N GLU N 337 11.46 -52.42 48.94
CA GLU N 337 11.50 -53.11 47.64
C GLU N 337 11.45 -52.12 46.46
N GLU N 338 11.86 -50.85 46.67
CA GLU N 338 11.58 -49.77 45.71
C GLU N 338 12.24 -50.06 44.36
N SER N 339 11.47 -50.12 43.26
CA SER N 339 12.00 -50.50 41.95
C SER N 339 13.18 -49.66 41.47
N ILE N 340 13.05 -48.34 41.69
CA ILE N 340 14.07 -47.39 41.27
C ILE N 340 15.43 -47.81 41.86
N GLN N 341 15.38 -48.43 43.04
CA GLN N 341 16.59 -48.84 43.73
C GLN N 341 17.51 -49.63 42.83
N THR N 342 16.91 -50.38 41.89
CA THR N 342 17.70 -51.22 40.99
C THR N 342 18.68 -50.36 40.22
N LYS N 343 18.25 -49.14 39.84
CA LYS N 343 19.04 -48.21 39.05
C LYS N 343 20.27 -47.79 39.84
N PHE N 344 20.03 -47.56 41.14
CA PHE N 344 20.99 -47.14 42.14
C PHE N 344 22.02 -48.24 42.37
N ALA N 345 21.76 -49.49 41.91
CA ALA N 345 22.57 -50.68 42.21
C ALA N 345 24.08 -50.53 41.94
N PRO N 346 24.96 -51.20 42.73
CA PRO N 346 26.40 -51.11 42.53
C PRO N 346 26.84 -52.08 41.45
N GLY N 347 26.82 -51.56 40.25
CA GLY N 347 27.17 -52.46 39.18
C GLY N 347 26.68 -51.58 38.07
N GLY N 348 26.06 -50.50 38.58
CA GLY N 348 25.68 -49.40 37.71
C GLY N 348 26.90 -48.62 37.25
N TYR N 349 27.94 -48.55 38.11
CA TYR N 349 29.23 -47.94 37.78
C TYR N 349 30.41 -48.86 38.13
N PRO N 350 30.51 -50.02 37.43
CA PRO N 350 31.33 -51.15 37.88
C PRO N 350 32.83 -50.86 38.04
N LEU N 351 33.37 -50.09 37.08
CA LEU N 351 34.79 -49.77 37.01
C LEU N 351 35.21 -49.00 38.26
N LEU N 352 34.45 -47.93 38.53
CA LEU N 352 34.69 -47.06 39.67
C LEU N 352 34.39 -47.79 41.00
N TRP N 353 33.21 -48.44 41.09
CA TRP N 353 32.87 -49.25 42.27
C TRP N 353 34.05 -50.15 42.64
N SER N 354 34.65 -50.81 41.62
CA SER N 354 35.76 -51.72 41.85
C SER N 354 36.95 -50.98 42.46
N PHE N 355 37.31 -49.82 41.88
CA PHE N 355 38.35 -48.98 42.46
C PHE N 355 37.99 -48.67 43.92
N ALA N 356 36.73 -48.28 44.20
CA ALA N 356 36.29 -47.90 45.54
C ALA N 356 36.44 -49.07 46.52
N MET N 357 36.08 -50.30 46.06
CA MET N 357 36.25 -51.49 46.88
C MET N 357 37.75 -51.78 47.11
N GLY N 358 38.57 -51.75 46.03
CA GLY N 358 40.01 -51.99 46.13
C GLY N 358 40.65 -51.12 47.21
N VAL N 359 40.28 -49.82 47.26
CA VAL N 359 40.65 -48.89 48.33
C VAL N 359 40.05 -49.36 49.67
N ALA N 360 38.72 -49.51 49.72
CA ALA N 360 37.97 -49.77 50.96
C ALA N 360 38.53 -50.98 51.73
N THR N 361 38.68 -52.11 51.01
CA THR N 361 39.15 -53.39 51.55
C THR N 361 40.59 -53.27 52.08
N THR N 362 41.38 -52.36 51.48
CA THR N 362 42.78 -52.18 51.84
C THR N 362 42.91 -51.29 53.08
N ILE N 363 42.02 -50.29 53.22
CA ILE N 363 42.20 -49.20 54.19
C ILE N 363 41.40 -49.48 55.46
N ASP N 364 40.23 -50.15 55.37
CA ASP N 364 39.34 -50.28 56.51
C ASP N 364 39.26 -51.75 56.95
N ARG N 365 39.69 -51.99 58.21
CA ARG N 365 39.65 -53.26 58.93
C ARG N 365 38.22 -53.79 59.05
N SER N 366 37.23 -52.90 59.04
CA SER N 366 35.83 -53.26 59.15
C SER N 366 35.26 -53.79 57.84
N MET N 367 35.81 -53.33 56.71
CA MET N 367 35.38 -53.75 55.38
C MET N 367 35.92 -55.15 55.11
N GLY N 368 35.45 -55.81 54.04
CA GLY N 368 36.02 -57.11 53.70
C GLY N 368 35.27 -58.26 54.35
N ALA N 369 34.65 -57.97 55.53
CA ALA N 369 33.59 -58.79 56.12
C ALA N 369 32.28 -58.72 55.31
N LEU N 370 32.13 -57.67 54.47
CA LEU N 370 31.05 -57.60 53.48
C LEU N 370 31.39 -58.50 52.30
N ASN N 371 30.42 -59.37 51.93
CA ASN N 371 30.51 -60.25 50.76
C ASN N 371 30.51 -59.44 49.46
N ILE N 372 31.64 -59.45 48.73
CA ILE N 372 31.88 -58.58 47.57
C ILE N 372 31.94 -59.37 46.26
N ASN N 373 31.45 -60.60 46.28
CA ASN N 373 31.50 -61.49 45.12
C ASN N 373 30.46 -61.08 44.09
N ARG N 374 30.80 -60.07 43.28
CA ARG N 374 29.92 -59.68 42.19
C ARG N 374 30.60 -60.01 40.86
N GLY N 375 29.78 -60.38 39.86
CA GLY N 375 30.25 -60.62 38.50
C GLY N 375 30.83 -59.36 37.82
N TYR N 376 30.38 -58.18 38.29
CA TYR N 376 30.72 -56.87 37.75
C TYR N 376 32.04 -56.33 38.34
N LEU N 377 32.79 -57.15 39.08
CA LEU N 377 34.11 -56.76 39.61
C LEU N 377 35.06 -56.45 38.45
N GLU N 378 35.77 -55.33 38.51
CA GLU N 378 36.82 -55.09 37.53
C GLU N 378 38.16 -55.25 38.23
N PRO N 379 38.85 -56.42 38.07
CA PRO N 379 40.05 -56.74 38.85
C PRO N 379 41.15 -55.69 38.75
N MET N 380 41.33 -55.12 37.55
CA MET N 380 42.33 -54.10 37.28
C MET N 380 42.09 -52.88 38.19
N TYR N 381 40.82 -52.43 38.25
CA TYR N 381 40.40 -51.29 39.06
C TYR N 381 40.51 -51.62 40.56
N PHE N 382 40.12 -52.85 40.94
CA PHE N 382 40.23 -53.28 42.33
C PHE N 382 41.71 -53.29 42.75
N ARG N 383 42.59 -53.84 41.87
CA ARG N 383 44.02 -53.89 42.16
C ARG N 383 44.60 -52.48 42.10
N LEU N 384 44.22 -51.66 41.11
CA LEU N 384 44.77 -50.31 41.12
C LEU N 384 44.19 -49.59 42.34
N GLY N 385 42.96 -49.93 42.73
CA GLY N 385 42.29 -49.26 43.86
C GLY N 385 43.07 -49.49 45.15
N GLN N 386 43.47 -50.76 45.40
CA GLN N 386 44.29 -51.10 46.59
C GLN N 386 45.62 -50.33 46.53
N LYS N 387 46.27 -50.35 45.34
CA LYS N 387 47.58 -49.69 45.15
C LYS N 387 47.44 -48.17 45.36
N SER N 388 46.31 -47.57 44.90
CA SER N 388 46.13 -46.11 44.95
C SER N 388 46.25 -45.61 46.39
N ALA N 389 45.67 -46.35 47.36
CA ALA N 389 45.88 -46.05 48.77
C ALA N 389 47.26 -46.55 49.22
N ARG N 390 47.54 -47.85 49.01
CA ARG N 390 48.71 -48.53 49.60
C ARG N 390 50.06 -47.99 49.09
N HIS N 391 50.16 -47.78 47.77
CA HIS N 391 51.44 -47.39 47.15
C HIS N 391 51.90 -46.03 47.67
N HIS N 392 50.94 -45.16 48.03
CA HIS N 392 51.25 -43.81 48.50
C HIS N 392 51.47 -43.87 50.02
N ALA N 393 51.56 -45.10 50.56
CA ALA N 393 51.61 -45.27 52.02
C ALA N 393 50.39 -44.57 52.63
N GLY N 394 49.19 -44.94 52.14
CA GLY N 394 47.94 -44.33 52.59
C GLY N 394 47.46 -43.16 51.71
N GLY N 395 48.19 -42.86 50.61
CA GLY N 395 47.73 -41.79 49.72
C GLY N 395 48.81 -41.29 48.79
N ILE O 26 32.05 -30.14 41.71
CA ILE O 26 32.45 -31.50 41.22
C ILE O 26 32.46 -32.54 42.35
N PHE O 27 33.59 -32.62 43.08
CA PHE O 27 33.75 -33.45 44.28
C PHE O 27 32.88 -32.91 45.43
N GLU O 28 32.69 -31.58 45.41
CA GLU O 28 31.83 -30.76 46.27
C GLU O 28 30.43 -31.34 46.41
N GLU O 29 29.90 -31.90 45.32
CA GLU O 29 28.55 -32.45 45.27
C GLU O 29 28.43 -33.64 46.23
N ALA O 30 29.46 -34.54 46.19
CA ALA O 30 29.57 -35.74 47.00
C ALA O 30 29.57 -35.44 48.51
N ALA O 31 30.42 -34.48 48.89
CA ALA O 31 30.53 -34.01 50.27
C ALA O 31 29.18 -33.46 50.73
N SER O 32 28.52 -32.65 49.89
CA SER O 32 27.22 -32.06 50.19
C SER O 32 26.14 -33.14 50.30
N PHE O 33 26.31 -34.21 49.51
CA PHE O 33 25.35 -35.31 49.48
C PHE O 33 25.45 -36.13 50.77
N ARG O 34 26.69 -36.42 51.24
CA ARG O 34 26.92 -37.08 52.52
C ARG O 34 26.20 -36.30 53.63
N SER O 35 26.34 -34.97 53.58
CA SER O 35 25.70 -34.10 54.57
C SER O 35 24.18 -34.17 54.44
N TYR O 36 23.68 -34.25 53.18
CA TYR O 36 22.25 -34.32 52.89
C TYR O 36 21.68 -35.57 53.57
N GLN O 37 22.33 -36.74 53.32
CA GLN O 37 21.92 -38.02 53.89
C GLN O 37 21.81 -37.92 55.42
N SER O 38 22.80 -37.28 56.06
CA SER O 38 22.94 -37.20 57.51
C SER O 38 21.79 -36.38 58.13
N LYS O 39 21.28 -35.38 57.39
CA LYS O 39 20.22 -34.50 57.87
C LYS O 39 18.83 -34.88 57.34
N LEU O 40 18.80 -35.76 56.32
CA LEU O 40 17.54 -36.14 55.69
C LEU O 40 16.64 -36.84 56.68
N GLY O 41 15.39 -36.39 56.66
CA GLY O 41 14.32 -37.04 57.41
C GLY O 41 14.38 -36.69 58.90
N ARG O 42 15.26 -35.73 59.22
CA ARG O 42 15.24 -35.09 60.54
C ARG O 42 13.88 -34.42 60.84
N ASP O 43 13.18 -33.87 59.83
CA ASP O 43 11.96 -33.11 60.03
C ASP O 43 10.72 -34.01 60.15
N GLY O 44 9.56 -33.36 60.17
CA GLY O 44 8.27 -34.06 60.12
C GLY O 44 7.69 -34.32 61.51
N ARG O 45 6.36 -34.62 61.57
CA ARG O 45 5.66 -34.72 62.86
C ARG O 45 4.82 -36.01 62.95
N ALA O 46 5.04 -36.82 64.02
CA ALA O 46 4.49 -38.16 64.19
C ALA O 46 2.99 -38.14 64.49
N SER O 47 2.23 -38.99 63.78
CA SER O 47 0.78 -38.88 63.77
C SER O 47 0.17 -39.37 65.09
N ALA O 48 -0.91 -38.68 65.52
CA ALA O 48 -1.62 -38.96 66.77
C ALA O 48 -2.31 -40.34 66.70
N ALA O 49 -2.42 -40.90 65.47
CA ALA O 49 -2.92 -42.24 65.18
C ALA O 49 -2.20 -43.32 65.99
N THR O 50 -0.91 -43.04 66.31
CA THR O 50 -0.06 -43.95 67.05
C THR O 50 -0.29 -43.99 68.57
N ALA O 51 -1.22 -43.19 69.14
CA ALA O 51 -1.10 -42.72 70.53
C ALA O 51 -1.08 -43.80 71.61
N THR O 52 0.06 -43.93 72.32
CA THR O 52 0.44 -45.03 73.21
C THR O 52 -0.35 -44.97 74.52
N LEU O 53 -0.63 -46.13 75.14
CA LEU O 53 -1.14 -46.17 76.52
C LEU O 53 -0.15 -45.52 77.51
N THR O 54 -0.58 -44.47 78.23
CA THR O 54 0.14 -43.83 79.35
C THR O 54 0.15 -44.74 80.59
N THR O 55 1.37 -44.93 81.13
CA THR O 55 1.67 -45.95 82.14
C THR O 55 1.69 -45.32 83.53
N LYS O 56 0.87 -45.88 84.44
CA LYS O 56 0.63 -45.38 85.77
C LYS O 56 1.72 -45.85 86.73
N ILE O 57 2.35 -44.88 87.43
CA ILE O 57 3.18 -45.17 88.61
C ILE O 57 2.74 -44.40 89.87
N ARG O 58 2.95 -44.97 91.08
CA ARG O 58 2.48 -44.43 92.36
C ARG O 58 3.57 -43.56 93.00
N ILE O 59 3.33 -42.27 93.21
CA ILE O 59 4.37 -41.28 93.54
C ILE O 59 3.92 -40.58 94.82
N PHE O 60 4.74 -40.80 95.86
CA PHE O 60 4.53 -40.16 97.16
C PHE O 60 4.98 -38.70 97.12
N VAL O 61 4.15 -37.78 97.63
CA VAL O 61 4.48 -36.36 97.62
C VAL O 61 4.26 -35.75 99.01
N PRO O 62 5.05 -34.74 99.48
CA PRO O 62 4.89 -34.15 100.82
C PRO O 62 3.52 -33.52 100.99
N ALA O 63 2.74 -33.96 102.01
CA ALA O 63 1.32 -33.60 102.12
C ALA O 63 1.10 -32.22 102.75
N THR O 64 2.05 -31.83 103.62
CA THR O 64 2.11 -30.57 104.32
C THR O 64 3.51 -30.35 104.89
N ASN O 65 3.65 -29.20 105.57
CA ASN O 65 4.89 -28.78 106.23
C ASN O 65 5.02 -29.35 107.65
N SER O 66 5.13 -30.69 107.76
CA SER O 66 5.42 -31.36 109.01
C SER O 66 6.73 -32.14 108.91
N PRO O 67 7.78 -31.82 109.72
CA PRO O 67 9.00 -32.65 109.76
C PRO O 67 8.78 -34.10 110.24
N GLU O 68 7.70 -34.38 111.00
CA GLU O 68 7.25 -35.70 111.41
C GLU O 68 7.04 -36.61 110.19
N LEU O 69 6.28 -36.15 109.19
CA LEU O 69 6.04 -36.87 107.95
C LEU O 69 7.33 -36.97 107.12
N ARG O 70 8.04 -35.85 106.97
CA ARG O 70 9.24 -35.71 106.13
C ARG O 70 10.36 -36.69 106.53
N TRP O 71 10.67 -36.81 107.85
CA TRP O 71 11.69 -37.73 108.35
C TRP O 71 11.28 -39.20 108.11
N GLU O 72 10.01 -39.52 108.49
CA GLU O 72 9.47 -40.89 108.34
C GLU O 72 9.48 -41.32 106.87
N LEU O 73 9.07 -40.41 105.96
CA LEU O 73 9.08 -40.66 104.52
C LEU O 73 10.51 -40.85 103.99
N THR O 74 11.52 -40.12 104.52
CA THR O 74 12.93 -40.34 104.17
C THR O 74 13.35 -41.77 104.55
N LEU O 75 12.99 -42.20 105.78
CA LEU O 75 13.20 -43.59 106.22
C LEU O 75 12.54 -44.58 105.23
N PHE O 76 11.25 -44.34 104.89
CA PHE O 76 10.45 -45.00 103.84
C PHE O 76 11.25 -45.19 102.54
N ALA O 77 11.79 -44.10 101.99
CA ALA O 77 12.50 -44.05 100.73
C ALA O 77 13.80 -44.83 100.80
N LEU O 78 14.56 -44.65 101.90
CA LEU O 78 15.83 -45.34 102.10
C LEU O 78 15.58 -46.86 102.03
N ASP O 79 14.52 -47.27 102.75
CA ASP O 79 14.18 -48.69 102.85
C ASP O 79 13.56 -49.22 101.55
N VAL O 80 12.77 -48.44 100.78
CA VAL O 80 12.27 -48.86 99.46
C VAL O 80 13.46 -49.28 98.58
N ILE O 81 14.54 -48.47 98.60
CA ILE O 81 15.76 -48.73 97.82
C ILE O 81 16.55 -49.93 98.39
N ARG O 82 16.47 -50.13 99.71
CA ARG O 82 17.11 -51.27 100.37
C ARG O 82 16.34 -52.61 100.15
N SER O 83 15.06 -52.54 99.76
CA SER O 83 14.11 -53.66 99.82
C SER O 83 14.36 -54.72 98.75
N PRO O 84 14.30 -56.03 99.11
CA PRO O 84 14.20 -57.11 98.12
C PRO O 84 12.77 -57.20 97.57
N SER O 85 11.82 -56.67 98.34
CA SER O 85 10.40 -57.07 98.29
C SER O 85 9.51 -56.08 97.52
N ALA O 86 9.99 -54.84 97.42
CA ALA O 86 9.18 -53.74 96.89
C ALA O 86 9.03 -53.81 95.36
N ALA O 87 7.81 -53.62 94.81
CA ALA O 87 7.49 -53.71 93.38
C ALA O 87 8.00 -52.48 92.61
N GLU O 88 8.41 -52.66 91.32
CA GLU O 88 9.20 -51.71 90.54
C GLU O 88 8.48 -50.35 90.40
N SER O 89 7.15 -50.45 90.21
CA SER O 89 6.21 -49.33 90.10
C SER O 89 6.28 -48.42 91.32
N MET O 90 6.32 -49.06 92.50
CA MET O 90 6.41 -48.35 93.76
C MET O 90 7.82 -47.76 93.93
N LYS O 91 8.87 -48.55 93.58
CA LYS O 91 10.29 -48.21 93.78
C LYS O 91 10.69 -46.97 93.00
N VAL O 92 10.26 -46.86 91.71
CA VAL O 92 10.53 -45.68 90.90
C VAL O 92 9.90 -44.44 91.55
N GLY O 93 8.63 -44.60 91.96
CA GLY O 93 7.88 -43.52 92.58
C GLY O 93 8.52 -43.02 93.89
N ALA O 94 9.03 -43.98 94.69
CA ALA O 94 9.84 -43.74 95.87
C ALA O 94 11.10 -42.92 95.53
N ALA O 95 11.86 -43.37 94.50
CA ALA O 95 13.09 -42.69 94.09
C ALA O 95 12.80 -41.24 93.70
N PHE O 96 11.67 -41.00 93.01
CA PHE O 96 11.19 -39.66 92.64
C PHE O 96 10.84 -38.80 93.86
N THR O 97 10.25 -39.40 94.93
CA THR O 97 10.00 -38.68 96.18
C THR O 97 11.36 -38.23 96.76
N LEU O 98 12.29 -39.21 96.81
CA LEU O 98 13.59 -39.00 97.45
C LEU O 98 14.36 -37.85 96.79
N ILE O 99 14.38 -37.79 95.43
CA ILE O 99 15.17 -36.78 94.69
C ILE O 99 14.31 -35.60 94.22
N SER O 100 13.16 -35.35 94.88
CA SER O 100 12.37 -34.13 94.74
C SER O 100 12.23 -33.33 96.02
N MET O 101 12.85 -33.79 97.15
CA MET O 101 13.13 -33.05 98.39
C MET O 101 13.48 -31.55 98.23
N TYR O 102 14.13 -31.16 97.12
CA TYR O 102 14.45 -29.77 96.77
C TYR O 102 13.24 -28.81 96.82
N SER O 103 12.06 -29.24 96.34
CA SER O 103 10.95 -28.36 95.93
C SER O 103 10.23 -27.71 97.10
N GLU O 104 9.82 -26.45 96.87
CA GLU O 104 8.94 -25.65 97.72
C GLU O 104 7.60 -26.37 97.93
N ARG O 105 7.12 -27.08 96.91
CA ARG O 105 5.83 -27.74 97.06
C ARG O 105 5.85 -29.11 96.37
N PRO O 106 6.43 -30.14 97.07
CA PRO O 106 6.45 -31.55 96.60
C PRO O 106 5.71 -32.06 95.33
N GLY O 107 4.37 -32.05 95.44
CA GLY O 107 3.46 -32.54 94.40
C GLY O 107 3.58 -31.74 93.08
N ALA O 108 3.62 -30.40 93.26
CA ALA O 108 3.73 -29.45 92.15
C ALA O 108 5.07 -29.64 91.41
N LEU O 109 6.18 -29.81 92.18
CA LEU O 109 7.54 -30.00 91.64
C LEU O 109 7.57 -31.23 90.71
N ILE O 110 7.07 -32.39 91.18
CA ILE O 110 7.01 -33.62 90.38
C ILE O 110 6.16 -33.35 89.11
N ARG O 111 4.87 -32.95 89.31
CA ARG O 111 3.90 -32.85 88.21
C ARG O 111 4.40 -31.90 87.10
N SER O 112 5.06 -30.80 87.49
CA SER O 112 5.43 -29.70 86.60
C SER O 112 6.76 -29.93 85.86
N LEU O 113 7.67 -30.73 86.42
CA LEU O 113 8.98 -30.98 85.79
C LEU O 113 8.97 -32.34 85.06
N LEU O 114 7.98 -33.22 85.38
CA LEU O 114 7.84 -34.53 84.74
C LEU O 114 7.38 -34.33 83.29
N ASN O 115 8.21 -34.68 82.27
CA ASN O 115 8.04 -34.19 80.89
C ASN O 115 8.19 -35.25 79.80
N ASP O 116 7.19 -36.13 79.72
CA ASP O 116 7.08 -37.23 78.79
C ASP O 116 5.71 -37.90 78.99
N PRO O 117 4.86 -38.03 77.94
CA PRO O 117 3.45 -38.44 78.08
C PRO O 117 3.22 -39.93 78.28
N ASP O 118 4.27 -40.72 78.02
CA ASP O 118 4.22 -42.17 78.08
C ASP O 118 4.09 -42.66 79.54
N ILE O 119 4.53 -41.84 80.51
CA ILE O 119 4.43 -42.16 81.94
C ILE O 119 3.63 -41.10 82.73
N GLU O 120 2.65 -41.57 83.52
CA GLU O 120 1.76 -40.71 84.29
C GLU O 120 1.90 -41.05 85.76
N ALA O 121 2.37 -40.08 86.55
CA ALA O 121 2.47 -40.20 88.01
C ALA O 121 1.11 -39.93 88.70
N VAL O 122 0.66 -40.85 89.58
CA VAL O 122 -0.56 -40.71 90.36
C VAL O 122 -0.08 -40.53 91.78
N ILE O 123 -0.53 -39.38 92.35
CA ILE O 123 0.02 -38.71 93.50
C ILE O 123 -0.74 -39.20 94.75
N ILE O 124 0.08 -39.63 95.72
CA ILE O 124 -0.31 -39.94 97.09
C ILE O 124 0.30 -38.87 97.99
N ASP O 125 -0.56 -38.10 98.67
CA ASP O 125 -0.13 -37.10 99.66
C ASP O 125 0.25 -37.90 100.91
N VAL O 126 1.57 -38.06 101.12
CA VAL O 126 2.08 -38.97 102.13
C VAL O 126 2.18 -38.14 103.41
N GLY O 127 1.18 -38.31 104.28
CA GLY O 127 1.37 -38.05 105.72
C GLY O 127 2.49 -38.86 106.44
N SER O 128 2.09 -39.52 107.55
CA SER O 128 2.93 -40.41 108.32
C SER O 128 3.59 -41.50 107.43
N MET O 129 4.91 -41.41 107.28
CA MET O 129 5.76 -42.44 106.71
C MET O 129 6.07 -43.52 107.77
N VAL O 130 5.20 -43.77 108.76
CA VAL O 130 5.48 -44.44 110.03
C VAL O 130 4.97 -45.88 109.96
N ASN O 131 5.54 -46.64 109.01
CA ASN O 131 5.24 -48.06 108.90
C ASN O 131 6.55 -48.84 108.80
N GLY O 132 7.57 -48.40 109.56
CA GLY O 132 8.90 -49.02 109.56
C GLY O 132 9.67 -48.76 108.27
N ILE O 133 10.42 -49.80 107.85
CA ILE O 133 11.41 -49.82 106.77
C ILE O 133 10.80 -49.45 105.40
N PRO O 134 9.63 -50.04 104.95
CA PRO O 134 9.04 -49.63 103.65
C PRO O 134 8.31 -48.30 103.69
N VAL O 135 8.04 -47.77 102.48
CA VAL O 135 7.22 -46.57 102.28
C VAL O 135 5.78 -46.81 102.78
N MET O 136 5.11 -45.78 103.31
CA MET O 136 3.86 -46.01 104.04
C MET O 136 2.67 -45.50 103.22
N GLU O 137 1.66 -46.35 103.00
CA GLU O 137 0.42 -45.88 102.36
C GLU O 137 -0.80 -46.34 103.17
N ARG O 138 -1.60 -45.40 103.67
CA ARG O 138 -2.58 -45.77 104.67
C ARG O 138 -4.03 -45.43 104.28
N ARG O 139 -4.23 -44.32 103.57
CA ARG O 139 -5.42 -43.49 103.79
C ARG O 139 -6.72 -44.03 103.18
N GLY O 140 -6.60 -44.74 102.05
CA GLY O 140 -7.77 -45.16 101.30
C GLY O 140 -7.68 -46.67 101.17
N ASP O 141 -8.10 -47.35 102.24
CA ASP O 141 -7.58 -48.62 102.69
C ASP O 141 -7.86 -49.81 101.80
N LYS O 142 -9.09 -49.94 101.27
CA LYS O 142 -9.61 -51.16 100.61
C LYS O 142 -9.77 -52.34 101.57
N ALA O 143 -9.97 -52.02 102.85
CA ALA O 143 -10.17 -52.98 103.92
C ALA O 143 -8.83 -53.53 104.40
N GLN O 144 -7.73 -52.80 104.12
CA GLN O 144 -6.42 -52.95 104.71
C GLN O 144 -5.72 -54.18 104.20
N GLU O 145 -6.10 -54.75 103.03
CA GLU O 145 -5.18 -55.71 102.38
C GLU O 145 -3.89 -55.01 101.91
N GLU O 146 -4.08 -53.76 101.43
CA GLU O 146 -3.02 -52.95 100.85
C GLU O 146 -1.96 -52.62 101.90
N MET O 147 -2.41 -52.27 103.12
CA MET O 147 -1.57 -51.95 104.28
C MET O 147 -0.74 -53.18 104.70
N GLU O 148 -1.30 -54.38 104.52
CA GLU O 148 -0.64 -55.64 104.83
C GLU O 148 0.33 -56.05 103.72
N GLY O 149 -0.01 -55.70 102.46
CA GLY O 149 0.95 -55.75 101.36
C GLY O 149 2.18 -54.90 101.66
N LEU O 150 1.96 -53.63 102.08
CA LEU O 150 3.00 -52.71 102.54
C LEU O 150 3.80 -53.32 103.70
N MET O 151 3.15 -53.93 104.72
CA MET O 151 3.80 -54.57 105.85
C MET O 151 4.76 -55.66 105.35
N ARG O 152 4.27 -56.52 104.43
CA ARG O 152 5.07 -57.60 103.85
C ARG O 152 6.30 -57.03 103.12
N ILE O 153 6.04 -55.96 102.33
CA ILE O 153 7.09 -55.27 101.59
C ILE O 153 8.18 -54.78 102.54
N LEU O 154 7.82 -54.12 103.65
CA LEU O 154 8.73 -53.53 104.65
C LEU O 154 9.47 -54.63 105.41
N LYS O 155 8.78 -55.71 105.82
CA LYS O 155 9.39 -56.84 106.51
C LYS O 155 10.48 -57.44 105.60
N THR O 156 10.06 -57.82 104.37
CA THR O 156 10.96 -58.41 103.38
C THR O 156 12.18 -57.51 103.15
N ALA O 157 11.94 -56.19 103.10
CA ALA O 157 12.99 -55.19 102.94
C ALA O 157 14.03 -55.31 104.05
N ARG O 158 13.57 -55.22 105.31
CA ARG O 158 14.41 -55.31 106.51
C ARG O 158 15.18 -56.63 106.48
N ASP O 159 14.46 -57.77 106.32
CA ASP O 159 15.01 -59.11 106.47
C ASP O 159 16.09 -59.40 105.42
N SER O 160 15.80 -59.04 104.15
CA SER O 160 16.67 -59.29 103.01
C SER O 160 17.95 -58.46 103.10
N SER O 161 17.82 -57.26 103.69
CA SER O 161 18.94 -56.36 103.88
C SER O 161 19.64 -56.55 105.22
N LYS O 162 19.30 -57.66 105.95
CA LYS O 162 20.03 -58.03 107.18
C LYS O 162 19.95 -56.90 108.22
N GLY O 163 18.77 -56.29 108.35
CA GLY O 163 18.50 -55.31 109.40
C GLY O 163 18.86 -53.87 109.06
N LYS O 164 19.50 -53.58 107.90
CA LYS O 164 20.22 -52.33 107.75
C LYS O 164 19.23 -51.18 107.46
N THR O 165 19.20 -50.11 108.28
CA THR O 165 18.39 -48.92 108.00
C THR O 165 19.14 -48.03 107.01
N PRO O 166 18.52 -46.93 106.47
CA PRO O 166 19.09 -46.13 105.37
C PRO O 166 20.50 -45.59 105.60
N PHE O 167 20.72 -45.11 106.84
CA PHE O 167 21.95 -44.42 107.24
C PHE O 167 23.05 -45.41 107.65
N VAL O 168 24.32 -44.99 107.51
CA VAL O 168 25.50 -45.83 107.74
C VAL O 168 25.76 -45.97 109.24
N ASP O 169 25.45 -44.89 109.97
CA ASP O 169 25.74 -44.73 111.41
C ASP O 169 24.43 -44.59 112.18
N SER O 170 24.12 -45.60 113.03
CA SER O 170 22.77 -46.17 113.18
C SER O 170 21.76 -45.19 113.76
N ARG O 171 22.25 -44.32 114.68
CA ARG O 171 21.46 -43.32 115.40
C ARG O 171 20.68 -42.44 114.42
N ALA O 172 21.33 -42.14 113.27
CA ALA O 172 20.72 -41.36 112.20
C ALA O 172 19.43 -42.02 111.70
N TYR O 173 19.49 -43.36 111.53
CA TYR O 173 18.38 -44.15 110.98
C TYR O 173 17.20 -44.14 111.95
N GLY O 174 17.50 -44.06 113.26
CA GLY O 174 16.46 -44.07 114.29
C GLY O 174 15.81 -42.70 114.49
N LEU O 175 16.57 -41.64 114.17
CA LEU O 175 16.26 -40.29 114.66
C LEU O 175 15.01 -39.68 114.01
N ARG O 176 13.93 -39.45 114.82
CA ARG O 176 12.75 -38.73 114.40
C ARG O 176 13.13 -37.25 114.25
N ILE O 177 12.63 -36.64 113.17
CA ILE O 177 12.81 -35.23 112.88
C ILE O 177 11.52 -34.45 113.16
N THR O 178 11.75 -33.16 113.50
CA THR O 178 10.73 -32.18 113.86
C THR O 178 10.57 -31.00 112.86
N ASP O 179 11.44 -30.80 111.89
CA ASP O 179 11.23 -29.58 111.12
C ASP O 179 11.72 -29.73 109.68
N MET O 180 11.66 -28.59 108.99
CA MET O 180 12.44 -28.38 107.78
C MET O 180 13.96 -28.55 108.02
N SER O 181 14.50 -28.05 109.14
CA SER O 181 15.93 -27.88 109.39
C SER O 181 16.68 -29.22 109.36
N THR O 182 16.14 -30.18 110.12
CA THR O 182 16.61 -31.56 110.24
C THR O 182 16.45 -32.28 108.89
N LEU O 183 15.25 -32.06 108.25
CA LEU O 183 14.87 -32.60 106.93
C LEU O 183 16.01 -32.28 105.92
N VAL O 184 16.28 -30.97 105.72
CA VAL O 184 17.23 -30.47 104.72
C VAL O 184 18.66 -30.92 105.09
N SER O 185 19.02 -30.93 106.39
CA SER O 185 20.32 -31.46 106.82
C SER O 185 20.53 -32.90 106.31
N ALA O 186 19.47 -33.73 106.49
CA ALA O 186 19.49 -35.14 106.11
C ALA O 186 19.49 -35.31 104.57
N VAL O 187 18.46 -34.71 103.94
CA VAL O 187 18.20 -34.79 102.49
C VAL O 187 19.41 -34.30 101.72
N ILE O 188 20.08 -33.17 102.03
CA ILE O 188 21.33 -32.68 101.42
C ILE O 188 22.40 -33.79 101.37
N THR O 189 22.41 -34.56 102.49
CA THR O 189 23.43 -35.57 102.71
C THR O 189 23.20 -36.80 101.78
N ILE O 190 21.93 -37.25 101.78
CA ILE O 190 21.51 -38.38 100.94
C ILE O 190 21.62 -37.98 99.46
N GLU O 191 21.12 -36.80 99.09
CA GLU O 191 21.12 -36.31 97.71
C GLU O 191 22.55 -36.20 97.20
N ALA O 192 23.50 -35.63 97.99
CA ALA O 192 24.92 -35.63 97.59
C ALA O 192 25.36 -37.06 97.18
N GLN O 193 24.75 -38.06 97.84
CA GLN O 193 25.08 -39.46 97.60
C GLN O 193 24.45 -40.00 96.28
N ILE O 194 23.28 -39.45 95.85
CA ILE O 194 22.63 -39.82 94.57
C ILE O 194 23.44 -39.24 93.41
N TRP O 195 23.91 -37.99 93.55
CA TRP O 195 24.63 -37.28 92.49
C TRP O 195 25.99 -37.91 92.16
N ILE O 196 26.67 -38.48 93.17
CA ILE O 196 27.91 -39.26 93.01
C ILE O 196 27.75 -40.38 91.98
N LEU O 197 26.54 -40.97 91.98
CA LEU O 197 26.21 -42.12 91.13
C LEU O 197 26.03 -41.78 89.63
N ILE O 198 25.36 -40.65 89.30
CA ILE O 198 25.03 -40.26 87.92
C ILE O 198 26.24 -40.38 86.96
N ALA O 199 27.46 -40.10 87.46
CA ALA O 199 28.66 -40.08 86.62
C ALA O 199 28.96 -41.44 85.98
N LYS O 200 28.55 -42.51 86.65
CA LYS O 200 28.76 -43.83 86.11
C LYS O 200 27.50 -44.73 86.07
N ALA O 201 26.32 -44.23 86.48
CA ALA O 201 25.09 -45.04 86.51
C ALA O 201 24.77 -45.77 85.18
N VAL O 202 25.02 -45.17 84.02
CA VAL O 202 24.78 -45.81 82.73
C VAL O 202 26.12 -46.11 82.05
N THR O 203 27.15 -45.27 82.31
CA THR O 203 28.45 -45.31 81.66
C THR O 203 29.30 -46.48 82.19
N ALA O 204 29.06 -46.94 83.43
CA ALA O 204 29.69 -48.07 84.12
C ALA O 204 28.96 -48.31 85.45
N PRO O 205 27.69 -48.85 85.44
CA PRO O 205 26.79 -48.81 86.60
C PRO O 205 27.19 -49.78 87.71
N ASP O 206 28.27 -50.54 87.52
CA ASP O 206 28.99 -51.29 88.54
C ASP O 206 30.46 -50.93 88.35
N THR O 207 31.26 -51.02 89.43
CA THR O 207 32.60 -50.41 89.45
C THR O 207 32.49 -48.90 89.70
N ALA O 208 31.29 -48.47 90.12
CA ALA O 208 30.97 -47.04 90.32
C ALA O 208 31.75 -46.41 91.51
N GLU O 209 31.97 -47.22 92.56
CA GLU O 209 32.53 -46.87 93.87
C GLU O 209 33.79 -45.98 93.78
N GLU O 210 34.77 -46.32 92.93
CA GLU O 210 36.05 -45.59 92.83
C GLU O 210 35.81 -44.10 92.56
N SER O 211 34.98 -43.85 91.52
CA SER O 211 34.68 -42.50 91.09
C SER O 211 33.84 -41.75 92.14
N GLU O 212 32.81 -42.42 92.70
CA GLU O 212 31.87 -41.75 93.60
C GLU O 212 32.58 -41.41 94.92
N THR O 213 33.55 -42.23 95.37
CA THR O 213 34.37 -41.94 96.54
C THR O 213 35.33 -40.77 96.27
N ARG O 214 35.90 -40.74 95.04
CA ARG O 214 36.83 -39.68 94.63
C ARG O 214 36.14 -38.31 94.66
N ARG O 215 34.89 -38.28 94.18
CA ARG O 215 34.04 -37.07 94.24
C ARG O 215 33.67 -36.76 95.69
N TRP O 216 33.41 -37.76 96.56
CA TRP O 216 33.10 -37.63 97.99
C TRP O 216 34.21 -36.90 98.72
N ALA O 217 35.48 -37.31 98.50
CA ALA O 217 36.66 -36.63 99.06
C ALA O 217 36.61 -35.08 98.90
N LYS O 218 36.42 -34.64 97.63
CA LYS O 218 36.24 -33.22 97.29
C LYS O 218 35.13 -32.55 98.12
N TYR O 219 33.91 -33.07 98.12
CA TYR O 219 32.77 -32.41 98.76
C TYR O 219 32.92 -32.33 100.29
N VAL O 220 33.61 -33.30 100.90
CA VAL O 220 33.88 -33.30 102.35
C VAL O 220 35.01 -32.34 102.68
N GLN O 221 36.07 -32.33 101.86
CA GLN O 221 37.21 -31.43 102.06
C GLN O 221 36.79 -29.97 101.91
N GLN O 222 35.85 -29.70 100.98
CA GLN O 222 35.21 -28.41 100.75
C GLN O 222 34.12 -28.12 101.79
N LYS O 223 33.87 -29.04 102.75
CA LYS O 223 32.91 -28.87 103.85
C LYS O 223 31.45 -28.65 103.40
N ARG O 224 31.12 -29.07 102.18
CA ARG O 224 29.77 -28.98 101.63
C ARG O 224 28.83 -30.02 102.20
N VAL O 225 29.30 -31.20 102.66
CA VAL O 225 28.36 -32.29 102.96
C VAL O 225 28.53 -32.86 104.37
N ASN O 226 27.42 -33.08 105.11
CA ASN O 226 27.46 -33.28 106.56
C ASN O 226 27.39 -34.76 106.90
N PRO O 227 28.52 -35.44 107.27
CA PRO O 227 28.60 -36.91 107.28
C PRO O 227 27.78 -37.60 108.38
N PHE O 228 27.28 -36.77 109.32
CA PHE O 228 26.29 -37.18 110.33
C PHE O 228 25.08 -37.82 109.66
N PHE O 229 24.72 -37.31 108.47
CA PHE O 229 23.57 -37.81 107.74
C PHE O 229 23.89 -38.92 106.71
N ALA O 230 25.04 -39.61 106.80
CA ALA O 230 25.51 -40.42 105.66
C ALA O 230 24.61 -41.63 105.38
N LEU O 231 24.25 -41.83 104.10
CA LEU O 231 23.41 -42.94 103.62
C LEU O 231 24.28 -44.10 103.12
N THR O 232 23.89 -45.34 103.48
CA THR O 232 24.81 -46.46 103.66
C THR O 232 25.17 -47.06 102.29
N GLN O 233 26.42 -47.52 102.03
CA GLN O 233 26.91 -47.92 100.71
C GLN O 233 25.97 -48.95 100.05
N GLN O 234 25.53 -49.88 100.90
CA GLN O 234 24.59 -50.94 100.51
C GLN O 234 23.28 -50.38 99.93
N TRP O 235 22.69 -49.39 100.62
CA TRP O 235 21.43 -48.75 100.18
C TRP O 235 21.70 -47.93 98.92
N LEU O 236 22.79 -47.14 98.91
CA LEU O 236 23.13 -46.28 97.78
C LEU O 236 23.36 -47.10 96.50
N THR O 237 24.03 -48.27 96.60
CA THR O 237 24.29 -49.15 95.46
C THR O 237 22.97 -49.74 94.94
N GLU O 238 22.08 -50.14 95.87
CA GLU O 238 20.78 -50.72 95.51
C GLU O 238 19.92 -49.69 94.74
N MET O 239 19.95 -48.41 95.17
CA MET O 239 19.27 -47.30 94.48
C MET O 239 19.96 -46.96 93.16
N ARG O 240 21.32 -46.91 93.13
CA ARG O 240 22.09 -46.61 91.92
C ARG O 240 21.72 -47.62 90.81
N ASN O 241 21.67 -48.91 91.19
CA ASN O 241 21.32 -50.00 90.28
C ASN O 241 19.87 -49.83 89.77
N LEU O 242 18.91 -49.48 90.65
CA LEU O 242 17.52 -49.19 90.24
C LEU O 242 17.50 -48.09 89.17
N LEU O 243 18.30 -47.02 89.35
CA LEU O 243 18.41 -45.93 88.37
C LEU O 243 19.02 -46.41 87.04
N SER O 244 20.11 -47.20 87.09
CA SER O 244 20.77 -47.74 85.88
C SER O 244 19.77 -48.55 85.04
N GLN O 245 18.92 -49.37 85.71
CA GLN O 245 18.16 -50.44 85.05
C GLN O 245 16.72 -50.02 84.73
N SER O 246 16.27 -48.81 85.18
CA SER O 246 14.99 -48.20 84.86
C SER O 246 15.17 -46.96 83.95
N LEU O 247 14.43 -46.90 82.85
CA LEU O 247 14.41 -45.73 81.96
C LEU O 247 13.57 -44.61 82.57
N SER O 248 12.43 -45.00 83.18
CA SER O 248 11.44 -44.02 83.70
C SER O 248 12.09 -43.13 84.79
N VAL O 249 12.91 -43.76 85.64
CA VAL O 249 13.70 -43.09 86.68
C VAL O 249 14.70 -42.09 86.07
N ARG O 250 15.49 -42.56 85.09
CA ARG O 250 16.55 -41.84 84.38
C ARG O 250 15.92 -40.61 83.70
N LYS O 251 14.72 -40.76 83.12
CA LYS O 251 13.95 -39.67 82.52
C LYS O 251 13.72 -38.54 83.55
N PHE O 252 13.20 -38.83 84.76
CA PHE O 252 13.02 -37.83 85.84
C PHE O 252 14.35 -37.19 86.25
N MET O 253 15.38 -38.04 86.49
CA MET O 253 16.73 -37.59 86.85
C MET O 253 17.22 -36.54 85.81
N VAL O 254 17.23 -36.93 84.52
CA VAL O 254 17.74 -36.09 83.43
C VAL O 254 16.84 -34.86 83.23
N GLU O 255 15.53 -34.90 83.52
CA GLU O 255 14.65 -33.73 83.51
C GLU O 255 15.15 -32.70 84.51
N ILE O 256 15.40 -33.14 85.76
CA ILE O 256 15.92 -32.26 86.80
C ILE O 256 17.33 -31.73 86.43
N LEU O 257 18.18 -32.65 85.91
CA LEU O 257 19.58 -32.41 85.56
C LEU O 257 19.70 -31.33 84.48
N ILE O 258 18.77 -31.33 83.51
CA ILE O 258 18.66 -30.33 82.46
C ILE O 258 18.14 -29.03 83.09
N GLU O 259 17.13 -29.10 83.96
CA GLU O 259 16.46 -27.89 84.48
C GLU O 259 17.44 -27.01 85.26
N VAL O 260 18.26 -27.66 86.13
CA VAL O 260 19.20 -26.96 87.00
C VAL O 260 20.46 -26.47 86.23
N LYS O 261 20.74 -27.14 85.09
CA LYS O 261 21.90 -26.86 84.25
C LYS O 261 21.75 -25.51 83.54
N LYS O 262 20.48 -25.09 83.32
CA LYS O 262 20.11 -23.85 82.64
C LYS O 262 20.67 -22.68 83.45
N GLY O 263 21.18 -21.66 82.70
CA GLY O 263 22.40 -20.94 82.95
C GLY O 263 22.32 -19.91 84.07
N GLY O 264 23.50 -19.51 84.55
CA GLY O 264 23.75 -18.29 85.34
C GLY O 264 23.11 -18.27 86.73
N SER O 265 23.12 -19.49 87.37
CA SER O 265 22.56 -19.67 88.72
C SER O 265 23.57 -20.14 89.78
N ALA O 266 23.73 -19.29 90.82
CA ALA O 266 24.38 -19.68 92.06
C ALA O 266 23.57 -20.79 92.70
N LYS O 267 24.31 -21.66 93.39
CA LYS O 267 23.69 -22.58 94.32
C LYS O 267 24.12 -22.36 95.81
N GLY O 268 23.14 -22.20 96.72
CA GLY O 268 23.19 -22.49 98.17
C GLY O 268 23.13 -24.02 98.37
N ARG O 269 23.50 -24.57 99.54
CA ARG O 269 24.44 -25.70 99.68
C ARG O 269 23.98 -26.92 98.88
N ALA O 270 22.69 -27.23 99.11
CA ALA O 270 21.99 -28.37 98.55
C ALA O 270 22.07 -28.43 97.01
N VAL O 271 21.49 -27.41 96.36
CA VAL O 271 21.41 -27.33 94.91
C VAL O 271 22.82 -27.12 94.31
N GLU O 272 23.71 -26.47 95.11
CA GLU O 272 25.07 -26.15 94.71
C GLU O 272 25.84 -27.46 94.48
N ILE O 273 25.70 -28.42 95.42
CA ILE O 273 26.39 -29.71 95.32
C ILE O 273 25.92 -30.45 94.07
N ILE O 274 24.59 -30.45 93.81
CA ILE O 274 24.01 -31.07 92.62
C ILE O 274 24.67 -30.46 91.35
N SER O 275 24.68 -29.12 91.31
CA SER O 275 25.17 -28.38 90.15
C SER O 275 26.64 -28.75 89.89
N ASP O 276 27.41 -28.89 90.99
CA ASP O 276 28.83 -29.18 90.96
C ASP O 276 29.06 -30.56 90.34
N ILE O 277 28.27 -31.55 90.82
CA ILE O 277 28.28 -32.92 90.32
C ILE O 277 27.93 -32.91 88.82
N GLY O 278 26.96 -32.04 88.43
CA GLY O 278 26.55 -31.89 87.05
C GLY O 278 27.75 -31.78 86.09
N ASN O 279 28.80 -31.07 86.51
CA ASN O 279 29.92 -30.74 85.63
C ASN O 279 30.75 -31.98 85.29
N TYR O 280 30.53 -33.07 86.05
CA TYR O 280 31.16 -34.36 85.80
C TYR O 280 30.23 -35.29 85.02
N VAL O 281 28.90 -35.03 85.05
CA VAL O 281 27.91 -35.75 84.25
C VAL O 281 27.90 -35.24 82.80
N GLU O 282 28.06 -33.93 82.60
CA GLU O 282 28.13 -33.33 81.27
C GLU O 282 29.33 -33.85 80.47
N GLU O 283 29.16 -33.97 79.15
CA GLU O 283 30.17 -34.45 78.22
C GLU O 283 30.45 -35.96 78.35
N THR O 284 29.87 -36.62 79.36
CA THR O 284 30.10 -38.03 79.57
C THR O 284 29.38 -38.81 78.45
N GLY O 285 30.03 -39.82 77.83
CA GLY O 285 29.42 -40.56 76.72
C GLY O 285 29.34 -39.74 75.43
N MET O 286 30.08 -38.62 75.36
CA MET O 286 30.48 -37.96 74.12
C MET O 286 32.01 -37.98 73.96
N ALA O 287 32.68 -39.00 74.52
CA ALA O 287 34.11 -39.09 74.73
C ALA O 287 34.83 -38.82 73.40
N GLY O 288 34.41 -39.57 72.38
CA GLY O 288 34.94 -39.48 71.02
C GLY O 288 35.00 -38.05 70.49
N PHE O 289 33.87 -37.31 70.59
CA PHE O 289 33.72 -35.95 70.06
C PHE O 289 34.76 -35.04 70.70
N PHE O 290 34.66 -34.99 72.05
CA PHE O 290 35.54 -34.16 72.87
C PHE O 290 37.00 -34.61 72.68
N ALA O 291 37.25 -35.93 72.70
CA ALA O 291 38.62 -36.46 72.61
C ALA O 291 39.25 -36.14 71.25
N THR O 292 38.44 -36.25 70.18
CA THR O 292 38.92 -35.86 68.86
C THR O 292 39.18 -34.35 68.79
N ILE O 293 38.35 -33.54 69.49
CA ILE O 293 38.58 -32.09 69.50
C ILE O 293 39.86 -31.78 70.29
N ARG O 294 39.99 -32.32 71.52
CA ARG O 294 41.15 -32.00 72.37
C ARG O 294 42.46 -32.52 71.74
N PHE O 295 42.42 -33.79 71.29
CA PHE O 295 43.65 -34.49 70.87
C PHE O 295 43.53 -34.75 69.36
N GLY O 296 44.62 -34.50 68.61
CA GLY O 296 44.50 -34.45 67.16
C GLY O 296 44.05 -33.06 66.69
N LEU O 297 42.79 -32.64 66.91
CA LEU O 297 42.27 -31.40 66.27
C LEU O 297 42.90 -30.13 66.83
N GLU O 298 42.79 -29.90 68.16
CA GLU O 298 43.36 -28.74 68.84
C GLU O 298 44.89 -28.81 68.76
N THR O 299 45.41 -30.03 68.61
CA THR O 299 46.86 -30.22 68.45
C THR O 299 47.32 -29.77 67.04
N ARG O 300 46.45 -29.89 66.01
CA ARG O 300 46.74 -29.36 64.67
C ARG O 300 48.06 -29.84 64.08
N TYR O 301 48.41 -31.12 64.26
CA TYR O 301 49.69 -31.66 63.83
C TYR O 301 49.81 -31.74 62.29
N PRO O 302 51.05 -31.91 61.75
CA PRO O 302 51.24 -32.05 60.29
C PRO O 302 50.39 -33.20 59.72
N ALA O 303 50.18 -34.22 60.57
CA ALA O 303 49.51 -35.47 60.23
C ALA O 303 48.06 -35.29 59.73
N LEU O 304 47.25 -34.40 60.37
CA LEU O 304 45.84 -34.20 60.05
C LEU O 304 45.53 -34.04 58.56
N ALA O 305 46.36 -33.25 57.84
CA ALA O 305 46.15 -32.96 56.42
C ALA O 305 46.31 -34.19 55.51
N LEU O 306 46.58 -35.38 56.11
CA LEU O 306 46.90 -36.57 55.31
C LEU O 306 45.66 -37.13 54.57
N ASN O 307 45.89 -37.71 53.36
CA ASN O 307 44.81 -38.07 52.44
C ASN O 307 43.95 -39.19 53.01
N GLU O 308 44.60 -40.12 53.70
CA GLU O 308 43.92 -41.19 54.43
C GLU O 308 43.04 -40.60 55.52
N PHE O 309 43.35 -39.37 55.95
CA PHE O 309 42.52 -38.65 56.91
C PHE O 309 41.54 -37.69 56.23
N GLN O 310 41.50 -37.67 54.88
CA GLN O 310 40.68 -36.68 54.17
C GLN O 310 39.18 -36.80 54.49
N SER O 311 38.65 -38.03 54.39
CA SER O 311 37.22 -38.29 54.48
C SER O 311 36.72 -38.13 55.92
N ASP O 312 37.45 -38.84 56.82
CA ASP O 312 37.25 -38.77 58.25
C ASP O 312 37.05 -37.30 58.68
N LEU O 313 37.89 -36.38 58.21
CA LEU O 313 37.75 -34.95 58.50
C LEU O 313 36.39 -34.42 58.03
N ASN O 314 35.94 -34.80 56.81
CA ASN O 314 34.60 -34.43 56.33
C ASN O 314 33.51 -34.96 57.29
N THR O 315 33.77 -36.17 57.81
CA THR O 315 32.90 -36.78 58.80
C THR O 315 32.82 -35.90 60.05
N ILE O 316 33.98 -35.57 60.63
CA ILE O 316 34.08 -34.83 61.88
C ILE O 316 33.37 -33.49 61.69
N LYS O 317 33.58 -32.81 60.56
CA LYS O 317 32.92 -31.53 60.27
C LYS O 317 31.41 -31.70 60.39
N SER O 318 30.84 -32.72 59.73
CA SER O 318 29.41 -33.03 59.76
C SER O 318 28.94 -33.26 61.21
N LEU O 319 29.79 -33.95 62.01
CA LEU O 319 29.52 -34.26 63.41
C LEU O 319 29.46 -32.99 64.26
N MET O 320 30.43 -32.08 64.06
CA MET O 320 30.53 -30.87 64.86
C MET O 320 29.31 -29.99 64.61
N LEU O 321 28.94 -29.82 63.32
CA LEU O 321 27.76 -29.03 62.95
C LEU O 321 26.50 -29.72 63.46
N LEU O 322 26.48 -31.08 63.46
CA LEU O 322 25.37 -31.85 64.02
C LEU O 322 25.21 -31.55 65.52
N TYR O 323 26.34 -31.59 66.26
CA TYR O 323 26.41 -31.37 67.70
C TYR O 323 25.78 -30.03 68.07
N ARG O 324 26.16 -29.00 67.30
CA ARG O 324 25.63 -27.65 67.39
C ARG O 324 24.11 -27.64 67.25
N GLU O 325 23.60 -28.43 66.29
CA GLU O 325 22.17 -28.51 65.96
C GLU O 325 21.37 -29.19 67.06
N ILE O 326 21.99 -30.14 67.80
CA ILE O 326 21.28 -30.79 68.90
C ILE O 326 21.09 -29.79 70.06
N GLY O 327 22.10 -28.92 70.27
CA GLY O 327 22.12 -27.81 71.23
C GLY O 327 22.27 -28.27 72.68
N PRO O 328 21.44 -27.72 73.61
CA PRO O 328 21.51 -28.01 75.05
C PRO O 328 21.55 -29.48 75.52
N ARG O 329 20.86 -30.36 74.78
CA ARG O 329 20.72 -31.77 75.12
C ARG O 329 22.00 -32.55 74.80
N ALA O 330 22.92 -31.97 73.99
CA ALA O 330 24.05 -32.67 73.36
C ALA O 330 24.98 -33.30 74.40
N PRO O 331 25.31 -32.51 75.44
CA PRO O 331 26.19 -32.98 76.50
C PRO O 331 25.68 -34.10 77.41
N TYR O 332 24.36 -34.40 77.39
CA TYR O 332 23.74 -35.39 78.27
C TYR O 332 22.96 -36.43 77.44
N MET O 333 23.37 -36.63 76.17
CA MET O 333 22.67 -37.49 75.19
C MET O 333 22.38 -38.89 75.74
N VAL O 334 23.42 -39.44 76.40
CA VAL O 334 23.45 -40.79 76.95
C VAL O 334 22.35 -40.96 78.00
N LEU O 335 22.27 -39.99 78.93
CA LEU O 335 21.30 -39.99 80.03
C LEU O 335 19.87 -39.86 79.49
N LEU O 336 19.72 -39.14 78.37
CA LEU O 336 18.40 -38.95 77.76
C LEU O 336 18.04 -40.15 76.87
N GLU O 337 18.97 -41.10 76.70
CA GLU O 337 18.76 -42.23 75.79
C GLU O 337 18.53 -41.78 74.34
N GLU O 338 19.04 -40.57 73.97
CA GLU O 338 18.64 -39.94 72.71
C GLU O 338 19.03 -40.80 71.51
N SER O 339 18.14 -41.16 70.58
CA SER O 339 18.45 -41.94 69.37
C SER O 339 19.59 -41.37 68.53
N ILE O 340 19.64 -40.02 68.45
CA ILE O 340 20.62 -39.29 67.67
C ILE O 340 22.04 -39.74 68.09
N GLN O 341 22.16 -40.09 69.37
CA GLN O 341 23.48 -40.36 69.95
C GLN O 341 24.16 -41.50 69.23
N THR O 342 23.40 -42.45 68.69
CA THR O 342 24.02 -43.57 67.99
C THR O 342 24.95 -43.03 66.89
N LYS O 343 24.50 -41.96 66.19
CA LYS O 343 25.27 -41.38 65.08
C LYS O 343 26.58 -40.82 65.61
N PHE O 344 26.52 -40.21 66.81
CA PHE O 344 27.69 -39.65 67.48
C PHE O 344 28.62 -40.75 67.98
N ALA O 345 28.11 -42.00 68.19
CA ALA O 345 28.91 -43.15 68.60
C ALA O 345 30.31 -43.03 68.00
N PRO O 346 31.36 -42.91 68.87
CA PRO O 346 32.72 -42.53 68.46
C PRO O 346 33.33 -43.38 67.35
N GLY O 347 32.78 -44.58 67.18
CA GLY O 347 33.20 -45.50 66.15
C GLY O 347 32.86 -44.99 64.75
N GLY O 348 32.13 -43.87 64.68
CA GLY O 348 31.61 -43.25 63.46
C GLY O 348 32.70 -42.57 62.63
N TYR O 349 33.82 -42.14 63.26
CA TYR O 349 35.03 -41.64 62.61
C TYR O 349 36.33 -42.30 63.13
N PRO O 350 36.58 -43.56 62.75
CA PRO O 350 37.44 -44.43 63.56
C PRO O 350 38.93 -44.13 63.42
N LEU O 351 39.28 -43.63 62.23
CA LEU O 351 40.65 -43.32 61.87
C LEU O 351 41.08 -42.09 62.70
N LEU O 352 40.28 -41.03 62.64
CA LEU O 352 40.48 -39.81 63.41
C LEU O 352 40.46 -40.09 64.92
N TRP O 353 39.53 -40.94 65.42
CA TRP O 353 39.44 -41.32 66.83
C TRP O 353 40.73 -42.04 67.26
N SER O 354 41.14 -43.07 66.48
CA SER O 354 42.34 -43.82 66.83
C SER O 354 43.59 -42.91 66.90
N PHE O 355 43.74 -41.99 65.94
CA PHE O 355 44.81 -41.00 65.97
C PHE O 355 44.68 -40.12 67.23
N ALA O 356 43.44 -39.67 67.53
CA ALA O 356 43.16 -38.78 68.66
C ALA O 356 43.57 -39.47 69.98
N MET O 357 43.22 -40.77 70.12
CA MET O 357 43.58 -41.52 71.33
C MET O 357 45.11 -41.64 71.40
N GLY O 358 45.77 -41.75 70.22
CA GLY O 358 47.23 -41.90 70.09
C GLY O 358 47.96 -40.64 70.60
N VAL O 359 47.47 -39.46 70.18
CA VAL O 359 47.94 -38.16 70.68
C VAL O 359 47.67 -38.03 72.19
N ALA O 360 46.37 -38.15 72.57
CA ALA O 360 45.89 -37.88 73.92
C ALA O 360 46.68 -38.66 74.98
N THR O 361 46.79 -39.98 74.78
CA THR O 361 47.44 -40.90 75.71
C THR O 361 48.94 -40.59 75.83
N THR O 362 49.53 -40.01 74.76
CA THR O 362 50.96 -39.72 74.73
C THR O 362 51.25 -38.39 75.43
N ILE O 363 50.32 -37.41 75.35
CA ILE O 363 50.59 -36.06 75.85
C ILE O 363 50.09 -35.89 77.30
N ASP O 364 48.97 -36.53 77.66
CA ASP O 364 48.30 -36.19 78.91
C ASP O 364 48.28 -37.39 79.87
N ARG O 365 48.94 -37.21 81.03
CA ARG O 365 49.16 -38.22 82.07
C ARG O 365 47.86 -38.83 82.61
N SER O 366 46.81 -37.99 82.61
CA SER O 366 45.52 -38.39 83.12
C SER O 366 44.73 -39.25 82.13
N MET O 367 44.98 -39.05 80.83
CA MET O 367 44.31 -39.81 79.79
C MET O 367 44.92 -41.21 79.72
N GLY O 368 44.32 -42.08 78.89
CA GLY O 368 44.89 -43.41 78.69
C GLY O 368 44.35 -44.41 79.72
N ALA O 369 43.92 -43.87 80.89
CA ALA O 369 43.05 -44.58 81.83
C ALA O 369 41.63 -44.73 81.28
N LEU O 370 41.29 -44.01 80.19
CA LEU O 370 40.05 -44.29 79.46
C LEU O 370 40.12 -45.70 78.84
N ASN O 371 38.95 -46.36 78.73
CA ASN O 371 38.88 -47.72 78.23
C ASN O 371 38.96 -47.73 76.71
N ILE O 372 40.06 -48.34 76.21
CA ILE O 372 40.42 -48.39 74.79
C ILE O 372 40.05 -49.71 74.09
N ASN O 373 39.24 -50.58 74.73
CA ASN O 373 38.71 -51.75 74.05
C ASN O 373 37.54 -51.33 73.16
N ARG O 374 37.81 -50.75 71.99
CA ARG O 374 36.79 -50.47 70.98
C ARG O 374 37.25 -51.05 69.63
N GLY O 375 36.35 -51.73 68.90
CA GLY O 375 36.72 -52.61 67.78
C GLY O 375 37.29 -51.85 66.58
N TYR O 376 36.76 -50.65 66.38
CA TYR O 376 37.09 -49.80 65.24
C TYR O 376 38.32 -48.94 65.50
N LEU O 377 39.00 -49.11 66.65
CA LEU O 377 40.29 -48.47 66.87
C LEU O 377 41.34 -49.05 65.91
N GLU O 378 42.09 -48.16 65.23
CA GLU O 378 43.13 -48.61 64.32
C GLU O 378 44.49 -48.35 64.98
N PRO O 379 45.20 -49.44 65.41
CA PRO O 379 46.51 -49.35 66.05
C PRO O 379 47.53 -48.48 65.29
N MET O 380 47.56 -48.66 63.95
CA MET O 380 48.44 -47.96 63.03
C MET O 380 48.22 -46.43 63.13
N TYR O 381 46.93 -46.02 63.10
CA TYR O 381 46.52 -44.62 63.16
C TYR O 381 46.80 -44.09 64.58
N PHE O 382 46.58 -44.96 65.62
CA PHE O 382 46.92 -44.61 67.00
C PHE O 382 48.44 -44.40 67.12
N ARG O 383 49.21 -45.31 66.48
CA ARG O 383 50.67 -45.20 66.46
C ARG O 383 51.07 -43.93 65.73
N LEU O 384 50.42 -43.62 64.59
CA LEU O 384 50.69 -42.32 63.98
C LEU O 384 50.42 -41.19 64.98
N GLY O 385 49.32 -41.30 65.76
CA GLY O 385 48.99 -40.34 66.79
C GLY O 385 50.11 -40.25 67.85
N GLN O 386 50.51 -41.44 68.39
CA GLN O 386 51.63 -41.58 69.33
C GLN O 386 52.93 -40.99 68.75
N LYS O 387 53.25 -41.38 67.50
CA LYS O 387 54.44 -41.02 66.73
C LYS O 387 54.48 -39.51 66.49
N SER O 388 53.30 -38.85 66.30
CA SER O 388 53.18 -37.39 66.24
C SER O 388 53.62 -36.67 67.53
N ALA O 389 53.06 -36.96 68.74
CA ALA O 389 53.55 -36.39 70.00
C ALA O 389 54.99 -36.84 70.36
#